data_7YFZ
#
_entry.id   7YFZ
#
_cell.length_a   1.00
_cell.length_b   1.00
_cell.length_c   1.00
_cell.angle_alpha   90.00
_cell.angle_beta   90.00
_cell.angle_gamma   90.00
#
_symmetry.space_group_name_H-M   'P 1'
#
loop_
_entity.id
_entity.type
_entity.pdbx_description
1 polymer 'Pam3 baseplate wedge gp22'
2 polymer 'Pam3 baseplate wedge gp23'
3 polymer 'Pam3 sheath initiator gp21'
4 polymer 'Pam3 tube initiator gp17'
5 polymer 'Pam3 plug gp18'
6 polymer 'Pam3 hub gp19'
7 polymer 'Pam3 spike gp20'
#
loop_
_entity_poly.entity_id
_entity_poly.type
_entity_poly.pdbx_seq_one_letter_code
_entity_poly.pdbx_strand_id
1 'polypeptide(L)'
;MTYGVQPTGYVKKPLAVHLAEIEASMVDLFGPGVIQTEQSPLGQLNGLYADLSYDLDERGEDLYQSFDPEQAEGSRLDIL
ARYRLLSRRAGESDESFRRAITNVDRARIDLSDLSTALSAINGVSWSRVYVNEDATTDADGIPPNTVSVAVIGGDDDEVA
QLVRRYVVPGVGMYGNTTIETTIGGFCRRIRVIRPVLIPTSVEIDVQSRPLKNGCPPPSVNAMAAGLYTELTGPDRPGNG
EDGTVYLFRKIMERLYPNVEVVDVRLSQAPAAPTTPPLVMSFFQMMSFNADDILVEIVP
;
A,B,E,F,H,I,K,L,O,P,Q,R
2 'polypeptide(L)'
;MSNLCADPEALVEARIDEVLTQYRESPYLLNLIRAYLSKLAETSMSYCDMVEKFDLDTAVGDQLTIIGRILGFPRCHCVC
DTIPVVGYDCGGSYAGSYQLAGYCEPGSSWIHCSPYGNSELCVDEDEIYRSLLKARRYQMLGLYDIESLHEALQIVWGED
AMVAETKVGQVVVTPGRSLTATETRYLPIVFRALPIAPGIKGMIHIDQGPIAGYGDGWAGYCGGDWLCPVDPHAYTCS
;
C,D,G,J,M,S
3 'polypeptide(L)'
;MAAPSRIGLALKKNEQGIADIYLDASGNLSMVQNTEAVGQHARQRLMTYLGEWFLNKNVGVPWLRDLLGKGYDPVLAEAV
IKAEILSTDGVTEITSFSIRFDQGRRALEAFDIEVTTEYDEETVL
;
X,n,o,p,q,r
4 'polypeptide(L)'
;MIIAFSSAIGPVPLTVVISEKHTSKVELTTNPIESGADVTDHAYVKGKEIELEVADRNAAATWAALVAFQESRVPFVLMT
GLSMYRNMIITEIDATRNAQHSKILKGTVRLREVKIVETGTAEDSSGKDGTDKNKSSNPSKDKAADAKTADKANSGVNAG
DKGGTTVAAPRAQSLLKGVFGGSSASGGAAP
;
a,b,c,d,e,f
5 'polypeptide(L)'
;MIELEVLDESKQKFSVILNDRRVTIELWYNTTNDRWSFSLALDGDNVVTGRRLVTGVDLLAPFGLGIGALFLLSENGEPP
TRANLPLGLVKLYHATQEEIDAAISA
;
h,i,j,k,l,m
6 'polypeptide(L)'
;MLEVGYTPPGGGNNIGIIAKGKIRDYQHDREGGDIISTVSCGDGDKAYRRATISKTIPKGTPLTEVVDEIHKEMKKEGIA
KGEWSFPDKVKNTQLKRPYSMCGSCTRELDTLGRSHGFYWNIQNETMEIIPGNGHLPGSLLITPDTGLIGTPTITDNGIK
VKALINPEARPNRMMKVKSQVLKMNRKGEDYRISEVSFNGDNQEGDWIMTLTGEAIGGDKKVDEGKKAK
;
t,u,v
7 'polypeptide(L)'
;MTGYLGKTTNQDRDVVSAVAQSERESVWGEMPGRVVSVSADGRTVTVQPLYKPKFNGVPTDMPVLQEVPLRQALMGGVGV
TVPVKPGQNVTLRPQMRSMDNYHVEGDGSASDSRSFSLSDMEAHIAGGESLKDVIPNLDSENVHVRANADGSKGMKLSPE
GKVEFQGPEGNLLDLIADFMELVANDKLQINYGSSAGTNHAMANKAAMLALAAKVRTTGTI
;
w,x,y
#
# COMPACT_ATOMS: atom_id res chain seq x y z
N MET A 1 -14.34 -33.64 74.28
CA MET A 1 -14.26 -33.08 72.95
C MET A 1 -15.62 -32.70 72.41
N THR A 2 -16.19 -31.63 72.97
CA THR A 2 -17.44 -31.09 72.45
C THR A 2 -17.25 -30.41 71.10
N TYR A 3 -16.02 -30.12 70.72
CA TYR A 3 -15.75 -29.41 69.48
C TYR A 3 -15.48 -30.37 68.34
N GLY A 4 -15.52 -29.84 67.13
CA GLY A 4 -15.31 -30.64 65.94
C GLY A 4 -16.59 -31.25 65.43
N VAL A 5 -16.50 -32.44 64.85
CA VAL A 5 -17.67 -33.11 64.29
C VAL A 5 -18.48 -33.68 65.44
N GLN A 6 -19.72 -33.23 65.56
CA GLN A 6 -20.60 -33.58 66.67
C GLN A 6 -21.95 -34.02 66.13
N PRO A 7 -22.76 -34.73 66.92
CA PRO A 7 -24.06 -35.17 66.40
C PRO A 7 -24.94 -34.04 65.92
N THR A 8 -24.66 -32.81 66.35
CA THR A 8 -25.42 -31.64 65.92
C THR A 8 -24.82 -30.95 64.71
N GLY A 9 -23.65 -31.37 64.25
CA GLY A 9 -22.97 -30.74 63.14
C GLY A 9 -21.52 -30.53 63.48
N TYR A 10 -20.89 -29.59 62.80
CA TYR A 10 -19.51 -29.23 63.09
C TYR A 10 -19.50 -28.08 64.08
N VAL A 11 -19.00 -28.34 65.28
CA VAL A 11 -18.97 -27.35 66.35
C VAL A 11 -17.61 -26.69 66.32
N LYS A 12 -17.61 -25.36 66.29
CA LYS A 12 -16.42 -24.58 66.04
C LYS A 12 -15.90 -23.99 67.34
N LYS A 13 -14.63 -24.20 67.60
CA LYS A 13 -14.02 -23.68 68.81
C LYS A 13 -13.86 -22.17 68.68
N PRO A 14 -14.37 -21.37 69.63
CA PRO A 14 -14.24 -19.92 69.50
C PRO A 14 -12.79 -19.45 69.53
N LEU A 15 -12.57 -18.34 68.84
CA LEU A 15 -11.27 -17.69 68.86
C LEU A 15 -10.82 -17.38 70.28
N ALA A 16 -11.75 -16.98 71.14
CA ALA A 16 -11.40 -16.69 72.53
C ALA A 16 -10.90 -17.95 73.22
N VAL A 17 -11.49 -19.10 72.92
CA VAL A 17 -11.01 -20.35 73.48
C VAL A 17 -9.59 -20.65 73.00
N HIS A 18 -9.35 -20.50 71.69
CA HIS A 18 -7.99 -20.70 71.18
C HIS A 18 -7.00 -19.82 71.92
N LEU A 19 -7.28 -18.51 72.00
CA LEU A 19 -6.34 -17.58 72.61
C LEU A 19 -6.13 -17.90 74.08
N ALA A 20 -7.20 -18.27 74.78
CA ALA A 20 -7.09 -18.57 76.21
C ALA A 20 -6.19 -19.77 76.45
N GLU A 21 -6.31 -20.83 75.66
CA GLU A 21 -5.44 -21.96 75.93
C GLU A 21 -4.03 -21.77 75.36
N ILE A 22 -3.85 -20.88 74.39
CA ILE A 22 -2.48 -20.45 74.08
C ILE A 22 -1.87 -19.77 75.30
N GLU A 23 -2.64 -18.89 75.95
CA GLU A 23 -2.13 -18.21 77.13
C GLU A 23 -1.85 -19.20 78.25
N ALA A 24 -2.67 -20.24 78.38
CA ALA A 24 -2.39 -21.27 79.38
C ALA A 24 -1.08 -21.98 79.07
N SER A 25 -0.86 -22.33 77.80
CA SER A 25 0.42 -22.95 77.42
C SER A 25 1.59 -22.04 77.72
N MET A 26 1.45 -20.74 77.54
CA MET A 26 2.56 -19.82 77.78
C MET A 26 2.78 -19.55 79.26
N VAL A 27 1.72 -19.52 80.06
CA VAL A 27 1.88 -19.41 81.51
C VAL A 27 2.59 -20.64 82.04
N ASP A 28 2.24 -21.81 81.53
CA ASP A 28 2.89 -23.03 82.00
C ASP A 28 4.37 -23.06 81.60
N LEU A 29 4.75 -22.25 80.62
CA LEU A 29 6.14 -22.20 80.19
C LEU A 29 6.94 -21.13 80.93
N PHE A 30 6.53 -19.87 80.83
CA PHE A 30 7.31 -18.77 81.37
C PHE A 30 7.03 -18.47 82.83
N GLY A 31 5.97 -19.04 83.40
CA GLY A 31 5.60 -18.76 84.77
C GLY A 31 4.44 -17.80 84.86
N PRO A 32 3.95 -17.56 86.08
CA PRO A 32 2.83 -16.62 86.24
C PRO A 32 3.22 -15.17 86.06
N GLY A 33 4.51 -14.85 86.03
CA GLY A 33 4.95 -13.48 85.85
C GLY A 33 4.99 -12.99 84.43
N VAL A 34 4.62 -13.83 83.46
CA VAL A 34 4.70 -13.42 82.07
C VAL A 34 3.66 -12.35 81.78
N ILE A 35 3.95 -11.52 80.79
CA ILE A 35 3.03 -10.49 80.32
C ILE A 35 2.49 -10.95 78.98
N GLN A 36 1.16 -10.92 78.82
CA GLN A 36 0.50 -11.37 77.62
C GLN A 36 -0.57 -10.37 77.15
N THR A 37 -0.56 -9.16 77.70
CA THR A 37 -1.51 -8.15 77.27
C THR A 37 -1.53 -8.05 75.75
N GLU A 38 -2.68 -7.67 75.21
CA GLU A 38 -2.90 -7.70 73.77
C GLU A 38 -1.94 -6.81 73.00
N GLN A 39 -1.15 -5.97 73.68
CA GLN A 39 -0.22 -5.07 73.00
C GLN A 39 1.24 -5.39 73.27
N SER A 40 1.57 -6.52 73.88
CA SER A 40 2.94 -6.87 74.20
C SER A 40 3.52 -7.83 73.16
N PRO A 41 4.84 -7.97 73.12
CA PRO A 41 5.43 -8.86 72.10
C PRO A 41 4.89 -10.28 72.14
N LEU A 42 4.63 -10.82 73.33
CA LEU A 42 4.07 -12.16 73.45
C LEU A 42 2.58 -12.16 73.15
N GLY A 43 1.86 -11.11 73.55
CA GLY A 43 0.45 -11.02 73.23
C GLY A 43 0.17 -10.96 71.74
N GLN A 44 1.00 -10.24 70.98
CA GLN A 44 0.83 -10.19 69.54
C GLN A 44 1.03 -11.56 68.91
N LEU A 45 2.06 -12.30 69.35
CA LEU A 45 2.27 -13.64 68.83
C LEU A 45 1.10 -14.54 69.17
N ASN A 46 0.59 -14.45 70.39
CA ASN A 46 -0.56 -15.25 70.78
C ASN A 46 -1.76 -14.94 69.89
N GLY A 47 -1.98 -13.66 69.60
CA GLY A 47 -3.07 -13.30 68.70
C GLY A 47 -2.89 -13.87 67.30
N LEU A 48 -1.69 -13.75 66.74
CA LEU A 48 -1.45 -14.25 65.40
C LEU A 48 -1.73 -15.75 65.31
N TYR A 49 -1.17 -16.51 66.25
CA TYR A 49 -1.35 -17.96 66.18
C TYR A 49 -2.74 -18.41 66.59
N ALA A 50 -3.43 -17.66 67.46
CA ALA A 50 -4.85 -17.94 67.69
C ALA A 50 -5.66 -17.74 66.43
N ASP A 51 -5.37 -16.68 65.68
CA ASP A 51 -6.07 -16.45 64.42
C ASP A 51 -5.80 -17.59 63.44
N LEU A 52 -4.56 -18.06 63.39
CA LEU A 52 -4.26 -19.16 62.48
C LEU A 52 -4.97 -20.45 62.89
N SER A 53 -5.03 -20.74 64.19
CA SER A 53 -5.79 -21.90 64.64
C SER A 53 -7.27 -21.78 64.31
N TYR A 54 -7.85 -20.59 64.50
CA TYR A 54 -9.25 -20.43 64.18
C TYR A 54 -9.49 -20.55 62.68
N ASP A 55 -8.55 -20.11 61.86
CA ASP A 55 -8.67 -20.32 60.42
C ASP A 55 -8.58 -21.79 60.04
N LEU A 56 -7.81 -22.58 60.79
CA LEU A 56 -7.86 -24.04 60.58
C LEU A 56 -9.24 -24.59 60.91
N ASP A 57 -9.85 -24.09 62.00
CA ASP A 57 -11.24 -24.47 62.28
C ASP A 57 -12.18 -24.08 61.14
N GLU A 58 -11.96 -22.92 60.54
CA GLU A 58 -12.77 -22.51 59.40
C GLU A 58 -12.64 -23.52 58.27
N ARG A 59 -11.42 -23.97 57.99
CA ARG A 59 -11.20 -24.99 56.98
C ARG A 59 -11.93 -26.28 57.33
N GLY A 60 -11.91 -26.66 58.60
CA GLY A 60 -12.63 -27.85 59.01
C GLY A 60 -14.11 -27.75 58.72
N GLU A 61 -14.70 -26.59 59.03
CA GLU A 61 -16.11 -26.38 58.72
C GLU A 61 -16.35 -26.41 57.22
N ASP A 62 -15.45 -25.83 56.44
CA ASP A 62 -15.61 -25.88 54.99
C ASP A 62 -15.59 -27.31 54.48
N LEU A 63 -14.69 -28.13 54.99
CA LEU A 63 -14.60 -29.52 54.59
C LEU A 63 -15.85 -30.29 54.99
N TYR A 64 -16.41 -29.98 56.16
CA TYR A 64 -17.64 -30.64 56.57
C TYR A 64 -18.81 -30.23 55.69
N GLN A 65 -18.90 -28.95 55.35
CA GLN A 65 -20.01 -28.47 54.53
C GLN A 65 -19.84 -28.82 53.06
N SER A 66 -18.66 -29.26 52.64
CA SER A 66 -18.49 -29.72 51.27
C SER A 66 -19.13 -31.07 51.00
N PHE A 67 -19.84 -31.65 51.99
CA PHE A 67 -20.51 -32.94 51.85
C PHE A 67 -21.98 -32.84 52.21
N ASP A 68 -22.49 -31.62 52.35
CA ASP A 68 -23.90 -31.41 52.68
C ASP A 68 -24.54 -30.74 51.48
N PRO A 69 -25.37 -31.46 50.71
CA PRO A 69 -25.99 -30.84 49.54
C PRO A 69 -26.59 -29.47 49.81
N GLU A 70 -27.01 -29.19 51.06
CA GLU A 70 -27.53 -27.87 51.39
C GLU A 70 -26.45 -26.80 51.44
N GLN A 71 -25.19 -27.18 51.57
CA GLN A 71 -24.10 -26.21 51.57
C GLN A 71 -23.15 -26.38 50.40
N ALA A 72 -23.03 -27.58 49.84
CA ALA A 72 -22.16 -27.78 48.70
C ALA A 72 -22.67 -26.98 47.50
N GLU A 73 -21.75 -26.59 46.64
CA GLU A 73 -22.10 -25.74 45.51
C GLU A 73 -21.15 -26.02 44.36
N GLY A 74 -21.68 -25.95 43.15
CA GLY A 74 -20.83 -26.05 41.97
C GLY A 74 -20.56 -27.48 41.58
N SER A 75 -19.37 -27.72 41.04
CA SER A 75 -19.01 -29.05 40.60
C SER A 75 -18.97 -30.04 41.76
N ARG A 76 -18.77 -29.56 42.99
CA ARG A 76 -18.86 -30.47 44.12
C ARG A 76 -20.30 -30.87 44.38
N LEU A 77 -21.25 -29.96 44.17
CA LEU A 77 -22.65 -30.36 44.17
C LEU A 77 -22.93 -31.38 43.09
N ASP A 78 -22.36 -31.19 41.90
CA ASP A 78 -22.54 -32.19 40.84
C ASP A 78 -21.97 -33.55 41.23
N ILE A 79 -20.79 -33.57 41.84
CA ILE A 79 -20.23 -34.84 42.30
C ILE A 79 -21.09 -35.47 43.37
N LEU A 80 -21.66 -34.66 44.27
CA LEU A 80 -22.57 -35.21 45.26
C LEU A 80 -23.78 -35.86 44.62
N ALA A 81 -24.39 -35.20 43.63
CA ALA A 81 -25.52 -35.78 42.92
C ALA A 81 -25.11 -37.01 42.10
N ARG A 82 -23.83 -37.14 41.77
CA ARG A 82 -23.39 -38.32 41.05
C ARG A 82 -23.52 -39.60 41.87
N TYR A 83 -23.86 -39.52 43.16
CA TYR A 83 -24.19 -40.71 43.93
C TYR A 83 -25.47 -41.37 43.44
N ARG A 84 -26.44 -40.57 43.01
CA ARG A 84 -27.66 -41.07 42.41
C ARG A 84 -27.70 -40.86 40.90
N LEU A 85 -26.61 -40.38 40.31
CA LEU A 85 -26.54 -40.20 38.86
C LEU A 85 -27.59 -39.23 38.37
N LEU A 86 -27.93 -38.27 39.21
CA LEU A 86 -28.68 -37.12 38.73
C LEU A 86 -27.73 -36.20 37.99
N SER A 87 -28.29 -35.39 37.11
CA SER A 87 -27.51 -34.37 36.43
C SER A 87 -28.25 -33.05 36.48
N ARG A 88 -27.47 -31.99 36.51
CA ARG A 88 -27.97 -30.63 36.46
C ARG A 88 -28.46 -30.34 35.05
N ARG A 89 -29.48 -29.51 34.93
CA ARG A 89 -29.89 -29.03 33.62
C ARG A 89 -29.01 -27.86 33.19
N ALA A 90 -29.32 -27.30 32.02
CA ALA A 90 -28.62 -26.12 31.55
C ALA A 90 -29.15 -24.90 32.30
N GLY A 91 -28.23 -24.11 32.85
CA GLY A 91 -28.62 -22.91 33.58
C GLY A 91 -29.39 -23.17 34.85
N GLU A 92 -29.47 -24.43 35.28
CA GLU A 92 -30.18 -24.76 36.50
C GLU A 92 -29.43 -24.19 37.69
N SER A 93 -30.16 -23.68 38.66
CA SER A 93 -29.53 -23.07 39.82
C SER A 93 -29.15 -24.14 40.85
N ASP A 94 -28.19 -23.78 41.71
CA ASP A 94 -27.82 -24.67 42.79
C ASP A 94 -29.01 -24.96 43.69
N GLU A 95 -29.88 -23.98 43.92
CA GLU A 95 -31.04 -24.20 44.77
C GLU A 95 -31.97 -25.26 44.17
N SER A 96 -32.26 -25.14 42.87
CA SER A 96 -33.15 -26.10 42.23
C SER A 96 -32.53 -27.50 42.20
N PHE A 97 -31.27 -27.61 41.79
CA PHE A 97 -30.61 -28.90 41.75
C PHE A 97 -30.55 -29.52 43.15
N ARG A 98 -30.32 -28.68 44.15
CA ARG A 98 -30.28 -29.11 45.54
C ARG A 98 -31.63 -29.66 45.99
N ARG A 99 -32.71 -28.96 45.64
CA ARG A 99 -34.05 -29.44 45.97
C ARG A 99 -34.32 -30.78 45.30
N ALA A 100 -33.87 -30.93 44.04
CA ALA A 100 -33.98 -32.21 43.35
C ALA A 100 -33.21 -33.32 44.04
N ILE A 101 -31.98 -33.04 44.50
CA ILE A 101 -31.19 -34.05 45.20
C ILE A 101 -31.87 -34.46 46.49
N THR A 102 -32.41 -33.48 47.22
CA THR A 102 -32.96 -33.77 48.54
C THR A 102 -34.34 -34.39 48.49
N ASN A 103 -35.09 -34.23 47.40
CA ASN A 103 -36.45 -34.74 47.31
C ASN A 103 -37.32 -34.19 48.44
N VAL A 104 -37.33 -32.87 48.55
CA VAL A 104 -38.09 -32.20 49.60
C VAL A 104 -39.51 -32.72 49.57
N ASP A 105 -39.93 -33.33 50.67
CA ASP A 105 -41.17 -34.09 50.74
C ASP A 105 -41.48 -34.79 49.44
N ARG A 106 -42.28 -34.14 48.60
CA ARG A 106 -42.81 -34.75 47.38
C ARG A 106 -43.91 -35.75 47.76
N ALA A 107 -44.09 -35.95 49.06
CA ALA A 107 -45.22 -36.69 49.60
C ALA A 107 -45.25 -38.13 49.11
N ARG A 108 -44.39 -38.46 48.14
CA ARG A 108 -44.32 -39.81 47.62
C ARG A 108 -42.94 -39.97 46.99
N ILE A 109 -41.99 -40.50 47.76
CA ILE A 109 -40.59 -40.43 47.36
C ILE A 109 -40.30 -41.18 46.07
N ASP A 110 -40.87 -42.36 45.87
CA ASP A 110 -40.65 -43.02 44.61
C ASP A 110 -41.29 -42.20 43.49
N LEU A 111 -40.99 -42.59 42.25
CA LEU A 111 -41.36 -41.79 41.08
C LEU A 111 -40.62 -40.46 41.05
N SER A 112 -39.74 -40.25 42.04
CA SER A 112 -38.86 -39.08 42.00
C SER A 112 -37.72 -39.24 41.03
N ASP A 113 -37.19 -40.45 40.90
CA ASP A 113 -36.17 -40.70 39.89
C ASP A 113 -36.72 -40.44 38.50
N LEU A 114 -37.90 -40.98 38.21
CA LEU A 114 -38.53 -40.73 36.91
C LEU A 114 -38.87 -39.26 36.74
N SER A 115 -39.40 -38.61 37.77
CA SER A 115 -39.76 -37.19 37.61
C SER A 115 -38.54 -36.34 37.33
N THR A 116 -37.42 -36.59 38.03
CA THR A 116 -36.25 -35.74 37.83
C THR A 116 -35.54 -36.03 36.53
N ALA A 117 -35.45 -37.31 36.12
CA ALA A 117 -34.86 -37.61 34.83
C ALA A 117 -35.68 -37.02 33.68
N LEU A 118 -37.01 -37.07 33.80
CA LEU A 118 -37.86 -36.41 32.82
C LEU A 118 -37.54 -34.92 32.74
N SER A 119 -37.46 -34.26 33.89
CA SER A 119 -37.15 -32.83 33.87
C SER A 119 -35.81 -32.57 33.24
N ALA A 120 -34.83 -33.45 33.47
CA ALA A 120 -33.50 -33.32 32.88
C ALA A 120 -33.49 -33.49 31.37
N ILE A 121 -34.38 -34.31 30.80
CA ILE A 121 -34.43 -34.46 29.35
C ILE A 121 -34.44 -33.09 28.68
N ASN A 122 -33.67 -32.96 27.60
CA ASN A 122 -33.60 -31.68 26.89
C ASN A 122 -34.93 -31.33 26.25
N GLY A 123 -35.33 -30.07 26.40
CA GLY A 123 -36.54 -29.56 25.79
C GLY A 123 -37.80 -29.69 26.61
N VAL A 124 -37.76 -30.44 27.71
CA VAL A 124 -38.94 -30.68 28.53
C VAL A 124 -39.25 -29.44 29.35
N SER A 125 -40.25 -28.67 28.93
CA SER A 125 -40.63 -27.48 29.66
C SER A 125 -41.34 -27.84 30.97
N TRP A 126 -42.30 -28.76 30.91
CA TRP A 126 -43.12 -29.12 32.05
C TRP A 126 -43.35 -30.63 32.03
N SER A 127 -43.20 -31.26 33.19
CA SER A 127 -43.38 -32.70 33.31
C SER A 127 -44.04 -33.01 34.64
N ARG A 128 -44.76 -34.12 34.67
CA ARG A 128 -45.58 -34.49 35.82
C ARG A 128 -45.84 -35.99 35.75
N VAL A 129 -45.85 -36.64 36.92
CA VAL A 129 -45.97 -38.09 37.00
C VAL A 129 -47.13 -38.44 37.93
N TYR A 130 -48.00 -39.33 37.46
CA TYR A 130 -49.16 -39.79 38.21
C TYR A 130 -49.13 -41.31 38.27
N VAL A 131 -49.85 -41.87 39.24
CA VAL A 131 -49.94 -43.32 39.37
C VAL A 131 -51.28 -43.70 39.96
N ASN A 132 -51.86 -44.78 39.43
CA ASN A 132 -53.05 -45.42 39.98
C ASN A 132 -52.61 -46.82 40.41
N GLU A 133 -52.36 -46.99 41.70
CA GLU A 133 -51.88 -48.25 42.23
C GLU A 133 -52.96 -49.08 42.91
N ASP A 134 -54.22 -48.63 42.89
CA ASP A 134 -55.30 -49.42 43.44
C ASP A 134 -55.82 -50.41 42.39
N ALA A 135 -56.74 -51.28 42.83
CA ALA A 135 -57.37 -52.24 41.94
C ALA A 135 -58.59 -51.69 41.24
N THR A 136 -58.90 -50.41 41.42
CA THR A 136 -60.02 -49.77 40.78
C THR A 136 -59.52 -48.60 39.94
N THR A 137 -60.30 -48.24 38.93
CA THR A 137 -60.00 -47.04 38.16
C THR A 137 -60.36 -45.80 38.98
N ASP A 138 -59.44 -44.85 39.02
CA ASP A 138 -59.64 -43.63 39.79
C ASP A 138 -60.57 -42.67 39.04
N ALA A 139 -60.99 -41.62 39.74
CA ALA A 139 -61.94 -40.67 39.16
C ALA A 139 -61.37 -39.96 37.94
N ASP A 140 -60.04 -39.92 37.80
CA ASP A 140 -59.40 -39.28 36.66
C ASP A 140 -59.34 -40.17 35.44
N GLY A 141 -59.71 -41.44 35.56
CA GLY A 141 -59.75 -42.35 34.43
C GLY A 141 -58.54 -43.23 34.26
N ILE A 142 -57.59 -43.21 35.19
CA ILE A 142 -56.38 -44.03 35.08
C ILE A 142 -56.72 -45.46 35.49
N PRO A 143 -56.46 -46.46 34.65
CA PRO A 143 -56.78 -47.84 35.03
C PRO A 143 -55.92 -48.30 36.20
N PRO A 144 -56.28 -49.41 36.84
CA PRO A 144 -55.53 -49.86 38.01
C PRO A 144 -54.13 -50.32 37.66
N ASN A 145 -53.22 -50.16 38.61
CA ASN A 145 -51.82 -50.55 38.44
C ASN A 145 -51.25 -49.94 37.16
N THR A 146 -51.21 -48.62 37.13
CA THR A 146 -50.82 -47.89 35.94
C THR A 146 -50.01 -46.66 36.31
N VAL A 147 -49.11 -46.26 35.41
CA VAL A 147 -48.24 -45.10 35.58
C VAL A 147 -48.56 -44.15 34.44
N SER A 148 -48.89 -42.91 34.74
CA SER A 148 -49.17 -41.91 33.71
C SER A 148 -48.12 -40.80 33.74
N VAL A 149 -47.75 -40.33 32.55
CA VAL A 149 -46.73 -39.29 32.40
C VAL A 149 -47.31 -38.17 31.56
N ALA A 150 -47.16 -36.94 32.02
CA ALA A 150 -47.52 -35.76 31.27
C ALA A 150 -46.26 -34.96 31.01
N VAL A 151 -46.03 -34.59 29.74
CA VAL A 151 -44.79 -33.94 29.36
C VAL A 151 -45.08 -32.99 28.22
N ILE A 152 -44.48 -31.80 28.30
CA ILE A 152 -44.51 -30.81 27.24
C ILE A 152 -43.09 -30.69 26.69
N GLY A 153 -42.92 -30.99 25.41
CA GLY A 153 -41.63 -30.84 24.76
C GLY A 153 -40.80 -32.12 24.86
N GLY A 154 -39.56 -31.99 24.39
CA GLY A 154 -38.68 -33.13 24.30
C GLY A 154 -39.07 -34.07 23.19
N ASP A 155 -38.12 -34.78 22.61
CA ASP A 155 -38.45 -35.69 21.53
C ASP A 155 -39.02 -37.00 22.09
N ASP A 156 -40.02 -37.52 21.38
CA ASP A 156 -40.71 -38.72 21.82
C ASP A 156 -39.76 -39.87 22.02
N ASP A 157 -38.71 -39.97 21.19
CA ASP A 157 -37.79 -41.08 21.33
C ASP A 157 -37.05 -41.06 22.66
N GLU A 158 -36.43 -39.94 23.02
CA GLU A 158 -35.75 -39.89 24.31
C GLU A 158 -36.74 -40.05 25.46
N VAL A 159 -37.89 -39.39 25.37
CA VAL A 159 -38.88 -39.49 26.44
C VAL A 159 -39.27 -40.94 26.66
N ALA A 160 -39.56 -41.66 25.59
CA ALA A 160 -40.04 -43.03 25.70
C ALA A 160 -38.93 -43.98 26.13
N GLN A 161 -37.72 -43.79 25.62
CA GLN A 161 -36.62 -44.63 26.07
C GLN A 161 -36.38 -44.45 27.56
N LEU A 162 -36.62 -43.25 28.08
CA LEU A 162 -36.50 -43.02 29.52
C LEU A 162 -37.65 -43.67 30.29
N VAL A 163 -38.89 -43.48 29.82
CA VAL A 163 -40.05 -43.97 30.56
C VAL A 163 -40.06 -45.50 30.59
N ARG A 164 -39.66 -46.13 29.48
CA ARG A 164 -39.62 -47.58 29.45
C ARG A 164 -38.65 -48.13 30.47
N ARG A 165 -37.48 -47.53 30.62
CA ARG A 165 -36.49 -48.00 31.55
C ARG A 165 -36.80 -47.61 33.00
N TYR A 166 -37.71 -46.66 33.21
CA TYR A 166 -38.13 -46.37 34.58
C TYR A 166 -39.39 -47.10 35.01
N VAL A 167 -40.21 -47.59 34.08
CA VAL A 167 -41.43 -48.30 34.44
C VAL A 167 -41.25 -49.78 34.15
N VAL A 168 -41.52 -50.62 35.15
CA VAL A 168 -41.24 -52.05 35.07
C VAL A 168 -42.23 -52.73 34.13
N PRO A 169 -41.92 -53.92 33.61
CA PRO A 169 -42.93 -54.68 32.88
C PRO A 169 -44.06 -55.11 33.79
N GLY A 170 -45.23 -55.32 33.17
CA GLY A 170 -46.41 -55.66 33.93
C GLY A 170 -47.16 -54.49 34.52
N VAL A 171 -46.80 -53.26 34.15
CA VAL A 171 -47.48 -52.07 34.65
C VAL A 171 -47.86 -51.23 33.44
N GLY A 172 -49.15 -50.92 33.31
CA GLY A 172 -49.65 -50.21 32.15
C GLY A 172 -49.36 -48.73 32.19
N MET A 173 -49.91 -48.02 31.21
CA MET A 173 -49.69 -46.59 31.09
C MET A 173 -50.92 -45.95 30.46
N TYR A 174 -51.42 -44.89 31.10
CA TYR A 174 -52.55 -44.13 30.58
C TYR A 174 -52.01 -42.90 29.87
N GLY A 175 -52.50 -42.65 28.67
CA GLY A 175 -52.05 -41.49 27.92
C GLY A 175 -52.79 -41.35 26.62
N ASN A 176 -52.52 -40.25 25.94
CA ASN A 176 -53.14 -39.94 24.65
C ASN A 176 -52.17 -40.07 23.48
N THR A 177 -50.87 -39.94 23.71
CA THR A 177 -49.86 -40.09 22.67
C THR A 177 -49.16 -41.42 22.85
N THR A 178 -48.96 -42.15 21.76
CA THR A 178 -48.29 -43.45 21.81
C THR A 178 -46.96 -43.37 21.08
N ILE A 179 -45.92 -43.94 21.70
CA ILE A 179 -44.58 -43.95 21.17
C ILE A 179 -44.12 -45.40 21.14
N GLU A 180 -43.77 -45.90 19.96
CA GLU A 180 -43.24 -47.24 19.84
C GLU A 180 -41.74 -47.22 20.13
N THR A 181 -41.30 -48.12 21.01
CA THR A 181 -39.88 -48.20 21.37
C THR A 181 -39.37 -49.60 21.14
N THR A 182 -38.05 -49.75 20.99
CA THR A 182 -37.45 -51.05 20.78
C THR A 182 -36.16 -51.18 21.56
N ILE A 183 -36.00 -52.30 22.27
CA ILE A 183 -34.73 -52.62 22.92
C ILE A 183 -34.47 -54.10 22.71
N GLY A 184 -33.33 -54.43 22.11
CA GLY A 184 -33.01 -55.81 21.87
C GLY A 184 -34.06 -56.55 21.07
N GLY A 185 -34.92 -55.83 20.36
CA GLY A 185 -35.97 -56.43 19.56
C GLY A 185 -37.32 -56.46 20.25
N PHE A 186 -37.38 -56.28 21.56
CA PHE A 186 -38.64 -56.31 22.28
C PHE A 186 -39.26 -54.92 22.13
N CYS A 187 -40.59 -54.87 22.04
CA CYS A 187 -41.31 -53.82 21.34
C CYS A 187 -42.40 -53.29 22.28
N ARG A 188 -42.07 -52.28 23.08
CA ARG A 188 -43.07 -51.72 23.99
C ARG A 188 -43.67 -50.43 23.43
N ARG A 189 -44.99 -50.32 23.54
CA ARG A 189 -45.68 -49.08 23.23
C ARG A 189 -45.85 -48.29 24.52
N ILE A 190 -45.20 -47.13 24.58
CA ILE A 190 -45.21 -46.27 25.75
C ILE A 190 -46.23 -45.17 25.50
N ARG A 191 -47.24 -45.09 26.36
CA ARG A 191 -48.26 -44.07 26.25
C ARG A 191 -47.96 -42.95 27.23
N VAL A 192 -47.96 -41.71 26.74
CA VAL A 192 -47.74 -40.53 27.55
C VAL A 192 -48.85 -39.53 27.27
N ILE A 193 -48.91 -38.49 28.09
CA ILE A 193 -49.88 -37.43 27.95
C ILE A 193 -49.14 -36.21 27.43
N ARG A 194 -49.59 -35.69 26.29
CA ARG A 194 -49.12 -34.42 25.75
C ARG A 194 -50.26 -33.42 25.89
N PRO A 195 -50.43 -32.78 27.06
CA PRO A 195 -51.70 -32.10 27.33
C PRO A 195 -52.07 -31.10 26.23
N VAL A 196 -53.36 -31.09 25.90
CA VAL A 196 -53.88 -30.16 24.91
C VAL A 196 -54.19 -28.85 25.62
N LEU A 197 -53.63 -27.76 25.11
CA LEU A 197 -53.78 -26.45 25.72
C LEU A 197 -55.10 -25.82 25.31
N ILE A 198 -55.88 -25.39 26.29
CA ILE A 198 -57.13 -24.66 26.07
C ILE A 198 -56.88 -23.20 26.45
N PRO A 199 -56.96 -22.26 25.51
CA PRO A 199 -56.74 -20.85 25.86
C PRO A 199 -57.85 -20.33 26.77
N THR A 200 -57.49 -20.06 28.02
CA THR A 200 -58.43 -19.60 29.03
C THR A 200 -58.41 -18.08 29.11
N SER A 201 -59.60 -17.50 29.21
CA SER A 201 -59.79 -16.08 29.44
C SER A 201 -60.27 -15.90 30.87
N VAL A 202 -59.58 -15.05 31.63
CA VAL A 202 -59.79 -14.92 33.07
C VAL A 202 -59.96 -13.46 33.46
N GLU A 203 -61.04 -13.21 34.20
CA GLU A 203 -61.43 -11.87 34.62
C GLU A 203 -61.71 -11.91 36.11
N ILE A 204 -60.99 -11.09 36.88
CA ILE A 204 -61.03 -11.16 38.34
C ILE A 204 -61.43 -9.80 38.89
N ASP A 205 -62.27 -9.83 39.93
CA ASP A 205 -62.65 -8.64 40.69
C ASP A 205 -62.05 -8.75 42.07
N VAL A 206 -61.42 -7.67 42.53
CA VAL A 206 -60.69 -7.66 43.78
C VAL A 206 -61.08 -6.44 44.60
N GLN A 207 -60.98 -6.59 45.92
CA GLN A 207 -61.15 -5.48 46.85
C GLN A 207 -59.82 -5.24 47.54
N SER A 208 -59.61 -4.00 47.96
CA SER A 208 -58.35 -3.60 48.58
C SER A 208 -58.48 -3.67 50.08
N ARG A 209 -57.55 -4.40 50.72
CA ARG A 209 -57.52 -4.52 52.17
C ARG A 209 -56.12 -4.18 52.66
N PRO A 210 -55.80 -2.90 52.86
CA PRO A 210 -54.45 -2.54 53.31
C PRO A 210 -54.13 -3.13 54.68
N LEU A 211 -52.94 -3.71 54.77
CA LEU A 211 -52.48 -4.31 56.03
C LEU A 211 -52.25 -3.20 57.04
N LYS A 212 -53.04 -3.19 58.11
CA LYS A 212 -52.98 -2.17 59.17
C LYS A 212 -52.79 -0.77 58.58
N ASN A 213 -53.48 -0.52 57.47
CA ASN A 213 -53.27 0.69 56.67
C ASN A 213 -51.79 0.88 56.35
N GLY A 214 -51.10 -0.24 56.16
CA GLY A 214 -49.66 -0.24 55.97
C GLY A 214 -49.22 0.34 54.65
N CYS A 215 -49.42 -0.41 53.51
CA CYS A 215 -49.09 0.23 52.25
C CYS A 215 -50.14 -0.17 51.21
N PRO A 216 -50.48 0.68 50.25
CA PRO A 216 -51.71 0.43 49.45
C PRO A 216 -51.51 -0.61 48.37
N PRO A 217 -52.60 -1.01 47.71
CA PRO A 217 -52.51 -2.11 46.75
C PRO A 217 -51.75 -1.68 45.49
N PRO A 218 -51.21 -2.64 44.75
CA PRO A 218 -50.51 -2.29 43.51
C PRO A 218 -51.49 -2.09 42.36
N SER A 219 -50.92 -1.85 41.19
CA SER A 219 -51.71 -1.49 40.03
C SER A 219 -52.25 -2.74 39.33
N VAL A 220 -53.29 -2.52 38.52
CA VAL A 220 -53.97 -3.61 37.85
C VAL A 220 -53.01 -4.34 36.92
N ASN A 221 -52.22 -3.59 36.15
CA ASN A 221 -51.24 -4.20 35.26
C ASN A 221 -50.23 -5.02 36.04
N ALA A 222 -49.75 -4.50 37.17
CA ALA A 222 -48.78 -5.25 37.98
C ALA A 222 -49.38 -6.55 38.50
N MET A 223 -50.61 -6.51 39.00
CA MET A 223 -51.25 -7.73 39.49
C MET A 223 -51.48 -8.73 38.37
N ALA A 224 -51.89 -8.27 37.19
CA ALA A 224 -52.10 -9.19 36.08
C ALA A 224 -50.78 -9.80 35.61
N ALA A 225 -49.72 -9.00 35.57
CA ALA A 225 -48.42 -9.54 35.20
C ALA A 225 -47.93 -10.58 36.21
N GLY A 226 -48.11 -10.29 37.50
CA GLY A 226 -47.77 -11.28 38.50
C GLY A 226 -48.54 -12.57 38.34
N LEU A 227 -49.84 -12.47 38.08
CA LEU A 227 -50.64 -13.69 37.91
C LEU A 227 -50.21 -14.46 36.66
N TYR A 228 -49.91 -13.76 35.56
CA TYR A 228 -49.43 -14.45 34.37
C TYR A 228 -48.13 -15.19 34.66
N THR A 229 -47.20 -14.54 35.36
CA THR A 229 -45.97 -15.21 35.73
C THR A 229 -46.28 -16.45 36.57
N GLU A 230 -47.14 -16.30 37.56
CA GLU A 230 -47.43 -17.40 38.48
C GLU A 230 -48.03 -18.59 37.72
N LEU A 231 -48.93 -18.31 36.79
CA LEU A 231 -49.60 -19.37 36.03
C LEU A 231 -48.72 -19.95 34.93
N THR A 232 -47.69 -19.23 34.50
CA THR A 232 -46.75 -19.74 33.52
C THR A 232 -45.52 -20.39 34.14
N GLY A 233 -45.35 -20.30 35.46
CA GLY A 233 -44.20 -20.88 36.12
C GLY A 233 -44.25 -22.39 36.19
N PRO A 234 -43.24 -23.00 36.81
CA PRO A 234 -43.26 -24.46 36.98
C PRO A 234 -44.38 -24.96 37.86
N ASP A 235 -44.95 -24.12 38.71
CA ASP A 235 -46.12 -24.46 39.50
C ASP A 235 -47.41 -24.06 38.80
N ARG A 236 -47.42 -24.07 37.47
CA ARG A 236 -48.61 -23.82 36.70
C ARG A 236 -49.65 -24.90 36.97
N PRO A 237 -50.93 -24.62 36.73
CA PRO A 237 -51.95 -25.66 36.89
C PRO A 237 -51.65 -26.86 36.01
N GLY A 238 -51.79 -28.04 36.60
CA GLY A 238 -51.51 -29.27 35.88
C GLY A 238 -52.65 -29.68 34.99
N ASN A 239 -52.45 -30.81 34.33
CA ASN A 239 -53.50 -31.37 33.50
C ASN A 239 -54.63 -31.91 34.37
N GLY A 240 -55.86 -31.77 33.87
CA GLY A 240 -57.00 -32.21 34.62
C GLY A 240 -57.39 -31.31 35.76
N GLU A 241 -56.82 -30.11 35.83
CA GLU A 241 -57.12 -29.15 36.89
C GLU A 241 -58.18 -28.18 36.39
N ASP A 242 -59.38 -28.26 36.94
CA ASP A 242 -60.44 -27.34 36.58
C ASP A 242 -60.20 -25.98 37.20
N GLY A 243 -60.51 -24.93 36.44
CA GLY A 243 -60.41 -23.57 36.94
C GLY A 243 -61.52 -23.25 37.92
N THR A 244 -61.15 -22.86 39.14
CA THR A 244 -62.12 -22.62 40.20
C THR A 244 -61.82 -21.28 40.85
N VAL A 245 -62.79 -20.77 41.60
CA VAL A 245 -62.55 -19.57 42.37
C VAL A 245 -61.46 -19.81 43.40
N TYR A 246 -61.40 -21.02 43.95
CA TYR A 246 -60.41 -21.32 44.99
C TYR A 246 -58.99 -21.20 44.46
N LEU A 247 -58.73 -21.71 43.26
CA LEU A 247 -57.37 -21.65 42.71
C LEU A 247 -56.88 -20.22 42.61
N PHE A 248 -57.68 -19.35 42.01
CA PHE A 248 -57.27 -17.97 41.83
C PHE A 248 -57.28 -17.18 43.12
N ARG A 249 -58.19 -17.49 44.04
CA ARG A 249 -58.15 -16.82 45.33
C ARG A 249 -56.95 -17.25 46.15
N LYS A 250 -56.44 -18.45 45.91
CA LYS A 250 -55.21 -18.90 46.55
C LYS A 250 -53.99 -18.27 45.92
N ILE A 251 -54.04 -17.96 44.62
CA ILE A 251 -52.89 -17.37 43.95
C ILE A 251 -52.82 -15.85 44.19
N MET A 252 -53.92 -15.14 43.95
CA MET A 252 -53.94 -13.69 44.16
C MET A 252 -53.62 -13.30 45.59
N GLU A 253 -54.21 -13.96 46.57
CA GLU A 253 -54.00 -13.53 47.95
C GLU A 253 -52.58 -13.84 48.41
N ARG A 254 -52.00 -14.94 47.93
CA ARG A 254 -50.61 -15.20 48.24
C ARG A 254 -49.68 -14.18 47.58
N LEU A 255 -49.92 -13.87 46.32
CA LEU A 255 -49.08 -12.89 45.64
C LEU A 255 -49.20 -11.52 46.28
N TYR A 256 -50.40 -11.17 46.75
CA TYR A 256 -50.67 -9.83 47.23
C TYR A 256 -51.62 -9.92 48.41
N PRO A 257 -51.13 -10.12 49.63
CA PRO A 257 -52.05 -10.41 50.74
C PRO A 257 -53.02 -9.27 51.05
N ASN A 258 -52.72 -8.06 50.62
CA ASN A 258 -53.60 -6.93 50.95
C ASN A 258 -54.81 -6.87 50.05
N VAL A 259 -54.96 -7.84 49.14
CA VAL A 259 -56.03 -7.83 48.15
C VAL A 259 -56.95 -9.03 48.41
N GLU A 260 -58.25 -8.74 48.47
CA GLU A 260 -59.27 -9.77 48.64
C GLU A 260 -59.90 -10.05 47.28
N VAL A 261 -59.92 -11.32 46.88
CA VAL A 261 -60.57 -11.69 45.63
C VAL A 261 -62.04 -11.92 45.90
N VAL A 262 -62.89 -11.23 45.14
CA VAL A 262 -64.33 -11.29 45.31
C VAL A 262 -64.99 -12.21 44.29
N ASP A 263 -64.73 -11.99 43.00
CA ASP A 263 -65.42 -12.71 41.95
C ASP A 263 -64.46 -13.07 40.84
N VAL A 264 -64.28 -14.36 40.61
CA VAL A 264 -63.49 -14.87 39.50
C VAL A 264 -64.44 -15.26 38.39
N ARG A 265 -64.01 -15.07 37.15
CA ARG A 265 -64.79 -15.44 35.98
C ARG A 265 -63.84 -16.04 34.96
N LEU A 266 -64.24 -17.17 34.38
CA LEU A 266 -63.39 -17.92 33.47
C LEU A 266 -64.18 -18.29 32.24
N SER A 267 -63.46 -18.52 31.16
CA SER A 267 -64.08 -19.13 29.98
C SER A 267 -63.00 -19.66 29.05
N GLN A 268 -63.43 -20.43 28.07
CA GLN A 268 -62.59 -20.92 26.99
C GLN A 268 -62.61 -19.86 25.89
N ALA A 269 -61.45 -19.31 25.57
CA ALA A 269 -61.40 -18.27 24.57
C ALA A 269 -61.86 -18.82 23.22
N PRO A 270 -62.49 -17.99 22.37
CA PRO A 270 -62.79 -16.57 22.60
C PRO A 270 -64.11 -16.36 23.34
N ALA A 271 -64.67 -17.42 23.91
CA ALA A 271 -65.98 -17.33 24.53
C ALA A 271 -65.92 -16.39 25.74
N ALA A 272 -67.06 -15.80 26.06
CA ALA A 272 -67.12 -14.76 27.08
C ALA A 272 -66.85 -15.35 28.46
N PRO A 273 -66.11 -14.65 29.32
CA PRO A 273 -65.91 -15.15 30.68
C PRO A 273 -67.24 -15.30 31.42
N THR A 274 -67.27 -16.24 32.36
CA THR A 274 -68.51 -16.59 33.05
C THR A 274 -68.17 -17.27 34.36
N THR A 275 -69.17 -17.91 34.96
CA THR A 275 -69.01 -18.51 36.26
C THR A 275 -68.13 -19.76 36.18
N PRO A 276 -67.20 -19.93 37.11
CA PRO A 276 -66.53 -21.22 37.25
C PRO A 276 -67.47 -22.26 37.82
N PRO A 277 -67.05 -23.52 37.92
CA PRO A 277 -65.77 -24.08 37.50
C PRO A 277 -65.67 -24.34 36.01
N LEU A 278 -64.49 -24.13 35.45
CA LEU A 278 -64.20 -24.51 34.07
C LEU A 278 -63.57 -25.88 34.11
N VAL A 279 -64.25 -26.87 33.53
CA VAL A 279 -63.84 -28.26 33.68
C VAL A 279 -62.83 -28.63 32.60
N MET A 280 -61.61 -28.96 33.03
CA MET A 280 -60.59 -29.56 32.18
C MET A 280 -60.58 -31.06 32.41
N SER A 281 -60.57 -31.83 31.33
CA SER A 281 -60.39 -33.26 31.44
C SER A 281 -58.93 -33.57 31.75
N PHE A 282 -58.66 -34.83 32.05
CA PHE A 282 -57.32 -35.22 32.48
C PHE A 282 -56.28 -35.04 31.38
N PHE A 283 -56.70 -34.98 30.12
CA PHE A 283 -55.77 -34.73 29.02
C PHE A 283 -55.67 -33.27 28.64
N GLN A 284 -56.46 -32.40 29.27
CA GLN A 284 -56.50 -30.99 28.92
C GLN A 284 -55.73 -30.15 29.93
N MET A 285 -55.33 -28.96 29.50
CA MET A 285 -54.58 -28.05 30.34
C MET A 285 -55.09 -26.64 30.06
N MET A 286 -54.91 -25.75 31.03
CA MET A 286 -55.26 -24.36 30.84
C MET A 286 -54.02 -23.61 30.36
N SER A 287 -54.17 -22.84 29.29
CA SER A 287 -53.09 -22.03 28.76
C SER A 287 -53.54 -20.57 28.72
N PHE A 288 -52.66 -19.69 29.18
CA PHE A 288 -53.04 -18.31 29.47
C PHE A 288 -52.29 -17.37 28.55
N ASN A 289 -52.85 -16.17 28.34
CA ASN A 289 -52.19 -15.10 27.61
C ASN A 289 -52.18 -13.84 28.46
N ALA A 290 -51.15 -13.02 28.27
CA ALA A 290 -51.06 -11.78 29.03
C ALA A 290 -52.26 -10.88 28.78
N ASP A 291 -52.72 -10.79 27.53
CA ASP A 291 -53.86 -9.96 27.20
C ASP A 291 -55.13 -10.42 27.90
N ASP A 292 -55.36 -11.73 27.94
CA ASP A 292 -56.64 -12.25 28.43
C ASP A 292 -56.87 -11.97 29.91
N ILE A 293 -55.82 -11.95 30.70
CA ILE A 293 -55.98 -11.71 32.13
C ILE A 293 -56.43 -10.28 32.36
N LEU A 294 -57.50 -10.11 33.14
CA LEU A 294 -58.00 -8.78 33.48
C LEU A 294 -58.34 -8.75 34.96
N VAL A 295 -57.98 -7.67 35.63
CA VAL A 295 -58.26 -7.49 37.05
C VAL A 295 -58.90 -6.12 37.26
N GLU A 296 -59.98 -6.08 38.04
CA GLU A 296 -60.68 -4.83 38.30
C GLU A 296 -60.86 -4.68 39.81
N ILE A 297 -60.60 -3.48 40.32
CA ILE A 297 -60.83 -3.18 41.73
C ILE A 297 -62.24 -2.68 41.90
N VAL A 298 -62.95 -3.21 42.88
CA VAL A 298 -64.34 -2.84 43.11
C VAL A 298 -64.46 -2.10 44.44
N PRO A 299 -65.42 -1.16 44.57
CA PRO A 299 -65.59 -0.45 45.84
C PRO A 299 -66.13 -1.35 46.94
N MET B 1 -13.10 -17.03 48.79
CA MET B 1 -11.68 -17.08 49.09
C MET B 1 -10.97 -17.81 47.94
N THR B 2 -9.65 -17.69 47.85
CA THR B 2 -8.89 -18.25 46.73
C THR B 2 -8.32 -19.63 47.03
N TYR B 3 -8.11 -19.96 48.30
CA TYR B 3 -7.56 -21.25 48.68
C TYR B 3 -8.59 -22.08 49.44
N GLY B 4 -8.18 -23.28 49.81
CA GLY B 4 -9.07 -24.17 50.54
C GLY B 4 -10.17 -24.75 49.67
N VAL B 5 -11.31 -25.01 50.29
CA VAL B 5 -12.45 -25.58 49.59
C VAL B 5 -13.08 -24.50 48.73
N GLN B 6 -13.20 -24.76 47.44
CA GLN B 6 -13.75 -23.83 46.46
C GLN B 6 -14.75 -24.55 45.57
N PRO B 7 -15.58 -23.80 44.85
CA PRO B 7 -16.51 -24.47 43.92
C PRO B 7 -15.81 -25.37 42.92
N THR B 8 -14.63 -24.99 42.43
CA THR B 8 -13.93 -25.83 41.47
C THR B 8 -13.21 -26.98 42.14
N GLY B 9 -13.09 -26.93 43.46
CA GLY B 9 -12.41 -28.00 44.19
C GLY B 9 -11.55 -27.45 45.30
N TYR B 10 -10.51 -28.19 45.67
CA TYR B 10 -9.61 -27.76 46.74
C TYR B 10 -8.38 -27.09 46.14
N VAL B 11 -8.29 -25.78 46.31
CA VAL B 11 -7.18 -24.98 45.80
C VAL B 11 -6.09 -24.97 46.87
N LYS B 12 -5.09 -25.82 46.70
CA LYS B 12 -4.03 -25.99 47.69
C LYS B 12 -3.05 -24.83 47.63
N LYS B 13 -2.53 -24.43 48.79
CA LYS B 13 -1.67 -23.26 48.88
C LYS B 13 -0.20 -23.67 48.81
N PRO B 14 0.63 -23.01 48.00
CA PRO B 14 2.04 -23.37 47.96
C PRO B 14 2.77 -23.04 49.26
N LEU B 15 3.92 -23.71 49.45
CA LEU B 15 4.73 -23.48 50.64
C LEU B 15 5.32 -22.08 50.65
N ALA B 16 5.71 -21.58 49.48
CA ALA B 16 6.20 -20.21 49.40
C ALA B 16 5.15 -19.22 49.89
N VAL B 17 3.89 -19.44 49.52
CA VAL B 17 2.83 -18.58 50.02
C VAL B 17 2.64 -18.77 51.52
N HIS B 18 2.66 -20.02 52.00
CA HIS B 18 2.55 -20.24 53.43
C HIS B 18 3.58 -19.43 54.20
N LEU B 19 4.80 -19.35 53.67
CA LEU B 19 5.86 -18.61 54.35
C LEU B 19 5.67 -17.10 54.20
N ALA B 20 5.33 -16.64 53.00
CA ALA B 20 5.20 -15.21 52.76
C ALA B 20 4.08 -14.60 53.60
N GLU B 21 2.96 -15.32 53.74
CA GLU B 21 1.87 -14.79 54.56
C GLU B 21 2.30 -14.59 56.00
N ILE B 22 3.01 -15.56 56.58
CA ILE B 22 3.39 -15.45 57.98
C ILE B 22 4.42 -14.34 58.16
N GLU B 23 5.32 -14.18 57.18
CA GLU B 23 6.27 -13.07 57.25
C GLU B 23 5.57 -11.72 57.19
N ALA B 24 4.60 -11.58 56.29
CA ALA B 24 3.85 -10.33 56.22
C ALA B 24 3.07 -10.06 57.50
N SER B 25 2.48 -11.11 58.10
CA SER B 25 1.77 -10.92 59.36
C SER B 25 2.71 -10.48 60.47
N MET B 26 3.90 -11.05 60.55
CA MET B 26 4.87 -10.60 61.53
C MET B 26 5.35 -9.17 61.29
N VAL B 27 5.46 -8.76 60.03
CA VAL B 27 5.75 -7.36 59.75
C VAL B 27 4.60 -6.48 60.23
N ASP B 28 3.36 -6.93 60.03
CA ASP B 28 2.21 -6.18 60.55
C ASP B 28 2.29 -6.02 62.06
N LEU B 29 2.72 -7.08 62.76
CA LEU B 29 2.79 -7.01 64.22
C LEU B 29 3.93 -6.11 64.70
N PHE B 30 5.16 -6.37 64.25
CA PHE B 30 6.33 -5.72 64.83
C PHE B 30 6.99 -4.70 63.91
N GLY B 31 6.28 -4.19 62.91
CA GLY B 31 6.84 -3.22 62.01
C GLY B 31 7.73 -3.86 60.97
N PRO B 32 8.04 -3.13 59.90
CA PRO B 32 8.85 -3.70 58.81
C PRO B 32 10.32 -3.88 59.15
N GLY B 33 10.79 -3.41 60.30
CA GLY B 33 12.16 -3.59 60.71
C GLY B 33 12.46 -4.90 61.39
N VAL B 34 11.44 -5.71 61.69
CA VAL B 34 11.64 -6.96 62.40
C VAL B 34 12.52 -7.88 61.57
N ILE B 35 13.46 -8.56 62.23
CA ILE B 35 14.39 -9.46 61.56
C ILE B 35 13.79 -10.86 61.56
N GLN B 36 13.59 -11.42 60.36
CA GLN B 36 13.00 -12.73 60.17
C GLN B 36 13.87 -13.63 59.31
N THR B 37 15.18 -13.41 59.29
CA THR B 37 16.03 -14.19 58.40
C THR B 37 16.10 -15.64 58.89
N GLU B 38 16.62 -16.50 58.02
CA GLU B 38 16.65 -17.93 58.32
C GLU B 38 17.41 -18.22 59.61
N GLN B 39 18.38 -17.38 59.96
CA GLN B 39 19.21 -17.64 61.14
C GLN B 39 18.60 -17.14 62.43
N SER B 40 17.62 -16.26 62.37
CA SER B 40 17.06 -15.66 63.58
C SER B 40 16.00 -16.56 64.18
N PRO B 41 15.68 -16.37 65.48
CA PRO B 41 14.64 -17.19 66.09
C PRO B 41 13.27 -17.03 65.44
N LEU B 42 12.91 -15.83 65.01
CA LEU B 42 11.62 -15.68 64.34
C LEU B 42 11.64 -16.34 62.97
N GLY B 43 12.77 -16.32 62.28
CA GLY B 43 12.87 -17.07 61.04
C GLY B 43 12.77 -18.55 61.24
N GLN B 44 13.35 -19.06 62.34
CA GLN B 44 13.14 -20.44 62.71
C GLN B 44 11.67 -20.75 62.91
N LEU B 45 10.95 -19.89 63.62
CA LEU B 45 9.52 -20.11 63.83
C LEU B 45 8.75 -20.07 62.52
N ASN B 46 9.01 -19.10 61.65
CA ASN B 46 8.32 -19.01 60.37
C ASN B 46 8.57 -20.19 59.46
N GLY B 47 9.81 -20.67 59.36
CA GLY B 47 10.08 -21.81 58.49
C GLY B 47 9.35 -23.06 58.93
N LEU B 48 9.39 -23.37 60.23
CA LEU B 48 8.67 -24.52 60.75
C LEU B 48 7.17 -24.36 60.62
N TYR B 49 6.64 -23.15 60.84
CA TYR B 49 5.21 -22.96 60.62
C TYR B 49 4.84 -23.21 59.18
N ALA B 50 5.65 -22.73 58.24
CA ALA B 50 5.35 -22.97 56.84
C ALA B 50 5.35 -24.46 56.53
N ASP B 51 6.32 -25.19 57.05
CA ASP B 51 6.35 -26.64 56.84
C ASP B 51 5.09 -27.31 57.39
N LEU B 52 4.76 -27.05 58.65
CA LEU B 52 3.60 -27.69 59.26
C LEU B 52 2.32 -27.31 58.52
N SER B 53 2.18 -26.03 58.15
CA SER B 53 0.93 -25.60 57.55
C SER B 53 0.78 -26.13 56.13
N TYR B 54 1.87 -26.25 55.38
CA TYR B 54 1.77 -26.94 54.09
C TYR B 54 1.36 -28.39 54.28
N ASP B 55 1.92 -29.06 55.28
CA ASP B 55 1.53 -30.44 55.54
C ASP B 55 0.04 -30.55 55.88
N LEU B 56 -0.46 -29.65 56.72
CA LEU B 56 -1.86 -29.74 57.11
C LEU B 56 -2.77 -29.34 55.94
N ASP B 57 -2.29 -28.43 55.10
CA ASP B 57 -2.99 -28.10 53.86
C ASP B 57 -3.14 -29.32 52.97
N GLU B 58 -2.07 -30.11 52.84
CA GLU B 58 -2.13 -31.33 52.05
C GLU B 58 -3.08 -32.36 52.67
N ARG B 59 -3.07 -32.49 54.00
CA ARG B 59 -4.04 -33.36 54.64
C ARG B 59 -5.48 -32.91 54.43
N GLY B 60 -5.74 -31.61 54.47
CA GLY B 60 -7.07 -31.13 54.13
C GLY B 60 -7.48 -31.53 52.73
N GLU B 61 -6.54 -31.43 51.77
CA GLU B 61 -6.85 -31.83 50.40
C GLU B 61 -7.18 -33.31 50.34
N ASP B 62 -6.40 -34.13 51.01
CA ASP B 62 -6.66 -35.57 51.01
C ASP B 62 -8.04 -35.88 51.59
N LEU B 63 -8.38 -35.27 52.74
CA LEU B 63 -9.67 -35.52 53.35
C LEU B 63 -10.80 -35.04 52.44
N TYR B 64 -10.61 -33.91 51.76
CA TYR B 64 -11.58 -33.45 50.77
C TYR B 64 -11.78 -34.48 49.67
N GLN B 65 -10.69 -35.01 49.12
CA GLN B 65 -10.81 -35.95 48.01
C GLN B 65 -11.46 -37.25 48.45
N SER B 66 -11.29 -37.63 49.72
CA SER B 66 -11.77 -38.92 50.18
C SER B 66 -13.29 -38.98 50.36
N PHE B 67 -14.02 -37.92 50.01
CA PHE B 67 -15.48 -37.98 49.99
C PHE B 67 -16.03 -38.36 48.62
N ASP B 68 -15.20 -38.58 47.65
CA ASP B 68 -15.61 -38.93 46.30
C ASP B 68 -15.25 -40.39 46.02
N PRO B 69 -16.19 -41.23 45.57
CA PRO B 69 -15.81 -42.60 45.19
C PRO B 69 -14.78 -42.66 44.08
N GLU B 70 -14.80 -41.70 43.15
CA GLU B 70 -13.83 -41.68 42.07
C GLU B 70 -12.43 -41.41 42.60
N GLN B 71 -12.31 -40.94 43.84
CA GLN B 71 -11.02 -40.52 44.39
C GLN B 71 -10.67 -41.19 45.71
N ALA B 72 -11.65 -41.69 46.46
CA ALA B 72 -11.36 -42.40 47.69
C ALA B 72 -10.59 -43.67 47.38
N GLU B 73 -9.81 -44.17 48.33
CA GLU B 73 -8.92 -45.29 48.10
C GLU B 73 -8.80 -46.20 49.33
N GLY B 74 -9.64 -47.23 49.40
CA GLY B 74 -9.46 -48.26 50.42
C GLY B 74 -10.65 -48.42 51.35
N SER B 75 -10.40 -48.38 52.66
CA SER B 75 -11.49 -48.52 53.62
C SER B 75 -12.49 -47.39 53.50
N ARG B 76 -12.02 -46.17 53.23
CA ARG B 76 -12.96 -45.09 52.98
C ARG B 76 -13.67 -45.26 51.64
N LEU B 77 -13.01 -45.83 50.64
CA LEU B 77 -13.73 -46.19 49.42
C LEU B 77 -14.83 -47.19 49.72
N ASP B 78 -14.62 -48.11 50.65
CA ASP B 78 -15.68 -49.02 51.10
C ASP B 78 -16.82 -48.26 51.78
N ILE B 79 -16.48 -47.31 52.64
CA ILE B 79 -17.50 -46.50 53.30
C ILE B 79 -18.37 -45.82 52.25
N LEU B 80 -17.74 -45.29 51.21
CA LEU B 80 -18.48 -44.61 50.15
C LEU B 80 -19.26 -45.59 49.27
N ALA B 81 -18.76 -46.80 49.06
CA ALA B 81 -19.45 -47.78 48.25
C ALA B 81 -20.69 -48.34 48.94
N ARG B 82 -20.70 -48.39 50.27
CA ARG B 82 -21.88 -48.89 50.96
C ARG B 82 -23.10 -48.01 50.72
N TYR B 83 -22.91 -46.80 50.21
CA TYR B 83 -24.04 -45.98 49.78
C TYR B 83 -24.63 -46.47 48.46
N ARG B 84 -23.91 -47.28 47.70
CA ARG B 84 -24.38 -47.80 46.42
C ARG B 84 -24.46 -49.32 46.44
N LEU B 85 -24.30 -49.94 47.61
CA LEU B 85 -24.48 -51.38 47.76
C LEU B 85 -23.41 -52.15 46.98
N LEU B 86 -22.17 -51.91 47.35
CA LEU B 86 -21.05 -52.70 46.84
C LEU B 86 -20.09 -52.99 47.98
N SER B 87 -19.69 -54.25 48.09
CA SER B 87 -18.71 -54.67 49.09
C SER B 87 -17.46 -55.15 48.38
N ARG B 88 -16.32 -54.62 48.80
CA ARG B 88 -15.05 -55.05 48.24
C ARG B 88 -14.90 -56.56 48.32
N ARG B 89 -14.79 -57.22 47.17
CA ARG B 89 -14.50 -58.65 47.17
C ARG B 89 -13.11 -58.90 47.76
N ALA B 90 -13.01 -60.00 48.49
CA ALA B 90 -11.76 -60.31 49.18
C ALA B 90 -10.60 -60.32 48.19
N GLY B 91 -9.62 -59.46 48.42
CA GLY B 91 -8.47 -59.36 47.55
C GLY B 91 -8.67 -58.50 46.32
N GLU B 92 -9.86 -57.95 46.11
CA GLU B 92 -10.06 -57.05 44.99
C GLU B 92 -9.33 -55.74 45.23
N SER B 93 -8.56 -55.32 44.24
CA SER B 93 -7.77 -54.11 44.32
C SER B 93 -8.68 -52.89 44.28
N ASP B 94 -8.14 -51.75 44.71
CA ASP B 94 -8.91 -50.52 44.69
C ASP B 94 -9.26 -50.12 43.27
N GLU B 95 -8.40 -50.42 42.30
CA GLU B 95 -8.74 -50.10 40.91
C GLU B 95 -9.99 -50.86 40.47
N SER B 96 -9.99 -52.18 40.65
CA SER B 96 -11.13 -52.98 40.22
C SER B 96 -12.38 -52.61 41.00
N PHE B 97 -12.22 -52.33 42.30
CA PHE B 97 -13.37 -51.94 43.12
C PHE B 97 -13.95 -50.61 42.67
N ARG B 98 -13.10 -49.63 42.36
CA ARG B 98 -13.58 -48.36 41.87
C ARG B 98 -14.31 -48.54 40.54
N ARG B 99 -13.77 -49.40 39.67
CA ARG B 99 -14.50 -49.77 38.46
C ARG B 99 -15.88 -50.32 38.80
N ALA B 100 -15.93 -51.29 39.71
CA ALA B 100 -17.21 -51.88 40.08
C ALA B 100 -18.17 -50.81 40.56
N ILE B 101 -17.67 -49.74 41.15
CA ILE B 101 -18.55 -48.64 41.53
C ILE B 101 -18.72 -47.77 40.29
N THR B 102 -19.48 -48.28 39.33
CA THR B 102 -20.01 -47.54 38.21
C THR B 102 -21.16 -48.39 37.68
N ASN B 103 -22.38 -48.08 38.08
CA ASN B 103 -23.47 -49.03 37.94
C ASN B 103 -24.78 -48.26 37.85
N VAL B 104 -25.73 -48.87 37.13
CA VAL B 104 -27.03 -48.24 36.94
C VAL B 104 -27.72 -48.03 38.29
N ASP B 105 -28.33 -46.85 38.42
CA ASP B 105 -29.19 -46.55 39.57
C ASP B 105 -30.61 -46.89 39.17
N ARG B 106 -30.77 -47.99 38.44
CA ARG B 106 -32.02 -48.28 37.79
C ARG B 106 -32.05 -49.75 37.41
N ALA B 107 -33.23 -50.34 37.51
CA ALA B 107 -33.39 -51.78 37.32
C ALA B 107 -33.08 -52.15 35.87
N ARG B 108 -32.20 -53.14 35.70
CA ARG B 108 -31.95 -53.75 34.40
C ARG B 108 -32.80 -55.01 34.34
N ILE B 109 -34.12 -54.82 34.24
CA ILE B 109 -35.07 -55.91 34.27
C ILE B 109 -35.93 -55.98 33.02
N ASP B 110 -35.47 -55.43 31.90
CA ASP B 110 -36.27 -55.41 30.69
C ASP B 110 -36.49 -56.83 30.17
N LEU B 111 -37.66 -57.06 29.58
CA LEU B 111 -37.95 -58.39 29.06
C LEU B 111 -37.02 -58.77 27.93
N SER B 112 -36.40 -57.81 27.24
CA SER B 112 -35.35 -58.17 26.30
C SER B 112 -34.21 -58.89 27.02
N ASP B 113 -33.79 -58.36 28.16
CA ASP B 113 -32.79 -59.02 28.99
C ASP B 113 -33.27 -60.36 29.50
N LEU B 114 -34.52 -60.45 29.95
CA LEU B 114 -35.06 -61.74 30.36
C LEU B 114 -34.93 -62.77 29.25
N SER B 115 -35.41 -62.44 28.06
CA SER B 115 -35.38 -63.38 26.95
C SER B 115 -33.96 -63.74 26.57
N THR B 116 -33.06 -62.77 26.56
CA THR B 116 -31.67 -63.06 26.19
C THR B 116 -31.05 -64.06 27.15
N ALA B 117 -31.24 -63.86 28.45
CA ALA B 117 -30.70 -64.80 29.42
C ALA B 117 -31.37 -66.18 29.30
N LEU B 118 -32.69 -66.18 29.08
CA LEU B 118 -33.41 -67.44 28.95
C LEU B 118 -32.88 -68.26 27.79
N SER B 119 -32.67 -67.62 26.64
CA SER B 119 -32.04 -68.31 25.52
C SER B 119 -30.59 -68.69 25.83
N ALA B 120 -29.94 -67.97 26.74
CA ALA B 120 -28.55 -68.27 27.05
C ALA B 120 -28.41 -69.52 27.91
N ILE B 121 -29.41 -69.83 28.73
CA ILE B 121 -29.35 -71.06 29.52
C ILE B 121 -29.21 -72.27 28.61
N ASN B 122 -28.46 -73.27 29.09
CA ASN B 122 -28.27 -74.50 28.33
C ASN B 122 -29.59 -75.27 28.24
N GLY B 123 -29.71 -76.08 27.20
CA GLY B 123 -30.89 -76.90 27.00
C GLY B 123 -32.10 -76.16 26.48
N VAL B 124 -32.15 -74.84 26.63
CA VAL B 124 -33.26 -74.04 26.15
C VAL B 124 -33.12 -73.87 24.64
N SER B 125 -33.79 -74.73 23.88
CA SER B 125 -33.73 -74.65 22.42
C SER B 125 -34.59 -73.52 21.86
N TRP B 126 -35.68 -73.17 22.53
CA TRP B 126 -36.59 -72.15 22.04
C TRP B 126 -37.24 -71.47 23.23
N SER B 127 -37.55 -70.18 23.09
CA SER B 127 -38.15 -69.43 24.17
C SER B 127 -38.69 -68.12 23.65
N ARG B 128 -39.80 -67.67 24.25
CA ARG B 128 -40.40 -66.38 23.99
C ARG B 128 -40.94 -65.80 25.29
N VAL B 129 -40.94 -64.47 25.37
CA VAL B 129 -41.48 -63.74 26.50
C VAL B 129 -42.59 -62.84 25.99
N TYR B 130 -43.77 -62.94 26.60
CA TYR B 130 -44.93 -62.15 26.24
C TYR B 130 -45.36 -61.35 27.46
N VAL B 131 -45.88 -60.16 27.23
CA VAL B 131 -46.36 -59.33 28.33
C VAL B 131 -47.70 -58.73 27.94
N ASN B 132 -48.62 -58.73 28.89
CA ASN B 132 -49.91 -58.06 28.74
C ASN B 132 -49.97 -56.95 29.78
N GLU B 133 -49.91 -55.71 29.31
CA GLU B 133 -49.88 -54.54 30.17
C GLU B 133 -51.23 -53.91 30.37
N ASP B 134 -52.09 -53.96 29.36
CA ASP B 134 -53.40 -53.32 29.44
C ASP B 134 -54.19 -53.87 30.63
N ALA B 135 -55.25 -53.17 30.98
CA ALA B 135 -56.11 -53.54 32.10
C ALA B 135 -57.20 -54.53 31.70
N THR B 136 -57.31 -54.86 30.43
CA THR B 136 -58.29 -55.83 29.95
C THR B 136 -57.58 -57.05 29.39
N THR B 137 -58.17 -58.22 29.61
CA THR B 137 -57.56 -59.45 29.13
C THR B 137 -57.44 -59.42 27.61
N ASP B 138 -56.27 -59.82 27.12
CA ASP B 138 -56.02 -59.89 25.70
C ASP B 138 -56.71 -61.11 25.11
N ALA B 139 -56.65 -61.24 23.78
CA ALA B 139 -57.32 -62.35 23.11
C ALA B 139 -56.57 -63.67 23.26
N ASP B 140 -55.29 -63.63 23.60
CA ASP B 140 -54.48 -64.84 23.75
C ASP B 140 -54.64 -65.49 25.12
N GLY B 141 -55.42 -64.88 26.03
CA GLY B 141 -55.69 -65.50 27.30
C GLY B 141 -54.78 -65.06 28.44
N ILE B 142 -53.98 -64.02 28.25
CA ILE B 142 -53.09 -63.52 29.30
C ILE B 142 -53.87 -62.50 30.13
N PRO B 143 -54.01 -62.69 31.44
CA PRO B 143 -54.72 -61.71 32.25
C PRO B 143 -53.99 -60.38 32.26
N PRO B 144 -54.66 -59.31 32.66
CA PRO B 144 -54.00 -57.99 32.68
C PRO B 144 -52.83 -57.95 33.64
N ASN B 145 -51.82 -57.17 33.27
CA ASN B 145 -50.65 -56.92 34.11
C ASN B 145 -49.91 -58.21 34.42
N THR B 146 -49.48 -58.90 33.36
CA THR B 146 -48.92 -60.24 33.49
C THR B 146 -47.82 -60.46 32.46
N VAL B 147 -46.94 -61.41 32.76
CA VAL B 147 -45.86 -61.79 31.86
C VAL B 147 -45.88 -63.31 31.76
N SER B 148 -45.95 -63.82 30.53
CA SER B 148 -45.90 -65.25 30.27
C SER B 148 -44.58 -65.58 29.58
N VAL B 149 -43.98 -66.72 29.96
CA VAL B 149 -42.74 -67.17 29.37
C VAL B 149 -42.97 -68.56 28.80
N ALA B 150 -42.78 -68.69 27.48
CA ALA B 150 -42.84 -69.97 26.80
C ALA B 150 -41.40 -70.44 26.61
N VAL B 151 -41.13 -71.68 27.01
CA VAL B 151 -39.77 -72.20 26.95
C VAL B 151 -39.83 -73.68 26.59
N ILE B 152 -38.82 -74.14 25.87
CA ILE B 152 -38.67 -75.55 25.52
C ILE B 152 -37.30 -76.02 25.96
N GLY B 153 -37.27 -77.14 26.67
CA GLY B 153 -36.02 -77.62 27.20
C GLY B 153 -35.57 -76.78 28.39
N GLY B 154 -34.28 -76.89 28.68
CA GLY B 154 -33.70 -76.18 29.81
C GLY B 154 -34.19 -76.76 31.12
N ASP B 155 -33.38 -76.61 32.17
CA ASP B 155 -33.76 -77.14 33.48
C ASP B 155 -34.81 -76.24 34.13
N ASP B 156 -35.90 -76.87 34.58
CA ASP B 156 -37.02 -76.14 35.15
C ASP B 156 -36.65 -75.38 36.41
N ASP B 157 -35.63 -75.81 37.13
CA ASP B 157 -35.23 -75.14 38.36
C ASP B 157 -34.52 -73.83 38.06
N GLU B 158 -33.48 -73.90 37.21
CA GLU B 158 -32.74 -72.71 36.84
C GLU B 158 -33.60 -71.73 36.05
N VAL B 159 -34.49 -72.23 35.18
CA VAL B 159 -35.35 -71.31 34.44
C VAL B 159 -36.29 -70.58 35.38
N ALA B 160 -36.82 -71.27 36.38
CA ALA B 160 -37.70 -70.60 37.35
C ALA B 160 -36.93 -69.55 38.15
N GLN B 161 -35.71 -69.88 38.57
CA GLN B 161 -34.88 -68.86 39.22
C GLN B 161 -34.69 -67.65 38.33
N LEU B 162 -34.38 -67.87 37.06
CA LEU B 162 -34.16 -66.76 36.15
C LEU B 162 -35.42 -65.93 35.99
N VAL B 163 -36.59 -66.58 35.87
CA VAL B 163 -37.83 -65.83 35.69
C VAL B 163 -38.12 -64.98 36.91
N ARG B 164 -37.93 -65.53 38.11
CA ARG B 164 -38.26 -64.75 39.30
C ARG B 164 -37.25 -63.66 39.56
N ARG B 165 -36.01 -63.80 39.10
CA ARG B 165 -35.07 -62.72 39.27
C ARG B 165 -35.36 -61.54 38.34
N TYR B 166 -36.25 -61.71 37.37
CA TYR B 166 -36.58 -60.65 36.42
C TYR B 166 -38.01 -60.14 36.51
N VAL B 167 -38.94 -60.92 37.01
CA VAL B 167 -40.31 -60.44 37.19
C VAL B 167 -40.44 -59.89 38.59
N VAL B 168 -40.97 -58.68 38.72
CA VAL B 168 -41.03 -57.98 40.00
C VAL B 168 -42.29 -58.42 40.75
N PRO B 169 -42.30 -58.34 42.08
CA PRO B 169 -43.52 -58.66 42.83
C PRO B 169 -44.69 -57.79 42.41
N GLY B 170 -45.86 -58.39 42.37
CA GLY B 170 -47.05 -57.71 41.92
C GLY B 170 -47.34 -57.83 40.44
N VAL B 171 -46.46 -58.47 39.68
CA VAL B 171 -46.71 -58.81 38.29
C VAL B 171 -46.92 -60.31 38.21
N GLY B 172 -48.03 -60.72 37.60
CA GLY B 172 -48.42 -62.11 37.59
C GLY B 172 -47.76 -62.93 36.50
N MET B 173 -47.98 -64.24 36.55
CA MET B 173 -47.47 -65.18 35.57
C MET B 173 -48.63 -65.95 34.97
N TYR B 174 -48.59 -66.16 33.66
CA TYR B 174 -49.56 -66.98 32.95
C TYR B 174 -48.84 -68.11 32.24
N GLY B 175 -49.41 -69.31 32.32
CA GLY B 175 -48.81 -70.47 31.69
C GLY B 175 -49.61 -71.71 32.05
N ASN B 176 -49.10 -72.86 31.58
CA ASN B 176 -49.74 -74.15 31.82
C ASN B 176 -48.98 -75.03 32.78
N THR B 177 -47.68 -74.86 32.90
CA THR B 177 -46.86 -75.67 33.79
C THR B 177 -46.47 -74.86 35.02
N THR B 178 -46.35 -75.54 36.15
CA THR B 178 -45.95 -74.92 37.41
C THR B 178 -44.62 -75.49 37.86
N ILE B 179 -43.81 -74.65 38.50
CA ILE B 179 -42.50 -75.02 39.00
C ILE B 179 -42.33 -74.45 40.40
N GLU B 180 -41.80 -75.26 41.31
CA GLU B 180 -41.54 -74.84 42.67
C GLU B 180 -40.05 -74.85 42.94
N THR B 181 -39.50 -73.69 43.31
CA THR B 181 -38.09 -73.55 43.57
C THR B 181 -37.91 -72.83 44.90
N THR B 182 -36.77 -73.08 45.55
CA THR B 182 -36.46 -72.51 46.84
C THR B 182 -35.26 -71.57 46.71
N ILE B 183 -35.44 -70.33 47.16
CA ILE B 183 -34.33 -69.44 47.44
C ILE B 183 -34.54 -68.89 48.85
N GLY B 184 -33.54 -69.05 49.71
CA GLY B 184 -33.68 -68.61 51.09
C GLY B 184 -34.80 -69.31 51.83
N GLY B 185 -35.09 -70.56 51.50
CA GLY B 185 -36.20 -71.27 52.10
C GLY B 185 -37.55 -70.79 51.62
N PHE B 186 -37.60 -69.83 50.71
CA PHE B 186 -38.86 -69.25 50.27
C PHE B 186 -39.30 -69.97 49.01
N CYS B 187 -40.20 -70.92 49.18
CA CYS B 187 -40.81 -71.61 48.05
C CYS B 187 -41.76 -70.68 47.33
N ARG B 188 -41.62 -70.59 46.01
CA ARG B 188 -42.51 -69.81 45.17
C ARG B 188 -43.04 -70.66 44.03
N ARG B 189 -44.22 -70.26 43.56
CA ARG B 189 -44.93 -70.94 42.49
C ARG B 189 -44.73 -70.15 41.20
N ILE B 190 -43.92 -70.69 40.28
CA ILE B 190 -43.55 -70.03 39.05
C ILE B 190 -44.29 -70.71 37.92
N ARG B 191 -45.14 -69.97 37.23
CA ARG B 191 -45.93 -70.51 36.13
C ARG B 191 -45.22 -70.22 34.81
N VAL B 192 -44.87 -71.28 34.07
CA VAL B 192 -44.27 -71.14 32.76
C VAL B 192 -45.15 -71.84 31.74
N ILE B 193 -44.82 -71.68 30.46
CA ILE B 193 -45.48 -72.41 29.39
C ILE B 193 -44.50 -73.41 28.84
N ARG B 194 -44.89 -74.69 28.87
CA ARG B 194 -44.17 -75.76 28.19
C ARG B 194 -45.03 -76.17 27.01
N PRO B 195 -44.83 -75.58 25.83
CA PRO B 195 -45.83 -75.70 24.76
C PRO B 195 -46.09 -77.15 24.38
N VAL B 196 -47.35 -77.41 24.04
CA VAL B 196 -47.80 -78.74 23.62
C VAL B 196 -47.50 -78.83 22.12
N LEU B 197 -46.61 -79.73 21.75
CA LEU B 197 -46.21 -79.90 20.36
C LEU B 197 -47.24 -80.72 19.61
N ILE B 198 -47.88 -80.14 18.60
CA ILE B 198 -48.84 -80.86 17.76
C ILE B 198 -48.20 -81.13 16.40
N PRO B 199 -47.91 -82.37 16.06
CA PRO B 199 -47.38 -82.66 14.72
C PRO B 199 -48.35 -82.20 13.64
N THR B 200 -47.78 -81.62 12.59
CA THR B 200 -48.57 -81.00 11.55
C THR B 200 -48.19 -81.58 10.21
N SER B 201 -49.19 -81.84 9.39
CA SER B 201 -49.01 -82.21 7.99
C SER B 201 -49.31 -80.99 7.12
N VAL B 202 -48.41 -80.68 6.20
CA VAL B 202 -48.52 -79.50 5.35
C VAL B 202 -48.35 -79.90 3.90
N GLU B 203 -49.14 -79.29 3.03
CA GLU B 203 -49.06 -79.47 1.60
C GLU B 203 -49.07 -78.10 0.93
N ILE B 204 -48.19 -77.88 -0.01
CA ILE B 204 -48.07 -76.60 -0.70
C ILE B 204 -48.01 -76.87 -2.20
N ASP B 205 -48.85 -76.15 -2.95
CA ASP B 205 -48.87 -76.25 -4.40
C ASP B 205 -48.38 -74.94 -4.99
N VAL B 206 -47.40 -75.02 -5.88
CA VAL B 206 -46.66 -73.85 -6.35
C VAL B 206 -46.61 -73.85 -7.87
N GLN B 207 -46.50 -72.64 -8.43
CA GLN B 207 -46.30 -72.43 -9.86
C GLN B 207 -44.88 -71.93 -10.06
N SER B 208 -44.19 -72.48 -11.05
CA SER B 208 -42.82 -72.05 -11.34
C SER B 208 -42.82 -70.98 -12.41
N ARG B 209 -42.15 -69.86 -12.12
CA ARG B 209 -41.96 -68.78 -13.08
C ARG B 209 -40.49 -68.38 -13.09
N PRO B 210 -39.64 -69.18 -13.75
CA PRO B 210 -38.21 -68.87 -13.77
C PRO B 210 -37.92 -67.53 -14.44
N LEU B 211 -36.91 -66.85 -13.91
CA LEU B 211 -36.43 -65.63 -14.53
C LEU B 211 -35.99 -65.92 -15.96
N LYS B 212 -36.36 -65.01 -16.87
CA LYS B 212 -36.46 -65.36 -18.29
C LYS B 212 -35.36 -66.33 -18.71
N ASN B 213 -34.11 -66.03 -18.38
CA ASN B 213 -32.99 -66.93 -18.65
C ASN B 213 -32.28 -67.35 -17.36
N GLY B 214 -32.83 -67.02 -16.20
CA GLY B 214 -32.27 -67.46 -14.94
C GLY B 214 -32.43 -68.96 -14.79
N CYS B 215 -31.67 -69.51 -13.86
CA CYS B 215 -31.49 -70.96 -13.80
C CYS B 215 -32.76 -71.63 -13.31
N PRO B 216 -32.90 -72.93 -13.55
CA PRO B 216 -34.22 -73.55 -13.61
C PRO B 216 -34.89 -73.59 -12.26
N PRO B 217 -36.18 -73.91 -12.23
CA PRO B 217 -36.91 -73.91 -10.96
C PRO B 217 -36.36 -74.94 -9.99
N PRO B 218 -36.47 -74.69 -8.70
CA PRO B 218 -35.92 -75.63 -7.71
C PRO B 218 -36.72 -76.93 -7.65
N SER B 219 -36.04 -77.97 -7.17
CA SER B 219 -36.65 -79.29 -7.07
C SER B 219 -37.53 -79.38 -5.82
N VAL B 220 -38.51 -80.28 -5.88
CA VAL B 220 -39.47 -80.42 -4.80
C VAL B 220 -38.80 -80.85 -3.50
N ASN B 221 -37.87 -81.80 -3.56
CA ASN B 221 -37.21 -82.24 -2.33
C ASN B 221 -36.40 -81.09 -1.72
N ALA B 222 -35.72 -80.31 -2.56
CA ALA B 222 -34.99 -79.17 -2.04
C ALA B 222 -35.93 -78.17 -1.40
N MET B 223 -37.08 -77.91 -2.02
CA MET B 223 -38.04 -76.98 -1.42
C MET B 223 -38.57 -77.51 -0.10
N ALA B 224 -38.87 -78.81 -0.04
CA ALA B 224 -39.38 -79.38 1.20
C ALA B 224 -38.35 -79.26 2.31
N ALA B 225 -37.08 -79.56 2.00
CA ALA B 225 -36.03 -79.48 3.01
C ALA B 225 -35.80 -78.03 3.43
N GLY B 226 -35.83 -77.10 2.49
CA GLY B 226 -35.62 -75.70 2.83
C GLY B 226 -36.73 -75.13 3.68
N LEU B 227 -37.98 -75.50 3.40
CA LEU B 227 -39.08 -75.09 4.26
C LEU B 227 -38.97 -75.74 5.63
N TYR B 228 -38.59 -77.02 5.68
CA TYR B 228 -38.44 -77.70 6.96
C TYR B 228 -37.40 -77.04 7.83
N THR B 229 -36.26 -76.67 7.25
CA THR B 229 -35.19 -76.06 8.04
C THR B 229 -35.63 -74.73 8.64
N GLU B 230 -36.31 -73.91 7.84
CA GLU B 230 -36.81 -72.64 8.36
C GLU B 230 -37.87 -72.85 9.44
N LEU B 231 -38.74 -73.85 9.25
CA LEU B 231 -39.80 -74.12 10.21
C LEU B 231 -39.28 -74.72 11.51
N THR B 232 -38.13 -75.39 11.47
CA THR B 232 -37.49 -75.90 12.68
C THR B 232 -36.31 -75.05 13.12
N GLY B 233 -36.13 -73.86 12.56
CA GLY B 233 -35.07 -72.97 12.97
C GLY B 233 -35.43 -72.09 14.13
N PRO B 234 -34.58 -71.10 14.42
CA PRO B 234 -34.86 -70.17 15.53
C PRO B 234 -35.99 -69.19 15.23
N ASP B 235 -36.38 -69.10 13.96
CA ASP B 235 -37.52 -68.26 13.58
C ASP B 235 -38.78 -69.09 13.36
N ARG B 236 -38.93 -70.16 14.11
CA ARG B 236 -40.02 -71.12 13.89
C ARG B 236 -41.36 -70.50 14.26
N PRO B 237 -42.46 -71.05 13.75
CA PRO B 237 -43.77 -70.66 14.29
C PRO B 237 -43.86 -70.92 15.78
N GLY B 238 -44.19 -69.89 16.56
CA GLY B 238 -44.31 -70.01 17.99
C GLY B 238 -45.67 -70.53 18.42
N ASN B 239 -45.89 -70.52 19.72
CA ASN B 239 -47.16 -70.94 20.28
C ASN B 239 -48.25 -69.93 19.98
N GLY B 240 -49.47 -70.43 19.81
CA GLY B 240 -50.59 -69.58 19.47
C GLY B 240 -50.50 -68.95 18.10
N GLU B 241 -49.95 -69.67 17.12
CA GLU B 241 -49.88 -69.21 15.73
C GLU B 241 -50.86 -70.03 14.91
N ASP B 242 -51.86 -69.37 14.34
CA ASP B 242 -52.84 -70.05 13.51
C ASP B 242 -52.22 -70.37 12.15
N GLY B 243 -51.81 -71.63 11.97
CA GLY B 243 -51.21 -72.03 10.72
C GLY B 243 -52.05 -71.57 9.55
N THR B 244 -51.52 -70.65 8.77
CA THR B 244 -52.31 -69.93 7.78
C THR B 244 -51.57 -69.90 6.46
N VAL B 245 -52.31 -69.63 5.38
CA VAL B 245 -51.68 -69.41 4.09
C VAL B 245 -50.62 -68.33 4.19
N TYR B 246 -50.87 -67.30 5.00
CA TYR B 246 -49.94 -66.19 5.09
C TYR B 246 -48.54 -66.66 5.48
N LEU B 247 -48.46 -67.42 6.58
CA LEU B 247 -47.15 -67.81 7.09
C LEU B 247 -46.36 -68.59 6.04
N PHE B 248 -46.96 -69.63 5.49
CA PHE B 248 -46.27 -70.54 4.59
C PHE B 248 -45.99 -69.90 3.23
N ARG B 249 -46.92 -69.11 2.72
CA ARG B 249 -46.64 -68.36 1.50
C ARG B 249 -45.51 -67.37 1.70
N LYS B 250 -45.46 -66.66 2.84
CA LYS B 250 -44.31 -65.81 3.10
C LYS B 250 -43.02 -66.61 3.08
N ILE B 251 -42.96 -67.70 3.83
CA ILE B 251 -41.70 -68.45 3.91
C ILE B 251 -41.28 -68.95 2.53
N MET B 252 -42.21 -69.57 1.80
CA MET B 252 -41.88 -70.12 0.49
C MET B 252 -41.45 -69.03 -0.49
N GLU B 253 -42.22 -67.94 -0.57
CA GLU B 253 -41.88 -66.86 -1.49
C GLU B 253 -40.54 -66.26 -1.16
N ARG B 254 -40.22 -66.05 0.11
CA ARG B 254 -38.98 -65.39 0.47
C ARG B 254 -37.78 -66.32 0.33
N LEU B 255 -37.98 -67.64 0.50
CA LEU B 255 -36.88 -68.57 0.27
C LEU B 255 -36.62 -68.80 -1.21
N TYR B 256 -37.67 -68.85 -2.03
CA TYR B 256 -37.57 -69.23 -3.43
C TYR B 256 -38.20 -68.12 -4.26
N PRO B 257 -37.46 -67.06 -4.61
CA PRO B 257 -38.08 -65.92 -5.29
C PRO B 257 -38.74 -66.28 -6.60
N ASN B 258 -38.25 -67.30 -7.31
CA ASN B 258 -38.75 -67.65 -8.63
C ASN B 258 -39.84 -68.73 -8.57
N VAL B 259 -40.66 -68.71 -7.53
CA VAL B 259 -41.74 -69.67 -7.36
C VAL B 259 -42.92 -68.98 -6.69
N GLU B 260 -44.12 -69.25 -7.19
CA GLU B 260 -45.35 -68.76 -6.58
C GLU B 260 -46.07 -69.89 -5.89
N VAL B 261 -46.80 -69.55 -4.83
CA VAL B 261 -47.62 -70.51 -4.12
C VAL B 261 -49.04 -70.45 -4.66
N VAL B 262 -49.59 -71.61 -5.01
CA VAL B 262 -50.95 -71.68 -5.52
C VAL B 262 -51.89 -71.78 -4.34
N ASP B 263 -51.69 -72.78 -3.48
CA ASP B 263 -52.51 -72.94 -2.29
C ASP B 263 -51.73 -73.73 -1.24
N VAL B 264 -52.24 -73.65 -0.01
CA VAL B 264 -51.68 -74.34 1.15
C VAL B 264 -52.78 -75.15 1.80
N ARG B 265 -52.44 -76.36 2.25
CA ARG B 265 -53.33 -77.21 3.01
C ARG B 265 -52.62 -77.68 4.27
N LEU B 266 -53.35 -77.72 5.39
CA LEU B 266 -52.76 -78.01 6.68
C LEU B 266 -53.65 -78.96 7.46
N SER B 267 -53.04 -79.76 8.32
CA SER B 267 -53.80 -80.67 9.19
C SER B 267 -52.87 -81.23 10.25
N GLN B 268 -53.42 -82.11 11.08
CA GLN B 268 -52.65 -82.77 12.13
C GLN B 268 -52.51 -84.26 11.83
N ALA B 269 -51.34 -84.80 12.14
CA ALA B 269 -51.10 -86.21 11.85
C ALA B 269 -52.01 -87.08 12.71
N PRO B 270 -52.74 -88.04 12.12
CA PRO B 270 -52.82 -88.40 10.71
C PRO B 270 -53.91 -87.68 9.94
N ALA B 271 -54.61 -86.74 10.57
CA ALA B 271 -55.79 -86.16 9.94
C ALA B 271 -55.43 -85.58 8.57
N ALA B 272 -56.32 -85.81 7.62
CA ALA B 272 -56.08 -85.48 6.22
C ALA B 272 -55.95 -83.97 6.03
N PRO B 273 -55.21 -83.53 5.02
CA PRO B 273 -55.02 -82.09 4.81
C PRO B 273 -56.34 -81.38 4.58
N THR B 274 -56.44 -80.15 5.07
CA THR B 274 -57.61 -79.32 4.90
C THR B 274 -57.20 -77.87 4.65
N THR B 275 -58.17 -77.06 4.27
CA THR B 275 -57.88 -75.65 4.03
C THR B 275 -57.52 -74.96 5.34
N PRO B 276 -56.69 -73.93 5.31
CA PRO B 276 -56.42 -73.15 6.52
C PRO B 276 -57.62 -72.31 6.90
N PRO B 277 -57.57 -71.58 8.03
CA PRO B 277 -56.48 -71.54 9.01
C PRO B 277 -56.52 -72.71 9.98
N LEU B 278 -55.34 -73.20 10.38
CA LEU B 278 -55.23 -74.23 11.40
C LEU B 278 -55.13 -73.56 12.75
N VAL B 279 -56.13 -73.75 13.60
CA VAL B 279 -56.29 -72.97 14.82
C VAL B 279 -55.51 -73.65 15.93
N MET B 280 -54.68 -72.89 16.64
CA MET B 280 -54.12 -73.31 17.92
C MET B 280 -54.23 -72.23 18.97
N SER B 281 -54.41 -72.67 20.22
CA SER B 281 -54.48 -71.80 21.38
C SER B 281 -53.07 -71.41 21.81
N PHE B 282 -53.00 -70.57 22.85
CA PHE B 282 -51.72 -70.00 23.24
C PHE B 282 -50.78 -71.06 23.82
N PHE B 283 -51.27 -72.26 24.09
CA PHE B 283 -50.46 -73.31 24.69
C PHE B 283 -49.93 -74.32 23.70
N GLN B 284 -50.56 -74.45 22.53
CA GLN B 284 -50.14 -75.41 21.53
C GLN B 284 -49.17 -74.75 20.56
N MET B 285 -48.27 -75.56 20.00
CA MET B 285 -47.30 -75.08 19.03
C MET B 285 -47.21 -76.11 17.91
N MET B 286 -47.00 -75.63 16.69
CA MET B 286 -47.00 -76.51 15.53
C MET B 286 -45.66 -77.23 15.39
N SER B 287 -45.72 -78.56 15.34
CA SER B 287 -44.56 -79.41 15.13
C SER B 287 -44.53 -79.90 13.69
N PHE B 288 -43.36 -80.41 13.28
CA PHE B 288 -43.12 -80.70 11.87
C PHE B 288 -42.19 -81.90 11.71
N ASN B 289 -42.32 -82.54 10.55
CA ASN B 289 -41.43 -83.63 10.13
C ASN B 289 -41.10 -83.47 8.66
N ALA B 290 -39.84 -83.74 8.33
CA ALA B 290 -39.39 -83.59 6.95
C ALA B 290 -40.22 -84.46 6.01
N ASP B 291 -40.43 -85.72 6.38
CA ASP B 291 -41.24 -86.60 5.56
C ASP B 291 -42.69 -86.13 5.48
N ASP B 292 -43.16 -85.40 6.49
CA ASP B 292 -44.52 -84.86 6.48
C ASP B 292 -44.62 -83.54 5.73
N ILE B 293 -43.50 -82.99 5.26
CA ILE B 293 -43.53 -81.85 4.34
C ILE B 293 -43.65 -82.38 2.92
N LEU B 294 -44.67 -81.91 2.20
CA LEU B 294 -44.88 -82.29 0.81
C LEU B 294 -45.12 -81.04 -0.04
N VAL B 295 -44.45 -80.98 -1.19
CA VAL B 295 -44.58 -79.86 -2.12
C VAL B 295 -44.74 -80.41 -3.53
N GLU B 296 -45.48 -79.69 -4.36
CA GLU B 296 -45.67 -80.08 -5.76
C GLU B 296 -45.94 -78.84 -6.59
N ILE B 297 -45.62 -78.94 -7.88
CA ILE B 297 -45.71 -77.80 -8.80
C ILE B 297 -47.01 -77.92 -9.58
N VAL B 298 -47.71 -76.79 -9.72
CA VAL B 298 -48.92 -76.71 -10.52
C VAL B 298 -48.54 -76.14 -11.88
N PRO B 299 -49.09 -76.67 -12.99
CA PRO B 299 -48.72 -76.10 -14.29
C PRO B 299 -49.53 -74.85 -14.62
N MET C 1 -8.71 -46.22 52.60
CA MET C 1 -7.33 -45.78 52.78
C MET C 1 -6.84 -46.38 54.09
N SER C 2 -6.28 -45.53 54.96
CA SER C 2 -5.83 -45.98 56.27
C SER C 2 -5.69 -44.74 57.13
N ASN C 3 -4.98 -44.89 58.24
CA ASN C 3 -4.75 -43.75 59.12
C ASN C 3 -4.30 -42.53 58.33
N LEU C 4 -5.17 -41.52 58.26
CA LEU C 4 -4.82 -40.28 57.58
C LEU C 4 -3.75 -39.54 58.36
N CYS C 5 -4.08 -39.17 59.59
CA CYS C 5 -3.25 -38.30 60.39
C CYS C 5 -2.49 -39.08 61.44
N ALA C 6 -1.63 -38.37 62.16
CA ALA C 6 -0.83 -38.95 63.23
C ALA C 6 -1.00 -38.09 64.46
N ASP C 7 -0.39 -38.53 65.56
CA ASP C 7 -0.40 -37.76 66.76
C ASP C 7 0.21 -36.38 66.50
N PRO C 8 -0.40 -35.30 67.01
CA PRO C 8 0.23 -33.98 66.85
C PRO C 8 1.67 -33.94 67.31
N GLU C 9 2.03 -34.62 68.40
CA GLU C 9 3.40 -34.56 68.87
C GLU C 9 4.38 -35.22 67.89
N ALA C 10 3.91 -36.17 67.09
CA ALA C 10 4.78 -36.72 66.06
C ALA C 10 5.11 -35.67 65.00
N LEU C 11 4.09 -34.96 64.50
CA LEU C 11 4.31 -33.92 63.51
C LEU C 11 5.17 -32.79 64.07
N VAL C 12 4.85 -32.32 65.27
CA VAL C 12 5.57 -31.17 65.81
C VAL C 12 7.02 -31.52 66.08
N GLU C 13 7.28 -32.72 66.58
CA GLU C 13 8.67 -33.14 66.76
C GLU C 13 9.38 -33.33 65.43
N ALA C 14 8.67 -33.83 64.42
CA ALA C 14 9.26 -33.93 63.09
C ALA C 14 9.72 -32.57 62.59
N ARG C 15 8.97 -31.52 62.89
CA ARG C 15 9.37 -30.16 62.52
C ARG C 15 10.46 -29.60 63.43
N ILE C 16 10.39 -29.86 64.73
CA ILE C 16 11.42 -29.38 65.64
C ILE C 16 12.77 -29.98 65.27
N ASP C 17 12.77 -31.15 64.65
CA ASP C 17 14.03 -31.74 64.19
C ASP C 17 14.75 -30.86 63.16
N GLU C 18 14.02 -29.98 62.47
CA GLU C 18 14.60 -29.15 61.43
C GLU C 18 15.21 -27.86 61.96
N VAL C 19 15.11 -27.61 63.25
CA VAL C 19 15.70 -26.43 63.87
C VAL C 19 17.21 -26.45 63.68
N LEU C 20 17.84 -25.29 63.85
CA LEU C 20 19.29 -25.20 63.68
C LEU C 20 20.03 -25.75 64.91
N THR C 21 21.31 -26.04 64.67
CA THR C 21 22.16 -26.58 65.73
C THR C 21 22.22 -25.61 66.91
N GLN C 22 22.36 -24.32 66.63
CA GLN C 22 22.50 -23.32 67.67
C GLN C 22 21.25 -23.18 68.53
N TYR C 23 20.12 -23.72 68.09
CA TYR C 23 18.87 -23.68 68.84
C TYR C 23 18.45 -25.06 69.34
N ARG C 24 19.20 -26.10 69.00
CA ARG C 24 18.80 -27.45 69.39
C ARG C 24 18.55 -27.60 70.89
N GLU C 25 19.23 -26.81 71.72
CA GLU C 25 19.10 -26.93 73.17
C GLU C 25 18.66 -25.61 73.80
N SER C 26 17.72 -24.91 73.16
CA SER C 26 17.14 -23.68 73.68
C SER C 26 15.75 -24.01 74.20
N PRO C 27 15.61 -24.43 75.45
CA PRO C 27 14.31 -24.93 75.91
C PRO C 27 13.20 -23.89 75.84
N TYR C 28 13.49 -22.61 76.05
CA TYR C 28 12.44 -21.60 75.95
C TYR C 28 12.01 -21.37 74.50
N LEU C 29 12.97 -21.25 73.59
CA LEU C 29 12.62 -21.06 72.18
C LEU C 29 11.93 -22.30 71.62
N LEU C 30 12.48 -23.48 71.89
CA LEU C 30 11.88 -24.71 71.39
C LEU C 30 10.50 -24.93 71.98
N ASN C 31 10.34 -24.68 73.28
CA ASN C 31 9.02 -24.86 73.89
C ASN C 31 8.02 -23.83 73.41
N LEU C 32 8.46 -22.61 73.10
CA LEU C 32 7.57 -21.63 72.49
C LEU C 32 7.10 -22.12 71.12
N ILE C 33 8.04 -22.55 70.28
CA ILE C 33 7.67 -23.06 68.96
C ILE C 33 6.74 -24.25 69.09
N ARG C 34 7.01 -25.13 70.07
CA ARG C 34 6.14 -26.27 70.30
C ARG C 34 4.74 -25.83 70.72
N ALA C 35 4.65 -24.85 71.59
CA ALA C 35 3.33 -24.36 72.00
C ALA C 35 2.56 -23.84 70.80
N TYR C 36 3.25 -23.13 69.90
CA TYR C 36 2.53 -22.50 68.79
C TYR C 36 2.15 -23.53 67.72
N LEU C 37 2.99 -24.54 67.49
CA LEU C 37 2.70 -25.51 66.44
C LEU C 37 1.82 -26.66 66.90
N SER C 38 1.88 -27.00 68.19
CA SER C 38 1.04 -28.07 68.72
C SER C 38 -0.42 -27.74 68.61
N LYS C 39 -0.80 -26.46 68.72
CA LYS C 39 -2.20 -26.14 68.48
C LYS C 39 -2.60 -26.24 67.03
N LEU C 40 -1.76 -25.87 66.08
CA LEU C 40 -2.17 -26.06 64.70
C LEU C 40 -2.36 -27.55 64.42
N ALA C 41 -1.43 -28.36 64.90
CA ALA C 41 -1.56 -29.80 64.76
C ALA C 41 -2.82 -30.33 65.45
N GLU C 42 -3.08 -29.91 66.69
CA GLU C 42 -4.26 -30.38 67.40
C GLU C 42 -5.54 -29.94 66.74
N THR C 43 -5.63 -28.68 66.32
CA THR C 43 -6.81 -28.20 65.61
C THR C 43 -7.09 -29.07 64.40
N SER C 44 -6.06 -29.35 63.60
CA SER C 44 -6.28 -30.15 62.40
C SER C 44 -6.52 -31.62 62.68
N MET C 45 -6.15 -32.14 63.85
CA MET C 45 -6.53 -33.51 64.18
C MET C 45 -8.04 -33.68 64.19
N SER C 46 -8.76 -32.66 64.61
CA SER C 46 -10.21 -32.74 64.67
C SER C 46 -10.83 -33.13 63.35
N TYR C 47 -10.07 -33.07 62.26
CA TYR C 47 -10.60 -33.33 60.93
C TYR C 47 -10.74 -34.82 60.65
N CYS C 48 -9.81 -35.64 61.16
CA CYS C 48 -9.88 -37.09 61.02
C CYS C 48 -11.00 -37.69 61.84
N ASP C 49 -11.83 -36.85 62.45
CA ASP C 49 -13.13 -37.24 62.96
C ASP C 49 -14.21 -36.86 61.96
N MET C 50 -13.82 -36.55 60.72
CA MET C 50 -14.73 -36.32 59.61
C MET C 50 -14.65 -37.44 58.57
N VAL C 51 -14.29 -38.64 58.99
CA VAL C 51 -13.97 -39.73 58.08
C VAL C 51 -14.97 -40.87 58.17
N GLU C 52 -15.21 -41.40 59.38
CA GLU C 52 -16.23 -42.43 59.55
C GLU C 52 -17.46 -41.95 60.30
N LYS C 53 -17.59 -40.66 60.57
CA LYS C 53 -18.87 -40.17 61.08
C LYS C 53 -19.96 -40.22 60.02
N PHE C 54 -19.59 -40.43 58.76
CA PHE C 54 -20.55 -40.59 57.67
C PHE C 54 -20.71 -42.03 57.23
N ASP C 55 -20.17 -42.97 57.99
CA ASP C 55 -20.35 -44.39 57.71
C ASP C 55 -21.81 -44.78 57.92
N LEU C 56 -22.47 -45.23 56.85
CA LEU C 56 -23.91 -45.46 56.94
C LEU C 56 -24.27 -46.45 58.04
N ASP C 57 -23.37 -47.38 58.36
CA ASP C 57 -23.63 -48.33 59.41
C ASP C 57 -23.48 -47.74 60.80
N THR C 58 -22.93 -46.53 60.93
CA THR C 58 -22.65 -45.97 62.24
C THR C 58 -23.01 -44.50 62.39
N ALA C 59 -23.40 -43.80 61.33
CA ALA C 59 -23.60 -42.36 61.41
C ALA C 59 -24.77 -42.02 62.34
N VAL C 60 -24.69 -40.84 62.96
CA VAL C 60 -25.73 -40.34 63.84
C VAL C 60 -25.89 -38.84 63.66
N GLY C 61 -27.07 -38.34 64.04
CA GLY C 61 -27.30 -36.91 64.08
C GLY C 61 -27.18 -36.25 62.71
N ASP C 62 -26.50 -35.11 62.68
CA ASP C 62 -26.40 -34.36 61.43
C ASP C 62 -25.64 -35.15 60.38
N GLN C 63 -24.71 -36.01 60.80
CA GLN C 63 -24.02 -36.84 59.83
C GLN C 63 -24.97 -37.80 59.14
N LEU C 64 -25.96 -38.32 59.86
CA LEU C 64 -26.97 -39.16 59.24
C LEU C 64 -27.97 -38.33 58.42
N THR C 65 -28.28 -37.11 58.86
CA THR C 65 -29.13 -36.25 58.05
C THR C 65 -28.49 -35.90 56.72
N ILE C 66 -27.18 -35.67 56.71
CA ILE C 66 -26.50 -35.32 55.46
C ILE C 66 -26.53 -36.50 54.50
N ILE C 67 -26.32 -37.71 55.01
CA ILE C 67 -26.43 -38.90 54.17
C ILE C 67 -27.86 -39.05 53.64
N GLY C 68 -28.85 -38.79 54.49
CA GLY C 68 -30.22 -38.82 54.02
C GLY C 68 -30.48 -37.81 52.92
N ARG C 69 -29.86 -36.64 53.02
CA ARG C 69 -30.01 -35.61 52.01
C ARG C 69 -29.30 -35.98 50.71
N ILE C 70 -28.20 -36.72 50.79
CA ILE C 70 -27.56 -37.25 49.58
C ILE C 70 -28.43 -38.32 48.93
N LEU C 71 -28.95 -39.26 49.73
CA LEU C 71 -29.74 -40.35 49.18
C LEU C 71 -31.16 -39.93 48.82
N GLY C 72 -31.58 -38.73 49.20
CA GLY C 72 -32.88 -38.25 48.79
C GLY C 72 -34.02 -38.84 49.59
N PHE C 73 -33.82 -39.04 50.89
CA PHE C 73 -34.89 -39.52 51.77
C PHE C 73 -34.84 -38.68 53.04
N PRO C 74 -35.57 -37.57 53.09
CA PRO C 74 -35.42 -36.64 54.22
C PRO C 74 -35.85 -37.28 55.53
N ARG C 75 -35.55 -36.63 56.66
CA ARG C 75 -35.97 -37.21 57.92
C ARG C 75 -37.46 -37.14 58.15
N CYS C 76 -38.20 -36.31 57.44
CA CYS C 76 -39.62 -36.21 57.75
C CYS C 76 -40.53 -35.89 56.58
N HIS C 77 -41.79 -36.32 56.74
CA HIS C 77 -42.70 -36.61 55.64
C HIS C 77 -44.11 -36.23 56.05
N CYS C 78 -44.94 -35.90 55.06
CA CYS C 78 -46.33 -35.58 55.33
C CYS C 78 -47.17 -36.86 55.51
N VAL C 79 -48.09 -36.82 56.49
CA VAL C 79 -48.88 -37.99 56.86
C VAL C 79 -50.28 -37.56 57.27
N CYS C 80 -51.17 -38.55 57.34
CA CYS C 80 -52.52 -38.40 57.89
C CYS C 80 -52.57 -38.81 59.35
N ASP C 81 -51.70 -38.30 60.20
CA ASP C 81 -51.61 -38.84 61.55
C ASP C 81 -51.57 -37.72 62.58
N THR C 82 -52.22 -37.98 63.70
CA THR C 82 -52.20 -37.06 64.84
C THR C 82 -50.93 -37.34 65.62
N ILE C 83 -49.87 -36.61 65.30
CA ILE C 83 -48.58 -36.77 65.97
C ILE C 83 -48.75 -36.44 67.45
N PRO C 84 -48.19 -37.25 68.35
CA PRO C 84 -48.21 -36.88 69.76
C PRO C 84 -47.48 -35.56 69.99
N VAL C 85 -47.97 -34.79 70.95
CA VAL C 85 -47.43 -33.47 71.26
C VAL C 85 -46.87 -33.47 72.68
N VAL C 86 -45.71 -32.85 72.85
CA VAL C 86 -45.12 -32.71 74.17
C VAL C 86 -45.97 -31.77 75.00
N GLY C 87 -46.41 -32.24 76.18
CA GLY C 87 -47.22 -31.42 77.05
C GLY C 87 -47.88 -32.17 78.18
N TYR C 88 -48.62 -31.45 79.03
CA TYR C 88 -49.29 -32.04 80.17
C TYR C 88 -50.78 -32.20 79.89
N ASP C 89 -51.32 -33.35 80.24
CA ASP C 89 -52.76 -33.59 80.10
C ASP C 89 -53.51 -33.18 81.36
N CYS C 90 -53.23 -31.97 81.83
CA CYS C 90 -53.85 -31.43 83.05
C CYS C 90 -53.89 -32.49 84.15
N GLY C 91 -52.80 -33.23 84.31
CA GLY C 91 -52.72 -34.25 85.32
C GLY C 91 -53.39 -35.56 84.93
N GLY C 92 -54.52 -35.86 85.54
CA GLY C 92 -55.22 -37.10 85.25
C GLY C 92 -55.67 -37.19 83.80
N SER C 93 -56.42 -36.20 83.35
CA SER C 93 -56.95 -36.19 81.99
C SER C 93 -57.62 -34.86 81.72
N TYR C 94 -57.42 -34.35 80.50
CA TYR C 94 -58.05 -33.11 80.07
C TYR C 94 -58.67 -33.35 78.69
N ALA C 95 -59.75 -32.64 78.41
CA ALA C 95 -60.48 -32.91 77.17
C ALA C 95 -59.62 -32.59 75.96
N GLY C 96 -59.28 -31.32 75.78
CA GLY C 96 -58.36 -30.91 74.75
C GLY C 96 -58.69 -31.43 73.37
N SER C 97 -57.72 -31.31 72.46
CA SER C 97 -57.86 -31.81 71.11
C SER C 97 -56.56 -32.40 70.59
N TYR C 98 -55.57 -32.62 71.44
CA TYR C 98 -54.28 -33.19 71.07
C TYR C 98 -54.01 -34.44 71.90
N GLN C 99 -52.94 -35.14 71.54
CA GLN C 99 -52.44 -36.27 72.32
C GLN C 99 -51.01 -35.97 72.76
N LEU C 100 -50.60 -36.54 73.88
CA LEU C 100 -49.44 -36.02 74.59
C LEU C 100 -48.29 -37.02 74.60
N ALA C 101 -47.09 -36.52 74.90
CA ALA C 101 -45.86 -37.29 74.87
C ALA C 101 -45.21 -37.26 76.25
N GLY C 102 -44.42 -38.29 76.55
CA GLY C 102 -43.94 -38.49 77.91
C GLY C 102 -42.47 -38.81 78.09
N TYR C 103 -41.59 -38.19 77.31
CA TYR C 103 -40.13 -38.31 77.38
C TYR C 103 -39.60 -39.53 76.65
N CYS C 104 -40.45 -40.38 76.08
CA CYS C 104 -39.95 -41.45 75.21
C CYS C 104 -41.01 -41.69 74.13
N GLU C 105 -40.89 -40.93 73.04
CA GLU C 105 -41.84 -41.00 71.93
C GLU C 105 -41.15 -40.45 70.69
N PRO C 106 -41.01 -41.27 69.65
CA PRO C 106 -40.45 -40.77 68.40
C PRO C 106 -41.25 -39.62 67.79
N GLY C 107 -42.55 -39.58 68.08
CA GLY C 107 -43.37 -38.47 67.64
C GLY C 107 -43.20 -37.23 68.49
N SER C 108 -41.94 -36.87 68.75
CA SER C 108 -41.66 -35.66 69.51
C SER C 108 -41.93 -34.42 68.67
N SER C 109 -42.80 -33.55 69.17
CA SER C 109 -43.05 -32.28 68.50
C SER C 109 -43.84 -31.38 69.41
N TRP C 110 -43.47 -30.10 69.40
CA TRP C 110 -44.23 -29.06 70.07
C TRP C 110 -45.22 -28.43 69.08
N ILE C 111 -46.29 -27.86 69.60
CA ILE C 111 -47.31 -27.30 68.73
C ILE C 111 -46.76 -26.13 67.92
N HIS C 112 -45.61 -25.59 68.31
CA HIS C 112 -45.04 -24.46 67.59
C HIS C 112 -43.98 -24.88 66.57
N CYS C 113 -43.77 -26.17 66.38
CA CYS C 113 -42.73 -26.63 65.46
C CYS C 113 -43.20 -26.56 64.02
N SER C 114 -42.32 -26.09 63.14
CA SER C 114 -42.66 -25.97 61.72
C SER C 114 -42.93 -27.33 61.08
N PRO C 115 -42.11 -28.37 61.30
CA PRO C 115 -42.47 -29.68 60.75
C PRO C 115 -43.42 -30.39 61.69
N TYR C 116 -44.33 -29.62 62.27
CA TYR C 116 -45.53 -30.12 62.92
C TYR C 116 -46.79 -29.36 62.53
N GLY C 117 -46.69 -28.06 62.28
CA GLY C 117 -47.84 -27.30 61.84
C GLY C 117 -48.30 -27.61 60.44
N ASN C 118 -47.52 -28.37 59.68
CA ASN C 118 -47.89 -28.77 58.33
C ASN C 118 -47.78 -30.29 58.17
N SER C 119 -47.99 -31.02 59.26
CA SER C 119 -48.23 -32.46 59.25
C SER C 119 -47.00 -33.27 58.87
N GLU C 120 -45.79 -32.80 59.16
CA GLU C 120 -44.59 -33.55 58.83
C GLU C 120 -44.16 -34.38 60.05
N LEU C 121 -44.47 -35.67 60.03
CA LEU C 121 -43.91 -36.59 61.01
C LEU C 121 -42.43 -36.72 60.75
N CYS C 122 -41.60 -36.44 61.76
CA CYS C 122 -40.16 -36.40 61.61
C CYS C 122 -39.52 -37.50 62.43
N VAL C 123 -38.66 -38.27 61.79
CA VAL C 123 -38.04 -39.45 62.36
C VAL C 123 -36.83 -39.01 63.18
N ASP C 124 -36.88 -39.30 64.48
CA ASP C 124 -35.87 -38.84 65.41
C ASP C 124 -34.91 -39.93 65.86
N GLU C 125 -35.38 -41.17 65.97
CA GLU C 125 -34.50 -42.24 66.41
C GLU C 125 -33.59 -42.66 65.28
N ASP C 126 -32.28 -42.57 65.51
CA ASP C 126 -31.35 -42.86 64.44
C ASP C 126 -31.43 -44.30 63.97
N GLU C 127 -31.76 -45.22 64.88
CA GLU C 127 -31.76 -46.63 64.51
C GLU C 127 -32.82 -46.95 63.47
N ILE C 128 -33.86 -46.13 63.39
CA ILE C 128 -34.93 -46.36 62.41
C ILE C 128 -34.69 -45.57 61.14
N TYR C 129 -34.17 -44.34 61.26
CA TYR C 129 -33.85 -43.58 60.06
C TYR C 129 -32.70 -44.23 59.30
N ARG C 130 -31.74 -44.81 60.00
CA ARG C 130 -30.67 -45.56 59.35
C ARG C 130 -31.24 -46.73 58.56
N SER C 131 -32.19 -47.46 59.15
CA SER C 131 -32.83 -48.55 58.44
C SER C 131 -33.59 -48.03 57.22
N LEU C 132 -34.29 -46.92 57.36
CA LEU C 132 -35.00 -46.35 56.22
C LEU C 132 -34.04 -45.97 55.10
N LEU C 133 -32.88 -45.42 55.43
CA LEU C 133 -31.90 -45.09 54.39
C LEU C 133 -31.32 -46.34 53.75
N LYS C 134 -31.05 -47.37 54.57
CA LYS C 134 -30.55 -48.64 54.04
C LYS C 134 -31.56 -49.31 53.13
N ALA C 135 -32.85 -49.12 53.37
CA ALA C 135 -33.87 -49.56 52.43
C ALA C 135 -33.96 -48.65 51.20
N ARG C 136 -33.81 -47.34 51.41
CA ARG C 136 -33.93 -46.38 50.31
C ARG C 136 -32.85 -46.57 49.26
N ARG C 137 -31.67 -47.03 49.69
CA ARG C 137 -30.61 -47.28 48.71
C ARG C 137 -30.95 -48.46 47.82
N TYR C 138 -32.13 -49.05 48.00
CA TYR C 138 -32.65 -50.04 47.05
C TYR C 138 -33.59 -49.40 46.04
N GLN C 139 -34.52 -48.54 46.49
CA GLN C 139 -35.26 -47.72 45.54
C GLN C 139 -34.30 -46.98 44.63
N MET C 140 -33.19 -46.49 45.19
CA MET C 140 -32.18 -45.81 44.39
C MET C 140 -31.86 -46.59 43.13
N LEU C 141 -31.43 -47.83 43.29
CA LEU C 141 -30.99 -48.67 42.18
C LEU C 141 -32.14 -49.36 41.46
N GLY C 142 -33.36 -49.25 41.98
CA GLY C 142 -34.47 -49.94 41.35
C GLY C 142 -34.38 -51.46 41.46
N LEU C 143 -33.98 -51.97 42.62
CA LEU C 143 -33.90 -53.41 42.83
C LEU C 143 -35.22 -53.90 43.39
N TYR C 144 -36.19 -54.08 42.49
CA TYR C 144 -37.56 -54.39 42.88
C TYR C 144 -37.84 -55.89 43.04
N ASP C 145 -36.91 -56.76 42.70
CA ASP C 145 -37.18 -58.19 42.80
C ASP C 145 -37.30 -58.61 44.27
N ILE C 146 -37.75 -59.86 44.48
CA ILE C 146 -37.89 -60.36 45.85
C ILE C 146 -36.53 -60.51 46.52
N GLU C 147 -35.53 -60.99 45.79
CA GLU C 147 -34.22 -61.19 46.42
C GLU C 147 -33.75 -59.91 47.08
N SER C 148 -34.08 -58.76 46.51
CA SER C 148 -33.73 -57.46 47.08
C SER C 148 -34.76 -56.95 48.09
N LEU C 149 -36.04 -57.18 47.84
CA LEU C 149 -37.07 -56.70 48.76
C LEU C 149 -36.99 -57.40 50.11
N HIS C 150 -36.71 -58.70 50.13
CA HIS C 150 -36.52 -59.42 51.37
C HIS C 150 -35.31 -58.89 52.14
N GLU C 151 -34.21 -58.60 51.44
CA GLU C 151 -33.05 -58.00 52.08
C GLU C 151 -33.36 -56.63 52.65
N ALA C 152 -34.17 -55.83 51.97
CA ALA C 152 -34.59 -54.54 52.50
C ALA C 152 -35.41 -54.72 53.78
N LEU C 153 -36.36 -55.66 53.75
CA LEU C 153 -37.20 -55.92 54.91
C LEU C 153 -36.42 -56.47 56.09
N GLN C 154 -35.37 -57.26 55.84
CA GLN C 154 -34.54 -57.72 56.94
C GLN C 154 -33.92 -56.55 57.70
N ILE C 155 -33.46 -55.54 56.98
CA ILE C 155 -32.86 -54.36 57.60
C ILE C 155 -33.91 -53.52 58.30
N VAL C 156 -35.07 -53.33 57.68
CA VAL C 156 -36.09 -52.48 58.31
C VAL C 156 -36.61 -53.12 59.59
N TRP C 157 -36.96 -54.40 59.53
CA TRP C 157 -37.75 -55.01 60.60
C TRP C 157 -37.05 -56.13 61.36
N GLY C 158 -36.30 -57.01 60.70
CA GLY C 158 -35.59 -58.07 61.36
C GLY C 158 -35.55 -59.34 60.53
N GLU C 159 -34.93 -60.37 61.10
CA GLU C 159 -34.67 -61.61 60.39
C GLU C 159 -35.91 -62.45 60.18
N ASP C 160 -37.02 -62.13 60.82
CA ASP C 160 -38.26 -62.88 60.67
C ASP C 160 -39.16 -62.32 59.58
N ALA C 161 -38.77 -61.23 58.94
CA ALA C 161 -39.63 -60.58 57.96
C ALA C 161 -39.65 -61.37 56.66
N MET C 162 -40.73 -61.22 55.92
CA MET C 162 -40.83 -61.95 54.66
C MET C 162 -41.84 -61.30 53.73
N VAL C 163 -41.70 -61.61 52.45
CA VAL C 163 -42.58 -61.14 51.39
C VAL C 163 -43.46 -62.32 50.99
N ALA C 164 -44.77 -62.13 51.03
CA ALA C 164 -45.70 -63.24 50.99
C ALA C 164 -46.25 -63.56 49.61
N GLU C 165 -46.90 -62.61 48.96
CA GLU C 165 -47.70 -62.94 47.78
C GLU C 165 -47.39 -61.95 46.67
N THR C 166 -47.64 -62.38 45.44
CA THR C 166 -47.51 -61.52 44.26
C THR C 166 -48.77 -61.70 43.42
N LYS C 167 -49.81 -60.94 43.79
CA LYS C 167 -51.06 -60.93 43.03
C LYS C 167 -50.88 -60.05 41.80
N VAL C 168 -51.99 -59.61 41.21
CA VAL C 168 -51.92 -58.63 40.13
C VAL C 168 -51.78 -57.25 40.74
N GLY C 169 -50.54 -56.78 40.84
CA GLY C 169 -50.28 -55.43 41.26
C GLY C 169 -50.37 -55.19 42.75
N GLN C 170 -50.12 -56.22 43.56
CA GLN C 170 -50.34 -56.10 44.99
C GLN C 170 -49.45 -57.09 45.73
N VAL C 171 -48.58 -56.55 46.58
CA VAL C 171 -47.52 -57.33 47.22
C VAL C 171 -47.61 -57.15 48.73
N VAL C 172 -47.57 -58.26 49.46
CA VAL C 172 -47.77 -58.28 50.90
C VAL C 172 -46.43 -58.55 51.58
N VAL C 173 -46.19 -57.87 52.70
CA VAL C 173 -44.99 -58.06 53.49
C VAL C 173 -45.37 -58.18 54.95
N THR C 174 -44.48 -58.80 55.73
CA THR C 174 -44.73 -58.95 57.15
C THR C 174 -43.43 -58.80 57.92
N PRO C 175 -43.40 -57.99 58.98
CA PRO C 175 -42.20 -57.95 59.83
C PRO C 175 -41.86 -59.29 60.44
N GLY C 176 -42.85 -60.13 60.73
CA GLY C 176 -42.61 -61.39 61.39
C GLY C 176 -42.45 -61.27 62.88
N ARG C 177 -43.01 -60.22 63.48
CA ARG C 177 -42.93 -60.01 64.91
C ARG C 177 -43.89 -58.90 65.30
N SER C 178 -44.36 -58.95 66.54
CA SER C 178 -45.16 -57.85 67.06
C SER C 178 -44.36 -56.56 66.97
N LEU C 179 -45.00 -55.49 66.49
CA LEU C 179 -44.35 -54.20 66.41
C LEU C 179 -44.59 -53.40 67.69
N THR C 180 -43.64 -52.52 68.00
CA THR C 180 -43.83 -51.57 69.09
C THR C 180 -44.54 -50.32 68.56
N ALA C 181 -44.87 -49.41 69.47
CA ALA C 181 -45.60 -48.21 69.08
C ALA C 181 -44.79 -47.33 68.14
N THR C 182 -43.50 -47.18 68.39
CA THR C 182 -42.66 -46.35 67.52
C THR C 182 -42.68 -46.88 66.10
N GLU C 183 -42.49 -48.19 65.95
CA GLU C 183 -42.48 -48.79 64.63
C GLU C 183 -43.86 -48.72 63.98
N THR C 184 -44.92 -48.90 64.77
CA THR C 184 -46.26 -48.78 64.19
C THR C 184 -46.49 -47.38 63.66
N ARG C 185 -46.13 -46.36 64.43
CA ARG C 185 -46.35 -44.98 63.98
C ARG C 185 -45.50 -44.64 62.77
N TYR C 186 -44.28 -45.14 62.71
CA TYR C 186 -43.44 -44.91 61.55
C TYR C 186 -43.78 -45.79 60.36
N LEU C 187 -44.66 -46.77 60.55
CA LEU C 187 -44.98 -47.70 59.45
C LEU C 187 -45.31 -46.99 58.13
N PRO C 188 -46.12 -45.94 58.09
CA PRO C 188 -46.38 -45.29 56.79
C PRO C 188 -45.13 -44.83 56.08
N ILE C 189 -44.11 -44.39 56.82
CA ILE C 189 -42.87 -43.94 56.19
C ILE C 189 -42.03 -45.12 55.70
N VAL C 190 -42.25 -46.33 56.22
CA VAL C 190 -41.48 -47.48 55.78
C VAL C 190 -41.84 -47.86 54.35
N PHE C 191 -43.13 -47.80 54.01
CA PHE C 191 -43.57 -48.11 52.66
C PHE C 191 -43.27 -47.01 51.65
N ARG C 192 -42.80 -45.85 52.09
CA ARG C 192 -42.27 -44.86 51.15
C ARG C 192 -40.81 -45.12 50.82
N ALA C 193 -40.13 -45.94 51.61
CA ALA C 193 -38.72 -46.24 51.41
C ALA C 193 -38.49 -47.64 50.85
N LEU C 194 -39.41 -48.56 51.04
CA LEU C 194 -39.16 -49.91 50.57
C LEU C 194 -39.05 -49.95 49.05
N PRO C 195 -38.28 -50.91 48.52
CA PRO C 195 -38.20 -51.08 47.06
C PRO C 195 -39.39 -51.87 46.49
N ILE C 196 -40.45 -51.15 46.19
CA ILE C 196 -41.64 -51.71 45.54
C ILE C 196 -41.89 -50.92 44.27
N ALA C 197 -42.06 -51.63 43.16
CA ALA C 197 -42.16 -50.96 41.87
C ALA C 197 -43.40 -50.08 41.82
N PRO C 198 -43.30 -48.86 41.31
CA PRO C 198 -44.48 -48.00 41.21
C PRO C 198 -45.58 -48.64 40.36
N GLY C 199 -46.82 -48.33 40.73
CA GLY C 199 -47.97 -48.99 40.14
C GLY C 199 -48.34 -50.30 40.78
N ILE C 200 -47.63 -50.72 41.82
CA ILE C 200 -47.91 -51.96 42.55
C ILE C 200 -48.10 -51.59 44.01
N LYS C 201 -49.18 -52.09 44.61
CA LYS C 201 -49.61 -51.65 45.93
C LYS C 201 -48.97 -52.51 47.00
N GLY C 202 -48.23 -51.88 47.92
CA GLY C 202 -47.72 -52.61 49.07
C GLY C 202 -48.75 -52.74 50.17
N MET C 203 -48.80 -53.91 50.78
CA MET C 203 -49.71 -54.24 51.86
C MET C 203 -48.89 -54.77 53.04
N ILE C 204 -49.58 -55.16 54.10
CA ILE C 204 -48.90 -55.59 55.31
C ILE C 204 -49.75 -56.68 55.96
N HIS C 205 -49.09 -57.62 56.61
CA HIS C 205 -49.78 -58.63 57.39
C HIS C 205 -50.40 -58.00 58.62
N ILE C 206 -51.56 -58.51 59.02
CA ILE C 206 -52.26 -57.95 60.19
C ILE C 206 -51.46 -58.10 61.48
N ASP C 207 -51.08 -59.32 61.83
CA ASP C 207 -50.44 -59.60 63.11
C ASP C 207 -48.93 -59.45 63.06
N GLN C 208 -48.38 -59.04 61.92
CA GLN C 208 -46.94 -58.86 61.78
C GLN C 208 -46.18 -60.13 62.17
N GLY C 209 -46.84 -61.27 62.10
CA GLY C 209 -46.23 -62.53 62.46
C GLY C 209 -45.96 -63.37 61.21
N PRO C 210 -45.07 -64.35 61.33
CA PRO C 210 -44.70 -65.13 60.15
C PRO C 210 -45.91 -65.85 59.57
N ILE C 211 -45.92 -65.98 58.26
CA ILE C 211 -47.08 -66.52 57.56
C ILE C 211 -46.96 -68.04 57.51
N ALA C 212 -48.11 -68.69 57.40
CA ALA C 212 -48.21 -70.14 57.42
C ALA C 212 -48.48 -70.67 56.01
N GLY C 213 -48.63 -71.98 55.92
CA GLY C 213 -48.89 -72.64 54.65
C GLY C 213 -48.00 -73.84 54.46
N TYR C 214 -47.64 -74.13 53.21
CA TYR C 214 -46.84 -75.30 52.89
C TYR C 214 -45.59 -74.84 52.16
N GLY C 215 -44.53 -75.62 52.27
CA GLY C 215 -43.26 -75.30 51.68
C GLY C 215 -42.12 -75.52 52.65
N ASP C 216 -40.98 -74.89 52.33
CA ASP C 216 -39.77 -75.09 53.11
C ASP C 216 -39.61 -74.02 54.20
N GLY C 217 -39.43 -72.76 53.81
CA GLY C 217 -39.27 -71.70 54.78
C GLY C 217 -40.57 -71.00 55.09
N TRP C 218 -41.24 -71.41 56.16
CA TRP C 218 -42.53 -70.87 56.53
C TRP C 218 -42.73 -71.08 58.01
N ALA C 219 -43.98 -70.97 58.45
CA ALA C 219 -44.35 -71.21 59.83
C ALA C 219 -45.50 -72.20 59.87
N GLY C 220 -45.47 -73.08 60.86
CA GLY C 220 -46.50 -74.08 61.05
C GLY C 220 -47.56 -73.62 62.03
N TYR C 221 -48.15 -74.58 62.73
CA TYR C 221 -49.18 -74.26 63.72
C TYR C 221 -48.65 -73.26 64.73
N CYS C 222 -47.62 -73.64 65.48
CA CYS C 222 -47.01 -72.75 66.47
C CYS C 222 -46.11 -71.75 65.76
N GLY C 223 -46.53 -70.48 65.75
CA GLY C 223 -45.79 -69.41 65.13
C GLY C 223 -46.44 -68.82 63.90
N GLY C 224 -47.06 -69.66 63.07
CA GLY C 224 -47.69 -69.18 61.86
C GLY C 224 -49.10 -68.68 62.10
N ASP C 225 -49.66 -68.04 61.08
CA ASP C 225 -51.03 -67.54 61.13
C ASP C 225 -51.55 -67.42 59.71
N TRP C 226 -52.87 -67.32 59.58
CA TRP C 226 -53.51 -67.18 58.28
C TRP C 226 -53.28 -65.76 57.75
N LEU C 227 -53.04 -65.67 56.44
CA LEU C 227 -52.72 -64.40 55.80
C LEU C 227 -53.92 -63.46 55.82
N CYS C 228 -53.64 -62.16 55.89
CA CYS C 228 -54.68 -61.13 55.78
C CYS C 228 -54.02 -59.82 55.38
N PRO C 229 -53.94 -59.54 54.08
CA PRO C 229 -53.33 -58.28 53.66
C PRO C 229 -54.25 -57.10 53.91
N VAL C 230 -53.68 -56.02 54.42
CA VAL C 230 -54.44 -54.82 54.76
C VAL C 230 -53.68 -53.60 54.25
N ASP C 231 -54.41 -52.53 54.02
CA ASP C 231 -53.82 -51.32 53.47
C ASP C 231 -53.09 -50.53 54.54
N PRO C 232 -51.79 -50.30 54.43
CA PRO C 232 -51.10 -49.50 55.44
C PRO C 232 -51.36 -48.01 55.32
N HIS C 233 -52.03 -47.57 54.25
CA HIS C 233 -52.33 -46.16 54.03
C HIS C 233 -51.06 -45.32 54.11
N ALA C 234 -50.11 -45.69 53.24
CA ALA C 234 -48.80 -45.04 53.23
C ALA C 234 -48.85 -43.67 52.58
N TYR C 235 -49.80 -43.42 51.68
CA TYR C 235 -49.84 -42.18 50.92
C TYR C 235 -51.17 -41.44 51.05
N THR C 236 -52.17 -42.01 51.70
CA THR C 236 -53.50 -41.44 51.72
C THR C 236 -54.11 -41.55 53.11
N CYS C 237 -55.03 -40.62 53.39
CA CYS C 237 -55.90 -40.78 54.56
C CYS C 237 -56.90 -41.91 54.33
N SER C 238 -57.53 -41.94 53.16
CA SER C 238 -58.58 -42.90 52.86
C SER C 238 -58.05 -44.32 52.97
N MET D 1 32.50 -24.13 -57.80
CA MET D 1 33.27 -24.82 -56.79
C MET D 1 34.38 -25.60 -57.49
N SER D 2 34.92 -26.60 -56.80
CA SER D 2 35.96 -27.45 -57.33
C SER D 2 35.75 -28.82 -56.69
N ASN D 3 36.79 -29.64 -56.73
CA ASN D 3 36.71 -30.91 -56.03
C ASN D 3 36.24 -30.68 -54.59
N LEU D 4 35.00 -31.10 -54.31
CA LEU D 4 34.41 -30.92 -53.00
C LEU D 4 34.96 -31.89 -51.98
N CYS D 5 35.51 -33.02 -52.42
CA CYS D 5 36.00 -34.05 -51.53
C CYS D 5 37.25 -34.70 -52.11
N ALA D 6 37.87 -35.56 -51.31
CA ALA D 6 39.15 -36.15 -51.66
C ALA D 6 39.09 -37.65 -51.44
N ASP D 7 40.18 -38.32 -51.81
CA ASP D 7 40.28 -39.76 -51.63
C ASP D 7 40.11 -40.12 -50.16
N PRO D 8 39.35 -41.17 -49.86
CA PRO D 8 39.24 -41.60 -48.45
C PRO D 8 40.57 -41.86 -47.77
N GLU D 9 41.54 -42.45 -48.47
CA GLU D 9 42.81 -42.74 -47.82
C GLU D 9 43.55 -41.47 -47.43
N ALA D 10 43.31 -40.36 -48.12
CA ALA D 10 43.92 -39.10 -47.71
C ALA D 10 43.35 -38.61 -46.38
N LEU D 11 42.03 -38.62 -46.25
CA LEU D 11 41.39 -38.23 -44.99
C LEU D 11 41.78 -39.16 -43.86
N VAL D 12 41.74 -40.47 -44.10
CA VAL D 12 42.03 -41.41 -43.03
C VAL D 12 43.45 -41.23 -42.54
N GLU D 13 44.40 -41.10 -43.45
CA GLU D 13 45.78 -40.89 -43.02
C GLU D 13 45.96 -39.54 -42.34
N ALA D 14 45.23 -38.51 -42.80
CA ALA D 14 45.29 -37.23 -42.11
C ALA D 14 44.90 -37.37 -40.65
N ARG D 15 43.90 -38.19 -40.36
CA ARG D 15 43.54 -38.42 -38.97
C ARG D 15 44.48 -39.38 -38.25
N ILE D 16 45.03 -40.37 -38.95
CA ILE D 16 46.00 -41.27 -38.34
C ILE D 16 47.23 -40.49 -37.90
N ASP D 17 47.52 -39.37 -38.55
CA ASP D 17 48.63 -38.53 -38.10
C ASP D 17 48.47 -38.10 -36.64
N GLU D 18 47.24 -37.98 -36.17
CA GLU D 18 46.95 -37.43 -34.85
C GLU D 18 47.11 -38.44 -33.72
N VAL D 19 47.39 -39.68 -34.05
CA VAL D 19 47.59 -40.73 -33.06
C VAL D 19 48.80 -40.40 -32.19
N LEU D 20 48.87 -41.02 -31.03
CA LEU D 20 49.96 -40.75 -30.10
C LEU D 20 51.24 -41.45 -30.52
N THR D 21 52.37 -40.91 -30.04
CA THR D 21 53.67 -41.49 -30.33
C THR D 21 53.71 -42.95 -29.92
N GLN D 22 53.14 -43.28 -28.76
CA GLN D 22 53.18 -44.64 -28.27
C GLN D 22 52.41 -45.63 -29.14
N TYR D 23 51.58 -45.13 -30.05
CA TYR D 23 50.83 -45.98 -30.98
C TYR D 23 51.26 -45.76 -32.42
N ARG D 24 52.23 -44.89 -32.68
CA ARG D 24 52.62 -44.61 -34.06
C ARG D 24 53.03 -45.87 -34.83
N GLU D 25 53.48 -46.91 -34.14
CA GLU D 25 53.96 -48.12 -34.80
C GLU D 25 53.26 -49.36 -34.25
N SER D 26 51.98 -49.26 -33.96
CA SER D 26 51.16 -50.40 -33.54
C SER D 26 50.30 -50.81 -34.72
N PRO D 27 50.81 -51.65 -35.63
CA PRO D 27 50.07 -51.90 -36.87
C PRO D 27 48.68 -52.48 -36.65
N TYR D 28 48.50 -53.34 -35.66
CA TYR D 28 47.17 -53.89 -35.41
C TYR D 28 46.18 -52.81 -34.98
N LEU D 29 46.58 -51.94 -34.07
CA LEU D 29 45.71 -50.85 -33.66
C LEU D 29 45.50 -49.86 -34.80
N LEU D 30 46.57 -49.46 -35.47
CA LEU D 30 46.45 -48.51 -36.57
C LEU D 30 45.61 -49.10 -37.69
N ASN D 31 45.81 -50.38 -38.01
CA ASN D 31 45.04 -50.97 -39.10
C ASN D 31 43.59 -51.21 -38.71
N LEU D 32 43.30 -51.49 -37.43
CA LEU D 32 41.92 -51.55 -36.99
C LEU D 32 41.24 -50.20 -37.13
N ILE D 33 41.92 -49.13 -36.70
CA ILE D 33 41.36 -47.79 -36.85
C ILE D 33 41.18 -47.46 -38.32
N ARG D 34 42.13 -47.85 -39.16
CA ARG D 34 42.00 -47.60 -40.59
C ARG D 34 40.80 -48.34 -41.17
N ALA D 35 40.61 -49.60 -40.77
CA ALA D 35 39.47 -50.34 -41.28
C ALA D 35 38.16 -49.68 -40.89
N TYR D 36 38.08 -49.17 -39.66
CA TYR D 36 36.82 -48.59 -39.21
C TYR D 36 36.57 -47.22 -39.84
N LEU D 37 37.62 -46.40 -39.99
CA LEU D 37 37.44 -45.04 -40.49
C LEU D 37 37.39 -44.95 -42.00
N SER D 38 38.20 -45.75 -42.70
CA SER D 38 38.14 -45.76 -44.15
C SER D 38 36.76 -46.15 -44.64
N LYS D 39 36.06 -47.01 -43.92
CA LYS D 39 34.73 -47.37 -44.37
C LYS D 39 33.76 -46.19 -44.31
N LEU D 40 33.83 -45.38 -43.25
CA LEU D 40 33.01 -44.18 -43.17
C LEU D 40 33.38 -43.18 -44.24
N ALA D 41 34.68 -42.98 -44.46
CA ALA D 41 35.12 -42.08 -45.52
C ALA D 41 34.62 -42.55 -46.89
N GLU D 42 34.71 -43.84 -47.17
CA GLU D 42 34.23 -44.39 -48.42
C GLU D 42 32.73 -44.26 -48.55
N THR D 43 31.99 -44.44 -47.47
CA THR D 43 30.54 -44.21 -47.52
C THR D 43 30.23 -42.78 -47.90
N SER D 44 30.93 -41.82 -47.29
CA SER D 44 30.67 -40.41 -47.58
C SER D 44 31.12 -40.00 -48.98
N MET D 45 32.12 -40.66 -49.56
CA MET D 45 32.50 -40.31 -50.93
C MET D 45 31.34 -40.51 -51.90
N SER D 46 30.47 -41.47 -51.63
CA SER D 46 29.37 -41.73 -52.54
C SER D 46 28.42 -40.55 -52.69
N TYR D 47 28.48 -39.57 -51.78
CA TYR D 47 27.71 -38.34 -51.95
C TYR D 47 28.25 -37.47 -53.07
N CYS D 48 29.57 -37.40 -53.23
CA CYS D 48 30.20 -36.59 -54.26
C CYS D 48 29.88 -37.08 -55.67
N ASP D 49 29.01 -38.08 -55.79
CA ASP D 49 28.30 -38.39 -57.00
C ASP D 49 26.88 -37.85 -56.94
N MET D 50 26.63 -36.92 -56.02
CA MET D 50 25.35 -36.22 -55.91
C MET D 50 25.46 -34.80 -56.44
N VAL D 51 26.40 -34.56 -57.35
CA VAL D 51 26.86 -33.22 -57.67
C VAL D 51 26.55 -32.85 -59.11
N GLU D 52 27.18 -33.48 -60.08
CA GLU D 52 26.84 -33.21 -61.47
C GLU D 52 25.89 -34.25 -62.05
N LYS D 53 25.31 -35.14 -61.24
CA LYS D 53 24.25 -35.96 -61.77
C LYS D 53 22.98 -35.16 -62.05
N PHE D 54 22.90 -33.93 -61.54
CA PHE D 54 21.78 -33.04 -61.82
C PHE D 54 22.13 -31.99 -62.86
N ASP D 55 23.29 -32.11 -63.49
CA ASP D 55 23.64 -31.25 -64.62
C ASP D 55 22.65 -31.46 -65.75
N LEU D 56 21.96 -30.39 -66.15
CA LEU D 56 20.91 -30.54 -67.15
C LEU D 56 21.46 -31.06 -68.46
N ASP D 57 22.72 -30.75 -68.78
CA ASP D 57 23.29 -31.21 -70.03
C ASP D 57 23.69 -32.68 -70.00
N THR D 58 23.72 -33.32 -68.82
CA THR D 58 24.16 -34.71 -68.74
C THR D 58 23.34 -35.59 -67.80
N ALA D 59 22.28 -35.08 -67.17
CA ALA D 59 21.52 -35.86 -66.21
C ALA D 59 20.72 -36.96 -66.90
N VAL D 60 20.50 -38.06 -66.19
CA VAL D 60 19.74 -39.20 -66.71
C VAL D 60 18.87 -39.79 -65.62
N GLY D 61 17.79 -40.45 -66.04
CA GLY D 61 16.97 -41.21 -65.12
C GLY D 61 16.28 -40.35 -64.08
N ASP D 62 16.34 -40.79 -62.83
CA ASP D 62 15.63 -40.08 -61.76
C ASP D 62 16.17 -38.68 -61.57
N GLN D 63 17.48 -38.48 -61.81
CA GLN D 63 18.03 -37.14 -61.68
C GLN D 63 17.45 -36.20 -62.72
N LEU D 64 17.12 -36.70 -63.90
CA LEU D 64 16.46 -35.89 -64.90
C LEU D 64 14.98 -35.71 -64.59
N THR D 65 14.35 -36.75 -64.02
CA THR D 65 12.96 -36.60 -63.58
C THR D 65 12.84 -35.50 -62.53
N ILE D 66 13.78 -35.45 -61.58
CA ILE D 66 13.74 -34.43 -60.54
C ILE D 66 13.95 -33.04 -61.12
N ILE D 67 14.82 -32.90 -62.11
CA ILE D 67 15.02 -31.60 -62.74
C ILE D 67 13.74 -31.16 -63.46
N GLY D 68 13.13 -32.07 -64.22
CA GLY D 68 11.89 -31.72 -64.87
C GLY D 68 10.79 -31.40 -63.89
N ARG D 69 10.86 -32.01 -62.71
CA ARG D 69 9.91 -31.77 -61.63
C ARG D 69 10.13 -30.42 -60.97
N ILE D 70 11.36 -29.93 -60.93
CA ILE D 70 11.61 -28.54 -60.50
C ILE D 70 11.14 -27.56 -61.56
N LEU D 71 11.44 -27.83 -62.83
CA LEU D 71 11.04 -26.92 -63.90
C LEU D 71 9.56 -27.00 -64.23
N GLY D 72 8.84 -27.97 -63.68
CA GLY D 72 7.42 -28.04 -63.89
C GLY D 72 7.00 -28.59 -65.23
N PHE D 73 7.68 -29.65 -65.69
CA PHE D 73 7.33 -30.31 -66.92
C PHE D 73 7.45 -31.81 -66.69
N PRO D 74 6.34 -32.48 -66.34
CA PRO D 74 6.44 -33.89 -65.94
C PRO D 74 6.85 -34.78 -67.09
N ARG D 75 7.30 -36.00 -66.79
CA ARG D 75 7.72 -36.87 -67.89
C ARG D 75 6.56 -37.29 -68.77
N CYS D 76 5.30 -37.11 -68.34
CA CYS D 76 4.23 -37.58 -69.20
C CYS D 76 2.91 -36.85 -69.06
N HIS D 77 2.12 -36.91 -70.14
CA HIS D 77 1.11 -35.94 -70.46
C HIS D 77 -0.09 -36.63 -71.10
N CYS D 78 -1.26 -36.00 -71.01
CA CYS D 78 -2.45 -36.54 -71.61
C CYS D 78 -2.50 -36.23 -73.11
N VAL D 79 -2.92 -37.22 -73.90
CA VAL D 79 -2.94 -37.08 -75.35
C VAL D 79 -4.16 -37.80 -75.92
N CYS D 80 -4.51 -37.44 -77.16
CA CYS D 80 -5.54 -38.11 -77.94
C CYS D 80 -4.84 -39.09 -78.89
N ASP D 81 -4.24 -40.14 -78.33
CA ASP D 81 -3.45 -41.02 -79.16
C ASP D 81 -3.54 -42.44 -78.65
N THR D 82 -3.33 -43.39 -79.56
CA THR D 82 -3.24 -44.80 -79.21
C THR D 82 -1.77 -45.12 -78.98
N ILE D 83 -1.36 -45.12 -77.72
CA ILE D 83 0.01 -45.46 -77.36
C ILE D 83 0.25 -46.92 -77.70
N PRO D 84 1.40 -47.27 -78.27
CA PRO D 84 1.70 -48.68 -78.51
C PRO D 84 1.81 -49.43 -77.19
N VAL D 85 1.42 -50.71 -77.23
CA VAL D 85 1.39 -51.55 -76.06
C VAL D 85 2.33 -52.73 -76.26
N VAL D 86 3.17 -52.99 -75.26
CA VAL D 86 4.10 -54.12 -75.30
C VAL D 86 3.29 -55.41 -75.26
N GLY D 87 3.46 -56.25 -76.28
CA GLY D 87 2.74 -57.51 -76.35
C GLY D 87 2.99 -58.21 -77.66
N TYR D 88 2.31 -59.34 -77.83
CA TYR D 88 2.44 -60.18 -79.02
C TYR D 88 1.23 -60.06 -79.94
N ASP D 89 1.49 -59.92 -81.24
CA ASP D 89 0.42 -59.90 -82.24
C ASP D 89 0.19 -61.28 -82.85
N CYS D 90 0.04 -62.29 -81.99
CA CYS D 90 -0.16 -63.67 -82.43
C CYS D 90 0.77 -64.05 -83.57
N GLY D 91 2.02 -63.59 -83.48
CA GLY D 91 2.99 -63.88 -84.52
C GLY D 91 2.79 -63.01 -85.76
N GLY D 92 2.26 -63.59 -86.81
CA GLY D 92 2.03 -62.84 -88.04
C GLY D 92 1.17 -61.61 -87.83
N SER D 93 -0.08 -61.82 -87.45
CA SER D 93 -1.00 -60.70 -87.26
C SER D 93 -2.28 -61.22 -86.61
N TYR D 94 -2.80 -60.45 -85.66
CA TYR D 94 -4.06 -60.75 -85.01
C TYR D 94 -4.91 -59.49 -84.99
N ALA D 95 -6.23 -59.67 -84.95
CA ALA D 95 -7.13 -58.55 -85.14
C ALA D 95 -7.03 -57.57 -83.99
N GLY D 96 -7.42 -58.00 -82.79
CA GLY D 96 -7.26 -57.21 -81.59
C GLY D 96 -7.82 -55.80 -81.67
N SER D 97 -7.45 -54.98 -80.70
CA SER D 97 -7.86 -53.57 -80.69
C SER D 97 -6.74 -52.66 -80.19
N TYR D 98 -5.51 -53.15 -80.11
CA TYR D 98 -4.36 -52.37 -79.68
C TYR D 98 -3.29 -52.43 -80.77
N GLN D 99 -2.22 -51.66 -80.57
CA GLN D 99 -1.03 -51.72 -81.40
C GLN D 99 0.15 -52.12 -80.52
N LEU D 100 1.11 -52.83 -81.09
CA LEU D 100 2.08 -53.56 -80.29
C LEU D 100 3.48 -52.97 -80.45
N ALA D 101 4.33 -53.26 -79.47
CA ALA D 101 5.68 -52.72 -79.39
C ALA D 101 6.70 -53.84 -79.46
N GLY D 102 7.90 -53.50 -79.91
CA GLY D 102 8.88 -54.52 -80.26
C GLY D 102 10.27 -54.35 -79.72
N TYR D 103 10.40 -53.89 -78.47
CA TYR D 103 11.64 -53.73 -77.73
C TYR D 103 12.37 -52.43 -78.06
N CYS D 104 11.82 -51.58 -78.93
CA CYS D 104 12.45 -50.29 -79.22
C CYS D 104 11.36 -49.31 -79.61
N GLU D 105 10.94 -48.47 -78.66
CA GLU D 105 9.88 -47.52 -78.99
C GLU D 105 9.64 -46.53 -77.86
N PRO D 106 8.99 -45.40 -78.15
CA PRO D 106 8.71 -44.41 -77.10
C PRO D 106 7.68 -44.87 -76.07
N GLY D 107 6.53 -45.33 -76.54
CA GLY D 107 5.43 -45.65 -75.66
C GLY D 107 5.56 -46.96 -74.91
N SER D 108 6.66 -47.13 -74.18
CA SER D 108 6.77 -48.29 -73.29
C SER D 108 5.66 -48.23 -72.25
N SER D 109 4.70 -49.15 -72.37
CA SER D 109 3.58 -49.16 -71.45
C SER D 109 2.84 -50.48 -71.58
N TRP D 110 2.65 -51.15 -70.45
CA TRP D 110 1.79 -52.32 -70.37
C TRP D 110 0.36 -51.89 -70.08
N ILE D 111 -0.60 -52.70 -70.54
CA ILE D 111 -2.00 -52.31 -70.39
C ILE D 111 -2.37 -52.14 -68.92
N HIS D 112 -1.54 -52.65 -68.01
CA HIS D 112 -1.83 -52.51 -66.59
C HIS D 112 -1.18 -51.29 -65.96
N CYS D 113 -0.41 -50.52 -66.74
CA CYS D 113 0.29 -49.37 -66.19
C CYS D 113 -0.65 -48.21 -65.93
N SER D 114 -0.44 -47.54 -64.80
CA SER D 114 -1.35 -46.46 -64.39
C SER D 114 -1.38 -45.31 -65.38
N PRO D 115 -0.24 -44.77 -65.83
CA PRO D 115 -0.31 -43.68 -66.82
C PRO D 115 -1.03 -44.11 -68.09
N TYR D 116 -0.79 -45.33 -68.55
CA TYR D 116 -1.48 -45.83 -69.74
C TYR D 116 -2.98 -45.92 -69.54
N GLY D 117 -3.43 -46.40 -68.38
CA GLY D 117 -4.85 -46.52 -68.17
C GLY D 117 -5.63 -45.24 -68.26
N ASN D 118 -4.96 -44.09 -68.17
CA ASN D 118 -5.62 -42.80 -68.31
C ASN D 118 -4.96 -41.93 -69.36
N SER D 119 -4.46 -42.56 -70.43
CA SER D 119 -4.05 -41.86 -71.64
C SER D 119 -2.84 -40.95 -71.43
N GLU D 120 -1.90 -41.37 -70.59
CA GLU D 120 -0.69 -40.60 -70.35
C GLU D 120 0.43 -41.16 -71.21
N LEU D 121 0.82 -40.42 -72.25
CA LEU D 121 2.02 -40.74 -73.00
C LEU D 121 3.22 -40.25 -72.20
N CYS D 122 4.14 -41.17 -71.89
CA CYS D 122 5.26 -40.89 -71.01
C CYS D 122 6.57 -41.00 -71.77
N VAL D 123 7.40 -39.96 -71.63
CA VAL D 123 8.62 -39.80 -72.40
C VAL D 123 9.72 -40.57 -71.68
N ASP D 124 10.05 -41.75 -72.19
CA ASP D 124 11.03 -42.62 -71.55
C ASP D 124 12.45 -42.34 -72.00
N GLU D 125 12.63 -41.60 -73.08
CA GLU D 125 13.95 -41.49 -73.67
C GLU D 125 14.58 -40.15 -73.25
N ASP D 126 15.76 -40.25 -72.63
CA ASP D 126 16.36 -39.10 -71.99
C ASP D 126 16.72 -37.99 -72.97
N GLU D 127 17.22 -38.31 -74.16
CA GLU D 127 17.72 -37.24 -75.02
C GLU D 127 16.57 -36.44 -75.65
N ILE D 128 15.34 -36.93 -75.53
CA ILE D 128 14.17 -36.16 -75.93
C ILE D 128 13.54 -35.46 -74.73
N TYR D 129 13.44 -36.13 -73.58
CA TYR D 129 12.96 -35.43 -72.40
C TYR D 129 13.88 -34.27 -72.03
N ARG D 130 15.17 -34.44 -72.28
CA ARG D 130 16.15 -33.40 -72.01
C ARG D 130 15.86 -32.16 -72.84
N SER D 131 15.62 -32.36 -74.13
CA SER D 131 15.29 -31.24 -75.01
C SER D 131 13.98 -30.60 -74.60
N LEU D 132 13.00 -31.41 -74.21
CA LEU D 132 11.74 -30.84 -73.74
C LEU D 132 11.95 -29.96 -72.51
N LEU D 133 12.82 -30.39 -71.59
CA LEU D 133 13.12 -29.53 -70.44
C LEU D 133 13.88 -28.29 -70.85
N LYS D 134 14.84 -28.42 -71.76
CA LYS D 134 15.58 -27.24 -72.24
C LYS D 134 14.69 -26.27 -72.98
N ALA D 135 13.55 -26.74 -73.50
CA ALA D 135 12.56 -25.86 -74.11
C ALA D 135 11.62 -25.24 -73.09
N ARG D 136 11.08 -26.05 -72.17
CA ARG D 136 10.26 -25.51 -71.09
C ARG D 136 11.02 -24.46 -70.30
N ARG D 137 12.34 -24.59 -70.31
CA ARG D 137 13.27 -23.66 -69.72
C ARG D 137 13.00 -22.25 -70.25
N TYR D 138 12.52 -22.17 -71.49
CA TYR D 138 12.19 -20.89 -72.13
C TYR D 138 10.79 -20.41 -71.75
N GLN D 139 9.79 -21.29 -71.80
CA GLN D 139 8.47 -20.91 -71.31
C GLN D 139 8.55 -20.34 -69.91
N MET D 140 9.35 -20.95 -69.04
CA MET D 140 9.56 -20.43 -67.69
C MET D 140 9.75 -18.92 -67.72
N LEU D 141 10.77 -18.47 -68.42
CA LEU D 141 11.13 -17.06 -68.47
C LEU D 141 10.27 -16.27 -69.43
N GLY D 142 9.39 -16.92 -70.19
CA GLY D 142 8.55 -16.19 -71.12
C GLY D 142 9.31 -15.55 -72.25
N LEU D 143 10.31 -16.23 -72.80
CA LEU D 143 11.08 -15.71 -73.93
C LEU D 143 10.35 -16.12 -75.21
N TYR D 144 9.38 -15.30 -75.60
CA TYR D 144 8.48 -15.63 -76.70
C TYR D 144 8.92 -15.10 -78.05
N ASP D 145 10.01 -14.34 -78.12
CA ASP D 145 10.42 -13.75 -79.38
C ASP D 145 11.03 -14.80 -80.30
N ILE D 146 11.25 -14.41 -81.56
CA ILE D 146 11.85 -15.33 -82.52
C ILE D 146 13.28 -15.69 -82.12
N GLU D 147 14.06 -14.72 -81.66
CA GLU D 147 15.46 -15.02 -81.37
C GLU D 147 15.59 -16.07 -80.29
N SER D 148 14.54 -16.31 -79.51
CA SER D 148 14.53 -17.35 -78.50
C SER D 148 13.79 -18.60 -78.93
N LEU D 149 12.70 -18.45 -79.69
CA LEU D 149 11.98 -19.61 -80.20
C LEU D 149 12.84 -20.42 -81.16
N HIS D 150 13.64 -19.74 -81.98
CA HIS D 150 14.55 -20.45 -82.87
C HIS D 150 15.61 -21.23 -82.11
N GLU D 151 16.13 -20.67 -81.01
CA GLU D 151 17.07 -21.44 -80.19
C GLU D 151 16.39 -22.61 -79.51
N ALA D 152 15.12 -22.46 -79.12
CA ALA D 152 14.39 -23.60 -78.57
C ALA D 152 14.27 -24.71 -79.61
N LEU D 153 13.94 -24.35 -80.85
CA LEU D 153 13.83 -25.34 -81.91
C LEU D 153 15.17 -25.98 -82.26
N GLN D 154 16.26 -25.20 -82.24
CA GLN D 154 17.57 -25.80 -82.48
C GLN D 154 17.81 -26.97 -81.54
N ILE D 155 17.46 -26.81 -80.26
CA ILE D 155 17.68 -27.86 -79.29
C ILE D 155 16.70 -29.00 -79.45
N VAL D 156 15.42 -28.72 -79.69
CA VAL D 156 14.45 -29.80 -79.79
C VAL D 156 14.74 -30.67 -81.01
N TRP D 157 15.00 -30.05 -82.16
CA TRP D 157 15.01 -30.79 -83.42
C TRP D 157 16.35 -30.82 -84.13
N GLY D 158 17.13 -29.75 -84.12
CA GLY D 158 18.42 -29.72 -84.77
C GLY D 158 18.70 -28.39 -85.42
N GLU D 159 19.84 -28.32 -86.10
CA GLU D 159 20.31 -27.06 -86.66
C GLU D 159 19.45 -26.58 -87.82
N ASP D 160 18.75 -27.48 -88.50
CA ASP D 160 17.96 -27.10 -89.67
C ASP D 160 16.60 -26.51 -89.30
N ALA D 161 16.22 -26.54 -88.03
CA ALA D 161 14.91 -26.09 -87.63
C ALA D 161 14.77 -24.59 -87.82
N MET D 162 13.55 -24.16 -88.12
CA MET D 162 13.34 -22.73 -88.34
C MET D 162 11.89 -22.34 -88.09
N VAL D 163 11.71 -21.06 -87.77
CA VAL D 163 10.39 -20.45 -87.58
C VAL D 163 10.06 -19.65 -88.82
N ALA D 164 8.85 -19.84 -89.35
CA ALA D 164 8.55 -19.40 -90.70
C ALA D 164 7.71 -18.14 -90.78
N GLU D 165 6.54 -18.10 -90.15
CA GLU D 165 5.58 -17.05 -90.43
C GLU D 165 5.00 -16.53 -89.12
N THR D 166 4.52 -15.29 -89.17
CA THR D 166 3.78 -14.68 -88.06
C THR D 166 2.52 -14.03 -88.62
N LYS D 167 1.47 -14.83 -88.75
CA LYS D 167 0.16 -14.35 -89.18
C LYS D 167 -0.52 -13.67 -88.01
N VAL D 168 -1.84 -13.52 -88.09
CA VAL D 168 -2.60 -13.06 -86.94
C VAL D 168 -2.82 -14.26 -86.03
N GLY D 169 -1.92 -14.46 -85.09
CA GLY D 169 -2.10 -15.47 -84.07
C GLY D 169 -1.79 -16.88 -84.50
N GLN D 170 -0.92 -17.07 -85.48
CA GLN D 170 -0.55 -18.41 -85.93
C GLN D 170 0.91 -18.38 -86.36
N VAL D 171 1.73 -19.21 -85.73
CA VAL D 171 3.17 -19.22 -85.95
C VAL D 171 3.61 -20.62 -86.35
N VAL D 172 4.36 -20.70 -87.44
CA VAL D 172 4.71 -21.97 -88.06
C VAL D 172 6.17 -22.29 -87.75
N VAL D 173 6.46 -23.57 -87.50
CA VAL D 173 7.83 -24.02 -87.27
C VAL D 173 8.07 -25.30 -88.06
N THR D 174 9.35 -25.59 -88.30
CA THR D 174 9.71 -26.80 -89.03
C THR D 174 10.99 -27.36 -88.44
N PRO D 175 11.06 -28.68 -88.22
CA PRO D 175 12.34 -29.27 -87.80
C PRO D 175 13.45 -29.08 -88.82
N GLY D 176 13.11 -28.98 -90.09
CA GLY D 176 14.13 -28.89 -91.12
C GLY D 176 14.72 -30.23 -91.48
N ARG D 177 14.08 -31.32 -91.12
CA ARG D 177 14.54 -32.65 -91.44
C ARG D 177 13.39 -33.63 -91.29
N SER D 178 13.43 -34.70 -92.07
CA SER D 178 12.47 -35.78 -91.91
C SER D 178 12.55 -36.32 -90.48
N LEU D 179 11.40 -36.55 -89.87
CA LEU D 179 11.35 -37.00 -88.50
C LEU D 179 11.31 -38.53 -88.42
N THR D 180 11.91 -39.06 -87.35
CA THR D 180 11.78 -40.46 -87.02
C THR D 180 10.46 -40.69 -86.30
N ALA D 181 10.06 -41.95 -86.16
CA ALA D 181 8.80 -42.29 -85.53
C ALA D 181 8.71 -41.83 -84.08
N THR D 182 9.80 -41.94 -83.33
CA THR D 182 9.79 -41.48 -81.94
C THR D 182 9.48 -39.99 -81.86
N GLU D 183 10.18 -39.19 -82.67
CA GLU D 183 9.93 -37.75 -82.67
C GLU D 183 8.52 -37.44 -83.16
N THR D 184 8.03 -38.17 -84.16
CA THR D 184 6.68 -37.93 -84.63
C THR D 184 5.66 -38.20 -83.54
N ARG D 185 5.84 -39.30 -82.80
CA ARG D 185 4.90 -39.62 -81.73
C ARG D 185 4.97 -38.62 -80.60
N TYR D 186 6.15 -38.08 -80.33
CA TYR D 186 6.29 -37.10 -79.25
C TYR D 186 5.97 -35.68 -79.69
N LEU D 187 5.75 -35.42 -80.98
CA LEU D 187 5.44 -34.05 -81.41
C LEU D 187 4.37 -33.37 -80.58
N PRO D 188 3.24 -33.99 -80.25
CA PRO D 188 2.23 -33.27 -79.45
C PRO D 188 2.78 -32.74 -78.15
N ILE D 189 3.74 -33.43 -77.53
CA ILE D 189 4.34 -32.94 -76.31
C ILE D 189 5.37 -31.85 -76.55
N VAL D 190 5.93 -31.76 -77.76
CA VAL D 190 6.91 -30.73 -78.06
C VAL D 190 6.24 -29.36 -78.11
N PHE D 191 5.04 -29.30 -78.68
CA PHE D 191 4.30 -28.04 -78.75
C PHE D 191 3.69 -27.64 -77.42
N ARG D 192 3.75 -28.50 -76.40
CA ARG D 192 3.42 -28.07 -75.05
C ARG D 192 4.61 -27.48 -74.32
N ALA D 193 5.82 -27.69 -74.84
CA ALA D 193 7.04 -27.22 -74.20
C ALA D 193 7.65 -26.03 -74.91
N LEU D 194 7.33 -25.82 -76.17
CA LEU D 194 7.97 -24.71 -76.88
C LEU D 194 7.52 -23.37 -76.32
N PRO D 195 8.36 -22.34 -76.43
CA PRO D 195 7.99 -20.98 -76.01
C PRO D 195 7.16 -20.24 -77.06
N ILE D 196 5.85 -20.48 -77.02
CA ILE D 196 4.89 -19.80 -77.89
C ILE D 196 3.87 -19.12 -76.99
N ALA D 197 3.62 -17.83 -77.24
CA ALA D 197 2.80 -17.05 -76.33
C ALA D 197 1.38 -17.60 -76.29
N PRO D 198 0.76 -17.66 -75.11
CA PRO D 198 -0.62 -18.15 -75.03
C PRO D 198 -1.55 -17.30 -75.89
N GLY D 199 -2.53 -17.97 -76.49
CA GLY D 199 -3.44 -17.34 -77.42
C GLY D 199 -2.96 -17.30 -78.86
N ILE D 200 -1.83 -17.94 -79.16
CA ILE D 200 -1.27 -17.96 -80.50
C ILE D 200 -1.00 -19.41 -80.87
N LYS D 201 -1.51 -19.84 -82.02
CA LYS D 201 -1.53 -21.24 -82.38
C LYS D 201 -0.22 -21.64 -83.03
N GLY D 202 0.41 -22.70 -82.52
CA GLY D 202 1.58 -23.25 -83.16
C GLY D 202 1.19 -24.21 -84.28
N MET D 203 1.89 -24.09 -85.40
CA MET D 203 1.74 -24.95 -86.57
C MET D 203 3.03 -25.71 -86.80
N ILE D 204 3.05 -26.51 -87.85
CA ILE D 204 4.21 -27.32 -88.18
C ILE D 204 4.23 -27.50 -89.69
N HIS D 205 5.43 -27.48 -90.25
CA HIS D 205 5.61 -27.74 -91.67
C HIS D 205 5.27 -29.19 -91.96
N ILE D 206 4.66 -29.43 -93.12
CA ILE D 206 4.18 -30.77 -93.46
C ILE D 206 5.32 -31.77 -93.62
N ASP D 207 6.36 -31.40 -94.39
CA ASP D 207 7.45 -32.31 -94.71
C ASP D 207 8.64 -32.15 -93.77
N GLN D 208 8.54 -31.27 -92.77
CA GLN D 208 9.63 -31.03 -91.85
C GLN D 208 10.95 -30.76 -92.55
N GLY D 209 10.87 -30.26 -93.79
CA GLY D 209 12.06 -29.89 -94.53
C GLY D 209 12.17 -28.38 -94.62
N PRO D 210 13.38 -27.88 -94.83
CA PRO D 210 13.58 -26.43 -94.78
C PRO D 210 12.71 -25.72 -95.80
N ILE D 211 12.24 -24.55 -95.43
CA ILE D 211 11.27 -23.82 -96.25
C ILE D 211 12.03 -23.04 -97.31
N ALA D 212 11.32 -22.70 -98.38
CA ALA D 212 11.91 -22.01 -99.52
C ALA D 212 11.39 -20.58 -99.59
N GLY D 213 11.82 -19.87 -100.63
CA GLY D 213 11.43 -18.49 -100.83
C GLY D 213 12.62 -17.63 -101.18
N TYR D 214 12.63 -16.38 -100.71
CA TYR D 214 13.67 -15.44 -101.06
C TYR D 214 14.21 -14.84 -99.77
N GLY D 215 15.46 -14.41 -99.81
CA GLY D 215 16.13 -13.87 -98.66
C GLY D 215 17.50 -14.49 -98.47
N ASP D 216 18.08 -14.24 -97.31
CA ASP D 216 19.43 -14.71 -97.02
C ASP D 216 19.46 -16.17 -96.55
N GLY D 217 18.89 -16.45 -95.38
CA GLY D 217 18.92 -17.80 -94.84
C GLY D 217 17.67 -18.59 -95.14
N TRP D 218 17.67 -19.33 -96.23
CA TRP D 218 16.48 -20.07 -96.66
C TRP D 218 16.96 -21.23 -97.51
N ALA D 219 16.01 -21.85 -98.21
CA ALA D 219 16.31 -23.01 -99.03
C ALA D 219 15.83 -22.76 -100.46
N GLY D 220 16.62 -23.22 -101.43
CA GLY D 220 16.32 -23.05 -102.83
C GLY D 220 15.63 -24.27 -103.43
N TYR D 221 15.82 -24.46 -104.73
CA TYR D 221 15.22 -25.59 -105.42
C TYR D 221 15.59 -26.90 -104.72
N CYS D 222 16.87 -27.19 -104.64
CA CYS D 222 17.35 -28.39 -103.95
C CYS D 222 17.35 -28.15 -102.44
N GLY D 223 16.44 -28.81 -101.73
CA GLY D 223 16.34 -28.73 -100.30
C GLY D 223 15.10 -28.01 -99.80
N GLY D 224 14.62 -27.01 -100.53
CA GLY D 224 13.46 -26.26 -100.12
C GLY D 224 12.16 -26.90 -100.58
N ASP D 225 11.06 -26.42 -100.01
CA ASP D 225 9.73 -26.86 -100.41
C ASP D 225 8.75 -25.74 -100.11
N TRP D 226 7.57 -25.81 -100.73
CA TRP D 226 6.53 -24.82 -100.52
C TRP D 226 5.90 -24.99 -99.14
N LEU D 227 5.58 -23.86 -98.51
CA LEU D 227 5.07 -23.85 -97.14
C LEU D 227 3.64 -24.39 -97.11
N CYS D 228 3.35 -25.19 -96.09
CA CYS D 228 2.01 -25.68 -95.84
C CYS D 228 1.84 -25.91 -94.34
N PRO D 229 1.28 -24.94 -93.60
CA PRO D 229 1.13 -25.13 -92.15
C PRO D 229 -0.05 -26.00 -91.80
N VAL D 230 0.14 -26.92 -90.85
CA VAL D 230 -0.89 -27.86 -90.45
C VAL D 230 -0.97 -27.89 -88.93
N ASP D 231 -2.14 -28.27 -88.44
CA ASP D 231 -2.37 -28.26 -86.99
C ASP D 231 -1.77 -29.51 -86.35
N PRO D 232 -0.82 -29.38 -85.43
CA PRO D 232 -0.25 -30.58 -84.81
C PRO D 232 -1.17 -31.22 -83.78
N HIS D 233 -2.33 -30.62 -83.50
CA HIS D 233 -3.28 -31.16 -82.53
C HIS D 233 -2.57 -31.49 -81.21
N ALA D 234 -1.89 -30.48 -80.69
CA ALA D 234 -1.10 -30.63 -79.48
C ALA D 234 -1.97 -30.71 -78.23
N TYR D 235 -3.17 -30.14 -78.26
CA TYR D 235 -4.02 -30.05 -77.08
C TYR D 235 -5.39 -30.67 -77.27
N THR D 236 -5.75 -31.08 -78.48
CA THR D 236 -7.10 -31.53 -78.76
C THR D 236 -7.08 -32.77 -79.63
N CYS D 237 -8.14 -33.57 -79.51
CA CYS D 237 -8.37 -34.65 -80.47
C CYS D 237 -8.71 -34.08 -81.84
N SER D 238 -9.64 -33.14 -81.89
CA SER D 238 -10.14 -32.58 -83.15
C SER D 238 -9.01 -31.97 -83.95
N MET E 1 2.12 -81.79 10.64
CA MET E 1 1.96 -80.34 10.48
C MET E 1 0.49 -80.00 10.24
N THR E 2 -0.36 -80.27 11.24
CA THR E 2 -1.76 -79.92 11.14
C THR E 2 -1.97 -78.43 10.97
N TYR E 3 -1.04 -77.60 11.44
CA TYR E 3 -1.15 -76.16 11.35
C TYR E 3 -0.60 -75.68 10.01
N GLY E 4 -0.84 -74.41 9.72
CA GLY E 4 -0.42 -73.83 8.46
C GLY E 4 -1.51 -73.91 7.41
N VAL E 5 -1.12 -74.18 6.18
CA VAL E 5 -2.08 -74.31 5.08
C VAL E 5 -2.56 -75.75 5.05
N GLN E 6 -3.87 -75.94 5.14
CA GLN E 6 -4.51 -77.24 5.12
C GLN E 6 -5.64 -77.22 4.12
N PRO E 7 -6.10 -78.38 3.67
CA PRO E 7 -7.21 -78.40 2.70
C PRO E 7 -8.47 -77.74 3.20
N THR E 8 -8.61 -77.55 4.52
CA THR E 8 -9.76 -76.87 5.09
C THR E 8 -9.54 -75.37 5.28
N GLY E 9 -8.39 -74.84 4.89
CA GLY E 9 -8.06 -73.45 5.03
C GLY E 9 -6.71 -73.28 5.68
N TYR E 10 -6.45 -72.07 6.16
CA TYR E 10 -5.21 -71.80 6.89
C TYR E 10 -5.48 -72.02 8.37
N VAL E 11 -4.73 -72.92 8.99
CA VAL E 11 -4.97 -73.30 10.37
C VAL E 11 -3.91 -72.63 11.25
N LYS E 12 -4.36 -71.80 12.18
CA LYS E 12 -3.48 -70.97 12.98
C LYS E 12 -3.10 -71.68 14.27
N LYS E 13 -1.80 -71.76 14.54
CA LYS E 13 -1.33 -72.35 15.77
C LYS E 13 -1.65 -71.41 16.94
N PRO E 14 -2.38 -71.85 17.95
CA PRO E 14 -2.76 -70.95 19.04
C PRO E 14 -1.55 -70.41 19.80
N LEU E 15 -1.73 -69.21 20.34
CA LEU E 15 -0.70 -68.63 21.19
C LEU E 15 -0.35 -69.56 22.34
N ALA E 16 -1.34 -70.26 22.87
CA ALA E 16 -1.07 -71.23 23.94
C ALA E 16 -0.11 -72.31 23.47
N VAL E 17 -0.26 -72.79 22.24
CA VAL E 17 0.61 -73.85 21.75
C VAL E 17 2.01 -73.30 21.47
N HIS E 18 2.09 -72.07 20.93
CA HIS E 18 3.39 -71.45 20.79
C HIS E 18 4.12 -71.40 22.13
N LEU E 19 3.41 -70.94 23.17
CA LEU E 19 4.02 -70.85 24.48
C LEU E 19 4.39 -72.23 25.01
N ALA E 20 3.55 -73.24 24.79
CA ALA E 20 3.88 -74.58 25.27
C ALA E 20 5.16 -75.08 24.63
N GLU E 21 5.34 -74.85 23.33
CA GLU E 21 6.55 -75.28 22.67
C GLU E 21 7.78 -74.53 23.18
N ILE E 22 7.64 -73.22 23.44
CA ILE E 22 8.77 -72.49 24.01
C ILE E 22 9.12 -73.03 25.40
N GLU E 23 8.10 -73.29 26.22
CA GLU E 23 8.35 -73.79 27.58
C GLU E 23 9.03 -75.14 27.53
N ALA E 24 8.61 -76.00 26.61
CA ALA E 24 9.30 -77.27 26.41
C ALA E 24 10.75 -77.05 26.00
N SER E 25 11.01 -76.12 25.07
CA SER E 25 12.39 -75.82 24.71
C SER E 25 13.20 -75.36 25.92
N MET E 26 12.57 -74.66 26.86
CA MET E 26 13.30 -74.20 28.03
C MET E 26 13.56 -75.30 29.04
N VAL E 27 12.64 -76.26 29.17
CA VAL E 27 12.87 -77.35 30.11
C VAL E 27 14.05 -78.21 29.68
N ASP E 28 14.23 -78.40 28.37
CA ASP E 28 15.38 -79.17 27.88
C ASP E 28 16.68 -78.40 28.02
N LEU E 29 16.62 -77.07 28.17
CA LEU E 29 17.81 -76.26 28.27
C LEU E 29 18.24 -76.00 29.70
N PHE E 30 17.30 -75.63 30.57
CA PHE E 30 17.61 -75.32 31.97
C PHE E 30 17.26 -76.44 32.93
N GLY E 31 16.61 -77.51 32.48
CA GLY E 31 16.27 -78.62 33.32
C GLY E 31 14.90 -78.47 33.95
N PRO E 32 14.40 -79.55 34.53
CA PRO E 32 13.02 -79.53 35.07
C PRO E 32 12.82 -78.53 36.21
N GLY E 33 13.88 -78.09 36.88
CA GLY E 33 13.73 -77.18 38.00
C GLY E 33 13.63 -75.72 37.65
N VAL E 34 13.50 -75.39 36.36
CA VAL E 34 13.41 -73.99 35.95
C VAL E 34 12.02 -73.45 36.29
N ILE E 35 11.98 -72.18 36.67
CA ILE E 35 10.74 -71.50 37.02
C ILE E 35 10.38 -70.57 35.86
N GLN E 36 9.26 -70.87 35.20
CA GLN E 36 8.79 -70.06 34.08
C GLN E 36 7.40 -69.50 34.33
N THR E 37 7.06 -69.22 35.59
CA THR E 37 5.78 -68.61 35.89
C THR E 37 5.64 -67.29 35.15
N GLU E 38 4.39 -66.94 34.83
CA GLU E 38 4.13 -65.80 33.95
C GLU E 38 4.69 -64.49 34.49
N GLN E 39 4.95 -64.39 35.80
CA GLN E 39 5.50 -63.17 36.39
C GLN E 39 7.01 -63.20 36.51
N SER E 40 7.64 -64.36 36.42
CA SER E 40 9.08 -64.50 36.58
C SER E 40 9.82 -63.94 35.38
N PRO E 41 11.10 -63.61 35.54
CA PRO E 41 11.86 -63.04 34.42
C PRO E 41 11.84 -63.91 33.17
N LEU E 42 11.93 -65.24 33.31
CA LEU E 42 11.91 -66.09 32.13
C LEU E 42 10.52 -66.21 31.52
N GLY E 43 9.48 -66.29 32.36
CA GLY E 43 8.13 -66.27 31.84
C GLY E 43 7.82 -65.00 31.07
N GLN E 44 8.38 -63.87 31.51
CA GLN E 44 8.21 -62.63 30.77
C GLN E 44 8.74 -62.76 29.34
N LEU E 45 9.94 -63.31 29.18
CA LEU E 45 10.51 -63.45 27.83
C LEU E 45 9.74 -64.47 27.01
N ASN E 46 9.32 -65.57 27.64
CA ASN E 46 8.55 -66.56 26.92
C ASN E 46 7.24 -65.97 26.41
N GLY E 47 6.59 -65.13 27.22
CA GLY E 47 5.38 -64.47 26.73
C GLY E 47 5.64 -63.59 25.53
N LEU E 48 6.70 -62.77 25.59
CA LEU E 48 7.01 -61.87 24.47
C LEU E 48 7.24 -62.65 23.19
N TYR E 49 8.08 -63.69 23.24
CA TYR E 49 8.40 -64.38 22.01
C TYR E 49 7.29 -65.31 21.55
N ALA E 50 6.47 -65.85 22.45
CA ALA E 50 5.27 -66.55 22.02
C ALA E 50 4.33 -65.61 21.26
N ASP E 51 4.17 -64.38 21.77
CA ASP E 51 3.33 -63.42 21.08
C ASP E 51 3.91 -63.08 19.71
N LEU E 52 5.23 -62.93 19.62
CA LEU E 52 5.84 -62.64 18.32
C LEU E 52 5.63 -63.79 17.34
N SER E 53 5.76 -65.04 17.81
CA SER E 53 5.50 -66.17 16.94
C SER E 53 4.04 -66.20 16.48
N TYR E 54 3.11 -65.92 17.38
CA TYR E 54 1.71 -65.87 16.96
C TYR E 54 1.48 -64.75 15.95
N ASP E 55 2.15 -63.62 16.12
CA ASP E 55 2.04 -62.54 15.15
C ASP E 55 2.56 -62.97 13.79
N LEU E 56 3.59 -63.81 13.75
CA LEU E 56 4.00 -64.39 12.48
C LEU E 56 2.91 -65.28 11.90
N ASP E 57 2.29 -66.12 12.73
CA ASP E 57 1.16 -66.91 12.23
C ASP E 57 0.12 -66.02 11.58
N GLU E 58 -0.11 -64.85 12.18
CA GLU E 58 -1.11 -63.93 11.65
C GLU E 58 -0.70 -63.40 10.28
N ARG E 59 0.60 -63.14 10.08
CA ARG E 59 1.07 -62.75 8.76
C ARG E 59 0.84 -63.88 7.76
N GLY E 60 1.02 -65.12 8.20
CA GLY E 60 0.70 -66.24 7.34
C GLY E 60 -0.75 -66.26 6.91
N GLU E 61 -1.66 -66.05 7.87
CA GLU E 61 -3.07 -65.98 7.52
C GLU E 61 -3.34 -64.84 6.54
N ASP E 62 -2.71 -63.69 6.76
CA ASP E 62 -2.93 -62.56 5.87
C ASP E 62 -2.44 -62.83 4.46
N LEU E 63 -1.26 -63.43 4.33
CA LEU E 63 -0.76 -63.81 3.03
C LEU E 63 -1.69 -64.81 2.36
N TYR E 64 -2.27 -65.73 3.12
CA TYR E 64 -3.25 -66.65 2.53
C TYR E 64 -4.50 -65.94 2.08
N GLN E 65 -5.03 -64.99 2.86
CA GLN E 65 -6.27 -64.33 2.51
C GLN E 65 -6.11 -63.29 1.41
N SER E 66 -4.89 -62.81 1.18
CA SER E 66 -4.68 -61.84 0.10
C SER E 66 -4.88 -62.45 -1.28
N PHE E 67 -5.00 -63.77 -1.38
CA PHE E 67 -5.15 -64.43 -2.67
C PHE E 67 -6.55 -65.04 -2.79
N ASP E 68 -7.51 -64.44 -2.11
CA ASP E 68 -8.85 -64.98 -2.05
C ASP E 68 -9.85 -63.86 -2.32
N PRO E 69 -10.56 -63.89 -3.45
CA PRO E 69 -11.46 -62.77 -3.75
C PRO E 69 -12.47 -62.49 -2.65
N GLU E 70 -12.83 -63.50 -1.86
CA GLU E 70 -13.76 -63.28 -0.76
C GLU E 70 -13.14 -62.52 0.40
N GLN E 71 -11.81 -62.41 0.46
CA GLN E 71 -11.14 -61.73 1.56
C GLN E 71 -10.15 -60.66 1.14
N ALA E 72 -9.80 -60.57 -0.13
CA ALA E 72 -8.90 -59.51 -0.57
C ALA E 72 -9.63 -58.18 -0.59
N GLU E 73 -8.85 -57.10 -0.71
CA GLU E 73 -9.40 -55.76 -0.55
C GLU E 73 -8.68 -54.82 -1.49
N GLY E 74 -9.45 -54.15 -2.35
CA GLY E 74 -8.91 -53.04 -3.10
C GLY E 74 -7.92 -53.42 -4.18
N SER E 75 -6.65 -53.07 -3.97
CA SER E 75 -5.65 -53.28 -5.01
C SER E 75 -5.46 -54.76 -5.34
N ARG E 76 -5.38 -55.62 -4.33
CA ARG E 76 -5.33 -57.05 -4.67
C ARG E 76 -6.64 -57.52 -5.26
N LEU E 77 -7.77 -56.95 -4.85
CA LEU E 77 -9.02 -57.39 -5.46
C LEU E 77 -9.02 -57.12 -6.95
N ASP E 78 -8.50 -55.96 -7.36
CA ASP E 78 -8.39 -55.63 -8.78
C ASP E 78 -7.30 -56.45 -9.48
N ILE E 79 -6.19 -56.73 -8.79
CA ILE E 79 -5.15 -57.53 -9.40
C ILE E 79 -5.60 -58.97 -9.63
N LEU E 80 -6.38 -59.53 -8.70
CA LEU E 80 -6.93 -60.86 -8.90
C LEU E 80 -7.91 -60.87 -10.07
N ALA E 81 -8.73 -59.82 -10.17
CA ALA E 81 -9.66 -59.70 -11.29
C ALA E 81 -8.94 -59.51 -12.60
N ARG E 82 -7.71 -59.03 -12.57
CA ARG E 82 -6.90 -58.92 -13.78
C ARG E 82 -6.55 -60.29 -14.36
N TYR E 83 -6.80 -61.38 -13.64
CA TYR E 83 -6.65 -62.69 -14.27
C TYR E 83 -7.64 -62.88 -15.42
N ARG E 84 -8.88 -62.39 -15.29
CA ARG E 84 -9.83 -62.40 -16.39
C ARG E 84 -10.04 -61.01 -16.98
N LEU E 85 -9.23 -60.02 -16.58
CA LEU E 85 -9.27 -58.69 -17.19
C LEU E 85 -10.57 -57.99 -16.89
N LEU E 86 -11.20 -58.36 -15.79
CA LEU E 86 -12.33 -57.59 -15.29
C LEU E 86 -11.83 -56.25 -14.77
N SER E 87 -12.74 -55.28 -14.67
CA SER E 87 -12.37 -53.98 -14.13
C SER E 87 -13.49 -53.48 -13.23
N ARG E 88 -13.12 -52.59 -12.33
CA ARG E 88 -14.04 -52.02 -11.36
C ARG E 88 -14.72 -50.79 -11.95
N ARG E 89 -16.00 -50.62 -11.61
CA ARG E 89 -16.72 -49.43 -12.01
C ARG E 89 -16.37 -48.27 -11.08
N ALA E 90 -16.73 -47.06 -11.50
CA ALA E 90 -16.55 -45.91 -10.63
C ALA E 90 -17.35 -46.09 -9.35
N GLY E 91 -16.69 -45.90 -8.22
CA GLY E 91 -17.35 -45.98 -6.93
C GLY E 91 -17.93 -47.33 -6.60
N GLU E 92 -17.50 -48.40 -7.26
CA GLU E 92 -18.00 -49.72 -6.96
C GLU E 92 -17.37 -50.27 -5.70
N SER E 93 -18.19 -50.85 -4.83
CA SER E 93 -17.70 -51.43 -3.59
C SER E 93 -16.97 -52.74 -3.86
N ASP E 94 -16.10 -53.11 -2.92
CA ASP E 94 -15.41 -54.39 -3.02
C ASP E 94 -16.39 -55.55 -3.07
N GLU E 95 -17.51 -55.44 -2.36
CA GLU E 95 -18.49 -56.53 -2.34
C GLU E 95 -19.15 -56.71 -3.70
N SER E 96 -19.60 -55.60 -4.29
CA SER E 96 -20.21 -55.66 -5.61
C SER E 96 -19.22 -56.16 -6.65
N PHE E 97 -17.98 -55.66 -6.59
CA PHE E 97 -16.98 -56.10 -7.56
C PHE E 97 -16.61 -57.56 -7.35
N ARG E 98 -16.70 -58.03 -6.11
CA ARG E 98 -16.31 -59.38 -5.76
C ARG E 98 -17.36 -60.40 -6.18
N ARG E 99 -18.64 -60.02 -6.12
CA ARG E 99 -19.66 -60.90 -6.67
C ARG E 99 -19.45 -61.10 -8.17
N ALA E 100 -19.01 -60.06 -8.87
CA ALA E 100 -18.71 -60.16 -10.30
C ALA E 100 -17.42 -60.92 -10.56
N ILE E 101 -16.59 -61.13 -9.55
CA ILE E 101 -15.45 -62.02 -9.69
C ILE E 101 -15.83 -63.47 -9.45
N THR E 102 -16.58 -63.74 -8.37
CA THR E 102 -16.91 -65.12 -8.02
C THR E 102 -18.01 -65.71 -8.91
N ASN E 103 -18.86 -64.90 -9.53
CA ASN E 103 -19.96 -65.40 -10.34
C ASN E 103 -20.92 -66.21 -9.49
N VAL E 104 -21.50 -65.56 -8.47
CA VAL E 104 -22.36 -66.27 -7.54
C VAL E 104 -23.62 -66.73 -8.26
N ASP E 105 -23.77 -68.04 -8.38
CA ASP E 105 -24.79 -68.60 -9.26
C ASP E 105 -24.74 -67.97 -10.65
N ARG E 106 -25.32 -66.79 -10.80
CA ARG E 106 -25.32 -66.09 -12.09
C ARG E 106 -26.25 -66.79 -13.08
N ALA E 107 -26.71 -67.98 -12.73
CA ALA E 107 -27.66 -68.82 -13.47
C ALA E 107 -27.10 -69.33 -14.79
N ARG E 108 -25.95 -68.82 -15.24
CA ARG E 108 -25.28 -69.31 -16.43
C ARG E 108 -23.83 -68.86 -16.35
N ILE E 109 -22.92 -69.81 -16.14
CA ILE E 109 -21.50 -69.50 -15.99
C ILE E 109 -20.93 -68.80 -17.22
N ASP E 110 -21.32 -69.22 -18.43
CA ASP E 110 -21.00 -68.44 -19.60
C ASP E 110 -21.94 -67.24 -19.71
N LEU E 111 -21.55 -66.28 -20.53
CA LEU E 111 -22.26 -65.01 -20.71
C LEU E 111 -22.23 -64.13 -19.48
N SER E 112 -21.67 -64.63 -18.38
CA SER E 112 -21.30 -63.76 -17.28
C SER E 112 -20.22 -62.77 -17.71
N ASP E 113 -19.28 -63.18 -18.56
CA ASP E 113 -18.27 -62.25 -19.05
C ASP E 113 -18.90 -61.10 -19.82
N LEU E 114 -19.79 -61.41 -20.76
CA LEU E 114 -20.48 -60.35 -21.50
C LEU E 114 -21.35 -59.50 -20.60
N SER E 115 -22.09 -60.10 -19.67
CA SER E 115 -22.92 -59.30 -18.79
C SER E 115 -22.08 -58.34 -17.96
N THR E 116 -20.94 -58.80 -17.43
CA THR E 116 -20.06 -57.96 -16.65
C THR E 116 -19.47 -56.84 -17.51
N ALA E 117 -19.04 -57.18 -18.72
CA ALA E 117 -18.43 -56.18 -19.59
C ALA E 117 -19.41 -55.06 -19.93
N LEU E 118 -20.67 -55.41 -20.20
CA LEU E 118 -21.67 -54.38 -20.44
C LEU E 118 -21.87 -53.50 -19.21
N SER E 119 -22.01 -54.11 -18.04
CA SER E 119 -22.18 -53.31 -16.82
C SER E 119 -20.98 -52.42 -16.57
N ALA E 120 -19.82 -52.77 -17.10
CA ALA E 120 -18.60 -51.99 -16.89
C ALA E 120 -18.45 -50.83 -17.86
N ILE E 121 -19.36 -50.64 -18.81
CA ILE E 121 -19.29 -49.50 -19.72
C ILE E 121 -19.75 -48.25 -18.99
N ASN E 122 -19.15 -47.10 -19.30
CA ASN E 122 -19.51 -45.87 -18.63
C ASN E 122 -20.91 -45.43 -19.01
N GLY E 123 -21.76 -45.23 -18.00
CA GLY E 123 -23.09 -44.72 -18.19
C GLY E 123 -24.15 -45.79 -18.36
N VAL E 124 -23.78 -47.06 -18.33
CA VAL E 124 -24.76 -48.15 -18.46
C VAL E 124 -25.41 -48.37 -17.11
N SER E 125 -26.55 -47.71 -16.86
CA SER E 125 -27.21 -47.82 -15.58
C SER E 125 -27.84 -49.19 -15.38
N TRP E 126 -28.33 -49.82 -16.44
CA TRP E 126 -28.94 -51.14 -16.34
C TRP E 126 -28.56 -51.93 -17.58
N SER E 127 -28.37 -53.24 -17.41
CA SER E 127 -27.99 -54.11 -18.51
C SER E 127 -28.48 -55.52 -18.22
N ARG E 128 -28.56 -56.32 -19.28
CA ARG E 128 -29.09 -57.68 -19.17
C ARG E 128 -28.78 -58.42 -20.46
N VAL E 129 -28.59 -59.74 -20.33
CA VAL E 129 -28.24 -60.59 -21.46
C VAL E 129 -29.26 -61.72 -21.55
N TYR E 130 -29.68 -62.04 -22.77
CA TYR E 130 -30.70 -63.04 -23.03
C TYR E 130 -30.23 -63.94 -24.15
N VAL E 131 -30.66 -65.21 -24.11
CA VAL E 131 -30.24 -66.18 -25.12
C VAL E 131 -31.40 -67.11 -25.46
N ASN E 132 -31.43 -67.52 -26.72
CA ASN E 132 -32.36 -68.52 -27.24
C ASN E 132 -31.50 -69.51 -28.03
N GLU E 133 -31.02 -70.55 -27.36
CA GLU E 133 -30.20 -71.58 -27.99
C GLU E 133 -31.03 -72.73 -28.54
N ASP E 134 -32.35 -72.60 -28.51
CA ASP E 134 -33.24 -73.61 -29.05
C ASP E 134 -33.44 -73.39 -30.55
N ALA E 135 -33.96 -74.42 -31.21
CA ALA E 135 -34.26 -74.37 -32.63
C ALA E 135 -35.64 -73.80 -32.92
N THR E 136 -36.38 -73.41 -31.89
CA THR E 136 -37.70 -72.81 -32.04
C THR E 136 -37.73 -71.48 -31.33
N THR E 137 -38.53 -70.56 -31.85
CA THR E 137 -38.64 -69.23 -31.25
C THR E 137 -39.27 -69.35 -29.87
N ASP E 138 -38.78 -68.53 -28.94
CA ASP E 138 -39.32 -68.54 -27.59
C ASP E 138 -40.55 -67.64 -27.52
N ALA E 139 -41.34 -67.85 -26.46
CA ALA E 139 -42.54 -67.04 -26.28
C ALA E 139 -42.21 -65.56 -26.17
N ASP E 140 -40.97 -65.22 -25.84
CA ASP E 140 -40.56 -63.83 -25.72
C ASP E 140 -40.18 -63.19 -27.04
N GLY E 141 -40.17 -63.95 -28.14
CA GLY E 141 -39.96 -63.41 -29.46
C GLY E 141 -38.56 -63.53 -30.00
N ILE E 142 -37.64 -64.14 -29.26
CA ILE E 142 -36.25 -64.23 -29.69
C ILE E 142 -36.10 -65.39 -30.66
N PRO E 143 -35.66 -65.17 -31.89
CA PRO E 143 -35.54 -66.29 -32.84
C PRO E 143 -34.59 -67.34 -32.33
N PRO E 144 -34.52 -68.50 -32.98
CA PRO E 144 -33.60 -69.55 -32.53
C PRO E 144 -32.14 -69.14 -32.70
N ASN E 145 -31.29 -69.69 -31.85
CA ASN E 145 -29.86 -69.40 -31.86
C ASN E 145 -29.62 -67.90 -31.95
N THR E 146 -30.17 -67.19 -30.97
CA THR E 146 -30.10 -65.74 -30.97
C THR E 146 -29.67 -65.25 -29.60
N VAL E 147 -28.76 -64.28 -29.61
CA VAL E 147 -28.25 -63.67 -28.38
C VAL E 147 -28.74 -62.22 -28.38
N SER E 148 -29.55 -61.87 -27.39
CA SER E 148 -30.10 -60.53 -27.27
C SER E 148 -29.48 -59.81 -26.08
N VAL E 149 -29.40 -58.49 -26.19
CA VAL E 149 -28.84 -57.64 -25.14
C VAL E 149 -29.80 -56.51 -24.88
N ALA E 150 -30.07 -56.24 -23.60
CA ALA E 150 -30.85 -55.09 -23.18
C ALA E 150 -29.94 -54.18 -22.37
N VAL E 151 -30.04 -52.87 -22.59
CA VAL E 151 -29.12 -51.93 -21.97
C VAL E 151 -29.74 -50.54 -21.96
N ILE E 152 -29.51 -49.81 -20.86
CA ILE E 152 -29.93 -48.42 -20.72
C ILE E 152 -28.67 -47.60 -20.52
N GLY E 153 -28.52 -46.54 -21.30
CA GLY E 153 -27.37 -45.66 -21.19
C GLY E 153 -26.18 -46.19 -21.96
N GLY E 154 -25.08 -45.46 -21.84
CA GLY E 154 -23.87 -45.81 -22.57
C GLY E 154 -24.00 -45.44 -24.03
N ASP E 155 -22.88 -45.14 -24.67
CA ASP E 155 -22.91 -44.76 -26.08
C ASP E 155 -23.07 -45.99 -26.96
N ASP E 156 -23.85 -45.82 -28.02
CA ASP E 156 -24.10 -46.92 -28.95
C ASP E 156 -22.82 -47.47 -29.52
N ASP E 157 -21.87 -46.60 -29.88
CA ASP E 157 -20.65 -47.06 -30.51
C ASP E 157 -19.91 -48.04 -29.61
N GLU E 158 -19.66 -47.65 -28.37
CA GLU E 158 -18.92 -48.49 -27.43
C GLU E 158 -19.71 -49.74 -27.09
N VAL E 159 -21.02 -49.62 -26.84
CA VAL E 159 -21.83 -50.79 -26.52
C VAL E 159 -21.76 -51.81 -27.65
N ALA E 160 -21.94 -51.35 -28.89
CA ALA E 160 -21.97 -52.27 -30.02
C ALA E 160 -20.62 -52.92 -30.23
N GLN E 161 -19.54 -52.14 -30.17
CA GLN E 161 -18.22 -52.74 -30.33
C GLN E 161 -17.96 -53.79 -29.26
N LEU E 162 -18.35 -53.52 -28.01
CA LEU E 162 -18.13 -54.48 -26.94
C LEU E 162 -18.94 -55.75 -27.17
N VAL E 163 -20.21 -55.61 -27.55
CA VAL E 163 -21.04 -56.78 -27.75
C VAL E 163 -20.53 -57.62 -28.92
N ARG E 164 -19.99 -56.98 -29.95
CA ARG E 164 -19.52 -57.68 -31.12
C ARG E 164 -18.38 -58.64 -30.79
N ARG E 165 -17.46 -58.22 -29.95
CA ARG E 165 -16.31 -59.05 -29.64
C ARG E 165 -16.61 -60.18 -28.68
N TYR E 166 -17.82 -60.20 -28.10
CA TYR E 166 -18.26 -61.35 -27.30
C TYR E 166 -19.18 -62.28 -28.07
N VAL E 167 -20.00 -61.76 -28.99
CA VAL E 167 -20.93 -62.59 -29.75
C VAL E 167 -20.24 -62.99 -31.05
N VAL E 168 -20.27 -64.29 -31.36
CA VAL E 168 -19.52 -64.83 -32.49
C VAL E 168 -20.31 -64.67 -33.78
N PRO E 169 -19.66 -64.68 -34.95
CA PRO E 169 -20.41 -64.68 -36.21
C PRO E 169 -21.22 -65.96 -36.37
N GLY E 170 -22.33 -65.83 -37.09
CA GLY E 170 -23.28 -66.91 -37.21
C GLY E 170 -24.31 -66.96 -36.10
N VAL E 171 -24.29 -66.01 -35.17
CA VAL E 171 -25.26 -65.95 -34.08
C VAL E 171 -26.06 -64.68 -34.24
N GLY E 172 -27.39 -64.80 -34.22
CA GLY E 172 -28.25 -63.66 -34.46
C GLY E 172 -28.38 -62.76 -33.25
N MET E 173 -29.05 -61.64 -33.47
CA MET E 173 -29.30 -60.68 -32.41
C MET E 173 -30.69 -60.11 -32.57
N TYR E 174 -31.45 -60.11 -31.47
CA TYR E 174 -32.82 -59.62 -31.46
C TYR E 174 -32.89 -58.36 -30.62
N GLY E 175 -33.47 -57.31 -31.19
CA GLY E 175 -33.56 -56.05 -30.49
C GLY E 175 -34.29 -55.02 -31.31
N ASN E 176 -34.50 -53.85 -30.70
CA ASN E 176 -35.24 -52.77 -31.33
C ASN E 176 -34.35 -51.63 -31.84
N THR E 177 -33.09 -51.58 -31.43
CA THR E 177 -32.18 -50.52 -31.88
C THR E 177 -31.01 -51.16 -32.63
N THR E 178 -30.75 -50.67 -33.84
CA THR E 178 -29.69 -51.20 -34.68
C THR E 178 -28.49 -50.26 -34.67
N ILE E 179 -27.30 -50.84 -34.54
CA ILE E 179 -26.06 -50.09 -34.58
C ILE E 179 -25.18 -50.71 -35.65
N GLU E 180 -24.51 -49.89 -36.44
CA GLU E 180 -23.60 -50.38 -37.47
C GLU E 180 -22.15 -50.22 -37.02
N THR E 181 -21.44 -51.33 -36.93
CA THR E 181 -20.07 -51.35 -36.43
C THR E 181 -19.13 -51.66 -37.58
N THR E 182 -17.84 -51.69 -37.28
CA THR E 182 -16.82 -51.92 -38.29
C THR E 182 -15.50 -52.31 -37.65
N ILE E 183 -14.95 -53.44 -38.07
CA ILE E 183 -13.62 -53.87 -37.68
C ILE E 183 -12.91 -54.33 -38.94
N GLY E 184 -11.88 -53.62 -39.35
CA GLY E 184 -11.16 -53.99 -40.55
C GLY E 184 -11.96 -53.79 -41.82
N GLY E 185 -13.14 -53.18 -41.73
CA GLY E 185 -14.01 -52.94 -42.85
C GLY E 185 -15.33 -53.69 -42.77
N PHE E 186 -15.34 -54.86 -42.17
CA PHE E 186 -16.53 -55.72 -42.14
C PHE E 186 -17.55 -55.16 -41.16
N CYS E 187 -18.79 -54.97 -41.61
CA CYS E 187 -19.83 -54.31 -40.83
C CYS E 187 -20.92 -55.30 -40.42
N ARG E 188 -21.08 -55.49 -39.11
CA ARG E 188 -22.17 -56.27 -38.54
C ARG E 188 -23.24 -55.33 -37.99
N ARG E 189 -24.49 -55.56 -38.35
CA ARG E 189 -25.59 -54.84 -37.72
C ARG E 189 -25.92 -55.48 -36.39
N ILE E 190 -25.61 -54.76 -35.30
CA ILE E 190 -25.81 -55.25 -33.94
C ILE E 190 -27.12 -54.69 -33.43
N ARG E 191 -28.08 -55.56 -33.17
CA ARG E 191 -29.38 -55.19 -32.63
C ARG E 191 -29.36 -55.36 -31.12
N VAL E 192 -29.77 -54.32 -30.41
CA VAL E 192 -29.91 -54.39 -28.95
C VAL E 192 -31.28 -53.90 -28.57
N ILE E 193 -31.63 -54.05 -27.29
CA ILE E 193 -32.91 -53.64 -26.76
C ILE E 193 -32.70 -52.41 -25.88
N ARG E 194 -33.13 -51.25 -26.36
CA ARG E 194 -33.23 -50.06 -25.53
C ARG E 194 -34.65 -50.03 -24.98
N PRO E 195 -34.87 -50.41 -23.73
CA PRO E 195 -36.25 -50.57 -23.25
C PRO E 195 -37.05 -49.28 -23.34
N VAL E 196 -38.31 -49.42 -23.70
CA VAL E 196 -39.26 -48.31 -23.65
C VAL E 196 -39.88 -48.29 -22.27
N LEU E 197 -39.75 -47.17 -21.58
CA LEU E 197 -40.28 -47.04 -20.23
C LEU E 197 -41.72 -46.55 -20.26
N ILE E 198 -42.63 -47.38 -19.77
CA ILE E 198 -44.04 -47.04 -19.67
C ILE E 198 -44.32 -46.66 -18.22
N PRO E 199 -44.69 -45.40 -17.93
CA PRO E 199 -44.96 -45.02 -16.53
C PRO E 199 -46.13 -45.81 -15.96
N THR E 200 -46.01 -46.18 -14.70
CA THR E 200 -46.98 -47.04 -14.04
C THR E 200 -47.48 -46.40 -12.75
N SER E 201 -48.73 -46.67 -12.42
CA SER E 201 -49.35 -46.27 -11.17
C SER E 201 -49.73 -47.53 -10.40
N VAL E 202 -49.35 -47.60 -9.14
CA VAL E 202 -49.57 -48.77 -8.30
C VAL E 202 -50.25 -48.36 -7.01
N GLU E 203 -51.23 -49.17 -6.64
CA GLU E 203 -52.13 -48.89 -5.53
C GLU E 203 -52.22 -50.18 -4.72
N ILE E 204 -51.62 -50.21 -3.53
CA ILE E 204 -51.46 -51.46 -2.79
C ILE E 204 -52.20 -51.38 -1.46
N ASP E 205 -53.17 -52.26 -1.28
CA ASP E 205 -53.86 -52.43 -0.02
C ASP E 205 -53.25 -53.62 0.71
N VAL E 206 -52.83 -53.37 1.96
CA VAL E 206 -52.16 -54.36 2.79
C VAL E 206 -52.90 -54.47 4.11
N GLN E 207 -52.38 -55.34 4.98
CA GLN E 207 -52.90 -55.48 6.33
C GLN E 207 -51.75 -55.66 7.30
N SER E 208 -52.06 -55.55 8.59
CA SER E 208 -51.07 -55.67 9.65
C SER E 208 -51.14 -57.07 10.24
N ARG E 209 -49.99 -57.71 10.37
CA ARG E 209 -49.86 -59.04 10.97
C ARG E 209 -48.67 -59.03 11.91
N PRO E 210 -48.84 -58.55 13.14
CA PRO E 210 -47.69 -58.42 14.04
C PRO E 210 -47.20 -59.78 14.52
N LEU E 211 -45.94 -60.07 14.22
CA LEU E 211 -45.34 -61.32 14.66
C LEU E 211 -45.22 -61.30 16.18
N LYS E 212 -46.15 -61.97 16.86
CA LYS E 212 -46.15 -62.08 18.32
C LYS E 212 -46.27 -60.71 18.98
N ASN E 213 -47.31 -59.98 18.59
CA ASN E 213 -47.66 -58.69 19.19
C ASN E 213 -46.43 -57.88 19.57
N GLY E 214 -45.52 -57.67 18.63
CA GLY E 214 -44.33 -56.86 18.87
C GLY E 214 -44.42 -55.48 18.25
N CYS E 215 -43.39 -55.05 17.52
CA CYS E 215 -43.43 -53.75 16.85
C CYS E 215 -44.41 -53.79 15.69
N PRO E 216 -45.15 -52.72 15.42
CA PRO E 216 -46.19 -52.77 14.40
C PRO E 216 -45.68 -52.33 13.05
N PRO E 217 -46.51 -52.46 12.01
CA PRO E 217 -46.13 -51.97 10.68
C PRO E 217 -45.66 -50.54 10.73
N PRO E 218 -44.75 -50.14 9.82
CA PRO E 218 -44.36 -48.73 9.75
C PRO E 218 -45.39 -47.86 9.02
N SER E 219 -45.06 -46.59 8.82
CA SER E 219 -45.99 -45.66 8.21
C SER E 219 -46.11 -45.89 6.71
N VAL E 220 -47.19 -45.38 6.13
CA VAL E 220 -47.48 -45.63 4.72
C VAL E 220 -46.38 -45.06 3.83
N ASN E 221 -45.96 -43.83 4.10
CA ASN E 221 -44.91 -43.22 3.28
C ASN E 221 -43.61 -43.99 3.38
N ALA E 222 -43.27 -44.48 4.58
CA ALA E 222 -42.04 -45.21 4.78
C ALA E 222 -42.00 -46.51 3.97
N MET E 223 -43.12 -47.22 3.86
CA MET E 223 -43.18 -48.39 2.99
C MET E 223 -43.23 -48.03 1.51
N ALA E 224 -43.92 -46.95 1.14
CA ALA E 224 -43.93 -46.56 -0.26
C ALA E 224 -42.54 -46.21 -0.76
N ALA E 225 -41.79 -45.44 0.03
CA ALA E 225 -40.43 -45.08 -0.34
C ALA E 225 -39.54 -46.32 -0.44
N GLY E 226 -39.71 -47.27 0.49
CA GLY E 226 -38.94 -48.50 0.43
C GLY E 226 -39.24 -49.33 -0.80
N LEU E 227 -40.51 -49.46 -1.16
CA LEU E 227 -40.86 -50.18 -2.38
C LEU E 227 -40.30 -49.48 -3.61
N TYR E 228 -40.33 -48.15 -3.62
CA TYR E 228 -39.75 -47.41 -4.73
C TYR E 228 -38.25 -47.65 -4.86
N THR E 229 -37.52 -47.66 -3.74
CA THR E 229 -36.09 -47.92 -3.82
C THR E 229 -35.82 -49.27 -4.48
N GLU E 230 -36.61 -50.28 -4.12
CA GLU E 230 -36.43 -51.59 -4.73
C GLU E 230 -36.76 -51.57 -6.21
N LEU E 231 -37.92 -51.04 -6.57
CA LEU E 231 -38.32 -51.01 -7.97
C LEU E 231 -37.40 -50.15 -8.83
N THR E 232 -36.58 -49.31 -8.19
CA THR E 232 -35.55 -48.56 -8.91
C THR E 232 -34.15 -49.13 -8.74
N GLY E 233 -33.97 -50.19 -7.95
CA GLY E 233 -32.66 -50.76 -7.74
C GLY E 233 -32.20 -51.67 -8.86
N PRO E 234 -30.98 -52.18 -8.75
CA PRO E 234 -30.53 -53.23 -9.69
C PRO E 234 -31.48 -54.40 -9.82
N ASP E 235 -32.23 -54.73 -8.78
CA ASP E 235 -33.17 -55.84 -8.81
C ASP E 235 -34.53 -55.45 -9.38
N ARG E 236 -34.56 -54.38 -10.17
CA ARG E 236 -35.82 -53.87 -10.67
C ARG E 236 -36.45 -54.83 -11.67
N PRO E 237 -37.77 -54.72 -11.89
CA PRO E 237 -38.39 -55.51 -12.94
C PRO E 237 -37.80 -55.19 -14.31
N GLY E 238 -37.31 -56.24 -14.98
CA GLY E 238 -36.73 -56.10 -16.28
C GLY E 238 -37.77 -56.09 -17.40
N ASN E 239 -37.28 -56.01 -18.63
CA ASN E 239 -38.16 -55.93 -19.78
C ASN E 239 -38.92 -57.23 -19.97
N GLY E 240 -40.20 -57.10 -20.29
CA GLY E 240 -41.03 -58.26 -20.57
C GLY E 240 -41.58 -58.98 -19.36
N GLU E 241 -41.44 -58.40 -18.17
CA GLU E 241 -41.93 -59.02 -16.94
C GLU E 241 -43.22 -58.29 -16.53
N ASP E 242 -44.30 -59.05 -16.49
CA ASP E 242 -45.62 -58.48 -16.27
C ASP E 242 -45.75 -57.93 -14.86
N GLY E 243 -46.48 -56.83 -14.74
CA GLY E 243 -46.91 -56.40 -13.42
C GLY E 243 -47.98 -57.34 -12.92
N THR E 244 -47.68 -58.08 -11.86
CA THR E 244 -48.57 -59.10 -11.33
C THR E 244 -48.73 -58.94 -9.84
N VAL E 245 -49.77 -59.58 -9.29
CA VAL E 245 -49.94 -59.60 -7.85
C VAL E 245 -48.73 -60.26 -7.19
N TYR E 246 -48.24 -61.34 -7.79
CA TYR E 246 -47.09 -62.04 -7.25
C TYR E 246 -45.88 -61.13 -7.12
N LEU E 247 -45.59 -60.35 -8.17
CA LEU E 247 -44.37 -59.56 -8.15
C LEU E 247 -44.36 -58.61 -6.96
N PHE E 248 -45.43 -57.86 -6.77
CA PHE E 248 -45.45 -56.87 -5.71
C PHE E 248 -45.66 -57.47 -4.32
N ARG E 249 -46.39 -58.59 -4.21
CA ARG E 249 -46.44 -59.26 -2.92
C ARG E 249 -45.06 -59.77 -2.54
N LYS E 250 -44.32 -60.33 -3.49
CA LYS E 250 -43.00 -60.89 -3.18
C LYS E 250 -42.02 -59.81 -2.74
N ILE E 251 -42.26 -58.55 -3.11
CA ILE E 251 -41.38 -57.47 -2.69
C ILE E 251 -41.83 -56.87 -1.37
N MET E 252 -43.12 -56.57 -1.23
CA MET E 252 -43.60 -56.01 0.02
C MET E 252 -43.37 -56.97 1.18
N GLU E 253 -43.62 -58.27 0.96
CA GLU E 253 -43.43 -59.26 2.02
C GLU E 253 -41.99 -59.30 2.48
N ARG E 254 -41.06 -59.34 1.52
CA ARG E 254 -39.65 -59.41 1.89
C ARG E 254 -39.19 -58.14 2.58
N LEU E 255 -39.65 -56.98 2.11
CA LEU E 255 -39.26 -55.73 2.75
C LEU E 255 -39.78 -55.65 4.18
N TYR E 256 -41.08 -55.84 4.37
CA TYR E 256 -41.72 -55.67 5.67
C TYR E 256 -42.52 -56.93 6.00
N PRO E 257 -41.91 -57.92 6.65
CA PRO E 257 -42.63 -59.17 6.95
C PRO E 257 -43.83 -59.01 7.86
N ASN E 258 -43.97 -57.89 8.57
CA ASN E 258 -45.13 -57.65 9.42
C ASN E 258 -46.30 -57.03 8.65
N VAL E 259 -46.39 -57.29 7.35
CA VAL E 259 -47.44 -56.75 6.51
C VAL E 259 -47.93 -57.82 5.55
N GLU E 260 -49.23 -57.87 5.34
CA GLU E 260 -49.84 -58.76 4.37
C GLU E 260 -50.39 -57.94 3.21
N VAL E 261 -49.97 -58.28 2.00
CA VAL E 261 -50.53 -57.70 0.79
C VAL E 261 -51.84 -58.41 0.49
N VAL E 262 -52.92 -57.65 0.42
CA VAL E 262 -54.24 -58.20 0.12
C VAL E 262 -54.69 -57.86 -1.29
N ASP E 263 -54.36 -56.65 -1.78
CA ASP E 263 -54.87 -56.25 -3.09
C ASP E 263 -53.86 -55.30 -3.75
N VAL E 264 -53.14 -55.82 -4.72
CA VAL E 264 -52.30 -54.97 -5.57
C VAL E 264 -53.13 -54.47 -6.74
N ARG E 265 -52.78 -53.29 -7.25
CA ARG E 265 -53.51 -52.75 -8.38
C ARG E 265 -52.55 -51.90 -9.21
N LEU E 266 -52.60 -52.07 -10.53
CA LEU E 266 -51.61 -51.47 -11.42
C LEU E 266 -52.30 -50.87 -12.62
N SER E 267 -51.68 -49.85 -13.21
CA SER E 267 -52.13 -49.35 -14.50
C SER E 267 -51.04 -48.51 -15.15
N GLN E 268 -51.26 -48.19 -16.42
CA GLN E 268 -50.38 -47.29 -17.17
C GLN E 268 -50.84 -45.87 -16.91
N ALA E 269 -49.93 -45.02 -16.43
CA ALA E 269 -50.28 -43.65 -16.16
C ALA E 269 -50.63 -42.92 -17.45
N PRO E 270 -51.46 -41.87 -17.38
CA PRO E 270 -52.09 -41.33 -16.17
C PRO E 270 -53.37 -42.07 -15.80
N ALA E 271 -53.66 -43.17 -16.49
CA ALA E 271 -54.94 -43.84 -16.36
C ALA E 271 -55.16 -44.33 -14.94
N ALA E 272 -56.36 -44.84 -14.71
CA ALA E 272 -56.78 -45.33 -13.41
C ALA E 272 -56.13 -46.68 -13.11
N PRO E 273 -55.69 -46.91 -11.87
CA PRO E 273 -55.25 -48.25 -11.48
C PRO E 273 -56.38 -49.25 -11.65
N THR E 274 -56.01 -50.48 -12.01
CA THR E 274 -56.99 -51.53 -12.27
C THR E 274 -56.32 -52.88 -12.08
N THR E 275 -57.11 -53.93 -12.23
CA THR E 275 -56.68 -55.27 -11.83
C THR E 275 -55.51 -55.74 -12.70
N PRO E 276 -54.50 -56.37 -12.12
CA PRO E 276 -53.44 -56.97 -12.94
C PRO E 276 -53.96 -58.21 -13.65
N PRO E 277 -53.18 -58.79 -14.58
CA PRO E 277 -51.82 -58.40 -14.93
C PRO E 277 -51.72 -57.20 -15.85
N LEU E 278 -50.62 -56.46 -15.71
CA LEU E 278 -50.24 -55.42 -16.66
C LEU E 278 -49.18 -56.01 -17.57
N VAL E 279 -49.50 -56.16 -18.86
CA VAL E 279 -48.64 -56.87 -19.79
C VAL E 279 -47.65 -55.92 -20.43
N MET E 280 -46.36 -56.26 -20.37
CA MET E 280 -45.30 -55.54 -21.06
C MET E 280 -44.64 -56.49 -22.06
N SER E 281 -44.54 -56.04 -23.31
CA SER E 281 -43.86 -56.83 -24.32
C SER E 281 -42.37 -56.86 -24.02
N PHE E 282 -41.64 -57.68 -24.77
CA PHE E 282 -40.24 -57.90 -24.48
C PHE E 282 -39.41 -56.63 -24.57
N PHE E 283 -39.93 -55.58 -25.23
CA PHE E 283 -39.18 -54.33 -25.36
C PHE E 283 -39.66 -53.25 -24.40
N GLN E 284 -40.66 -53.53 -23.57
CA GLN E 284 -41.24 -52.55 -22.67
C GLN E 284 -40.86 -52.88 -21.23
N MET E 285 -40.62 -51.82 -20.44
CA MET E 285 -40.31 -51.95 -19.04
C MET E 285 -41.10 -50.92 -18.24
N MET E 286 -41.45 -51.29 -17.01
CA MET E 286 -42.23 -50.42 -16.14
C MET E 286 -41.37 -49.30 -15.61
N SER E 287 -41.93 -48.10 -15.55
CA SER E 287 -41.25 -46.96 -14.97
C SER E 287 -42.05 -46.45 -13.79
N PHE E 288 -41.41 -46.42 -12.63
CA PHE E 288 -42.08 -46.09 -11.38
C PHE E 288 -41.65 -44.70 -10.93
N ASN E 289 -42.58 -43.98 -10.31
CA ASN E 289 -42.33 -42.67 -9.76
C ASN E 289 -42.62 -42.68 -8.28
N ALA E 290 -41.87 -41.89 -7.53
CA ALA E 290 -42.06 -41.83 -6.08
C ALA E 290 -43.47 -41.41 -5.71
N ASP E 291 -44.18 -40.72 -6.62
CA ASP E 291 -45.51 -40.21 -6.34
C ASP E 291 -46.61 -41.21 -6.69
N ASP E 292 -46.47 -41.92 -7.81
CA ASP E 292 -47.53 -42.81 -8.26
C ASP E 292 -47.80 -43.93 -7.28
N ILE E 293 -46.76 -44.49 -6.66
CA ILE E 293 -46.96 -45.56 -5.69
C ILE E 293 -47.76 -45.04 -4.51
N LEU E 294 -48.81 -45.77 -4.14
CA LEU E 294 -49.54 -45.42 -2.93
C LEU E 294 -49.87 -46.71 -2.19
N VAL E 295 -49.68 -46.70 -0.88
CA VAL E 295 -49.95 -47.85 -0.02
C VAL E 295 -51.04 -47.45 0.96
N GLU E 296 -51.91 -48.40 1.31
CA GLU E 296 -52.99 -48.15 2.25
C GLU E 296 -53.21 -49.39 3.10
N ILE E 297 -53.53 -49.19 4.38
CA ILE E 297 -53.80 -50.27 5.31
C ILE E 297 -55.30 -50.54 5.30
N VAL E 298 -55.68 -51.81 5.43
CA VAL E 298 -57.09 -52.20 5.46
C VAL E 298 -57.37 -52.87 6.80
N PRO E 299 -58.51 -52.60 7.44
CA PRO E 299 -58.83 -53.31 8.69
C PRO E 299 -58.94 -54.81 8.49
N MET F 1 -3.92 -52.07 10.03
CA MET F 1 -2.60 -51.83 10.60
C MET F 1 -1.81 -50.87 9.73
N THR F 2 -0.51 -50.79 9.97
CA THR F 2 0.37 -49.99 9.12
C THR F 2 1.29 -50.84 8.27
N TYR F 3 1.74 -51.98 8.78
CA TYR F 3 2.73 -52.80 8.12
C TYR F 3 2.09 -54.10 7.62
N GLY F 4 2.89 -54.89 6.90
CA GLY F 4 2.43 -56.18 6.44
C GLY F 4 1.46 -56.07 5.28
N VAL F 5 0.51 -57.00 5.24
CA VAL F 5 -0.45 -57.06 4.16
C VAL F 5 -1.47 -55.94 4.32
N GLN F 6 -1.44 -54.98 3.40
CA GLN F 6 -2.32 -53.82 3.41
C GLN F 6 -3.01 -53.72 2.07
N PRO F 7 -4.12 -52.98 1.97
CA PRO F 7 -4.82 -52.89 0.67
C PRO F 7 -3.94 -52.37 -0.46
N THR F 8 -3.06 -51.40 -0.19
CA THR F 8 -2.21 -50.85 -1.24
C THR F 8 -1.08 -51.79 -1.64
N GLY F 9 -0.89 -52.87 -0.91
CA GLY F 9 0.16 -53.81 -1.21
C GLY F 9 0.74 -54.38 0.07
N TYR F 10 2.03 -54.65 0.05
CA TYR F 10 2.76 -55.11 1.21
C TYR F 10 3.66 -53.98 1.72
N VAL F 11 3.49 -53.59 2.96
CA VAL F 11 4.31 -52.55 3.57
C VAL F 11 5.37 -53.25 4.40
N LYS F 12 6.64 -53.05 4.02
CA LYS F 12 7.73 -53.72 4.70
C LYS F 12 8.23 -52.88 5.86
N LYS F 13 8.63 -53.54 6.91
CA LYS F 13 8.93 -52.87 8.17
C LYS F 13 10.43 -52.65 8.30
N PRO F 14 10.90 -51.40 8.46
CA PRO F 14 12.35 -51.17 8.51
C PRO F 14 13.02 -51.89 9.66
N LEU F 15 14.31 -52.16 9.47
CA LEU F 15 15.12 -52.83 10.48
C LEU F 15 15.18 -52.03 11.78
N ALA F 16 15.29 -50.70 11.68
CA ALA F 16 15.29 -49.88 12.88
C ALA F 16 13.98 -49.99 13.64
N VAL F 17 12.84 -50.04 12.93
CA VAL F 17 11.57 -50.23 13.62
C VAL F 17 11.50 -51.60 14.26
N HIS F 18 11.99 -52.64 13.57
CA HIS F 18 12.08 -53.95 14.21
C HIS F 18 12.85 -53.90 15.52
N LEU F 19 14.04 -53.29 15.53
CA LEU F 19 14.83 -53.21 16.75
C LEU F 19 14.14 -52.38 17.83
N ALA F 20 13.55 -51.25 17.44
CA ALA F 20 12.91 -50.37 18.41
C ALA F 20 11.72 -51.05 19.07
N GLU F 21 10.91 -51.80 18.32
CA GLU F 21 9.74 -52.40 18.93
C GLU F 21 10.09 -53.46 19.96
N ILE F 22 11.09 -54.29 19.70
CA ILE F 22 11.46 -55.28 20.70
C ILE F 22 12.14 -54.60 21.90
N GLU F 23 12.91 -53.54 21.67
CA GLU F 23 13.43 -52.80 22.82
C GLU F 23 12.30 -52.22 23.67
N ALA F 24 11.28 -51.66 23.04
CA ALA F 24 10.14 -51.15 23.79
C ALA F 24 9.41 -52.27 24.51
N SER F 25 9.27 -53.43 23.88
CA SER F 25 8.64 -54.56 24.55
C SER F 25 9.42 -54.94 25.81
N MET F 26 10.74 -55.01 25.72
CA MET F 26 11.51 -55.38 26.89
C MET F 26 11.50 -54.31 27.97
N VAL F 27 11.40 -53.03 27.59
CA VAL F 27 11.15 -52.02 28.60
C VAL F 27 9.82 -52.25 29.28
N ASP F 28 8.79 -52.59 28.51
CA ASP F 28 7.50 -52.90 29.10
C ASP F 28 7.61 -54.05 30.10
N LEU F 29 8.41 -55.07 29.78
CA LEU F 29 8.53 -56.23 30.66
C LEU F 29 9.34 -55.94 31.92
N PHE F 30 10.48 -55.26 31.79
CA PHE F 30 11.44 -55.16 32.88
C PHE F 30 11.63 -53.75 33.42
N GLY F 31 10.75 -52.82 33.09
CA GLY F 31 10.91 -51.46 33.53
C GLY F 31 11.94 -50.72 32.70
N PRO F 32 11.94 -49.39 32.79
CA PRO F 32 12.89 -48.59 31.99
C PRO F 32 14.34 -48.73 32.41
N GLY F 33 14.65 -49.51 33.44
CA GLY F 33 16.01 -49.69 33.87
C GLY F 33 16.77 -50.81 33.19
N VAL F 34 16.10 -51.60 32.35
CA VAL F 34 16.74 -52.77 31.75
C VAL F 34 17.85 -52.33 30.80
N ILE F 35 18.99 -53.02 30.88
CA ILE F 35 20.15 -52.72 30.06
C ILE F 35 20.02 -53.51 28.76
N GLN F 36 20.02 -52.80 27.64
CA GLN F 36 19.86 -53.41 26.32
C GLN F 36 20.94 -52.96 25.35
N THR F 37 22.06 -52.43 25.85
CA THR F 37 23.11 -52.00 24.94
C THR F 37 23.59 -53.17 24.09
N GLU F 38 24.34 -52.84 23.05
CA GLU F 38 24.86 -53.88 22.16
C GLU F 38 25.69 -54.90 22.94
N GLN F 39 26.47 -54.44 23.91
CA GLN F 39 27.40 -55.32 24.61
C GLN F 39 26.69 -56.25 25.60
N SER F 40 25.46 -55.95 25.95
CA SER F 40 24.75 -56.75 26.93
C SER F 40 24.14 -57.99 26.30
N PRO F 41 23.90 -59.04 27.09
CA PRO F 41 23.22 -60.22 26.55
C PRO F 41 21.85 -59.91 25.96
N LEU F 42 21.12 -58.98 26.58
CA LEU F 42 19.83 -58.56 26.04
C LEU F 42 19.99 -57.90 24.68
N GLY F 43 21.02 -57.08 24.51
CA GLY F 43 21.29 -56.51 23.20
C GLY F 43 21.67 -57.56 22.18
N GLN F 44 22.45 -58.56 22.58
CA GLN F 44 22.75 -59.66 21.67
C GLN F 44 21.50 -60.38 21.22
N LEU F 45 20.52 -60.55 22.12
CA LEU F 45 19.26 -61.15 21.74
C LEU F 45 18.44 -60.26 20.83
N ASN F 46 18.34 -58.96 21.15
CA ASN F 46 17.47 -58.06 20.38
C ASN F 46 18.01 -57.80 18.98
N GLY F 47 19.33 -57.64 18.83
CA GLY F 47 19.87 -57.42 17.50
C GLY F 47 19.67 -58.61 16.57
N LEU F 48 19.91 -59.81 17.08
CA LEU F 48 19.66 -61.01 16.30
C LEU F 48 18.17 -61.14 15.97
N TYR F 49 17.29 -60.85 16.94
CA TYR F 49 15.86 -60.77 16.66
C TYR F 49 15.56 -59.84 15.50
N ALA F 50 16.11 -58.63 15.54
CA ALA F 50 15.78 -57.65 14.52
C ALA F 50 16.25 -58.11 13.15
N ASP F 51 17.45 -58.65 13.07
CA ASP F 51 17.95 -59.12 11.79
C ASP F 51 17.11 -60.28 11.25
N LEU F 52 16.81 -61.25 12.10
CA LEU F 52 16.02 -62.40 11.65
C LEU F 52 14.61 -61.97 11.25
N SER F 53 14.01 -61.06 12.02
CA SER F 53 12.67 -60.61 11.69
C SER F 53 12.65 -59.80 10.41
N TYR F 54 13.70 -59.03 10.13
CA TYR F 54 13.76 -58.33 8.85
C TYR F 54 13.86 -59.31 7.70
N ASP F 55 14.65 -60.38 7.86
CA ASP F 55 14.71 -61.38 6.79
C ASP F 55 13.36 -62.06 6.59
N LEU F 56 12.66 -62.36 7.68
CA LEU F 56 11.35 -62.99 7.56
C LEU F 56 10.34 -62.03 6.95
N ASP F 57 10.46 -60.74 7.26
CA ASP F 57 9.62 -59.72 6.64
C ASP F 57 9.85 -59.62 5.14
N GLU F 58 11.11 -59.72 4.71
CA GLU F 58 11.41 -59.74 3.28
C GLU F 58 10.86 -60.98 2.61
N ARG F 59 10.96 -62.13 3.27
CA ARG F 59 10.39 -63.36 2.71
C ARG F 59 8.88 -63.26 2.58
N GLY F 60 8.22 -62.63 3.56
CA GLY F 60 6.79 -62.38 3.44
C GLY F 60 6.45 -61.51 2.25
N GLU F 61 7.24 -60.46 2.02
CA GLU F 61 6.99 -59.60 0.86
C GLU F 61 7.15 -60.37 -0.44
N ASP F 62 8.19 -61.19 -0.54
CA ASP F 62 8.41 -61.95 -1.76
C ASP F 62 7.27 -62.93 -2.01
N LEU F 63 6.81 -63.60 -0.95
CA LEU F 63 5.67 -64.51 -1.09
C LEU F 63 4.40 -63.75 -1.48
N TYR F 64 4.21 -62.56 -0.94
CA TYR F 64 3.07 -61.74 -1.34
C TYR F 64 3.13 -61.41 -2.82
N GLN F 65 4.31 -61.06 -3.31
CA GLN F 65 4.46 -60.64 -4.69
C GLN F 65 4.29 -61.81 -5.66
N SER F 66 4.78 -62.98 -5.28
CA SER F 66 4.77 -64.12 -6.18
C SER F 66 3.38 -64.58 -6.59
N PHE F 67 2.32 -63.96 -6.08
CA PHE F 67 0.98 -64.32 -6.52
C PHE F 67 0.51 -63.54 -7.74
N ASP F 68 1.32 -62.62 -8.24
CA ASP F 68 0.92 -61.73 -9.32
C ASP F 68 1.65 -62.12 -10.60
N PRO F 69 0.96 -62.37 -11.71
CA PRO F 69 1.70 -62.73 -12.93
C PRO F 69 2.67 -61.66 -13.38
N GLU F 70 2.41 -60.40 -13.06
CA GLU F 70 3.34 -59.33 -13.40
C GLU F 70 4.47 -59.18 -12.41
N GLN F 71 4.51 -59.99 -11.34
CA GLN F 71 5.56 -59.91 -10.35
C GLN F 71 6.26 -61.22 -10.05
N ALA F 72 5.70 -62.36 -10.47
CA ALA F 72 6.35 -63.64 -10.23
C ALA F 72 7.48 -63.87 -11.22
N GLU F 73 8.39 -64.78 -10.88
CA GLU F 73 9.57 -65.03 -11.71
C GLU F 73 9.94 -66.51 -11.60
N GLY F 74 9.61 -67.27 -12.63
CA GLY F 74 10.14 -68.62 -12.74
C GLY F 74 9.08 -69.71 -12.62
N SER F 75 9.31 -70.64 -11.68
CA SER F 75 8.38 -71.75 -11.51
C SER F 75 6.99 -71.27 -11.11
N ARG F 76 6.91 -70.34 -10.17
CA ARG F 76 5.60 -69.80 -9.80
C ARG F 76 5.03 -68.91 -10.88
N LEU F 77 5.87 -68.31 -11.72
CA LEU F 77 5.35 -67.65 -12.90
C LEU F 77 4.64 -68.63 -13.82
N ASP F 78 5.24 -69.81 -14.04
CA ASP F 78 4.56 -70.84 -14.82
C ASP F 78 3.27 -71.28 -14.14
N ILE F 79 3.30 -71.43 -12.81
CA ILE F 79 2.10 -71.79 -12.08
C ILE F 79 0.98 -70.80 -12.37
N LEU F 80 1.29 -69.51 -12.32
CA LEU F 80 0.27 -68.50 -12.56
C LEU F 80 -0.14 -68.44 -14.03
N ALA F 81 0.76 -68.80 -14.95
CA ALA F 81 0.39 -68.82 -16.36
C ALA F 81 -0.58 -69.95 -16.67
N ARG F 82 -0.49 -71.05 -15.95
CA ARG F 82 -1.42 -72.15 -16.19
C ARG F 82 -2.87 -71.74 -15.97
N TYR F 83 -3.15 -70.68 -15.21
CA TYR F 83 -4.50 -70.15 -15.10
C TYR F 83 -4.96 -69.45 -16.36
N ARG F 84 -4.04 -69.17 -17.30
CA ARG F 84 -4.39 -68.47 -18.53
C ARG F 84 -3.94 -69.26 -19.75
N LEU F 85 -3.56 -70.53 -19.57
CA LEU F 85 -3.28 -71.44 -20.68
C LEU F 85 -2.10 -70.95 -21.52
N LEU F 86 -0.97 -70.82 -20.84
CA LEU F 86 0.28 -70.46 -21.50
C LEU F 86 1.39 -71.25 -20.82
N SER F 87 2.07 -72.09 -21.58
CA SER F 87 3.13 -72.94 -21.06
C SER F 87 4.47 -72.38 -21.48
N ARG F 88 5.36 -72.19 -20.51
CA ARG F 88 6.66 -71.58 -20.80
C ARG F 88 7.37 -72.31 -21.93
N ARG F 89 7.70 -71.58 -23.00
CA ARG F 89 8.47 -72.14 -24.08
C ARG F 89 9.89 -72.47 -23.60
N ALA F 90 10.40 -73.60 -24.09
CA ALA F 90 11.71 -74.07 -23.65
C ALA F 90 12.77 -73.00 -23.88
N GLY F 91 13.49 -72.65 -22.81
CA GLY F 91 14.56 -71.68 -22.89
C GLY F 91 14.11 -70.24 -22.90
N GLU F 92 12.81 -69.98 -22.84
CA GLU F 92 12.31 -68.61 -22.90
C GLU F 92 12.68 -67.88 -21.61
N SER F 93 12.98 -66.59 -21.75
CA SER F 93 13.28 -65.76 -20.60
C SER F 93 12.00 -65.37 -19.87
N ASP F 94 12.15 -64.98 -18.61
CA ASP F 94 10.99 -64.55 -17.84
C ASP F 94 10.42 -63.24 -18.35
N GLU F 95 11.25 -62.36 -18.92
CA GLU F 95 10.72 -61.15 -19.52
C GLU F 95 9.82 -61.48 -20.71
N SER F 96 10.30 -62.35 -21.59
CA SER F 96 9.49 -62.77 -22.74
C SER F 96 8.22 -63.48 -22.28
N PHE F 97 8.33 -64.33 -21.26
CA PHE F 97 7.19 -65.08 -20.80
C PHE F 97 6.15 -64.18 -20.14
N ARG F 98 6.58 -63.23 -19.31
CA ARG F 98 5.66 -62.28 -18.71
C ARG F 98 5.03 -61.39 -19.76
N ARG F 99 5.78 -61.07 -20.83
CA ARG F 99 5.16 -60.41 -21.98
C ARG F 99 4.07 -61.29 -22.58
N ALA F 100 4.36 -62.57 -22.75
CA ALA F 100 3.38 -63.48 -23.34
C ALA F 100 2.14 -63.60 -22.47
N ILE F 101 2.28 -63.41 -21.15
CA ILE F 101 1.07 -63.23 -20.33
C ILE F 101 0.71 -61.76 -20.42
N THR F 102 0.17 -61.38 -21.57
CA THR F 102 -0.54 -60.12 -21.75
C THR F 102 -1.32 -60.30 -23.03
N ASN F 103 -2.59 -60.68 -22.90
CA ASN F 103 -3.30 -61.26 -24.03
C ASN F 103 -4.78 -60.99 -23.82
N VAL F 104 -5.53 -61.00 -24.93
CA VAL F 104 -6.97 -60.94 -24.79
C VAL F 104 -7.42 -62.06 -23.87
N ASP F 105 -8.53 -61.82 -23.18
CA ASP F 105 -9.26 -62.85 -22.46
C ASP F 105 -10.62 -63.01 -23.10
N ARG F 106 -10.60 -63.14 -24.42
CA ARG F 106 -11.81 -63.15 -25.23
C ARG F 106 -11.42 -63.53 -26.65
N ALA F 107 -12.40 -64.01 -27.39
CA ALA F 107 -12.14 -64.59 -28.70
C ALA F 107 -11.64 -63.53 -29.67
N ARG F 108 -10.65 -63.89 -30.49
CA ARG F 108 -10.29 -63.13 -31.68
C ARG F 108 -10.59 -64.03 -32.87
N ILE F 109 -11.88 -64.08 -33.24
CA ILE F 109 -12.36 -65.01 -34.27
C ILE F 109 -13.22 -64.24 -35.25
N ASP F 110 -13.12 -62.92 -35.23
CA ASP F 110 -13.98 -62.11 -36.08
C ASP F 110 -13.69 -62.37 -37.56
N LEU F 111 -14.72 -62.18 -38.38
CA LEU F 111 -14.57 -62.40 -39.81
C LEU F 111 -13.59 -61.43 -40.46
N SER F 112 -13.36 -60.26 -39.86
CA SER F 112 -12.25 -59.43 -40.33
C SER F 112 -10.93 -60.16 -40.16
N ASP F 113 -10.73 -60.82 -39.02
CA ASP F 113 -9.54 -61.60 -38.79
C ASP F 113 -9.48 -62.84 -39.68
N LEU F 114 -10.63 -63.40 -40.05
CA LEU F 114 -10.65 -64.50 -41.02
C LEU F 114 -10.21 -64.01 -42.39
N SER F 115 -10.73 -62.86 -42.83
CA SER F 115 -10.40 -62.35 -44.16
C SER F 115 -8.94 -61.92 -44.23
N THR F 116 -8.43 -61.31 -43.17
CA THR F 116 -7.02 -60.91 -43.17
C THR F 116 -6.12 -62.11 -43.35
N ALA F 117 -6.44 -63.22 -42.68
CA ALA F 117 -5.64 -64.44 -42.84
C ALA F 117 -5.83 -65.07 -44.21
N LEU F 118 -7.05 -65.05 -44.76
CA LEU F 118 -7.26 -65.60 -46.10
C LEU F 118 -6.43 -64.85 -47.13
N SER F 119 -6.48 -63.52 -47.11
CA SER F 119 -5.74 -62.75 -48.10
C SER F 119 -4.24 -63.01 -47.99
N ALA F 120 -3.77 -63.47 -46.83
CA ALA F 120 -2.34 -63.55 -46.60
C ALA F 120 -1.70 -64.81 -47.15
N ILE F 121 -2.48 -65.85 -47.45
CA ILE F 121 -1.91 -67.15 -47.81
C ILE F 121 -1.31 -67.08 -49.21
N ASN F 122 -0.34 -67.96 -49.46
CA ASN F 122 0.17 -68.13 -50.81
C ASN F 122 -0.92 -68.62 -51.74
N GLY F 123 -0.97 -68.03 -52.93
CA GLY F 123 -1.81 -68.51 -54.00
C GLY F 123 -3.25 -68.03 -53.95
N VAL F 124 -3.68 -67.42 -52.85
CA VAL F 124 -5.04 -66.91 -52.74
C VAL F 124 -5.09 -65.59 -53.49
N SER F 125 -5.59 -65.63 -54.72
CA SER F 125 -5.65 -64.44 -55.55
C SER F 125 -6.78 -63.51 -55.15
N TRP F 126 -7.91 -64.06 -54.71
CA TRP F 126 -9.06 -63.25 -54.34
C TRP F 126 -9.84 -63.98 -53.28
N SER F 127 -10.41 -63.22 -52.35
CA SER F 127 -11.11 -63.80 -51.22
C SER F 127 -12.22 -62.87 -50.76
N ARG F 128 -13.28 -63.46 -50.22
CA ARG F 128 -14.39 -62.74 -49.63
C ARG F 128 -15.07 -63.64 -48.62
N VAL F 129 -15.56 -63.02 -47.54
CA VAL F 129 -16.26 -63.74 -46.48
C VAL F 129 -17.66 -63.18 -46.36
N TYR F 130 -18.64 -64.08 -46.31
CA TYR F 130 -20.04 -63.72 -46.14
C TYR F 130 -20.56 -64.40 -44.89
N VAL F 131 -21.59 -63.81 -44.30
CA VAL F 131 -22.24 -64.39 -43.12
C VAL F 131 -23.73 -64.06 -43.18
N ASN F 132 -24.53 -65.01 -42.71
CA ASN F 132 -25.96 -64.83 -42.52
C ASN F 132 -26.24 -65.04 -41.03
N GLU F 133 -26.56 -63.94 -40.34
CA GLU F 133 -26.88 -63.96 -38.92
C GLU F 133 -28.37 -64.02 -38.65
N ASP F 134 -29.19 -63.49 -39.55
CA ASP F 134 -30.63 -63.46 -39.32
C ASP F 134 -31.20 -64.88 -39.26
N ALA F 135 -32.51 -64.95 -39.04
CA ALA F 135 -33.21 -66.22 -38.90
C ALA F 135 -33.81 -66.73 -40.20
N THR F 136 -34.13 -65.84 -41.14
CA THR F 136 -34.70 -66.22 -42.42
C THR F 136 -33.61 -66.24 -43.48
N THR F 137 -33.72 -67.18 -44.41
CA THR F 137 -32.74 -67.31 -45.47
C THR F 137 -32.66 -66.01 -46.27
N ASP F 138 -31.47 -65.70 -46.77
CA ASP F 138 -31.26 -64.45 -47.49
C ASP F 138 -31.49 -64.67 -48.99
N ALA F 139 -31.33 -63.60 -49.77
CA ALA F 139 -31.63 -63.66 -51.19
C ALA F 139 -30.51 -64.32 -51.99
N ASP F 140 -29.35 -64.51 -51.39
CA ASP F 140 -28.21 -65.14 -52.06
C ASP F 140 -28.10 -66.62 -51.73
N GLY F 141 -29.09 -67.22 -51.08
CA GLY F 141 -29.09 -68.64 -50.83
C GLY F 141 -28.26 -69.11 -49.66
N ILE F 142 -27.89 -68.22 -48.75
CA ILE F 142 -27.14 -68.59 -47.55
C ILE F 142 -28.14 -68.93 -46.46
N PRO F 143 -28.12 -70.14 -45.90
CA PRO F 143 -29.04 -70.46 -44.80
C PRO F 143 -28.70 -69.64 -43.56
N PRO F 144 -29.64 -69.53 -42.62
CA PRO F 144 -29.39 -68.71 -41.43
C PRO F 144 -28.24 -69.23 -40.60
N ASN F 145 -27.57 -68.31 -39.91
CA ASN F 145 -26.51 -68.64 -38.96
C ASN F 145 -25.37 -69.39 -39.64
N THR F 146 -24.95 -68.88 -40.80
CA THR F 146 -23.98 -69.59 -41.62
C THR F 146 -22.90 -68.61 -42.06
N VAL F 147 -21.72 -69.16 -42.36
CA VAL F 147 -20.58 -68.36 -42.83
C VAL F 147 -20.02 -68.99 -44.09
N SER F 148 -19.97 -68.22 -45.17
CA SER F 148 -19.50 -68.69 -46.46
C SER F 148 -18.15 -68.04 -46.77
N VAL F 149 -17.28 -68.78 -47.43
CA VAL F 149 -15.98 -68.27 -47.87
C VAL F 149 -15.87 -68.50 -49.36
N ALA F 150 -15.65 -67.43 -50.11
CA ALA F 150 -15.38 -67.51 -51.54
C ALA F 150 -13.91 -67.17 -51.76
N VAL F 151 -13.16 -68.14 -52.25
CA VAL F 151 -11.72 -68.01 -52.36
C VAL F 151 -11.28 -68.58 -53.70
N ILE F 152 -10.34 -67.90 -54.34
CA ILE F 152 -9.75 -68.38 -55.59
C ILE F 152 -8.29 -68.70 -55.33
N GLY F 153 -7.88 -69.91 -55.66
CA GLY F 153 -6.52 -70.32 -55.46
C GLY F 153 -6.24 -70.78 -54.05
N GLY F 154 -4.95 -70.93 -53.76
CA GLY F 154 -4.53 -71.41 -52.46
C GLY F 154 -4.81 -72.89 -52.30
N ASP F 155 -3.93 -73.60 -51.63
CA ASP F 155 -4.11 -75.05 -51.48
C ASP F 155 -5.32 -75.33 -50.61
N ASP F 156 -6.09 -76.35 -51.00
CA ASP F 156 -7.37 -76.60 -50.37
C ASP F 156 -7.24 -76.94 -48.88
N ASP F 157 -6.25 -77.74 -48.51
CA ASP F 157 -6.16 -78.19 -47.12
C ASP F 157 -5.92 -77.02 -46.17
N GLU F 158 -5.01 -76.11 -46.53
CA GLU F 158 -4.68 -75.02 -45.64
C GLU F 158 -5.82 -74.01 -45.54
N VAL F 159 -6.49 -73.74 -46.66
CA VAL F 159 -7.64 -72.84 -46.60
C VAL F 159 -8.75 -73.47 -45.76
N ALA F 160 -8.94 -74.79 -45.87
CA ALA F 160 -9.94 -75.45 -45.05
C ALA F 160 -9.59 -75.34 -43.57
N GLN F 161 -8.33 -75.59 -43.22
CA GLN F 161 -7.92 -75.49 -41.82
C GLN F 161 -8.07 -74.07 -41.30
N LEU F 162 -7.71 -73.08 -42.11
CA LEU F 162 -7.89 -71.70 -41.68
C LEU F 162 -9.35 -71.37 -41.46
N VAL F 163 -10.22 -71.82 -42.36
CA VAL F 163 -11.65 -71.52 -42.24
C VAL F 163 -12.22 -72.18 -40.98
N ARG F 164 -11.79 -73.42 -40.71
CA ARG F 164 -12.35 -74.12 -39.56
C ARG F 164 -11.73 -73.70 -38.24
N ARG F 165 -10.55 -73.09 -38.24
CA ARG F 165 -10.04 -72.49 -37.01
C ARG F 165 -10.74 -71.19 -36.67
N TYR F 166 -11.57 -70.65 -37.57
CA TYR F 166 -12.26 -69.40 -37.32
C TYR F 166 -13.78 -69.55 -37.24
N VAL F 167 -14.36 -70.60 -37.80
CA VAL F 167 -15.78 -70.89 -37.60
C VAL F 167 -15.94 -71.74 -36.36
N VAL F 168 -16.82 -71.32 -35.46
CA VAL F 168 -17.06 -72.05 -34.21
C VAL F 168 -18.00 -73.21 -34.50
N PRO F 169 -17.92 -74.32 -33.77
CA PRO F 169 -18.88 -75.41 -34.00
C PRO F 169 -20.30 -74.97 -33.71
N GLY F 170 -21.23 -75.47 -34.52
CA GLY F 170 -22.59 -75.03 -34.48
C GLY F 170 -22.94 -73.95 -35.47
N VAL F 171 -21.96 -73.37 -36.15
CA VAL F 171 -22.16 -72.42 -37.22
C VAL F 171 -21.94 -73.14 -38.54
N GLY F 172 -22.92 -73.07 -39.43
CA GLY F 172 -22.84 -73.78 -40.68
C GLY F 172 -21.89 -73.12 -41.66
N MET F 173 -21.54 -73.88 -42.69
CA MET F 173 -20.69 -73.41 -43.77
C MET F 173 -21.41 -73.69 -45.08
N TYR F 174 -21.77 -72.64 -45.80
CA TYR F 174 -22.43 -72.76 -47.09
C TYR F 174 -21.40 -72.64 -48.20
N GLY F 175 -21.54 -73.47 -49.22
CA GLY F 175 -20.61 -73.45 -50.33
C GLY F 175 -20.98 -74.48 -51.36
N ASN F 176 -20.17 -74.54 -52.41
CA ASN F 176 -20.35 -75.49 -53.49
C ASN F 176 -19.34 -76.62 -53.48
N THR F 177 -18.19 -76.41 -52.86
CA THR F 177 -17.09 -77.38 -52.89
C THR F 177 -16.85 -77.92 -51.49
N THR F 178 -16.68 -79.23 -51.39
CA THR F 178 -16.41 -79.91 -50.13
C THR F 178 -14.94 -80.28 -50.05
N ILE F 179 -14.32 -79.98 -48.91
CA ILE F 179 -12.92 -80.35 -48.66
C ILE F 179 -12.87 -81.10 -47.35
N GLU F 180 -11.91 -82.00 -47.22
CA GLU F 180 -11.73 -82.81 -46.02
C GLU F 180 -10.32 -82.62 -45.51
N THR F 181 -10.20 -82.17 -44.26
CA THR F 181 -8.91 -82.04 -43.58
C THR F 181 -8.99 -82.74 -42.23
N THR F 182 -7.82 -82.90 -41.61
CA THR F 182 -7.69 -83.72 -40.41
C THR F 182 -6.98 -82.91 -39.33
N ILE F 183 -7.56 -82.89 -38.15
CA ILE F 183 -6.89 -82.38 -36.96
C ILE F 183 -7.18 -83.36 -35.82
N GLY F 184 -6.12 -83.87 -35.20
CA GLY F 184 -6.30 -84.89 -34.20
C GLY F 184 -6.99 -86.12 -34.77
N GLY F 185 -6.76 -86.38 -36.06
CA GLY F 185 -7.37 -87.50 -36.73
C GLY F 185 -8.83 -87.33 -37.06
N PHE F 186 -9.36 -86.11 -36.99
CA PHE F 186 -10.78 -85.87 -37.16
C PHE F 186 -11.00 -85.29 -38.56
N CYS F 187 -11.74 -86.01 -39.39
CA CYS F 187 -12.04 -85.52 -40.73
C CYS F 187 -13.33 -84.70 -40.72
N ARG F 188 -13.25 -83.48 -41.25
CA ARG F 188 -14.38 -82.58 -41.28
C ARG F 188 -14.68 -82.15 -42.71
N ARG F 189 -15.96 -81.95 -43.00
CA ARG F 189 -16.41 -81.48 -44.31
C ARG F 189 -16.51 -79.97 -44.24
N ILE F 190 -15.47 -79.30 -44.72
CA ILE F 190 -15.46 -77.85 -44.83
C ILE F 190 -16.04 -77.50 -46.18
N ARG F 191 -17.01 -76.58 -46.21
CA ARG F 191 -17.63 -76.15 -47.45
C ARG F 191 -17.12 -74.76 -47.81
N VAL F 192 -16.54 -74.63 -48.99
CA VAL F 192 -16.04 -73.37 -49.49
C VAL F 192 -16.56 -73.16 -50.91
N ILE F 193 -16.52 -71.92 -51.36
CA ILE F 193 -16.96 -71.56 -52.71
C ILE F 193 -15.73 -71.39 -53.57
N ARG F 194 -15.70 -72.10 -54.68
CA ARG F 194 -14.73 -71.90 -55.76
C ARG F 194 -15.52 -71.31 -56.92
N PRO F 195 -15.46 -70.00 -57.15
CA PRO F 195 -16.36 -69.38 -58.12
C PRO F 195 -16.20 -69.98 -59.50
N VAL F 196 -17.32 -70.09 -60.20
CA VAL F 196 -17.33 -70.46 -61.61
C VAL F 196 -17.15 -69.17 -62.39
N LEU F 197 -16.03 -69.04 -63.10
CA LEU F 197 -15.72 -67.84 -63.86
C LEU F 197 -16.40 -67.94 -65.22
N ILE F 198 -17.22 -66.94 -65.55
CA ILE F 198 -17.83 -66.86 -66.87
C ILE F 198 -17.19 -65.71 -67.63
N PRO F 199 -16.51 -65.95 -68.75
CA PRO F 199 -16.03 -64.83 -69.57
C PRO F 199 -17.18 -63.95 -70.02
N THR F 200 -16.94 -62.65 -70.00
CA THR F 200 -17.96 -61.65 -70.28
C THR F 200 -17.53 -60.77 -71.43
N SER F 201 -18.49 -60.42 -72.28
CA SER F 201 -18.32 -59.42 -73.32
C SER F 201 -19.02 -58.14 -72.88
N VAL F 202 -18.30 -57.04 -72.93
CA VAL F 202 -18.77 -55.75 -72.43
C VAL F 202 -18.53 -54.69 -73.50
N GLU F 203 -19.54 -53.85 -73.72
CA GLU F 203 -19.46 -52.77 -74.70
C GLU F 203 -19.94 -51.49 -74.01
N ILE F 204 -19.10 -50.46 -74.03
CA ILE F 204 -19.43 -49.18 -73.39
C ILE F 204 -19.39 -48.08 -74.44
N ASP F 205 -20.44 -47.26 -74.48
CA ASP F 205 -20.54 -46.11 -75.37
C ASP F 205 -20.58 -44.86 -74.51
N VAL F 206 -19.82 -43.84 -74.92
CA VAL F 206 -19.59 -42.66 -74.09
C VAL F 206 -19.77 -41.39 -74.91
N GLN F 207 -19.66 -40.25 -74.22
CA GLN F 207 -19.65 -38.93 -74.84
C GLN F 207 -18.50 -38.14 -74.23
N SER F 208 -17.55 -37.75 -75.04
CA SER F 208 -16.43 -36.95 -74.54
C SER F 208 -16.96 -35.62 -74.00
N ARG F 209 -16.33 -35.14 -72.95
CA ARG F 209 -16.69 -33.83 -72.44
C ARG F 209 -15.42 -33.10 -72.01
N PRO F 210 -14.88 -32.20 -72.82
CA PRO F 210 -13.65 -31.54 -72.41
C PRO F 210 -13.84 -30.85 -71.07
N LEU F 211 -12.89 -31.07 -70.16
CA LEU F 211 -13.04 -30.51 -68.84
C LEU F 211 -13.10 -28.99 -68.94
N LYS F 212 -13.57 -28.36 -67.87
CA LYS F 212 -13.62 -26.91 -67.82
C LYS F 212 -12.26 -26.27 -68.07
N ASN F 213 -11.17 -26.98 -67.78
CA ASN F 213 -9.82 -26.46 -68.00
C ASN F 213 -9.28 -26.77 -69.40
N GLY F 214 -9.75 -27.84 -70.02
CA GLY F 214 -9.35 -28.19 -71.37
C GLY F 214 -8.59 -29.49 -71.52
N CYS F 215 -8.82 -30.46 -70.64
CA CYS F 215 -8.15 -31.74 -70.73
C CYS F 215 -8.77 -32.58 -71.85
N PRO F 216 -7.95 -33.13 -72.75
CA PRO F 216 -8.49 -33.85 -73.91
C PRO F 216 -9.09 -35.18 -73.49
N PRO F 217 -10.03 -35.71 -74.26
CA PRO F 217 -10.68 -36.96 -73.88
C PRO F 217 -9.76 -38.14 -74.15
N PRO F 218 -9.68 -39.10 -73.24
CA PRO F 218 -8.71 -40.18 -73.38
C PRO F 218 -9.04 -41.09 -74.55
N SER F 219 -8.01 -41.78 -75.03
CA SER F 219 -8.16 -42.67 -76.17
C SER F 219 -8.97 -43.90 -75.78
N VAL F 220 -9.59 -44.50 -76.79
CA VAL F 220 -10.45 -45.66 -76.56
C VAL F 220 -9.66 -46.80 -75.92
N ASN F 221 -8.43 -47.02 -76.38
CA ASN F 221 -7.60 -48.06 -75.79
C ASN F 221 -7.25 -47.79 -74.33
N ALA F 222 -6.90 -46.54 -73.99
CA ALA F 222 -6.66 -46.22 -72.59
C ALA F 222 -7.91 -46.44 -71.76
N MET F 223 -9.06 -46.04 -72.29
CA MET F 223 -10.32 -46.29 -71.58
C MET F 223 -10.55 -47.77 -71.36
N ALA F 224 -10.31 -48.59 -72.37
CA ALA F 224 -10.49 -50.03 -72.24
C ALA F 224 -9.55 -50.65 -71.23
N ALA F 225 -8.26 -50.30 -71.26
CA ALA F 225 -7.28 -50.86 -70.35
C ALA F 225 -7.51 -50.40 -68.92
N GLY F 226 -7.91 -49.14 -68.71
CA GLY F 226 -8.26 -48.68 -67.38
C GLY F 226 -9.43 -49.44 -66.78
N LEU F 227 -10.49 -49.64 -67.55
CA LEU F 227 -11.61 -50.42 -67.04
C LEU F 227 -11.22 -51.86 -66.80
N TYR F 228 -10.43 -52.45 -67.70
CA TYR F 228 -10.01 -53.82 -67.52
C TYR F 228 -9.19 -53.99 -66.24
N THR F 229 -8.26 -53.08 -65.97
CA THR F 229 -7.40 -53.24 -64.81
C THR F 229 -8.19 -53.12 -63.52
N GLU F 230 -9.15 -52.19 -63.46
CA GLU F 230 -9.98 -52.09 -62.27
C GLU F 230 -10.90 -53.29 -62.11
N LEU F 231 -11.50 -53.79 -63.20
CA LEU F 231 -12.36 -54.96 -63.08
C LEU F 231 -11.57 -56.23 -62.80
N THR F 232 -10.27 -56.25 -63.07
CA THR F 232 -9.46 -57.44 -62.81
C THR F 232 -8.67 -57.35 -61.52
N GLY F 233 -8.58 -56.17 -60.91
CA GLY F 233 -7.79 -55.99 -59.71
C GLY F 233 -8.48 -56.52 -58.48
N PRO F 234 -7.96 -56.17 -57.30
CA PRO F 234 -8.56 -56.69 -56.06
C PRO F 234 -10.01 -56.27 -55.89
N ASP F 235 -10.43 -55.16 -56.48
CA ASP F 235 -11.78 -54.65 -56.34
C ASP F 235 -12.71 -55.20 -57.40
N ARG F 236 -12.42 -56.39 -57.90
CA ARG F 236 -13.17 -56.98 -58.99
C ARG F 236 -14.59 -57.31 -58.53
N PRO F 237 -15.54 -57.34 -59.46
CA PRO F 237 -16.88 -57.84 -59.11
C PRO F 237 -16.81 -59.27 -58.61
N GLY F 238 -17.34 -59.50 -57.40
CA GLY F 238 -17.30 -60.79 -56.78
C GLY F 238 -18.38 -61.71 -57.32
N ASN F 239 -18.61 -62.80 -56.60
CA ASN F 239 -19.62 -63.75 -57.01
C ASN F 239 -21.01 -63.24 -56.66
N GLY F 240 -22.01 -63.69 -57.42
CA GLY F 240 -23.37 -63.29 -57.15
C GLY F 240 -23.63 -61.82 -57.36
N GLU F 241 -22.85 -61.17 -58.22
CA GLU F 241 -22.98 -59.74 -58.49
C GLU F 241 -23.37 -59.56 -59.95
N ASP F 242 -24.56 -59.01 -60.18
CA ASP F 242 -25.06 -58.83 -61.54
C ASP F 242 -24.30 -57.69 -62.20
N GLY F 243 -23.72 -57.96 -63.37
CA GLY F 243 -23.19 -56.88 -64.18
C GLY F 243 -24.30 -55.92 -64.55
N THR F 244 -24.13 -54.65 -64.22
CA THR F 244 -25.20 -53.68 -64.39
C THR F 244 -24.63 -52.34 -64.82
N VAL F 245 -25.52 -51.51 -65.38
CA VAL F 245 -25.13 -50.16 -65.75
C VAL F 245 -24.61 -49.42 -64.52
N TYR F 246 -25.24 -49.59 -63.36
CA TYR F 246 -24.74 -48.93 -62.17
C TYR F 246 -23.26 -49.22 -61.98
N LEU F 247 -22.89 -50.49 -61.91
CA LEU F 247 -21.51 -50.86 -61.64
C LEU F 247 -20.57 -50.30 -62.71
N PHE F 248 -20.89 -50.55 -63.99
CA PHE F 248 -19.94 -50.19 -65.04
C PHE F 248 -19.83 -48.68 -65.22
N ARG F 249 -20.97 -47.97 -65.24
CA ARG F 249 -20.95 -46.52 -65.30
C ARG F 249 -20.22 -45.92 -64.11
N LYS F 250 -20.45 -46.44 -62.90
CA LYS F 250 -19.72 -45.95 -61.75
C LYS F 250 -18.21 -46.09 -61.94
N ILE F 251 -17.74 -47.27 -62.33
CA ILE F 251 -16.30 -47.45 -62.48
C ILE F 251 -15.75 -46.50 -63.56
N MET F 252 -16.45 -46.41 -64.68
CA MET F 252 -15.95 -45.60 -65.79
C MET F 252 -15.92 -44.12 -65.42
N GLU F 253 -16.96 -43.62 -64.76
CA GLU F 253 -17.01 -42.20 -64.41
C GLU F 253 -16.06 -41.89 -63.26
N ARG F 254 -15.72 -42.88 -62.44
CA ARG F 254 -14.71 -42.65 -61.41
C ARG F 254 -13.31 -42.61 -62.01
N LEU F 255 -13.06 -43.45 -63.03
CA LEU F 255 -11.74 -43.45 -63.66
C LEU F 255 -11.53 -42.22 -64.54
N TYR F 256 -12.53 -41.83 -65.33
CA TYR F 256 -12.36 -40.78 -66.33
C TYR F 256 -13.40 -39.70 -66.08
N PRO F 257 -13.10 -38.71 -65.23
CA PRO F 257 -14.12 -37.70 -64.92
C PRO F 257 -14.54 -36.87 -66.11
N ASN F 258 -13.77 -36.86 -67.20
CA ASN F 258 -14.11 -36.13 -68.40
C ASN F 258 -14.85 -36.98 -69.41
N VAL F 259 -15.67 -37.93 -68.96
CA VAL F 259 -16.40 -38.81 -69.86
C VAL F 259 -17.77 -39.12 -69.25
N GLU F 260 -18.78 -39.17 -70.11
CA GLU F 260 -20.11 -39.61 -69.75
C GLU F 260 -20.42 -40.92 -70.46
N VAL F 261 -21.07 -41.83 -69.75
CA VAL F 261 -21.42 -43.13 -70.30
C VAL F 261 -22.84 -43.08 -70.84
N VAL F 262 -23.02 -43.56 -72.06
CA VAL F 262 -24.33 -43.55 -72.71
C VAL F 262 -25.08 -44.86 -72.46
N ASP F 263 -24.49 -45.99 -72.78
CA ASP F 263 -25.15 -47.28 -72.58
C ASP F 263 -24.09 -48.35 -72.34
N VAL F 264 -24.49 -49.40 -71.62
CA VAL F 264 -23.66 -50.57 -71.37
C VAL F 264 -24.36 -51.78 -71.96
N ARG F 265 -23.64 -52.55 -72.75
CA ARG F 265 -24.12 -53.83 -73.26
C ARG F 265 -23.25 -54.94 -72.67
N LEU F 266 -23.91 -56.02 -72.26
CA LEU F 266 -23.23 -57.13 -71.58
C LEU F 266 -23.72 -58.45 -72.13
N SER F 267 -22.85 -59.46 -72.09
CA SER F 267 -23.25 -60.82 -72.42
C SER F 267 -22.12 -61.76 -72.03
N GLN F 268 -22.31 -63.04 -72.33
CA GLN F 268 -21.29 -64.06 -72.16
C GLN F 268 -20.71 -64.41 -73.53
N ALA F 269 -19.40 -64.61 -73.57
CA ALA F 269 -18.78 -65.04 -74.81
C ALA F 269 -19.29 -66.42 -75.16
N PRO F 270 -19.71 -66.68 -76.42
CA PRO F 270 -19.73 -65.78 -77.58
C PRO F 270 -21.05 -65.02 -77.75
N ALA F 271 -21.91 -65.03 -76.74
CA ALA F 271 -23.24 -64.45 -76.89
C ALA F 271 -23.14 -62.97 -77.28
N ALA F 272 -24.10 -62.54 -78.09
CA ALA F 272 -24.14 -61.15 -78.50
C ALA F 272 -24.41 -60.25 -77.30
N PRO F 273 -23.72 -59.12 -77.19
CA PRO F 273 -23.94 -58.23 -76.03
C PRO F 273 -25.41 -57.83 -75.92
N THR F 274 -25.92 -57.87 -74.70
CA THR F 274 -27.33 -57.67 -74.41
C THR F 274 -27.50 -56.56 -73.38
N THR F 275 -28.67 -55.93 -73.42
CA THR F 275 -28.96 -54.91 -72.44
C THR F 275 -28.99 -55.53 -71.04
N PRO F 276 -28.35 -54.89 -70.05
CA PRO F 276 -28.39 -55.42 -68.69
C PRO F 276 -29.82 -55.52 -68.19
N PRO F 277 -30.04 -56.08 -66.99
CA PRO F 277 -29.02 -56.61 -66.08
C PRO F 277 -28.49 -57.97 -66.52
N LEU F 278 -27.24 -58.27 -66.18
CA LEU F 278 -26.66 -59.57 -66.43
C LEU F 278 -26.59 -60.34 -65.12
N VAL F 279 -27.40 -61.37 -65.00
CA VAL F 279 -27.63 -62.03 -63.71
C VAL F 279 -26.53 -63.06 -63.48
N MET F 280 -25.84 -62.94 -62.35
CA MET F 280 -24.99 -63.99 -61.81
C MET F 280 -25.58 -64.52 -60.51
N SER F 281 -25.58 -65.84 -60.36
CA SER F 281 -25.98 -66.49 -59.13
C SER F 281 -24.83 -66.42 -58.12
N PHE F 282 -25.12 -66.79 -56.88
CA PHE F 282 -24.12 -66.62 -55.82
C PHE F 282 -22.87 -67.45 -56.07
N PHE F 283 -22.97 -68.53 -56.83
CA PHE F 283 -21.80 -69.35 -57.15
C PHE F 283 -21.12 -68.94 -58.44
N GLN F 284 -21.73 -68.05 -59.21
CA GLN F 284 -21.20 -67.67 -60.50
C GLN F 284 -20.51 -66.32 -60.40
N MET F 285 -19.46 -66.14 -61.20
CA MET F 285 -18.64 -64.94 -61.16
C MET F 285 -18.36 -64.45 -62.57
N MET F 286 -18.10 -63.15 -62.71
CA MET F 286 -17.75 -62.58 -64.00
C MET F 286 -16.24 -62.59 -64.21
N SER F 287 -15.82 -62.98 -65.40
CA SER F 287 -14.44 -62.93 -65.82
C SER F 287 -14.28 -61.95 -66.98
N PHE F 288 -13.03 -61.61 -67.29
CA PHE F 288 -12.79 -60.62 -68.32
C PHE F 288 -11.46 -60.88 -69.00
N ASN F 289 -11.44 -60.62 -70.32
CA ASN F 289 -10.25 -60.69 -71.14
C ASN F 289 -10.05 -59.34 -71.82
N ALA F 290 -8.80 -58.88 -71.85
CA ALA F 290 -8.50 -57.52 -72.29
C ALA F 290 -9.04 -57.26 -73.70
N ASP F 291 -8.94 -58.25 -74.58
CA ASP F 291 -9.42 -58.07 -75.95
C ASP F 291 -10.92 -58.28 -76.05
N ASP F 292 -11.58 -58.65 -74.96
CA ASP F 292 -13.02 -58.84 -74.97
C ASP F 292 -13.77 -57.65 -74.39
N ILE F 293 -13.09 -56.52 -74.17
CA ILE F 293 -13.71 -55.25 -73.79
C ILE F 293 -13.63 -54.29 -74.95
N LEU F 294 -14.66 -53.47 -75.14
CA LEU F 294 -14.70 -52.49 -76.22
C LEU F 294 -15.34 -51.21 -75.72
N VAL F 295 -14.74 -50.08 -76.08
CA VAL F 295 -15.26 -48.76 -75.74
C VAL F 295 -15.35 -47.95 -77.02
N GLU F 296 -16.24 -46.96 -77.05
CA GLU F 296 -16.38 -46.12 -78.21
C GLU F 296 -17.05 -44.81 -77.80
N ILE F 297 -16.59 -43.71 -78.38
CA ILE F 297 -17.14 -42.40 -78.12
C ILE F 297 -18.33 -42.16 -79.03
N VAL F 298 -19.41 -41.64 -78.45
CA VAL F 298 -20.60 -41.24 -79.20
C VAL F 298 -20.49 -39.74 -79.44
N PRO F 299 -20.93 -39.21 -80.59
CA PRO F 299 -20.90 -37.76 -80.76
C PRO F 299 -22.06 -37.07 -80.04
N MET G 1 9.79 -69.43 -9.05
CA MET G 1 11.16 -69.06 -8.81
C MET G 1 12.01 -70.28 -8.54
N SER G 2 12.36 -70.48 -7.27
CA SER G 2 13.19 -71.57 -6.83
C SER G 2 12.77 -71.87 -5.39
N ASN G 3 13.63 -72.57 -4.68
CA ASN G 3 13.43 -72.72 -3.24
C ASN G 3 13.48 -71.35 -2.57
N LEU G 4 12.30 -70.84 -2.20
CA LEU G 4 12.23 -69.57 -1.49
C LEU G 4 12.82 -69.66 -0.11
N CYS G 5 12.90 -70.85 0.45
CA CYS G 5 13.06 -71.03 1.88
C CYS G 5 14.18 -72.02 2.15
N ALA G 6 14.74 -71.89 3.34
CA ALA G 6 15.86 -72.71 3.76
C ALA G 6 15.53 -73.33 5.09
N ASP G 7 16.41 -74.20 5.55
CA ASP G 7 16.22 -74.81 6.85
C ASP G 7 16.22 -73.72 7.92
N PRO G 8 15.27 -73.75 8.86
CA PRO G 8 15.33 -72.78 9.97
C PRO G 8 16.66 -72.78 10.68
N GLU G 9 17.30 -73.95 10.79
CA GLU G 9 18.59 -74.05 11.44
C GLU G 9 19.67 -73.33 10.65
N ALA G 10 19.53 -73.22 9.33
CA ALA G 10 20.48 -72.46 8.55
C ALA G 10 20.40 -70.97 8.87
N LEU G 11 19.19 -70.40 8.85
CA LEU G 11 19.03 -68.98 9.15
C LEU G 11 19.42 -68.67 10.59
N VAL G 12 18.97 -69.49 11.53
CA VAL G 12 19.24 -69.23 12.94
C VAL G 12 20.75 -69.27 13.20
N GLU G 13 21.44 -70.25 12.63
CA GLU G 13 22.88 -70.32 12.82
C GLU G 13 23.60 -69.16 12.13
N ALA G 14 23.11 -68.74 10.96
CA ALA G 14 23.70 -67.58 10.30
C ALA G 14 23.63 -66.35 11.19
N ARG G 15 22.53 -66.17 11.92
CA ARG G 15 22.45 -65.06 12.86
C ARG G 15 23.29 -65.28 14.10
N ILE G 16 23.33 -66.50 14.63
CA ILE G 16 24.20 -66.80 15.76
C ILE G 16 25.64 -66.46 15.44
N ASP G 17 26.05 -66.62 14.18
CA ASP G 17 27.42 -66.27 13.81
C ASP G 17 27.70 -64.78 14.01
N GLU G 18 26.66 -63.96 14.15
CA GLU G 18 26.84 -62.53 14.40
C GLU G 18 27.03 -62.21 15.88
N VAL G 19 26.95 -63.19 16.77
CA VAL G 19 27.16 -62.98 18.19
C VAL G 19 28.55 -62.43 18.44
N LEU G 20 28.74 -61.79 19.59
CA LEU G 20 30.05 -61.26 19.94
C LEU G 20 31.00 -62.36 20.40
N THR G 21 32.30 -62.06 20.31
CA THR G 21 33.33 -63.02 20.68
C THR G 21 33.14 -63.49 22.12
N GLN G 22 32.86 -62.57 23.03
CA GLN G 22 32.71 -62.90 24.44
C GLN G 22 31.56 -63.84 24.72
N TYR G 23 30.62 -63.97 23.78
CA TYR G 23 29.47 -64.85 23.95
C TYR G 23 29.54 -66.06 23.01
N ARG G 24 30.58 -66.15 22.19
CA ARG G 24 30.70 -67.27 21.26
C ARG G 24 30.62 -68.62 21.96
N GLU G 25 31.04 -68.71 23.22
CA GLU G 25 31.05 -69.98 23.95
C GLU G 25 30.30 -69.88 25.26
N SER G 26 29.13 -69.25 25.22
CA SER G 26 28.20 -69.20 26.36
C SER G 26 27.01 -70.08 26.01
N PRO G 27 27.11 -71.40 26.19
CA PRO G 27 26.08 -72.29 25.63
C PRO G 27 24.67 -72.00 26.12
N TYR G 28 24.48 -71.64 27.39
CA TYR G 28 23.13 -71.33 27.86
C TYR G 28 22.56 -70.09 27.17
N LEU G 29 23.35 -69.03 27.04
CA LEU G 29 22.83 -67.83 26.39
C LEU G 29 22.58 -68.08 24.91
N LEU G 30 23.54 -68.74 24.23
CA LEU G 30 23.39 -69.03 22.82
C LEU G 30 22.20 -69.96 22.57
N ASN G 31 22.04 -70.97 23.42
CA ASN G 31 20.91 -71.88 23.25
C ASN G 31 19.59 -71.20 23.58
N LEU G 32 19.58 -70.23 24.50
CA LEU G 32 18.39 -69.43 24.71
C LEU G 32 18.03 -68.68 23.43
N ILE G 33 19.01 -67.99 22.84
CA ILE G 33 18.75 -67.24 21.61
C ILE G 33 18.28 -68.17 20.50
N ARG G 34 18.91 -69.34 20.40
CA ARG G 34 18.51 -70.32 19.39
C ARG G 34 17.07 -70.78 19.59
N ALA G 35 16.69 -71.08 20.83
CA ALA G 35 15.33 -71.53 21.08
C ALA G 35 14.33 -70.44 20.74
N TYR G 36 14.64 -69.19 21.07
CA TYR G 36 13.71 -68.11 20.77
C TYR G 36 13.59 -67.87 19.27
N LEU G 37 14.72 -67.85 18.55
CA LEU G 37 14.68 -67.55 17.13
C LEU G 37 14.21 -68.71 16.28
N SER G 38 14.43 -69.95 16.73
CA SER G 38 13.93 -71.11 16.00
C SER G 38 12.41 -71.12 15.93
N LYS G 39 11.73 -70.66 16.99
CA LYS G 39 10.28 -70.64 16.90
C LYS G 39 9.79 -69.68 15.82
N LEU G 40 10.37 -68.49 15.71
CA LEU G 40 9.97 -67.58 14.66
C LEU G 40 10.32 -68.14 13.28
N ALA G 41 11.50 -68.74 13.13
CA ALA G 41 11.88 -69.32 11.86
C ALA G 41 10.95 -70.48 11.46
N GLU G 42 10.64 -71.36 12.40
CA GLU G 42 9.72 -72.45 12.12
C GLU G 42 8.33 -71.93 11.78
N THR G 43 7.87 -70.88 12.46
CA THR G 43 6.59 -70.31 12.11
C THR G 43 6.58 -69.80 10.67
N SER G 44 7.65 -69.10 10.27
CA SER G 44 7.71 -68.57 8.91
C SER G 44 7.87 -69.63 7.83
N MET G 45 8.58 -70.73 8.08
CA MET G 45 8.74 -71.75 7.04
C MET G 45 7.40 -72.38 6.65
N SER G 46 6.36 -72.20 7.47
CA SER G 46 5.05 -72.68 7.08
C SER G 46 4.46 -71.90 5.90
N TYR G 47 4.95 -70.70 5.62
CA TYR G 47 4.44 -69.92 4.49
C TYR G 47 4.96 -70.44 3.17
N CYS G 48 6.11 -71.10 3.20
CA CYS G 48 6.71 -71.72 2.03
C CYS G 48 5.89 -72.91 1.54
N ASP G 49 4.77 -73.16 2.21
CA ASP G 49 3.81 -74.20 1.88
C ASP G 49 2.55 -73.59 1.31
N MET G 50 2.64 -72.35 0.84
CA MET G 50 1.54 -71.62 0.21
C MET G 50 1.81 -71.39 -1.27
N VAL G 51 3.03 -71.67 -1.70
CA VAL G 51 3.49 -71.34 -3.04
C VAL G 51 2.91 -72.27 -4.10
N GLU G 52 3.00 -73.59 -3.91
CA GLU G 52 2.43 -74.50 -4.91
C GLU G 52 1.14 -75.18 -4.46
N LYS G 53 0.52 -74.77 -3.36
CA LYS G 53 -0.80 -75.29 -3.06
C LYS G 53 -1.87 -74.73 -3.97
N PHE G 54 -1.56 -73.67 -4.72
CA PHE G 54 -2.49 -73.10 -5.68
C PHE G 54 -2.17 -73.50 -7.11
N ASP G 55 -1.27 -74.45 -7.30
CA ASP G 55 -1.05 -75.07 -8.60
C ASP G 55 -2.33 -75.76 -9.06
N LEU G 56 -2.86 -75.35 -10.21
CA LEU G 56 -4.14 -75.89 -10.66
C LEU G 56 -4.06 -77.37 -11.00
N ASP G 57 -2.86 -77.91 -11.14
CA ASP G 57 -2.73 -79.35 -11.34
C ASP G 57 -2.83 -80.14 -10.04
N THR G 58 -2.65 -79.49 -8.90
CA THR G 58 -2.50 -80.19 -7.63
C THR G 58 -3.32 -79.60 -6.50
N ALA G 59 -3.93 -78.44 -6.67
CA ALA G 59 -4.63 -77.77 -5.58
C ALA G 59 -5.81 -78.60 -5.10
N VAL G 60 -6.00 -78.63 -3.78
CA VAL G 60 -7.05 -79.42 -3.15
C VAL G 60 -7.78 -78.57 -2.12
N GLY G 61 -9.01 -78.97 -1.82
CA GLY G 61 -9.76 -78.30 -0.77
C GLY G 61 -9.96 -76.83 -1.07
N ASP G 62 -9.71 -75.99 -0.06
CA ASP G 62 -9.91 -74.55 -0.22
C ASP G 62 -8.88 -73.95 -1.17
N GLN G 63 -7.69 -74.55 -1.27
CA GLN G 63 -6.72 -74.04 -2.22
C GLN G 63 -7.23 -74.19 -3.65
N LEU G 64 -8.13 -75.16 -3.88
CA LEU G 64 -8.78 -75.28 -5.18
C LEU G 64 -10.05 -74.44 -5.25
N THR G 65 -10.74 -74.29 -4.12
CA THR G 65 -11.91 -73.40 -4.10
C THR G 65 -11.52 -71.97 -4.42
N ILE G 66 -10.36 -71.52 -3.95
CA ILE G 66 -9.90 -70.17 -4.25
C ILE G 66 -9.59 -70.02 -5.73
N ILE G 67 -8.97 -71.02 -6.35
CA ILE G 67 -8.74 -70.97 -7.78
C ILE G 67 -10.07 -70.90 -8.52
N GLY G 68 -11.06 -71.65 -8.06
CA GLY G 68 -12.37 -71.59 -8.68
C GLY G 68 -13.03 -70.24 -8.54
N ARG G 69 -12.88 -69.61 -7.38
CA ARG G 69 -13.41 -68.27 -7.18
C ARG G 69 -12.66 -67.22 -7.99
N ILE G 70 -11.38 -67.43 -8.26
CA ILE G 70 -10.65 -66.53 -9.15
C ILE G 70 -11.12 -66.70 -10.59
N LEU G 71 -11.26 -67.94 -11.03
CA LEU G 71 -11.69 -68.21 -12.40
C LEU G 71 -13.17 -67.99 -12.59
N GLY G 72 -13.92 -67.76 -11.53
CA GLY G 72 -15.33 -67.44 -11.65
C GLY G 72 -16.21 -68.63 -11.90
N PHE G 73 -15.87 -69.79 -11.34
CA PHE G 73 -16.72 -70.97 -11.46
C PHE G 73 -16.90 -71.60 -10.09
N PRO G 74 -17.98 -71.30 -9.37
CA PRO G 74 -18.13 -71.83 -8.00
C PRO G 74 -18.34 -73.33 -7.96
N ARG G 75 -18.42 -73.88 -6.75
CA ARG G 75 -18.66 -75.31 -6.58
C ARG G 75 -20.15 -75.65 -6.59
N CYS G 76 -21.01 -74.73 -6.19
CA CYS G 76 -22.43 -74.98 -6.01
C CYS G 76 -23.22 -74.34 -7.14
N HIS G 77 -24.09 -75.12 -7.77
CA HIS G 77 -24.84 -74.69 -8.95
C HIS G 77 -26.28 -75.17 -8.84
N CYS G 78 -27.24 -74.28 -9.14
CA CYS G 78 -28.65 -74.64 -9.13
C CYS G 78 -28.99 -75.61 -10.24
N VAL G 79 -29.75 -76.66 -9.90
CA VAL G 79 -30.04 -77.76 -10.81
C VAL G 79 -31.47 -78.24 -10.63
N CYS G 80 -31.95 -79.01 -11.62
CA CYS G 80 -33.25 -79.68 -11.60
C CYS G 80 -33.13 -81.13 -11.17
N ASP G 81 -32.49 -81.44 -10.05
CA ASP G 81 -32.31 -82.84 -9.72
C ASP G 81 -32.60 -83.07 -8.25
N THR G 82 -33.11 -84.26 -7.97
CA THR G 82 -33.32 -84.72 -6.60
C THR G 82 -32.00 -85.28 -6.10
N ILE G 83 -31.18 -84.40 -5.50
CA ILE G 83 -29.89 -84.81 -4.98
C ILE G 83 -30.11 -85.89 -3.93
N PRO G 84 -29.24 -86.90 -3.86
CA PRO G 84 -29.30 -87.82 -2.72
C PRO G 84 -28.96 -87.08 -1.44
N VAL G 85 -29.54 -87.56 -0.34
CA VAL G 85 -29.30 -86.99 0.99
C VAL G 85 -28.90 -88.12 1.92
N VAL G 86 -27.97 -87.81 2.83
CA VAL G 86 -27.50 -88.81 3.78
C VAL G 86 -28.64 -89.17 4.72
N GLY G 87 -28.75 -90.46 5.04
CA GLY G 87 -29.76 -90.95 5.96
C GLY G 87 -29.95 -92.45 5.87
N TYR G 88 -30.70 -93.01 6.80
CA TYR G 88 -30.99 -94.45 6.80
C TYR G 88 -32.36 -94.70 6.19
N ASP G 89 -32.42 -95.61 5.23
CA ASP G 89 -33.68 -95.95 4.58
C ASP G 89 -34.38 -97.10 5.31
N CYS G 90 -34.57 -96.93 6.62
CA CYS G 90 -35.34 -97.87 7.42
C CYS G 90 -34.95 -99.31 7.11
N GLY G 91 -33.64 -99.54 7.04
CA GLY G 91 -33.14 -100.84 6.62
C GLY G 91 -33.47 -101.10 5.17
N GLY G 92 -34.25 -102.15 4.91
CA GLY G 92 -34.57 -102.54 3.56
C GLY G 92 -35.27 -101.46 2.76
N SER G 93 -36.34 -100.89 3.29
CA SER G 93 -37.12 -99.92 2.53
C SER G 93 -38.10 -99.21 3.44
N TYR G 94 -38.25 -97.90 3.20
CA TYR G 94 -39.30 -97.09 3.76
C TYR G 94 -39.93 -96.30 2.62
N ALA G 95 -41.15 -95.81 2.84
CA ALA G 95 -41.87 -95.18 1.73
C ALA G 95 -41.20 -93.87 1.35
N GLY G 96 -41.30 -92.86 2.21
CA GLY G 96 -40.59 -91.61 2.05
C GLY G 96 -40.74 -90.96 0.69
N SER G 97 -39.93 -89.91 0.44
CA SER G 97 -39.84 -89.30 -0.87
C SER G 97 -38.42 -88.84 -1.19
N TYR G 98 -37.45 -89.15 -0.34
CA TYR G 98 -36.06 -88.77 -0.53
C TYR G 98 -35.28 -89.98 -1.03
N GLN G 99 -34.09 -89.72 -1.58
CA GLN G 99 -33.18 -90.78 -1.96
C GLN G 99 -31.92 -90.69 -1.11
N LEU G 100 -31.59 -91.77 -0.43
CA LEU G 100 -30.63 -91.78 0.64
C LEU G 100 -29.20 -91.76 0.08
N ALA G 101 -28.23 -91.67 0.99
CA ALA G 101 -26.82 -91.61 0.63
C ALA G 101 -26.04 -92.64 1.44
N GLY G 102 -24.96 -93.14 0.84
CA GLY G 102 -24.30 -94.33 1.36
C GLY G 102 -22.80 -94.25 1.58
N TYR G 103 -22.30 -93.15 2.13
CA TYR G 103 -20.92 -92.94 2.54
C TYR G 103 -20.00 -92.60 1.38
N CYS G 104 -20.44 -92.72 0.13
CA CYS G 104 -19.65 -92.23 -0.99
C CYS G 104 -20.61 -91.74 -2.07
N GLU G 105 -20.92 -90.45 -2.04
CA GLU G 105 -21.67 -89.81 -3.10
C GLU G 105 -21.30 -88.34 -3.14
N PRO G 106 -20.49 -87.91 -4.10
CA PRO G 106 -20.07 -86.52 -4.19
C PRO G 106 -21.09 -85.50 -3.77
N GLY G 107 -22.37 -85.73 -4.07
CA GLY G 107 -23.42 -84.85 -3.60
C GLY G 107 -23.82 -85.14 -2.16
N SER G 108 -22.83 -85.39 -1.31
CA SER G 108 -23.11 -85.72 0.08
C SER G 108 -23.61 -84.49 0.82
N SER G 109 -24.93 -84.32 0.84
CA SER G 109 -25.52 -83.17 1.52
C SER G 109 -26.64 -83.66 2.42
N TRP G 110 -26.73 -83.05 3.59
CA TRP G 110 -27.81 -83.27 4.54
C TRP G 110 -28.98 -82.38 4.18
N ILE G 111 -30.15 -82.70 4.73
CA ILE G 111 -31.33 -81.88 4.46
C ILE G 111 -31.13 -80.47 4.99
N HIS G 112 -30.43 -80.34 6.12
CA HIS G 112 -30.34 -79.04 6.78
C HIS G 112 -29.28 -78.14 6.16
N CYS G 113 -28.46 -78.68 5.26
CA CYS G 113 -27.40 -77.88 4.66
C CYS G 113 -27.96 -76.81 3.73
N SER G 114 -27.35 -75.63 3.79
CA SER G 114 -27.83 -74.49 3.01
C SER G 114 -27.81 -74.77 1.52
N PRO G 115 -26.73 -75.24 0.92
CA PRO G 115 -26.73 -75.48 -0.52
C PRO G 115 -27.82 -76.43 -0.97
N TYR G 116 -28.08 -77.50 -0.22
CA TYR G 116 -29.19 -78.38 -0.54
C TYR G 116 -30.54 -77.73 -0.35
N GLY G 117 -30.68 -76.84 0.63
CA GLY G 117 -31.98 -76.22 0.83
C GLY G 117 -32.51 -75.45 -0.36
N ASN G 118 -31.64 -75.04 -1.28
CA ASN G 118 -32.06 -74.25 -2.42
C ASN G 118 -31.58 -74.84 -3.75
N SER G 119 -31.58 -76.16 -3.84
CA SER G 119 -31.40 -76.88 -5.10
C SER G 119 -30.05 -76.61 -5.74
N GLU G 120 -29.02 -76.37 -4.93
CA GLU G 120 -27.66 -76.22 -5.43
C GLU G 120 -26.93 -77.56 -5.24
N LEU G 121 -26.59 -78.20 -6.35
CA LEU G 121 -25.68 -79.33 -6.34
C LEU G 121 -24.26 -78.80 -6.26
N CYS G 122 -23.46 -79.34 -5.35
CA CYS G 122 -22.12 -78.82 -5.10
C CYS G 122 -21.10 -79.91 -5.42
N VAL G 123 -20.13 -79.57 -6.27
CA VAL G 123 -19.08 -80.50 -6.68
C VAL G 123 -18.06 -80.56 -5.56
N ASP G 124 -18.07 -81.65 -4.81
CA ASP G 124 -17.22 -81.79 -3.63
C ASP G 124 -15.97 -82.62 -3.92
N GLU G 125 -16.00 -83.46 -4.93
CA GLU G 125 -14.81 -84.22 -5.32
C GLU G 125 -13.84 -83.32 -6.07
N ASP G 126 -12.57 -83.35 -5.65
CA ASP G 126 -11.60 -82.46 -6.25
C ASP G 126 -11.23 -82.86 -7.67
N GLU G 127 -11.22 -84.16 -7.96
CA GLU G 127 -10.76 -84.60 -9.26
C GLU G 127 -11.69 -84.16 -10.38
N ILE G 128 -12.97 -83.93 -10.06
CA ILE G 128 -13.92 -83.43 -11.04
C ILE G 128 -13.94 -81.91 -11.06
N TYR G 129 -13.84 -81.27 -9.90
CA TYR G 129 -13.82 -79.82 -9.87
C TYR G 129 -12.59 -79.26 -10.56
N ARG G 130 -11.44 -79.93 -10.41
CA ARG G 130 -10.23 -79.51 -11.11
C ARG G 130 -10.42 -79.58 -12.62
N SER G 131 -11.04 -80.65 -13.10
CA SER G 131 -11.31 -80.77 -14.53
C SER G 131 -12.26 -79.68 -14.99
N LEU G 132 -13.29 -79.38 -14.18
CA LEU G 132 -14.20 -78.30 -14.53
C LEU G 132 -13.49 -76.95 -14.60
N LEU G 133 -12.55 -76.71 -13.70
CA LEU G 133 -11.79 -75.45 -13.74
C LEU G 133 -10.89 -75.38 -14.97
N LYS G 134 -10.21 -76.48 -15.27
CA LYS G 134 -9.40 -76.53 -16.49
C LYS G 134 -10.24 -76.27 -17.72
N ALA G 135 -11.47 -76.78 -17.77
CA ALA G 135 -12.38 -76.46 -18.86
C ALA G 135 -12.78 -74.99 -18.85
N ARG G 136 -13.06 -74.43 -17.67
CA ARG G 136 -13.49 -73.04 -17.56
C ARG G 136 -12.42 -72.09 -18.07
N ARG G 137 -11.16 -72.51 -18.03
CA ARG G 137 -10.10 -71.66 -18.58
C ARG G 137 -10.36 -71.31 -20.04
N TYR G 138 -10.98 -72.21 -20.79
CA TYR G 138 -11.24 -71.95 -22.20
C TYR G 138 -12.40 -70.98 -22.38
N GLN G 139 -13.45 -71.10 -21.56
CA GLN G 139 -14.51 -70.10 -21.58
C GLN G 139 -13.99 -68.72 -21.23
N MET G 140 -13.16 -68.62 -20.18
CA MET G 140 -12.46 -67.38 -19.88
C MET G 140 -12.00 -66.69 -21.16
N LEU G 141 -11.18 -67.39 -21.94
CA LEU G 141 -10.50 -66.82 -23.07
C LEU G 141 -11.37 -66.78 -24.32
N GLY G 142 -12.55 -67.39 -24.29
CA GLY G 142 -13.39 -67.42 -25.47
C GLY G 142 -12.85 -68.29 -26.57
N LEU G 143 -12.28 -69.45 -26.23
CA LEU G 143 -11.75 -70.39 -27.20
C LEU G 143 -12.85 -71.39 -27.56
N TYR G 144 -13.57 -71.08 -28.64
CA TYR G 144 -14.68 -71.91 -29.08
C TYR G 144 -14.32 -72.85 -30.22
N ASP G 145 -13.11 -72.75 -30.79
CA ASP G 145 -12.75 -73.58 -31.92
C ASP G 145 -12.66 -75.05 -31.50
N ILE G 146 -12.75 -75.94 -32.49
CA ILE G 146 -12.73 -77.37 -32.23
C ILE G 146 -11.43 -77.79 -31.56
N GLU G 147 -10.30 -77.26 -32.01
CA GLU G 147 -9.02 -77.68 -31.44
C GLU G 147 -8.91 -77.29 -29.97
N SER G 148 -9.81 -76.44 -29.48
CA SER G 148 -9.84 -76.11 -28.06
C SER G 148 -10.95 -76.82 -27.32
N LEU G 149 -12.13 -76.97 -27.94
CA LEU G 149 -13.20 -77.71 -27.30
C LEU G 149 -12.85 -79.18 -27.14
N HIS G 150 -12.19 -79.77 -28.13
CA HIS G 150 -11.70 -81.14 -27.99
C HIS G 150 -10.67 -81.28 -26.88
N GLU G 151 -9.74 -80.34 -26.77
CA GLU G 151 -8.79 -80.35 -25.67
C GLU G 151 -9.48 -80.21 -24.31
N ALA G 152 -10.49 -79.36 -24.22
CA ALA G 152 -11.23 -79.22 -22.97
C ALA G 152 -11.97 -80.51 -22.63
N LEU G 153 -12.58 -81.14 -23.63
CA LEU G 153 -13.27 -82.41 -23.43
C LEU G 153 -12.31 -83.49 -22.97
N GLN G 154 -11.09 -83.55 -23.51
CA GLN G 154 -10.14 -84.53 -23.02
C GLN G 154 -9.90 -84.38 -21.54
N ILE G 155 -9.72 -83.15 -21.07
CA ILE G 155 -9.51 -82.88 -19.65
C ILE G 155 -10.72 -83.28 -18.83
N VAL G 156 -11.92 -82.95 -19.31
CA VAL G 156 -13.13 -83.17 -18.53
C VAL G 156 -13.43 -84.66 -18.41
N TRP G 157 -13.32 -85.38 -19.52
CA TRP G 157 -13.77 -86.77 -19.59
C TRP G 157 -12.67 -87.77 -19.84
N GLY G 158 -11.91 -87.63 -20.93
CA GLY G 158 -10.87 -88.61 -21.21
C GLY G 158 -10.36 -88.56 -22.63
N GLU G 159 -9.43 -89.48 -22.94
CA GLU G 159 -8.79 -89.47 -24.24
C GLU G 159 -9.76 -89.76 -25.38
N ASP G 160 -10.83 -90.48 -25.11
CA ASP G 160 -11.77 -90.87 -26.17
C ASP G 160 -12.86 -89.84 -26.41
N ALA G 161 -12.88 -88.73 -25.69
CA ALA G 161 -13.90 -87.72 -25.93
C ALA G 161 -13.75 -87.14 -27.33
N MET G 162 -14.88 -86.73 -27.92
CA MET G 162 -14.80 -86.11 -29.24
C MET G 162 -16.02 -85.23 -29.49
N VAL G 163 -15.82 -84.25 -30.37
CA VAL G 163 -16.87 -83.35 -30.86
C VAL G 163 -17.30 -83.84 -32.24
N ALA G 164 -18.60 -83.99 -32.45
CA ALA G 164 -19.12 -84.76 -33.56
C ALA G 164 -19.62 -83.94 -34.74
N GLU G 165 -20.62 -83.09 -34.54
CA GLU G 165 -21.35 -82.49 -35.65
C GLU G 165 -21.51 -81.01 -35.41
N THR G 166 -21.75 -80.27 -36.50
CA THR G 166 -21.94 -78.82 -36.45
C THR G 166 -23.19 -78.49 -37.26
N LYS G 167 -24.37 -78.67 -36.64
CA LYS G 167 -25.62 -78.34 -37.31
C LYS G 167 -25.79 -76.83 -37.28
N VAL G 168 -27.00 -76.36 -37.54
CA VAL G 168 -27.30 -74.94 -37.40
C VAL G 168 -27.56 -74.65 -35.93
N GLY G 169 -26.52 -74.26 -35.20
CA GLY G 169 -26.70 -73.83 -33.83
C GLY G 169 -26.63 -74.93 -32.80
N GLN G 170 -25.93 -76.01 -33.09
CA GLN G 170 -25.99 -77.18 -32.22
C GLN G 170 -24.70 -77.98 -32.38
N VAL G 171 -23.99 -78.19 -31.28
CA VAL G 171 -22.78 -78.99 -31.28
C VAL G 171 -22.96 -80.17 -30.34
N VAL G 172 -22.55 -81.34 -30.82
CA VAL G 172 -22.69 -82.60 -30.08
C VAL G 172 -21.31 -83.05 -29.63
N VAL G 173 -21.25 -83.58 -28.41
CA VAL G 173 -20.02 -84.09 -27.82
C VAL G 173 -20.27 -85.50 -27.30
N THR G 174 -19.18 -86.20 -27.00
CA THR G 174 -19.28 -87.54 -26.43
C THR G 174 -18.04 -87.78 -25.57
N PRO G 175 -18.17 -88.50 -24.45
CA PRO G 175 -16.98 -88.88 -23.68
C PRO G 175 -16.22 -90.05 -24.28
N GLY G 176 -16.91 -90.97 -24.94
CA GLY G 176 -16.27 -92.15 -25.47
C GLY G 176 -16.10 -93.26 -24.46
N ARG G 177 -16.98 -93.35 -23.48
CA ARG G 177 -16.92 -94.39 -22.46
C ARG G 177 -18.15 -94.26 -21.57
N SER G 178 -18.44 -95.32 -20.83
CA SER G 178 -19.62 -95.31 -19.97
C SER G 178 -19.36 -94.45 -18.73
N LEU G 179 -20.10 -93.34 -18.64
CA LEU G 179 -20.00 -92.48 -17.46
C LEU G 179 -20.53 -93.21 -16.24
N THR G 180 -19.91 -92.93 -15.09
CA THR G 180 -20.40 -93.45 -13.83
C THR G 180 -21.55 -92.59 -13.33
N ALA G 181 -22.12 -92.97 -12.19
CA ALA G 181 -23.18 -92.17 -11.59
C ALA G 181 -22.70 -90.78 -11.19
N THR G 182 -21.50 -90.69 -10.62
CA THR G 182 -20.94 -89.40 -10.26
C THR G 182 -20.92 -88.46 -11.46
N GLU G 183 -20.26 -88.89 -12.54
CA GLU G 183 -20.13 -88.07 -13.73
C GLU G 183 -21.49 -87.81 -14.37
N THR G 184 -22.40 -88.78 -14.33
CA THR G 184 -23.73 -88.56 -14.86
C THR G 184 -24.43 -87.43 -14.11
N ARG G 185 -24.35 -87.45 -12.79
CA ARG G 185 -25.03 -86.42 -12.01
C ARG G 185 -24.33 -85.06 -12.14
N TYR G 186 -23.04 -85.07 -12.44
CA TYR G 186 -22.32 -83.84 -12.66
C TYR G 186 -22.40 -83.34 -14.10
N LEU G 187 -22.97 -84.13 -15.00
CA LEU G 187 -23.11 -83.70 -16.38
C LEU G 187 -23.83 -82.36 -16.53
N PRO G 188 -24.94 -82.09 -15.85
CA PRO G 188 -25.55 -80.76 -15.97
C PRO G 188 -24.60 -79.62 -15.63
N ILE G 189 -23.60 -79.86 -14.78
CA ILE G 189 -22.64 -78.82 -14.46
C ILE G 189 -21.50 -78.75 -15.48
N VAL G 190 -21.22 -79.85 -16.19
CA VAL G 190 -20.09 -79.87 -17.10
C VAL G 190 -20.35 -78.99 -18.30
N PHE G 191 -21.57 -79.03 -18.83
CA PHE G 191 -21.93 -78.21 -19.97
C PHE G 191 -22.15 -76.75 -19.61
N ARG G 192 -22.17 -76.42 -18.31
CA ARG G 192 -22.08 -75.04 -17.88
C ARG G 192 -20.66 -74.51 -17.89
N ALA G 193 -19.68 -75.39 -18.09
CA ALA G 193 -18.27 -75.03 -18.09
C ALA G 193 -17.61 -75.23 -19.43
N LEU G 194 -18.13 -76.10 -20.29
CA LEU G 194 -17.48 -76.31 -21.56
C LEU G 194 -17.46 -75.04 -22.40
N PRO G 195 -16.44 -74.85 -23.23
CA PRO G 195 -16.38 -73.66 -24.10
C PRO G 195 -17.22 -73.78 -25.36
N ILE G 196 -18.52 -73.53 -25.22
CA ILE G 196 -19.49 -73.55 -26.30
C ILE G 196 -20.03 -72.14 -26.47
N ALA G 197 -19.96 -71.62 -27.69
CA ALA G 197 -20.33 -70.23 -27.91
C ALA G 197 -21.78 -70.01 -27.49
N PRO G 198 -22.09 -68.88 -26.86
CA PRO G 198 -23.50 -68.60 -26.52
C PRO G 198 -24.35 -68.58 -27.78
N GLY G 199 -25.60 -69.04 -27.62
CA GLY G 199 -26.48 -69.17 -28.75
C GLY G 199 -26.30 -70.43 -29.55
N ILE G 200 -25.55 -71.40 -29.03
CA ILE G 200 -25.41 -72.71 -29.65
C ILE G 200 -25.65 -73.77 -28.59
N LYS G 201 -26.58 -74.69 -28.86
CA LYS G 201 -26.94 -75.70 -27.88
C LYS G 201 -25.90 -76.81 -27.87
N GLY G 202 -25.40 -77.14 -26.68
CA GLY G 202 -24.56 -78.30 -26.52
C GLY G 202 -25.40 -79.54 -26.27
N MET G 203 -24.97 -80.65 -26.85
CA MET G 203 -25.67 -81.92 -26.75
C MET G 203 -24.72 -82.94 -26.14
N ILE G 204 -25.15 -84.21 -26.17
CA ILE G 204 -24.29 -85.31 -25.73
C ILE G 204 -24.80 -86.57 -26.40
N HIS G 205 -23.88 -87.46 -26.72
CA HIS G 205 -24.21 -88.75 -27.28
C HIS G 205 -24.90 -89.62 -26.23
N ILE G 206 -25.86 -90.45 -26.68
CA ILE G 206 -26.60 -91.31 -25.76
C ILE G 206 -25.70 -92.22 -24.94
N ASP G 207 -25.01 -93.16 -25.59
CA ASP G 207 -24.30 -94.21 -24.90
C ASP G 207 -22.88 -93.81 -24.53
N GLN G 208 -22.52 -92.55 -24.76
CA GLN G 208 -21.22 -92.03 -24.36
C GLN G 208 -20.08 -92.78 -25.03
N GLY G 209 -20.31 -93.32 -26.21
CA GLY G 209 -19.33 -94.17 -26.87
C GLY G 209 -18.80 -93.56 -28.15
N PRO G 210 -17.59 -93.94 -28.54
CA PRO G 210 -17.00 -93.36 -29.76
C PRO G 210 -17.92 -93.55 -30.95
N ILE G 211 -18.02 -92.51 -31.75
CA ILE G 211 -18.97 -92.47 -32.86
C ILE G 211 -18.41 -93.21 -34.06
N ALA G 212 -19.29 -93.90 -34.77
CA ALA G 212 -18.92 -94.68 -35.93
C ALA G 212 -19.33 -93.94 -37.20
N GLY G 213 -18.97 -94.53 -38.34
CA GLY G 213 -19.13 -93.86 -39.62
C GLY G 213 -17.86 -93.97 -40.44
N TYR G 214 -17.30 -92.83 -40.84
CA TYR G 214 -16.11 -92.83 -41.69
C TYR G 214 -15.16 -91.76 -41.18
N GLY G 215 -13.96 -91.76 -41.74
CA GLY G 215 -12.92 -90.81 -41.38
C GLY G 215 -11.63 -91.51 -41.06
N ASP G 216 -10.64 -90.70 -40.69
CA ASP G 216 -9.31 -91.24 -40.39
C ASP G 216 -9.14 -91.62 -38.93
N GLY G 217 -9.23 -90.66 -38.02
CA GLY G 217 -9.16 -90.98 -36.60
C GLY G 217 -10.57 -91.22 -36.11
N TRP G 218 -10.96 -92.48 -35.99
CA TRP G 218 -12.39 -92.76 -35.98
C TRP G 218 -12.58 -94.13 -35.34
N ALA G 219 -13.85 -94.47 -35.09
CA ALA G 219 -14.20 -95.77 -34.54
C ALA G 219 -15.06 -96.52 -35.55
N GLY G 220 -14.73 -97.78 -35.77
CA GLY G 220 -15.42 -98.62 -36.74
C GLY G 220 -16.54 -99.41 -36.11
N TYR G 221 -16.64 -100.68 -36.50
CA TYR G 221 -17.66 -101.56 -35.94
C TYR G 221 -17.39 -101.85 -34.48
N CYS G 222 -16.27 -102.51 -34.18
CA CYS G 222 -15.94 -102.85 -32.81
C CYS G 222 -15.55 -101.57 -32.07
N GLY G 223 -16.40 -101.14 -31.13
CA GLY G 223 -16.16 -99.99 -30.30
C GLY G 223 -16.94 -98.74 -30.72
N GLY G 224 -17.40 -98.68 -31.97
CA GLY G 224 -18.13 -97.52 -32.44
C GLY G 224 -19.64 -97.71 -32.36
N ASP G 225 -20.35 -96.61 -32.60
CA ASP G 225 -21.82 -96.63 -32.56
C ASP G 225 -22.34 -95.49 -33.43
N TRP G 226 -23.66 -95.44 -33.56
CA TRP G 226 -24.32 -94.47 -34.42
C TRP G 226 -24.64 -93.20 -33.63
N LEU G 227 -24.62 -92.07 -34.32
CA LEU G 227 -24.75 -90.78 -33.66
C LEU G 227 -26.20 -90.53 -33.28
N CYS G 228 -26.43 -90.19 -32.01
CA CYS G 228 -27.77 -89.94 -31.50
C CYS G 228 -27.71 -88.83 -30.45
N PRO G 229 -27.83 -87.56 -30.85
CA PRO G 229 -27.76 -86.47 -29.89
C PRO G 229 -29.03 -86.32 -29.06
N VAL G 230 -28.84 -85.99 -27.78
CA VAL G 230 -29.95 -85.77 -26.87
C VAL G 230 -29.69 -84.53 -26.04
N ASP G 231 -30.76 -83.90 -25.58
CA ASP G 231 -30.66 -82.71 -24.76
C ASP G 231 -30.16 -83.04 -23.36
N PRO G 232 -29.09 -82.41 -22.88
CA PRO G 232 -28.62 -82.70 -21.51
C PRO G 232 -29.38 -81.95 -20.42
N HIS G 233 -30.20 -80.97 -20.77
CA HIS G 233 -30.97 -80.18 -19.80
C HIS G 233 -30.02 -79.59 -18.75
N ALA G 234 -28.99 -78.92 -19.24
CA ALA G 234 -28.01 -78.31 -18.35
C ALA G 234 -28.57 -77.10 -17.61
N TYR G 235 -29.42 -76.31 -18.26
CA TYR G 235 -29.92 -75.06 -17.71
C TYR G 235 -31.41 -75.08 -17.42
N THR G 236 -32.14 -76.10 -17.87
CA THR G 236 -33.59 -76.08 -17.80
C THR G 236 -34.09 -77.40 -17.23
N CYS G 237 -35.22 -77.33 -16.52
CA CYS G 237 -35.94 -78.53 -16.16
C CYS G 237 -36.64 -79.13 -17.38
N SER G 238 -37.17 -78.28 -18.25
CA SER G 238 -37.88 -78.71 -19.44
C SER G 238 -36.93 -79.37 -20.44
N MET H 1 41.28 30.81 -64.87
CA MET H 1 40.58 30.10 -63.81
C MET H 1 39.12 29.85 -64.17
N THR H 2 38.89 28.91 -65.08
CA THR H 2 37.53 28.57 -65.48
C THR H 2 36.72 28.03 -64.31
N TYR H 3 37.35 27.33 -63.38
CA TYR H 3 36.63 26.71 -62.28
C TYR H 3 36.42 27.72 -61.17
N GLY H 4 35.51 27.39 -60.26
CA GLY H 4 35.16 28.28 -59.18
C GLY H 4 33.91 29.07 -59.47
N VAL H 5 33.89 30.33 -59.04
CA VAL H 5 32.75 31.20 -59.30
C VAL H 5 32.95 31.85 -60.66
N GLN H 6 32.00 31.64 -61.56
CA GLN H 6 32.06 32.23 -62.90
C GLN H 6 30.75 32.92 -63.19
N PRO H 7 30.71 33.84 -64.15
CA PRO H 7 29.45 34.55 -64.41
C PRO H 7 28.31 33.62 -64.79
N THR H 8 28.61 32.41 -65.24
CA THR H 8 27.58 31.42 -65.55
C THR H 8 27.17 30.58 -64.36
N GLY H 9 27.75 30.81 -63.18
CA GLY H 9 27.44 30.05 -61.99
C GLY H 9 28.71 29.58 -61.32
N TYR H 10 28.58 28.59 -60.44
CA TYR H 10 29.72 28.01 -59.77
C TYR H 10 30.15 26.75 -60.53
N VAL H 11 31.37 26.75 -61.05
CA VAL H 11 31.88 25.69 -61.90
C VAL H 11 32.72 24.76 -61.04
N LYS H 12 32.44 23.46 -61.12
CA LYS H 12 33.05 22.45 -60.27
C LYS H 12 34.14 21.70 -61.02
N LYS H 13 35.34 21.71 -60.45
CA LYS H 13 36.45 20.97 -61.05
C LYS H 13 36.19 19.47 -60.86
N PRO H 14 36.13 18.69 -61.94
CA PRO H 14 35.79 17.27 -61.79
C PRO H 14 36.83 16.49 -61.01
N LEU H 15 36.37 15.40 -60.39
CA LEU H 15 37.27 14.52 -59.68
C LEU H 15 38.38 14.02 -60.60
N ALA H 16 38.06 13.79 -61.87
CA ALA H 16 39.08 13.38 -62.83
C ALA H 16 40.18 14.43 -62.94
N VAL H 17 39.81 15.71 -62.98
CA VAL H 17 40.81 16.76 -63.09
C VAL H 17 41.61 16.88 -61.80
N HIS H 18 40.97 16.73 -60.65
CA HIS H 18 41.73 16.70 -59.40
C HIS H 18 42.78 15.61 -59.44
N LEU H 19 42.38 14.41 -59.85
CA LEU H 19 43.31 13.30 -59.90
C LEU H 19 44.41 13.55 -60.91
N ALA H 20 44.08 14.16 -62.05
CA ALA H 20 45.10 14.44 -63.05
C ALA H 20 46.15 15.40 -62.52
N GLU H 21 45.71 16.46 -61.82
CA GLU H 21 46.68 17.37 -61.24
C GLU H 21 47.54 16.72 -60.18
N ILE H 22 46.96 15.87 -59.31
CA ILE H 22 47.78 15.18 -58.33
C ILE H 22 48.78 14.27 -59.03
N GLU H 23 48.34 13.56 -60.08
CA GLU H 23 49.22 12.65 -60.78
C GLU H 23 50.39 13.40 -61.41
N ALA H 24 50.12 14.56 -61.98
CA ALA H 24 51.20 15.40 -62.51
C ALA H 24 52.15 15.84 -61.41
N SER H 25 51.60 16.27 -60.26
CA SER H 25 52.45 16.65 -59.14
C SER H 25 53.33 15.51 -58.66
N MET H 26 52.87 14.27 -58.81
CA MET H 26 53.68 13.11 -58.41
C MET H 26 54.69 12.71 -59.46
N VAL H 27 54.38 12.89 -60.74
CA VAL H 27 55.38 12.65 -61.78
C VAL H 27 56.51 13.67 -61.67
N ASP H 28 56.18 14.91 -61.29
CA ASP H 28 57.23 15.91 -61.06
C ASP H 28 58.13 15.52 -59.89
N LEU H 29 57.61 14.73 -58.94
CA LEU H 29 58.34 14.42 -57.72
C LEU H 29 59.15 13.14 -57.86
N PHE H 30 58.49 12.03 -58.17
CA PHE H 30 59.14 10.73 -58.27
C PHE H 30 59.69 10.43 -59.64
N GLY H 31 59.34 11.20 -60.66
CA GLY H 31 59.85 10.98 -61.99
C GLY H 31 58.90 10.15 -62.83
N PRO H 32 59.18 10.06 -64.13
CA PRO H 32 58.26 9.36 -65.05
C PRO H 32 58.08 7.88 -64.74
N GLY H 33 59.00 7.26 -64.02
CA GLY H 33 58.91 5.85 -63.73
C GLY H 33 57.97 5.47 -62.60
N VAL H 34 57.29 6.44 -62.00
CA VAL H 34 56.39 6.12 -60.90
C VAL H 34 55.18 5.33 -61.42
N ILE H 35 54.73 4.36 -60.62
CA ILE H 35 53.57 3.54 -60.94
C ILE H 35 52.42 4.04 -60.08
N GLN H 36 51.31 4.40 -60.74
CA GLN H 36 50.17 5.03 -60.09
C GLN H 36 48.87 4.34 -60.47
N THR H 37 48.92 3.04 -60.77
CA THR H 37 47.72 2.30 -61.04
C THR H 37 46.74 2.45 -59.89
N GLU H 38 45.45 2.38 -60.20
CA GLU H 38 44.43 2.64 -59.21
C GLU H 38 44.46 1.64 -58.06
N GLN H 39 45.14 0.50 -58.24
CA GLN H 39 45.31 -0.48 -57.17
C GLN H 39 46.63 -0.38 -56.43
N SER H 40 47.61 0.35 -56.97
CA SER H 40 48.92 0.45 -56.36
C SER H 40 48.90 1.36 -55.14
N PRO H 41 49.89 1.22 -54.25
CA PRO H 41 49.88 2.03 -53.02
C PRO H 41 49.82 3.52 -53.26
N LEU H 42 50.52 4.04 -54.26
CA LEU H 42 50.48 5.47 -54.52
C LEU H 42 49.19 5.88 -55.20
N GLY H 43 48.67 5.05 -56.10
CA GLY H 43 47.38 5.32 -56.71
C GLY H 43 46.27 5.41 -55.69
N GLN H 44 46.32 4.59 -54.65
CA GLN H 44 45.31 4.68 -53.59
C GLN H 44 45.36 6.01 -52.87
N LEU H 45 46.56 6.47 -52.51
CA LEU H 45 46.66 7.77 -51.84
C LEU H 45 46.17 8.89 -52.75
N ASN H 46 46.52 8.81 -54.03
CA ASN H 46 46.08 9.82 -54.98
C ASN H 46 44.55 9.84 -55.07
N GLY H 47 43.93 8.66 -55.12
CA GLY H 47 42.48 8.62 -55.13
C GLY H 47 41.87 9.21 -53.88
N LEU H 48 42.42 8.88 -52.72
CA LEU H 48 41.89 9.41 -51.46
C LEU H 48 41.93 10.93 -51.44
N TYR H 49 43.08 11.52 -51.75
CA TYR H 49 43.18 12.97 -51.64
C TYR H 49 42.51 13.69 -52.81
N ALA H 50 42.41 13.09 -53.99
CA ALA H 50 41.57 13.67 -55.04
C ALA H 50 40.11 13.72 -54.60
N ASP H 51 39.64 12.65 -53.96
CA ASP H 51 38.27 12.65 -53.47
C ASP H 51 38.08 13.70 -52.38
N LEU H 52 39.07 13.88 -51.52
CA LEU H 52 38.95 14.91 -50.48
C LEU H 52 38.92 16.31 -51.09
N SER H 53 39.72 16.54 -52.13
CA SER H 53 39.67 17.84 -52.81
C SER H 53 38.31 18.05 -53.46
N TYR H 54 37.76 17.03 -54.11
CA TYR H 54 36.44 17.17 -54.70
C TYR H 54 35.37 17.40 -53.63
N ASP H 55 35.53 16.78 -52.46
CA ASP H 55 34.67 17.05 -51.34
C ASP H 55 34.73 18.51 -50.92
N LEU H 56 35.92 19.12 -50.93
CA LEU H 56 36.00 20.56 -50.74
C LEU H 56 35.24 21.31 -51.83
N ASP H 57 35.30 20.81 -53.06
CA ASP H 57 34.54 21.47 -54.13
C ASP H 57 33.04 21.49 -53.85
N GLU H 58 32.49 20.39 -53.34
CA GLU H 58 31.08 20.46 -52.94
C GLU H 58 30.85 21.52 -51.88
N ARG H 59 31.79 21.69 -50.94
CA ARG H 59 31.61 22.74 -49.94
C ARG H 59 31.57 24.11 -50.60
N GLY H 60 32.37 24.29 -51.64
CA GLY H 60 32.32 25.54 -52.38
C GLY H 60 30.96 25.77 -53.02
N GLU H 61 30.43 24.74 -53.69
CA GLU H 61 29.11 24.88 -54.29
C GLU H 61 28.05 25.14 -53.23
N ASP H 62 28.17 24.50 -52.07
CA ASP H 62 27.20 24.69 -51.01
C ASP H 62 27.24 26.10 -50.46
N LEU H 63 28.44 26.65 -50.27
CA LEU H 63 28.56 28.03 -49.83
C LEU H 63 27.96 28.98 -50.86
N TYR H 64 28.19 28.70 -52.15
CA TYR H 64 27.60 29.53 -53.18
C TYR H 64 26.07 29.44 -53.16
N GLN H 65 25.53 28.25 -53.02
CA GLN H 65 24.09 28.05 -53.08
C GLN H 65 23.37 28.46 -51.81
N SER H 66 24.07 28.57 -50.69
CA SER H 66 23.45 28.91 -49.43
C SER H 66 22.82 30.29 -49.42
N PHE H 67 23.14 31.13 -50.39
CA PHE H 67 22.61 32.49 -50.43
C PHE H 67 22.08 32.78 -51.83
N ASP H 68 21.32 31.81 -52.33
CA ASP H 68 20.57 31.92 -53.57
C ASP H 68 19.16 31.45 -53.23
N PRO H 69 18.15 32.31 -53.34
CA PRO H 69 16.82 31.92 -52.85
C PRO H 69 16.26 30.64 -53.46
N GLU H 70 16.64 30.27 -54.68
CA GLU H 70 16.14 29.01 -55.21
C GLU H 70 16.86 27.79 -54.65
N GLN H 71 17.94 27.96 -53.90
CA GLN H 71 18.65 26.81 -53.36
C GLN H 71 18.78 26.82 -51.84
N ALA H 72 18.56 27.94 -51.17
CA ALA H 72 18.64 27.96 -49.71
C ALA H 72 17.35 27.38 -49.12
N GLU H 73 17.43 27.02 -47.84
CA GLU H 73 16.30 26.38 -47.19
C GLU H 73 16.29 26.75 -45.72
N GLY H 74 15.09 26.94 -45.18
CA GLY H 74 14.93 27.09 -43.75
C GLY H 74 15.45 28.42 -43.26
N SER H 75 16.36 28.37 -42.28
CA SER H 75 16.82 29.58 -41.62
C SER H 75 17.55 30.49 -42.58
N ARG H 76 18.32 29.96 -43.52
CA ARG H 76 18.98 30.85 -44.48
C ARG H 76 17.99 31.49 -45.42
N LEU H 77 16.94 30.78 -45.80
CA LEU H 77 15.91 31.41 -46.61
C LEU H 77 15.26 32.56 -45.83
N ASP H 78 15.00 32.36 -44.54
CA ASP H 78 14.49 33.44 -43.70
C ASP H 78 15.47 34.60 -43.63
N ILE H 79 16.75 34.31 -43.46
CA ILE H 79 17.76 35.36 -43.34
C ILE H 79 17.89 36.15 -44.63
N LEU H 80 17.79 35.47 -45.77
CA LEU H 80 17.75 36.18 -47.05
C LEU H 80 16.50 37.05 -47.16
N ALA H 81 15.35 36.53 -46.75
CA ALA H 81 14.13 37.32 -46.76
C ALA H 81 14.21 38.51 -45.82
N ARG H 82 15.08 38.45 -44.83
CA ARG H 82 15.26 39.58 -43.92
C ARG H 82 15.97 40.75 -44.58
N TYR H 83 16.51 40.60 -45.79
CA TYR H 83 16.98 41.78 -46.52
C TYR H 83 15.83 42.70 -46.88
N ARG H 84 14.62 42.15 -46.97
CA ARG H 84 13.41 42.92 -47.20
C ARG H 84 12.39 42.78 -46.05
N LEU H 85 12.79 42.13 -44.95
CA LEU H 85 11.93 41.95 -43.79
C LEU H 85 10.65 41.20 -44.15
N LEU H 86 10.76 40.27 -45.09
CA LEU H 86 9.66 39.36 -45.34
C LEU H 86 9.70 38.26 -44.28
N SER H 87 8.55 37.63 -44.06
CA SER H 87 8.46 36.59 -43.05
C SER H 87 7.64 35.42 -43.59
N ARG H 88 7.83 34.27 -42.96
CA ARG H 88 7.18 33.03 -43.33
C ARG H 88 5.98 32.78 -42.44
N ARG H 89 4.85 32.41 -43.03
CA ARG H 89 3.65 32.12 -42.25
C ARG H 89 3.83 30.83 -41.47
N ALA H 90 2.75 30.38 -40.83
CA ALA H 90 2.75 29.06 -40.23
C ALA H 90 2.71 28.01 -41.32
N GLY H 91 3.68 27.09 -41.29
CA GLY H 91 3.65 25.97 -42.20
C GLY H 91 3.75 26.33 -43.66
N GLU H 92 4.24 27.52 -43.99
CA GLU H 92 4.47 27.88 -45.37
C GLU H 92 5.72 27.17 -45.88
N SER H 93 5.62 26.58 -47.07
CA SER H 93 6.73 25.83 -47.63
C SER H 93 7.83 26.76 -48.13
N ASP H 94 9.03 26.22 -48.20
CA ASP H 94 10.13 26.96 -48.80
C ASP H 94 9.78 27.39 -50.22
N GLU H 95 8.99 26.59 -50.93
CA GLU H 95 8.61 26.92 -52.30
C GLU H 95 7.79 28.21 -52.34
N SER H 96 6.72 28.26 -51.53
CA SER H 96 5.87 29.44 -51.51
C SER H 96 6.62 30.66 -51.01
N PHE H 97 7.41 30.49 -49.95
CA PHE H 97 8.17 31.62 -49.43
C PHE H 97 9.18 32.12 -50.46
N ARG H 98 9.79 31.19 -51.18
CA ARG H 98 10.76 31.52 -52.20
C ARG H 98 10.12 32.30 -53.36
N ARG H 99 8.92 31.88 -53.77
CA ARG H 99 8.19 32.67 -54.76
C ARG H 99 7.90 34.08 -54.25
N ALA H 100 7.44 34.19 -53.01
CA ALA H 100 7.21 35.50 -52.40
C ALA H 100 8.47 36.34 -52.31
N ILE H 101 9.64 35.71 -52.19
CA ILE H 101 10.90 36.45 -52.19
C ILE H 101 11.24 36.93 -53.59
N THR H 102 11.14 36.05 -54.59
CA THR H 102 11.64 36.38 -55.91
C THR H 102 10.72 37.30 -56.70
N ASN H 103 9.41 37.29 -56.43
CA ASN H 103 8.45 38.04 -57.23
C ASN H 103 8.43 37.54 -58.67
N VAL H 104 8.07 36.27 -58.83
CA VAL H 104 8.06 35.63 -60.13
C VAL H 104 7.09 36.38 -61.04
N ASP H 105 7.61 37.02 -62.08
CA ASP H 105 6.85 38.00 -62.84
C ASP H 105 5.97 38.85 -61.94
N ARG H 106 4.72 38.41 -61.75
CA ARG H 106 3.73 39.13 -60.95
C ARG H 106 3.21 40.37 -61.66
N ALA H 107 3.85 40.76 -62.76
CA ALA H 107 3.36 41.86 -63.60
C ALA H 107 3.28 43.20 -62.86
N ARG H 108 3.59 43.20 -61.56
CA ARG H 108 3.63 44.43 -60.79
C ARG H 108 4.76 44.29 -59.78
N ILE H 109 5.95 44.78 -60.14
CA ILE H 109 7.10 44.67 -59.25
C ILE H 109 6.87 45.39 -57.94
N ASP H 110 6.32 46.61 -57.98
CA ASP H 110 5.77 47.23 -56.79
C ASP H 110 4.41 46.62 -56.49
N LEU H 111 3.76 47.12 -55.43
CA LEU H 111 2.49 46.57 -54.95
C LEU H 111 2.64 45.12 -54.49
N SER H 112 3.85 44.60 -54.52
CA SER H 112 4.10 43.23 -54.11
C SER H 112 4.42 43.11 -52.62
N ASP H 113 5.08 44.10 -52.04
CA ASP H 113 5.29 44.09 -50.59
C ASP H 113 3.96 44.19 -49.85
N LEU H 114 3.06 45.06 -50.30
CA LEU H 114 1.74 45.13 -49.67
C LEU H 114 1.00 43.81 -49.80
N SER H 115 1.03 43.19 -50.97
CA SER H 115 0.35 41.91 -51.13
C SER H 115 0.95 40.87 -50.21
N THR H 116 2.27 40.81 -50.12
CA THR H 116 2.93 39.81 -49.30
C THR H 116 2.57 40.00 -47.82
N ALA H 117 2.53 41.25 -47.36
CA ALA H 117 2.24 41.50 -45.95
C ALA H 117 0.80 41.14 -45.60
N LEU H 118 -0.14 41.43 -46.51
CA LEU H 118 -1.52 41.01 -46.28
C LEU H 118 -1.64 39.51 -46.15
N SER H 119 -0.94 38.77 -47.02
CA SER H 119 -0.97 37.32 -46.91
C SER H 119 -0.32 36.85 -45.61
N ALA H 120 0.74 37.52 -45.17
CA ALA H 120 1.45 37.15 -43.97
C ALA H 120 0.65 37.41 -42.69
N ILE H 121 -0.23 38.41 -42.68
CA ILE H 121 -1.06 38.66 -41.50
C ILE H 121 -1.81 37.38 -41.12
N ASN H 122 -1.96 37.15 -39.82
CA ASN H 122 -2.54 35.89 -39.34
C ASN H 122 -4.02 35.82 -39.70
N GLY H 123 -4.42 34.68 -40.26
CA GLY H 123 -5.82 34.41 -40.56
C GLY H 123 -6.31 34.97 -41.88
N VAL H 124 -5.42 35.50 -42.72
CA VAL H 124 -5.82 36.03 -44.02
C VAL H 124 -5.86 34.89 -45.03
N SER H 125 -7.04 34.30 -45.21
CA SER H 125 -7.17 33.17 -46.13
C SER H 125 -6.86 33.59 -47.56
N TRP H 126 -7.29 34.79 -47.96
CA TRP H 126 -7.19 35.24 -49.34
C TRP H 126 -6.99 36.75 -49.35
N SER H 127 -6.19 37.24 -50.29
CA SER H 127 -5.88 38.66 -50.36
C SER H 127 -5.49 39.04 -51.79
N ARG H 128 -5.78 40.29 -52.14
CA ARG H 128 -5.53 40.83 -53.48
C ARG H 128 -5.39 42.34 -53.35
N VAL H 129 -4.57 42.92 -54.22
CA VAL H 129 -4.34 44.36 -54.26
C VAL H 129 -4.64 44.85 -55.66
N TYR H 130 -5.43 45.91 -55.77
CA TYR H 130 -5.83 46.48 -57.04
C TYR H 130 -5.48 47.96 -57.06
N VAL H 131 -5.16 48.48 -58.24
CA VAL H 131 -4.78 49.88 -58.36
C VAL H 131 -5.39 50.46 -59.63
N ASN H 132 -5.84 51.71 -59.52
CA ASN H 132 -6.28 52.52 -60.66
C ASN H 132 -5.46 53.80 -60.62
N GLU H 133 -4.32 53.79 -61.30
CA GLU H 133 -3.47 54.96 -61.39
C GLU H 133 -3.91 55.89 -62.51
N ASP H 134 -4.97 55.56 -63.23
CA ASP H 134 -5.45 56.38 -64.31
C ASP H 134 -6.40 57.45 -63.78
N ALA H 135 -6.62 58.47 -64.61
CA ALA H 135 -7.42 59.62 -64.24
C ALA H 135 -8.90 59.43 -64.52
N THR H 136 -9.31 58.23 -64.92
CA THR H 136 -10.72 57.92 -65.15
C THR H 136 -11.07 56.63 -64.43
N THR H 137 -12.31 56.55 -63.97
CA THR H 137 -12.76 55.37 -63.25
C THR H 137 -12.69 54.15 -64.15
N ASP H 138 -12.19 53.04 -63.61
CA ASP H 138 -12.11 51.82 -64.39
C ASP H 138 -13.48 51.15 -64.46
N ALA H 139 -13.60 50.17 -65.35
CA ALA H 139 -14.84 49.43 -65.48
C ALA H 139 -15.20 48.69 -64.20
N ASP H 140 -14.25 48.52 -63.29
CA ASP H 140 -14.47 47.79 -62.04
C ASP H 140 -14.91 48.70 -60.90
N GLY H 141 -15.09 49.99 -61.14
CA GLY H 141 -15.63 50.91 -60.16
C GLY H 141 -14.61 51.65 -59.33
N ILE H 142 -13.32 51.42 -59.54
CA ILE H 142 -12.28 52.03 -58.71
C ILE H 142 -12.03 53.46 -59.19
N PRO H 143 -12.20 54.48 -58.35
CA PRO H 143 -11.98 55.85 -58.80
C PRO H 143 -10.54 56.07 -59.21
N PRO H 144 -10.22 57.22 -59.80
CA PRO H 144 -8.85 57.48 -60.24
C PRO H 144 -7.89 57.59 -59.07
N ASN H 145 -6.63 57.25 -59.33
CA ASN H 145 -5.57 57.29 -58.33
C ASN H 145 -6.05 56.64 -57.02
N THR H 146 -6.53 55.40 -57.14
CA THR H 146 -7.12 54.73 -56.01
C THR H 146 -6.51 53.33 -55.87
N VAL H 147 -6.10 53.01 -54.64
CA VAL H 147 -5.53 51.71 -54.32
C VAL H 147 -6.58 50.97 -53.49
N SER H 148 -7.10 49.87 -54.02
CA SER H 148 -8.07 49.05 -53.33
C SER H 148 -7.41 47.76 -52.84
N VAL H 149 -7.94 47.23 -51.75
CA VAL H 149 -7.47 45.99 -51.16
C VAL H 149 -8.68 45.09 -50.93
N ALA H 150 -8.57 43.83 -51.36
CA ALA H 150 -9.57 42.81 -51.07
C ALA H 150 -8.94 41.76 -50.17
N VAL H 151 -9.68 41.32 -49.15
CA VAL H 151 -9.10 40.42 -48.16
C VAL H 151 -10.22 39.65 -47.48
N ILE H 152 -9.98 38.36 -47.24
CA ILE H 152 -10.88 37.49 -46.50
C ILE H 152 -10.15 37.05 -45.24
N GLY H 153 -10.74 37.33 -44.08
CA GLY H 153 -10.16 36.94 -42.81
C GLY H 153 -9.22 38.00 -42.26
N GLY H 154 -8.72 37.71 -41.06
CA GLY H 154 -7.82 38.62 -40.38
C GLY H 154 -8.55 39.66 -39.56
N ASP H 155 -7.87 40.27 -38.59
CA ASP H 155 -8.48 41.32 -37.81
C ASP H 155 -8.40 42.65 -38.53
N ASP H 156 -9.50 43.40 -38.45
CA ASP H 156 -9.58 44.69 -39.11
C ASP H 156 -8.49 45.63 -38.62
N ASP H 157 -8.22 45.65 -37.32
CA ASP H 157 -7.21 46.55 -36.80
C ASP H 157 -5.86 46.34 -37.48
N GLU H 158 -5.38 45.09 -37.49
CA GLU H 158 -4.07 44.79 -38.06
C GLU H 158 -4.06 45.01 -39.57
N VAL H 159 -5.11 44.58 -40.26
CA VAL H 159 -5.19 44.80 -41.70
C VAL H 159 -5.09 46.29 -42.02
N ALA H 160 -5.87 47.10 -41.32
CA ALA H 160 -5.91 48.53 -41.61
C ALA H 160 -4.58 49.18 -41.30
N GLN H 161 -3.96 48.81 -40.17
CA GLN H 161 -2.66 49.39 -39.86
C GLN H 161 -1.63 49.05 -40.92
N LEU H 162 -1.62 47.81 -41.42
CA LEU H 162 -0.68 47.44 -42.47
C LEU H 162 -0.94 48.23 -43.75
N VAL H 163 -2.20 48.29 -44.17
CA VAL H 163 -2.53 48.99 -45.40
C VAL H 163 -2.15 50.46 -45.30
N ARG H 164 -2.32 51.05 -44.11
CA ARG H 164 -1.98 52.46 -43.91
C ARG H 164 -0.49 52.70 -44.09
N ARG H 165 0.35 51.81 -43.57
CA ARG H 165 1.79 52.00 -43.68
C ARG H 165 2.34 51.59 -45.03
N TYR H 166 1.53 50.94 -45.87
CA TYR H 166 1.96 50.67 -47.23
C TYR H 166 1.40 51.63 -48.27
N VAL H 167 0.29 52.32 -47.97
CA VAL H 167 -0.30 53.28 -48.90
C VAL H 167 -0.02 54.69 -48.40
N VAL H 168 0.26 55.60 -49.32
CA VAL H 168 0.71 56.95 -48.95
C VAL H 168 -0.48 57.90 -48.90
N PRO H 169 -0.40 59.01 -48.17
CA PRO H 169 -1.50 59.97 -48.17
C PRO H 169 -1.68 60.62 -49.53
N GLY H 170 -2.88 61.16 -49.75
CA GLY H 170 -3.24 61.64 -51.06
C GLY H 170 -3.66 60.56 -52.01
N VAL H 171 -3.78 59.33 -51.55
CA VAL H 171 -4.21 58.20 -52.37
C VAL H 171 -5.46 57.62 -51.74
N GLY H 172 -6.53 57.52 -52.53
CA GLY H 172 -7.79 57.01 -52.04
C GLY H 172 -7.82 55.49 -52.00
N MET H 173 -8.88 54.97 -51.40
CA MET H 173 -9.11 53.53 -51.33
C MET H 173 -10.58 53.26 -51.57
N TYR H 174 -10.85 52.27 -52.42
CA TYR H 174 -12.20 51.89 -52.79
C TYR H 174 -12.53 50.56 -52.15
N GLY H 175 -13.61 50.53 -51.36
CA GLY H 175 -13.95 49.30 -50.66
C GLY H 175 -15.33 49.39 -50.04
N ASN H 176 -15.78 48.26 -49.51
CA ASN H 176 -17.09 48.15 -48.91
C ASN H 176 -17.06 48.19 -47.38
N THR H 177 -15.93 47.94 -46.74
CA THR H 177 -15.81 47.99 -45.29
C THR H 177 -14.83 49.09 -44.87
N THR H 178 -15.25 49.93 -43.92
CA THR H 178 -14.43 51.02 -43.42
C THR H 178 -13.84 50.67 -42.05
N ILE H 179 -12.57 50.97 -41.88
CA ILE H 179 -11.89 50.84 -40.59
C ILE H 179 -11.27 52.19 -40.26
N GLU H 180 -11.42 52.62 -39.01
CA GLU H 180 -10.78 53.85 -38.55
C GLU H 180 -9.45 53.52 -37.88
N THR H 181 -8.38 54.15 -38.36
CA THR H 181 -7.06 53.91 -37.79
C THR H 181 -6.60 55.14 -37.02
N THR H 182 -5.43 55.05 -36.40
CA THR H 182 -4.92 56.17 -35.62
C THR H 182 -3.43 56.00 -35.39
N ILE H 183 -2.64 56.99 -35.84
CA ILE H 183 -1.22 57.03 -35.58
C ILE H 183 -0.90 58.44 -35.08
N GLY H 184 -0.33 58.55 -33.89
CA GLY H 184 -0.06 59.84 -33.32
C GLY H 184 -1.29 60.71 -33.13
N GLY H 185 -2.47 60.13 -33.17
CA GLY H 185 -3.71 60.86 -33.11
C GLY H 185 -4.33 61.15 -34.46
N PHE H 186 -3.55 61.09 -35.54
CA PHE H 186 -4.06 61.28 -36.89
C PHE H 186 -4.90 60.06 -37.26
N CYS H 187 -6.16 60.29 -37.59
CA CYS H 187 -7.12 59.23 -37.90
C CYS H 187 -7.37 59.21 -39.41
N ARG H 188 -7.12 58.06 -40.02
CA ARG H 188 -7.49 57.84 -41.41
C ARG H 188 -8.64 56.83 -41.49
N ARG H 189 -9.42 56.93 -42.57
CA ARG H 189 -10.46 55.96 -42.87
C ARG H 189 -9.97 55.05 -43.99
N ILE H 190 -9.86 53.76 -43.72
CA ILE H 190 -9.36 52.79 -44.68
C ILE H 190 -10.51 51.92 -45.16
N ARG H 191 -10.82 52.04 -46.44
CA ARG H 191 -11.82 51.25 -47.14
C ARG H 191 -11.15 50.02 -47.73
N VAL H 192 -11.68 48.84 -47.41
CA VAL H 192 -11.22 47.59 -47.98
C VAL H 192 -12.43 46.84 -48.54
N ILE H 193 -12.15 45.76 -49.27
CA ILE H 193 -13.18 44.94 -49.88
C ILE H 193 -13.21 43.61 -49.13
N ARG H 194 -14.27 43.39 -48.36
CA ARG H 194 -14.56 42.09 -47.79
C ARG H 194 -15.55 41.40 -48.72
N PRO H 195 -15.12 40.43 -49.53
CA PRO H 195 -16.01 39.91 -50.57
C PRO H 195 -17.28 39.30 -49.99
N VAL H 196 -18.39 39.57 -50.66
CA VAL H 196 -19.65 38.92 -50.34
C VAL H 196 -19.69 37.59 -51.08
N LEU H 197 -19.74 36.50 -50.33
CA LEU H 197 -19.72 35.17 -50.93
C LEU H 197 -21.12 34.79 -51.35
N ILE H 198 -21.31 34.57 -52.64
CA ILE H 198 -22.58 34.19 -53.25
C ILE H 198 -22.48 32.72 -53.64
N PRO H 199 -23.24 31.82 -53.02
CA PRO H 199 -23.17 30.40 -53.40
C PRO H 199 -23.59 30.20 -54.84
N THR H 200 -22.82 29.40 -55.56
CA THR H 200 -23.06 29.11 -56.97
C THR H 200 -23.29 27.62 -57.17
N SER H 201 -24.15 27.31 -58.14
CA SER H 201 -24.38 25.93 -58.58
C SER H 201 -23.87 25.81 -60.01
N VAL H 202 -23.02 24.82 -60.25
CA VAL H 202 -22.36 24.63 -61.54
C VAL H 202 -22.58 23.20 -62.00
N GLU H 203 -22.94 23.06 -63.27
CA GLU H 203 -23.04 21.75 -63.91
C GLU H 203 -22.34 21.80 -65.25
N ILE H 204 -21.40 20.88 -65.47
CA ILE H 204 -20.56 20.89 -66.66
C ILE H 204 -20.77 19.60 -67.43
N ASP H 205 -21.15 19.73 -68.70
CA ASP H 205 -21.20 18.61 -69.61
C ASP H 205 -19.88 18.54 -70.37
N VAL H 206 -19.30 17.34 -70.41
CA VAL H 206 -17.97 17.13 -70.97
C VAL H 206 -18.03 15.98 -71.97
N GLN H 207 -16.94 15.78 -72.69
CA GLN H 207 -16.79 14.64 -73.58
C GLN H 207 -15.35 14.16 -73.47
N SER H 208 -15.16 12.87 -73.71
CA SER H 208 -13.84 12.27 -73.58
C SER H 208 -13.17 12.24 -74.94
N ARG H 209 -11.94 12.76 -75.00
CA ARG H 209 -11.10 12.71 -76.18
C ARG H 209 -9.77 12.11 -75.76
N PRO H 210 -9.62 10.79 -75.78
CA PRO H 210 -8.44 10.17 -75.17
C PRO H 210 -7.15 10.63 -75.83
N LEU H 211 -6.15 10.86 -74.98
CA LEU H 211 -4.80 11.18 -75.47
C LEU H 211 -4.27 9.98 -76.23
N LYS H 212 -4.26 10.08 -77.55
CA LYS H 212 -3.87 9.00 -78.46
C LYS H 212 -4.37 7.64 -77.97
N ASN H 213 -5.62 7.62 -77.51
CA ASN H 213 -6.28 6.42 -77.00
C ASN H 213 -5.47 5.78 -75.86
N GLY H 214 -4.74 6.60 -75.12
CA GLY H 214 -3.99 6.10 -74.00
C GLY H 214 -4.87 5.68 -72.83
N CYS H 215 -5.45 6.66 -72.12
CA CYS H 215 -6.20 6.34 -70.92
C CYS H 215 -7.60 6.92 -70.98
N PRO H 216 -8.55 6.32 -70.26
CA PRO H 216 -9.94 6.73 -70.37
C PRO H 216 -10.18 8.02 -69.58
N PRO H 217 -11.38 8.57 -69.64
CA PRO H 217 -11.68 9.74 -68.83
C PRO H 217 -11.80 9.33 -67.36
N PRO H 218 -11.35 10.18 -66.45
CA PRO H 218 -11.56 9.91 -65.03
C PRO H 218 -13.05 9.90 -64.68
N SER H 219 -13.32 9.56 -63.42
CA SER H 219 -14.69 9.47 -62.96
C SER H 219 -15.26 10.86 -62.69
N VAL H 220 -16.59 10.95 -62.81
CA VAL H 220 -17.27 12.23 -62.64
C VAL H 220 -17.00 12.79 -61.25
N ASN H 221 -17.07 11.93 -60.23
CA ASN H 221 -16.80 12.39 -58.87
C ASN H 221 -15.38 12.90 -58.72
N ALA H 222 -14.39 12.18 -59.25
CA ALA H 222 -13.01 12.63 -59.14
C ALA H 222 -12.80 13.96 -59.86
N MET H 223 -13.39 14.12 -61.04
CA MET H 223 -13.29 15.39 -61.75
C MET H 223 -13.94 16.52 -60.96
N ALA H 224 -15.11 16.28 -60.38
CA ALA H 224 -15.75 17.32 -59.58
C ALA H 224 -14.90 17.69 -58.38
N ALA H 225 -14.31 16.69 -57.73
CA ALA H 225 -13.44 16.96 -56.58
C ALA H 225 -12.23 17.79 -56.99
N GLY H 226 -11.61 17.46 -58.12
CA GLY H 226 -10.50 18.26 -58.60
C GLY H 226 -10.87 19.69 -58.92
N LEU H 227 -12.02 19.87 -59.59
CA LEU H 227 -12.46 21.24 -59.89
C LEU H 227 -12.74 22.01 -58.61
N TYR H 228 -13.32 21.35 -57.61
CA TYR H 228 -13.58 22.02 -56.33
C TYR H 228 -12.27 22.43 -55.66
N THR H 229 -11.27 21.55 -55.66
CA THR H 229 -9.99 21.91 -55.08
C THR H 229 -9.41 23.12 -55.79
N GLU H 230 -9.50 23.14 -57.12
CA GLU H 230 -9.02 24.30 -57.86
C GLU H 230 -9.76 25.58 -57.44
N LEU H 231 -11.09 25.54 -57.49
CA LEU H 231 -11.88 26.74 -57.22
C LEU H 231 -11.79 27.19 -55.77
N THR H 232 -11.30 26.33 -54.88
CA THR H 232 -11.04 26.72 -53.50
C THR H 232 -9.57 27.00 -53.22
N GLY H 233 -8.68 26.80 -54.18
CA GLY H 233 -7.28 27.05 -53.98
C GLY H 233 -6.94 28.53 -53.97
N PRO H 234 -5.65 28.85 -53.81
CA PRO H 234 -5.24 30.26 -53.91
C PRO H 234 -5.45 30.87 -55.27
N ASP H 235 -5.61 30.06 -56.32
CA ASP H 235 -5.89 30.56 -57.66
C ASP H 235 -7.39 30.68 -57.92
N ARG H 236 -8.19 30.84 -56.87
CA ARG H 236 -9.64 30.80 -56.96
C ARG H 236 -10.16 32.02 -57.71
N PRO H 237 -11.40 31.96 -58.21
CA PRO H 237 -11.98 33.15 -58.85
C PRO H 237 -12.13 34.29 -57.86
N GLY H 238 -11.40 35.37 -58.09
CA GLY H 238 -11.43 36.52 -57.22
C GLY H 238 -12.66 37.37 -57.46
N ASN H 239 -12.78 38.41 -56.63
CA ASN H 239 -13.94 39.28 -56.69
C ASN H 239 -14.00 39.99 -58.04
N GLY H 240 -15.21 40.20 -58.53
CA GLY H 240 -15.39 40.88 -59.79
C GLY H 240 -15.21 40.01 -61.01
N GLU H 241 -14.89 38.73 -60.83
CA GLU H 241 -14.68 37.80 -61.93
C GLU H 241 -15.99 37.05 -62.18
N ASP H 242 -16.48 37.14 -63.41
CA ASP H 242 -17.77 36.55 -63.73
C ASP H 242 -17.66 35.06 -63.95
N GLY H 243 -18.71 34.35 -63.59
CA GLY H 243 -18.88 32.99 -64.07
C GLY H 243 -19.01 33.04 -65.57
N THR H 244 -18.19 32.26 -66.29
CA THR H 244 -18.18 32.31 -67.75
C THR H 244 -17.81 30.92 -68.27
N VAL H 245 -18.14 30.67 -69.54
CA VAL H 245 -17.73 29.43 -70.16
C VAL H 245 -16.20 29.34 -70.22
N TYR H 246 -15.56 30.48 -70.47
CA TYR H 246 -14.10 30.49 -70.63
C TYR H 246 -13.40 29.98 -69.39
N LEU H 247 -13.83 30.42 -68.21
CA LEU H 247 -13.11 30.07 -66.99
C LEU H 247 -13.14 28.56 -66.76
N PHE H 248 -14.31 27.95 -66.77
CA PHE H 248 -14.41 26.54 -66.46
C PHE H 248 -13.87 25.67 -67.59
N ARG H 249 -14.00 26.10 -68.84
CA ARG H 249 -13.42 25.36 -69.94
C ARG H 249 -11.94 25.67 -70.12
N LYS H 250 -11.39 26.54 -69.27
CA LYS H 250 -9.95 26.69 -69.14
C LYS H 250 -9.41 25.89 -67.96
N ILE H 251 -10.21 25.71 -66.92
CA ILE H 251 -9.78 24.95 -65.75
C ILE H 251 -9.89 23.45 -65.97
N MET H 252 -11.01 22.99 -66.51
CA MET H 252 -11.21 21.55 -66.72
C MET H 252 -10.18 20.97 -67.66
N GLU H 253 -9.81 21.70 -68.71
CA GLU H 253 -8.85 21.16 -69.66
C GLU H 253 -7.43 21.23 -69.12
N ARG H 254 -7.14 22.23 -68.30
CA ARG H 254 -5.85 22.27 -67.62
C ARG H 254 -5.72 21.11 -66.64
N LEU H 255 -6.82 20.72 -66.01
CA LEU H 255 -6.77 19.60 -65.07
C LEU H 255 -6.70 18.26 -65.79
N TYR H 256 -7.69 17.97 -66.64
CA TYR H 256 -7.79 16.68 -67.32
C TYR H 256 -7.77 16.91 -68.81
N PRO H 257 -6.59 16.88 -69.47
CA PRO H 257 -6.52 17.28 -70.88
C PRO H 257 -7.25 16.36 -71.84
N ASN H 258 -7.56 15.13 -71.42
CA ASN H 258 -8.20 14.20 -72.34
C ASN H 258 -9.69 14.46 -72.47
N VAL H 259 -10.22 15.44 -71.75
CA VAL H 259 -11.64 15.72 -71.69
C VAL H 259 -11.93 17.01 -72.47
N GLU H 260 -13.10 17.03 -73.10
CA GLU H 260 -13.60 18.23 -73.79
C GLU H 260 -14.81 18.74 -73.03
N VAL H 261 -14.79 20.04 -72.71
CA VAL H 261 -15.98 20.71 -72.22
C VAL H 261 -16.82 21.15 -73.42
N VAL H 262 -18.11 20.84 -73.39
CA VAL H 262 -19.04 21.24 -74.44
C VAL H 262 -20.03 22.27 -73.95
N ASP H 263 -20.47 22.17 -72.69
CA ASP H 263 -21.37 23.15 -72.12
C ASP H 263 -21.08 23.32 -70.64
N VAL H 264 -21.19 24.55 -70.17
CA VAL H 264 -21.09 24.89 -68.76
C VAL H 264 -22.41 25.54 -68.37
N ARG H 265 -22.79 25.40 -67.11
CA ARG H 265 -24.03 25.99 -66.67
C ARG H 265 -23.87 26.44 -65.22
N LEU H 266 -24.33 27.66 -64.94
CA LEU H 266 -24.06 28.31 -63.66
C LEU H 266 -25.33 29.00 -63.19
N SER H 267 -25.45 29.13 -61.86
CA SER H 267 -26.51 29.95 -61.31
C SER H 267 -26.19 30.26 -59.85
N GLN H 268 -26.98 31.17 -59.27
CA GLN H 268 -26.85 31.55 -57.87
C GLN H 268 -27.79 30.68 -57.05
N ALA H 269 -27.22 29.89 -56.14
CA ALA H 269 -28.01 28.92 -55.39
C ALA H 269 -29.05 29.64 -54.53
N PRO H 270 -30.18 28.98 -54.25
CA PRO H 270 -30.52 27.61 -54.66
C PRO H 270 -31.17 27.55 -56.04
N ALA H 271 -31.06 28.63 -56.81
CA ALA H 271 -31.77 28.75 -58.06
C ALA H 271 -31.35 27.65 -59.04
N ALA H 272 -31.99 27.65 -60.19
CA ALA H 272 -31.74 26.65 -61.22
C ALA H 272 -30.49 27.02 -62.02
N PRO H 273 -29.59 26.08 -62.31
CA PRO H 273 -28.49 26.37 -63.21
C PRO H 273 -28.99 26.83 -64.56
N THR H 274 -28.28 27.77 -65.18
CA THR H 274 -28.69 28.35 -66.45
C THR H 274 -27.48 28.89 -67.16
N THR H 275 -27.70 29.42 -68.36
CA THR H 275 -26.61 29.78 -69.24
C THR H 275 -25.75 30.88 -68.63
N PRO H 276 -24.43 30.82 -68.77
CA PRO H 276 -23.59 31.95 -68.37
C PRO H 276 -23.75 33.10 -69.35
N PRO H 277 -23.20 34.28 -69.04
CA PRO H 277 -22.39 34.57 -67.85
C PRO H 277 -23.18 34.80 -66.57
N LEU H 278 -22.59 34.41 -65.45
CA LEU H 278 -23.06 34.80 -64.13
C LEU H 278 -22.29 36.07 -63.76
N VAL H 279 -22.95 37.22 -63.89
CA VAL H 279 -22.29 38.50 -63.67
C VAL H 279 -22.02 38.68 -62.19
N MET H 280 -20.77 38.97 -61.85
CA MET H 280 -20.34 39.09 -60.46
C MET H 280 -19.74 40.48 -60.27
N SER H 281 -20.34 41.27 -59.38
CA SER H 281 -19.89 42.64 -59.19
C SER H 281 -18.55 42.67 -58.46
N PHE H 282 -17.89 43.82 -58.51
CA PHE H 282 -16.53 43.93 -58.01
C PHE H 282 -16.43 43.67 -56.52
N PHE H 283 -17.51 43.85 -55.77
CA PHE H 283 -17.50 43.53 -54.34
C PHE H 283 -17.97 42.12 -54.04
N GLN H 284 -18.67 41.48 -54.96
CA GLN H 284 -19.16 40.13 -54.76
C GLN H 284 -18.13 39.12 -55.24
N MET H 285 -18.34 37.86 -54.86
CA MET H 285 -17.39 36.80 -55.16
C MET H 285 -18.12 35.47 -55.13
N MET H 286 -17.67 34.54 -55.97
CA MET H 286 -18.33 33.24 -56.11
C MET H 286 -17.93 32.32 -54.97
N SER H 287 -18.88 31.49 -54.53
CA SER H 287 -18.65 30.54 -53.45
C SER H 287 -19.11 29.16 -53.91
N PHE H 288 -18.23 28.18 -53.75
CA PHE H 288 -18.46 26.85 -54.30
C PHE H 288 -18.57 25.82 -53.18
N ASN H 289 -19.38 24.80 -53.44
CA ASN H 289 -19.57 23.69 -52.52
C ASN H 289 -19.46 22.39 -53.29
N ALA H 290 -19.08 21.31 -52.58
CA ALA H 290 -18.95 20.03 -53.25
C ALA H 290 -20.28 19.55 -53.83
N ASP H 291 -21.36 19.65 -53.07
CA ASP H 291 -22.66 19.22 -53.55
C ASP H 291 -23.11 19.99 -54.77
N ASP H 292 -22.77 21.28 -54.84
CA ASP H 292 -23.28 22.14 -55.89
C ASP H 292 -22.64 21.88 -57.25
N ILE H 293 -21.46 21.27 -57.27
CA ILE H 293 -20.77 20.97 -58.51
C ILE H 293 -21.22 19.63 -59.05
N LEU H 294 -21.59 19.59 -60.33
CA LEU H 294 -21.95 18.35 -61.00
C LEU H 294 -21.24 18.30 -62.34
N VAL H 295 -20.80 17.10 -62.72
CA VAL H 295 -20.17 16.87 -64.02
C VAL H 295 -20.86 15.69 -64.66
N GLU H 296 -21.07 15.77 -65.98
CA GLU H 296 -21.74 14.69 -66.70
C GLU H 296 -21.06 14.49 -68.05
N ILE H 297 -20.83 13.23 -68.42
CA ILE H 297 -20.27 12.91 -69.72
C ILE H 297 -21.39 12.87 -70.75
N VAL H 298 -21.09 13.27 -71.98
CA VAL H 298 -22.06 13.29 -73.06
C VAL H 298 -21.50 12.47 -74.22
N PRO H 299 -22.33 11.70 -74.93
CA PRO H 299 -21.80 10.98 -76.09
C PRO H 299 -21.34 11.94 -77.20
N MET I 1 23.14 15.83 -45.16
CA MET I 1 24.39 15.49 -44.47
C MET I 1 24.33 15.95 -43.02
N THR I 2 25.47 15.88 -42.33
CA THR I 2 25.59 16.31 -40.94
C THR I 2 26.44 17.56 -40.80
N TYR I 3 27.55 17.63 -41.52
CA TYR I 3 28.49 18.73 -41.38
C TYR I 3 28.39 19.69 -42.55
N GLY I 4 29.00 20.86 -42.39
CA GLY I 4 29.03 21.83 -43.46
C GLY I 4 27.76 22.66 -43.52
N VAL I 5 27.39 23.02 -44.75
CA VAL I 5 26.22 23.88 -44.96
C VAL I 5 24.96 23.06 -44.75
N GLN I 6 24.21 23.39 -43.71
CA GLN I 6 23.01 22.69 -43.30
C GLN I 6 21.87 23.69 -43.18
N PRO I 7 20.62 23.23 -43.20
CA PRO I 7 19.51 24.17 -43.07
C PRO I 7 19.58 25.04 -41.82
N THR I 8 20.03 24.48 -40.70
CA THR I 8 20.11 25.24 -39.46
C THR I 8 21.28 26.21 -39.46
N GLY I 9 22.22 26.06 -40.37
CA GLY I 9 23.37 26.95 -40.44
C GLY I 9 24.60 26.24 -40.95
N TYR I 10 25.75 26.55 -40.36
CA TYR I 10 26.99 25.86 -40.67
C TYR I 10 27.43 25.02 -39.50
N VAL I 11 27.50 23.71 -39.70
CA VAL I 11 27.98 22.77 -38.68
C VAL I 11 29.46 22.58 -38.92
N LYS I 12 30.27 22.87 -37.91
CA LYS I 12 31.71 22.72 -37.99
C LYS I 12 32.09 21.30 -37.58
N LYS I 13 33.06 20.72 -38.28
CA LYS I 13 33.52 19.38 -37.95
C LYS I 13 34.65 19.47 -36.95
N PRO I 14 34.61 18.73 -35.84
CA PRO I 14 35.72 18.76 -34.88
C PRO I 14 37.02 18.24 -35.47
N LEU I 15 38.12 18.67 -34.84
CA LEU I 15 39.44 18.22 -35.26
C LEU I 15 39.59 16.72 -35.06
N ALA I 16 39.06 16.19 -33.96
CA ALA I 16 39.12 14.75 -33.74
C ALA I 16 38.37 13.99 -34.82
N VAL I 17 37.22 14.51 -35.25
CA VAL I 17 36.51 13.87 -36.35
C VAL I 17 37.31 13.96 -37.64
N HIS I 18 37.97 15.09 -37.91
CA HIS I 18 38.83 15.16 -39.08
C HIS I 18 39.91 14.10 -39.05
N LEU I 19 40.55 13.89 -37.91
CA LEU I 19 41.61 12.90 -37.83
C LEU I 19 41.07 11.48 -37.93
N ALA I 20 39.95 11.21 -37.27
CA ALA I 20 39.36 9.88 -37.32
C ALA I 20 38.92 9.51 -38.73
N GLU I 21 38.34 10.45 -39.48
CA GLU I 21 37.87 10.11 -40.82
C GLU I 21 39.03 9.73 -41.74
N ILE I 22 40.14 10.47 -41.68
CA ILE I 22 41.29 10.17 -42.54
C ILE I 22 41.90 8.84 -42.13
N GLU I 23 41.96 8.57 -40.81
CA GLU I 23 42.47 7.28 -40.37
C GLU I 23 41.61 6.13 -40.89
N ALA I 24 40.29 6.29 -40.84
CA ALA I 24 39.41 5.23 -41.35
C ALA I 24 39.56 5.06 -42.85
N SER I 25 39.69 6.16 -43.59
CA SER I 25 39.95 6.03 -45.02
C SER I 25 41.21 5.24 -45.29
N MET I 26 42.26 5.50 -44.50
CA MET I 26 43.52 4.81 -44.69
C MET I 26 43.43 3.34 -44.34
N VAL I 27 42.61 3.00 -43.33
CA VAL I 27 42.35 1.60 -43.05
C VAL I 27 41.61 0.94 -44.21
N ASP I 28 40.65 1.63 -44.81
CA ASP I 28 40.00 1.09 -45.99
C ASP I 28 41.02 0.82 -47.10
N LEU I 29 41.96 1.74 -47.31
CA LEU I 29 42.92 1.56 -48.38
C LEU I 29 43.90 0.41 -48.13
N PHE I 30 44.50 0.36 -46.94
CA PHE I 30 45.61 -0.56 -46.70
C PHE I 30 45.30 -1.65 -45.68
N GLY I 31 44.03 -1.94 -45.41
CA GLY I 31 43.69 -2.95 -44.44
C GLY I 31 43.91 -2.44 -43.02
N PRO I 32 43.38 -3.16 -42.04
CA PRO I 32 43.49 -2.74 -40.64
C PRO I 32 44.89 -2.83 -40.06
N GLY I 33 45.87 -3.33 -40.80
CA GLY I 33 47.22 -3.45 -40.30
C GLY I 33 48.11 -2.25 -40.53
N VAL I 34 47.60 -1.20 -41.16
CA VAL I 34 48.43 -0.05 -41.52
C VAL I 34 48.83 0.70 -40.26
N ILE I 35 50.11 1.03 -40.17
CA ILE I 35 50.65 1.75 -39.03
C ILE I 35 50.42 3.24 -39.23
N GLN I 36 49.67 3.85 -38.30
CA GLN I 36 49.30 5.26 -38.40
C GLN I 36 49.62 6.01 -37.12
N THR I 37 50.51 5.50 -36.28
CA THR I 37 50.85 6.22 -35.07
C THR I 37 51.46 7.56 -35.43
N GLU I 38 51.63 8.41 -34.42
CA GLU I 38 52.15 9.75 -34.66
C GLU I 38 53.55 9.69 -35.26
N GLN I 39 54.40 8.80 -34.75
CA GLN I 39 55.80 8.77 -35.17
C GLN I 39 55.97 8.26 -36.59
N SER I 40 54.99 7.63 -37.16
CA SER I 40 55.14 7.05 -38.48
C SER I 40 54.89 8.10 -39.55
N PRO I 41 55.42 7.90 -40.76
CA PRO I 41 55.15 8.84 -41.85
C PRO I 41 53.68 8.99 -42.14
N LEU I 42 52.93 7.90 -42.00
CA LEU I 42 51.49 7.95 -42.23
C LEU I 42 50.81 8.86 -41.22
N GLY I 43 51.19 8.76 -39.95
CA GLY I 43 50.67 9.68 -38.95
C GLY I 43 51.09 11.12 -39.20
N GLN I 44 52.33 11.31 -39.65
CA GLN I 44 52.75 12.66 -40.00
C GLN I 44 51.86 13.26 -41.08
N LEU I 45 51.47 12.46 -42.06
CA LEU I 45 50.57 12.96 -43.10
C LEU I 45 49.17 13.22 -42.57
N ASN I 46 48.60 12.28 -41.80
CA ASN I 46 47.23 12.44 -41.33
C ASN I 46 47.07 13.56 -40.31
N GLY I 47 48.03 13.78 -39.41
CA GLY I 47 47.92 14.88 -38.48
C GLY I 47 47.93 16.24 -39.16
N LEU I 48 48.85 16.43 -40.10
CA LEU I 48 48.89 17.66 -40.88
C LEU I 48 47.63 17.84 -41.72
N TYR I 49 47.13 16.77 -42.34
CA TYR I 49 45.84 16.87 -43.02
C TYR I 49 44.74 17.31 -42.07
N ALA I 50 44.69 16.74 -40.88
CA ALA I 50 43.63 17.06 -39.94
C ALA I 50 43.68 18.53 -39.54
N ASP I 51 44.88 19.03 -39.23
CA ASP I 51 45.01 20.43 -38.86
C ASP I 51 44.62 21.35 -40.02
N LEU I 52 45.12 21.07 -41.22
CA LEU I 52 44.81 21.91 -42.36
C LEU I 52 43.31 21.87 -42.67
N SER I 53 42.71 20.69 -42.63
CA SER I 53 41.30 20.57 -42.92
C SER I 53 40.45 21.27 -41.89
N TYR I 54 40.86 21.25 -40.62
CA TYR I 54 40.14 22.03 -39.62
C TYR I 54 40.23 23.51 -39.90
N ASP I 55 41.41 24.00 -40.30
CA ASP I 55 41.54 25.41 -40.63
C ASP I 55 40.64 25.79 -41.82
N LEU I 56 40.59 24.92 -42.83
CA LEU I 56 39.76 25.22 -43.99
C LEU I 56 38.28 25.10 -43.66
N ASP I 57 37.91 24.18 -42.77
CA ASP I 57 36.55 24.07 -42.28
C ASP I 57 36.13 25.32 -41.52
N GLU I 58 37.08 25.94 -40.81
CA GLU I 58 36.80 27.20 -40.14
C GLU I 58 36.64 28.34 -41.13
N ARG I 59 37.47 28.37 -42.17
CA ARG I 59 37.30 29.37 -43.21
C ARG I 59 35.97 29.24 -43.93
N GLY I 60 35.51 28.01 -44.16
CA GLY I 60 34.18 27.83 -44.72
C GLY I 60 33.09 28.42 -43.84
N GLU I 61 33.19 28.19 -42.53
CA GLU I 61 32.21 28.76 -41.61
C GLU I 61 32.23 30.28 -41.66
N ASP I 62 33.42 30.87 -41.67
CA ASP I 62 33.50 32.33 -41.70
C ASP I 62 32.90 32.89 -42.99
N LEU I 63 33.23 32.29 -44.13
CA LEU I 63 32.65 32.73 -45.39
C LEU I 63 31.14 32.60 -45.38
N TYR I 64 30.63 31.51 -44.82
CA TYR I 64 29.19 31.33 -44.70
C TYR I 64 28.54 32.41 -43.85
N GLN I 65 29.12 32.71 -42.70
CA GLN I 65 28.54 33.72 -41.82
C GLN I 65 28.62 35.11 -42.44
N SER I 66 29.61 35.33 -43.31
CA SER I 66 29.87 36.66 -43.83
C SER I 66 28.83 37.14 -44.82
N PHE I 67 27.86 36.30 -45.20
CA PHE I 67 26.77 36.75 -46.06
C PHE I 67 25.62 37.38 -45.29
N ASP I 68 25.68 37.44 -43.97
CA ASP I 68 24.59 37.94 -43.15
C ASP I 68 24.93 39.34 -42.64
N PRO I 69 24.08 40.34 -42.81
CA PRO I 69 24.39 41.66 -42.24
C PRO I 69 24.51 41.63 -40.72
N GLU I 70 23.84 40.70 -40.05
CA GLU I 70 23.91 40.62 -38.60
C GLU I 70 25.15 39.87 -38.14
N GLN I 71 25.90 39.29 -39.08
CA GLN I 71 27.10 38.53 -38.76
C GLN I 71 28.35 39.08 -39.45
N ALA I 72 28.20 39.72 -40.60
CA ALA I 72 29.36 40.21 -41.34
C ALA I 72 30.04 41.34 -40.58
N GLU I 73 31.31 41.60 -40.91
CA GLU I 73 32.12 42.57 -40.19
C GLU I 73 33.10 43.28 -41.12
N GLY I 74 32.95 44.60 -41.25
CA GLY I 74 33.94 45.41 -41.94
C GLY I 74 33.56 45.77 -43.37
N SER I 75 34.51 45.60 -44.29
CA SER I 75 34.25 45.85 -45.70
C SER I 75 33.11 44.98 -46.22
N ARG I 76 33.06 43.70 -45.84
CA ARG I 76 31.99 42.87 -46.34
C ARG I 76 30.66 43.26 -45.71
N LEU I 77 30.68 43.73 -44.48
CA LEU I 77 29.48 44.33 -43.90
C LEU I 77 29.03 45.54 -44.70
N ASP I 78 29.97 46.37 -45.17
CA ASP I 78 29.61 47.47 -46.05
C ASP I 78 28.97 46.98 -47.34
N ILE I 79 29.54 45.93 -47.93
CA ILE I 79 28.96 45.35 -49.15
C ILE I 79 27.52 44.96 -48.89
N LEU I 80 27.27 44.25 -47.80
CA LEU I 80 25.91 43.82 -47.50
C LEU I 80 24.97 44.99 -47.20
N ALA I 81 25.47 46.04 -46.56
CA ALA I 81 24.63 47.20 -46.26
C ALA I 81 24.25 47.96 -47.53
N ARG I 82 25.08 47.91 -48.56
CA ARG I 82 24.74 48.59 -49.80
C ARG I 82 23.45 48.05 -50.43
N TYR I 83 22.91 46.93 -49.96
CA TYR I 83 21.62 46.43 -50.43
C TYR I 83 20.44 47.14 -49.81
N ARG I 84 20.57 47.68 -48.59
CA ARG I 84 19.55 48.52 -48.00
C ARG I 84 20.02 49.97 -47.85
N LEU I 85 21.01 50.37 -48.66
CA LEU I 85 21.29 51.79 -48.89
C LEU I 85 21.73 52.48 -47.60
N LEU I 86 22.83 51.98 -47.06
CA LEU I 86 23.48 52.61 -45.92
C LEU I 86 24.97 52.58 -46.19
N SER I 87 25.63 53.72 -46.03
CA SER I 87 27.05 53.86 -46.29
C SER I 87 27.76 54.09 -44.97
N ARG I 88 28.79 53.29 -44.70
CA ARG I 88 29.49 53.38 -43.43
C ARG I 88 30.04 54.79 -43.22
N ARG I 89 29.55 55.46 -42.18
CA ARG I 89 30.09 56.77 -41.82
C ARG I 89 31.55 56.64 -41.42
N ALA I 90 32.34 57.65 -41.79
CA ALA I 90 33.77 57.61 -41.54
C ALA I 90 34.04 57.44 -40.04
N GLY I 91 34.89 56.47 -39.71
CA GLY I 91 35.26 56.23 -38.33
C GLY I 91 34.23 55.47 -37.52
N GLU I 92 33.13 55.05 -38.12
CA GLU I 92 32.10 54.33 -37.40
C GLU I 92 32.55 52.91 -37.09
N SER I 93 32.02 52.36 -36.01
CA SER I 93 32.34 51.02 -35.55
C SER I 93 31.39 49.99 -36.17
N ASP I 94 31.79 48.73 -36.08
CA ASP I 94 30.95 47.66 -36.61
C ASP I 94 29.66 47.55 -35.82
N GLU I 95 29.72 47.71 -34.50
CA GLU I 95 28.49 47.65 -33.71
C GLU I 95 27.53 48.77 -34.09
N SER I 96 28.02 50.01 -34.16
CA SER I 96 27.16 51.12 -34.51
C SER I 96 26.59 50.95 -35.92
N PHE I 97 27.44 50.52 -36.85
CA PHE I 97 26.99 50.36 -38.23
C PHE I 97 25.95 49.25 -38.34
N ARG I 98 26.15 48.13 -37.65
CA ARG I 98 25.17 47.07 -37.67
C ARG I 98 23.86 47.52 -37.03
N ARG I 99 23.93 48.28 -35.95
CA ARG I 99 22.70 48.84 -35.38
C ARG I 99 21.99 49.72 -36.40
N ALA I 100 22.74 50.60 -37.08
CA ALA I 100 22.16 51.42 -38.12
C ALA I 100 21.60 50.58 -39.25
N ILE I 101 22.10 49.37 -39.43
CA ILE I 101 21.46 48.43 -40.35
C ILE I 101 20.40 47.71 -39.54
N THR I 102 19.35 48.44 -39.18
CA THR I 102 18.14 47.89 -38.59
C THR I 102 17.11 48.99 -38.75
N ASN I 103 16.28 48.88 -39.76
CA ASN I 103 15.52 50.05 -40.21
C ASN I 103 14.28 49.55 -40.93
N VAL I 104 13.25 50.39 -40.91
CA VAL I 104 12.07 50.08 -41.68
C VAL I 104 12.48 49.84 -43.13
N ASP I 105 11.83 48.86 -43.75
CA ASP I 105 11.91 48.70 -45.19
C ASP I 105 10.56 49.14 -45.74
N ARG I 106 10.10 50.27 -45.21
CA ARG I 106 8.83 50.86 -45.58
C ARG I 106 8.92 52.34 -45.23
N ALA I 107 8.12 53.14 -45.95
CA ALA I 107 8.18 54.58 -45.78
C ALA I 107 7.67 54.99 -44.41
N ARG I 108 8.43 55.82 -43.71
CA ARG I 108 7.95 56.51 -42.52
C ARG I 108 7.60 57.93 -42.95
N ILE I 109 6.53 58.05 -43.74
CA ILE I 109 6.11 59.32 -44.31
C ILE I 109 4.68 59.69 -43.92
N ASP I 110 4.19 59.18 -42.79
CA ASP I 110 2.82 59.46 -42.42
C ASP I 110 2.64 60.92 -42.00
N LEU I 111 1.42 61.43 -42.21
CA LEU I 111 1.12 62.80 -41.82
C LEU I 111 1.21 63.00 -40.31
N SER I 112 1.09 61.94 -39.52
CA SER I 112 1.41 62.05 -38.11
C SER I 112 2.85 62.53 -37.93
N ASP I 113 3.79 61.93 -38.65
CA ASP I 113 5.18 62.33 -38.57
C ASP I 113 5.43 63.70 -39.19
N LEU I 114 4.76 64.02 -40.29
CA LEU I 114 4.82 65.38 -40.82
C LEU I 114 4.42 66.39 -39.76
N SER I 115 3.30 66.15 -39.08
CA SER I 115 2.84 67.07 -38.04
C SER I 115 3.79 67.11 -36.86
N THR I 116 4.36 65.96 -36.47
CA THR I 116 5.30 65.96 -35.36
C THR I 116 6.51 66.83 -35.67
N ALA I 117 7.03 66.75 -36.89
CA ALA I 117 8.18 67.57 -37.25
C ALA I 117 7.81 69.04 -37.37
N LEU I 118 6.63 69.35 -37.94
CA LEU I 118 6.17 70.73 -37.99
C LEU I 118 6.08 71.34 -36.60
N SER I 119 5.43 70.63 -35.67
CA SER I 119 5.36 71.13 -34.30
C SER I 119 6.73 71.25 -33.67
N ALA I 120 7.75 70.59 -34.22
CA ALA I 120 9.07 70.59 -33.62
C ALA I 120 9.93 71.75 -34.10
N ILE I 121 9.76 72.20 -35.34
CA ILE I 121 10.64 73.23 -35.87
C ILE I 121 10.58 74.49 -35.01
N ASN I 122 11.70 75.21 -34.95
CA ASN I 122 11.74 76.52 -34.29
C ASN I 122 10.78 77.49 -34.96
N GLY I 123 10.10 78.29 -34.13
CA GLY I 123 9.28 79.38 -34.60
C GLY I 123 7.86 79.00 -34.96
N VAL I 124 7.55 77.72 -35.09
CA VAL I 124 6.21 77.29 -35.47
C VAL I 124 5.30 77.38 -34.26
N SER I 125 4.50 78.45 -34.19
CA SER I 125 3.59 78.64 -33.07
C SER I 125 2.34 77.79 -33.17
N TRP I 126 2.01 77.27 -34.35
CA TRP I 126 0.82 76.45 -34.49
C TRP I 126 0.86 75.79 -35.86
N SER I 127 0.37 74.55 -35.91
CA SER I 127 0.44 73.77 -37.14
C SER I 127 -0.74 72.82 -37.20
N ARG I 128 -1.20 72.56 -38.41
CA ARG I 128 -2.21 71.56 -38.70
C ARG I 128 -1.95 70.99 -40.10
N VAL I 129 -2.26 69.71 -40.26
CA VAL I 129 -2.10 69.02 -41.54
C VAL I 129 -3.47 68.48 -41.96
N TYR I 130 -3.87 68.80 -43.18
CA TYR I 130 -5.12 68.32 -43.74
C TYR I 130 -4.82 67.48 -44.97
N VAL I 131 -5.68 66.50 -45.23
CA VAL I 131 -5.53 65.65 -46.40
C VAL I 131 -6.90 65.35 -46.98
N ASN I 132 -6.97 65.33 -48.30
CA ASN I 132 -8.15 64.90 -49.04
C ASN I 132 -7.75 63.68 -49.84
N GLU I 133 -8.22 62.51 -49.41
CA GLU I 133 -7.95 61.24 -50.09
C GLU I 133 -9.01 60.87 -51.10
N ASP I 134 -10.26 61.30 -50.90
CA ASP I 134 -11.33 60.94 -51.81
C ASP I 134 -11.04 61.47 -53.21
N ALA I 135 -11.91 61.10 -54.15
CA ALA I 135 -11.80 61.51 -55.54
C ALA I 135 -12.63 62.73 -55.87
N THR I 136 -13.50 63.18 -54.98
CA THR I 136 -14.34 64.35 -55.18
C THR I 136 -14.00 65.41 -54.15
N THR I 137 -14.02 66.67 -54.58
CA THR I 137 -13.67 67.77 -53.68
C THR I 137 -14.43 67.66 -52.37
N ASP I 138 -13.93 68.34 -51.34
CA ASP I 138 -14.57 68.36 -50.04
C ASP I 138 -15.24 69.70 -49.81
N ALA I 139 -15.84 69.85 -48.63
CA ALA I 139 -16.60 71.05 -48.29
C ALA I 139 -15.72 72.22 -47.91
N ASP I 140 -14.45 71.98 -47.57
CA ASP I 140 -13.54 73.05 -47.20
C ASP I 140 -12.66 73.51 -48.35
N GLY I 141 -12.88 73.01 -49.56
CA GLY I 141 -12.17 73.54 -50.71
C GLY I 141 -10.87 72.85 -51.05
N ILE I 142 -10.60 71.69 -50.49
CA ILE I 142 -9.37 70.94 -50.77
C ILE I 142 -9.65 70.04 -51.98
N PRO I 143 -8.90 70.15 -53.07
CA PRO I 143 -9.10 69.25 -54.21
C PRO I 143 -8.71 67.82 -53.85
N PRO I 144 -9.22 66.84 -54.58
CA PRO I 144 -8.97 65.44 -54.21
C PRO I 144 -7.51 65.07 -54.31
N ASN I 145 -7.11 64.12 -53.46
CA ASN I 145 -5.76 63.53 -53.48
C ASN I 145 -4.70 64.59 -53.20
N THR I 146 -4.96 65.46 -52.22
CA THR I 146 -4.06 66.55 -51.92
C THR I 146 -3.80 66.64 -50.43
N VAL I 147 -2.72 67.34 -50.07
CA VAL I 147 -2.32 67.52 -48.68
C VAL I 147 -2.00 68.99 -48.46
N SER I 148 -2.71 69.62 -47.53
CA SER I 148 -2.52 71.03 -47.21
C SER I 148 -1.90 71.17 -45.83
N VAL I 149 -1.05 72.18 -45.68
CA VAL I 149 -0.37 72.47 -44.42
C VAL I 149 -0.77 73.87 -43.99
N ALA I 150 -1.32 73.99 -42.78
CA ALA I 150 -1.63 75.28 -42.18
C ALA I 150 -0.63 75.54 -41.09
N VAL I 151 0.27 76.50 -41.32
CA VAL I 151 1.41 76.73 -40.45
C VAL I 151 1.47 78.20 -40.10
N ILE I 152 1.77 78.49 -38.83
CA ILE I 152 2.01 79.86 -38.38
C ILE I 152 3.44 79.93 -37.89
N GLY I 153 4.16 80.94 -38.36
CA GLY I 153 5.53 81.12 -37.94
C GLY I 153 6.44 80.11 -38.62
N GLY I 154 7.61 79.95 -38.01
CA GLY I 154 8.61 79.06 -38.57
C GLY I 154 9.16 79.59 -39.87
N ASP I 155 10.41 79.30 -40.18
CA ASP I 155 11.01 79.85 -41.38
C ASP I 155 10.36 79.26 -42.62
N ASP I 156 10.08 80.14 -43.58
CA ASP I 156 9.40 79.76 -44.82
C ASP I 156 10.20 78.80 -45.66
N ASP I 157 11.52 78.76 -45.50
CA ASP I 157 12.37 77.87 -46.29
C ASP I 157 12.39 76.47 -45.66
N GLU I 158 12.65 76.40 -44.36
CA GLU I 158 12.67 75.10 -43.69
C GLU I 158 11.30 74.45 -43.68
N VAL I 159 10.24 75.23 -43.48
CA VAL I 159 8.91 74.64 -43.49
C VAL I 159 8.61 74.04 -44.86
N ALA I 160 8.95 74.75 -45.93
CA ALA I 160 8.72 74.24 -47.28
C ALA I 160 9.54 72.98 -47.54
N GLN I 161 10.82 73.00 -47.18
CA GLN I 161 11.65 71.83 -47.40
C GLN I 161 11.11 70.63 -46.63
N LEU I 162 10.70 70.84 -45.38
CA LEU I 162 10.15 69.75 -44.60
C LEU I 162 8.87 69.21 -45.24
N VAL I 163 7.96 70.10 -45.64
CA VAL I 163 6.69 69.65 -46.21
C VAL I 163 6.94 68.85 -47.48
N ARG I 164 7.95 69.25 -48.25
CA ARG I 164 8.22 68.56 -49.50
C ARG I 164 8.98 67.25 -49.29
N ARG I 165 9.75 67.14 -48.21
CA ARG I 165 10.37 65.87 -47.88
C ARG I 165 9.35 64.82 -47.42
N TYR I 166 8.11 65.24 -47.14
CA TYR I 166 7.09 64.33 -46.67
C TYR I 166 5.94 64.13 -47.64
N VAL I 167 5.69 65.06 -48.55
CA VAL I 167 4.71 64.85 -49.60
C VAL I 167 5.39 64.12 -50.76
N VAL I 168 4.72 63.10 -51.28
CA VAL I 168 5.28 62.32 -52.39
C VAL I 168 4.92 63.01 -53.70
N PRO I 169 5.71 62.86 -54.75
CA PRO I 169 5.34 63.46 -56.04
C PRO I 169 4.07 62.84 -56.59
N GLY I 170 3.27 63.66 -57.27
CA GLY I 170 1.98 63.25 -57.72
C GLY I 170 0.86 63.50 -56.74
N VAL I 171 1.17 63.98 -55.53
CA VAL I 171 0.17 64.40 -54.55
C VAL I 171 0.15 65.91 -54.54
N GLY I 172 -1.02 66.49 -54.82
CA GLY I 172 -1.15 67.93 -54.90
C GLY I 172 -1.17 68.59 -53.53
N MET I 173 -0.67 69.82 -53.49
CA MET I 173 -0.69 70.65 -52.30
C MET I 173 -1.66 71.81 -52.49
N TYR I 174 -2.37 72.17 -51.44
CA TYR I 174 -3.37 73.24 -51.46
C TYR I 174 -2.99 74.29 -50.42
N GLY I 175 -3.10 75.56 -50.82
CA GLY I 175 -2.79 76.62 -49.89
C GLY I 175 -3.01 77.97 -50.53
N ASN I 176 -2.76 79.02 -49.74
CA ASN I 176 -2.85 80.39 -50.21
C ASN I 176 -1.50 81.05 -50.42
N THR I 177 -0.44 80.51 -49.82
CA THR I 177 0.88 81.11 -49.89
C THR I 177 1.81 80.20 -50.68
N THR I 178 2.59 80.82 -51.57
CA THR I 178 3.55 80.11 -52.42
C THR I 178 4.95 80.34 -51.89
N ILE I 179 5.76 79.29 -51.88
CA ILE I 179 7.17 79.38 -51.47
C ILE I 179 8.01 78.63 -52.49
N GLU I 180 9.22 79.11 -52.71
CA GLU I 180 10.18 78.49 -53.62
C GLU I 180 11.43 78.10 -52.84
N THR I 181 11.83 76.84 -52.94
CA THR I 181 13.08 76.38 -52.35
C THR I 181 13.79 75.47 -53.35
N THR I 182 15.03 75.12 -53.03
CA THR I 182 15.90 74.42 -53.98
C THR I 182 16.48 73.18 -53.31
N ILE I 183 16.50 72.08 -54.06
CA ILE I 183 17.23 70.88 -53.67
C ILE I 183 17.89 70.33 -54.92
N GLY I 184 19.21 70.22 -54.90
CA GLY I 184 19.90 69.75 -56.08
C GLY I 184 19.68 70.64 -57.29
N GLY I 185 19.53 71.95 -57.08
CA GLY I 185 19.26 72.88 -58.14
C GLY I 185 17.81 72.95 -58.56
N PHE I 186 16.94 72.16 -57.96
CA PHE I 186 15.56 72.05 -58.43
C PHE I 186 14.69 73.00 -57.63
N CYS I 187 14.16 74.02 -58.30
CA CYS I 187 13.24 74.94 -57.65
C CYS I 187 11.82 74.37 -57.69
N ARG I 188 11.23 74.17 -56.53
CA ARG I 188 9.90 73.59 -56.43
C ARG I 188 8.93 74.57 -55.79
N ARG I 189 7.69 74.52 -56.26
CA ARG I 189 6.63 75.39 -55.79
C ARG I 189 5.89 74.66 -54.66
N ILE I 190 5.96 75.20 -53.46
CA ILE I 190 5.32 74.61 -52.29
C ILE I 190 4.21 75.56 -51.87
N ARG I 191 2.99 75.03 -51.74
CA ARG I 191 1.86 75.85 -51.33
C ARG I 191 1.47 75.49 -49.90
N VAL I 192 1.59 76.46 -49.00
CA VAL I 192 1.18 76.26 -47.61
C VAL I 192 0.09 77.27 -47.29
N ILE I 193 -0.59 77.08 -46.17
CA ILE I 193 -1.58 78.03 -45.68
C ILE I 193 -0.93 78.85 -44.57
N ARG I 194 -1.01 80.16 -44.70
CA ARG I 194 -0.63 81.10 -43.65
C ARG I 194 -1.91 81.81 -43.25
N PRO I 195 -2.58 81.38 -42.17
CA PRO I 195 -3.94 81.84 -41.92
C PRO I 195 -4.03 83.35 -41.78
N VAL I 196 -5.11 83.90 -42.33
CA VAL I 196 -5.46 85.30 -42.13
C VAL I 196 -6.16 85.35 -40.78
N LEU I 197 -5.48 85.93 -39.80
CA LEU I 197 -6.06 86.06 -38.46
C LEU I 197 -7.08 87.20 -38.47
N ILE I 198 -8.28 86.93 -38.00
CA ILE I 198 -9.32 87.95 -37.85
C ILE I 198 -9.60 88.11 -36.36
N PRO I 199 -9.38 89.29 -35.78
CA PRO I 199 -9.78 89.51 -34.39
C PRO I 199 -11.29 89.32 -34.22
N THR I 200 -11.66 88.73 -33.09
CA THR I 200 -13.03 88.39 -32.82
C THR I 200 -13.45 88.98 -31.49
N SER I 201 -14.70 89.43 -31.41
CA SER I 201 -15.31 89.86 -30.17
C SER I 201 -16.36 88.84 -29.75
N VAL I 202 -16.28 88.43 -28.49
CA VAL I 202 -17.11 87.36 -27.94
C VAL I 202 -17.77 87.86 -26.67
N GLU I 203 -19.06 87.56 -26.53
CA GLU I 203 -19.81 87.83 -25.30
C GLU I 203 -20.50 86.54 -24.87
N ILE I 204 -20.37 86.21 -23.58
CA ILE I 204 -20.97 85.00 -23.03
C ILE I 204 -21.84 85.38 -21.84
N ASP I 205 -23.07 84.86 -21.82
CA ASP I 205 -23.99 85.04 -20.71
C ASP I 205 -24.21 83.68 -20.07
N VAL I 206 -24.15 83.64 -18.73
CA VAL I 206 -24.15 82.39 -17.99
C VAL I 206 -25.12 82.49 -16.81
N GLN I 207 -25.55 81.33 -16.32
CA GLN I 207 -26.33 81.21 -15.10
C GLN I 207 -25.51 80.41 -14.09
N SER I 208 -25.45 80.88 -12.86
CA SER I 208 -24.76 80.14 -11.82
C SER I 208 -25.62 79.02 -11.28
N ARG I 209 -25.05 77.82 -11.19
CA ARG I 209 -25.71 76.68 -10.56
C ARG I 209 -24.70 75.91 -9.72
N PRO I 210 -24.41 76.40 -8.52
CA PRO I 210 -23.31 75.83 -7.74
C PRO I 210 -23.74 74.56 -7.03
N LEU I 211 -22.76 73.72 -6.74
CA LEU I 211 -23.01 72.52 -5.96
C LEU I 211 -23.50 72.91 -4.59
N LYS I 212 -24.43 72.12 -4.05
CA LYS I 212 -25.22 72.51 -2.89
C LYS I 212 -24.35 73.20 -1.84
N ASN I 213 -23.16 72.67 -1.58
CA ASN I 213 -22.14 73.35 -0.80
C ASN I 213 -20.78 73.36 -1.46
N GLY I 214 -20.73 73.24 -2.78
CA GLY I 214 -19.53 73.60 -3.51
C GLY I 214 -19.25 75.08 -3.32
N CYS I 215 -18.05 75.49 -3.72
CA CYS I 215 -17.63 76.84 -3.43
C CYS I 215 -18.15 77.78 -4.52
N PRO I 216 -17.98 79.10 -4.34
CA PRO I 216 -18.87 80.04 -5.02
C PRO I 216 -18.70 80.01 -6.53
N PRO I 217 -19.55 80.75 -7.24
CA PRO I 217 -19.37 80.87 -8.69
C PRO I 217 -18.10 81.63 -9.00
N PRO I 218 -17.35 81.20 -10.01
CA PRO I 218 -16.09 81.88 -10.33
C PRO I 218 -16.33 83.29 -10.83
N SER I 219 -15.36 84.16 -10.58
CA SER I 219 -15.48 85.55 -10.96
C SER I 219 -15.45 85.67 -12.49
N VAL I 220 -16.09 86.74 -12.96
CA VAL I 220 -16.18 87.00 -14.39
C VAL I 220 -14.81 87.14 -15.03
N ASN I 221 -13.87 87.81 -14.36
CA ASN I 221 -12.52 87.90 -14.90
C ASN I 221 -11.85 86.54 -14.99
N ALA I 222 -12.05 85.69 -13.98
CA ALA I 222 -11.47 84.35 -14.03
C ALA I 222 -12.04 83.56 -15.19
N MET I 223 -13.35 83.66 -15.41
CA MET I 223 -13.94 83.00 -16.57
C MET I 223 -13.38 83.55 -17.87
N ALA I 224 -13.20 84.87 -17.95
CA ALA I 224 -12.65 85.47 -19.17
C ALA I 224 -11.24 84.95 -19.45
N ALA I 225 -10.40 84.91 -18.42
CA ALA I 225 -9.03 84.46 -18.60
C ALA I 225 -8.97 82.97 -18.93
N GLY I 226 -9.84 82.17 -18.31
CA GLY I 226 -9.94 80.77 -18.69
C GLY I 226 -10.33 80.58 -20.13
N LEU I 227 -11.32 81.34 -20.60
CA LEU I 227 -11.70 81.27 -22.01
C LEU I 227 -10.53 81.66 -22.90
N TYR I 228 -9.87 82.77 -22.57
CA TYR I 228 -8.79 83.27 -23.39
C TYR I 228 -7.63 82.29 -23.48
N THR I 229 -7.22 81.71 -22.36
CA THR I 229 -6.04 80.84 -22.37
C THR I 229 -6.29 79.59 -23.20
N GLU I 230 -7.48 79.00 -23.08
CA GLU I 230 -7.79 77.83 -23.89
C GLU I 230 -7.95 78.20 -25.36
N LEU I 231 -8.59 79.34 -25.66
CA LEU I 231 -8.76 79.72 -27.06
C LEU I 231 -7.45 80.12 -27.72
N THR I 232 -6.46 80.54 -26.94
CA THR I 232 -5.17 80.95 -27.48
C THR I 232 -4.11 79.86 -27.40
N GLY I 233 -4.33 78.82 -26.61
CA GLY I 233 -3.34 77.78 -26.43
C GLY I 233 -3.24 76.89 -27.65
N PRO I 234 -2.56 75.75 -27.50
CA PRO I 234 -2.38 74.86 -28.65
C PRO I 234 -3.70 74.36 -29.22
N ASP I 235 -4.73 74.31 -28.38
CA ASP I 235 -6.04 73.81 -28.79
C ASP I 235 -6.92 74.91 -29.34
N ARG I 236 -6.32 75.95 -29.90
CA ARG I 236 -7.04 77.09 -30.41
C ARG I 236 -7.90 76.68 -31.60
N PRO I 237 -9.01 77.37 -31.83
CA PRO I 237 -9.77 77.14 -33.07
C PRO I 237 -8.90 77.31 -34.31
N GLY I 238 -8.74 76.24 -35.08
CA GLY I 238 -7.93 76.29 -36.28
C GLY I 238 -8.58 77.15 -37.34
N ASN I 239 -8.20 76.91 -38.58
CA ASN I 239 -8.76 77.65 -39.70
C ASN I 239 -9.98 76.95 -40.25
N GLY I 240 -10.88 77.74 -40.84
CA GLY I 240 -12.14 77.20 -41.33
C GLY I 240 -13.06 76.74 -40.22
N GLU I 241 -13.14 77.50 -39.13
CA GLU I 241 -14.01 77.20 -38.01
C GLU I 241 -15.20 78.15 -38.03
N ASP I 242 -16.40 77.59 -38.21
CA ASP I 242 -17.61 78.39 -38.07
C ASP I 242 -17.85 78.63 -36.58
N GLY I 243 -17.48 79.82 -36.10
CA GLY I 243 -17.73 80.18 -34.73
C GLY I 243 -19.18 79.91 -34.36
N THR I 244 -19.39 78.97 -33.45
CA THR I 244 -20.73 78.51 -33.12
C THR I 244 -20.84 78.34 -31.61
N VAL I 245 -22.08 78.24 -31.14
CA VAL I 245 -22.30 78.06 -29.70
C VAL I 245 -21.67 76.77 -29.22
N TYR I 246 -21.61 75.74 -30.07
CA TYR I 246 -21.09 74.46 -29.62
C TYR I 246 -19.69 74.61 -29.01
N LEU I 247 -18.78 75.24 -29.75
CA LEU I 247 -17.39 75.28 -29.30
C LEU I 247 -17.26 76.03 -27.98
N PHE I 248 -17.83 77.23 -27.89
CA PHE I 248 -17.68 78.07 -26.72
C PHE I 248 -18.40 77.51 -25.50
N ARG I 249 -19.64 77.04 -25.68
CA ARG I 249 -20.36 76.42 -24.59
C ARG I 249 -19.65 75.17 -24.10
N LYS I 250 -19.10 74.36 -25.00
CA LYS I 250 -18.29 73.22 -24.60
C LYS I 250 -17.09 73.63 -23.77
N ILE I 251 -16.36 74.66 -24.21
CA ILE I 251 -15.16 75.06 -23.46
C ILE I 251 -15.55 75.57 -22.08
N MET I 252 -16.60 76.37 -21.99
CA MET I 252 -17.05 76.86 -20.68
C MET I 252 -17.51 75.73 -19.77
N GLU I 253 -18.33 74.81 -20.28
CA GLU I 253 -18.83 73.74 -19.42
C GLU I 253 -17.78 72.69 -19.13
N ARG I 254 -16.63 72.73 -19.82
CA ARG I 254 -15.52 71.86 -19.44
C ARG I 254 -14.59 72.55 -18.44
N LEU I 255 -14.38 73.86 -18.59
CA LEU I 255 -13.53 74.57 -17.65
C LEU I 255 -14.21 74.75 -16.30
N TYR I 256 -15.47 75.17 -16.29
CA TYR I 256 -16.18 75.52 -15.06
C TYR I 256 -17.39 74.60 -14.95
N PRO I 257 -17.27 73.46 -14.28
CA PRO I 257 -18.38 72.51 -14.27
C PRO I 257 -19.63 73.03 -13.60
N ASN I 258 -19.52 74.08 -12.78
CA ASN I 258 -20.68 74.62 -12.06
C ASN I 258 -21.17 75.92 -12.67
N VAL I 259 -21.21 76.00 -14.00
CA VAL I 259 -21.75 77.18 -14.69
C VAL I 259 -22.37 76.72 -16.00
N GLU I 260 -23.52 77.30 -16.34
CA GLU I 260 -24.20 77.06 -17.59
C GLU I 260 -24.12 78.29 -18.47
N VAL I 261 -23.98 78.08 -19.77
CA VAL I 261 -23.97 79.18 -20.72
C VAL I 261 -25.38 79.44 -21.21
N VAL I 262 -25.78 80.71 -21.18
CA VAL I 262 -27.09 81.13 -21.65
C VAL I 262 -27.02 81.41 -23.15
N ASP I 263 -26.18 82.36 -23.54
CA ASP I 263 -26.07 82.73 -24.94
C ASP I 263 -24.65 83.19 -25.24
N VAL I 264 -24.21 82.88 -26.46
CA VAL I 264 -22.95 83.32 -27.01
C VAL I 264 -23.25 84.29 -28.15
N ARG I 265 -22.73 85.51 -28.04
CA ARG I 265 -22.76 86.48 -29.12
C ARG I 265 -21.35 86.62 -29.69
N LEU I 266 -21.27 86.70 -31.01
CA LEU I 266 -19.99 86.70 -31.71
C LEU I 266 -19.99 87.79 -32.77
N SER I 267 -18.81 88.30 -33.07
CA SER I 267 -18.66 89.17 -34.23
C SER I 267 -17.19 89.46 -34.45
N GLN I 268 -16.92 90.27 -35.46
CA GLN I 268 -15.58 90.78 -35.68
C GLN I 268 -15.44 92.14 -34.99
N ALA I 269 -14.19 92.56 -34.84
CA ALA I 269 -13.93 93.89 -34.34
C ALA I 269 -13.93 94.88 -35.50
N PRO I 270 -14.70 95.98 -35.43
CA PRO I 270 -15.56 96.45 -34.34
C PRO I 270 -17.02 96.04 -34.49
N ALA I 271 -17.29 94.98 -35.26
CA ALA I 271 -18.67 94.62 -35.55
C ALA I 271 -19.43 94.32 -34.26
N ALA I 272 -20.69 94.73 -34.23
CA ALA I 272 -21.52 94.47 -33.06
C ALA I 272 -21.73 92.96 -32.90
N PRO I 273 -21.59 92.42 -31.69
CA PRO I 273 -21.74 90.98 -31.51
C PRO I 273 -23.09 90.49 -32.03
N THR I 274 -23.07 89.37 -32.73
CA THR I 274 -24.21 88.86 -33.48
C THR I 274 -24.47 87.41 -33.11
N THR I 275 -25.72 87.00 -33.27
CA THR I 275 -26.05 85.60 -33.03
C THR I 275 -25.24 84.72 -33.97
N PRO I 276 -24.57 83.69 -33.46
CA PRO I 276 -23.83 82.78 -34.33
C PRO I 276 -24.75 82.17 -35.37
N PRO I 277 -24.21 81.41 -36.33
CA PRO I 277 -22.79 81.07 -36.49
C PRO I 277 -21.95 82.22 -37.03
N LEU I 278 -20.66 82.22 -36.73
CA LEU I 278 -19.72 83.19 -37.28
C LEU I 278 -18.80 82.44 -38.23
N VAL I 279 -18.90 82.75 -39.52
CA VAL I 279 -18.34 81.91 -40.57
C VAL I 279 -16.90 82.33 -40.84
N MET I 280 -15.99 81.36 -40.75
CA MET I 280 -14.66 81.47 -41.30
C MET I 280 -14.56 80.54 -42.51
N SER I 281 -13.80 80.99 -43.51
CA SER I 281 -13.48 80.13 -44.65
C SER I 281 -12.25 79.31 -44.29
N PHE I 282 -11.89 78.37 -45.17
CA PHE I 282 -10.80 77.46 -44.85
C PHE I 282 -9.46 78.18 -44.72
N PHE I 283 -9.35 79.42 -45.20
CA PHE I 283 -8.12 80.18 -45.08
C PHE I 283 -8.17 81.24 -43.99
N GLN I 284 -9.30 81.38 -43.31
CA GLN I 284 -9.47 82.40 -42.28
C GLN I 284 -9.49 81.75 -40.91
N MET I 285 -8.78 82.36 -39.97
CA MET I 285 -8.70 81.88 -38.60
C MET I 285 -9.09 82.98 -37.64
N MET I 286 -9.65 82.59 -36.50
CA MET I 286 -10.10 83.55 -35.51
C MET I 286 -8.97 83.91 -34.56
N SER I 287 -8.83 85.20 -34.27
CA SER I 287 -7.91 85.73 -33.29
C SER I 287 -8.68 86.27 -32.09
N PHE I 288 -7.98 86.50 -30.99
CA PHE I 288 -8.65 86.85 -29.75
C PHE I 288 -7.77 87.74 -28.88
N ASN I 289 -8.43 88.49 -28.00
CA ASN I 289 -7.76 89.36 -27.04
C ASN I 289 -8.51 89.33 -25.72
N ALA I 290 -7.75 89.34 -24.63
CA ALA I 290 -8.35 89.28 -23.30
C ALA I 290 -9.30 90.44 -23.06
N ASP I 291 -8.90 91.65 -23.47
CA ASP I 291 -9.77 92.81 -23.30
C ASP I 291 -10.86 92.87 -24.36
N ASP I 292 -10.81 92.01 -25.37
CA ASP I 292 -11.90 91.87 -26.33
C ASP I 292 -12.80 90.67 -26.03
N ILE I 293 -12.54 89.95 -24.94
CA ILE I 293 -13.46 88.94 -24.42
C ILE I 293 -14.26 89.56 -23.28
N LEU I 294 -15.51 89.10 -23.13
CA LEU I 294 -16.39 89.58 -22.07
C LEU I 294 -17.31 88.46 -21.62
N VAL I 295 -17.57 88.41 -20.31
CA VAL I 295 -18.46 87.43 -19.72
C VAL I 295 -19.34 88.13 -18.69
N GLU I 296 -20.50 87.54 -18.42
CA GLU I 296 -21.37 88.04 -17.36
C GLU I 296 -22.40 86.97 -17.02
N ILE I 297 -22.97 87.10 -15.83
CA ILE I 297 -23.86 86.08 -15.26
C ILE I 297 -25.30 86.58 -15.30
N VAL I 298 -26.17 85.78 -15.88
CA VAL I 298 -27.61 86.02 -15.85
C VAL I 298 -28.13 85.55 -14.50
N PRO I 299 -29.17 86.17 -13.94
CA PRO I 299 -29.71 85.65 -12.68
C PRO I 299 -30.73 84.53 -12.90
N MET J 1 35.36 43.25 -43.53
CA MET J 1 36.35 42.27 -43.12
C MET J 1 37.72 42.72 -43.63
N SER J 2 38.55 41.75 -43.98
CA SER J 2 39.88 42.00 -44.55
C SER J 2 40.12 40.88 -45.55
N ASN J 3 41.38 40.67 -45.87
CA ASN J 3 41.72 39.50 -46.67
C ASN J 3 41.28 38.27 -45.87
N LEU J 4 40.19 37.63 -46.28
CA LEU J 4 39.75 36.43 -45.60
C LEU J 4 40.78 35.32 -45.74
N CYS J 5 41.65 35.45 -46.75
CA CYS J 5 42.39 34.33 -47.27
C CYS J 5 43.88 34.61 -47.28
N ALA J 6 44.65 33.56 -47.55
CA ALA J 6 46.11 33.64 -47.55
C ALA J 6 46.65 32.77 -48.67
N ASP J 7 47.92 32.97 -48.98
CA ASP J 7 48.57 32.13 -49.96
C ASP J 7 48.56 30.67 -49.49
N PRO J 8 48.17 29.73 -50.35
CA PRO J 8 48.27 28.32 -49.98
C PRO J 8 49.67 27.92 -49.56
N GLU J 9 50.69 28.50 -50.18
CA GLU J 9 52.06 28.18 -49.82
C GLU J 9 52.36 28.61 -48.39
N ALA J 10 51.64 29.60 -47.88
CA ALA J 10 51.80 30.00 -46.49
C ALA J 10 51.21 28.95 -45.54
N LEU J 11 49.97 28.53 -45.79
CA LEU J 11 49.33 27.55 -44.92
C LEU J 11 50.04 26.21 -44.95
N VAL J 12 50.39 25.73 -46.14
CA VAL J 12 51.02 24.43 -46.27
C VAL J 12 52.37 24.42 -45.55
N GLU J 13 53.15 25.49 -45.71
CA GLU J 13 54.42 25.56 -45.00
C GLU J 13 54.21 25.69 -43.50
N ALA J 14 53.17 26.40 -43.06
CA ALA J 14 52.89 26.48 -41.64
C ALA J 14 52.62 25.11 -41.04
N ARG J 15 51.93 24.25 -41.78
CA ARG J 15 51.74 22.87 -41.33
C ARG J 15 53.01 22.04 -41.45
N ILE J 16 53.80 22.21 -42.51
CA ILE J 16 55.05 21.47 -42.63
C ILE J 16 55.99 21.81 -41.48
N ASP J 17 55.84 22.99 -40.89
CA ASP J 17 56.66 23.34 -39.73
C ASP J 17 56.32 22.48 -38.52
N GLU J 18 55.16 21.83 -38.51
CA GLU J 18 54.78 20.96 -37.41
C GLU J 18 55.36 19.54 -37.53
N VAL J 19 55.99 19.22 -38.66
CA VAL J 19 56.59 17.91 -38.87
C VAL J 19 57.60 17.60 -37.77
N LEU J 20 57.86 16.31 -37.54
CA LEU J 20 58.83 15.91 -36.54
C LEU J 20 60.26 16.13 -37.01
N THR J 21 61.17 16.20 -36.03
CA THR J 21 62.56 16.44 -36.32
C THR J 21 63.13 15.40 -37.28
N GLN J 22 62.82 14.12 -37.06
CA GLN J 22 63.39 13.08 -37.89
C GLN J 22 62.95 13.18 -39.34
N TYR J 23 61.92 13.95 -39.62
CA TYR J 23 61.42 14.12 -40.98
C TYR J 23 61.69 15.51 -41.53
N ARG J 24 62.25 16.41 -40.72
CA ARG J 24 62.50 17.77 -41.18
C ARG J 24 63.29 17.82 -42.49
N GLU J 25 64.11 16.82 -42.78
CA GLU J 25 64.93 16.80 -43.98
C GLU J 25 64.74 15.51 -44.77
N SER J 26 63.48 15.13 -44.98
CA SER J 26 63.11 14.00 -45.82
C SER J 26 62.43 14.54 -47.06
N PRO J 27 63.17 14.99 -48.07
CA PRO J 27 62.54 15.76 -49.16
C PRO J 27 61.41 15.03 -49.87
N TYR J 28 61.56 13.73 -50.16
CA TYR J 28 60.49 13.02 -50.85
C TYR J 28 59.23 12.94 -50.00
N LEU J 29 59.35 12.64 -48.71
CA LEU J 29 58.17 12.56 -47.86
C LEU J 29 57.54 13.92 -47.64
N LEU J 30 58.37 14.93 -47.38
CA LEU J 30 57.84 16.29 -47.20
C LEU J 30 57.17 16.79 -48.46
N ASN J 31 57.78 16.52 -49.63
CA ASN J 31 57.18 16.97 -50.88
C ASN J 31 55.93 16.18 -51.24
N LEU J 32 55.84 14.91 -50.83
CA LEU J 32 54.57 14.21 -50.94
C LEU J 32 53.50 14.91 -50.12
N ILE J 33 53.79 15.19 -48.86
CA ILE J 33 52.80 15.86 -48.00
C ILE J 33 52.42 17.21 -48.58
N ARG J 34 53.41 17.95 -49.10
CA ARG J 34 53.14 19.25 -49.70
C ARG J 34 52.24 19.12 -50.91
N ALA J 35 52.50 18.16 -51.79
CA ALA J 35 51.65 17.97 -52.96
C ALA J 35 50.22 17.66 -52.54
N TYR J 36 50.05 16.82 -51.51
CA TYR J 36 48.71 16.43 -51.11
C TYR J 36 47.97 17.59 -50.46
N LEU J 37 48.64 18.36 -49.60
CA LEU J 37 47.96 19.44 -48.90
C LEU J 37 47.79 20.68 -49.75
N SER J 38 48.65 20.89 -50.73
CA SER J 38 48.50 22.01 -51.66
C SER J 38 47.23 21.88 -52.48
N LYS J 39 46.87 20.66 -52.90
CA LYS J 39 45.64 20.58 -53.67
C LYS J 39 44.43 21.00 -52.86
N LEU J 40 44.33 20.60 -51.59
CA LEU J 40 43.22 21.05 -50.76
C LEU J 40 43.28 22.56 -50.54
N ALA J 41 44.48 23.10 -50.31
CA ALA J 41 44.59 24.53 -50.10
C ALA J 41 44.17 25.32 -51.33
N GLU J 42 44.64 24.95 -52.52
CA GLU J 42 44.19 25.62 -53.73
C GLU J 42 42.71 25.44 -53.97
N THR J 43 42.17 24.25 -53.72
CA THR J 43 40.74 24.05 -53.88
C THR J 43 39.96 25.06 -53.05
N SER J 44 40.35 25.23 -51.80
CA SER J 44 39.65 26.18 -50.94
C SER J 44 39.92 27.63 -51.27
N MET J 45 41.07 27.97 -51.84
CA MET J 45 41.32 29.37 -52.18
C MET J 45 40.33 29.89 -53.21
N SER J 46 39.72 29.00 -53.99
CA SER J 46 38.67 29.42 -54.91
C SER J 46 37.44 29.91 -54.17
N TYR J 47 37.28 29.54 -52.90
CA TYR J 47 36.13 29.96 -52.13
C TYR J 47 36.16 31.45 -51.85
N CYS J 48 37.34 32.04 -51.95
CA CYS J 48 37.62 33.42 -51.57
C CYS J 48 37.04 34.39 -52.55
N ASP J 49 36.10 33.92 -53.38
CA ASP J 49 35.58 34.66 -54.52
C ASP J 49 34.05 34.67 -54.51
N MET J 50 33.43 34.05 -53.51
CA MET J 50 32.04 34.32 -53.19
C MET J 50 31.92 35.55 -52.31
N VAL J 51 33.03 36.25 -52.11
CA VAL J 51 33.10 37.34 -51.15
C VAL J 51 32.68 38.67 -51.78
N GLU J 52 33.34 39.09 -52.85
CA GLU J 52 32.99 40.34 -53.49
C GLU J 52 32.42 40.16 -54.89
N LYS J 53 32.16 38.93 -55.33
CA LYS J 53 31.44 38.74 -56.58
C LYS J 53 29.96 39.08 -56.45
N PHE J 54 29.47 39.29 -55.23
CA PHE J 54 28.10 39.72 -55.00
C PHE J 54 28.00 41.18 -54.62
N ASP J 55 29.07 41.94 -54.80
CA ASP J 55 29.03 43.39 -54.65
C ASP J 55 28.09 43.99 -55.69
N LEU J 56 27.09 44.74 -55.24
CA LEU J 56 26.09 45.26 -56.18
C LEU J 56 26.69 46.28 -57.13
N ASP J 57 27.89 46.79 -56.85
CA ASP J 57 28.56 47.69 -57.78
C ASP J 57 29.30 46.95 -58.88
N THR J 58 29.58 45.66 -58.70
CA THR J 58 30.45 44.94 -59.62
C THR J 58 29.91 43.58 -60.05
N ALA J 59 28.86 43.08 -59.41
CA ALA J 59 28.39 41.72 -59.67
C ALA J 59 27.95 41.56 -61.12
N VAL J 60 28.29 40.41 -61.72
CA VAL J 60 27.98 40.13 -63.11
C VAL J 60 27.38 38.73 -63.22
N GLY J 61 26.62 38.52 -64.29
CA GLY J 61 26.13 37.19 -64.58
C GLY J 61 25.23 36.64 -63.49
N ASP J 62 25.47 35.38 -63.15
CA ASP J 62 24.64 34.72 -62.13
C ASP J 62 24.80 35.38 -60.78
N GLN J 63 25.97 35.92 -60.48
CA GLN J 63 26.18 36.60 -59.21
C GLN J 63 25.32 37.86 -59.11
N LEU J 64 24.96 38.44 -60.25
CA LEU J 64 24.02 39.57 -60.25
C LEU J 64 22.58 39.08 -60.30
N THR J 65 22.33 37.95 -60.95
CA THR J 65 20.99 37.37 -60.92
C THR J 65 20.59 37.01 -59.51
N ILE J 66 21.51 36.53 -58.68
CA ILE J 66 21.20 36.20 -57.30
C ILE J 66 20.85 37.46 -56.52
N ILE J 67 21.59 38.55 -56.73
CA ILE J 67 21.23 39.80 -56.08
C ILE J 67 19.85 40.25 -56.50
N GLY J 68 19.53 40.12 -57.79
CA GLY J 68 18.21 40.48 -58.24
C GLY J 68 17.11 39.62 -57.62
N ARG J 69 17.38 38.33 -57.47
CA ARG J 69 16.41 37.45 -56.85
C ARG J 69 16.26 37.70 -55.36
N ILE J 70 17.30 38.20 -54.70
CA ILE J 70 17.18 38.61 -53.31
C ILE J 70 16.36 39.88 -53.19
N LEU J 71 16.64 40.86 -54.05
CA LEU J 71 15.93 42.13 -54.01
C LEU J 71 14.53 42.02 -54.58
N GLY J 72 14.18 40.92 -55.23
CA GLY J 72 12.84 40.73 -55.73
C GLY J 72 12.57 41.43 -57.03
N PHE J 73 13.50 41.38 -57.98
CA PHE J 73 13.30 41.99 -59.30
C PHE J 73 13.98 41.10 -60.33
N PRO J 74 13.23 40.20 -60.97
CA PRO J 74 13.85 39.27 -61.92
C PRO J 74 14.32 39.93 -63.20
N ARG J 75 15.03 39.17 -64.04
CA ARG J 75 15.47 39.70 -65.31
C ARG J 75 14.37 39.67 -66.36
N CYS J 76 13.42 38.76 -66.25
CA CYS J 76 12.41 38.55 -67.28
C CYS J 76 11.07 39.12 -66.81
N HIS J 77 10.50 40.00 -67.62
CA HIS J 77 9.26 40.70 -67.31
C HIS J 77 8.35 40.68 -68.52
N CYS J 78 7.06 40.46 -68.30
CA CYS J 78 6.12 40.41 -69.41
C CYS J 78 5.88 41.80 -70.00
N VAL J 79 5.72 41.84 -71.33
CA VAL J 79 5.63 43.11 -72.06
C VAL J 79 4.65 42.97 -73.22
N CYS J 80 4.15 44.11 -73.67
CA CYS J 80 3.36 44.23 -74.90
C CYS J 80 4.21 44.67 -76.07
N ASP J 81 5.35 44.04 -76.31
CA ASP J 81 6.24 44.48 -77.37
C ASP J 81 6.71 43.29 -78.18
N THR J 82 6.99 43.54 -79.44
CA THR J 82 7.47 42.51 -80.36
C THR J 82 8.99 42.49 -80.26
N ILE J 83 9.52 41.63 -79.40
CA ILE J 83 10.97 41.49 -79.23
C ILE J 83 11.58 41.07 -80.55
N PRO J 84 12.76 41.58 -80.89
CA PRO J 84 13.49 41.00 -82.01
C PRO J 84 13.92 39.57 -81.70
N VAL J 85 14.01 38.75 -82.73
CA VAL J 85 14.41 37.36 -82.61
C VAL J 85 15.58 37.10 -83.55
N VAL J 86 16.56 36.36 -83.06
CA VAL J 86 17.75 36.06 -83.85
C VAL J 86 17.34 35.25 -85.08
N GLY J 87 17.92 35.58 -86.23
CA GLY J 87 17.66 34.87 -87.46
C GLY J 87 18.14 35.63 -88.68
N TYR J 88 18.13 35.00 -89.84
CA TYR J 88 18.53 35.64 -91.08
C TYR J 88 17.30 36.15 -91.82
N ASP J 89 17.34 37.40 -92.24
CA ASP J 89 16.21 38.00 -92.96
C ASP J 89 16.32 37.75 -94.46
N CYS J 90 16.51 36.48 -94.83
CA CYS J 90 16.48 36.05 -96.22
C CYS J 90 17.31 36.99 -97.09
N GLY J 91 18.51 37.31 -96.63
CA GLY J 91 19.36 38.27 -97.31
C GLY J 91 18.87 39.69 -97.17
N GLY J 92 18.52 40.33 -98.28
CA GLY J 92 18.06 41.70 -98.26
C GLY J 92 16.75 41.92 -97.50
N SER J 93 15.74 41.12 -97.83
CA SER J 93 14.42 41.31 -97.25
C SER J 93 13.54 40.11 -97.56
N TYR J 94 12.77 39.70 -96.56
CA TYR J 94 11.77 38.66 -96.68
C TYR J 94 10.47 39.18 -96.06
N ALA J 95 9.36 38.58 -96.45
CA ALA J 95 8.08 39.11 -96.02
C ALA J 95 7.88 38.89 -94.52
N GLY J 96 7.69 37.64 -94.13
CA GLY J 96 7.65 37.26 -92.73
C GLY J 96 6.73 38.09 -91.85
N SER J 97 6.85 37.90 -90.53
CA SER J 97 6.16 38.72 -89.56
C SER J 97 6.99 38.98 -88.31
N TYR J 98 8.25 38.57 -88.29
CA TYR J 98 9.14 38.76 -87.16
C TYR J 98 10.10 39.90 -87.46
N GLN J 99 10.88 40.30 -86.45
CA GLN J 99 11.95 41.25 -86.63
C GLN J 99 13.25 40.63 -86.16
N LEU J 100 14.25 40.62 -87.03
CA LEU J 100 15.44 39.81 -86.87
C LEU J 100 16.41 40.45 -85.89
N ALA J 101 17.46 39.71 -85.56
CA ALA J 101 18.46 40.16 -84.59
C ALA J 101 19.86 40.05 -85.19
N GLY J 102 20.75 40.93 -84.73
CA GLY J 102 22.00 41.18 -85.44
C GLY J 102 23.29 41.14 -84.63
N TYR J 103 23.42 40.19 -83.72
CA TYR J 103 24.64 39.90 -82.96
C TYR J 103 24.87 40.88 -81.82
N CYS J 104 24.13 41.97 -81.73
CA CYS J 104 24.24 42.86 -80.57
C CYS J 104 22.86 43.48 -80.34
N GLU J 105 22.09 42.83 -79.48
CA GLU J 105 20.77 43.29 -79.10
C GLU J 105 20.43 42.71 -77.75
N PRO J 106 20.09 43.54 -76.78
CA PRO J 106 19.84 43.03 -75.42
C PRO J 106 18.77 41.96 -75.37
N GLY J 107 17.78 42.06 -76.25
CA GLY J 107 16.77 41.01 -76.35
C GLY J 107 17.18 39.88 -77.27
N SER J 108 18.39 39.36 -77.08
CA SER J 108 18.86 38.24 -77.89
C SER J 108 18.13 36.96 -77.51
N SER J 109 17.00 36.71 -78.16
CA SER J 109 16.19 35.56 -77.83
C SER J 109 15.76 34.85 -79.10
N TRP J 110 15.69 33.52 -79.00
CA TRP J 110 15.24 32.67 -80.09
C TRP J 110 13.75 32.39 -79.92
N ILE J 111 13.13 31.87 -80.99
CA ILE J 111 11.71 31.56 -80.92
C ILE J 111 11.46 30.45 -79.91
N HIS J 112 12.38 29.49 -79.81
CA HIS J 112 12.16 28.31 -78.99
C HIS J 112 12.36 28.56 -77.50
N CYS J 113 12.84 29.74 -77.12
CA CYS J 113 13.17 30.01 -75.74
C CYS J 113 11.92 30.16 -74.88
N SER J 114 12.00 29.60 -73.67
CA SER J 114 10.90 29.74 -72.72
C SER J 114 10.60 31.19 -72.38
N PRO J 115 11.58 32.02 -72.01
CA PRO J 115 11.26 33.42 -71.75
C PRO J 115 11.20 34.22 -73.02
N TYR J 116 10.65 33.60 -74.07
CA TYR J 116 10.13 34.28 -75.24
C TYR J 116 8.79 33.74 -75.70
N GLY J 117 8.48 32.48 -75.46
CA GLY J 117 7.18 32.01 -75.86
C GLY J 117 6.03 32.58 -75.05
N ASN J 118 6.31 33.33 -73.98
CA ASN J 118 5.27 33.87 -73.13
C ASN J 118 5.46 35.37 -72.91
N SER J 119 6.00 36.05 -73.91
CA SER J 119 6.06 37.51 -73.96
C SER J 119 6.89 38.12 -72.83
N GLU J 120 7.93 37.41 -72.38
CA GLU J 120 8.82 37.95 -71.37
C GLU J 120 10.04 38.56 -72.05
N LEU J 121 10.22 39.86 -71.91
CA LEU J 121 11.47 40.52 -72.26
C LEU J 121 12.44 40.35 -71.10
N CYS J 122 13.66 39.89 -71.40
CA CYS J 122 14.65 39.59 -70.37
C CYS J 122 15.83 40.53 -70.53
N VAL J 123 16.17 41.24 -69.45
CA VAL J 123 17.27 42.19 -69.45
C VAL J 123 18.55 41.38 -69.28
N ASP J 124 19.30 41.22 -70.37
CA ASP J 124 20.48 40.38 -70.40
C ASP J 124 21.78 41.15 -70.22
N GLU J 125 21.79 42.44 -70.54
CA GLU J 125 22.96 43.26 -70.29
C GLU J 125 23.11 43.55 -68.81
N ASP J 126 24.31 43.30 -68.27
CA ASP J 126 24.51 43.47 -66.85
C ASP J 126 24.42 44.93 -66.41
N GLU J 127 24.85 45.87 -67.25
CA GLU J 127 24.97 47.23 -66.77
C GLU J 127 23.62 47.92 -66.63
N ILE J 128 22.63 47.51 -67.42
CA ILE J 128 21.27 48.02 -67.25
C ILE J 128 20.55 47.29 -66.12
N TYR J 129 20.77 45.99 -65.98
CA TYR J 129 20.14 45.26 -64.88
C TYR J 129 20.66 45.73 -63.54
N ARG J 130 21.95 46.07 -63.46
CA ARG J 130 22.51 46.61 -62.23
C ARG J 130 21.84 47.93 -61.87
N SER J 131 21.63 48.79 -62.85
CA SER J 131 20.94 50.05 -62.59
C SER J 131 19.52 49.80 -62.13
N LEU J 132 18.84 48.83 -62.74
CA LEU J 132 17.48 48.48 -62.31
C LEU J 132 17.47 47.99 -60.87
N LEU J 133 18.46 47.19 -60.47
CA LEU J 133 18.52 46.71 -59.10
C LEU J 133 18.79 47.85 -58.12
N LYS J 134 19.72 48.73 -58.47
CA LYS J 134 19.96 49.91 -57.64
C LYS J 134 18.70 50.74 -57.49
N ALA J 135 17.90 50.89 -58.54
CA ALA J 135 16.64 51.58 -58.43
C ALA J 135 15.64 50.84 -57.54
N ARG J 136 15.56 49.52 -57.69
CA ARG J 136 14.61 48.72 -56.91
C ARG J 136 14.92 48.81 -55.43
N ARG J 137 16.17 49.09 -55.08
CA ARG J 137 16.48 49.28 -53.67
C ARG J 137 15.59 50.36 -53.05
N TYR J 138 15.21 51.37 -53.83
CA TYR J 138 14.38 52.44 -53.27
C TYR J 138 12.92 52.01 -53.13
N GLN J 139 12.39 51.24 -54.08
CA GLN J 139 11.07 50.67 -53.89
C GLN J 139 11.01 49.79 -52.65
N MET J 140 12.01 48.93 -52.46
CA MET J 140 12.09 48.14 -51.23
C MET J 140 11.76 49.00 -50.03
N LEU J 141 12.56 50.04 -49.81
CA LEU J 141 12.47 50.87 -48.63
C LEU J 141 11.28 51.81 -48.66
N GLY J 142 10.60 51.92 -49.79
CA GLY J 142 9.48 52.84 -49.89
C GLY J 142 9.90 54.29 -49.86
N LEU J 143 10.99 54.63 -50.53
CA LEU J 143 11.50 56.00 -50.59
C LEU J 143 10.88 56.68 -51.81
N TYR J 144 9.74 57.32 -51.59
CA TYR J 144 8.99 57.95 -52.67
C TYR J 144 9.27 59.45 -52.80
N ASP J 145 10.06 60.04 -51.92
CA ASP J 145 10.30 61.47 -51.99
C ASP J 145 11.16 61.82 -53.20
N ILE J 146 11.13 63.11 -53.58
CA ILE J 146 11.90 63.57 -54.74
C ILE J 146 13.39 63.37 -54.53
N GLU J 147 13.89 63.64 -53.33
CA GLU J 147 15.32 63.50 -53.11
C GLU J 147 15.78 62.08 -53.39
N SER J 148 14.87 61.10 -53.34
CA SER J 148 15.20 59.72 -53.62
C SER J 148 14.87 59.30 -55.03
N LEU J 149 13.75 59.77 -55.57
CA LEU J 149 13.42 59.44 -56.95
C LEU J 149 14.41 60.06 -57.92
N HIS J 150 14.84 61.29 -57.65
CA HIS J 150 15.87 61.93 -58.47
C HIS J 150 17.18 61.16 -58.40
N GLU J 151 17.59 60.72 -57.21
CA GLU J 151 18.80 59.89 -57.10
C GLU J 151 18.65 58.56 -57.84
N ALA J 152 17.48 57.93 -57.76
CA ALA J 152 17.27 56.67 -58.48
C ALA J 152 17.38 56.89 -59.99
N LEU J 153 16.79 57.98 -60.48
CA LEU J 153 16.92 58.33 -61.89
C LEU J 153 18.37 58.58 -62.29
N GLN J 154 19.15 59.22 -61.42
CA GLN J 154 20.57 59.37 -61.70
C GLN J 154 21.22 58.04 -62.04
N ILE J 155 20.93 57.00 -61.26
CA ILE J 155 21.52 55.68 -61.48
C ILE J 155 20.97 55.03 -62.74
N VAL J 156 19.66 55.17 -62.98
CA VAL J 156 19.05 54.48 -64.12
C VAL J 156 19.51 55.09 -65.44
N TRP J 157 19.55 56.42 -65.52
CA TRP J 157 19.70 57.12 -66.79
C TRP J 157 20.96 57.98 -66.91
N GLY J 158 21.31 58.74 -65.90
CA GLY J 158 22.50 59.56 -65.96
C GLY J 158 22.33 60.88 -65.23
N GLU J 159 23.30 61.77 -65.45
CA GLU J 159 23.40 62.99 -64.68
C GLU J 159 22.41 64.07 -65.11
N ASP J 160 21.76 63.93 -66.26
CA ASP J 160 20.80 64.93 -66.71
C ASP J 160 19.36 64.54 -66.43
N ALA J 161 19.12 63.43 -65.75
CA ALA J 161 17.74 63.04 -65.46
C ALA J 161 17.11 64.00 -64.48
N MET J 162 15.79 64.08 -64.50
CA MET J 162 15.10 64.91 -63.51
C MET J 162 13.62 64.56 -63.43
N VAL J 163 13.04 64.85 -62.27
CA VAL J 163 11.60 64.74 -62.03
C VAL J 163 11.00 66.13 -62.14
N ALA J 164 9.89 66.24 -62.87
CA ALA J 164 9.45 67.54 -63.38
C ALA J 164 8.24 68.13 -62.66
N GLU J 165 7.11 67.43 -62.63
CA GLU J 165 5.86 68.03 -62.20
C GLU J 165 5.15 67.10 -61.24
N THR J 166 4.24 67.67 -60.45
CA THR J 166 3.41 66.92 -59.51
C THR J 166 1.96 67.32 -59.76
N LYS J 167 1.31 66.69 -60.72
CA LYS J 167 -0.10 66.94 -60.98
C LYS J 167 -0.91 66.18 -59.93
N VAL J 168 -2.20 66.00 -60.18
CA VAL J 168 -3.03 65.20 -59.29
C VAL J 168 -2.84 63.74 -59.69
N GLY J 169 -1.90 63.06 -59.04
CA GLY J 169 -1.72 61.65 -59.24
C GLY J 169 -0.83 61.25 -60.39
N GLN J 170 0.14 62.08 -60.74
CA GLN J 170 0.92 61.83 -61.95
C GLN J 170 2.26 62.55 -61.84
N VAL J 171 3.34 61.79 -61.98
CA VAL J 171 4.69 62.34 -61.92
C VAL J 171 5.38 62.09 -63.25
N VAL J 172 6.09 63.10 -63.74
CA VAL J 172 6.79 63.07 -65.01
C VAL J 172 8.28 63.05 -64.73
N VAL J 173 9.01 62.24 -65.51
CA VAL J 173 10.46 62.13 -65.40
C VAL J 173 11.07 62.25 -66.79
N THR J 174 12.36 62.58 -66.82
CA THR J 174 13.07 62.69 -68.08
C THR J 174 14.49 62.20 -67.87
N PRO J 175 15.09 61.54 -68.87
CA PRO J 175 16.52 61.19 -68.76
C PRO J 175 17.45 62.34 -69.05
N GLY J 176 17.04 63.27 -69.91
CA GLY J 176 17.91 64.37 -70.28
C GLY J 176 18.95 64.02 -71.33
N ARG J 177 18.65 63.07 -72.20
CA ARG J 177 19.57 62.67 -73.26
C ARG J 177 18.86 61.68 -74.18
N SER J 178 19.36 61.59 -75.41
CA SER J 178 18.73 60.71 -76.38
C SER J 178 19.00 59.25 -76.04
N LEU J 179 17.94 58.53 -75.67
CA LEU J 179 18.06 57.13 -75.34
C LEU J 179 18.43 56.31 -76.57
N THR J 180 19.13 55.22 -76.34
CA THR J 180 19.41 54.27 -77.41
C THR J 180 18.21 53.36 -77.62
N ALA J 181 18.30 52.49 -78.62
CA ALA J 181 17.24 51.50 -78.83
C ALA J 181 17.13 50.53 -77.66
N THR J 182 18.27 50.10 -77.11
CA THR J 182 18.24 49.17 -75.99
C THR J 182 17.46 49.77 -74.81
N GLU J 183 17.86 50.98 -74.41
CA GLU J 183 17.19 51.63 -73.29
C GLU J 183 15.75 51.97 -73.62
N THR J 184 15.47 52.34 -74.87
CA THR J 184 14.09 52.60 -75.25
C THR J 184 13.22 51.37 -75.06
N ARG J 185 13.70 50.21 -75.51
CA ARG J 185 12.90 49.01 -75.39
C ARG J 185 12.89 48.48 -73.96
N TYR J 186 13.86 48.90 -73.15
CA TYR J 186 13.84 48.58 -71.73
C TYR J 186 13.04 49.58 -70.89
N LEU J 187 12.58 50.69 -71.47
CA LEU J 187 11.77 51.63 -70.71
C LEU J 187 10.59 50.98 -70.00
N PRO J 188 9.79 50.12 -70.64
CA PRO J 188 8.68 49.51 -69.90
C PRO J 188 9.12 48.80 -68.64
N ILE J 189 10.32 48.23 -68.60
CA ILE J 189 10.80 47.59 -67.39
C ILE J 189 11.36 48.59 -66.39
N VAL J 190 11.80 49.77 -66.84
CA VAL J 190 12.42 50.73 -65.92
C VAL J 190 11.38 51.33 -64.99
N PHE J 191 10.23 51.71 -65.54
CA PHE J 191 9.17 52.27 -64.73
C PHE J 191 8.47 51.22 -63.87
N ARG J 192 8.76 49.95 -64.08
CA ARG J 192 8.35 48.91 -63.15
C ARG J 192 9.26 48.81 -61.93
N ALA J 193 10.41 49.48 -61.96
CA ALA J 193 11.36 49.45 -60.86
C ALA J 193 11.55 50.81 -60.21
N LEU J 194 11.17 51.90 -60.87
CA LEU J 194 11.36 53.19 -60.24
C LEU J 194 10.51 53.31 -58.98
N PRO J 195 10.98 54.08 -57.98
CA PRO J 195 10.19 54.31 -56.75
C PRO J 195 9.10 55.36 -56.89
N ILE J 196 7.98 54.93 -57.47
CA ILE J 196 6.79 55.76 -57.66
C ILE J 196 5.69 55.17 -56.79
N ALA J 197 5.07 56.00 -55.97
CA ALA J 197 4.06 55.52 -55.05
C ALA J 197 2.91 54.86 -55.81
N PRO J 198 2.38 53.74 -55.33
CA PRO J 198 1.23 53.14 -56.01
C PRO J 198 0.07 54.11 -56.07
N GLY J 199 -0.69 54.04 -57.16
CA GLY J 199 -1.77 54.98 -57.39
C GLY J 199 -1.35 56.29 -57.99
N ILE J 200 -0.12 56.40 -58.49
CA ILE J 200 0.35 57.59 -59.19
C ILE J 200 0.97 57.15 -60.51
N LYS J 201 0.53 57.77 -61.60
CA LYS J 201 1.01 57.38 -62.92
C LYS J 201 2.39 57.97 -63.16
N GLY J 202 3.36 57.11 -63.48
CA GLY J 202 4.64 57.59 -63.95
C GLY J 202 4.59 57.87 -65.45
N MET J 203 5.23 58.95 -65.85
CA MET J 203 5.25 59.37 -67.24
C MET J 203 6.69 59.49 -67.69
N ILE J 204 6.87 60.05 -68.89
CA ILE J 204 8.20 60.30 -69.42
C ILE J 204 8.11 61.45 -70.40
N HIS J 205 9.12 62.29 -70.41
CA HIS J 205 9.23 63.37 -71.39
C HIS J 205 9.46 62.79 -72.78
N ILE J 206 8.84 63.42 -73.78
CA ILE J 206 8.91 62.92 -75.15
C ILE J 206 10.35 62.71 -75.64
N ASP J 207 11.10 63.80 -75.83
CA ASP J 207 12.39 63.74 -76.48
C ASP J 207 13.51 63.42 -75.51
N GLN J 208 13.18 63.09 -74.27
CA GLN J 208 14.16 62.66 -73.28
C GLN J 208 15.16 63.76 -72.97
N GLY J 209 14.82 65.01 -73.27
CA GLY J 209 15.73 66.11 -73.11
C GLY J 209 15.43 66.93 -71.88
N PRO J 210 16.43 67.65 -71.36
CA PRO J 210 16.20 68.44 -70.15
C PRO J 210 15.12 69.48 -70.38
N ILE J 211 14.33 69.71 -69.35
CA ILE J 211 13.13 70.54 -69.44
C ILE J 211 13.51 72.00 -69.25
N ALA J 212 12.85 72.87 -70.00
CA ALA J 212 13.10 74.30 -69.96
C ALA J 212 12.04 74.98 -69.11
N GLY J 213 12.18 76.29 -68.97
CA GLY J 213 11.29 77.06 -68.11
C GLY J 213 12.07 77.99 -67.20
N TYR J 214 11.83 77.90 -65.89
CA TYR J 214 12.44 78.81 -64.94
C TYR J 214 12.93 78.03 -63.74
N GLY J 215 13.76 78.67 -62.95
CA GLY J 215 14.32 78.08 -61.75
C GLY J 215 15.82 78.29 -61.69
N ASP J 216 16.43 77.68 -60.68
CA ASP J 216 17.87 77.79 -60.51
C ASP J 216 18.63 76.69 -61.24
N GLY J 217 18.42 75.43 -60.87
CA GLY J 217 19.00 74.32 -61.62
C GLY J 217 18.05 73.94 -62.73
N TRP J 218 18.38 74.37 -63.95
CA TRP J 218 17.39 74.34 -65.02
C TRP J 218 18.15 74.37 -66.35
N ALA J 219 17.39 74.19 -67.43
CA ALA J 219 17.92 74.28 -68.78
C ALA J 219 17.25 75.43 -69.50
N GLY J 220 18.04 76.25 -70.17
CA GLY J 220 17.55 77.43 -70.86
C GLY J 220 17.17 77.13 -72.29
N TYR J 221 17.40 78.11 -73.17
CA TYR J 221 17.12 77.92 -74.59
C TYR J 221 17.98 76.81 -75.18
N CYS J 222 19.29 77.02 -75.22
CA CYS J 222 20.19 76.02 -75.77
C CYS J 222 20.17 74.80 -74.85
N GLY J 223 19.57 73.70 -75.32
CA GLY J 223 19.55 72.44 -74.62
C GLY J 223 18.21 72.06 -74.00
N GLY J 224 17.40 73.05 -73.61
CA GLY J 224 16.13 72.77 -72.97
C GLY J 224 14.99 72.58 -73.95
N ASP J 225 13.86 72.07 -73.44
CA ASP J 225 12.69 71.81 -74.26
C ASP J 225 11.44 72.01 -73.41
N TRP J 226 10.30 72.11 -74.07
CA TRP J 226 9.00 72.30 -73.44
C TRP J 226 8.45 70.97 -72.96
N LEU J 227 7.88 70.98 -71.76
CA LEU J 227 7.43 69.76 -71.11
C LEU J 227 6.24 69.17 -71.86
N CYS J 228 6.33 67.88 -72.17
CA CYS J 228 5.26 67.18 -72.89
C CYS J 228 5.26 65.73 -72.43
N PRO J 229 4.58 65.43 -71.32
CA PRO J 229 4.55 64.06 -70.81
C PRO J 229 3.73 63.14 -71.70
N VAL J 230 4.09 61.86 -71.69
CA VAL J 230 3.40 60.84 -72.47
C VAL J 230 3.34 59.55 -71.66
N ASP J 231 2.35 58.73 -71.97
CA ASP J 231 2.18 57.46 -71.30
C ASP J 231 3.24 56.46 -71.75
N PRO J 232 4.04 55.89 -70.85
CA PRO J 232 5.04 54.89 -71.29
C PRO J 232 4.47 53.51 -71.52
N HIS J 233 3.24 53.25 -71.10
CA HIS J 233 2.60 51.95 -71.28
C HIS J 233 3.46 50.84 -70.66
N ALA J 234 3.91 51.10 -69.44
CA ALA J 234 4.77 50.15 -68.74
C ALA J 234 4.04 48.87 -68.37
N TYR J 235 2.79 48.96 -67.94
CA TYR J 235 2.05 47.81 -67.43
C TYR J 235 0.90 47.38 -68.31
N THR J 236 0.68 48.03 -69.45
CA THR J 236 -0.53 47.78 -70.23
C THR J 236 -0.21 47.84 -71.71
N CYS J 237 -0.91 47.03 -72.48
CA CYS J 237 -0.90 47.17 -73.93
C CYS J 237 -1.62 48.45 -74.35
N SER J 238 -2.71 48.77 -73.66
CA SER J 238 -3.54 49.93 -74.02
C SER J 238 -2.83 51.24 -73.75
N MET K 1 25.91 78.48 -1.64
CA MET K 1 25.11 77.30 -1.36
C MET K 1 23.69 77.45 -1.91
N THR K 2 23.58 77.43 -3.24
CA THR K 2 22.29 77.45 -3.90
C THR K 2 21.66 76.06 -4.00
N TYR K 3 22.39 75.01 -3.68
CA TYR K 3 21.91 73.65 -3.84
C TYR K 3 21.36 73.12 -2.52
N GLY K 4 20.74 71.94 -2.59
CA GLY K 4 20.14 71.35 -1.42
C GLY K 4 18.74 71.89 -1.18
N VAL K 5 18.39 72.05 0.09
CA VAL K 5 17.04 72.48 0.46
C VAL K 5 16.95 73.99 0.25
N GLN K 6 16.14 74.41 -0.69
CA GLN K 6 15.97 75.80 -1.08
C GLN K 6 14.50 76.15 -1.03
N PRO K 7 14.17 77.44 -0.94
CA PRO K 7 12.75 77.82 -0.81
C PRO K 7 11.88 77.30 -1.93
N THR K 8 12.47 76.88 -3.05
CA THR K 8 11.72 76.35 -4.18
C THR K 8 11.66 74.84 -4.21
N GLY K 9 12.38 74.17 -3.32
CA GLY K 9 12.45 72.72 -3.28
C GLY K 9 13.87 72.26 -3.10
N TYR K 10 14.09 70.98 -3.27
CA TYR K 10 15.44 70.41 -3.17
C TYR K 10 16.12 70.62 -4.52
N VAL K 11 17.15 71.44 -4.54
CA VAL K 11 17.86 71.78 -5.77
C VAL K 11 19.06 70.85 -5.90
N LYS K 12 19.16 70.16 -7.02
CA LYS K 12 20.16 69.12 -7.22
C LYS K 12 21.40 69.70 -7.87
N LYS K 13 22.54 69.39 -7.31
CA LYS K 13 23.78 69.78 -7.96
C LYS K 13 24.02 68.88 -9.17
N PRO K 14 24.18 69.44 -10.36
CA PRO K 14 24.36 68.59 -11.54
C PRO K 14 25.63 67.75 -11.46
N LEU K 15 25.53 66.58 -12.09
CA LEU K 15 26.69 65.70 -12.21
C LEU K 15 27.91 66.43 -12.76
N ALA K 16 27.69 67.30 -13.75
CA ALA K 16 28.81 68.04 -14.32
C ALA K 16 29.44 68.95 -13.28
N VAL K 17 28.63 69.55 -12.40
CA VAL K 17 29.17 70.38 -11.34
C VAL K 17 30.00 69.54 -10.37
N HIS K 18 29.50 68.36 -10.01
CA HIS K 18 30.30 67.46 -9.18
C HIS K 18 31.64 67.16 -9.82
N LEU K 19 31.64 66.76 -11.09
CA LEU K 19 32.88 66.38 -11.77
C LEU K 19 33.83 67.57 -11.85
N ALA K 20 33.29 68.76 -12.10
CA ALA K 20 34.13 69.96 -12.14
C ALA K 20 34.77 70.24 -10.79
N GLU K 21 34.03 70.06 -9.69
CA GLU K 21 34.62 70.24 -8.37
C GLU K 21 35.73 69.24 -8.11
N ILE K 22 35.52 67.98 -8.51
CA ILE K 22 36.56 66.97 -8.31
C ILE K 22 37.81 67.32 -9.12
N GLU K 23 37.62 67.76 -10.36
CA GLU K 23 38.77 68.13 -11.19
C GLU K 23 39.50 69.33 -10.60
N ALA K 24 38.76 70.30 -10.07
CA ALA K 24 39.40 71.44 -9.44
C ALA K 24 40.18 71.05 -8.20
N SER K 25 39.69 70.07 -7.44
CA SER K 25 40.47 69.54 -6.34
C SER K 25 41.75 68.87 -6.83
N MET K 26 41.68 68.12 -7.93
CA MET K 26 42.86 67.40 -8.39
C MET K 26 43.88 68.29 -9.06
N VAL K 27 43.45 69.39 -9.70
CA VAL K 27 44.40 70.32 -10.27
C VAL K 27 45.25 70.95 -9.18
N ASP K 28 44.64 71.28 -8.04
CA ASP K 28 45.39 71.88 -6.95
C ASP K 28 46.35 70.88 -6.32
N LEU K 29 45.97 69.61 -6.29
CA LEU K 29 46.83 68.57 -5.75
C LEU K 29 48.01 68.22 -6.65
N PHE K 30 47.79 68.06 -7.96
CA PHE K 30 48.84 67.57 -8.84
C PHE K 30 49.45 68.66 -9.72
N GLY K 31 48.81 69.81 -9.85
CA GLY K 31 49.33 70.88 -10.66
C GLY K 31 48.55 71.05 -11.95
N PRO K 32 48.84 72.12 -12.69
CA PRO K 32 48.15 72.33 -13.96
C PRO K 32 48.50 71.29 -15.02
N GLY K 33 49.59 70.57 -14.84
CA GLY K 33 50.02 69.59 -15.82
C GLY K 33 49.36 68.24 -15.73
N VAL K 34 48.42 68.05 -14.79
CA VAL K 34 47.80 66.74 -14.62
C VAL K 34 46.89 66.47 -15.82
N ILE K 35 46.72 65.19 -16.13
CA ILE K 35 45.82 64.74 -17.18
C ILE K 35 44.59 64.14 -16.51
N GLN K 36 43.41 64.58 -16.93
CA GLN K 36 42.16 64.09 -16.38
C GLN K 36 41.16 63.70 -17.46
N THR K 37 41.61 63.57 -18.71
CA THR K 37 40.71 63.23 -19.80
C THR K 37 39.84 62.03 -19.41
N GLU K 38 38.64 62.00 -19.98
CA GLU K 38 37.64 61.03 -19.55
C GLU K 38 38.10 59.58 -19.69
N GLN K 39 39.21 59.34 -20.39
CA GLN K 39 39.71 57.99 -20.63
C GLN K 39 41.01 57.67 -19.90
N SER K 40 41.52 58.58 -19.06
CA SER K 40 42.78 58.39 -18.35
C SER K 40 42.54 57.74 -17.00
N PRO K 41 43.58 57.19 -16.37
CA PRO K 41 43.36 56.55 -15.05
C PRO K 41 42.76 57.49 -14.03
N LEU K 42 43.17 58.76 -14.01
CA LEU K 42 42.61 59.72 -13.06
C LEU K 42 41.24 60.18 -13.47
N GLY K 43 41.01 60.40 -14.77
CA GLY K 43 39.69 60.77 -15.23
C GLY K 43 38.65 59.72 -14.92
N GLN K 44 39.01 58.44 -15.05
CA GLN K 44 38.07 57.39 -14.70
C GLN K 44 37.72 57.43 -13.21
N LEU K 45 38.71 57.63 -12.34
CA LEU K 45 38.41 57.72 -10.92
C LEU K 45 37.50 58.90 -10.63
N ASN K 46 37.77 60.03 -11.26
CA ASN K 46 36.91 61.20 -11.06
C ASN K 46 35.49 60.90 -11.51
N GLY K 47 35.32 60.16 -12.61
CA GLY K 47 33.98 59.78 -13.03
C GLY K 47 33.26 58.93 -12.00
N LEU K 48 33.93 57.91 -11.46
CA LEU K 48 33.29 57.05 -10.47
C LEU K 48 32.87 57.85 -9.25
N TYR K 49 33.76 58.68 -8.72
CA TYR K 49 33.39 59.40 -7.51
C TYR K 49 32.40 60.53 -7.77
N ALA K 50 32.40 61.13 -8.95
CA ALA K 50 31.34 62.06 -9.31
C ALA K 50 29.99 61.36 -9.36
N ASP K 51 29.95 60.15 -9.92
CA ASP K 51 28.69 59.41 -9.93
C ASP K 51 28.24 59.11 -8.51
N LEU K 52 29.17 58.74 -7.63
CA LEU K 52 28.78 58.46 -6.25
C LEU K 52 28.25 59.71 -5.55
N SER K 53 28.88 60.86 -5.78
CA SER K 53 28.38 62.10 -5.20
C SER K 53 27.00 62.47 -5.72
N TYR K 54 26.77 62.31 -7.01
CA TYR K 54 25.44 62.59 -7.55
C TYR K 54 24.42 61.62 -6.99
N ASP K 55 24.82 60.37 -6.75
CA ASP K 55 23.93 59.43 -6.11
C ASP K 55 23.58 59.85 -4.69
N LEU K 56 24.53 60.47 -3.98
CA LEU K 56 24.19 61.05 -2.68
C LEU K 56 23.17 62.17 -2.83
N ASP K 57 23.34 63.01 -3.86
CA ASP K 57 22.31 64.01 -4.15
C ASP K 57 20.94 63.36 -4.38
N GLU K 58 20.92 62.23 -5.08
CA GLU K 58 19.68 61.51 -5.31
C GLU K 58 19.05 61.09 -3.98
N ARG K 59 19.86 60.58 -3.05
CA ARG K 59 19.32 60.18 -1.75
C ARG K 59 18.76 61.39 -1.01
N GLY K 60 19.44 62.54 -1.10
CA GLY K 60 18.92 63.74 -0.47
C GLY K 60 17.57 64.13 -1.01
N GLU K 61 17.41 64.09 -2.33
CA GLU K 61 16.11 64.37 -2.91
C GLU K 61 15.07 63.35 -2.47
N ASP K 62 15.47 62.07 -2.36
CA ASP K 62 14.54 61.06 -1.87
C ASP K 62 14.07 61.37 -0.46
N LEU K 63 14.99 61.74 0.42
CA LEU K 63 14.65 62.04 1.80
C LEU K 63 13.79 63.30 1.90
N TYR K 64 14.00 64.28 1.03
CA TYR K 64 13.14 65.45 0.99
C TYR K 64 11.74 65.14 0.47
N GLN K 65 11.64 64.26 -0.53
CA GLN K 65 10.33 63.92 -1.09
C GLN K 65 9.58 62.91 -0.22
N SER K 66 10.26 62.25 0.70
CA SER K 66 9.59 61.34 1.62
C SER K 66 8.73 62.06 2.65
N PHE K 67 8.82 63.39 2.72
CA PHE K 67 8.01 64.16 3.67
C PHE K 67 6.95 64.99 2.94
N ASP K 68 6.78 64.73 1.65
CA ASP K 68 5.88 65.48 0.79
C ASP K 68 4.76 64.57 0.33
N PRO K 69 3.53 64.69 0.86
CA PRO K 69 2.47 63.75 0.48
C PRO K 69 2.34 63.57 -1.02
N GLU K 70 2.58 64.62 -1.80
CA GLU K 70 2.48 64.51 -3.26
C GLU K 70 3.50 63.54 -3.83
N GLN K 71 4.60 63.27 -3.13
CA GLN K 71 5.56 62.27 -3.56
C GLN K 71 5.62 61.06 -2.65
N ALA K 72 5.29 61.20 -1.37
CA ALA K 72 5.34 60.06 -0.47
C ALA K 72 4.35 58.99 -0.93
N GLU K 73 4.74 57.74 -0.72
CA GLU K 73 3.94 56.63 -1.21
C GLU K 73 4.05 55.47 -0.23
N GLY K 74 2.93 54.80 0.02
CA GLY K 74 2.91 53.60 0.81
C GLY K 74 2.79 53.81 2.31
N SER K 75 3.59 53.06 3.05
CA SER K 75 3.52 53.14 4.50
C SER K 75 3.91 54.52 5.01
N ARG K 76 4.81 55.21 4.32
CA ARG K 76 5.12 56.57 4.73
C ARG K 76 4.00 57.53 4.35
N LEU K 77 3.27 57.25 3.27
CA LEU K 77 2.07 58.03 3.02
C LEU K 77 1.08 57.86 4.16
N ASP K 78 0.96 56.65 4.69
CA ASP K 78 0.11 56.44 5.87
C ASP K 78 0.65 57.15 7.11
N ILE K 79 1.96 57.13 7.32
CA ILE K 79 2.53 57.82 8.48
C ILE K 79 2.32 59.32 8.39
N LEU K 80 2.43 59.91 7.20
CA LEU K 80 2.13 61.33 7.07
C LEU K 80 0.69 61.63 7.44
N ALA K 81 -0.25 60.81 6.95
CA ALA K 81 -1.66 61.00 7.29
C ALA K 81 -1.91 60.82 8.78
N ARG K 82 -1.07 60.04 9.46
CA ARG K 82 -1.23 59.87 10.90
C ARG K 82 -1.02 61.17 11.68
N TYR K 83 -0.59 62.26 11.04
CA TYR K 83 -0.56 63.55 11.72
C TYR K 83 -1.95 64.06 12.06
N ARG K 84 -2.90 63.95 11.13
CA ARG K 84 -4.30 64.22 11.42
C ARG K 84 -5.04 62.94 11.77
N LEU K 85 -4.32 61.82 11.85
CA LEU K 85 -4.89 60.55 12.29
C LEU K 85 -5.97 60.10 11.30
N LEU K 86 -5.79 60.49 10.05
CA LEU K 86 -6.57 59.93 8.98
C LEU K 86 -6.16 58.48 8.76
N SER K 87 -7.01 57.74 8.05
CA SER K 87 -6.71 56.36 7.76
C SER K 87 -7.13 56.05 6.34
N ARG K 88 -6.42 55.12 5.71
CA ARG K 88 -6.66 54.73 4.34
C ARG K 88 -7.85 53.78 4.26
N ARG K 89 -8.55 53.81 3.13
CA ARG K 89 -9.58 52.83 2.86
C ARG K 89 -8.99 51.61 2.16
N ALA K 90 -9.69 50.49 2.28
CA ALA K 90 -9.22 49.26 1.68
C ALA K 90 -9.15 49.40 0.16
N GLY K 91 -8.04 48.95 -0.43
CA GLY K 91 -7.88 49.03 -1.86
C GLY K 91 -7.72 50.43 -2.39
N GLU K 92 -7.60 51.42 -1.52
CA GLU K 92 -7.53 52.81 -1.94
C GLU K 92 -6.18 53.09 -2.58
N SER K 93 -6.17 53.89 -3.65
CA SER K 93 -4.93 54.21 -4.34
C SER K 93 -4.24 55.39 -3.69
N ASP K 94 -2.96 55.55 -4.02
CA ASP K 94 -2.20 56.69 -3.51
C ASP K 94 -2.77 58.01 -4.00
N GLU K 95 -3.24 58.07 -5.24
CA GLU K 95 -3.83 59.31 -5.72
C GLU K 95 -5.02 59.69 -4.85
N SER K 96 -5.93 58.75 -4.65
CA SER K 96 -7.12 59.00 -3.85
C SER K 96 -6.74 59.42 -2.44
N PHE K 97 -5.80 58.70 -1.82
CA PHE K 97 -5.53 58.98 -0.43
C PHE K 97 -4.76 60.28 -0.25
N ARG K 98 -3.99 60.69 -1.27
CA ARG K 98 -3.32 61.99 -1.19
C ARG K 98 -4.29 63.13 -1.43
N ARG K 99 -5.34 62.91 -2.22
CA ARG K 99 -6.33 63.97 -2.35
C ARG K 99 -7.00 64.25 -1.00
N ALA K 100 -7.27 63.21 -0.21
CA ALA K 100 -7.83 63.40 1.13
C ALA K 100 -6.89 64.15 2.07
N ILE K 101 -5.60 63.79 2.09
CA ILE K 101 -4.65 64.49 2.95
C ILE K 101 -4.51 65.95 2.53
N THR K 102 -4.46 66.23 1.23
CA THR K 102 -4.25 67.60 0.80
C THR K 102 -5.51 68.45 0.88
N ASN K 103 -6.70 67.84 0.95
CA ASN K 103 -7.94 68.59 0.93
C ASN K 103 -8.02 69.45 -0.32
N VAL K 104 -7.82 68.83 -1.48
CA VAL K 104 -7.82 69.60 -2.71
C VAL K 104 -9.14 70.33 -2.84
N ASP K 105 -9.07 71.66 -2.74
CA ASP K 105 -10.24 72.52 -2.60
C ASP K 105 -11.26 71.98 -1.60
N ARG K 106 -12.04 70.98 -2.01
CA ARG K 106 -13.11 70.46 -1.17
C ARG K 106 -14.25 71.48 -1.11
N ALA K 107 -13.98 72.70 -1.57
CA ALA K 107 -14.86 73.86 -1.63
C ALA K 107 -15.12 74.44 -0.25
N ARG K 108 -14.78 73.71 0.81
CA ARG K 108 -14.89 74.19 2.19
C ARG K 108 -13.98 73.32 3.02
N ILE K 109 -12.81 73.84 3.39
CA ILE K 109 -11.86 73.07 4.19
C ILE K 109 -12.46 72.59 5.49
N ASP K 110 -13.41 73.31 6.06
CA ASP K 110 -14.15 72.85 7.22
C ASP K 110 -14.99 71.64 6.83
N LEU K 111 -15.38 70.88 7.85
CA LEU K 111 -16.20 69.67 7.71
C LEU K 111 -15.59 68.67 6.71
N SER K 112 -14.36 68.90 6.26
CA SER K 112 -13.65 67.89 5.51
C SER K 112 -13.21 66.74 6.39
N ASP K 113 -12.93 67.02 7.66
CA ASP K 113 -12.63 65.95 8.60
C ASP K 113 -13.79 64.98 8.72
N LEU K 114 -15.00 65.50 8.87
CA LEU K 114 -16.19 64.66 8.85
C LEU K 114 -16.40 64.00 7.50
N SER K 115 -16.20 64.71 6.40
CA SER K 115 -16.40 64.08 5.10
C SER K 115 -15.45 62.90 4.88
N THR K 116 -14.21 63.00 5.35
CA THR K 116 -13.25 61.93 5.08
C THR K 116 -13.39 60.79 6.09
N ALA K 117 -13.61 61.11 7.37
CA ALA K 117 -13.84 60.05 8.34
C ALA K 117 -15.08 59.24 7.95
N LEU K 118 -16.13 59.91 7.50
CA LEU K 118 -17.30 59.20 7.00
C LEU K 118 -16.92 58.22 5.90
N SER K 119 -16.20 58.69 4.88
CA SER K 119 -15.83 57.83 3.79
C SER K 119 -14.95 56.67 4.25
N ALA K 120 -14.26 56.82 5.37
CA ALA K 120 -13.41 55.76 5.89
C ALA K 120 -14.18 54.64 6.58
N ILE K 121 -15.50 54.77 6.75
CA ILE K 121 -16.28 53.70 7.35
C ILE K 121 -16.37 52.52 6.40
N ASN K 122 -16.47 51.31 6.96
CA ASN K 122 -16.65 50.12 6.15
C ASN K 122 -18.08 50.07 5.62
N GLY K 123 -18.20 49.86 4.31
CA GLY K 123 -19.49 49.71 3.66
C GLY K 123 -20.04 50.98 3.04
N VAL K 124 -19.53 52.15 3.44
CA VAL K 124 -20.06 53.42 2.94
C VAL K 124 -19.69 53.55 1.47
N SER K 125 -20.66 53.34 0.58
CA SER K 125 -20.41 53.45 -0.84
C SER K 125 -20.30 54.91 -1.29
N TRP K 126 -21.17 55.78 -0.77
CA TRP K 126 -21.23 57.16 -1.18
C TRP K 126 -21.62 58.01 0.03
N SER K 127 -21.04 59.20 0.13
CA SER K 127 -21.32 60.07 1.26
C SER K 127 -21.14 61.52 0.85
N ARG K 128 -21.81 62.42 1.58
CA ARG K 128 -21.84 63.83 1.24
C ARG K 128 -22.27 64.61 2.47
N VAL K 129 -21.72 65.81 2.64
CA VAL K 129 -21.93 66.62 3.83
C VAL K 129 -22.41 68.00 3.43
N TYR K 130 -23.43 68.48 4.13
CA TYR K 130 -24.10 69.74 3.84
C TYR K 130 -24.22 70.56 5.11
N VAL K 131 -24.32 71.87 4.96
CA VAL K 131 -24.43 72.76 6.11
C VAL K 131 -25.35 73.91 5.76
N ASN K 132 -26.19 74.29 6.73
CA ASN K 132 -27.01 75.50 6.67
C ASN K 132 -26.68 76.32 7.91
N GLU K 133 -25.80 77.30 7.75
CA GLU K 133 -25.24 78.05 8.86
C GLU K 133 -25.82 79.45 8.99
N ASP K 134 -26.88 79.78 8.27
CA ASP K 134 -27.50 81.09 8.40
C ASP K 134 -28.58 81.10 9.49
N ALA K 135 -29.23 82.24 9.66
CA ALA K 135 -30.37 82.36 10.55
C ALA K 135 -31.69 82.13 9.83
N THR K 136 -31.66 81.54 8.64
CA THR K 136 -32.86 81.27 7.87
C THR K 136 -32.76 79.90 7.24
N THR K 137 -33.92 79.28 7.01
CA THR K 137 -33.96 78.01 6.31
C THR K 137 -33.66 78.22 4.83
N ASP K 138 -32.77 77.39 4.29
CA ASP K 138 -32.42 77.47 2.88
C ASP K 138 -33.47 76.80 2.01
N ALA K 139 -33.39 77.07 0.71
CA ALA K 139 -34.38 76.55 -0.22
C ALA K 139 -34.39 75.02 -0.26
N ASP K 140 -33.28 74.39 0.11
CA ASP K 140 -33.22 72.93 0.13
C ASP K 140 -34.00 72.32 1.27
N GLY K 141 -34.43 73.13 2.25
CA GLY K 141 -35.21 72.66 3.38
C GLY K 141 -34.43 72.46 4.66
N ILE K 142 -33.17 72.83 4.71
CA ILE K 142 -32.37 72.61 5.93
C ILE K 142 -32.63 73.75 6.90
N PRO K 143 -33.02 73.48 8.15
CA PRO K 143 -33.22 74.56 9.12
C PRO K 143 -31.92 75.28 9.40
N PRO K 144 -31.97 76.47 9.99
CA PRO K 144 -30.74 77.23 10.24
C PRO K 144 -29.86 76.54 11.27
N ASN K 145 -28.56 76.80 11.16
CA ASN K 145 -27.56 76.24 12.06
C ASN K 145 -27.73 74.72 12.18
N THR K 146 -27.57 74.05 11.04
CA THR K 146 -27.78 72.61 10.97
C THR K 146 -26.73 71.99 10.06
N VAL K 147 -26.40 70.74 10.35
CA VAL K 147 -25.47 69.95 9.57
C VAL K 147 -26.24 68.75 9.06
N SER K 148 -26.19 68.51 7.74
CA SER K 148 -26.87 67.38 7.15
C SER K 148 -25.86 66.43 6.54
N VAL K 149 -26.16 65.13 6.62
CA VAL K 149 -25.28 64.08 6.15
C VAL K 149 -26.08 63.13 5.27
N ALA K 150 -25.55 62.80 4.11
CA ALA K 150 -26.13 61.80 3.22
C ALA K 150 -25.14 60.66 3.09
N VAL K 151 -25.58 59.45 3.39
CA VAL K 151 -24.70 58.29 3.38
C VAL K 151 -25.45 57.10 2.81
N ILE K 152 -24.73 56.29 2.03
CA ILE K 152 -25.23 55.03 1.50
C ILE K 152 -24.37 53.93 2.09
N GLY K 153 -24.98 53.04 2.86
CA GLY K 153 -24.27 51.90 3.41
C GLY K 153 -23.69 52.19 4.77
N GLY K 154 -22.97 51.20 5.29
CA GLY K 154 -22.41 51.29 6.62
C GLY K 154 -23.48 51.13 7.68
N ASP K 155 -23.15 50.50 8.80
CA ASP K 155 -24.15 50.31 9.84
C ASP K 155 -24.45 51.62 10.55
N ASP K 156 -25.71 51.78 10.94
CA ASP K 156 -26.17 53.01 11.55
C ASP K 156 -25.45 53.29 12.85
N ASP K 157 -25.19 52.26 13.65
CA ASP K 157 -24.47 52.49 14.90
C ASP K 157 -23.12 53.16 14.64
N GLU K 158 -22.33 52.60 13.74
CA GLU K 158 -21.01 53.17 13.46
C GLU K 158 -21.13 54.56 12.86
N VAL K 159 -22.04 54.74 11.89
CA VAL K 159 -22.18 56.04 11.25
C VAL K 159 -22.55 57.11 12.27
N ALA K 160 -23.50 56.80 13.16
CA ALA K 160 -23.97 57.80 14.11
C ALA K 160 -22.93 58.05 15.20
N GLN K 161 -22.28 57.00 15.70
CA GLN K 161 -21.21 57.22 16.67
C GLN K 161 -20.11 58.08 16.09
N LEU K 162 -19.89 58.00 14.77
CA LEU K 162 -18.89 58.85 14.14
C LEU K 162 -19.39 60.28 13.97
N VAL K 163 -20.65 60.45 13.54
CA VAL K 163 -21.15 61.79 13.27
C VAL K 163 -21.34 62.58 14.56
N ARG K 164 -21.64 61.89 15.66
CA ARG K 164 -21.90 62.58 16.91
C ARG K 164 -20.66 63.34 17.39
N ARG K 165 -19.48 62.75 17.23
CA ARG K 165 -18.26 63.39 17.71
C ARG K 165 -17.75 64.47 16.76
N TYR K 166 -18.32 64.59 15.57
CA TYR K 166 -17.96 65.69 14.68
C TYR K 166 -18.96 66.83 14.72
N VAL K 167 -20.22 66.56 15.05
CA VAL K 167 -21.21 67.62 15.15
C VAL K 167 -21.34 68.01 16.62
N VAL K 168 -21.09 69.27 16.93
CA VAL K 168 -21.01 69.73 18.31
C VAL K 168 -22.39 69.78 18.95
N PRO K 169 -22.50 69.79 20.27
CA PRO K 169 -23.78 70.09 20.91
C PRO K 169 -24.27 71.49 20.56
N GLY K 170 -25.58 71.63 20.49
CA GLY K 170 -26.20 72.89 20.12
C GLY K 170 -26.41 73.07 18.63
N VAL K 171 -25.97 72.13 17.80
CA VAL K 171 -26.16 72.21 16.36
C VAL K 171 -26.98 71.01 15.93
N GLY K 172 -28.11 71.28 15.27
CA GLY K 172 -29.02 70.22 14.89
C GLY K 172 -28.57 69.47 13.65
N MET K 173 -29.31 68.41 13.34
CA MET K 173 -29.07 67.62 12.13
C MET K 173 -30.38 67.51 11.37
N TYR K 174 -30.28 67.52 10.05
CA TYR K 174 -31.43 67.35 9.18
C TYR K 174 -31.29 66.04 8.41
N GLY K 175 -32.38 65.28 8.36
CA GLY K 175 -32.35 64.01 7.64
C GLY K 175 -33.68 63.32 7.72
N ASN K 176 -33.72 62.11 7.14
CA ASN K 176 -34.92 61.29 7.12
C ASN K 176 -34.79 60.01 7.93
N THR K 177 -33.58 59.61 8.31
CA THR K 177 -33.36 58.41 9.12
C THR K 177 -32.80 58.84 10.47
N THR K 178 -33.39 58.30 11.54
CA THR K 178 -32.97 58.62 12.89
C THR K 178 -32.25 57.45 13.52
N ILE K 179 -31.14 57.73 14.20
CA ILE K 179 -30.33 56.74 14.89
C ILE K 179 -30.20 57.23 16.32
N GLU K 180 -30.51 56.36 17.27
CA GLU K 180 -30.35 56.73 18.67
C GLU K 180 -28.97 56.27 19.15
N THR K 181 -28.22 57.21 19.74
CA THR K 181 -26.86 56.95 20.18
C THR K 181 -26.77 57.25 21.66
N THR K 182 -25.82 56.61 22.33
CA THR K 182 -25.58 56.86 23.75
C THR K 182 -24.11 56.77 24.09
N ILE K 183 -23.59 57.80 24.75
CA ILE K 183 -22.24 57.81 25.31
C ILE K 183 -22.39 58.31 26.74
N GLY K 184 -21.92 57.52 27.70
CA GLY K 184 -21.97 57.96 29.08
C GLY K 184 -23.38 58.21 29.59
N GLY K 185 -24.39 57.69 28.89
CA GLY K 185 -25.77 57.77 29.31
C GLY K 185 -26.55 58.89 28.64
N PHE K 186 -25.85 59.90 28.12
CA PHE K 186 -26.53 60.98 27.43
C PHE K 186 -26.86 60.54 26.00
N CYS K 187 -28.11 60.74 25.60
CA CYS K 187 -28.61 60.24 24.33
C CYS K 187 -28.86 61.41 23.39
N ARG K 188 -28.12 61.44 22.28
CA ARG K 188 -28.38 62.37 21.19
C ARG K 188 -28.94 61.58 20.01
N ARG K 189 -30.02 62.08 19.41
CA ARG K 189 -30.60 61.43 18.25
C ARG K 189 -30.00 62.03 16.99
N ILE K 190 -29.26 61.21 16.25
CA ILE K 190 -28.54 61.64 15.06
C ILE K 190 -29.45 61.38 13.87
N ARG K 191 -29.74 62.41 13.09
CA ARG K 191 -30.52 62.26 11.88
C ARG K 191 -29.59 62.36 10.67
N VAL K 192 -29.70 61.37 9.79
CA VAL K 192 -28.91 61.35 8.55
C VAL K 192 -29.86 61.14 7.40
N ILE K 193 -29.34 61.28 6.18
CA ILE K 193 -30.11 61.07 4.96
C ILE K 193 -29.63 59.77 4.34
N ARG K 194 -30.56 58.86 4.11
CA ARG K 194 -30.32 57.64 3.35
C ARG K 194 -31.06 57.76 2.02
N PRO K 195 -30.46 58.41 1.02
CA PRO K 195 -31.25 58.89 -0.12
C PRO K 195 -32.06 57.77 -0.76
N VAL K 196 -33.31 58.08 -1.09
CA VAL K 196 -34.18 57.14 -1.77
C VAL K 196 -33.84 57.16 -3.26
N LEU K 197 -33.57 55.98 -3.81
CA LEU K 197 -33.17 55.85 -5.20
C LEU K 197 -34.40 55.78 -6.09
N ILE K 198 -34.52 56.75 -7.00
CA ILE K 198 -35.57 56.77 -8.01
C ILE K 198 -34.97 56.29 -9.32
N PRO K 199 -35.40 55.13 -9.84
CA PRO K 199 -34.89 54.69 -11.15
C PRO K 199 -35.24 55.71 -12.23
N THR K 200 -34.21 56.14 -12.95
CA THR K 200 -34.35 57.13 -14.00
C THR K 200 -34.07 56.48 -15.36
N SER K 201 -34.93 56.77 -16.33
CA SER K 201 -34.76 56.33 -17.70
C SER K 201 -34.29 57.53 -18.51
N VAL K 202 -33.23 57.34 -19.30
CA VAL K 202 -32.53 58.42 -19.97
C VAL K 202 -32.39 58.11 -21.46
N GLU K 203 -32.77 59.07 -22.28
CA GLU K 203 -32.66 58.95 -23.73
C GLU K 203 -32.05 60.23 -24.27
N ILE K 204 -30.94 60.12 -24.99
CA ILE K 204 -30.18 61.27 -25.45
C ILE K 204 -30.12 61.25 -26.96
N ASP K 205 -30.30 62.42 -27.57
CA ASP K 205 -30.11 62.62 -29.00
C ASP K 205 -28.90 63.52 -29.19
N VAL K 206 -27.91 63.02 -29.94
CA VAL K 206 -26.63 63.68 -30.10
C VAL K 206 -26.38 63.95 -31.58
N GLN K 207 -25.34 64.74 -31.84
CA GLN K 207 -24.85 64.99 -33.18
C GLN K 207 -23.34 64.80 -33.18
N SER K 208 -22.79 64.52 -34.36
CA SER K 208 -21.37 64.26 -34.53
C SER K 208 -20.67 65.52 -35.02
N ARG K 209 -19.61 65.92 -34.31
CA ARG K 209 -18.81 67.10 -34.69
C ARG K 209 -17.35 66.70 -34.72
N PRO K 210 -16.88 66.13 -35.83
CA PRO K 210 -15.48 65.68 -35.90
C PRO K 210 -14.52 66.85 -35.94
N LEU K 211 -13.59 66.86 -34.99
CA LEU K 211 -12.59 67.92 -34.91
C LEU K 211 -11.63 67.78 -36.09
N LYS K 212 -11.76 68.67 -37.07
CA LYS K 212 -10.96 68.64 -38.29
C LYS K 212 -11.00 67.25 -38.92
N ASN K 213 -12.21 66.79 -39.22
CA ASN K 213 -12.44 65.57 -39.99
C ASN K 213 -11.45 64.46 -39.63
N GLY K 214 -11.16 64.32 -38.35
CA GLY K 214 -10.22 63.31 -37.91
C GLY K 214 -10.90 62.11 -37.27
N CYS K 215 -10.75 61.94 -35.96
CA CYS K 215 -11.23 60.74 -35.30
C CYS K 215 -12.73 60.88 -35.06
N PRO K 216 -13.57 59.99 -35.58
CA PRO K 216 -15.02 60.19 -35.48
C PRO K 216 -15.56 59.74 -34.13
N PRO K 217 -16.82 60.04 -33.84
CA PRO K 217 -17.40 59.67 -32.54
C PRO K 217 -17.50 58.17 -32.38
N PRO K 218 -17.45 57.66 -31.14
CA PRO K 218 -17.51 56.21 -30.94
C PRO K 218 -18.93 55.66 -31.02
N SER K 219 -19.09 54.35 -30.88
CA SER K 219 -20.36 53.70 -31.11
C SER K 219 -21.34 54.01 -29.98
N VAL K 220 -22.61 53.72 -30.23
CA VAL K 220 -23.68 54.07 -29.30
C VAL K 220 -23.47 53.37 -27.96
N ASN K 221 -23.14 52.08 -28.01
CA ASN K 221 -22.85 51.35 -26.79
C ASN K 221 -21.61 51.88 -26.08
N ALA K 222 -20.56 52.19 -26.85
CA ALA K 222 -19.34 52.72 -26.25
C ALA K 222 -19.58 54.06 -25.57
N MET K 223 -20.68 54.73 -25.88
CA MET K 223 -21.05 55.99 -25.24
C MET K 223 -21.99 55.80 -24.08
N ALA K 224 -22.97 54.89 -24.22
CA ALA K 224 -23.87 54.61 -23.10
C ALA K 224 -23.14 53.95 -21.94
N ALA K 225 -22.21 53.05 -22.20
CA ALA K 225 -21.43 52.44 -21.12
C ALA K 225 -20.58 53.49 -20.40
N GLY K 226 -19.95 54.39 -21.15
CA GLY K 226 -19.19 55.46 -20.53
C GLY K 226 -20.06 56.39 -19.70
N LEU K 227 -21.24 56.73 -20.22
CA LEU K 227 -22.13 57.61 -19.46
C LEU K 227 -22.62 56.93 -18.18
N TYR K 228 -22.94 55.64 -18.25
CA TYR K 228 -23.28 54.89 -17.04
C TYR K 228 -22.14 54.88 -16.04
N THR K 229 -20.91 54.67 -16.50
CA THR K 229 -19.78 54.70 -15.58
C THR K 229 -19.69 56.07 -14.92
N GLU K 230 -19.83 57.13 -15.70
CA GLU K 230 -19.71 58.47 -15.16
C GLU K 230 -20.78 58.74 -14.11
N LEU K 231 -22.01 58.28 -14.37
CA LEU K 231 -23.12 58.50 -13.46
C LEU K 231 -23.08 57.60 -12.23
N THR K 232 -22.36 56.47 -12.30
CA THR K 232 -22.21 55.60 -11.14
C THR K 232 -20.93 55.86 -10.36
N GLY K 233 -20.00 56.66 -10.88
CA GLY K 233 -18.76 56.93 -10.19
C GLY K 233 -18.96 57.70 -8.90
N PRO K 234 -17.85 58.01 -8.21
CA PRO K 234 -17.94 58.82 -6.99
C PRO K 234 -18.45 60.22 -7.24
N ASP K 235 -18.37 60.70 -8.47
CA ASP K 235 -18.95 61.99 -8.86
C ASP K 235 -20.36 61.84 -9.41
N ARG K 236 -21.11 60.86 -8.92
CA ARG K 236 -22.49 60.67 -9.34
C ARG K 236 -23.34 61.85 -8.88
N PRO K 237 -24.49 62.08 -9.53
CA PRO K 237 -25.38 63.13 -9.07
C PRO K 237 -25.81 62.89 -7.63
N GLY K 238 -25.84 63.98 -6.86
CA GLY K 238 -26.16 63.93 -5.45
C GLY K 238 -27.65 64.01 -5.20
N ASN K 239 -28.00 63.99 -3.92
CA ASN K 239 -29.39 64.14 -3.52
C ASN K 239 -29.87 65.55 -3.82
N GLY K 240 -31.17 65.66 -4.10
CA GLY K 240 -31.72 66.96 -4.43
C GLY K 240 -31.19 67.54 -5.72
N GLU K 241 -30.71 66.70 -6.62
CA GLU K 241 -30.15 67.12 -7.90
C GLU K 241 -31.13 66.74 -9.00
N ASP K 242 -31.82 67.74 -9.53
CA ASP K 242 -32.77 67.49 -10.61
C ASP K 242 -32.03 67.19 -11.90
N GLY K 243 -32.61 66.28 -12.68
CA GLY K 243 -32.06 65.91 -13.98
C GLY K 243 -32.39 66.93 -15.04
N THR K 244 -31.38 67.61 -15.55
CA THR K 244 -31.55 68.68 -16.52
C THR K 244 -30.75 68.37 -17.78
N VAL K 245 -31.06 69.11 -18.85
CA VAL K 245 -30.29 68.97 -20.08
C VAL K 245 -28.84 69.36 -19.85
N TYR K 246 -28.61 70.41 -19.07
CA TYR K 246 -27.26 70.86 -18.77
C TYR K 246 -26.46 69.76 -18.07
N LEU K 247 -27.08 69.09 -17.10
CA LEU K 247 -26.36 68.10 -16.32
C LEU K 247 -25.81 67.00 -17.21
N PHE K 248 -26.61 66.53 -18.16
CA PHE K 248 -26.18 65.45 -19.05
C PHE K 248 -25.27 65.93 -20.17
N ARG K 249 -25.48 67.14 -20.69
CA ARG K 249 -24.58 67.67 -21.71
C ARG K 249 -23.18 67.86 -21.16
N LYS K 250 -23.07 68.42 -19.95
CA LYS K 250 -21.77 68.66 -19.36
C LYS K 250 -20.99 67.35 -19.19
N ILE K 251 -21.68 66.22 -19.18
CA ILE K 251 -21.03 64.92 -19.11
C ILE K 251 -20.72 64.38 -20.50
N MET K 252 -21.68 64.47 -21.41
CA MET K 252 -21.50 63.89 -22.74
C MET K 252 -20.39 64.58 -23.53
N GLU K 253 -20.39 65.92 -23.60
CA GLU K 253 -19.27 66.58 -24.27
C GLU K 253 -17.95 66.33 -23.56
N ARG K 254 -17.95 66.36 -22.23
CA ARG K 254 -16.69 66.14 -21.53
C ARG K 254 -16.10 64.78 -21.86
N LEU K 255 -16.94 63.74 -21.87
CA LEU K 255 -16.44 62.40 -22.18
C LEU K 255 -16.07 62.28 -23.65
N TYR K 256 -16.86 62.88 -24.54
CA TYR K 256 -16.70 62.76 -25.97
C TYR K 256 -16.84 64.15 -26.58
N PRO K 257 -15.79 64.95 -26.59
CA PRO K 257 -15.89 66.33 -27.09
C PRO K 257 -16.30 66.44 -28.56
N ASN K 258 -16.24 65.35 -29.32
CA ASN K 258 -16.61 65.36 -30.73
C ASN K 258 -18.10 65.07 -30.93
N VAL K 259 -18.92 65.35 -29.93
CA VAL K 259 -20.35 65.04 -29.98
C VAL K 259 -21.12 66.20 -29.38
N GLU K 260 -22.17 66.64 -30.07
CA GLU K 260 -23.07 67.67 -29.56
C GLU K 260 -24.34 67.00 -29.08
N VAL K 261 -24.70 67.24 -27.83
CA VAL K 261 -25.94 66.72 -27.28
C VAL K 261 -27.07 67.66 -27.70
N VAL K 262 -28.01 67.14 -28.47
CA VAL K 262 -29.13 67.93 -28.94
C VAL K 262 -30.31 67.88 -27.99
N ASP K 263 -30.78 66.69 -27.63
CA ASP K 263 -32.05 66.59 -26.91
C ASP K 263 -31.91 65.54 -25.82
N VAL K 264 -31.91 65.98 -24.57
CA VAL K 264 -31.99 65.05 -23.44
C VAL K 264 -33.45 64.79 -23.12
N ARG K 265 -33.73 63.58 -22.67
CA ARG K 265 -35.08 63.17 -22.30
C ARG K 265 -34.98 62.25 -21.09
N LEU K 266 -35.78 62.54 -20.07
CA LEU K 266 -35.68 61.83 -18.81
C LEU K 266 -37.06 61.43 -18.33
N SER K 267 -37.11 60.38 -17.52
CA SER K 267 -38.36 60.08 -16.82
C SER K 267 -38.06 59.21 -15.61
N GLN K 268 -39.04 59.14 -14.72
CA GLN K 268 -39.04 58.20 -13.61
C GLN K 268 -39.57 56.87 -14.12
N ALA K 269 -38.73 55.86 -14.09
CA ALA K 269 -39.10 54.57 -14.65
C ALA K 269 -40.28 53.98 -13.87
N PRO K 270 -41.09 53.15 -14.53
CA PRO K 270 -41.01 52.74 -15.93
C PRO K 270 -41.70 53.70 -16.89
N ALA K 271 -41.98 54.92 -16.43
CA ALA K 271 -42.70 55.87 -17.25
C ALA K 271 -41.84 56.32 -18.44
N ALA K 272 -42.51 56.84 -19.46
CA ALA K 272 -41.85 57.18 -20.71
C ALA K 272 -40.99 58.44 -20.54
N PRO K 273 -39.80 58.47 -21.16
CA PRO K 273 -38.98 59.70 -21.11
C PRO K 273 -39.70 60.89 -21.72
N THR K 274 -39.42 62.06 -21.16
CA THR K 274 -40.12 63.30 -21.54
C THR K 274 -39.15 64.46 -21.34
N THR K 275 -39.72 65.66 -21.35
CA THR K 275 -38.92 66.87 -21.25
C THR K 275 -38.37 67.04 -19.83
N PRO K 276 -37.09 67.34 -19.67
CA PRO K 276 -36.60 67.74 -18.34
C PRO K 276 -37.14 69.11 -17.96
N PRO K 277 -36.92 69.56 -16.72
CA PRO K 277 -36.19 68.90 -15.63
C PRO K 277 -36.99 67.81 -14.92
N LEU K 278 -36.29 66.82 -14.39
CA LEU K 278 -36.85 65.83 -13.49
C LEU K 278 -36.49 66.26 -12.07
N VAL K 279 -37.50 66.69 -11.30
CA VAL K 279 -37.23 67.27 -9.99
C VAL K 279 -36.98 66.15 -8.98
N MET K 280 -35.86 66.24 -8.30
CA MET K 280 -35.54 65.35 -7.18
C MET K 280 -35.53 66.16 -5.90
N SER K 281 -36.27 65.69 -4.90
CA SER K 281 -36.27 66.32 -3.60
C SER K 281 -34.93 66.11 -2.91
N PHE K 282 -34.72 66.84 -1.81
CA PHE K 282 -33.47 66.75 -1.09
C PHE K 282 -33.18 65.34 -0.58
N PHE K 283 -34.20 64.49 -0.43
CA PHE K 283 -34.01 63.13 0.02
C PHE K 283 -33.99 62.11 -1.12
N GLN K 284 -34.13 62.56 -2.36
CA GLN K 284 -34.22 61.65 -3.50
C GLN K 284 -32.97 61.76 -4.36
N MET K 285 -32.62 60.64 -4.99
CA MET K 285 -31.47 60.56 -5.86
C MET K 285 -31.87 59.84 -7.13
N MET K 286 -31.16 60.13 -8.22
CA MET K 286 -31.38 59.43 -9.47
C MET K 286 -30.54 58.16 -9.49
N SER K 287 -31.16 57.03 -9.78
CA SER K 287 -30.45 55.77 -9.91
C SER K 287 -30.62 55.24 -11.33
N PHE K 288 -29.51 54.85 -11.94
CA PHE K 288 -29.47 54.54 -13.35
C PHE K 288 -29.20 53.06 -13.54
N ASN K 289 -29.71 52.51 -14.64
CA ASN K 289 -29.51 51.10 -14.99
C ASN K 289 -28.78 51.01 -16.32
N ALA K 290 -27.88 50.03 -16.42
CA ALA K 290 -27.03 49.93 -17.60
C ALA K 290 -27.82 49.74 -18.88
N ASP K 291 -29.08 49.33 -18.79
CA ASP K 291 -29.95 49.16 -19.94
C ASP K 291 -30.78 50.41 -20.24
N ASP K 292 -31.23 51.13 -19.21
CA ASP K 292 -32.13 52.24 -19.40
C ASP K 292 -31.54 53.37 -20.24
N ILE K 293 -30.22 53.59 -20.14
CA ILE K 293 -29.61 54.66 -20.93
C ILE K 293 -29.63 54.28 -22.40
N LEU K 294 -30.08 55.24 -23.23
CA LEU K 294 -30.05 55.06 -24.68
C LEU K 294 -29.54 56.32 -25.33
N VAL K 295 -28.70 56.17 -26.34
CA VAL K 295 -28.13 57.29 -27.09
C VAL K 295 -28.43 57.08 -28.57
N GLU K 296 -28.81 58.16 -29.25
CA GLU K 296 -29.19 58.09 -30.66
C GLU K 296 -28.54 59.24 -31.40
N ILE K 297 -27.92 58.93 -32.54
CA ILE K 297 -27.27 59.94 -33.37
C ILE K 297 -28.30 60.48 -34.35
N VAL K 298 -28.37 61.80 -34.47
CA VAL K 298 -29.39 62.45 -35.30
C VAL K 298 -28.69 63.10 -36.50
N PRO K 299 -29.26 63.07 -37.70
CA PRO K 299 -28.61 63.73 -38.84
C PRO K 299 -28.53 65.25 -38.66
N MET L 1 14.26 51.10 -6.39
CA MET L 1 15.56 50.58 -6.00
C MET L 1 15.39 49.61 -4.83
N THR L 2 16.47 48.93 -4.42
CA THR L 2 16.41 48.01 -3.30
C THR L 2 16.92 48.63 -2.01
N TYR L 3 17.72 49.69 -2.10
CA TYR L 3 18.23 50.37 -0.93
C TYR L 3 17.72 51.81 -0.89
N GLY L 4 18.02 52.49 0.21
CA GLY L 4 17.59 53.86 0.38
C GLY L 4 16.14 53.96 0.80
N VAL L 5 15.50 55.05 0.40
CA VAL L 5 14.10 55.27 0.74
C VAL L 5 13.22 54.42 -0.16
N GLN L 6 12.38 53.60 0.46
CA GLN L 6 11.50 52.68 -0.26
C GLN L 6 10.11 52.76 0.35
N PRO L 7 9.09 52.22 -0.30
CA PRO L 7 7.74 52.27 0.30
C PRO L 7 7.67 51.67 1.70
N THR L 8 8.46 50.64 1.99
CA THR L 8 8.40 50.03 3.31
C THR L 8 9.21 50.81 4.34
N GLY L 9 10.01 51.75 3.91
CA GLY L 9 10.83 52.54 4.80
C GLY L 9 12.21 52.73 4.22
N TYR L 10 13.20 52.78 5.11
CA TYR L 10 14.58 53.01 4.71
C TYR L 10 15.33 51.68 4.74
N VAL L 11 15.70 51.18 3.57
CA VAL L 11 16.47 49.94 3.46
C VAL L 11 17.95 50.31 3.50
N LYS L 12 18.56 50.17 4.66
CA LYS L 12 19.97 50.52 4.85
C LYS L 12 20.86 49.46 4.21
N LYS L 13 21.97 49.90 3.64
CA LYS L 13 22.87 49.02 2.90
C LYS L 13 23.99 48.51 3.81
N PRO L 14 24.30 47.22 3.80
CA PRO L 14 25.40 46.72 4.63
C PRO L 14 26.77 47.21 4.16
N LEU L 15 27.72 47.17 5.11
CA LEU L 15 29.09 47.59 4.82
C LEU L 15 29.76 46.67 3.79
N ALA L 16 29.50 45.37 3.88
CA ALA L 16 30.02 44.44 2.88
C ALA L 16 29.55 44.81 1.48
N VAL L 17 28.28 45.20 1.33
CA VAL L 17 27.80 45.64 0.04
C VAL L 17 28.45 46.96 -0.36
N HIS L 18 28.57 47.91 0.56
CA HIS L 18 29.25 49.15 0.24
C HIS L 18 30.64 48.91 -0.33
N LEU L 19 31.36 47.93 0.21
CA LEU L 19 32.69 47.62 -0.30
C LEU L 19 32.65 46.85 -1.62
N ALA L 20 31.76 45.88 -1.73
CA ALA L 20 31.69 45.07 -2.94
C ALA L 20 31.31 45.90 -4.16
N GLU L 21 30.39 46.86 -4.00
CA GLU L 21 30.01 47.69 -5.14
C GLU L 21 31.19 48.49 -5.66
N ILE L 22 31.97 49.10 -4.77
CA ILE L 22 33.10 49.91 -5.20
C ILE L 22 34.19 49.04 -5.82
N GLU L 23 34.41 47.83 -5.29
CA GLU L 23 35.36 46.92 -5.94
C GLU L 23 34.90 46.54 -7.35
N ALA L 24 33.61 46.25 -7.52
CA ALA L 24 33.11 45.92 -8.85
C ALA L 24 33.23 47.10 -9.80
N SER L 25 32.96 48.31 -9.31
CA SER L 25 33.09 49.49 -10.16
C SER L 25 34.54 49.71 -10.58
N MET L 26 35.49 49.52 -9.65
CA MET L 26 36.89 49.62 -10.03
C MET L 26 37.30 48.55 -11.03
N VAL L 27 36.75 47.34 -10.91
CA VAL L 27 36.99 46.34 -11.96
C VAL L 27 36.42 46.79 -13.28
N ASP L 28 35.24 47.40 -13.29
CA ASP L 28 34.69 47.91 -14.54
C ASP L 28 35.61 48.94 -15.17
N LEU L 29 36.21 49.80 -14.36
CA LEU L 29 37.10 50.83 -14.92
C LEU L 29 38.43 50.26 -15.39
N PHE L 30 39.11 49.47 -14.55
CA PHE L 30 40.50 49.09 -14.79
C PHE L 30 40.69 47.64 -15.17
N GLY L 31 39.62 46.90 -15.46
CA GLY L 31 39.74 45.50 -15.80
C GLY L 31 39.78 44.60 -14.59
N PRO L 32 39.47 43.32 -14.79
CA PRO L 32 39.40 42.39 -13.65
C PRO L 32 40.75 42.07 -13.01
N GLY L 33 41.86 42.50 -13.60
CA GLY L 33 43.16 42.29 -13.02
C GLY L 33 43.65 43.37 -12.10
N VAL L 34 42.89 44.47 -11.95
CA VAL L 34 43.32 45.54 -11.06
C VAL L 34 43.47 45.01 -9.65
N ILE L 35 44.55 45.44 -8.98
CA ILE L 35 44.87 44.95 -7.64
C ILE L 35 44.21 45.88 -6.63
N GLN L 36 43.28 45.33 -5.85
CA GLN L 36 42.52 46.08 -4.85
C GLN L 36 42.66 45.48 -3.46
N THR L 37 43.72 44.73 -3.21
CA THR L 37 43.83 44.04 -1.93
C THR L 37 43.97 45.06 -0.80
N GLU L 38 43.83 44.56 0.43
CA GLU L 38 43.85 45.45 1.59
C GLU L 38 45.13 46.27 1.66
N GLN L 39 46.25 45.75 1.13
CA GLN L 39 47.52 46.41 1.30
C GLN L 39 47.79 47.45 0.24
N SER L 40 47.12 47.37 -0.91
CA SER L 40 47.41 48.29 -2.00
C SER L 40 46.74 49.64 -1.77
N PRO L 41 47.21 50.69 -2.46
CA PRO L 41 46.57 52.01 -2.30
C PRO L 41 45.12 52.04 -2.73
N LEU L 42 44.76 51.28 -3.77
CA LEU L 42 43.35 51.24 -4.15
C LEU L 42 42.50 50.51 -3.13
N GLY L 43 43.06 49.47 -2.50
CA GLY L 43 42.35 48.84 -1.39
C GLY L 43 42.21 49.75 -0.21
N GLN L 44 43.22 50.59 0.04
CA GLN L 44 43.08 51.63 1.05
C GLN L 44 41.92 52.55 0.73
N LEU L 45 41.82 53.01 -0.51
CA LEU L 45 40.72 53.87 -0.92
C LEU L 45 39.37 53.19 -0.80
N ASN L 46 39.27 51.93 -1.23
CA ASN L 46 38.01 51.19 -1.14
C ASN L 46 37.56 50.99 0.30
N GLY L 47 38.47 50.60 1.20
CA GLY L 47 38.08 50.40 2.58
C GLY L 47 37.56 51.67 3.22
N LEU L 48 38.28 52.78 3.05
CA LEU L 48 37.86 54.04 3.63
C LEU L 48 36.55 54.51 3.02
N TYR L 49 36.38 54.35 1.71
CA TYR L 49 35.08 54.63 1.13
C TYR L 49 33.99 53.82 1.81
N ALA L 50 34.07 52.49 1.71
CA ALA L 50 33.06 51.65 2.35
C ALA L 50 32.70 52.16 3.74
N ASP L 51 33.70 52.50 4.55
CA ASP L 51 33.42 53.00 5.90
C ASP L 51 32.62 54.30 5.87
N LEU L 52 33.09 55.29 5.13
CA LEU L 52 32.41 56.59 5.13
C LEU L 52 31.00 56.48 4.55
N SER L 53 30.84 55.70 3.49
CA SER L 53 29.53 55.54 2.88
C SER L 53 28.57 54.79 3.77
N TYR L 54 29.02 53.81 4.55
CA TYR L 54 28.14 53.20 5.53
C TYR L 54 27.72 54.22 6.58
N ASP L 55 28.65 55.07 7.01
CA ASP L 55 28.29 56.12 7.98
C ASP L 55 27.25 57.07 7.42
N LEU L 56 27.43 57.50 6.17
CA LEU L 56 26.46 58.39 5.53
C LEU L 56 25.13 57.70 5.33
N ASP L 57 25.15 56.40 5.02
CA ASP L 57 23.94 55.60 4.93
C ASP L 57 23.18 55.62 6.25
N GLU L 58 23.87 55.42 7.36
CA GLU L 58 23.24 55.44 8.68
C GLU L 58 22.68 56.81 9.04
N ARG L 59 23.41 57.88 8.70
CA ARG L 59 22.88 59.22 8.95
C ARG L 59 21.65 59.50 8.10
N GLY L 60 21.61 58.98 6.87
CA GLY L 60 20.41 59.08 6.08
C GLY L 60 19.23 58.38 6.73
N GLU L 61 19.47 57.22 7.33
CA GLU L 61 18.40 56.51 8.02
C GLU L 61 17.89 57.33 9.21
N ASP L 62 18.81 57.91 9.97
CA ASP L 62 18.39 58.75 11.10
C ASP L 62 17.56 59.95 10.62
N LEU L 63 18.00 60.62 9.56
CA LEU L 63 17.25 61.76 9.06
C LEU L 63 15.88 61.34 8.56
N TYR L 64 15.79 60.19 7.88
CA TYR L 64 14.49 59.67 7.47
C TYR L 64 13.59 59.42 8.68
N GLN L 65 14.12 58.79 9.72
CA GLN L 65 13.30 58.48 10.88
C GLN L 65 12.82 59.73 11.60
N SER L 66 13.63 60.78 11.60
CA SER L 66 13.32 61.97 12.38
C SER L 66 12.19 62.82 11.81
N PHE L 67 11.49 62.37 10.77
CA PHE L 67 10.28 63.07 10.33
C PHE L 67 9.02 62.49 10.96
N ASP L 68 9.12 61.42 11.69
CA ASP L 68 7.98 60.75 12.29
C ASP L 68 7.93 61.04 13.78
N PRO L 69 6.83 61.58 14.32
CA PRO L 69 6.80 61.85 15.76
C PRO L 69 7.08 60.63 16.60
N GLU L 70 6.68 59.45 16.13
CA GLU L 70 6.87 58.21 16.87
C GLU L 70 8.30 57.70 16.81
N GLN L 71 9.19 58.36 16.07
CA GLN L 71 10.60 58.00 16.06
C GLN L 71 11.55 59.15 16.33
N ALA L 72 11.12 60.40 16.22
CA ALA L 72 11.99 61.52 16.51
C ALA L 72 12.30 61.57 18.01
N GLU L 73 13.38 62.29 18.36
CA GLU L 73 13.85 62.28 19.74
C GLU L 73 14.51 63.63 20.07
N GLY L 74 13.74 64.51 20.70
CA GLY L 74 14.29 65.74 21.25
C GLY L 74 13.76 67.00 20.63
N SER L 75 14.65 67.93 20.27
CA SER L 75 14.23 69.18 19.65
C SER L 75 13.50 68.94 18.33
N ARG L 76 13.90 67.93 17.57
CA ARG L 76 13.16 67.58 16.37
C ARG L 76 11.81 66.94 16.70
N LEU L 77 11.74 66.19 17.79
CA LEU L 77 10.43 65.74 18.25
C LEU L 77 9.54 66.93 18.60
N ASP L 78 10.12 67.99 19.17
CA ASP L 78 9.36 69.21 19.42
C ASP L 78 8.88 69.85 18.12
N ILE L 79 9.76 69.87 17.12
CA ILE L 79 9.37 70.41 15.82
C ILE L 79 8.15 69.67 15.29
N LEU L 80 8.15 68.34 15.40
CA LEU L 80 7.03 67.57 14.89
C LEU L 80 5.80 67.64 15.79
N ALA L 81 5.98 67.89 17.09
CA ALA L 81 4.84 68.02 17.98
C ALA L 81 4.13 69.35 17.79
N ARG L 82 4.86 70.37 17.37
CA ARG L 82 4.27 71.68 17.20
C ARG L 82 3.27 71.69 16.03
N TYR L 83 3.26 70.67 15.19
CA TYR L 83 2.20 70.48 14.22
C TYR L 83 0.92 69.98 14.86
N ARG L 84 0.98 69.47 16.09
CA ARG L 84 -0.21 69.01 16.79
C ARG L 84 -0.42 69.77 18.10
N LEU L 85 0.30 70.88 18.30
CA LEU L 85 0.11 71.77 19.44
C LEU L 85 0.44 71.06 20.75
N LEU L 86 1.72 70.73 20.89
CA LEU L 86 2.26 70.25 22.16
C LEU L 86 3.66 70.83 22.36
N SER L 87 3.88 71.43 23.53
CA SER L 87 5.18 71.94 23.91
C SER L 87 5.76 71.06 25.01
N ARG L 88 6.97 70.58 24.78
CA ARG L 88 7.69 69.79 25.76
C ARG L 88 7.67 70.47 27.13
N ARG L 89 7.02 69.86 28.11
CA ARG L 89 7.06 70.37 29.46
C ARG L 89 8.48 70.31 30.01
N ALA L 90 8.85 71.33 30.79
CA ALA L 90 10.20 71.43 31.32
C ALA L 90 10.56 70.15 32.07
N GLY L 91 11.65 69.52 31.66
CA GLY L 91 12.11 68.30 32.29
C GLY L 91 11.33 67.06 31.89
N GLU L 92 10.37 67.18 31.00
CA GLU L 92 9.65 66.01 30.52
C GLU L 92 10.53 65.22 29.56
N SER L 93 10.69 63.93 29.84
CA SER L 93 11.54 63.10 29.01
C SER L 93 10.88 62.85 27.65
N ASP L 94 11.70 62.40 26.69
CA ASP L 94 11.17 62.12 25.37
C ASP L 94 10.14 61.01 25.41
N GLU L 95 10.25 60.06 26.33
CA GLU L 95 9.23 59.02 26.43
C GLU L 95 7.88 59.61 26.81
N SER L 96 7.84 60.39 27.89
CA SER L 96 6.58 60.98 28.32
C SER L 96 6.03 61.91 27.26
N PHE L 97 6.90 62.67 26.61
CA PHE L 97 6.44 63.59 25.57
C PHE L 97 5.90 62.86 24.36
N ARG L 98 6.55 61.78 23.91
CA ARG L 98 6.07 61.02 22.78
C ARG L 98 4.75 60.35 23.11
N ARG L 99 4.59 59.88 24.35
CA ARG L 99 3.28 59.42 24.78
C ARG L 99 2.25 60.53 24.69
N ALA L 100 2.59 61.71 25.20
CA ALA L 100 1.66 62.84 25.11
C ALA L 100 1.27 63.11 23.67
N ILE L 101 2.16 62.83 22.73
CA ILE L 101 1.78 62.97 21.32
C ILE L 101 1.08 61.68 20.92
N THR L 102 -0.15 61.53 21.40
CA THR L 102 -1.10 60.52 20.97
C THR L 102 -2.45 61.03 21.44
N ASN L 103 -3.21 61.66 20.54
CA ASN L 103 -4.28 62.53 20.97
C ASN L 103 -5.43 62.43 19.96
N VAL L 104 -6.64 62.68 20.47
CA VAL L 104 -7.76 62.81 19.57
C VAL L 104 -7.57 64.04 18.70
N ASP L 105 -7.83 63.87 17.40
CA ASP L 105 -7.77 64.94 16.42
C ASP L 105 -9.17 65.48 16.21
N ARG L 106 -9.90 65.54 17.32
CA ARG L 106 -11.32 65.86 17.32
C ARG L 106 -11.70 66.31 18.72
N ALA L 107 -12.66 67.22 18.78
CA ALA L 107 -13.05 67.83 20.04
C ALA L 107 -13.63 66.79 20.98
N ARG L 108 -13.32 66.93 22.27
CA ARG L 108 -13.89 66.09 23.31
C ARG L 108 -14.75 67.01 24.16
N ILE L 109 -15.97 67.27 23.68
CA ILE L 109 -16.82 68.30 24.26
C ILE L 109 -18.23 67.77 24.42
N ASP L 110 -18.38 66.44 24.40
CA ASP L 110 -19.69 65.84 24.51
C ASP L 110 -20.34 66.21 25.85
N LEU L 111 -21.66 66.36 25.83
CA LEU L 111 -22.37 66.72 27.05
C LEU L 111 -22.25 65.66 28.13
N SER L 112 -22.01 64.40 27.77
CA SER L 112 -21.70 63.40 28.79
C SER L 112 -20.44 63.80 29.54
N ASP L 113 -19.40 64.18 28.80
CA ASP L 113 -18.16 64.64 29.40
C ASP L 113 -18.35 65.95 30.18
N LEU L 114 -19.29 66.80 29.77
CA LEU L 114 -19.61 67.98 30.56
C LEU L 114 -20.24 67.60 31.90
N SER L 115 -21.26 66.75 31.86
CA SER L 115 -21.97 66.38 33.09
C SER L 115 -21.04 65.67 34.05
N THR L 116 -20.17 64.81 33.53
CA THR L 116 -19.22 64.12 34.39
C THR L 116 -18.33 65.11 35.13
N ALA L 117 -17.83 66.13 34.44
CA ALA L 117 -17.04 67.16 35.10
C ALA L 117 -17.87 67.94 36.12
N LEU L 118 -19.11 68.27 35.81
CA LEU L 118 -19.98 68.92 36.78
C LEU L 118 -20.04 68.12 38.07
N SER L 119 -20.31 66.82 37.95
CA SER L 119 -20.47 65.99 39.14
C SER L 119 -19.19 65.97 39.98
N ALA L 120 -18.04 66.30 39.38
CA ALA L 120 -16.78 66.16 40.07
C ALA L 120 -16.40 67.37 40.92
N ILE L 121 -17.10 68.49 40.76
CA ILE L 121 -16.73 69.70 41.51
C ILE L 121 -17.29 69.61 42.92
N ASN L 122 -16.47 70.04 43.88
CA ASN L 122 -16.89 70.03 45.27
C ASN L 122 -18.14 70.89 45.44
N GLY L 123 -18.97 70.51 46.39
CA GLY L 123 -20.20 71.23 46.66
C GLY L 123 -21.29 70.98 45.64
N VAL L 124 -20.96 70.49 44.45
CA VAL L 124 -21.97 70.21 43.43
C VAL L 124 -22.65 68.90 43.83
N SER L 125 -23.75 69.02 44.57
CA SER L 125 -24.49 67.84 45.01
C SER L 125 -25.34 67.24 43.91
N TRP L 126 -25.86 68.07 43.00
CA TRP L 126 -26.74 67.61 41.94
C TRP L 126 -26.48 68.44 40.69
N SER L 127 -26.61 67.80 39.54
CA SER L 127 -26.39 68.48 38.27
C SER L 127 -27.05 67.69 37.16
N ARG L 128 -27.54 68.42 36.15
CA ARG L 128 -28.11 67.82 34.95
C ARG L 128 -27.90 68.78 33.79
N VAL L 129 -27.76 68.20 32.60
CA VAL L 129 -27.49 68.96 31.38
C VAL L 129 -28.54 68.59 30.35
N TYR L 130 -29.09 69.61 29.69
CA TYR L 130 -30.11 69.43 28.65
C TYR L 130 -29.68 70.19 27.42
N VAL L 131 -30.14 69.74 26.26
CA VAL L 131 -29.81 70.39 25.01
C VAL L 131 -31.04 70.43 24.13
N ASN L 132 -31.26 71.58 23.50
CA ASN L 132 -32.27 71.77 22.47
C ASN L 132 -31.52 71.92 21.14
N GLU L 133 -31.66 70.93 20.27
CA GLU L 133 -31.01 70.93 18.98
C GLU L 133 -31.96 71.28 17.84
N ASP L 134 -33.24 70.96 17.97
CA ASP L 134 -34.20 71.26 16.92
C ASP L 134 -34.25 72.76 16.65
N ALA L 135 -34.93 73.11 15.56
CA ALA L 135 -35.11 74.50 15.14
C ALA L 135 -36.32 75.16 15.81
N THR L 136 -37.13 74.39 16.53
CA THR L 136 -38.29 74.92 17.23
C THR L 136 -38.03 74.94 18.73
N THR L 137 -38.70 75.84 19.43
CA THR L 137 -38.58 75.89 20.87
C THR L 137 -39.36 74.74 21.49
N ASP L 138 -38.68 73.98 22.35
CA ASP L 138 -39.31 72.83 22.99
C ASP L 138 -40.28 73.31 24.06
N ALA L 139 -41.05 72.38 24.63
CA ALA L 139 -42.09 72.75 25.58
C ALA L 139 -41.52 73.17 26.93
N ASP L 140 -40.28 72.80 27.23
CA ASP L 140 -39.64 73.16 28.48
C ASP L 140 -39.07 74.57 28.47
N GLY L 141 -39.24 75.31 27.39
CA GLY L 141 -38.82 76.69 27.34
C GLY L 141 -37.40 76.96 26.89
N ILE L 142 -36.70 75.95 26.38
CA ILE L 142 -35.32 76.11 25.92
C ILE L 142 -35.35 76.58 24.48
N PRO L 143 -34.76 77.73 24.15
CA PRO L 143 -34.75 78.18 22.76
C PRO L 143 -33.93 77.23 21.89
N PRO L 144 -34.17 77.23 20.59
CA PRO L 144 -33.46 76.28 19.72
C PRO L 144 -31.97 76.54 19.71
N ASN L 145 -31.21 75.45 19.52
CA ASN L 145 -29.75 75.52 19.44
C ASN L 145 -29.16 76.07 20.73
N THR L 146 -29.48 75.40 21.85
CA THR L 146 -29.09 75.88 23.16
C THR L 146 -28.76 74.70 24.06
N VAL L 147 -27.92 74.96 25.07
CA VAL L 147 -27.62 73.99 26.10
C VAL L 147 -27.91 74.61 27.45
N SER L 148 -28.74 73.95 28.24
CA SER L 148 -29.09 74.39 29.58
C SER L 148 -28.42 73.50 30.62
N VAL L 149 -27.90 74.10 31.67
CA VAL L 149 -27.23 73.39 32.75
C VAL L 149 -27.94 73.73 34.06
N ALA L 150 -28.46 72.72 34.73
CA ALA L 150 -29.04 72.86 36.06
C ALA L 150 -28.05 72.29 37.07
N VAL L 151 -27.77 73.05 38.12
CA VAL L 151 -26.77 72.64 39.09
C VAL L 151 -27.19 73.13 40.47
N ILE L 152 -26.87 72.34 41.48
CA ILE L 152 -27.13 72.67 42.88
C ILE L 152 -25.81 72.63 43.62
N GLY L 153 -25.51 73.71 44.33
CA GLY L 153 -24.25 73.81 45.05
C GLY L 153 -23.09 74.07 44.13
N GLY L 154 -21.90 73.85 44.66
CA GLY L 154 -20.68 74.13 43.94
C GLY L 154 -20.44 75.63 43.80
N ASP L 155 -19.18 76.03 43.71
CA ASP L 155 -18.87 77.44 43.50
C ASP L 155 -19.31 77.86 42.11
N ASP L 156 -19.73 79.13 41.98
CA ASP L 156 -20.23 79.60 40.70
C ASP L 156 -19.11 79.90 39.70
N ASP L 157 -17.97 80.41 40.15
CA ASP L 157 -16.89 80.73 39.22
C ASP L 157 -16.37 79.49 38.52
N GLU L 158 -16.07 78.44 39.29
CA GLU L 158 -15.51 77.23 38.69
C GLU L 158 -16.51 76.57 37.75
N VAL L 159 -17.79 76.56 38.12
CA VAL L 159 -18.78 75.95 37.24
C VAL L 159 -18.97 76.79 35.97
N ALA L 160 -18.89 78.12 36.07
CA ALA L 160 -18.97 78.94 34.86
C ALA L 160 -17.79 78.67 33.93
N GLN L 161 -16.59 78.57 34.51
CA GLN L 161 -15.43 78.18 33.72
C GLN L 161 -15.68 76.83 33.04
N LEU L 162 -16.23 75.88 33.79
CA LEU L 162 -16.48 74.56 33.26
C LEU L 162 -17.45 74.60 32.09
N VAL L 163 -18.54 75.35 32.23
CA VAL L 163 -19.54 75.41 31.17
C VAL L 163 -18.97 76.07 29.92
N ARG L 164 -18.23 77.17 30.09
CA ARG L 164 -17.69 77.84 28.91
C ARG L 164 -16.54 77.07 28.28
N ARG L 165 -15.89 76.18 29.01
CA ARG L 165 -14.89 75.34 28.37
C ARG L 165 -15.50 74.27 27.48
N TYR L 166 -16.79 73.96 27.66
CA TYR L 166 -17.43 72.88 26.93
C TYR L 166 -18.49 73.33 25.94
N VAL L 167 -19.05 74.52 26.06
CA VAL L 167 -20.02 75.02 25.10
C VAL L 167 -19.29 75.91 24.10
N VAL L 168 -19.42 75.59 22.82
CA VAL L 168 -18.68 76.30 21.78
C VAL L 168 -19.37 77.62 21.45
N PRO L 169 -18.65 78.63 20.95
CA PRO L 169 -19.31 79.88 20.56
C PRO L 169 -20.38 79.65 19.51
N GLY L 170 -21.45 80.43 19.61
CA GLY L 170 -22.59 80.27 18.73
C GLY L 170 -23.67 79.37 19.25
N VAL L 171 -23.50 78.75 20.41
CA VAL L 171 -24.52 77.94 21.05
C VAL L 171 -25.03 78.71 22.26
N GLY L 172 -26.36 78.81 22.38
CA GLY L 172 -26.96 79.58 23.45
C GLY L 172 -26.86 78.90 24.79
N MET L 173 -27.30 79.62 25.83
CA MET L 173 -27.25 79.14 27.20
C MET L 173 -28.54 79.59 27.89
N TYR L 174 -29.41 78.64 28.20
CA TYR L 174 -30.67 78.93 28.85
C TYR L 174 -30.58 78.66 30.35
N GLY L 175 -31.19 79.54 31.13
CA GLY L 175 -31.17 79.41 32.57
C GLY L 175 -31.79 80.64 33.20
N ASN L 176 -31.74 80.66 34.53
CA ASN L 176 -32.32 81.77 35.30
C ASN L 176 -31.27 82.63 36.00
N THR L 177 -30.13 82.04 36.36
CA THR L 177 -29.10 82.75 37.11
C THR L 177 -27.98 83.16 36.16
N THR L 178 -27.45 84.36 36.38
CA THR L 178 -26.34 84.88 35.59
C THR L 178 -25.08 84.84 36.43
N ILE L 179 -23.95 84.51 35.79
CA ILE L 179 -22.65 84.47 36.44
C ILE L 179 -21.65 85.16 35.54
N GLU L 180 -20.67 85.82 36.15
CA GLU L 180 -19.66 86.58 35.42
C GLU L 180 -18.28 86.23 35.92
N THR L 181 -17.56 85.43 35.14
CA THR L 181 -16.18 85.06 35.40
C THR L 181 -15.31 85.60 34.29
N THR L 182 -14.04 85.81 34.59
CA THR L 182 -13.09 86.39 33.64
C THR L 182 -11.99 85.39 33.37
N ILE L 183 -11.74 85.11 32.09
CA ILE L 183 -10.52 84.45 31.66
C ILE L 183 -9.92 85.29 30.54
N GLY L 184 -8.64 85.63 30.70
CA GLY L 184 -7.99 86.54 29.76
C GLY L 184 -8.65 87.90 29.78
N GLY L 185 -9.14 88.31 30.94
CA GLY L 185 -9.86 89.56 31.05
C GLY L 185 -11.17 89.59 30.30
N PHE L 186 -11.66 88.44 29.83
CA PHE L 186 -12.86 88.38 29.02
C PHE L 186 -13.99 87.88 29.92
N CYS L 187 -14.72 88.82 30.50
CA CYS L 187 -15.93 88.48 31.24
C CYS L 187 -17.04 88.09 30.27
N ARG L 188 -17.64 86.95 30.51
CA ARG L 188 -18.82 86.51 29.78
C ARG L 188 -19.99 86.42 30.75
N ARG L 189 -21.20 86.39 30.19
CA ARG L 189 -22.44 86.28 30.94
C ARG L 189 -22.91 84.84 30.81
N ILE L 190 -22.45 83.99 31.73
CA ILE L 190 -22.75 82.57 31.71
C ILE L 190 -24.09 82.36 32.40
N ARG L 191 -25.06 81.82 31.67
CA ARG L 191 -26.39 81.57 32.21
C ARG L 191 -26.48 80.12 32.67
N VAL L 192 -26.88 79.93 33.92
CA VAL L 192 -27.08 78.61 34.49
C VAL L 192 -28.45 78.57 35.13
N ILE L 193 -28.84 77.37 35.59
CA ILE L 193 -30.06 77.18 36.36
C ILE L 193 -29.65 76.81 37.79
N ARG L 194 -30.12 77.59 38.75
CA ARG L 194 -30.03 77.25 40.16
C ARG L 194 -31.44 76.90 40.63
N PRO L 195 -31.85 75.63 40.60
CA PRO L 195 -33.26 75.30 40.72
C PRO L 195 -33.86 75.83 42.02
N VAL L 196 -35.15 76.16 41.94
CA VAL L 196 -35.91 76.66 43.08
C VAL L 196 -36.51 75.44 43.78
N LEU L 197 -36.08 75.19 45.01
CA LEU L 197 -36.53 74.02 45.78
C LEU L 197 -37.79 74.41 46.54
N ILE L 198 -38.94 73.92 46.09
CA ILE L 198 -40.20 74.20 46.78
C ILE L 198 -40.65 72.96 47.53
N PRO L 199 -40.80 73.01 48.85
CA PRO L 199 -41.13 71.80 49.61
C PRO L 199 -42.43 71.17 49.14
N THR L 200 -42.46 69.85 49.17
CA THR L 200 -43.59 69.07 48.69
C THR L 200 -44.07 68.13 49.78
N SER L 201 -45.39 68.05 49.94
CA SER L 201 -46.04 67.12 50.84
C SER L 201 -46.63 65.97 50.03
N VAL L 202 -46.36 64.74 50.47
CA VAL L 202 -46.72 63.54 49.73
C VAL L 202 -47.48 62.59 50.64
N GLU L 203 -48.57 62.02 50.12
CA GLU L 203 -49.33 61.00 50.83
C GLU L 203 -49.59 59.85 49.86
N ILE L 204 -49.20 58.65 50.25
CA ILE L 204 -49.32 57.46 49.40
C ILE L 204 -50.08 56.40 50.18
N ASP L 205 -51.09 55.82 49.55
CA ASP L 205 -51.89 54.76 50.15
C ASP L 205 -51.65 53.47 49.39
N VAL L 206 -51.34 52.40 50.13
CA VAL L 206 -50.89 51.15 49.52
C VAL L 206 -51.70 49.99 50.10
N GLN L 207 -51.75 48.89 49.33
CA GLN L 207 -52.38 47.65 49.75
C GLN L 207 -51.30 46.60 49.93
N SER L 208 -51.23 46.02 51.14
CA SER L 208 -50.27 44.96 51.40
C SER L 208 -50.68 43.69 50.66
N ARG L 209 -49.70 43.00 50.09
CA ARG L 209 -49.97 41.77 49.37
C ARG L 209 -48.88 40.73 49.67
N PRO L 210 -49.20 39.67 50.43
CA PRO L 210 -48.15 38.71 50.80
C PRO L 210 -47.53 38.09 49.56
N LEU L 211 -46.21 37.89 49.62
CA LEU L 211 -45.49 37.36 48.48
C LEU L 211 -45.80 35.88 48.31
N LYS L 212 -45.18 35.31 47.27
CA LYS L 212 -45.31 33.90 46.96
C LYS L 212 -44.51 33.02 47.89
N ASN L 213 -43.54 33.56 48.62
CA ASN L 213 -42.74 32.80 49.57
C ASN L 213 -43.27 32.90 51.00
N GLY L 214 -44.03 33.94 51.32
CA GLY L 214 -44.50 34.15 52.67
C GLY L 214 -43.79 35.24 53.44
N CYS L 215 -43.50 36.38 52.83
CA CYS L 215 -42.89 37.49 53.53
C CYS L 215 -43.95 38.34 54.22
N PRO L 216 -43.55 39.14 55.21
CA PRO L 216 -44.50 40.05 55.84
C PRO L 216 -44.42 41.42 55.20
N PRO L 217 -45.53 42.15 55.10
CA PRO L 217 -45.49 43.46 54.45
C PRO L 217 -44.72 44.46 55.30
N PRO L 218 -44.00 45.39 54.66
CA PRO L 218 -43.11 46.27 55.42
C PRO L 218 -43.87 47.31 56.23
N SER L 219 -43.15 47.89 57.19
CA SER L 219 -43.72 48.85 58.10
C SER L 219 -43.91 50.21 57.44
N VAL L 220 -44.80 51.02 58.04
CA VAL L 220 -45.11 52.33 57.50
C VAL L 220 -43.86 53.20 57.45
N ASN L 221 -43.12 53.26 58.54
CA ASN L 221 -41.94 54.11 58.58
C ASN L 221 -40.85 53.62 57.65
N ALA L 222 -40.70 52.31 57.50
CA ALA L 222 -39.75 51.81 56.51
C ALA L 222 -40.15 52.25 55.11
N MET L 223 -41.44 52.15 54.77
CA MET L 223 -41.89 52.65 53.48
C MET L 223 -41.58 54.12 53.31
N ALA L 224 -41.84 54.91 54.35
CA ALA L 224 -41.71 56.36 54.25
C ALA L 224 -40.25 56.82 54.25
N ALA L 225 -39.33 56.02 54.78
CA ALA L 225 -37.92 56.35 54.78
C ALA L 225 -37.20 55.84 53.54
N GLY L 226 -37.56 54.66 53.05
CA GLY L 226 -37.02 54.18 51.79
C GLY L 226 -37.41 55.05 50.61
N LEU L 227 -38.59 55.68 50.66
CA LEU L 227 -38.97 56.62 49.63
C LEU L 227 -38.20 57.93 49.77
N TYR L 228 -38.01 58.39 51.01
CA TYR L 228 -37.23 59.62 51.21
C TYR L 228 -35.81 59.47 50.70
N THR L 229 -35.16 58.34 50.99
CA THR L 229 -33.79 58.18 50.56
C THR L 229 -33.69 58.15 49.04
N GLU L 230 -34.61 57.44 48.37
CA GLU L 230 -34.59 57.41 46.92
C GLU L 230 -34.86 58.78 46.32
N LEU L 231 -35.80 59.53 46.90
CA LEU L 231 -36.15 60.85 46.38
C LEU L 231 -35.12 61.92 46.68
N THR L 232 -34.30 61.72 47.70
CA THR L 232 -33.19 62.63 47.97
C THR L 232 -31.85 62.08 47.51
N GLY L 233 -31.85 60.97 46.78
CA GLY L 233 -30.63 60.41 46.24
C GLY L 233 -30.24 61.02 44.90
N PRO L 234 -29.19 60.47 44.29
CA PRO L 234 -28.75 60.98 42.98
C PRO L 234 -29.75 60.74 41.86
N ASP L 235 -30.70 59.83 42.04
CA ASP L 235 -31.73 59.56 41.03
C ASP L 235 -33.02 60.33 41.33
N ARG L 236 -32.91 61.49 41.97
CA ARG L 236 -34.06 62.25 42.41
C ARG L 236 -34.81 62.81 41.21
N PRO L 237 -36.09 63.17 41.39
CA PRO L 237 -36.77 63.97 40.37
C PRO L 237 -36.05 65.29 40.16
N GLY L 238 -35.84 65.65 38.89
CA GLY L 238 -35.14 66.86 38.53
C GLY L 238 -36.06 68.05 38.40
N ASN L 239 -35.47 69.16 37.96
CA ASN L 239 -36.25 70.37 37.72
C ASN L 239 -37.25 70.13 36.58
N GLY L 240 -38.42 70.75 36.70
CA GLY L 240 -39.43 70.61 35.68
C GLY L 240 -40.06 69.24 35.61
N GLU L 241 -39.91 68.43 36.66
CA GLU L 241 -40.53 67.12 36.73
C GLU L 241 -41.80 67.23 37.57
N ASP L 242 -42.95 66.94 36.97
CA ASP L 242 -44.21 67.06 37.66
C ASP L 242 -44.47 65.84 38.53
N GLY L 243 -44.42 66.03 39.84
CA GLY L 243 -44.72 64.95 40.76
C GLY L 243 -46.02 64.28 40.39
N THR L 244 -45.96 63.01 40.01
CA THR L 244 -47.08 62.34 39.37
C THR L 244 -47.30 60.97 39.97
N VAL L 245 -48.51 60.44 39.75
CA VAL L 245 -48.80 59.07 40.11
C VAL L 245 -47.80 58.14 39.46
N TYR L 246 -47.49 58.35 38.17
CA TYR L 246 -46.49 57.50 37.53
C TYR L 246 -45.19 57.49 38.33
N LEU L 247 -44.66 58.67 38.62
CA LEU L 247 -43.37 58.73 39.31
C LEU L 247 -43.42 58.01 40.64
N PHE L 248 -44.39 58.34 41.47
CA PHE L 248 -44.37 57.82 42.84
C PHE L 248 -44.77 56.35 42.90
N ARG L 249 -45.73 55.92 42.08
CA ARG L 249 -46.05 54.51 41.99
C ARG L 249 -44.86 53.72 41.50
N LYS L 250 -44.14 54.21 40.49
CA LYS L 250 -42.98 53.47 40.01
C LYS L 250 -41.93 53.33 41.10
N ILE L 251 -41.60 54.41 41.81
CA ILE L 251 -40.61 54.30 42.87
C ILE L 251 -41.09 53.32 43.95
N MET L 252 -42.32 53.50 44.44
CA MET L 252 -42.81 52.67 45.53
C MET L 252 -42.86 51.20 45.13
N GLU L 253 -43.38 50.91 43.94
CA GLU L 253 -43.49 49.54 43.48
C GLU L 253 -42.11 48.91 43.30
N ARG L 254 -41.17 49.65 42.72
CA ARG L 254 -39.85 49.08 42.48
C ARG L 254 -39.12 48.83 43.80
N LEU L 255 -39.32 49.69 44.79
CA LEU L 255 -38.67 49.46 46.08
C LEU L 255 -39.31 48.32 46.85
N TYR L 256 -40.64 48.20 46.81
CA TYR L 256 -41.36 47.26 47.66
C TYR L 256 -42.24 46.40 46.78
N PRO L 257 -41.70 45.34 46.17
CA PRO L 257 -42.49 44.54 45.23
C PRO L 257 -43.75 43.94 45.83
N ASN L 258 -43.76 43.66 47.13
CA ASN L 258 -44.89 43.02 47.78
C ASN L 258 -45.95 44.02 48.25
N VAL L 259 -45.99 45.19 47.62
CA VAL L 259 -46.91 46.26 48.00
C VAL L 259 -47.48 46.89 46.73
N GLU L 260 -48.79 47.13 46.73
CA GLU L 260 -49.44 47.84 45.64
C GLU L 260 -49.86 49.23 46.11
N VAL L 261 -49.83 50.17 45.19
CA VAL L 261 -50.19 51.56 45.48
C VAL L 261 -51.62 51.79 45.05
N VAL L 262 -52.40 52.43 45.93
CA VAL L 262 -53.79 52.74 45.62
C VAL L 262 -53.93 54.10 44.99
N ASP L 263 -53.33 55.13 45.58
CA ASP L 263 -53.43 56.49 45.05
C ASP L 263 -52.22 57.28 45.53
N VAL L 264 -52.05 58.46 44.94
CA VAL L 264 -51.00 59.41 45.31
C VAL L 264 -51.65 60.77 45.51
N ARG L 265 -51.18 61.52 46.51
CA ARG L 265 -51.61 62.88 46.75
C ARG L 265 -50.40 63.76 46.99
N LEU L 266 -50.36 64.91 46.33
CA LEU L 266 -49.19 65.79 46.33
C LEU L 266 -49.64 67.23 46.52
N SER L 267 -48.83 68.00 47.24
CA SER L 267 -49.09 69.42 47.44
C SER L 267 -47.79 70.10 47.85
N GLN L 268 -47.88 71.39 48.16
CA GLN L 268 -46.75 72.19 48.61
C GLN L 268 -46.97 72.64 50.05
N ALA L 269 -45.94 72.49 50.87
CA ALA L 269 -46.05 72.91 52.26
C ALA L 269 -46.31 74.41 52.33
N PRO L 270 -47.34 74.87 53.05
CA PRO L 270 -48.28 74.11 53.89
C PRO L 270 -49.53 73.62 53.17
N ALA L 271 -49.67 73.93 51.88
CA ALA L 271 -50.91 73.63 51.19
C ALA L 271 -51.28 72.17 51.32
N ALA L 272 -52.56 71.91 51.52
CA ALA L 272 -53.05 70.58 51.83
C ALA L 272 -52.93 69.64 50.63
N PRO L 273 -52.85 68.33 50.89
CA PRO L 273 -52.66 67.36 49.78
C PRO L 273 -53.80 67.41 48.77
N THR L 274 -53.47 67.24 47.50
CA THR L 274 -54.48 67.28 46.40
C THR L 274 -54.13 66.16 45.42
N THR L 275 -54.63 66.20 44.19
CA THR L 275 -54.29 65.22 43.14
C THR L 275 -52.79 65.13 42.92
N PRO L 276 -52.26 63.94 42.52
CA PRO L 276 -50.84 63.80 42.22
C PRO L 276 -50.40 64.24 40.83
N PRO L 277 -50.58 65.51 40.40
CA PRO L 277 -50.07 66.00 39.14
C PRO L 277 -49.14 67.19 39.42
N LEU L 278 -48.63 67.32 40.64
CA LEU L 278 -47.78 68.47 41.08
C LEU L 278 -47.12 69.05 39.82
N VAL L 279 -47.59 70.21 39.35
CA VAL L 279 -47.06 70.86 38.12
C VAL L 279 -45.79 71.62 38.48
N MET L 280 -44.74 71.50 37.67
CA MET L 280 -43.47 72.17 37.89
C MET L 280 -42.99 72.85 36.62
N SER L 281 -42.54 74.10 36.76
CA SER L 281 -41.87 74.78 35.67
C SER L 281 -40.43 74.32 35.62
N PHE L 282 -39.78 74.60 34.49
CA PHE L 282 -38.44 74.07 34.26
C PHE L 282 -37.43 74.55 35.29
N PHE L 283 -37.76 75.61 36.04
CA PHE L 283 -36.84 76.16 37.03
C PHE L 283 -37.11 75.64 38.42
N GLN L 284 -38.35 75.29 38.73
CA GLN L 284 -38.70 74.74 40.03
C GLN L 284 -38.23 73.29 40.14
N MET L 285 -38.02 72.84 41.37
CA MET L 285 -37.68 71.46 41.64
C MET L 285 -38.49 71.01 42.85
N MET L 286 -38.81 69.71 42.89
CA MET L 286 -39.53 69.15 44.03
C MET L 286 -38.56 68.88 45.17
N SER L 287 -38.87 69.42 46.35
CA SER L 287 -38.12 69.18 47.56
C SER L 287 -38.91 68.27 48.48
N PHE L 288 -38.21 67.72 49.49
CA PHE L 288 -38.82 66.72 50.35
C PHE L 288 -38.22 66.79 51.74
N ASN L 289 -39.04 66.43 52.74
CA ASN L 289 -38.58 66.24 54.11
C ASN L 289 -39.04 64.87 54.59
N ALA L 290 -38.26 64.27 55.48
CA ALA L 290 -38.60 62.94 55.96
C ALA L 290 -39.96 62.92 56.64
N ASP L 291 -40.24 63.93 57.47
CA ASP L 291 -41.49 63.94 58.21
C ASP L 291 -42.67 64.27 57.32
N ASP L 292 -42.43 64.96 56.20
CA ASP L 292 -43.51 65.34 55.30
C ASP L 292 -43.94 64.20 54.39
N ILE L 293 -43.47 62.99 54.63
CA ILE L 293 -43.90 61.81 53.88
C ILE L 293 -44.82 60.98 54.76
N LEU L 294 -46.01 60.70 54.26
CA LEU L 294 -46.97 59.87 54.99
C LEU L 294 -47.40 58.72 54.10
N VAL L 295 -47.18 57.50 54.59
CA VAL L 295 -47.65 56.29 53.92
C VAL L 295 -48.61 55.60 54.86
N GLU L 296 -49.62 54.93 54.31
CA GLU L 296 -50.56 54.20 55.14
C GLU L 296 -51.16 53.06 54.32
N ILE L 297 -51.26 51.89 54.95
CA ILE L 297 -51.73 50.69 54.28
C ILE L 297 -53.25 50.76 54.18
N VAL L 298 -53.80 50.27 53.08
CA VAL L 298 -55.23 50.23 52.88
C VAL L 298 -55.69 48.79 53.02
N PRO L 299 -56.76 48.50 53.77
CA PRO L 299 -57.17 47.10 53.91
C PRO L 299 -57.80 46.57 52.63
N MET M 1 16.46 66.29 19.09
CA MET M 1 17.73 65.58 19.08
C MET M 1 18.81 66.60 19.39
N SER M 2 19.94 66.50 18.69
CA SER M 2 20.99 67.51 18.77
C SER M 2 21.67 67.54 17.41
N ASN M 3 22.88 68.08 17.37
CA ASN M 3 23.62 68.09 16.12
C ASN M 3 23.60 66.70 15.50
N LEU M 4 22.89 66.56 14.38
CA LEU M 4 22.85 65.32 13.64
C LEU M 4 24.20 64.94 13.08
N CYS M 5 24.93 65.91 12.56
CA CYS M 5 26.12 65.69 11.76
C CYS M 5 27.25 66.57 12.26
N ALA M 6 28.45 66.27 11.76
CA ALA M 6 29.65 67.01 12.11
C ALA M 6 30.26 67.57 10.85
N ASP M 7 31.29 68.39 11.03
CA ASP M 7 31.99 68.97 9.90
C ASP M 7 32.59 67.86 9.03
N PRO M 8 32.49 67.98 7.70
CA PRO M 8 33.10 66.95 6.84
C PRO M 8 34.56 66.69 7.13
N GLU M 9 35.33 67.73 7.45
CA GLU M 9 36.75 67.52 7.71
C GLU M 9 36.96 66.61 8.91
N ALA M 10 36.02 66.59 9.86
CA ALA M 10 36.14 65.70 11.00
C ALA M 10 35.92 64.24 10.59
N LEU M 11 34.86 63.97 9.82
CA LEU M 11 34.61 62.62 9.35
C LEU M 11 35.74 62.11 8.47
N VAL M 12 36.20 62.94 7.54
CA VAL M 12 37.22 62.49 6.60
C VAL M 12 38.50 62.15 7.34
N GLU M 13 38.91 62.99 8.28
CA GLU M 13 40.12 62.69 9.04
C GLU M 13 39.92 61.49 9.96
N ALA M 14 38.70 61.32 10.49
CA ALA M 14 38.42 60.12 11.27
C ALA M 14 38.65 58.87 10.45
N ARG M 15 38.34 58.91 9.16
CA ARG M 15 38.64 57.79 8.28
C ARG M 15 40.10 57.71 7.88
N ILE M 16 40.76 58.86 7.68
CA ILE M 16 42.17 58.86 7.34
C ILE M 16 42.99 58.24 8.46
N ASP M 17 42.50 58.32 9.70
CA ASP M 17 43.18 57.67 10.81
C ASP M 17 43.34 56.17 10.58
N GLU M 18 42.46 55.56 9.81
CA GLU M 18 42.46 54.12 9.61
C GLU M 18 43.42 53.67 8.51
N VAL M 19 44.10 54.60 7.86
CA VAL M 19 45.09 54.28 6.84
C VAL M 19 46.23 53.48 7.46
N LEU M 20 46.99 52.77 6.63
CA LEU M 20 48.09 51.97 7.13
C LEU M 20 49.31 52.82 7.44
N THR M 21 50.20 52.24 8.25
CA THR M 21 51.43 52.94 8.62
C THR M 21 52.26 53.28 7.40
N GLN M 22 52.33 52.36 6.44
CA GLN M 22 53.14 52.58 5.25
C GLN M 22 52.63 53.72 4.39
N TYR M 23 51.40 54.19 4.64
CA TYR M 23 50.81 55.30 3.90
C TYR M 23 50.57 56.52 4.77
N ARG M 24 50.89 56.44 6.07
CA ARG M 24 50.59 57.56 6.96
C ARG M 24 51.19 58.87 6.49
N GLU M 25 52.27 58.84 5.72
CA GLU M 25 52.96 60.04 5.27
C GLU M 25 53.11 60.07 3.75
N SER M 26 52.07 59.68 3.03
CA SER M 26 52.03 59.78 1.57
C SER M 26 51.14 60.95 1.19
N PRO M 27 51.69 62.16 1.08
CA PRO M 27 50.81 63.33 0.88
C PRO M 27 50.00 63.28 -0.40
N TYR M 28 50.50 62.67 -1.47
CA TYR M 28 49.72 62.58 -2.70
C TYR M 28 48.59 61.55 -2.57
N LEU M 29 48.87 60.40 -1.98
CA LEU M 29 47.83 59.39 -1.81
C LEU M 29 46.81 59.83 -0.78
N LEU M 30 47.27 60.35 0.36
CA LEU M 30 46.35 60.80 1.40
C LEU M 30 45.49 61.95 0.89
N ASN M 31 46.10 62.90 0.17
CA ASN M 31 45.31 64.01 -0.34
C ASN M 31 44.38 63.59 -1.46
N LEU M 32 44.75 62.58 -2.25
CA LEU M 32 43.81 62.03 -3.22
C LEU M 32 42.58 61.46 -2.51
N ILE M 33 42.81 60.65 -1.49
CA ILE M 33 41.72 60.07 -0.73
C ILE M 33 40.87 61.15 -0.07
N ARG M 34 41.53 62.19 0.45
CA ARG M 34 40.79 63.31 1.04
C ARG M 34 39.93 64.00 -0.01
N ALA M 35 40.47 64.22 -1.20
CA ALA M 35 39.68 64.86 -2.25
C ALA M 35 38.45 64.03 -2.58
N TYR M 36 38.61 62.71 -2.63
CA TYR M 36 37.49 61.88 -3.06
C TYR M 36 36.45 61.72 -1.95
N LEU M 37 36.88 61.70 -0.69
CA LEU M 37 35.96 61.48 0.42
C LEU M 37 35.33 62.75 0.96
N SER M 38 36.07 63.86 0.98
CA SER M 38 35.51 65.12 1.44
C SER M 38 34.34 65.54 0.56
N LYS M 39 34.40 65.25 -0.73
CA LYS M 39 33.27 65.60 -1.58
C LYS M 39 32.00 64.84 -1.18
N LEU M 40 32.12 63.54 -0.89
CA LEU M 40 30.95 62.78 -0.45
C LEU M 40 30.43 63.29 0.89
N ALA M 41 31.34 63.54 1.83
CA ALA M 41 30.93 64.06 3.13
C ALA M 41 30.22 65.41 2.99
N GLU M 42 30.75 66.28 2.13
CA GLU M 42 30.12 67.58 1.89
C GLU M 42 28.77 67.44 1.21
N THR M 43 28.65 66.51 0.26
CA THR M 43 27.34 66.28 -0.36
C THR M 43 26.32 65.87 0.70
N SER M 44 26.71 65.00 1.61
CA SER M 44 25.77 64.54 2.64
C SER M 44 25.46 65.58 3.70
N MET M 45 26.39 66.48 4.02
CA MET M 45 26.06 67.57 4.95
C MET M 45 24.81 68.29 4.52
N SER M 46 24.67 68.54 3.22
CA SER M 46 23.53 69.30 2.71
C SER M 46 22.19 68.76 3.22
N TYR M 47 22.15 67.54 3.73
CA TYR M 47 20.90 66.97 4.23
C TYR M 47 20.51 67.52 5.58
N CYS M 48 21.49 67.88 6.41
CA CYS M 48 21.25 68.45 7.73
C CYS M 48 20.56 69.80 7.65
N ASP M 49 20.15 70.20 6.45
CA ASP M 49 19.22 71.30 6.22
C ASP M 49 17.84 70.79 5.81
N MET M 50 17.56 69.49 5.99
CA MET M 50 16.19 68.96 5.97
C MET M 50 15.67 68.70 7.37
N VAL M 51 16.13 69.45 8.36
CA VAL M 51 15.76 69.24 9.75
C VAL M 51 14.84 70.34 10.28
N GLU M 52 15.31 71.59 10.27
CA GLU M 52 14.47 72.70 10.69
C GLU M 52 13.96 73.54 9.54
N LYS M 53 14.18 73.13 8.29
CA LYS M 53 13.51 73.81 7.20
C LYS M 53 12.02 73.52 7.18
N PHE M 54 11.55 72.57 8.00
CA PHE M 54 10.14 72.26 8.12
C PHE M 54 9.55 72.70 9.46
N ASP M 55 10.29 73.47 10.23
CA ASP M 55 9.77 74.00 11.49
C ASP M 55 8.67 75.02 11.20
N LEU M 56 7.50 74.82 11.79
CA LEU M 56 6.35 75.64 11.42
C LEU M 56 6.58 77.11 11.72
N ASP M 57 7.40 77.42 12.73
CA ASP M 57 7.61 78.82 13.10
C ASP M 57 8.55 79.55 12.16
N THR M 58 9.30 78.83 11.32
CA THR M 58 10.29 79.46 10.45
C THR M 58 10.34 78.92 9.03
N ALA M 59 9.43 78.03 8.65
CA ALA M 59 9.47 77.45 7.30
C ALA M 59 9.08 78.49 6.26
N VAL M 60 9.62 78.33 5.06
CA VAL M 60 9.34 79.24 3.94
C VAL M 60 9.28 78.45 2.65
N GLY M 61 8.52 78.98 1.70
CA GLY M 61 8.50 78.42 0.35
C GLY M 61 7.94 77.01 0.30
N ASP M 62 8.64 76.14 -0.42
CA ASP M 62 8.13 74.79 -0.63
C ASP M 62 8.06 74.02 0.68
N GLN M 63 8.93 74.33 1.63
CA GLN M 63 8.85 73.65 2.92
C GLN M 63 7.58 74.02 3.65
N LEU M 64 7.11 75.26 3.49
CA LEU M 64 5.83 75.63 4.07
C LEU M 64 4.66 75.06 3.28
N THR M 65 4.80 74.95 1.95
CA THR M 65 3.76 74.29 1.16
C THR M 65 3.58 72.83 1.57
N ILE M 66 4.69 72.13 1.81
CA ILE M 66 4.61 70.73 2.21
C ILE M 66 3.90 70.59 3.55
N ILE M 67 4.22 71.45 4.51
CA ILE M 67 3.53 71.43 5.79
C ILE M 67 2.04 71.72 5.59
N GLY M 68 1.72 72.67 4.72
CA GLY M 68 0.33 72.97 4.45
C GLY M 68 -0.43 71.80 3.87
N ARG M 69 0.19 71.06 2.96
CA ARG M 69 -0.49 69.90 2.40
C ARG M 69 -0.52 68.72 3.35
N ILE M 70 0.37 68.66 4.34
CA ILE M 70 0.21 67.71 5.42
C ILE M 70 -1.00 68.09 6.29
N LEU M 71 -1.11 69.36 6.65
CA LEU M 71 -2.20 69.82 7.51
C LEU M 71 -3.52 69.93 6.76
N GLY M 72 -3.51 69.80 5.44
CA GLY M 72 -4.74 69.82 4.69
C GLY M 72 -5.29 71.20 4.45
N PHE M 73 -4.43 72.20 4.37
CA PHE M 73 -4.86 73.56 4.05
C PHE M 73 -4.01 74.06 2.90
N PRO M 74 -4.48 73.97 1.65
CA PRO M 74 -3.62 74.33 0.52
C PRO M 74 -3.32 75.81 0.47
N ARG M 75 -2.37 76.22 -0.36
CA ARG M 75 -2.06 77.64 -0.44
C ARG M 75 -3.14 78.44 -1.15
N CYS M 76 -4.04 77.81 -1.90
CA CYS M 76 -5.00 78.63 -2.62
C CYS M 76 -6.38 78.01 -2.83
N HIS M 77 -7.37 78.89 -2.97
CA HIS M 77 -8.76 78.62 -2.68
C HIS M 77 -9.64 79.38 -3.66
N CYS M 78 -10.75 78.77 -4.05
CA CYS M 78 -11.78 79.44 -4.86
C CYS M 78 -12.50 80.52 -4.05
N VAL M 79 -12.77 81.65 -4.70
CA VAL M 79 -13.38 82.81 -4.05
C VAL M 79 -14.23 83.59 -5.04
N CYS M 80 -15.02 84.52 -4.51
CA CYS M 80 -15.83 85.47 -5.29
C CYS M 80 -15.10 86.78 -5.50
N ASP M 81 -13.87 86.78 -5.98
CA ASP M 81 -13.10 88.01 -5.94
C ASP M 81 -12.37 88.25 -7.25
N THR M 82 -12.36 89.50 -7.67
CA THR M 82 -11.59 89.94 -8.82
C THR M 82 -10.15 90.11 -8.35
N ILE M 83 -9.37 89.03 -8.47
CA ILE M 83 -7.96 89.05 -8.07
C ILE M 83 -7.23 90.09 -8.91
N PRO M 84 -6.36 90.89 -8.31
CA PRO M 84 -5.55 91.81 -9.11
C PRO M 84 -4.67 91.03 -10.07
N VAL M 85 -4.47 91.60 -11.25
CA VAL M 85 -3.68 90.97 -12.30
C VAL M 85 -2.46 91.83 -12.60
N VAL M 86 -1.29 91.19 -12.61
CA VAL M 86 -0.06 91.87 -12.95
C VAL M 86 -0.13 92.33 -14.40
N GLY M 87 0.11 93.62 -14.62
CA GLY M 87 0.05 94.19 -15.96
C GLY M 87 0.05 95.70 -15.97
N TYR M 88 -0.11 96.30 -17.15
CA TYR M 88 -0.13 97.75 -17.30
C TYR M 88 -1.54 98.27 -17.51
N ASP M 89 -1.86 99.37 -16.87
CA ASP M 89 -3.13 100.05 -17.10
C ASP M 89 -2.99 101.12 -18.17
N CYS M 90 -2.36 100.75 -19.29
CA CYS M 90 -2.09 101.69 -20.39
C CYS M 90 -1.60 103.03 -19.87
N GLY M 91 -0.76 102.99 -18.84
CA GLY M 91 -0.23 104.20 -18.26
C GLY M 91 -1.18 104.88 -17.29
N GLY M 92 -1.70 106.04 -17.68
CA GLY M 92 -2.60 106.78 -16.81
C GLY M 92 -3.79 105.97 -16.36
N SER M 93 -4.60 105.51 -17.30
CA SER M 93 -5.77 104.70 -17.00
C SER M 93 -6.38 104.19 -18.29
N TYR M 94 -6.81 102.93 -18.26
CA TYR M 94 -7.47 102.29 -19.38
C TYR M 94 -8.73 101.61 -18.86
N ALA M 95 -9.74 101.49 -19.73
CA ALA M 95 -11.03 100.99 -19.28
C ALA M 95 -10.93 99.52 -18.89
N GLY M 96 -10.65 98.67 -19.87
CA GLY M 96 -10.43 97.26 -19.61
C GLY M 96 -11.50 96.59 -18.78
N SER M 97 -11.19 95.40 -18.27
CA SER M 97 -12.10 94.67 -17.40
C SER M 97 -11.36 93.97 -16.28
N TYR M 98 -10.10 94.30 -16.03
CA TYR M 98 -9.30 93.70 -14.98
C TYR M 98 -8.75 94.79 -14.06
N GLN M 99 -8.14 94.36 -12.97
CA GLN M 99 -7.43 95.24 -12.05
C GLN M 99 -5.96 94.86 -12.04
N LEU M 100 -5.09 95.83 -11.79
CA LEU M 100 -3.68 95.66 -12.10
C LEU M 100 -2.83 95.67 -10.83
N ALA M 101 -1.61 95.15 -10.97
CA ALA M 101 -0.72 94.92 -9.84
C ALA M 101 0.57 95.70 -10.03
N GLY M 102 1.22 96.04 -8.91
CA GLY M 102 2.34 96.95 -8.94
C GLY M 102 3.59 96.55 -8.16
N TYR M 103 3.96 95.28 -8.19
CA TYR M 103 5.17 94.71 -7.61
C TYR M 103 5.07 94.47 -6.11
N CYS M 104 3.96 94.79 -5.46
CA CYS M 104 3.81 94.44 -4.04
C CYS M 104 2.34 94.18 -3.77
N GLU M 105 1.90 92.96 -4.04
CA GLU M 105 0.52 92.57 -3.74
C GLU M 105 0.43 91.06 -3.63
N PRO M 106 -0.32 90.57 -2.66
CA PRO M 106 -0.55 89.13 -2.54
C PRO M 106 -1.30 88.54 -3.73
N GLY M 107 -2.12 89.35 -4.40
CA GLY M 107 -2.81 88.89 -5.58
C GLY M 107 -1.91 88.80 -6.80
N SER M 108 -0.75 88.16 -6.64
CA SER M 108 0.13 87.94 -7.78
C SER M 108 -0.46 86.90 -8.71
N SER M 109 -0.87 87.32 -9.90
CA SER M 109 -1.38 86.37 -10.87
C SER M 109 -1.44 87.03 -12.24
N TRP M 110 -1.12 86.25 -13.26
CA TRP M 110 -1.17 86.66 -14.64
C TRP M 110 -2.46 86.17 -15.29
N ILE M 111 -2.66 86.57 -16.54
CA ILE M 111 -3.85 86.11 -17.27
C ILE M 111 -3.80 84.60 -17.47
N HIS M 112 -2.60 84.05 -17.66
CA HIS M 112 -2.46 82.68 -18.10
C HIS M 112 -2.25 81.69 -16.95
N CYS M 113 -2.21 82.17 -15.71
CA CYS M 113 -1.97 81.28 -14.58
C CYS M 113 -3.17 80.39 -14.32
N SER M 114 -2.90 79.10 -14.11
CA SER M 114 -3.99 78.13 -13.98
C SER M 114 -4.86 78.39 -12.75
N PRO M 115 -4.31 78.61 -11.55
CA PRO M 115 -5.18 78.89 -10.41
C PRO M 115 -6.04 80.12 -10.62
N TYR M 116 -5.49 81.15 -11.26
CA TYR M 116 -6.26 82.34 -11.59
C TYR M 116 -7.37 82.08 -12.57
N GLY M 117 -7.13 81.26 -13.59
CA GLY M 117 -8.16 81.01 -14.59
C GLY M 117 -9.42 80.37 -14.03
N ASN M 118 -9.36 79.82 -12.82
CA ASN M 118 -10.52 79.23 -12.17
C ASN M 118 -10.73 79.80 -10.77
N SER M 119 -10.32 81.04 -10.55
CA SER M 119 -10.72 81.84 -9.41
C SER M 119 -10.06 81.38 -8.11
N GLU M 120 -8.89 80.77 -8.20
CA GLU M 120 -8.19 80.30 -7.00
C GLU M 120 -7.20 81.36 -6.55
N LEU M 121 -7.62 82.20 -5.61
CA LEU M 121 -6.71 83.14 -4.96
C LEU M 121 -5.67 82.35 -4.19
N CYS M 122 -4.39 82.63 -4.48
CA CYS M 122 -3.28 81.86 -3.92
C CYS M 122 -2.45 82.74 -3.01
N VAL M 123 -2.21 82.25 -1.79
CA VAL M 123 -1.55 82.98 -0.74
C VAL M 123 -0.04 82.89 -0.99
N ASP M 124 0.57 84.04 -1.28
CA ASP M 124 1.97 84.08 -1.63
C ASP M 124 2.86 84.47 -0.46
N GLU M 125 2.38 85.32 0.42
CA GLU M 125 3.18 85.75 1.55
C GLU M 125 3.27 84.61 2.57
N ASP M 126 4.51 84.33 3.00
CA ASP M 126 4.68 83.26 3.97
C ASP M 126 4.16 83.64 5.36
N GLU M 127 4.28 84.91 5.74
CA GLU M 127 3.88 85.29 7.09
C GLU M 127 2.38 85.21 7.30
N ILE M 128 1.61 85.08 6.22
CA ILE M 128 0.15 84.94 6.34
C ILE M 128 -0.27 83.50 6.18
N TYR M 129 0.35 82.77 5.26
CA TYR M 129 0.06 81.34 5.15
C TYR M 129 0.51 80.59 6.40
N ARG M 130 1.61 81.02 7.01
CA ARG M 130 2.05 80.41 8.27
C ARG M 130 1.00 80.60 9.35
N SER M 131 0.45 81.80 9.46
CA SER M 131 -0.62 82.03 10.43
C SER M 131 -1.85 81.19 10.11
N LEU M 132 -2.19 81.08 8.83
CA LEU M 132 -3.34 80.26 8.46
C LEU M 132 -3.12 78.79 8.83
N LEU M 133 -1.91 78.27 8.65
CA LEU M 133 -1.64 76.90 9.07
C LEU M 133 -1.69 76.75 10.58
N LYS M 134 -1.12 77.71 11.30
CA LYS M 134 -1.18 77.67 12.76
C LYS M 134 -2.62 77.66 13.26
N ALA M 135 -3.50 78.44 12.65
CA ALA M 135 -4.93 78.38 12.94
C ALA M 135 -5.55 77.05 12.52
N ARG M 136 -5.16 76.53 11.36
CA ARG M 136 -5.70 75.25 10.89
C ARG M 136 -5.41 74.14 11.86
N ARG M 137 -4.33 74.27 12.63
CA ARG M 137 -4.04 73.27 13.65
C ARG M 137 -5.21 73.13 14.62
N TYR M 138 -6.00 74.20 14.77
CA TYR M 138 -7.11 74.17 15.70
C TYR M 138 -8.33 73.50 15.09
N GLN M 139 -8.66 73.80 13.83
CA GLN M 139 -9.68 73.03 13.15
C GLN M 139 -9.34 71.56 13.14
N MET M 140 -8.09 71.22 12.80
CA MET M 140 -7.58 69.87 12.92
C MET M 140 -8.09 69.19 14.18
N LEU M 141 -7.77 69.75 15.34
CA LEU M 141 -8.06 69.11 16.61
C LEU M 141 -9.50 69.34 17.08
N GLY M 142 -10.26 70.17 16.39
CA GLY M 142 -11.60 70.48 16.84
C GLY M 142 -11.63 71.31 18.11
N LEU M 143 -10.73 72.26 18.26
CA LEU M 143 -10.69 73.11 19.45
C LEU M 143 -11.54 74.36 19.18
N TYR M 144 -12.85 74.18 19.33
CA TYR M 144 -13.81 75.21 18.94
C TYR M 144 -14.13 76.19 20.07
N ASP M 145 -13.62 75.97 21.27
CA ASP M 145 -13.96 76.83 22.40
C ASP M 145 -13.38 78.23 22.22
N ILE M 146 -13.83 79.17 23.07
CA ILE M 146 -13.25 80.50 23.08
C ILE M 146 -11.79 80.44 23.52
N GLU M 147 -11.50 79.67 24.56
CA GLU M 147 -10.14 79.64 25.09
C GLU M 147 -9.12 79.24 24.03
N SER M 148 -9.58 78.69 22.91
CA SER M 148 -8.70 78.33 21.80
C SER M 148 -8.87 79.24 20.59
N LEU M 149 -10.10 79.63 20.27
CA LEU M 149 -10.33 80.56 19.17
C LEU M 149 -9.62 81.88 19.41
N HIS M 150 -9.45 82.26 20.68
CA HIS M 150 -8.72 83.49 20.97
C HIS M 150 -7.25 83.39 20.57
N GLU M 151 -6.60 82.27 20.84
CA GLU M 151 -5.23 82.07 20.36
C GLU M 151 -5.15 81.90 18.86
N ALA M 152 -6.18 81.33 18.25
CA ALA M 152 -6.22 81.31 16.78
C ALA M 152 -6.18 82.73 16.24
N LEU M 153 -7.02 83.62 16.80
CA LEU M 153 -7.06 85.00 16.36
C LEU M 153 -5.81 85.79 16.72
N GLN M 154 -5.19 85.52 17.87
CA GLN M 154 -3.94 86.20 18.18
C GLN M 154 -2.89 85.94 17.12
N ILE M 155 -2.78 84.70 16.67
CA ILE M 155 -1.81 84.32 15.66
C ILE M 155 -2.17 84.89 14.30
N VAL M 156 -3.44 84.83 13.92
CA VAL M 156 -3.82 85.34 12.60
C VAL M 156 -3.62 86.84 12.51
N TRP M 157 -4.10 87.58 13.51
CA TRP M 157 -4.21 89.03 13.39
C TRP M 157 -3.32 89.82 14.34
N GLY M 158 -3.33 89.50 15.63
CA GLY M 158 -2.51 90.24 16.57
C GLY M 158 -3.01 90.18 18.01
N GLU M 159 -2.30 90.86 18.91
CA GLU M 159 -2.62 90.78 20.33
C GLU M 159 -3.95 91.44 20.66
N ASP M 160 -4.42 92.35 19.81
CA ASP M 160 -5.64 93.09 20.09
C ASP M 160 -6.89 92.38 19.62
N ALA M 161 -6.76 91.21 19.00
CA ALA M 161 -7.92 90.51 18.48
C ALA M 161 -8.72 89.89 19.61
N MET M 162 -10.03 89.78 19.41
CA MET M 162 -10.87 89.20 20.44
C MET M 162 -12.13 88.61 19.83
N VAL M 163 -12.75 87.71 20.59
CA VAL M 163 -14.02 87.10 20.24
C VAL M 163 -15.11 87.77 21.08
N ALA M 164 -16.14 88.27 20.42
CA ALA M 164 -17.06 89.21 21.06
C ALA M 164 -18.33 88.57 21.58
N GLU M 165 -19.11 87.89 20.74
CA GLU M 165 -20.44 87.50 21.12
C GLU M 165 -20.69 86.06 20.72
N THR M 166 -21.60 85.41 21.43
CA THR M 166 -22.06 84.06 21.12
C THR M 166 -23.59 84.09 21.12
N LYS M 167 -24.16 84.48 19.97
CA LYS M 167 -25.60 84.44 19.79
C LYS M 167 -26.01 83.00 19.52
N VAL M 168 -27.22 82.81 19.00
CA VAL M 168 -27.65 81.49 18.56
C VAL M 168 -27.12 81.23 17.16
N GLY M 169 -25.96 80.59 17.08
CA GLY M 169 -25.45 80.12 15.81
C GLY M 169 -24.58 81.10 15.08
N GLN M 170 -24.05 82.11 15.76
CA GLN M 170 -23.36 83.20 15.09
C GLN M 170 -22.39 83.85 16.06
N VAL M 171 -21.11 83.87 15.68
CA VAL M 171 -20.03 84.28 16.57
C VAL M 171 -19.20 85.35 15.89
N VAL M 172 -18.89 86.41 16.64
CA VAL M 172 -18.26 87.61 16.11
C VAL M 172 -16.80 87.66 16.57
N VAL M 173 -15.92 88.08 15.66
CA VAL M 173 -14.50 88.23 15.96
C VAL M 173 -14.03 89.59 15.45
N THR M 174 -12.93 90.07 16.02
CA THR M 174 -12.36 91.35 15.60
C THR M 174 -10.85 91.25 15.66
N PRO M 175 -10.15 91.71 14.62
CA PRO M 175 -8.68 91.81 14.73
C PRO M 175 -8.22 92.75 15.82
N GLY M 176 -8.96 93.81 16.07
CA GLY M 176 -8.51 94.83 17.01
C GLY M 176 -7.54 95.81 16.43
N ARG M 177 -7.52 95.98 15.11
CA ARG M 177 -6.63 96.92 14.46
C ARG M 177 -7.10 97.13 13.04
N SER M 178 -6.82 98.31 12.49
CA SER M 178 -7.06 98.54 11.08
C SER M 178 -6.32 97.49 10.27
N LEU M 179 -6.99 96.91 9.30
CA LEU M 179 -6.37 95.92 8.44
C LEU M 179 -5.71 96.58 7.24
N THR M 180 -4.59 96.01 6.81
CA THR M 180 -3.96 96.41 5.57
C THR M 180 -4.69 95.74 4.40
N ALA M 181 -4.43 96.21 3.19
CA ALA M 181 -5.12 95.69 2.02
C ALA M 181 -4.85 94.22 1.78
N THR M 182 -3.61 93.76 2.02
CA THR M 182 -3.30 92.35 1.85
C THR M 182 -4.16 91.50 2.78
N GLU M 183 -4.24 91.90 4.05
CA GLU M 183 -5.07 91.18 4.99
C GLU M 183 -6.54 91.24 4.61
N THR M 184 -7.00 92.40 4.13
CA THR M 184 -8.40 92.52 3.72
C THR M 184 -8.71 91.55 2.59
N ARG M 185 -7.84 91.47 1.59
CA ARG M 185 -8.09 90.58 0.47
C ARG M 185 -8.02 89.12 0.88
N TYR M 186 -7.11 88.76 1.79
CA TYR M 186 -7.05 87.39 2.25
C TYR M 186 -8.10 87.05 3.30
N LEU M 187 -8.86 88.04 3.78
CA LEU M 187 -9.83 87.78 4.84
C LEU M 187 -10.75 86.61 4.55
N PRO M 188 -11.33 86.45 3.35
CA PRO M 188 -12.22 85.30 3.13
C PRO M 188 -11.55 83.96 3.39
N ILE M 189 -10.23 83.86 3.20
CA ILE M 189 -9.53 82.62 3.50
C ILE M 189 -9.26 82.44 4.99
N VAL M 190 -9.22 83.53 5.76
CA VAL M 190 -9.00 83.41 7.19
C VAL M 190 -10.17 82.68 7.85
N PHE M 191 -11.39 82.97 7.41
CA PHE M 191 -12.57 82.34 7.98
C PHE M 191 -12.77 80.92 7.50
N ARG M 192 -11.98 80.44 6.55
CA ARG M 192 -11.94 79.01 6.23
C ARG M 192 -10.95 78.26 7.10
N ALA M 193 -10.04 78.97 7.76
CA ALA M 193 -9.01 78.36 8.58
C ALA M 193 -9.29 78.48 10.07
N LEU M 194 -10.12 79.43 10.48
CA LEU M 194 -10.34 79.59 11.91
C LEU M 194 -11.09 78.39 12.49
N PRO M 195 -10.88 78.09 13.77
CA PRO M 195 -11.64 77.02 14.43
C PRO M 195 -13.02 77.46 14.90
N ILE M 196 -13.99 77.36 13.99
CA ILE M 196 -15.38 77.66 14.30
C ILE M 196 -16.21 76.43 13.94
N ALA M 197 -17.05 76.01 14.87
CA ALA M 197 -17.77 74.75 14.69
C ALA M 197 -18.68 74.82 13.47
N PRO M 198 -18.73 73.77 12.65
CA PRO M 198 -19.63 73.78 11.50
C PRO M 198 -21.08 73.97 11.93
N GLY M 199 -21.83 74.67 11.09
CA GLY M 199 -23.19 75.05 11.41
C GLY M 199 -23.31 76.34 12.19
N ILE M 200 -22.20 77.03 12.45
CA ILE M 200 -22.20 78.29 13.18
C ILE M 200 -21.46 79.32 12.35
N LYS M 201 -22.01 80.52 12.24
CA LYS M 201 -21.60 81.48 11.22
C LYS M 201 -20.59 82.46 11.82
N GLY M 202 -19.46 82.65 11.15
CA GLY M 202 -18.48 83.61 11.61
C GLY M 202 -18.77 85.01 11.09
N MET M 203 -18.64 85.99 11.97
CA MET M 203 -18.87 87.40 11.70
C MET M 203 -17.53 88.11 11.80
N ILE M 204 -17.52 89.42 11.55
CA ILE M 204 -16.32 90.23 11.74
C ILE M 204 -16.76 91.63 12.12
N HIS M 205 -16.01 92.25 13.02
CA HIS M 205 -16.29 93.64 13.38
C HIS M 205 -16.04 94.53 12.18
N ILE M 206 -16.83 95.61 12.07
CA ILE M 206 -16.70 96.50 10.92
C ILE M 206 -15.35 97.22 10.88
N ASP M 207 -15.00 97.91 11.97
CA ASP M 207 -13.81 98.75 12.00
C ASP M 207 -12.58 98.00 12.45
N GLN M 208 -12.69 96.71 12.73
CA GLN M 208 -11.56 95.90 13.16
C GLN M 208 -10.87 96.51 14.37
N GLY M 209 -11.61 97.25 15.18
CA GLY M 209 -11.07 97.85 16.37
C GLY M 209 -11.66 97.22 17.61
N PRO M 210 -10.98 97.38 18.76
CA PRO M 210 -11.44 96.70 19.97
C PRO M 210 -12.85 97.12 20.34
N ILE M 211 -13.61 96.17 20.86
CA ILE M 211 -15.02 96.39 21.13
C ILE M 211 -15.16 97.05 22.48
N ALA M 212 -16.23 97.81 22.65
CA ALA M 212 -16.48 98.57 23.86
C ALA M 212 -17.49 97.83 24.74
N GLY M 213 -17.76 98.38 25.91
CA GLY M 213 -18.69 97.78 26.85
C GLY M 213 -18.18 97.89 28.27
N TYR M 214 -18.50 96.91 29.12
CA TYR M 214 -18.20 97.01 30.54
C TYR M 214 -17.49 95.76 30.97
N GLY M 215 -16.75 95.88 32.06
CA GLY M 215 -15.99 94.77 32.60
C GLY M 215 -14.52 95.05 32.59
N ASP M 216 -13.76 93.97 32.60
CA ASP M 216 -12.33 94.06 32.80
C ASP M 216 -11.61 94.19 31.48
N GLY M 217 -11.75 93.24 30.56
CA GLY M 217 -10.96 93.31 29.34
C GLY M 217 -11.69 93.89 28.13
N TRP M 218 -11.75 95.22 27.96
CA TRP M 218 -12.22 95.82 26.72
C TRP M 218 -11.65 97.22 26.59
N ALA M 219 -12.22 98.01 25.66
CA ALA M 219 -11.79 99.37 25.39
C ALA M 219 -12.89 100.36 25.70
N GLY M 220 -12.51 101.50 26.24
CA GLY M 220 -13.42 102.55 26.69
C GLY M 220 -13.74 103.56 25.61
N TYR M 221 -14.03 104.79 26.03
CA TYR M 221 -14.33 105.86 25.08
C TYR M 221 -13.23 105.96 24.04
N CYS M 222 -11.99 106.17 24.50
CA CYS M 222 -10.83 106.21 23.61
C CYS M 222 -10.39 104.80 23.26
N GLY M 223 -10.53 104.42 21.99
CA GLY M 223 -10.07 103.15 21.49
C GLY M 223 -11.18 102.16 21.18
N GLY M 224 -12.26 102.17 21.95
CA GLY M 224 -13.36 101.26 21.71
C GLY M 224 -14.37 101.81 20.72
N ASP M 225 -15.29 100.94 20.30
CA ASP M 225 -16.34 101.32 19.36
C ASP M 225 -17.52 100.38 19.56
N TRP M 226 -18.67 100.79 19.03
CA TRP M 226 -19.89 100.00 19.15
C TRP M 226 -19.86 98.82 18.19
N LEU M 227 -20.40 97.69 18.65
CA LEU M 227 -20.36 96.45 17.88
C LEU M 227 -21.22 96.54 16.64
N CYS M 228 -20.80 95.85 15.59
CA CYS M 228 -21.58 95.74 14.37
C CYS M 228 -21.12 94.53 13.57
N PRO M 229 -21.73 93.36 13.77
CA PRO M 229 -21.29 92.17 13.02
C PRO M 229 -21.76 92.20 11.57
N VAL M 230 -20.87 91.83 10.67
CA VAL M 230 -21.15 91.83 9.23
C VAL M 230 -20.64 90.52 8.64
N ASP M 231 -21.23 90.13 7.52
CA ASP M 231 -20.92 88.86 6.88
C ASP M 231 -19.63 88.95 6.08
N PRO M 232 -18.59 88.18 6.38
CA PRO M 232 -17.37 88.25 5.58
C PRO M 232 -17.48 87.57 4.23
N HIS M 233 -18.59 86.87 3.95
CA HIS M 233 -18.79 86.19 2.68
C HIS M 233 -17.60 85.27 2.37
N ALA M 234 -17.32 84.40 3.34
CA ALA M 234 -16.17 83.50 3.25
C ALA M 234 -16.40 82.36 2.28
N TYR M 235 -17.65 81.97 2.05
CA TYR M 235 -17.97 80.82 1.22
C TYR M 235 -18.91 81.16 0.07
N THR M 236 -19.43 82.38 0.01
CA THR M 236 -20.48 82.72 -0.93
C THR M 236 -20.22 84.09 -1.55
N CYS M 237 -20.78 84.29 -2.74
CA CYS M 237 -20.87 85.63 -3.32
C CYS M 237 -21.97 86.43 -2.67
N SER M 238 -23.08 85.78 -2.31
CA SER M 238 -24.24 86.45 -1.75
C SER M 238 -23.93 87.09 -0.42
N MET N 1 30.16 -50.24 -58.39
CA MET N 1 29.45 -49.25 -57.59
C MET N 1 28.00 -49.12 -58.03
N THR N 2 27.17 -50.07 -57.58
CA THR N 2 25.75 -50.00 -57.84
C THR N 2 25.02 -49.14 -56.81
N TYR N 3 25.69 -48.75 -55.73
CA TYR N 3 25.04 -48.01 -54.66
C TYR N 3 25.27 -46.51 -54.84
N GLY N 4 24.55 -45.74 -54.05
CA GLY N 4 24.63 -44.29 -54.16
C GLY N 4 23.68 -43.74 -55.18
N VAL N 5 24.09 -42.67 -55.86
CA VAL N 5 23.21 -42.01 -56.83
C VAL N 5 23.26 -42.80 -58.13
N GLN N 6 22.13 -43.37 -58.51
CA GLN N 6 22.00 -44.26 -59.65
C GLN N 6 20.88 -43.79 -60.55
N PRO N 7 20.84 -44.25 -61.79
CA PRO N 7 19.80 -43.77 -62.72
C PRO N 7 18.39 -43.98 -62.22
N THR N 8 18.19 -44.78 -61.18
CA THR N 8 16.86 -45.06 -60.64
C THR N 8 16.59 -44.35 -59.31
N GLY N 9 17.56 -43.62 -58.77
CA GLY N 9 17.41 -42.94 -57.51
C GLY N 9 18.64 -43.17 -56.67
N TYR N 10 18.54 -42.81 -55.39
CA TYR N 10 19.63 -43.07 -54.46
C TYR N 10 19.50 -44.50 -53.96
N VAL N 11 20.43 -45.35 -54.35
CA VAL N 11 20.40 -46.76 -53.98
C VAL N 11 21.21 -46.91 -52.70
N LYS N 12 20.59 -47.51 -51.69
CA LYS N 12 21.15 -47.53 -50.34
C LYS N 12 21.80 -48.88 -50.06
N LYS N 13 23.01 -48.83 -49.53
CA LYS N 13 23.71 -50.06 -49.22
C LYS N 13 23.15 -50.65 -47.93
N PRO N 14 22.72 -51.91 -47.94
CA PRO N 14 22.11 -52.48 -46.73
C PRO N 14 23.10 -52.57 -45.56
N LEU N 15 22.51 -52.54 -44.37
CA LEU N 15 23.29 -52.70 -43.14
C LEU N 15 24.08 -53.99 -43.15
N ALA N 16 23.47 -55.09 -43.61
CA ALA N 16 24.18 -56.35 -43.69
C ALA N 16 25.38 -56.25 -44.62
N VAL N 17 25.26 -55.50 -45.72
CA VAL N 17 26.39 -55.31 -46.63
C VAL N 17 27.49 -54.53 -45.93
N HIS N 18 27.15 -53.47 -45.19
CA HIS N 18 28.18 -52.75 -44.43
C HIS N 18 28.91 -53.70 -43.48
N LEU N 19 28.15 -54.45 -42.69
CA LEU N 19 28.76 -55.33 -41.70
C LEU N 19 29.64 -56.38 -42.37
N ALA N 20 29.21 -56.88 -43.53
CA ALA N 20 30.02 -57.83 -44.28
C ALA N 20 31.33 -57.21 -44.74
N GLU N 21 31.30 -55.97 -45.23
CA GLU N 21 32.54 -55.32 -45.64
C GLU N 21 33.48 -55.13 -44.45
N ILE N 22 32.93 -54.73 -43.30
CA ILE N 22 33.76 -54.55 -42.11
C ILE N 22 34.38 -55.88 -41.68
N GLU N 23 33.61 -56.96 -41.71
CA GLU N 23 34.15 -58.26 -41.34
C GLU N 23 35.22 -58.73 -42.32
N ALA N 24 35.03 -58.45 -43.60
CA ALA N 24 36.07 -58.78 -44.58
C ALA N 24 37.35 -58.01 -44.28
N SER N 25 37.22 -56.74 -43.91
CA SER N 25 38.40 -55.96 -43.52
C SER N 25 39.09 -56.54 -42.28
N MET N 26 38.31 -56.99 -41.29
CA MET N 26 38.90 -57.57 -40.09
C MET N 26 39.56 -58.93 -40.35
N VAL N 27 39.01 -59.73 -41.24
CA VAL N 27 39.58 -61.06 -41.49
C VAL N 27 40.97 -60.94 -42.09
N ASP N 28 41.18 -59.98 -42.99
CA ASP N 28 42.50 -59.85 -43.61
C ASP N 28 43.53 -59.30 -42.64
N LEU N 29 43.10 -58.54 -41.64
CA LEU N 29 44.02 -58.07 -40.61
C LEU N 29 44.35 -59.12 -39.57
N PHE N 30 43.35 -59.76 -38.98
CA PHE N 30 43.59 -60.72 -37.90
C PHE N 30 43.75 -62.14 -38.39
N GLY N 31 43.18 -62.49 -39.54
CA GLY N 31 43.32 -63.81 -40.09
C GLY N 31 42.02 -64.59 -40.04
N PRO N 32 42.03 -65.80 -40.61
CA PRO N 32 40.81 -66.62 -40.57
C PRO N 32 40.41 -67.04 -39.17
N GLY N 33 41.33 -67.02 -38.21
CA GLY N 33 41.03 -67.45 -36.86
C GLY N 33 40.35 -66.43 -35.99
N VAL N 34 40.10 -65.22 -36.50
CA VAL N 34 39.47 -64.19 -35.70
C VAL N 34 38.02 -64.56 -35.43
N ILE N 35 37.55 -64.19 -34.25
CA ILE N 35 36.14 -64.38 -33.86
C ILE N 35 35.46 -63.03 -33.92
N GLN N 36 34.31 -62.98 -34.59
CA GLN N 36 33.53 -61.77 -34.77
C GLN N 36 32.06 -61.96 -34.41
N THR N 37 31.73 -63.05 -33.72
CA THR N 37 30.34 -63.32 -33.37
C THR N 37 29.69 -62.07 -32.79
N GLU N 38 28.37 -61.97 -32.98
CA GLU N 38 27.66 -60.74 -32.68
C GLU N 38 27.78 -60.32 -31.21
N GLN N 39 28.32 -61.17 -30.35
CA GLN N 39 28.48 -60.85 -28.93
C GLN N 39 29.92 -60.68 -28.50
N SER N 40 30.89 -60.91 -29.37
CA SER N 40 32.30 -60.80 -28.99
C SER N 40 32.75 -59.35 -29.00
N PRO N 41 33.86 -59.04 -28.33
CA PRO N 41 34.32 -57.64 -28.31
C PRO N 41 34.52 -57.06 -29.69
N LEU N 42 35.04 -57.84 -30.64
CA LEU N 42 35.23 -57.34 -32.00
C LEU N 42 33.92 -57.28 -32.76
N GLY N 43 33.02 -58.25 -32.55
CA GLY N 43 31.73 -58.21 -33.20
C GLY N 43 30.90 -57.01 -32.80
N GLN N 44 30.97 -56.62 -31.53
CA GLN N 44 30.25 -55.42 -31.08
C GLN N 44 30.80 -54.17 -31.74
N LEU N 45 32.13 -54.05 -31.84
CA LEU N 45 32.72 -52.90 -32.52
C LEU N 45 32.27 -52.87 -33.98
N ASN N 46 32.28 -54.02 -34.63
CA ASN N 46 31.83 -54.09 -36.02
C ASN N 46 30.38 -53.65 -36.14
N GLY N 47 29.51 -54.07 -35.22
CA GLY N 47 28.14 -53.61 -35.25
C GLY N 47 28.01 -52.10 -35.09
N LEU N 48 28.75 -51.52 -34.14
CA LEU N 48 28.65 -50.09 -33.91
C LEU N 48 29.07 -49.32 -35.15
N TYR N 49 30.20 -49.68 -35.73
CA TYR N 49 30.67 -48.95 -36.90
C TYR N 49 29.88 -49.24 -38.16
N ALA N 50 29.30 -50.43 -38.29
CA ALA N 50 28.35 -50.67 -39.36
C ALA N 50 27.12 -49.78 -39.23
N ASP N 51 26.61 -49.62 -38.01
CA ASP N 51 25.49 -48.71 -37.81
C ASP N 51 25.87 -47.29 -38.19
N LEU N 52 27.07 -46.85 -37.81
CA LEU N 52 27.49 -45.50 -38.17
C LEU N 52 27.61 -45.32 -39.68
N SER N 53 28.24 -46.28 -40.36
CA SER N 53 28.38 -46.17 -41.81
C SER N 53 27.04 -46.25 -42.52
N TYR N 54 26.06 -46.94 -41.94
CA TYR N 54 24.73 -46.96 -42.53
C TYR N 54 24.00 -45.64 -42.29
N ASP N 55 24.18 -45.05 -41.12
CA ASP N 55 23.62 -43.73 -40.88
C ASP N 55 24.22 -42.71 -41.83
N LEU N 56 25.45 -42.93 -42.29
CA LEU N 56 25.99 -42.07 -43.34
C LEU N 56 25.18 -42.21 -44.63
N ASP N 57 24.80 -43.43 -45.02
CA ASP N 57 23.93 -43.59 -46.18
C ASP N 57 22.58 -42.96 -45.95
N GLU N 58 22.08 -42.98 -44.72
CA GLU N 58 20.83 -42.28 -44.43
C GLU N 58 20.97 -40.80 -44.74
N ARG N 59 22.10 -40.20 -44.33
CA ARG N 59 22.36 -38.80 -44.65
C ARG N 59 22.46 -38.58 -46.14
N GLY N 60 23.11 -39.49 -46.87
CA GLY N 60 23.18 -39.36 -48.31
C GLY N 60 21.81 -39.36 -48.95
N GLU N 61 20.94 -40.27 -48.49
CA GLU N 61 19.57 -40.29 -49.00
C GLU N 61 18.85 -39.00 -48.68
N ASP N 62 19.05 -38.46 -47.47
CA ASP N 62 18.42 -37.19 -47.13
C ASP N 62 18.90 -36.07 -48.05
N LEU N 63 20.20 -36.02 -48.31
CA LEU N 63 20.77 -34.99 -49.15
C LEU N 63 20.31 -35.12 -50.60
N TYR N 64 20.03 -36.35 -51.04
CA TYR N 64 19.45 -36.54 -52.36
C TYR N 64 17.98 -36.14 -52.42
N GLN N 65 17.22 -36.40 -51.36
CA GLN N 65 15.81 -36.06 -51.35
C GLN N 65 15.57 -34.59 -51.06
N SER N 66 16.57 -33.86 -50.58
CA SER N 66 16.42 -32.43 -50.33
C SER N 66 16.34 -31.62 -51.62
N PHE N 67 16.59 -32.21 -52.78
CA PHE N 67 16.54 -31.49 -54.05
C PHE N 67 15.41 -32.03 -54.91
N ASP N 68 14.52 -32.81 -54.32
CA ASP N 68 13.38 -33.40 -55.01
C ASP N 68 12.09 -32.81 -54.44
N PRO N 69 11.35 -32.00 -55.22
CA PRO N 69 10.16 -31.35 -54.66
C PRO N 69 9.17 -32.33 -54.04
N GLU N 70 9.05 -33.53 -54.60
CA GLU N 70 8.14 -34.52 -54.01
C GLU N 70 8.58 -34.95 -52.63
N GLN N 71 9.86 -34.83 -52.30
CA GLN N 71 10.34 -35.17 -50.95
C GLN N 71 10.69 -33.95 -50.12
N ALA N 72 11.11 -32.84 -50.73
CA ALA N 72 11.52 -31.68 -49.97
C ALA N 72 10.33 -31.10 -49.23
N GLU N 73 10.62 -30.43 -48.11
CA GLU N 73 9.58 -29.91 -47.25
C GLU N 73 10.09 -28.68 -46.52
N GLY N 74 9.26 -27.64 -46.49
CA GLY N 74 9.55 -26.47 -45.69
C GLY N 74 10.33 -25.42 -46.46
N SER N 75 11.35 -24.86 -45.83
CA SER N 75 12.11 -23.77 -46.44
C SER N 75 12.91 -24.25 -47.64
N ARG N 76 13.40 -25.49 -47.60
CA ARG N 76 14.04 -26.03 -48.80
C ARG N 76 13.02 -26.22 -49.92
N LEU N 77 11.77 -26.56 -49.58
CA LEU N 77 10.74 -26.59 -50.60
C LEU N 77 10.52 -25.21 -51.21
N ASP N 78 10.49 -24.16 -50.39
CA ASP N 78 10.37 -22.81 -50.92
C ASP N 78 11.57 -22.43 -51.79
N ILE N 79 12.78 -22.79 -51.37
CA ILE N 79 13.96 -22.47 -52.17
C ILE N 79 13.94 -23.20 -53.50
N LEU N 80 13.44 -24.44 -53.54
CA LEU N 80 13.30 -25.11 -54.82
C LEU N 80 12.36 -24.36 -55.74
N ALA N 81 11.23 -23.87 -55.21
CA ALA N 81 10.30 -23.08 -56.01
C ALA N 81 10.91 -21.76 -56.46
N ARG N 82 11.89 -21.24 -55.73
CA ARG N 82 12.52 -20.00 -56.16
C ARG N 82 13.25 -20.13 -57.50
N TYR N 83 13.37 -21.34 -58.05
CA TYR N 83 13.91 -21.50 -59.40
C TYR N 83 12.99 -20.91 -60.46
N ARG N 84 11.68 -21.05 -60.29
CA ARG N 84 10.71 -20.35 -61.12
C ARG N 84 10.11 -19.14 -60.40
N LEU N 85 10.64 -18.81 -59.22
CA LEU N 85 10.18 -17.64 -58.47
C LEU N 85 8.70 -17.77 -58.12
N LEU N 86 8.24 -19.00 -57.98
CA LEU N 86 6.94 -19.23 -57.39
C LEU N 86 7.00 -18.90 -55.90
N SER N 87 5.82 -18.71 -55.31
CA SER N 87 5.75 -18.49 -53.88
C SER N 87 4.57 -19.27 -53.31
N ARG N 88 4.71 -19.63 -52.05
CA ARG N 88 3.66 -20.29 -51.30
C ARG N 88 2.57 -19.30 -50.93
N ARG N 89 1.40 -19.82 -50.60
CA ARG N 89 0.33 -19.02 -50.02
C ARG N 89 0.28 -19.24 -48.52
N ALA N 90 -0.35 -18.31 -47.82
CA ALA N 90 -0.51 -18.44 -46.38
C ALA N 90 -1.32 -19.69 -46.07
N GLY N 91 -0.79 -20.51 -45.16
CA GLY N 91 -1.46 -21.74 -44.76
C GLY N 91 -1.47 -22.84 -45.79
N GLU N 92 -0.81 -22.66 -46.93
CA GLU N 92 -0.82 -23.68 -47.96
C GLU N 92 -0.02 -24.89 -47.51
N SER N 93 -0.48 -26.08 -47.90
CA SER N 93 0.20 -27.30 -47.50
C SER N 93 1.36 -27.60 -48.44
N ASP N 94 2.28 -28.43 -47.95
CA ASP N 94 3.41 -28.83 -48.78
C ASP N 94 2.92 -29.61 -50.00
N GLU N 95 1.90 -30.44 -49.86
CA GLU N 95 1.36 -31.17 -51.01
C GLU N 95 0.80 -30.20 -52.05
N SER N 96 0.01 -29.21 -51.59
CA SER N 96 -0.56 -28.25 -52.52
C SER N 96 0.53 -27.48 -53.25
N PHE N 97 1.53 -27.01 -52.52
CA PHE N 97 2.62 -26.25 -53.14
C PHE N 97 3.43 -27.13 -54.10
N ARG N 98 3.62 -28.40 -53.74
CA ARG N 98 4.32 -29.34 -54.60
C ARG N 98 3.58 -29.55 -55.91
N ARG N 99 2.25 -29.66 -55.85
CA ARG N 99 1.48 -29.80 -57.08
C ARG N 99 1.67 -28.60 -57.99
N ALA N 100 1.71 -27.38 -57.44
CA ALA N 100 1.99 -26.20 -58.23
C ALA N 100 3.40 -26.24 -58.83
N ILE N 101 4.39 -26.65 -58.05
CA ILE N 101 5.76 -26.69 -58.56
C ILE N 101 5.87 -27.69 -59.70
N THR N 102 5.24 -28.86 -59.55
CA THR N 102 5.41 -29.92 -60.53
C THR N 102 4.51 -29.77 -61.74
N ASN N 103 3.42 -29.00 -61.62
CA ASN N 103 2.42 -28.91 -62.68
C ASN N 103 1.82 -30.30 -62.97
N VAL N 104 1.39 -30.97 -61.90
CA VAL N 104 0.70 -32.25 -62.04
C VAL N 104 -0.38 -32.05 -63.09
N ASP N 105 -0.59 -33.07 -63.92
CA ASP N 105 -1.09 -32.88 -65.28
C ASP N 105 -2.17 -31.81 -65.34
N ARG N 106 -1.89 -30.77 -66.13
CA ARG N 106 -2.86 -29.75 -66.47
C ARG N 106 -3.33 -29.84 -67.91
N ALA N 107 -2.73 -30.69 -68.73
CA ALA N 107 -3.09 -30.82 -70.14
C ALA N 107 -2.72 -29.56 -70.92
N ARG N 108 -2.23 -28.56 -70.18
CA ARG N 108 -1.84 -27.27 -70.74
C ARG N 108 -0.79 -26.68 -69.83
N ILE N 109 0.48 -26.98 -70.12
CA ILE N 109 1.58 -26.54 -69.27
C ILE N 109 1.76 -25.03 -69.31
N ASP N 110 1.64 -24.41 -70.48
CA ASP N 110 1.66 -22.96 -70.55
C ASP N 110 0.33 -22.46 -70.01
N LEU N 111 0.36 -21.23 -69.51
CA LEU N 111 -0.71 -20.65 -68.71
C LEU N 111 -0.73 -21.18 -67.29
N SER N 112 0.09 -22.18 -66.97
CA SER N 112 0.25 -22.57 -65.58
C SER N 112 0.96 -21.49 -64.77
N ASP N 113 1.94 -20.81 -65.38
CA ASP N 113 2.58 -19.70 -64.69
C ASP N 113 1.58 -18.61 -64.33
N LEU N 114 0.76 -18.20 -65.29
CA LEU N 114 -0.28 -17.23 -65.00
C LEU N 114 -1.27 -17.76 -63.97
N SER N 115 -1.69 -19.01 -64.12
CA SER N 115 -2.71 -19.54 -63.21
C SER N 115 -2.21 -19.58 -61.78
N THR N 116 -0.96 -20.01 -61.57
CA THR N 116 -0.44 -20.11 -60.21
C THR N 116 -0.12 -18.74 -59.63
N ALA N 117 0.45 -17.84 -60.43
CA ALA N 117 0.67 -16.48 -59.93
C ALA N 117 -0.65 -15.83 -59.55
N LEU N 118 -1.72 -16.10 -60.31
CA LEU N 118 -3.03 -15.59 -59.94
C LEU N 118 -3.43 -16.07 -58.55
N SER N 119 -3.38 -17.38 -58.33
CA SER N 119 -3.75 -17.92 -57.03
C SER N 119 -2.90 -17.34 -55.92
N ALA N 120 -1.64 -17.02 -56.21
CA ALA N 120 -0.76 -16.44 -55.20
C ALA N 120 -1.19 -15.06 -54.73
N ILE N 121 -2.12 -14.40 -55.42
CA ILE N 121 -2.59 -13.08 -55.00
C ILE N 121 -3.35 -13.21 -53.69
N ASN N 122 -3.28 -12.16 -52.89
CA ASN N 122 -4.03 -12.11 -51.64
C ASN N 122 -5.50 -11.86 -51.93
N GLY N 123 -6.38 -12.68 -51.35
CA GLY N 123 -7.80 -12.52 -51.48
C GLY N 123 -8.46 -13.38 -52.53
N VAL N 124 -7.68 -13.93 -53.47
CA VAL N 124 -8.26 -14.70 -54.58
C VAL N 124 -8.75 -16.04 -54.05
N SER N 125 -10.07 -16.18 -53.93
CA SER N 125 -10.65 -17.43 -53.47
C SER N 125 -10.61 -18.51 -54.54
N TRP N 126 -10.92 -18.15 -55.79
CA TRP N 126 -10.99 -19.09 -56.89
C TRP N 126 -10.57 -18.37 -58.16
N SER N 127 -9.87 -19.08 -59.04
CA SER N 127 -9.40 -18.48 -60.27
C SER N 127 -9.14 -19.56 -61.30
N ARG N 128 -9.25 -19.19 -62.57
CA ARG N 128 -8.89 -20.12 -63.64
C ARG N 128 -8.80 -19.40 -64.97
N VAL N 129 -8.10 -20.03 -65.91
CA VAL N 129 -7.63 -19.37 -67.13
C VAL N 129 -8.10 -20.19 -68.33
N TYR N 130 -8.50 -19.49 -69.38
CA TYR N 130 -9.07 -20.08 -70.58
C TYR N 130 -8.39 -19.47 -71.79
N VAL N 131 -8.37 -20.21 -72.89
CA VAL N 131 -7.72 -19.75 -74.11
C VAL N 131 -8.58 -20.11 -75.31
N ASN N 132 -8.68 -19.16 -76.24
CA ASN N 132 -9.24 -19.40 -77.57
C ASN N 132 -8.17 -18.98 -78.56
N GLU N 133 -7.40 -19.94 -79.03
CA GLU N 133 -6.21 -19.69 -79.83
C GLU N 133 -6.39 -20.00 -81.31
N ASP N 134 -7.62 -20.22 -81.77
CA ASP N 134 -7.89 -20.49 -83.17
C ASP N 134 -8.17 -19.20 -83.93
N ALA N 135 -8.48 -19.34 -85.21
CA ALA N 135 -8.89 -18.21 -86.05
C ALA N 135 -10.39 -17.98 -86.03
N THR N 136 -11.12 -18.70 -85.19
CA THR N 136 -12.57 -18.59 -85.12
C THR N 136 -13.00 -18.48 -83.66
N THR N 137 -14.19 -17.93 -83.47
CA THR N 137 -14.76 -17.81 -82.13
C THR N 137 -15.29 -19.16 -81.67
N ASP N 138 -14.92 -19.54 -80.45
CA ASP N 138 -15.34 -20.82 -79.90
C ASP N 138 -16.80 -20.76 -79.44
N ALA N 139 -17.40 -21.94 -79.29
CA ALA N 139 -18.78 -22.01 -78.87
C ALA N 139 -19.00 -21.33 -77.52
N ASP N 140 -17.98 -21.33 -76.66
CA ASP N 140 -18.10 -20.68 -75.37
C ASP N 140 -18.27 -19.16 -75.51
N GLY N 141 -17.96 -18.61 -76.67
CA GLY N 141 -18.11 -17.19 -76.93
C GLY N 141 -16.82 -16.38 -76.90
N ILE N 142 -15.68 -17.00 -76.71
CA ILE N 142 -14.42 -16.26 -76.65
C ILE N 142 -13.93 -15.98 -78.07
N PRO N 143 -13.56 -14.74 -78.39
CA PRO N 143 -13.05 -14.46 -79.75
C PRO N 143 -11.74 -15.16 -80.01
N PRO N 144 -11.31 -15.22 -81.27
CA PRO N 144 -10.06 -15.91 -81.58
C PRO N 144 -8.84 -15.17 -81.03
N ASN N 145 -7.79 -15.94 -80.75
CA ASN N 145 -6.55 -15.42 -80.20
C ASN N 145 -6.83 -14.51 -78.99
N THR N 146 -7.39 -15.14 -77.96
CA THR N 146 -7.78 -14.42 -76.76
C THR N 146 -7.52 -15.28 -75.54
N VAL N 147 -7.24 -14.61 -74.42
CA VAL N 147 -7.01 -15.24 -73.12
C VAL N 147 -8.08 -14.71 -72.19
N SER N 148 -8.80 -15.61 -71.54
CA SER N 148 -9.84 -15.23 -70.60
C SER N 148 -9.43 -15.63 -69.18
N VAL N 149 -9.79 -14.78 -68.22
CA VAL N 149 -9.46 -14.98 -66.81
C VAL N 149 -10.74 -14.90 -66.00
N ALA N 150 -10.93 -15.86 -65.10
CA ALA N 150 -12.03 -15.82 -64.14
C ALA N 150 -11.42 -15.79 -62.75
N VAL N 151 -11.84 -14.82 -61.94
CA VAL N 151 -11.24 -14.62 -60.62
C VAL N 151 -12.34 -14.17 -59.67
N ILE N 152 -12.26 -14.66 -58.44
CA ILE N 152 -13.16 -14.27 -57.36
C ILE N 152 -12.29 -13.67 -56.26
N GLY N 153 -12.41 -12.37 -56.04
CA GLY N 153 -11.66 -11.70 -54.99
C GLY N 153 -10.37 -11.11 -55.51
N GLY N 154 -9.60 -10.58 -54.57
CA GLY N 154 -8.38 -9.86 -54.92
C GLY N 154 -8.70 -8.51 -55.52
N ASP N 155 -7.87 -7.51 -55.24
CA ASP N 155 -8.14 -6.18 -55.77
C ASP N 155 -7.85 -6.12 -57.27
N ASP N 156 -8.68 -5.37 -57.98
CA ASP N 156 -8.57 -5.28 -59.43
C ASP N 156 -7.21 -4.75 -59.85
N ASP N 157 -6.67 -3.77 -59.14
CA ASP N 157 -5.38 -3.22 -59.53
C ASP N 157 -4.31 -4.31 -59.56
N GLU N 158 -4.19 -5.08 -58.47
CA GLU N 158 -3.17 -6.10 -58.41
C GLU N 158 -3.43 -7.22 -59.40
N VAL N 159 -4.68 -7.65 -59.52
CA VAL N 159 -5.01 -8.73 -60.45
C VAL N 159 -4.64 -8.33 -61.87
N ALA N 160 -5.00 -7.11 -62.27
CA ALA N 160 -4.75 -6.66 -63.62
C ALA N 160 -3.26 -6.41 -63.87
N GLN N 161 -2.56 -5.84 -62.89
CA GLN N 161 -1.12 -5.65 -63.05
C GLN N 161 -0.41 -6.98 -63.19
N LEU N 162 -0.95 -8.03 -62.57
CA LEU N 162 -0.40 -9.37 -62.74
C LEU N 162 -0.73 -9.92 -64.12
N VAL N 163 -1.97 -9.77 -64.58
CA VAL N 163 -2.37 -10.37 -65.84
C VAL N 163 -1.69 -9.68 -67.01
N ARG N 164 -1.40 -8.38 -66.88
CA ARG N 164 -0.79 -7.63 -67.98
C ARG N 164 0.57 -8.20 -68.35
N ARG N 165 1.37 -8.55 -67.35
CA ARG N 165 2.71 -9.04 -67.60
C ARG N 165 2.75 -10.49 -68.05
N TYR N 166 1.62 -11.20 -68.02
CA TYR N 166 1.57 -12.56 -68.54
C TYR N 166 0.94 -12.60 -69.92
N VAL N 167 0.04 -11.69 -70.22
CA VAL N 167 -0.60 -11.65 -71.54
C VAL N 167 0.18 -10.69 -72.43
N VAL N 168 0.71 -11.19 -73.53
CA VAL N 168 1.58 -10.41 -74.39
C VAL N 168 0.75 -9.34 -75.11
N PRO N 169 1.37 -8.26 -75.58
CA PRO N 169 0.63 -7.31 -76.42
C PRO N 169 0.15 -7.96 -77.71
N GLY N 170 -1.02 -7.52 -78.16
CA GLY N 170 -1.62 -8.05 -79.36
C GLY N 170 -2.53 -9.24 -79.15
N VAL N 171 -2.65 -9.74 -77.92
CA VAL N 171 -3.55 -10.84 -77.61
C VAL N 171 -4.65 -10.26 -76.73
N GLY N 172 -5.90 -10.41 -77.17
CA GLY N 172 -7.02 -9.81 -76.47
C GLY N 172 -7.38 -10.57 -75.22
N MET N 173 -8.24 -9.95 -74.41
CA MET N 173 -8.79 -10.59 -73.23
C MET N 173 -10.30 -10.54 -73.33
N TYR N 174 -10.96 -11.60 -72.91
CA TYR N 174 -12.41 -11.65 -72.85
C TYR N 174 -12.87 -11.61 -71.40
N GLY N 175 -13.87 -10.79 -71.12
CA GLY N 175 -14.41 -10.73 -69.77
C GLY N 175 -15.56 -9.76 -69.68
N ASN N 176 -16.13 -9.70 -68.48
CA ASN N 176 -17.23 -8.79 -68.17
C ASN N 176 -16.80 -7.57 -67.37
N THR N 177 -15.69 -7.65 -66.63
CA THR N 177 -15.18 -6.54 -65.84
C THR N 177 -13.95 -5.99 -66.54
N THR N 178 -13.85 -4.66 -66.60
CA THR N 178 -12.72 -4.00 -67.22
C THR N 178 -11.91 -3.26 -66.17
N ILE N 179 -10.59 -3.38 -66.26
CA ILE N 179 -9.65 -2.76 -65.35
C ILE N 179 -8.70 -1.93 -66.18
N GLU N 180 -8.51 -0.67 -65.80
CA GLU N 180 -7.54 0.18 -66.48
C GLU N 180 -6.19 0.05 -65.79
N THR N 181 -5.15 -0.30 -66.57
CA THR N 181 -3.82 -0.43 -66.02
C THR N 181 -2.91 0.55 -66.74
N THR N 182 -1.75 0.82 -66.13
CA THR N 182 -0.79 1.72 -66.74
C THR N 182 0.62 1.44 -66.23
N ILE N 183 1.55 1.27 -67.16
CA ILE N 183 2.98 1.16 -66.86
C ILE N 183 3.69 2.11 -67.80
N GLY N 184 4.55 2.97 -67.26
CA GLY N 184 5.32 3.85 -68.10
C GLY N 184 4.47 4.70 -69.02
N GLY N 185 3.21 4.92 -68.67
CA GLY N 185 2.32 5.74 -69.47
C GLY N 185 1.52 4.98 -70.50
N PHE N 186 1.93 3.76 -70.86
CA PHE N 186 1.17 2.98 -71.82
C PHE N 186 0.05 2.28 -71.04
N CYS N 187 -1.17 2.32 -71.58
CA CYS N 187 -2.38 2.27 -70.75
C CYS N 187 -3.33 1.24 -71.34
N ARG N 188 -3.24 0.01 -70.82
CA ARG N 188 -4.01 -1.10 -71.36
C ARG N 188 -5.34 -1.30 -70.63
N ARG N 189 -6.29 -1.87 -71.35
CA ARG N 189 -7.58 -2.30 -70.81
C ARG N 189 -7.53 -3.81 -70.61
N ILE N 190 -7.51 -4.25 -69.36
CA ILE N 190 -7.48 -5.68 -69.05
C ILE N 190 -8.87 -6.09 -68.62
N ARG N 191 -9.47 -6.99 -69.38
CA ARG N 191 -10.85 -7.41 -69.15
C ARG N 191 -10.84 -8.84 -68.63
N VAL N 192 -11.43 -9.04 -67.46
CA VAL N 192 -11.48 -10.34 -66.81
C VAL N 192 -12.91 -10.70 -66.50
N ILE N 193 -13.13 -11.93 -66.03
CA ILE N 193 -14.45 -12.41 -65.65
C ILE N 193 -14.52 -12.43 -64.13
N ARG N 194 -15.53 -11.75 -63.58
CA ARG N 194 -15.90 -11.85 -62.18
C ARG N 194 -17.23 -12.60 -62.13
N PRO N 195 -17.21 -13.94 -62.09
CA PRO N 195 -18.45 -14.69 -62.36
C PRO N 195 -19.59 -14.26 -61.46
N VAL N 196 -20.76 -14.11 -62.05
CA VAL N 196 -21.97 -13.77 -61.31
C VAL N 196 -22.49 -15.04 -60.66
N LEU N 197 -22.61 -15.02 -59.34
CA LEU N 197 -23.06 -16.19 -58.59
C LEU N 197 -24.58 -16.28 -58.68
N ILE N 198 -25.07 -17.42 -59.14
CA ILE N 198 -26.49 -17.69 -59.28
C ILE N 198 -26.86 -18.78 -58.27
N PRO N 199 -27.68 -18.48 -57.27
CA PRO N 199 -28.08 -19.52 -56.32
C PRO N 199 -28.79 -20.66 -57.04
N THR N 200 -28.37 -21.89 -56.73
CA THR N 200 -28.94 -23.09 -57.30
C THR N 200 -29.58 -23.91 -56.20
N SER N 201 -30.79 -24.38 -56.43
CA SER N 201 -31.51 -25.27 -55.53
C SER N 201 -31.45 -26.67 -56.13
N VAL N 202 -31.00 -27.64 -55.34
CA VAL N 202 -30.70 -28.98 -55.83
C VAL N 202 -31.30 -30.03 -54.92
N GLU N 203 -32.14 -30.88 -55.52
CA GLU N 203 -32.76 -32.01 -54.83
C GLU N 203 -32.36 -33.28 -55.56
N ILE N 204 -31.82 -34.25 -54.83
CA ILE N 204 -31.30 -35.48 -55.41
C ILE N 204 -32.06 -36.66 -54.84
N ASP N 205 -32.39 -37.63 -55.68
CA ASP N 205 -33.03 -38.86 -55.28
C ASP N 205 -32.09 -40.02 -55.59
N VAL N 206 -31.78 -40.83 -54.58
CA VAL N 206 -30.76 -41.85 -54.65
C VAL N 206 -31.33 -43.20 -54.22
N GLN N 207 -30.54 -44.25 -54.41
CA GLN N 207 -30.86 -45.58 -53.92
C GLN N 207 -29.61 -46.17 -53.26
N SER N 208 -29.83 -47.11 -52.36
CA SER N 208 -28.76 -47.75 -51.62
C SER N 208 -28.33 -49.02 -52.32
N ARG N 209 -27.03 -49.15 -52.56
CA ARG N 209 -26.44 -50.35 -53.16
C ARG N 209 -25.29 -50.80 -52.27
N PRO N 210 -25.58 -51.53 -51.19
CA PRO N 210 -24.52 -51.96 -50.27
C PRO N 210 -23.58 -52.96 -50.94
N LEU N 211 -22.30 -52.60 -51.00
CA LEU N 211 -21.31 -53.49 -51.58
C LEU N 211 -21.25 -54.78 -50.80
N LYS N 212 -21.51 -55.90 -51.48
CA LYS N 212 -21.64 -57.22 -50.85
C LYS N 212 -22.34 -57.14 -49.50
N ASN N 213 -23.56 -56.61 -49.48
CA ASN N 213 -24.40 -56.55 -48.29
C ASN N 213 -23.61 -56.10 -47.06
N GLY N 214 -22.73 -55.12 -47.25
CA GLY N 214 -21.98 -54.52 -46.17
C GLY N 214 -21.80 -53.05 -46.45
N CYS N 215 -21.21 -52.35 -45.49
CA CYS N 215 -20.97 -50.92 -45.66
C CYS N 215 -22.28 -50.20 -45.96
N PRO N 216 -23.17 -50.06 -44.98
CA PRO N 216 -24.49 -49.47 -45.22
C PRO N 216 -24.39 -47.99 -45.57
N PRO N 217 -25.44 -47.43 -46.17
CA PRO N 217 -25.35 -46.05 -46.63
C PRO N 217 -25.28 -45.07 -45.46
N PRO N 218 -24.67 -43.92 -45.64
CA PRO N 218 -24.65 -42.90 -44.59
C PRO N 218 -25.96 -42.10 -44.58
N SER N 219 -26.06 -41.20 -43.62
CA SER N 219 -27.31 -40.48 -43.41
C SER N 219 -27.47 -39.35 -44.43
N VAL N 220 -28.72 -38.89 -44.57
CA VAL N 220 -29.05 -37.89 -45.57
C VAL N 220 -28.26 -36.61 -45.32
N ASN N 221 -28.21 -36.16 -44.07
CA ASN N 221 -27.40 -35.00 -43.74
C ASN N 221 -25.93 -35.27 -43.97
N ALA N 222 -25.46 -36.46 -43.62
CA ALA N 222 -24.05 -36.80 -43.82
C ALA N 222 -23.67 -36.77 -45.29
N MET N 223 -24.62 -36.97 -46.20
CA MET N 223 -24.37 -36.87 -47.63
C MET N 223 -24.54 -35.46 -48.17
N ALA N 224 -25.53 -34.71 -47.69
CA ALA N 224 -25.68 -33.33 -48.13
C ALA N 224 -24.51 -32.46 -47.68
N ALA N 225 -24.01 -32.66 -46.47
CA ALA N 225 -22.83 -31.92 -46.02
C ALA N 225 -21.61 -32.24 -46.89
N GLY N 226 -21.39 -33.52 -47.18
CA GLY N 226 -20.29 -33.89 -48.04
C GLY N 226 -20.41 -33.32 -49.44
N LEU N 227 -21.62 -33.33 -50.00
CA LEU N 227 -21.81 -32.76 -51.33
C LEU N 227 -21.61 -31.25 -51.34
N TYR N 228 -22.09 -30.55 -50.31
CA TYR N 228 -21.82 -29.11 -50.19
C TYR N 228 -20.33 -28.83 -50.10
N THR N 229 -19.61 -29.60 -49.29
CA THR N 229 -18.17 -29.42 -49.22
C THR N 229 -17.54 -29.57 -50.59
N GLU N 230 -17.91 -30.61 -51.32
CA GLU N 230 -17.30 -30.87 -52.61
C GLU N 230 -17.61 -29.76 -53.60
N LEU N 231 -18.85 -29.24 -53.58
CA LEU N 231 -19.25 -28.17 -54.49
C LEU N 231 -18.68 -26.81 -54.09
N THR N 232 -18.26 -26.62 -52.84
CA THR N 232 -17.62 -25.38 -52.44
C THR N 232 -16.10 -25.47 -52.47
N GLY N 233 -15.52 -26.65 -52.63
CA GLY N 233 -14.08 -26.80 -52.65
C GLY N 233 -13.45 -26.12 -53.85
N PRO N 234 -12.13 -26.24 -53.98
CA PRO N 234 -11.45 -25.68 -55.15
C PRO N 234 -11.86 -26.35 -56.46
N ASP N 235 -12.44 -27.55 -56.39
CA ASP N 235 -12.98 -28.23 -57.56
C ASP N 235 -14.46 -27.96 -57.73
N ARG N 236 -14.92 -26.76 -57.38
CA ARG N 236 -16.31 -26.40 -57.51
C ARG N 236 -16.70 -26.29 -58.98
N PRO N 237 -17.98 -26.46 -59.30
CA PRO N 237 -18.44 -26.18 -60.67
C PRO N 237 -18.08 -24.77 -61.08
N GLY N 238 -18.15 -24.52 -62.40
CA GLY N 238 -17.55 -23.36 -62.99
C GLY N 238 -18.51 -22.43 -63.70
N ASN N 239 -17.92 -21.43 -64.35
CA ASN N 239 -18.67 -20.56 -65.23
C ASN N 239 -18.90 -21.24 -66.57
N GLY N 240 -20.07 -20.99 -67.16
CA GLY N 240 -20.43 -21.72 -68.35
C GLY N 240 -20.56 -23.20 -68.14
N GLU N 241 -20.80 -23.63 -66.89
CA GLU N 241 -20.94 -25.03 -66.53
C GLU N 241 -22.40 -25.28 -66.18
N ASP N 242 -23.15 -25.81 -67.13
CA ASP N 242 -24.53 -26.14 -66.89
C ASP N 242 -24.65 -27.28 -65.87
N GLY N 243 -25.60 -27.13 -64.97
CA GLY N 243 -25.89 -28.16 -63.99
C GLY N 243 -26.69 -29.30 -64.59
N THR N 244 -26.06 -30.45 -64.72
CA THR N 244 -26.65 -31.62 -65.35
C THR N 244 -26.74 -32.76 -64.35
N VAL N 245 -27.50 -33.79 -64.72
CA VAL N 245 -27.59 -34.98 -63.89
C VAL N 245 -26.21 -35.63 -63.77
N TYR N 246 -25.47 -35.66 -64.88
CA TYR N 246 -24.15 -36.29 -64.88
C TYR N 246 -23.21 -35.58 -63.92
N LEU N 247 -23.26 -34.25 -63.86
CA LEU N 247 -22.35 -33.51 -63.00
C LEU N 247 -22.51 -33.93 -61.55
N PHE N 248 -23.76 -34.04 -61.08
CA PHE N 248 -24.00 -34.40 -59.69
C PHE N 248 -23.79 -35.89 -59.46
N ARG N 249 -24.05 -36.72 -60.47
CA ARG N 249 -23.80 -38.14 -60.36
C ARG N 249 -22.33 -38.45 -60.14
N LYS N 250 -21.46 -37.86 -60.97
CA LYS N 250 -20.02 -38.09 -60.88
C LYS N 250 -19.46 -37.68 -59.52
N ILE N 251 -20.21 -36.89 -58.77
CA ILE N 251 -19.83 -36.50 -57.43
C ILE N 251 -20.42 -37.43 -56.39
N MET N 252 -21.70 -37.77 -56.55
CA MET N 252 -22.38 -38.59 -55.54
C MET N 252 -21.80 -40.00 -55.48
N GLU N 253 -21.69 -40.70 -56.61
CA GLU N 253 -21.03 -42.01 -56.51
C GLU N 253 -19.57 -41.89 -56.09
N ARG N 254 -18.85 -40.89 -56.59
CA ARG N 254 -17.45 -40.81 -56.20
C ARG N 254 -17.31 -40.68 -54.69
N LEU N 255 -18.11 -39.82 -54.07
CA LEU N 255 -18.06 -39.65 -52.63
C LEU N 255 -18.60 -40.87 -51.90
N TYR N 256 -19.65 -41.48 -52.42
CA TYR N 256 -20.37 -42.57 -51.78
C TYR N 256 -20.64 -43.65 -52.81
N PRO N 257 -19.68 -44.54 -53.08
CA PRO N 257 -19.87 -45.55 -54.13
C PRO N 257 -21.06 -46.48 -53.90
N ASN N 258 -21.53 -46.62 -52.66
CA ASN N 258 -22.62 -47.52 -52.35
C ASN N 258 -23.99 -46.89 -52.58
N VAL N 259 -24.06 -45.87 -53.43
CA VAL N 259 -25.29 -45.14 -53.69
C VAL N 259 -25.44 -44.94 -55.18
N GLU N 260 -26.66 -45.18 -55.69
CA GLU N 260 -26.97 -44.92 -57.09
C GLU N 260 -27.85 -43.67 -57.16
N VAL N 261 -27.36 -42.66 -57.86
CA VAL N 261 -28.14 -41.44 -58.02
C VAL N 261 -29.18 -41.67 -59.12
N VAL N 262 -30.44 -41.56 -58.75
CA VAL N 262 -31.54 -41.71 -59.69
C VAL N 262 -31.92 -40.37 -60.31
N ASP N 263 -32.47 -39.47 -59.51
CA ASP N 263 -33.16 -38.31 -60.08
C ASP N 263 -32.53 -37.05 -59.50
N VAL N 264 -31.68 -36.40 -60.28
CA VAL N 264 -31.23 -35.06 -59.93
C VAL N 264 -32.26 -34.07 -60.42
N ARG N 265 -32.49 -33.03 -59.61
CA ARG N 265 -33.40 -31.95 -59.99
C ARG N 265 -32.80 -30.64 -59.52
N LEU N 266 -32.81 -29.65 -60.41
CA LEU N 266 -32.13 -28.38 -60.17
C LEU N 266 -33.09 -27.25 -60.51
N SER N 267 -32.78 -26.08 -59.97
CA SER N 267 -33.45 -24.87 -60.43
C SER N 267 -32.67 -23.65 -59.94
N GLN N 268 -33.04 -22.50 -60.50
CA GLN N 268 -32.52 -21.22 -60.07
C GLN N 268 -33.38 -20.73 -58.91
N ALA N 269 -32.78 -20.56 -57.75
CA ALA N 269 -33.54 -20.19 -56.57
C ALA N 269 -34.14 -18.79 -56.75
N PRO N 270 -35.25 -18.51 -56.06
CA PRO N 270 -35.96 -19.41 -55.14
C PRO N 270 -36.95 -20.32 -55.85
N ALA N 271 -36.85 -20.42 -57.17
CA ALA N 271 -37.78 -21.22 -57.94
C ALA N 271 -37.60 -22.71 -57.61
N ALA N 272 -38.67 -23.47 -57.79
CA ALA N 272 -38.69 -24.88 -57.40
C ALA N 272 -37.77 -25.70 -58.30
N PRO N 273 -37.10 -26.72 -57.75
CA PRO N 273 -36.27 -27.59 -58.59
C PRO N 273 -37.08 -28.27 -59.69
N THR N 274 -36.42 -28.48 -60.83
CA THR N 274 -37.07 -29.03 -62.01
C THR N 274 -36.05 -29.89 -62.76
N THR N 275 -36.29 -30.26 -64.01
CA THR N 275 -35.26 -30.98 -64.78
C THR N 275 -33.90 -30.30 -64.57
N PRO N 276 -32.75 -31.00 -64.45
CA PRO N 276 -31.42 -30.36 -64.39
C PRO N 276 -30.79 -29.97 -65.74
N PRO N 277 -31.28 -28.96 -66.48
CA PRO N 277 -30.62 -28.48 -67.68
C PRO N 277 -29.95 -27.18 -67.29
N LEU N 278 -29.97 -26.80 -66.00
CA LEU N 278 -29.41 -25.52 -65.49
C LEU N 278 -28.42 -24.99 -66.53
N VAL N 279 -28.81 -23.99 -67.31
CA VAL N 279 -27.93 -23.45 -68.39
C VAL N 279 -27.19 -22.23 -67.85
N MET N 280 -25.94 -22.40 -67.38
CA MET N 280 -25.14 -21.25 -66.96
C MET N 280 -24.41 -20.71 -68.18
N SER N 281 -24.49 -19.40 -68.38
CA SER N 281 -23.68 -18.78 -69.41
C SER N 281 -22.22 -18.73 -68.95
N PHE N 282 -21.37 -18.22 -69.84
CA PHE N 282 -19.94 -18.21 -69.55
C PHE N 282 -19.55 -17.21 -68.47
N PHE N 283 -20.45 -16.32 -68.07
CA PHE N 283 -20.21 -15.39 -66.97
C PHE N 283 -20.96 -15.78 -65.70
N GLN N 284 -21.73 -16.85 -65.73
CA GLN N 284 -22.58 -17.25 -64.62
C GLN N 284 -22.05 -18.54 -63.97
N MET N 285 -22.05 -18.56 -62.65
CA MET N 285 -21.58 -19.70 -61.89
C MET N 285 -22.70 -20.16 -60.97
N MET N 286 -22.70 -21.45 -60.64
CA MET N 286 -23.67 -21.99 -59.69
C MET N 286 -23.13 -21.81 -58.28
N SER N 287 -23.95 -21.24 -57.40
CA SER N 287 -23.60 -21.10 -56.00
C SER N 287 -24.62 -21.83 -55.15
N PHE N 288 -24.12 -22.55 -54.15
CA PHE N 288 -24.93 -23.48 -53.38
C PHE N 288 -24.99 -23.02 -51.92
N ASN N 289 -26.03 -23.47 -51.22
CA ASN N 289 -26.23 -23.18 -49.80
C ASN N 289 -26.45 -24.47 -49.04
N ALA N 290 -25.86 -24.54 -47.85
CA ALA N 290 -25.91 -25.79 -47.08
C ALA N 290 -27.33 -26.21 -46.77
N ASP N 291 -28.29 -25.29 -46.81
CA ASP N 291 -29.68 -25.65 -46.55
C ASP N 291 -30.42 -26.02 -47.83
N ASP N 292 -30.05 -25.41 -48.96
CA ASP N 292 -30.75 -25.68 -50.21
C ASP N 292 -30.60 -27.13 -50.66
N ILE N 293 -29.40 -27.71 -50.51
CA ILE N 293 -29.18 -29.07 -50.96
C ILE N 293 -30.05 -30.02 -50.18
N LEU N 294 -30.70 -30.95 -50.90
CA LEU N 294 -31.52 -31.97 -50.25
C LEU N 294 -31.29 -33.30 -50.95
N VAL N 295 -31.19 -34.38 -50.18
CA VAL N 295 -31.02 -35.72 -50.68
C VAL N 295 -32.10 -36.61 -50.09
N GLU N 296 -32.65 -37.50 -50.91
CA GLU N 296 -33.72 -38.38 -50.48
C GLU N 296 -33.49 -39.80 -50.98
N ILE N 297 -33.67 -40.77 -50.10
CA ILE N 297 -33.49 -42.18 -50.45
C ILE N 297 -34.83 -42.72 -50.94
N VAL N 298 -34.81 -43.48 -52.03
CA VAL N 298 -36.02 -43.97 -52.66
C VAL N 298 -36.04 -45.50 -52.55
N PRO N 299 -37.21 -46.13 -52.32
CA PRO N 299 -37.20 -47.59 -52.28
C PRO N 299 -36.91 -48.24 -53.62
N MET O 1 14.39 -35.86 -36.72
CA MET O 1 15.73 -35.87 -36.13
C MET O 1 16.12 -34.43 -35.79
N THR O 2 17.16 -34.26 -34.97
CA THR O 2 17.60 -32.92 -34.56
C THR O 2 18.79 -32.43 -35.35
N TYR O 3 19.59 -33.32 -35.94
CA TYR O 3 20.74 -32.95 -36.74
C TYR O 3 20.53 -33.40 -38.19
N GLY O 4 21.45 -32.98 -39.05
CA GLY O 4 21.37 -33.36 -40.44
C GLY O 4 20.49 -32.44 -41.25
N VAL O 5 19.90 -33.01 -42.31
CA VAL O 5 18.97 -32.26 -43.15
C VAL O 5 17.65 -32.12 -42.41
N GLN O 6 17.20 -30.88 -42.22
CA GLN O 6 15.96 -30.60 -41.52
C GLN O 6 15.15 -29.58 -42.33
N PRO O 7 13.87 -29.39 -42.02
CA PRO O 7 13.08 -28.40 -42.78
C PRO O 7 13.70 -27.01 -42.78
N THR O 8 14.36 -26.61 -41.71
CA THR O 8 14.98 -25.28 -41.68
C THR O 8 16.34 -25.27 -42.37
N GLY O 9 16.90 -26.42 -42.66
CA GLY O 9 18.17 -26.48 -43.35
C GLY O 9 19.01 -27.62 -42.78
N TYR O 10 20.32 -27.44 -42.83
CA TYR O 10 21.27 -28.43 -42.34
C TYR O 10 21.70 -28.05 -40.94
N VAL O 11 21.24 -28.83 -39.95
CA VAL O 11 21.64 -28.63 -38.56
C VAL O 11 22.92 -29.43 -38.33
N LYS O 12 24.05 -28.73 -38.37
CA LYS O 12 25.36 -29.35 -38.23
C LYS O 12 25.62 -29.72 -36.77
N LYS O 13 26.26 -30.88 -36.57
CA LYS O 13 26.49 -31.44 -35.23
C LYS O 13 27.85 -31.02 -34.69
N PRO O 14 27.94 -30.49 -33.49
CA PRO O 14 29.25 -30.11 -32.94
C PRO O 14 30.17 -31.30 -32.73
N LEU O 15 31.48 -31.00 -32.70
CA LEU O 15 32.48 -32.03 -32.48
C LEU O 15 32.37 -32.65 -31.10
N ALA O 16 32.08 -31.83 -30.08
CA ALA O 16 31.87 -32.37 -28.75
C ALA O 16 30.73 -33.37 -28.73
N VAL O 17 29.65 -33.09 -29.46
CA VAL O 17 28.57 -34.06 -29.57
C VAL O 17 29.00 -35.30 -30.33
N HIS O 18 29.75 -35.13 -31.42
CA HIS O 18 30.26 -36.29 -32.14
C HIS O 18 31.03 -37.22 -31.22
N LEU O 19 31.83 -36.66 -30.32
CA LEU O 19 32.62 -37.47 -29.40
C LEU O 19 31.77 -38.06 -28.29
N ALA O 20 30.85 -37.28 -27.72
CA ALA O 20 30.02 -37.79 -26.64
C ALA O 20 29.13 -38.93 -27.09
N GLU O 21 28.57 -38.85 -28.31
CA GLU O 21 27.74 -39.94 -28.79
C GLU O 21 28.53 -41.23 -28.90
N ILE O 22 29.75 -41.18 -29.43
CA ILE O 22 30.53 -42.40 -29.60
C ILE O 22 30.95 -42.95 -28.25
N GLU O 23 31.28 -42.10 -27.29
CA GLU O 23 31.61 -42.59 -25.96
C GLU O 23 30.42 -43.28 -25.30
N ALA O 24 29.23 -42.68 -25.44
CA ALA O 24 28.04 -43.32 -24.88
C ALA O 24 27.73 -44.64 -25.58
N SER O 25 27.93 -44.70 -26.90
CA SER O 25 27.72 -45.96 -27.61
C SER O 25 28.68 -47.04 -27.15
N MET O 26 29.95 -46.70 -26.95
CA MET O 26 30.90 -47.67 -26.41
C MET O 26 30.55 -48.11 -25.00
N VAL O 27 30.02 -47.21 -24.17
CA VAL O 27 29.53 -47.65 -22.87
C VAL O 27 28.36 -48.61 -23.03
N ASP O 28 27.48 -48.37 -24.00
CA ASP O 28 26.37 -49.29 -24.22
C ASP O 28 26.87 -50.70 -24.51
N LEU O 29 28.01 -50.83 -25.18
CA LEU O 29 28.53 -52.15 -25.53
C LEU O 29 29.34 -52.77 -24.41
N PHE O 30 30.27 -52.03 -23.82
CA PHE O 30 31.23 -52.60 -22.88
C PHE O 30 30.95 -52.26 -21.43
N GLY O 31 29.80 -51.67 -21.12
CA GLY O 31 29.49 -51.30 -19.77
C GLY O 31 30.12 -49.99 -19.36
N PRO O 32 29.63 -49.40 -18.27
CA PRO O 32 30.18 -48.11 -17.83
C PRO O 32 31.61 -48.18 -17.31
N GLY O 33 32.17 -49.37 -17.14
CA GLY O 33 33.53 -49.52 -16.68
C GLY O 33 34.58 -49.46 -17.76
N VAL O 34 34.18 -49.43 -19.03
CA VAL O 34 35.17 -49.39 -20.11
C VAL O 34 35.99 -48.13 -20.00
N ILE O 35 37.28 -48.25 -20.33
CA ILE O 35 38.22 -47.14 -20.25
C ILE O 35 38.38 -46.52 -21.63
N GLN O 36 38.02 -45.24 -21.75
CA GLN O 36 38.06 -44.53 -23.02
C GLN O 36 38.87 -43.25 -22.95
N THR O 37 39.75 -43.11 -21.96
CA THR O 37 40.47 -41.86 -21.79
C THR O 37 41.34 -41.58 -23.00
N GLU O 38 41.82 -40.34 -23.08
CA GLU O 38 42.60 -39.90 -24.24
C GLU O 38 43.78 -40.82 -24.52
N GLN O 39 44.42 -41.35 -23.48
CA GLN O 39 45.62 -42.16 -23.66
C GLN O 39 45.33 -43.58 -24.13
N SER O 40 44.19 -44.14 -23.78
CA SER O 40 43.91 -45.54 -24.08
C SER O 40 43.63 -45.74 -25.57
N PRO O 41 43.74 -46.98 -26.07
CA PRO O 41 43.43 -47.22 -27.48
C PRO O 41 42.00 -46.90 -27.86
N LEU O 42 41.02 -47.17 -27.00
CA LEU O 42 39.65 -46.78 -27.32
C LEU O 42 39.49 -45.28 -27.39
N GLY O 43 40.14 -44.53 -26.50
CA GLY O 43 40.12 -43.09 -26.61
C GLY O 43 40.77 -42.59 -27.87
N GLN O 44 41.86 -43.23 -28.29
CA GLN O 44 42.44 -42.93 -29.59
C GLN O 44 41.44 -43.12 -30.70
N LEU O 45 40.72 -44.24 -30.72
CA LEU O 45 39.73 -44.49 -31.75
C LEU O 45 38.58 -43.48 -31.70
N ASN O 46 38.09 -43.16 -30.50
CA ASN O 46 37.00 -42.21 -30.35
C ASN O 46 37.37 -40.81 -30.82
N GLY O 47 38.54 -40.31 -30.45
CA GLY O 47 38.93 -38.98 -30.91
C GLY O 47 39.02 -38.90 -32.42
N LEU O 48 39.69 -39.87 -33.03
CA LEU O 48 39.83 -39.87 -34.49
C LEU O 48 38.48 -39.97 -35.15
N TYR O 49 37.60 -40.83 -34.66
CA TYR O 49 36.27 -40.94 -35.27
C TYR O 49 35.52 -39.64 -35.13
N ALA O 50 35.56 -39.03 -33.95
CA ALA O 50 34.85 -37.77 -33.75
C ALA O 50 35.28 -36.74 -34.76
N ASP O 51 36.58 -36.66 -35.04
CA ASP O 51 37.05 -35.64 -35.96
C ASP O 51 36.74 -35.98 -37.41
N LEU O 52 36.91 -37.24 -37.80
CA LEU O 52 36.54 -37.61 -39.16
C LEU O 52 35.06 -37.37 -39.39
N SER O 53 34.22 -37.67 -38.41
CA SER O 53 32.79 -37.50 -38.58
C SER O 53 32.38 -36.05 -38.54
N TYR O 54 33.07 -35.20 -37.78
CA TYR O 54 32.82 -33.76 -37.90
C TYR O 54 33.17 -33.26 -39.29
N ASP O 55 34.28 -33.74 -39.85
CA ASP O 55 34.66 -33.36 -41.21
C ASP O 55 33.60 -33.81 -42.23
N LEU O 56 33.12 -35.05 -42.10
CA LEU O 56 32.08 -35.55 -42.99
C LEU O 56 30.79 -34.78 -42.81
N ASP O 57 30.48 -34.40 -41.57
CA ASP O 57 29.32 -33.58 -41.28
C ASP O 57 29.41 -32.24 -42.00
N GLU O 58 30.59 -31.62 -42.00
CA GLU O 58 30.80 -30.37 -42.70
C GLU O 58 30.70 -30.52 -44.21
N ARG O 59 31.24 -31.60 -44.76
CA ARG O 59 31.08 -31.84 -46.20
C ARG O 59 29.62 -32.06 -46.56
N GLY O 60 28.85 -32.70 -45.69
CA GLY O 60 27.43 -32.81 -45.91
C GLY O 60 26.75 -31.44 -45.98
N GLU O 61 27.13 -30.54 -45.08
CA GLU O 61 26.59 -29.19 -45.12
C GLU O 61 26.94 -28.48 -46.43
N ASP O 62 28.19 -28.62 -46.86
CA ASP O 62 28.59 -27.99 -48.11
C ASP O 62 27.78 -28.54 -49.29
N LEU O 63 27.64 -29.86 -49.37
CA LEU O 63 26.87 -30.45 -50.45
C LEU O 63 25.42 -29.99 -50.40
N TYR O 64 24.83 -29.91 -49.21
CA TYR O 64 23.47 -29.42 -49.08
C TYR O 64 23.35 -27.99 -49.61
N GLN O 65 24.28 -27.11 -49.22
CA GLN O 65 24.19 -25.72 -49.64
C GLN O 65 24.38 -25.59 -51.15
N SER O 66 25.19 -26.45 -51.75
CA SER O 66 25.52 -26.29 -53.17
C SER O 66 24.36 -26.58 -54.11
N PHE O 67 23.16 -26.87 -53.61
CA PHE O 67 22.01 -27.00 -54.49
C PHE O 67 21.23 -25.70 -54.66
N ASP O 68 21.65 -24.63 -54.01
CA ASP O 68 20.94 -23.36 -54.07
C ASP O 68 21.76 -22.34 -54.85
N PRO O 69 21.18 -21.63 -55.83
CA PRO O 69 21.98 -20.60 -56.53
C PRO O 69 22.56 -19.54 -55.62
N GLU O 70 21.83 -19.08 -54.61
CA GLU O 70 22.38 -18.06 -53.72
C GLU O 70 23.47 -18.59 -52.82
N GLN O 71 23.74 -19.90 -52.81
CA GLN O 71 24.79 -20.46 -51.97
C GLN O 71 25.85 -21.26 -52.72
N ALA O 72 25.64 -21.61 -53.99
CA ALA O 72 26.67 -22.30 -54.73
C ALA O 72 27.76 -21.32 -55.14
N GLU O 73 28.93 -21.85 -55.49
CA GLU O 73 30.12 -21.03 -55.77
C GLU O 73 30.97 -21.67 -56.86
N GLY O 74 30.83 -21.19 -58.09
CA GLY O 74 31.69 -21.61 -59.18
C GLY O 74 31.03 -22.56 -60.14
N SER O 75 31.67 -23.70 -60.43
CA SER O 75 31.14 -24.67 -61.37
C SER O 75 29.77 -25.19 -60.95
N ARG O 76 29.57 -25.41 -59.64
CA ARG O 76 28.24 -25.75 -59.17
C ARG O 76 27.26 -24.63 -59.43
N LEU O 77 27.67 -23.38 -59.20
CA LEU O 77 26.79 -22.27 -59.50
C LEU O 77 26.44 -22.23 -60.98
N ASP O 78 27.39 -22.58 -61.85
CA ASP O 78 27.11 -22.67 -63.28
C ASP O 78 26.08 -23.75 -63.58
N ILE O 79 26.22 -24.91 -62.93
CA ILE O 79 25.27 -25.99 -63.14
C ILE O 79 23.87 -25.53 -62.78
N LEU O 80 23.74 -24.82 -61.65
CA LEU O 80 22.42 -24.35 -61.25
C LEU O 80 21.95 -23.14 -62.06
N ALA O 81 22.86 -22.39 -62.67
CA ALA O 81 22.45 -21.26 -63.50
C ALA O 81 21.92 -21.71 -64.85
N ARG O 82 22.41 -22.85 -65.35
CA ARG O 82 21.89 -23.37 -66.60
C ARG O 82 20.44 -23.83 -66.49
N TYR O 83 19.81 -23.70 -65.32
CA TYR O 83 18.37 -23.85 -65.21
C TYR O 83 17.64 -22.55 -65.47
N ARG O 84 18.37 -21.44 -65.63
CA ARG O 84 17.78 -20.13 -65.85
C ARG O 84 18.45 -19.40 -67.01
N LEU O 85 19.38 -20.07 -67.71
CA LEU O 85 20.10 -19.51 -68.85
C LEU O 85 20.97 -18.31 -68.42
N LEU O 86 21.90 -18.60 -67.53
CA LEU O 86 23.03 -17.70 -67.31
C LEU O 86 24.30 -18.51 -67.50
N SER O 87 25.15 -18.06 -68.40
CA SER O 87 26.47 -18.65 -68.59
C SER O 87 27.52 -17.68 -68.06
N ARG O 88 28.31 -18.15 -67.10
CA ARG O 88 29.35 -17.32 -66.50
C ARG O 88 30.16 -16.63 -67.58
N ARG O 89 30.08 -15.30 -67.63
CA ARG O 89 30.92 -14.55 -68.56
C ARG O 89 32.39 -14.73 -68.18
N ALA O 90 33.23 -14.78 -69.20
CA ALA O 90 34.65 -15.03 -68.99
C ALA O 90 35.23 -14.00 -68.01
N GLY O 91 35.75 -14.49 -66.89
CA GLY O 91 36.31 -13.61 -65.88
C GLY O 91 35.30 -12.98 -64.95
N GLU O 92 34.01 -13.24 -65.14
CA GLU O 92 33.02 -12.75 -64.19
C GLU O 92 33.16 -13.49 -62.87
N SER O 93 33.25 -12.75 -61.79
CA SER O 93 33.41 -13.34 -60.48
C SER O 93 32.11 -14.02 -60.05
N ASP O 94 32.21 -14.83 -59.00
CA ASP O 94 31.01 -15.48 -58.48
C ASP O 94 30.03 -14.48 -57.90
N GLU O 95 30.51 -13.37 -57.33
CA GLU O 95 29.58 -12.34 -56.84
C GLU O 95 28.76 -11.79 -57.99
N SER O 96 29.42 -11.35 -59.07
CA SER O 96 28.70 -10.78 -60.19
C SER O 96 27.79 -11.81 -60.85
N PHE O 97 28.24 -13.05 -60.93
CA PHE O 97 27.42 -14.10 -61.53
C PHE O 97 26.18 -14.41 -60.68
N ARG O 98 26.34 -14.51 -59.36
CA ARG O 98 25.21 -14.75 -58.48
C ARG O 98 24.24 -13.59 -58.53
N ARG O 99 24.75 -12.36 -58.59
CA ARG O 99 23.90 -11.22 -58.89
C ARG O 99 23.13 -11.41 -60.19
N ALA O 100 23.83 -11.76 -61.27
CA ALA O 100 23.16 -11.95 -62.55
C ALA O 100 22.07 -13.00 -62.45
N ILE O 101 22.22 -13.96 -61.56
CA ILE O 101 21.14 -14.93 -61.35
C ILE O 101 20.17 -14.31 -60.35
N THR O 102 19.41 -13.34 -60.83
CA THR O 102 18.22 -12.81 -60.17
C THR O 102 17.45 -12.11 -61.27
N ASN O 103 16.46 -12.76 -61.83
CA ASN O 103 15.99 -12.40 -63.16
C ASN O 103 14.51 -12.68 -63.26
N VAL O 104 13.84 -11.92 -64.13
CA VAL O 104 12.41 -12.06 -64.33
C VAL O 104 12.16 -13.43 -64.93
N ASP O 105 11.27 -14.19 -64.31
CA ASP O 105 10.76 -15.40 -64.94
C ASP O 105 9.55 -15.11 -65.82
N ARG O 106 9.49 -13.88 -66.36
CA ARG O 106 8.38 -13.42 -67.15
C ARG O 106 8.92 -12.47 -68.21
N ALA O 107 8.23 -12.46 -69.35
CA ALA O 107 8.68 -11.67 -70.49
C ALA O 107 8.66 -10.19 -70.16
N ARG O 108 9.71 -9.49 -70.56
CA ARG O 108 9.78 -8.03 -70.45
C ARG O 108 9.62 -7.48 -71.87
N ILE O 109 8.36 -7.42 -72.31
CA ILE O 109 8.06 -7.10 -73.71
C ILE O 109 6.92 -6.09 -73.78
N ASP O 110 6.64 -5.43 -72.67
CA ASP O 110 5.58 -4.43 -72.66
C ASP O 110 5.88 -3.33 -73.66
N LEU O 111 4.83 -2.81 -74.29
CA LEU O 111 5.03 -1.72 -75.24
C LEU O 111 5.55 -0.46 -74.57
N SER O 112 5.36 -0.32 -73.25
CA SER O 112 6.06 0.72 -72.53
C SER O 112 7.56 0.51 -72.65
N ASP O 113 8.01 -0.74 -72.54
CA ASP O 113 9.43 -1.05 -72.70
C ASP O 113 9.87 -0.97 -74.15
N LEU O 114 8.94 -1.06 -75.10
CA LEU O 114 9.28 -0.90 -76.51
C LEU O 114 9.49 0.57 -76.87
N SER O 115 8.53 1.42 -76.54
CA SER O 115 8.58 2.83 -76.92
C SER O 115 9.79 3.51 -76.30
N THR O 116 10.11 3.16 -75.06
CA THR O 116 11.25 3.74 -74.39
C THR O 116 12.54 3.43 -75.15
N ALA O 117 12.69 2.20 -75.62
CA ALA O 117 13.84 1.85 -76.45
C ALA O 117 13.83 2.58 -77.78
N LEU O 118 12.67 2.70 -78.42
CA LEU O 118 12.59 3.44 -79.67
C LEU O 118 13.14 4.85 -79.50
N SER O 119 12.61 5.58 -78.50
CA SER O 119 13.01 6.97 -78.33
C SER O 119 14.50 7.09 -78.01
N ALA O 120 15.13 6.01 -77.57
CA ALA O 120 16.52 6.05 -77.16
C ALA O 120 17.51 5.90 -78.30
N ILE O 121 17.05 5.63 -79.52
CA ILE O 121 17.96 5.43 -80.64
C ILE O 121 18.34 6.76 -81.26
N ASN O 122 19.61 6.88 -81.61
CA ASN O 122 20.09 8.09 -82.27
C ASN O 122 19.35 8.28 -83.59
N GLY O 123 18.86 9.49 -83.80
CA GLY O 123 18.13 9.83 -85.00
C GLY O 123 16.62 9.67 -84.87
N VAL O 124 16.16 8.96 -83.83
CA VAL O 124 14.73 8.78 -83.61
C VAL O 124 14.23 10.02 -82.86
N SER O 125 13.77 11.02 -83.61
CA SER O 125 13.27 12.25 -83.00
C SER O 125 11.87 12.08 -82.43
N TRP O 126 11.04 11.27 -83.07
CA TRP O 126 9.66 11.06 -82.62
C TRP O 126 9.30 9.59 -82.84
N SER O 127 8.47 9.06 -81.95
CA SER O 127 8.05 7.67 -82.04
C SER O 127 6.80 7.47 -81.21
N ARG O 128 5.94 6.55 -81.66
CA ARG O 128 4.76 6.16 -80.91
C ARG O 128 4.39 4.73 -81.28
N VAL O 129 3.80 4.03 -80.31
CA VAL O 129 3.43 2.62 -80.46
C VAL O 129 1.93 2.51 -80.18
N TYR O 130 1.23 1.81 -81.07
CA TYR O 130 -0.20 1.56 -80.94
C TYR O 130 -0.42 0.06 -81.01
N VAL O 131 -1.48 -0.40 -80.37
CA VAL O 131 -1.80 -1.82 -80.37
C VAL O 131 -3.30 -1.98 -80.55
N ASN O 132 -3.67 -2.93 -81.40
CA ASN O 132 -5.05 -3.35 -81.58
C ASN O 132 -5.18 -4.76 -81.03
N GLU O 133 -5.89 -4.89 -79.92
CA GLU O 133 -6.09 -6.18 -79.25
C GLU O 133 -7.45 -6.77 -79.56
N ASP O 134 -8.47 -5.94 -79.75
CA ASP O 134 -9.81 -6.43 -80.00
C ASP O 134 -9.84 -7.30 -81.26
N ALA O 135 -10.98 -7.98 -81.45
CA ALA O 135 -11.17 -8.89 -82.58
C ALA O 135 -11.73 -8.18 -83.81
N THR O 136 -12.01 -6.89 -83.72
CA THR O 136 -12.54 -6.12 -84.83
C THR O 136 -11.54 -5.04 -85.25
N THR O 137 -11.46 -4.79 -86.55
CA THR O 137 -10.58 -3.75 -87.05
C THR O 137 -11.01 -2.41 -86.50
N ASP O 138 -10.06 -1.65 -85.98
CA ASP O 138 -10.34 -0.35 -85.38
C ASP O 138 -10.58 0.67 -86.49
N ALA O 139 -11.05 1.85 -86.10
CA ALA O 139 -11.35 2.89 -87.09
C ALA O 139 -10.10 3.46 -87.72
N ASP O 140 -8.95 3.36 -87.05
CA ASP O 140 -7.70 3.87 -87.58
C ASP O 140 -7.04 2.91 -88.56
N GLY O 141 -7.71 1.81 -88.91
CA GLY O 141 -7.21 0.92 -89.95
C GLY O 141 -6.23 -0.14 -89.49
N ILE O 142 -6.10 -0.38 -88.20
CA ILE O 142 -5.19 -1.39 -87.67
C ILE O 142 -5.97 -2.71 -87.59
N PRO O 143 -5.53 -3.77 -88.27
CA PRO O 143 -6.23 -5.04 -88.17
C PRO O 143 -6.18 -5.58 -86.75
N PRO O 144 -7.10 -6.48 -86.38
CA PRO O 144 -7.10 -7.00 -85.01
C PRO O 144 -5.82 -7.76 -84.70
N ASN O 145 -5.41 -7.68 -83.43
CA ASN O 145 -4.25 -8.41 -82.93
C ASN O 145 -2.99 -7.99 -83.68
N THR O 146 -2.65 -6.70 -83.59
CA THR O 146 -1.45 -6.20 -84.26
C THR O 146 -0.86 -5.04 -83.47
N VAL O 147 0.43 -4.78 -83.72
CA VAL O 147 1.15 -3.70 -83.09
C VAL O 147 1.70 -2.80 -84.18
N SER O 148 1.28 -1.55 -84.19
CA SER O 148 1.76 -0.55 -85.14
C SER O 148 2.81 0.34 -84.47
N VAL O 149 3.85 0.68 -85.21
CA VAL O 149 4.91 1.55 -84.71
C VAL O 149 5.12 2.67 -85.70
N ALA O 150 4.94 3.91 -85.26
CA ALA O 150 5.25 5.09 -86.05
C ALA O 150 6.54 5.69 -85.53
N VAL O 151 7.44 6.06 -86.44
CA VAL O 151 8.74 6.57 -86.06
C VAL O 151 9.21 7.56 -87.11
N ILE O 152 9.98 8.55 -86.67
CA ILE O 152 10.58 9.54 -87.55
C ILE O 152 12.08 9.53 -87.30
N GLY O 153 12.85 9.36 -88.37
CA GLY O 153 14.29 9.28 -88.25
C GLY O 153 14.73 7.91 -87.75
N GLY O 154 15.96 7.87 -87.25
CA GLY O 154 16.54 6.63 -86.78
C GLY O 154 16.90 5.72 -87.93
N ASP O 155 17.85 4.81 -87.70
CA ASP O 155 18.25 3.88 -88.74
C ASP O 155 17.27 2.71 -88.83
N ASP O 156 16.88 2.37 -90.06
CA ASP O 156 15.83 1.39 -90.24
C ASP O 156 16.27 -0.01 -89.84
N ASP O 157 17.52 -0.39 -90.06
CA ASP O 157 17.97 -1.71 -89.62
C ASP O 157 17.82 -1.86 -88.10
N GLU O 158 18.38 -0.91 -87.36
CA GLU O 158 18.30 -0.99 -85.90
C GLU O 158 16.86 -0.92 -85.41
N VAL O 159 16.04 -0.05 -86.01
CA VAL O 159 14.67 0.05 -85.50
C VAL O 159 13.90 -1.23 -85.82
N ALA O 160 14.14 -1.84 -86.98
CA ALA O 160 13.50 -3.12 -87.27
C ALA O 160 13.93 -4.18 -86.27
N GLN O 161 15.21 -4.22 -85.91
CA GLN O 161 15.64 -5.16 -84.88
C GLN O 161 14.93 -4.89 -83.55
N LEU O 162 14.85 -3.63 -83.14
CA LEU O 162 14.15 -3.32 -81.89
C LEU O 162 12.69 -3.76 -81.94
N VAL O 163 11.97 -3.42 -83.01
CA VAL O 163 10.56 -3.78 -83.07
C VAL O 163 10.40 -5.30 -83.03
N ARG O 164 11.24 -6.00 -83.79
CA ARG O 164 11.06 -7.43 -83.96
C ARG O 164 11.56 -8.20 -82.73
N ARG O 165 12.39 -7.58 -81.89
CA ARG O 165 12.77 -8.19 -80.62
C ARG O 165 11.69 -8.09 -79.56
N TYR O 166 10.74 -7.16 -79.71
CA TYR O 166 9.69 -6.96 -78.74
C TYR O 166 8.32 -7.46 -79.16
N VAL O 167 8.05 -7.58 -80.45
CA VAL O 167 6.78 -8.14 -80.89
C VAL O 167 6.96 -9.64 -81.09
N VAL O 168 6.08 -10.43 -80.49
CA VAL O 168 6.24 -11.88 -80.48
C VAL O 168 5.61 -12.49 -81.72
N PRO O 169 6.01 -13.69 -82.13
CA PRO O 169 5.41 -14.31 -83.32
C PRO O 169 3.91 -14.50 -83.15
N GLY O 170 3.20 -14.38 -84.26
CA GLY O 170 1.75 -14.44 -84.24
C GLY O 170 1.05 -13.13 -83.99
N VAL O 171 1.78 -12.04 -83.77
CA VAL O 171 1.21 -10.71 -83.67
C VAL O 171 1.60 -9.94 -84.91
N GLY O 172 0.59 -9.48 -85.65
CA GLY O 172 0.84 -8.78 -86.90
C GLY O 172 1.39 -7.39 -86.69
N MET O 173 1.80 -6.79 -87.82
CA MET O 173 2.39 -5.45 -87.82
C MET O 173 1.70 -4.62 -88.90
N TYR O 174 1.20 -3.45 -88.52
CA TYR O 174 0.55 -2.56 -89.44
C TYR O 174 1.41 -1.33 -89.68
N GLY O 175 1.48 -0.91 -90.94
CA GLY O 175 2.27 0.25 -91.30
C GLY O 175 2.28 0.44 -92.80
N ASN O 176 3.05 1.43 -93.25
CA ASN O 176 3.17 1.74 -94.66
C ASN O 176 4.52 1.37 -95.25
N THR O 177 5.60 1.49 -94.48
CA THR O 177 6.94 1.24 -94.96
C THR O 177 7.39 -0.16 -94.58
N THR O 178 8.19 -0.78 -95.44
CA THR O 178 8.71 -2.11 -95.22
C THR O 178 10.22 -2.05 -95.03
N ILE O 179 10.74 -2.89 -94.14
CA ILE O 179 12.16 -2.98 -93.86
C ILE O 179 12.53 -4.46 -93.81
N GLU O 180 13.75 -4.78 -94.22
CA GLU O 180 14.25 -6.15 -94.20
C GLU O 180 15.57 -6.20 -93.46
N THR O 181 15.57 -6.93 -92.34
CA THR O 181 16.77 -7.16 -91.55
C THR O 181 17.02 -8.67 -91.47
N THR O 182 18.29 -9.02 -91.36
CA THR O 182 18.70 -10.42 -91.22
C THR O 182 19.33 -10.61 -89.86
N ILE O 183 18.82 -11.56 -89.10
CA ILE O 183 19.50 -12.10 -87.93
C ILE O 183 19.48 -13.61 -88.04
N GLY O 184 20.64 -14.22 -87.83
CA GLY O 184 20.78 -15.65 -88.06
C GLY O 184 20.50 -15.99 -89.51
N GLY O 185 20.69 -15.00 -90.38
CA GLY O 185 20.40 -15.18 -91.78
C GLY O 185 18.93 -15.23 -92.11
N PHE O 186 18.06 -14.96 -91.13
CA PHE O 186 16.62 -15.10 -91.33
C PHE O 186 16.08 -13.73 -91.68
N CYS O 187 15.81 -13.53 -92.97
CA CYS O 187 15.26 -12.28 -93.46
C CYS O 187 13.78 -12.20 -93.07
N ARG O 188 13.42 -11.18 -92.31
CA ARG O 188 12.03 -10.89 -91.99
C ARG O 188 11.57 -9.63 -92.70
N ARG O 189 10.27 -9.51 -92.85
CA ARG O 189 9.62 -8.32 -93.38
C ARG O 189 9.02 -7.58 -92.18
N ILE O 190 9.66 -6.49 -91.77
CA ILE O 190 9.21 -5.68 -90.64
C ILE O 190 8.49 -4.47 -91.20
N ARG O 191 7.22 -4.32 -90.83
CA ARG O 191 6.40 -3.21 -91.32
C ARG O 191 6.33 -2.12 -90.26
N VAL O 192 6.74 -0.91 -90.64
CA VAL O 192 6.68 0.23 -89.74
C VAL O 192 5.90 1.34 -90.42
N ILE O 193 5.67 2.43 -89.69
CA ILE O 193 5.09 3.64 -90.24
C ILE O 193 6.17 4.70 -90.26
N ARG O 194 6.42 5.28 -91.43
CA ARG O 194 7.24 6.47 -91.59
C ARG O 194 6.31 7.60 -92.00
N PRO O 195 5.75 8.34 -91.05
CA PRO O 195 4.61 9.21 -91.36
C PRO O 195 4.92 10.20 -92.47
N VAL O 196 3.85 10.69 -93.09
CA VAL O 196 3.93 11.65 -94.17
C VAL O 196 3.64 13.03 -93.57
N LEU O 197 4.58 13.95 -93.70
CA LEU O 197 4.48 15.28 -93.10
C LEU O 197 3.76 16.19 -94.07
N ILE O 198 2.55 16.60 -93.72
CA ILE O 198 1.82 17.57 -94.54
C ILE O 198 1.95 18.95 -93.91
N PRO O 199 2.61 19.90 -94.55
CA PRO O 199 2.68 21.25 -93.98
C PRO O 199 1.27 21.81 -93.80
N THR O 200 1.07 22.45 -92.65
CA THR O 200 -0.24 22.92 -92.25
C THR O 200 -0.19 24.41 -91.98
N SER O 201 -1.15 25.12 -92.54
CA SER O 201 -1.37 26.54 -92.28
C SER O 201 -2.45 26.69 -91.22
N VAL O 202 -2.16 27.50 -90.20
CA VAL O 202 -3.03 27.67 -89.04
C VAL O 202 -3.32 29.15 -88.82
N GLU O 203 -4.57 29.46 -88.48
CA GLU O 203 -5.02 30.82 -88.25
C GLU O 203 -5.87 30.82 -86.99
N ILE O 204 -5.41 31.48 -85.92
CA ILE O 204 -6.09 31.47 -84.63
C ILE O 204 -6.48 32.89 -84.28
N ASP O 205 -7.74 33.08 -83.91
CA ASP O 205 -8.27 34.38 -83.51
C ASP O 205 -8.69 34.30 -82.05
N VAL O 206 -8.19 35.26 -81.25
CA VAL O 206 -8.32 35.23 -79.80
C VAL O 206 -8.79 36.58 -79.28
N GLN O 207 -9.47 36.54 -78.13
CA GLN O 207 -9.82 37.73 -77.36
C GLN O 207 -9.03 37.70 -76.06
N SER O 208 -8.47 38.84 -75.67
CA SER O 208 -7.73 38.90 -74.42
C SER O 208 -8.67 38.98 -73.23
N ARG O 209 -8.29 38.31 -72.15
CA ARG O 209 -9.00 38.39 -70.87
C ARG O 209 -7.98 38.68 -69.78
N PRO O 210 -7.36 39.86 -69.82
CA PRO O 210 -6.34 40.20 -68.83
C PRO O 210 -6.94 40.58 -67.50
N LEU O 211 -6.69 39.77 -66.48
CA LEU O 211 -7.22 40.06 -65.15
C LEU O 211 -6.59 41.31 -64.56
N LYS O 212 -7.25 41.86 -63.55
CA LYS O 212 -7.00 43.24 -63.13
C LYS O 212 -5.53 43.48 -62.81
N ASN O 213 -4.87 42.54 -62.14
CA ASN O 213 -3.45 42.65 -61.80
C ASN O 213 -2.72 41.48 -62.47
N GLY O 214 -2.22 41.73 -63.67
CA GLY O 214 -1.50 40.69 -64.37
C GLY O 214 -0.89 41.25 -65.65
N CYS O 215 -0.09 40.41 -66.28
CA CYS O 215 0.53 40.80 -67.53
C CYS O 215 -0.55 41.12 -68.56
N PRO O 216 -0.32 42.12 -69.42
CA PRO O 216 -1.33 42.46 -70.42
C PRO O 216 -1.44 41.36 -71.46
N PRO O 217 -2.26 41.56 -72.48
CA PRO O 217 -2.34 40.58 -73.56
C PRO O 217 -0.97 40.28 -74.13
N PRO O 218 -0.57 39.02 -74.18
CA PRO O 218 0.76 38.69 -74.72
C PRO O 218 0.88 39.07 -76.18
N SER O 219 2.11 39.36 -76.59
CA SER O 219 2.37 39.81 -77.95
C SER O 219 2.07 38.72 -78.96
N VAL O 220 1.74 39.16 -80.18
CA VAL O 220 1.31 38.22 -81.22
C VAL O 220 2.45 37.28 -81.60
N ASN O 221 3.65 37.82 -81.79
CA ASN O 221 4.77 36.97 -82.20
C ASN O 221 5.19 36.02 -81.10
N ALA O 222 5.25 36.49 -79.86
CA ALA O 222 5.59 35.58 -78.76
C ALA O 222 4.56 34.46 -78.67
N MET O 223 3.28 34.80 -78.80
CA MET O 223 2.22 33.80 -78.65
C MET O 223 2.09 32.90 -79.85
N ALA O 224 2.54 33.32 -81.01
CA ALA O 224 2.62 32.45 -82.17
C ALA O 224 3.87 31.59 -82.17
N ALA O 225 4.91 32.00 -81.43
CA ALA O 225 6.11 31.17 -81.34
C ALA O 225 5.97 30.12 -80.23
N GLY O 226 5.27 30.48 -79.15
CA GLY O 226 4.99 29.51 -78.11
C GLY O 226 4.14 28.34 -78.59
N LEU O 227 3.24 28.59 -79.53
CA LEU O 227 2.46 27.50 -80.10
C LEU O 227 3.31 26.65 -81.04
N TYR O 228 4.17 27.30 -81.83
CA TYR O 228 5.05 26.54 -82.72
C TYR O 228 5.97 25.62 -81.95
N THR O 229 6.57 26.11 -80.88
CA THR O 229 7.48 25.28 -80.09
C THR O 229 6.74 24.09 -79.50
N GLU O 230 5.53 24.34 -78.97
CA GLU O 230 4.74 23.24 -78.42
C GLU O 230 4.37 22.21 -79.47
N LEU O 231 3.99 22.66 -80.67
CA LEU O 231 3.56 21.76 -81.73
C LEU O 231 4.70 21.05 -82.42
N THR O 232 5.92 21.56 -82.31
CA THR O 232 7.09 20.83 -82.78
C THR O 232 7.86 20.16 -81.65
N GLY O 233 7.31 20.16 -80.43
CA GLY O 233 7.95 19.52 -79.31
C GLY O 233 7.64 18.03 -79.20
N PRO O 234 8.08 17.41 -78.11
CA PRO O 234 7.83 15.97 -77.92
C PRO O 234 6.38 15.61 -77.74
N ASP O 235 5.51 16.55 -77.39
CA ASP O 235 4.08 16.30 -77.28
C ASP O 235 3.32 16.78 -78.52
N ARG O 236 3.94 16.68 -79.69
CA ARG O 236 3.35 17.17 -80.91
C ARG O 236 2.13 16.34 -81.28
N PRO O 237 1.20 16.91 -82.06
CA PRO O 237 0.14 16.08 -82.64
C PRO O 237 0.74 14.95 -83.46
N GLY O 238 0.30 13.73 -83.18
CA GLY O 238 0.83 12.55 -83.84
C GLY O 238 0.08 12.23 -85.12
N ASN O 239 0.47 11.13 -85.74
CA ASN O 239 -0.16 10.69 -86.97
C ASN O 239 -1.63 10.37 -86.74
N GLY O 240 -2.46 10.62 -87.75
CA GLY O 240 -3.87 10.34 -87.65
C GLY O 240 -4.61 11.22 -86.68
N GLU O 241 -3.99 12.33 -86.26
CA GLU O 241 -4.63 13.31 -85.38
C GLU O 241 -5.24 14.40 -86.25
N ASP O 242 -6.57 14.49 -86.24
CA ASP O 242 -7.25 15.48 -87.05
C ASP O 242 -7.13 16.86 -86.41
N GLY O 243 -6.52 17.80 -87.12
CA GLY O 243 -6.45 19.15 -86.63
C GLY O 243 -7.83 19.69 -86.34
N THR O 244 -8.06 20.13 -85.12
CA THR O 244 -9.41 20.48 -84.68
C THR O 244 -9.33 21.72 -83.79
N VAL O 245 -10.49 22.36 -83.62
CA VAL O 245 -10.56 23.49 -82.69
C VAL O 245 -10.12 23.05 -81.31
N TYR O 246 -10.53 21.86 -80.88
CA TYR O 246 -10.19 21.39 -79.54
C TYR O 246 -8.69 21.39 -79.30
N LEU O 247 -7.93 20.77 -80.19
CA LEU O 247 -6.50 20.65 -79.99
C LEU O 247 -5.85 22.02 -79.81
N PHE O 248 -6.07 22.91 -80.76
CA PHE O 248 -5.37 24.19 -80.78
C PHE O 248 -5.87 25.12 -79.68
N ARG O 249 -7.17 25.13 -79.42
CA ARG O 249 -7.69 25.91 -78.31
C ARG O 249 -7.15 25.45 -76.97
N LYS O 250 -7.09 24.13 -76.74
CA LYS O 250 -6.51 23.63 -75.51
C LYS O 250 -5.06 24.05 -75.37
N ILE O 251 -4.25 23.84 -76.41
CA ILE O 251 -2.85 24.24 -76.31
C ILE O 251 -2.73 25.73 -76.05
N MET O 252 -3.45 26.54 -76.83
CA MET O 252 -3.34 27.99 -76.72
C MET O 252 -3.68 28.45 -75.31
N GLU O 253 -4.82 28.00 -74.79
CA GLU O 253 -5.27 28.53 -73.50
C GLU O 253 -4.46 27.97 -72.34
N ARG O 254 -3.98 26.72 -72.46
CA ARG O 254 -3.10 26.22 -71.42
C ARG O 254 -1.78 26.97 -71.39
N LEU O 255 -1.26 27.37 -72.56
CA LEU O 255 -0.04 28.18 -72.56
C LEU O 255 -0.30 29.60 -72.08
N TYR O 256 -1.45 30.18 -72.40
CA TYR O 256 -1.70 31.60 -72.18
C TYR O 256 -3.02 31.76 -71.44
N PRO O 257 -3.04 31.62 -70.10
CA PRO O 257 -4.31 31.65 -69.38
C PRO O 257 -5.12 32.93 -69.53
N ASN O 258 -4.48 34.06 -69.79
CA ASN O 258 -5.16 35.34 -69.91
C ASN O 258 -5.56 35.65 -71.34
N VAL O 259 -5.79 34.61 -72.15
CA VAL O 259 -6.23 34.76 -73.54
C VAL O 259 -7.29 33.73 -73.82
N GLU O 260 -8.36 34.14 -74.51
CA GLU O 260 -9.41 33.23 -74.96
C GLU O 260 -9.35 33.13 -76.48
N VAL O 261 -9.67 31.95 -76.98
CA VAL O 261 -9.64 31.69 -78.42
C VAL O 261 -11.01 31.95 -79.01
N VAL O 262 -11.04 32.75 -80.07
CA VAL O 262 -12.28 33.01 -80.80
C VAL O 262 -12.56 31.90 -81.80
N ASP O 263 -11.59 31.60 -82.67
CA ASP O 263 -11.81 30.59 -83.71
C ASP O 263 -10.48 29.96 -84.09
N VAL O 264 -10.56 28.89 -84.87
CA VAL O 264 -9.41 28.22 -85.46
C VAL O 264 -9.73 27.95 -86.92
N ARG O 265 -8.72 28.10 -87.79
CA ARG O 265 -8.83 27.75 -89.19
C ARG O 265 -7.56 27.03 -89.61
N LEU O 266 -7.71 25.97 -90.42
CA LEU O 266 -6.61 25.09 -90.75
C LEU O 266 -6.67 24.73 -92.24
N SER O 267 -5.51 24.53 -92.84
CA SER O 267 -5.43 24.11 -94.23
C SER O 267 -4.03 23.55 -94.49
N GLN O 268 -3.76 23.21 -95.74
CA GLN O 268 -2.46 22.70 -96.17
C GLN O 268 -1.80 23.70 -97.11
N ALA O 269 -0.51 23.92 -96.91
CA ALA O 269 0.21 24.85 -97.76
C ALA O 269 0.18 24.36 -99.19
N PRO O 270 -0.18 25.21 -100.17
CA PRO O 270 -0.56 26.63 -100.06
C PRO O 270 -2.05 26.87 -99.88
N ALA O 271 -2.86 25.81 -99.82
CA ALA O 271 -4.30 25.97 -99.80
C ALA O 271 -4.72 26.89 -98.65
N ALA O 272 -5.66 27.77 -98.94
CA ALA O 272 -6.07 28.82 -98.02
C ALA O 272 -6.75 28.23 -96.78
N PRO O 273 -6.69 28.93 -95.65
CA PRO O 273 -7.26 28.38 -94.41
C PRO O 273 -8.76 28.13 -94.55
N THR O 274 -9.23 27.07 -93.90
CA THR O 274 -10.63 26.69 -93.86
C THR O 274 -11.01 26.26 -92.45
N THR O 275 -12.31 26.11 -92.23
CA THR O 275 -12.78 25.68 -90.92
C THR O 275 -12.34 24.25 -90.64
N PRO O 276 -12.17 23.89 -89.37
CA PRO O 276 -11.88 22.50 -89.02
C PRO O 276 -13.11 21.63 -89.18
N PRO O 277 -12.99 20.31 -88.99
CA PRO O 277 -11.77 19.55 -88.70
C PRO O 277 -10.90 19.29 -89.92
N LEU O 278 -9.59 19.32 -89.75
CA LEU O 278 -8.66 18.94 -90.82
C LEU O 278 -8.37 17.46 -90.71
N VAL O 279 -8.85 16.70 -91.69
CA VAL O 279 -8.84 15.23 -91.63
C VAL O 279 -7.44 14.76 -92.01
N MET O 280 -6.85 13.94 -91.15
CA MET O 280 -5.59 13.26 -91.44
C MET O 280 -5.73 11.76 -91.21
N SER O 281 -5.28 11.00 -92.20
CA SER O 281 -5.30 9.55 -92.11
C SER O 281 -4.21 9.07 -91.14
N PHE O 282 -4.27 7.79 -90.81
CA PHE O 282 -3.36 7.25 -89.81
C PHE O 282 -1.91 7.32 -90.26
N PHE O 283 -1.64 7.55 -91.54
CA PHE O 283 -0.28 7.63 -92.05
C PHE O 283 0.22 9.06 -92.17
N GLN O 284 -0.69 10.01 -92.30
CA GLN O 284 -0.32 11.41 -92.39
C GLN O 284 -0.13 12.02 -91.01
N MET O 285 0.75 13.00 -90.93
CA MET O 285 0.96 13.78 -89.72
C MET O 285 1.03 15.25 -90.10
N MET O 286 0.36 16.11 -89.32
CA MET O 286 0.42 17.53 -89.58
C MET O 286 1.83 18.05 -89.32
N SER O 287 2.32 18.90 -90.23
CA SER O 287 3.59 19.58 -90.07
C SER O 287 3.36 21.07 -89.94
N PHE O 288 4.40 21.78 -89.51
CA PHE O 288 4.26 23.19 -89.18
C PHE O 288 5.56 23.94 -89.49
N ASN O 289 5.40 25.21 -89.85
CA ASN O 289 6.50 26.15 -89.99
C ASN O 289 6.22 27.34 -89.10
N ALA O 290 7.28 27.95 -88.59
CA ALA O 290 7.11 29.08 -87.68
C ALA O 290 6.44 30.24 -88.38
N ASP O 291 6.83 30.53 -89.62
CA ASP O 291 6.23 31.65 -90.34
C ASP O 291 4.79 31.35 -90.75
N ASP O 292 4.42 30.07 -90.82
CA ASP O 292 3.06 29.71 -91.18
C ASP O 292 2.09 29.77 -90.02
N ILE O 293 2.52 30.28 -88.87
CA ILE O 293 1.64 30.53 -87.74
C ILE O 293 1.24 32.00 -87.74
N LEU O 294 -0.06 32.26 -87.72
CA LEU O 294 -0.58 33.62 -87.65
C LEU O 294 -1.69 33.70 -86.61
N VAL O 295 -1.55 34.63 -85.66
CA VAL O 295 -2.57 34.90 -84.65
C VAL O 295 -2.88 36.38 -84.67
N GLU O 296 -4.15 36.70 -84.44
CA GLU O 296 -4.58 38.08 -84.33
C GLU O 296 -5.62 38.18 -83.23
N ILE O 297 -5.55 39.27 -82.47
CA ILE O 297 -6.45 39.49 -81.35
C ILE O 297 -7.77 40.04 -81.87
N VAL O 298 -8.85 39.62 -81.22
CA VAL O 298 -10.20 40.04 -81.58
C VAL O 298 -10.71 41.01 -80.53
N PRO O 299 -11.36 42.11 -80.90
CA PRO O 299 -11.88 43.02 -79.87
C PRO O 299 -13.05 42.38 -79.11
N MET P 1 -2.51 46.52 68.14
CA MET P 1 -2.53 45.76 66.89
C MET P 1 -3.80 46.06 66.11
N THR P 2 -3.96 47.32 65.71
CA THR P 2 -5.16 47.69 64.95
C THR P 2 -5.25 46.94 63.63
N TYR P 3 -4.13 46.47 63.10
CA TYR P 3 -4.10 45.76 61.84
C TYR P 3 -4.34 44.27 62.09
N GLY P 4 -4.56 43.54 61.00
CA GLY P 4 -4.81 42.12 61.08
C GLY P 4 -6.28 41.79 61.03
N VAL P 5 -6.71 40.89 61.91
CA VAL P 5 -8.12 40.52 62.00
C VAL P 5 -8.76 41.37 63.09
N GLN P 6 -9.74 42.18 62.72
CA GLN P 6 -10.43 43.07 63.63
C GLN P 6 -11.91 42.80 63.55
N PRO P 7 -12.69 43.21 64.57
CA PRO P 7 -14.12 42.95 64.54
C PRO P 7 -14.83 43.54 63.35
N THR P 8 -14.21 44.50 62.67
CA THR P 8 -14.77 45.09 61.45
C THR P 8 -14.32 44.38 60.18
N GLY P 9 -13.47 43.38 60.28
CA GLY P 9 -12.96 42.67 59.12
C GLY P 9 -11.46 42.56 59.21
N TYR P 10 -10.83 42.18 58.10
CA TYR P 10 -9.38 42.07 58.05
C TYR P 10 -8.82 43.42 57.63
N VAL P 11 -7.90 43.95 58.43
CA VAL P 11 -7.35 45.29 58.20
C VAL P 11 -5.92 45.15 57.71
N LYS P 12 -5.63 45.73 56.55
CA LYS P 12 -4.33 45.57 55.90
C LYS P 12 -3.42 46.72 56.27
N LYS P 13 -2.20 46.39 56.65
CA LYS P 13 -1.21 47.42 56.91
C LYS P 13 -0.70 47.97 55.59
N PRO P 14 -0.83 49.28 55.34
CA PRO P 14 -0.44 49.82 54.03
C PRO P 14 1.05 49.63 53.74
N LEU P 15 1.35 49.58 52.44
CA LEU P 15 2.74 49.50 52.01
C LEU P 15 3.55 50.67 52.58
N ALA P 16 2.94 51.84 52.66
CA ALA P 16 3.60 52.99 53.27
C ALA P 16 3.98 52.73 54.72
N VAL P 17 3.11 52.09 55.49
CA VAL P 17 3.42 51.82 56.88
C VAL P 17 4.49 50.74 57.00
N HIS P 18 4.43 49.72 56.14
CA HIS P 18 5.50 48.74 56.12
C HIS P 18 6.84 49.42 55.90
N LEU P 19 6.90 50.31 54.91
CA LEU P 19 8.14 51.01 54.61
C LEU P 19 8.56 51.91 55.76
N ALA P 20 7.60 52.56 56.42
CA ALA P 20 7.96 53.41 57.55
C ALA P 20 8.60 52.59 58.66
N GLU P 21 8.05 51.42 58.95
CA GLU P 21 8.64 50.57 60.00
C GLU P 21 10.02 50.08 59.60
N ILE P 22 10.21 49.69 58.33
CA ILE P 22 11.54 49.26 57.91
C ILE P 22 12.53 50.40 58.02
N GLU P 23 12.12 51.61 57.61
CA GLU P 23 13.02 52.75 57.66
C GLU P 23 13.38 53.10 59.10
N ALA P 24 12.42 52.99 60.02
CA ALA P 24 12.74 53.16 61.43
C ALA P 24 13.73 52.10 61.90
N SER P 25 13.54 50.85 61.49
CA SER P 25 14.50 49.81 61.86
C SER P 25 15.89 50.07 61.31
N MET P 26 15.99 50.76 60.18
CA MET P 26 17.30 51.09 59.63
C MET P 26 17.94 52.29 60.32
N VAL P 27 17.15 53.28 60.71
CA VAL P 27 17.72 54.46 61.38
C VAL P 27 18.36 54.08 62.69
N ASP P 28 17.74 53.15 63.44
CA ASP P 28 18.37 52.68 64.67
C ASP P 28 19.71 52.01 64.41
N LEU P 29 19.76 51.09 63.44
CA LEU P 29 20.96 50.33 63.14
C LEU P 29 22.09 51.19 62.59
N PHE P 30 21.84 52.00 61.56
CA PHE P 30 22.89 52.80 60.96
C PHE P 30 22.98 54.21 61.54
N GLY P 31 21.92 54.70 62.17
CA GLY P 31 21.94 56.01 62.76
C GLY P 31 21.21 57.02 61.89
N PRO P 32 21.08 58.25 62.40
CA PRO P 32 20.31 59.26 61.64
C PRO P 32 20.93 59.64 60.31
N GLY P 33 22.22 59.42 60.12
CA GLY P 33 22.90 59.84 58.91
C GLY P 33 22.75 58.91 57.72
N VAL P 34 22.01 57.82 57.85
CA VAL P 34 21.83 56.90 56.74
C VAL P 34 20.81 57.46 55.76
N ILE P 35 20.93 57.08 54.49
CA ILE P 35 20.08 57.59 53.42
C ILE P 35 19.24 56.43 52.90
N GLN P 36 17.91 56.51 53.10
CA GLN P 36 16.98 55.56 52.50
C GLN P 36 16.28 56.14 51.29
N THR P 37 16.91 57.10 50.60
CA THR P 37 16.31 57.64 49.39
C THR P 37 15.90 56.51 48.45
N GLU P 38 14.75 56.69 47.81
CA GLU P 38 14.16 55.60 47.03
C GLU P 38 15.05 55.11 45.90
N GLN P 39 15.97 55.94 45.41
CA GLN P 39 16.89 55.53 44.35
C GLN P 39 18.20 54.98 44.90
N SER P 40 18.48 55.17 46.18
CA SER P 40 19.73 54.76 46.78
C SER P 40 19.74 53.25 47.00
N PRO P 41 20.93 52.67 47.19
CA PRO P 41 21.01 51.21 47.39
C PRO P 41 20.17 50.71 48.54
N LEU P 42 20.14 51.42 49.67
CA LEU P 42 19.36 50.97 50.81
C LEU P 42 17.86 51.17 50.58
N GLY P 43 17.48 52.27 49.93
CA GLY P 43 16.09 52.47 49.59
C GLY P 43 15.54 51.42 48.66
N GLN P 44 16.37 50.96 47.72
CA GLN P 44 15.95 49.85 46.85
C GLN P 44 15.61 48.61 47.67
N LEU P 45 16.50 48.22 48.58
CA LEU P 45 16.26 47.03 49.38
C LEU P 45 15.03 47.21 50.27
N ASN P 46 14.88 48.40 50.85
CA ASN P 46 13.71 48.65 51.67
C ASN P 46 12.43 48.55 50.86
N GLY P 47 12.42 49.10 49.65
CA GLY P 47 11.25 48.95 48.80
C GLY P 47 10.94 47.50 48.51
N LEU P 48 11.96 46.71 48.16
CA LEU P 48 11.74 45.30 47.88
C LEU P 48 11.11 44.58 49.06
N TYR P 49 11.69 44.73 50.25
CA TYR P 49 11.18 43.97 51.38
C TYR P 49 9.89 44.53 51.95
N ALA P 50 9.63 45.84 51.82
CA ALA P 50 8.31 46.36 52.14
C ALA P 50 7.25 45.78 51.22
N ASP P 51 7.58 45.64 49.93
CA ASP P 51 6.64 45.01 49.01
C ASP P 51 6.39 43.57 49.39
N LEU P 52 7.43 42.83 49.75
CA LEU P 52 7.24 41.45 50.19
C LEU P 52 6.38 41.37 51.44
N SER P 53 6.61 42.27 52.39
CA SER P 53 5.79 42.29 53.60
C SER P 53 4.33 42.58 53.26
N TYR P 54 4.08 43.54 52.37
CA TYR P 54 2.71 43.83 51.99
C TYR P 54 2.08 42.64 51.28
N ASP P 55 2.86 41.93 50.47
CA ASP P 55 2.35 40.74 49.80
C ASP P 55 1.98 39.67 50.81
N LEU P 56 2.68 39.61 51.94
CA LEU P 56 2.24 38.73 53.03
C LEU P 56 0.88 39.15 53.56
N ASP P 57 0.66 40.45 53.78
CA ASP P 57 -0.66 40.91 54.19
C ASP P 57 -1.73 40.49 53.18
N GLU P 58 -1.38 40.51 51.90
CA GLU P 58 -2.34 40.05 50.89
C GLU P 58 -2.72 38.60 51.14
N ARG P 59 -1.74 37.75 51.45
CA ARG P 59 -2.05 36.35 51.73
C ARG P 59 -2.90 36.21 52.97
N GLY P 60 -2.67 37.05 53.97
CA GLY P 60 -3.54 37.06 55.14
C GLY P 60 -4.97 37.40 54.79
N GLU P 61 -5.17 38.44 53.99
CA GLU P 61 -6.50 38.79 53.54
C GLU P 61 -7.14 37.64 52.79
N ASP P 62 -6.38 36.96 51.93
CA ASP P 62 -6.91 35.86 51.16
C ASP P 62 -7.31 34.70 52.07
N LEU P 63 -6.48 34.37 53.05
CA LEU P 63 -6.81 33.34 54.01
C LEU P 63 -8.07 33.67 54.77
N TYR P 64 -8.24 34.94 55.16
CA TYR P 64 -9.47 35.34 55.83
C TYR P 64 -10.69 35.23 54.92
N GLN P 65 -10.57 35.65 53.66
CA GLN P 65 -11.70 35.61 52.75
C GLN P 65 -12.04 34.21 52.27
N SER P 66 -11.13 33.26 52.38
CA SER P 66 -11.43 31.90 51.98
C SER P 66 -12.49 31.24 52.87
N PHE P 67 -12.81 31.85 54.01
CA PHE P 67 -13.76 31.31 54.97
C PHE P 67 -15.01 32.17 55.00
N ASP P 68 -15.32 32.79 53.87
CA ASP P 68 -16.43 33.71 53.77
C ASP P 68 -17.26 33.38 52.54
N PRO P 69 -18.51 32.96 52.69
CA PRO P 69 -19.30 32.57 51.50
C PRO P 69 -19.44 33.66 50.46
N GLU P 70 -19.43 34.94 50.84
CA GLU P 70 -19.48 35.99 49.82
C GLU P 70 -18.16 36.18 49.09
N GLN P 71 -17.07 35.66 49.62
CA GLN P 71 -15.77 35.82 48.99
C GLN P 71 -15.13 34.50 48.58
N ALA P 72 -15.54 33.38 49.15
CA ALA P 72 -15.03 32.11 48.70
C ALA P 72 -15.66 31.75 47.35
N GLU P 73 -15.11 30.72 46.73
CA GLU P 73 -15.49 30.39 45.37
C GLU P 73 -14.91 29.05 44.97
N GLY P 74 -15.75 28.23 44.33
CA GLY P 74 -15.31 26.94 43.85
C GLY P 74 -15.30 25.89 44.95
N SER P 75 -14.17 25.22 45.10
CA SER P 75 -14.10 24.10 46.03
C SER P 75 -14.29 24.55 47.46
N ARG P 76 -13.78 25.72 47.84
CA ARG P 76 -14.01 26.18 49.21
C ARG P 76 -15.45 26.59 49.41
N LEU P 77 -16.10 27.13 48.39
CA LEU P 77 -17.52 27.42 48.52
C LEU P 77 -18.29 26.15 48.75
N ASP P 78 -17.93 25.06 48.07
CA ASP P 78 -18.57 23.77 48.30
C ASP P 78 -18.26 23.23 49.69
N ILE P 79 -17.01 23.36 50.12
CA ILE P 79 -16.60 22.84 51.42
C ILE P 79 -17.30 23.57 52.55
N LEU P 80 -17.49 24.88 52.42
CA LEU P 80 -18.25 25.62 53.42
C LEU P 80 -19.69 25.17 53.45
N ALA P 81 -20.27 24.93 52.27
CA ALA P 81 -21.64 24.43 52.19
C ALA P 81 -21.77 23.03 52.77
N ARG P 82 -20.68 22.28 52.82
CA ARG P 82 -20.71 20.97 53.45
C ARG P 82 -20.85 21.03 54.96
N TYR P 83 -20.79 22.21 55.57
CA TYR P 83 -21.15 22.30 56.97
C TYR P 83 -22.61 21.98 57.21
N ARG P 84 -23.48 22.25 56.23
CA ARG P 84 -24.87 21.86 56.26
C ARG P 84 -25.21 20.83 55.19
N LEU P 85 -24.21 20.34 54.46
CA LEU P 85 -24.40 19.31 53.43
C LEU P 85 -25.25 19.83 52.28
N LEU P 86 -25.10 21.11 51.95
CA LEU P 86 -25.68 21.62 50.73
C LEU P 86 -24.80 21.21 49.56
N SER P 87 -25.37 21.23 48.35
CA SER P 87 -24.61 20.86 47.17
C SER P 87 -24.96 21.79 46.02
N ARG P 88 -24.04 21.87 45.06
CA ARG P 88 -24.19 22.68 43.88
C ARG P 88 -24.89 21.87 42.79
N ARG P 89 -25.76 22.52 42.02
CA ARG P 89 -26.38 21.90 40.87
C ARG P 89 -25.45 21.93 39.67
N ALA P 90 -25.86 21.26 38.60
CA ALA P 90 -25.10 21.33 37.36
C ALA P 90 -25.11 22.77 36.83
N GLY P 91 -23.92 23.28 36.55
CA GLY P 91 -23.79 24.61 35.98
C GLY P 91 -24.27 25.74 36.87
N GLU P 92 -24.44 25.49 38.17
CA GLU P 92 -24.87 26.55 39.07
C GLU P 92 -23.71 27.51 39.33
N SER P 93 -24.00 28.80 39.28
CA SER P 93 -22.98 29.81 39.52
C SER P 93 -22.66 29.90 41.01
N ASP P 94 -21.46 30.41 41.29
CA ASP P 94 -21.08 30.65 42.67
C ASP P 94 -22.06 31.59 43.36
N GLU P 95 -22.61 32.55 42.62
CA GLU P 95 -23.55 33.49 43.23
C GLU P 95 -24.85 32.79 43.60
N SER P 96 -25.38 31.97 42.69
CA SER P 96 -26.62 31.25 42.98
C SER P 96 -26.44 30.30 44.15
N PHE P 97 -25.31 29.59 44.18
CA PHE P 97 -25.03 28.67 45.28
C PHE P 97 -24.83 29.44 46.58
N ARG P 98 -24.22 30.62 46.48
CA ARG P 98 -23.94 31.45 47.64
C ARG P 98 -25.20 32.00 48.28
N ARG P 99 -26.21 32.37 47.48
CA ARG P 99 -27.47 32.76 48.08
C ARG P 99 -28.11 31.62 48.85
N ALA P 100 -28.05 30.39 48.33
CA ALA P 100 -28.55 29.24 49.05
C ALA P 100 -27.75 28.99 50.33
N ILE P 101 -26.44 29.22 50.30
CA ILE P 101 -25.63 29.06 51.51
C ILE P 101 -26.04 30.08 52.56
N THR P 102 -26.09 31.36 52.18
CA THR P 102 -26.31 32.41 53.17
C THR P 102 -27.75 32.49 53.64
N ASN P 103 -28.68 31.92 52.88
CA ASN P 103 -30.10 32.12 53.14
C ASN P 103 -30.43 33.60 53.12
N VAL P 104 -30.15 34.21 51.97
CA VAL P 104 -30.42 35.63 51.78
C VAL P 104 -31.89 35.80 52.10
N ASP P 105 -32.28 37.02 52.48
CA ASP P 105 -33.52 37.23 53.19
C ASP P 105 -34.66 36.42 52.60
N ARG P 106 -35.21 35.51 53.40
CA ARG P 106 -36.26 34.61 52.99
C ARG P 106 -37.55 34.79 53.76
N ALA P 107 -37.50 35.37 54.96
CA ALA P 107 -38.67 35.52 55.82
C ALA P 107 -39.15 34.18 56.35
N ARG P 108 -38.39 33.12 56.05
CA ARG P 108 -38.67 31.82 56.64
C ARG P 108 -37.34 31.07 56.74
N ILE P 109 -36.64 31.26 57.87
CA ILE P 109 -35.30 30.72 58.04
C ILE P 109 -35.29 29.20 58.04
N ASP P 110 -36.24 28.57 58.71
CA ASP P 110 -36.56 27.18 58.46
C ASP P 110 -37.30 27.09 57.12
N LEU P 111 -37.42 25.86 56.62
CA LEU P 111 -38.00 25.55 55.31
C LEU P 111 -37.08 25.92 54.16
N SER P 112 -36.02 26.68 54.42
CA SER P 112 -35.03 26.92 53.40
C SER P 112 -34.25 25.67 53.08
N ASP P 113 -33.99 24.83 54.08
CA ASP P 113 -33.32 23.56 53.83
C ASP P 113 -34.14 22.67 52.91
N LEU P 114 -35.44 22.54 53.17
CA LEU P 114 -36.29 21.75 52.29
C LEU P 114 -36.37 22.37 50.91
N SER P 115 -36.52 23.70 50.84
CA SER P 115 -36.58 24.34 49.53
C SER P 115 -35.32 24.07 48.72
N THR P 116 -34.16 24.23 49.34
CA THR P 116 -32.90 24.00 48.67
C THR P 116 -32.75 22.54 48.24
N ALA P 117 -33.12 21.62 49.13
CA ALA P 117 -32.99 20.21 48.80
C ALA P 117 -33.88 19.85 47.62
N LEU P 118 -35.10 20.40 47.57
CA LEU P 118 -35.96 20.15 46.42
C LEU P 118 -35.34 20.68 45.14
N SER P 119 -34.82 21.90 45.15
CA SER P 119 -34.20 22.44 43.96
C SER P 119 -32.96 21.66 43.56
N ALA P 120 -32.36 20.94 44.49
CA ALA P 120 -31.15 20.19 44.21
C ALA P 120 -31.40 18.81 43.59
N ILE P 121 -32.66 18.41 43.41
CA ILE P 121 -32.95 17.16 42.70
C ILE P 121 -32.78 17.39 41.21
N ASN P 122 -32.31 16.35 40.51
CA ASN P 122 -32.10 16.45 39.07
C ASN P 122 -33.44 16.58 38.35
N GLY P 123 -33.53 17.58 37.47
CA GLY P 123 -34.70 17.77 36.64
C GLY P 123 -35.75 18.68 37.23
N VAL P 124 -35.55 19.18 38.45
CA VAL P 124 -36.55 20.05 39.09
C VAL P 124 -36.36 21.47 38.59
N SER P 125 -37.11 21.85 37.56
CA SER P 125 -36.96 23.17 36.96
C SER P 125 -37.54 24.27 37.83
N TRP P 126 -38.57 23.96 38.62
CA TRP P 126 -39.18 24.95 39.51
C TRP P 126 -39.70 24.23 40.74
N SER P 127 -39.61 24.90 41.90
CA SER P 127 -40.02 24.31 43.16
C SER P 127 -40.43 25.42 44.12
N ARG P 128 -41.23 25.05 45.11
CA ARG P 128 -41.67 26.00 46.13
C ARG P 128 -42.28 25.24 47.30
N VAL P 129 -42.23 25.85 48.48
CA VAL P 129 -42.69 25.25 49.72
C VAL P 129 -43.68 26.19 50.37
N TYR P 130 -44.80 25.66 50.83
CA TYR P 130 -45.87 26.42 51.45
C TYR P 130 -46.24 25.77 52.77
N VAL P 131 -46.69 26.58 53.73
CA VAL P 131 -47.08 26.06 55.03
C VAL P 131 -48.29 26.82 55.56
N ASN P 132 -49.16 26.08 56.24
CA ASN P 132 -50.29 26.61 57.00
C ASN P 132 -50.14 26.07 58.41
N GLU P 133 -49.48 26.85 59.28
CA GLU P 133 -49.25 26.44 60.66
C GLU P 133 -50.36 26.91 61.60
N ASP P 134 -51.41 27.51 61.06
CA ASP P 134 -52.54 27.96 61.87
C ASP P 134 -53.58 26.87 62.00
N ALA P 135 -54.51 27.06 62.93
CA ALA P 135 -55.54 26.08 63.24
C ALA P 135 -56.75 26.19 62.34
N THR P 136 -56.73 27.10 61.37
CA THR P 136 -57.83 27.26 60.42
C THR P 136 -57.28 27.23 59.00
N THR P 137 -58.11 26.75 58.09
CA THR P 137 -57.70 26.64 56.70
C THR P 137 -57.45 28.02 56.11
N ASP P 138 -56.40 28.13 55.31
CA ASP P 138 -56.08 29.39 54.66
C ASP P 138 -56.94 29.57 53.42
N ALA P 139 -57.05 30.83 52.97
CA ALA P 139 -57.81 31.10 51.78
C ALA P 139 -57.27 30.35 50.58
N ASP P 140 -56.01 29.91 50.64
CA ASP P 140 -55.41 29.18 49.54
C ASP P 140 -55.77 27.70 49.55
N GLY P 141 -56.48 27.24 50.58
CA GLY P 141 -56.99 25.88 50.63
C GLY P 141 -56.14 24.91 51.40
N ILE P 142 -55.04 25.34 51.99
CA ILE P 142 -54.16 24.42 52.73
C ILE P 142 -54.74 24.20 54.11
N PRO P 143 -55.04 22.97 54.50
CA PRO P 143 -55.62 22.73 55.84
C PRO P 143 -54.68 23.20 56.93
N PRO P 144 -55.15 23.21 58.18
CA PRO P 144 -54.27 23.63 59.28
C PRO P 144 -53.14 22.65 59.52
N ASN P 145 -52.04 23.16 60.04
CA ASN P 145 -50.85 22.36 60.32
C ASN P 145 -50.52 21.47 59.12
N THR P 146 -50.30 22.12 57.99
CA THR P 146 -50.08 21.41 56.74
C THR P 146 -48.88 22.02 56.02
N VAL P 147 -48.08 21.14 55.41
CA VAL P 147 -46.92 21.53 54.63
C VAL P 147 -47.17 21.07 53.21
N SER P 148 -47.24 22.02 52.28
CA SER P 148 -47.46 21.72 50.88
C SER P 148 -46.18 21.98 50.08
N VAL P 149 -45.99 21.19 49.03
CA VAL P 149 -44.83 21.32 48.16
C VAL P 149 -45.32 21.36 46.72
N ALA P 150 -44.84 22.36 45.97
CA ALA P 150 -45.11 22.48 44.55
C ALA P 150 -43.79 22.26 43.80
N VAL P 151 -43.83 21.48 42.73
CA VAL P 151 -42.60 21.11 42.03
C VAL P 151 -42.94 20.76 40.60
N ILE P 152 -42.04 21.12 39.69
CA ILE P 152 -42.15 20.79 38.27
C ILE P 152 -40.88 20.04 37.88
N GLY P 153 -41.04 18.85 37.34
CA GLY P 153 -39.92 18.01 36.97
C GLY P 153 -39.45 17.15 38.12
N GLY P 154 -38.42 16.36 37.85
CA GLY P 154 -37.88 15.46 38.84
C GLY P 154 -38.72 14.22 38.99
N ASP P 155 -38.10 13.10 39.36
CA ASP P 155 -38.83 11.86 39.49
C ASP P 155 -39.63 11.83 40.80
N ASP P 156 -40.83 11.28 40.70
CA ASP P 156 -41.71 11.19 41.87
C ASP P 156 -41.03 10.48 43.02
N ASP P 157 -40.34 9.39 42.74
CA ASP P 157 -39.75 8.59 43.81
C ASP P 157 -38.77 9.42 44.63
N GLU P 158 -37.81 10.05 43.95
CA GLU P 158 -36.80 10.84 44.64
C GLU P 158 -37.41 12.05 45.32
N VAL P 159 -38.33 12.76 44.64
CA VAL P 159 -38.96 13.93 45.24
C VAL P 159 -39.66 13.54 46.53
N ALA P 160 -40.44 12.46 46.50
CA ALA P 160 -41.21 12.08 47.68
C ALA P 160 -40.29 11.62 48.81
N GLN P 161 -39.27 10.82 48.50
CA GLN P 161 -38.35 10.39 49.55
C GLN P 161 -37.63 11.59 50.16
N LEU P 162 -37.36 12.63 49.37
CA LEU P 162 -36.71 13.82 49.92
C LEU P 162 -37.66 14.61 50.81
N VAL P 163 -38.89 14.82 50.36
CA VAL P 163 -39.85 15.55 51.17
C VAL P 163 -40.13 14.80 52.47
N ARG P 164 -40.08 13.47 52.44
CA ARG P 164 -40.40 12.69 53.62
C ARG P 164 -39.40 12.93 54.74
N ARG P 165 -38.12 13.08 54.39
CA ARG P 165 -37.09 13.21 55.41
C ARG P 165 -36.96 14.64 55.94
N TYR P 166 -37.74 15.57 55.41
CA TYR P 166 -37.80 16.94 55.92
C TYR P 166 -39.12 17.22 56.63
N VAL P 167 -40.22 16.62 56.20
CA VAL P 167 -41.51 16.83 56.85
C VAL P 167 -41.70 15.74 57.91
N VAL P 168 -42.03 16.15 59.13
CA VAL P 168 -42.08 15.22 60.25
C VAL P 168 -43.43 14.53 60.30
N PRO P 169 -43.54 13.36 60.92
CA PRO P 169 -44.85 12.72 61.07
C PRO P 169 -45.77 13.54 61.96
N GLY P 170 -47.07 13.40 61.71
CA GLY P 170 -48.05 14.23 62.37
C GLY P 170 -48.32 15.54 61.66
N VAL P 171 -47.69 15.77 60.51
CA VAL P 171 -47.89 16.99 59.73
C VAL P 171 -48.45 16.58 58.38
N GLY P 172 -49.57 17.19 57.99
CA GLY P 172 -50.24 16.82 56.76
C GLY P 172 -49.59 17.43 55.54
N MET P 173 -50.08 17.02 54.38
CA MET P 173 -49.59 17.55 53.11
C MET P 173 -50.78 17.73 52.17
N TYR P 174 -50.79 18.88 51.50
CA TYR P 174 -51.87 19.23 50.58
C TYR P 174 -51.33 19.30 49.16
N GLY P 175 -51.96 18.57 48.25
CA GLY P 175 -51.48 18.56 46.89
C GLY P 175 -52.40 17.76 45.99
N ASN P 176 -52.10 17.81 44.68
CA ASN P 176 -52.90 17.13 43.68
C ASN P 176 -52.31 15.82 43.20
N THR P 177 -51.04 15.53 43.51
CA THR P 177 -50.41 14.28 43.11
C THR P 177 -49.93 13.55 44.35
N THR P 178 -50.31 12.28 44.48
CA THR P 178 -49.93 11.45 45.62
C THR P 178 -48.88 10.42 45.20
N ILE P 179 -47.81 10.35 45.97
CA ILE P 179 -46.72 9.40 45.74
C ILE P 179 -46.61 8.53 46.99
N GLU P 180 -46.45 7.23 46.80
CA GLU P 180 -46.39 6.31 47.92
C GLU P 180 -44.94 5.89 48.16
N THR P 181 -44.44 6.13 49.37
CA THR P 181 -43.04 5.90 49.69
C THR P 181 -42.96 4.77 50.70
N THR P 182 -41.74 4.43 51.10
CA THR P 182 -41.54 3.35 52.05
C THR P 182 -40.14 3.41 52.65
N ILE P 183 -40.07 3.41 53.98
CA ILE P 183 -38.81 3.29 54.71
C ILE P 183 -39.04 2.24 55.78
N GLY P 184 -38.23 1.18 55.78
CA GLY P 184 -38.40 0.13 56.76
C GLY P 184 -39.75 -0.53 56.71
N GLY P 185 -40.48 -0.38 55.62
CA GLY P 185 -41.82 -0.90 55.49
C GLY P 185 -42.90 0.10 55.80
N PHE P 186 -42.61 1.12 56.63
CA PHE P 186 -43.61 2.10 57.12
C PHE P 186 -44.11 2.98 55.98
N CYS P 187 -44.68 2.40 54.93
CA CYS P 187 -45.09 3.17 53.73
C CYS P 187 -45.94 4.37 54.13
N ARG P 188 -45.63 5.55 53.59
CA ARG P 188 -46.42 6.77 53.81
C ARG P 188 -46.95 7.22 52.45
N ARG P 189 -47.90 8.16 52.41
CA ARG P 189 -48.37 8.74 51.15
C ARG P 189 -48.17 10.25 51.20
N ILE P 190 -47.35 10.75 50.28
CA ILE P 190 -46.87 12.13 50.28
C ILE P 190 -47.57 12.84 49.12
N ARG P 191 -48.28 13.91 49.43
CA ARG P 191 -49.02 14.67 48.45
C ARG P 191 -48.26 15.94 48.12
N VAL P 192 -48.08 16.20 46.82
CA VAL P 192 -47.42 17.41 46.36
C VAL P 192 -48.26 18.04 45.26
N ILE P 193 -47.86 19.23 44.82
CA ILE P 193 -48.56 19.98 43.78
C ILE P 193 -47.73 19.94 42.52
N ARG P 194 -48.24 19.27 41.50
CA ARG P 194 -47.70 19.34 40.14
C ARG P 194 -48.55 20.35 39.38
N PRO P 195 -48.12 21.60 39.24
CA PRO P 195 -49.00 22.64 38.71
C PRO P 195 -49.51 22.30 37.32
N VAL P 196 -50.79 22.60 37.08
CA VAL P 196 -51.36 22.51 35.75
C VAL P 196 -51.10 23.82 35.03
N LEU P 197 -50.43 23.75 33.89
CA LEU P 197 -50.05 24.94 33.15
C LEU P 197 -51.16 25.34 32.19
N ILE P 198 -51.76 26.51 32.43
CA ILE P 198 -52.87 27.03 31.64
C ILE P 198 -52.30 28.09 30.70
N PRO P 199 -52.26 27.86 29.38
CA PRO P 199 -51.70 28.87 28.48
C PRO P 199 -52.49 30.18 28.55
N THR P 200 -51.77 31.29 28.53
CA THR P 200 -52.35 32.61 28.71
C THR P 200 -51.99 33.50 27.54
N SER P 201 -52.89 34.42 27.20
CA SER P 201 -52.66 35.45 26.20
C SER P 201 -52.67 36.80 26.89
N VAL P 202 -51.61 37.57 26.69
CA VAL P 202 -51.41 38.84 27.36
C VAL P 202 -51.14 39.92 26.32
N GLU P 203 -51.80 41.06 26.50
CA GLU P 203 -51.74 42.15 25.55
C GLU P 203 -51.68 43.46 26.32
N ILE P 204 -50.58 44.19 26.19
CA ILE P 204 -50.27 45.30 27.07
C ILE P 204 -50.12 46.58 26.26
N ASP P 205 -50.92 47.59 26.60
CA ASP P 205 -50.80 48.92 26.04
C ASP P 205 -50.03 49.80 27.02
N VAL P 206 -48.95 50.41 26.54
CA VAL P 206 -48.05 51.21 27.35
C VAL P 206 -47.93 52.60 26.74
N GLN P 207 -47.17 53.46 27.41
CA GLN P 207 -46.86 54.79 26.89
C GLN P 207 -45.39 55.11 27.16
N SER P 208 -44.85 56.00 26.35
CA SER P 208 -43.47 56.41 26.45
C SER P 208 -43.37 57.57 27.43
N ARG P 209 -42.46 57.46 28.39
CA ARG P 209 -42.22 58.49 29.40
C ARG P 209 -40.72 58.69 29.54
N PRO P 210 -40.09 59.39 28.59
CA PRO P 210 -38.63 59.52 28.61
C PRO P 210 -38.16 60.35 29.78
N LEU P 211 -37.36 59.74 30.65
CA LEU P 211 -36.78 60.48 31.76
C LEU P 211 -35.98 61.66 31.23
N LYS P 212 -36.33 62.86 31.69
CA LYS P 212 -35.71 64.11 31.29
C LYS P 212 -35.38 64.15 29.80
N ASN P 213 -36.37 63.79 28.97
CA ASN P 213 -36.24 63.76 27.52
C ASN P 213 -34.96 63.07 27.05
N GLY P 214 -34.69 61.89 27.60
CA GLY P 214 -33.60 61.05 27.15
C GLY P 214 -33.98 59.61 27.34
N CYS P 215 -33.14 58.72 26.82
CA CYS P 215 -33.40 57.28 26.94
C CYS P 215 -34.73 56.93 26.27
N PRO P 216 -34.79 56.91 24.94
CA PRO P 216 -36.05 56.65 24.25
C PRO P 216 -36.53 55.22 24.49
N PRO P 217 -37.77 54.92 24.13
CA PRO P 217 -38.29 53.57 24.40
C PRO P 217 -37.66 52.55 23.47
N PRO P 218 -37.52 51.31 23.90
CA PRO P 218 -37.07 50.24 23.00
C PRO P 218 -38.22 49.76 22.12
N SER P 219 -37.94 48.75 21.32
CA SER P 219 -38.91 48.26 20.37
C SER P 219 -39.90 47.31 21.04
N VAL P 220 -41.07 47.19 20.43
CA VAL P 220 -42.14 46.38 21.00
C VAL P 220 -41.69 44.93 21.13
N ASN P 221 -41.03 44.40 20.09
CA ASN P 221 -40.52 43.02 20.18
C ASN P 221 -39.48 42.90 21.26
N ALA P 222 -38.58 43.87 21.38
CA ALA P 222 -37.53 43.82 22.39
C ALA P 222 -38.10 43.86 23.80
N MET P 223 -39.21 44.56 24.02
CA MET P 223 -39.90 44.52 25.30
C MET P 223 -40.68 43.23 25.53
N ALA P 224 -41.34 42.70 24.50
CA ALA P 224 -42.06 41.45 24.68
C ALA P 224 -41.10 40.31 25.03
N ALA P 225 -39.96 40.24 24.35
CA ALA P 225 -38.96 39.22 24.67
C ALA P 225 -38.42 39.39 26.08
N GLY P 226 -38.16 40.63 26.49
CA GLY P 226 -37.68 40.87 27.84
C GLY P 226 -38.69 40.46 28.89
N LEU P 227 -39.98 40.72 28.66
CA LEU P 227 -41.02 40.28 29.58
C LEU P 227 -41.16 38.76 29.59
N TYR P 228 -41.06 38.11 28.43
CA TYR P 228 -41.13 36.66 28.40
C TYR P 228 -39.99 36.03 29.19
N THR P 229 -38.78 36.56 29.08
CA THR P 229 -37.68 36.03 29.88
C THR P 229 -38.00 36.13 31.37
N GLU P 230 -38.56 37.25 31.80
CA GLU P 230 -38.93 37.39 33.20
C GLU P 230 -39.98 36.37 33.61
N LEU P 231 -41.04 36.22 32.82
CA LEU P 231 -42.11 35.31 33.20
C LEU P 231 -41.72 33.86 33.10
N THR P 232 -40.64 33.54 32.39
CA THR P 232 -40.11 32.19 32.37
C THR P 232 -38.94 31.99 33.34
N GLY P 233 -38.47 33.04 33.99
CA GLY P 233 -37.35 32.93 34.90
C GLY P 233 -37.72 32.28 36.21
N PRO P 234 -36.74 32.12 37.10
CA PRO P 234 -37.04 31.60 38.45
C PRO P 234 -38.04 32.43 39.21
N ASP P 235 -38.17 33.73 38.92
CA ASP P 235 -39.12 34.61 39.60
C ASP P 235 -40.47 34.62 38.90
N ARG P 236 -40.81 33.56 38.19
CA ARG P 236 -42.03 33.53 37.39
C ARG P 236 -43.26 33.52 38.29
N PRO P 237 -44.40 33.92 37.77
CA PRO P 237 -45.65 33.72 38.52
C PRO P 237 -45.84 32.25 38.85
N GLY P 238 -46.18 31.99 40.11
CA GLY P 238 -46.37 30.65 40.60
C GLY P 238 -47.82 30.25 40.68
N ASN P 239 -48.06 29.12 41.35
CA ASN P 239 -49.40 28.59 41.48
C ASN P 239 -50.24 29.44 42.43
N GLY P 240 -51.51 29.60 42.09
CA GLY P 240 -52.43 30.33 42.93
C GLY P 240 -52.35 31.84 42.82
N GLU P 241 -51.61 32.37 41.85
CA GLU P 241 -51.44 33.80 41.67
C GLU P 241 -52.21 34.25 40.44
N ASP P 242 -53.03 35.28 40.61
CA ASP P 242 -53.90 35.75 39.56
C ASP P 242 -53.13 36.58 38.55
N GLY P 243 -53.57 36.52 37.31
CA GLY P 243 -53.16 37.51 36.33
C GLY P 243 -53.80 38.84 36.68
N THR P 244 -53.00 39.83 37.08
CA THR P 244 -53.52 41.10 37.54
C THR P 244 -52.81 42.25 36.83
N VAL P 245 -53.44 43.42 36.85
CA VAL P 245 -52.80 44.63 36.33
C VAL P 245 -51.52 44.90 37.11
N TYR P 246 -51.59 44.77 38.42
CA TYR P 246 -50.45 45.07 39.29
C TYR P 246 -49.25 44.21 38.94
N LEU P 247 -49.47 42.92 38.70
CA LEU P 247 -48.36 42.01 38.45
C LEU P 247 -47.56 42.44 37.21
N PHE P 248 -48.26 42.67 36.11
CA PHE P 248 -47.54 43.00 34.88
C PHE P 248 -47.03 44.44 34.90
N ARG P 249 -47.66 45.30 35.69
CA ARG P 249 -47.16 46.66 35.83
C ARG P 249 -45.83 46.68 36.57
N LYS P 250 -45.74 45.96 37.69
CA LYS P 250 -44.51 45.95 38.47
C LYS P 250 -43.38 45.26 37.72
N ILE P 251 -43.67 44.53 36.66
CA ILE P 251 -42.63 43.91 35.83
C ILE P 251 -42.24 44.82 34.67
N MET P 252 -43.23 45.39 33.98
CA MET P 252 -42.95 46.29 32.87
C MET P 252 -42.14 47.50 33.33
N GLU P 253 -42.55 48.13 34.44
CA GLU P 253 -41.81 49.30 34.90
C GLU P 253 -40.44 48.92 35.46
N ARG P 254 -40.34 47.77 36.13
CA ARG P 254 -39.04 47.36 36.64
C ARG P 254 -38.07 47.12 35.50
N LEU P 255 -38.52 46.46 34.43
CA LEU P 255 -37.65 46.21 33.29
C LEU P 255 -37.31 47.49 32.55
N TYR P 256 -38.32 48.30 32.23
CA TYR P 256 -38.14 49.49 31.42
C TYR P 256 -38.75 50.70 32.12
N PRO P 257 -38.00 51.39 32.98
CA PRO P 257 -38.57 52.50 33.75
C PRO P 257 -39.11 53.64 32.90
N ASN P 258 -38.67 53.78 31.65
CA ASN P 258 -39.13 54.86 30.78
C ASN P 258 -40.44 54.51 30.08
N VAL P 259 -41.24 53.62 30.65
CA VAL P 259 -42.48 53.17 30.06
C VAL P 259 -43.57 53.17 31.12
N GLU P 260 -44.77 53.58 30.72
CA GLU P 260 -45.94 53.53 31.57
C GLU P 260 -46.87 52.45 31.05
N VAL P 261 -47.21 51.51 31.92
CA VAL P 261 -48.26 50.53 31.62
C VAL P 261 -49.61 51.24 31.76
N VAL P 262 -50.41 51.16 30.71
CA VAL P 262 -51.71 51.81 30.68
C VAL P 262 -52.84 50.81 30.80
N ASP P 263 -52.79 49.73 30.02
CA ASP P 263 -53.85 48.71 30.10
C ASP P 263 -53.26 47.34 29.85
N VAL P 264 -53.39 46.46 30.82
CA VAL P 264 -53.07 45.05 30.63
C VAL P 264 -54.36 44.31 30.28
N ARG P 265 -54.24 43.31 29.42
CA ARG P 265 -55.36 42.41 29.15
C ARG P 265 -54.86 40.98 29.15
N LEU P 266 -55.63 40.09 29.76
CA LEU P 266 -55.24 38.70 29.95
C LEU P 266 -56.41 37.81 29.59
N SER P 267 -56.09 36.60 29.12
CA SER P 267 -57.13 35.61 28.92
C SER P 267 -56.51 34.22 28.86
N GLN P 268 -57.36 33.21 28.93
CA GLN P 268 -56.93 31.81 28.81
C GLN P 268 -57.00 31.44 27.33
N ALA P 269 -55.89 30.98 26.78
CA ALA P 269 -55.83 30.72 25.35
C ALA P 269 -56.85 29.68 24.96
N PRO P 270 -57.39 29.76 23.74
CA PRO P 270 -57.10 30.69 22.65
C PRO P 270 -58.08 31.84 22.52
N ALA P 271 -58.73 32.16 23.63
CA ALA P 271 -59.79 33.14 23.65
C ALA P 271 -59.23 34.55 23.54
N ALA P 272 -60.13 35.51 23.47
CA ALA P 272 -59.78 36.91 23.36
C ALA P 272 -59.22 37.43 24.68
N PRO P 273 -58.16 38.24 24.66
CA PRO P 273 -57.74 38.92 25.88
C PRO P 273 -58.86 39.81 26.41
N THR P 274 -58.95 39.89 27.74
CA THR P 274 -60.05 40.59 28.37
C THR P 274 -59.55 41.16 29.70
N THR P 275 -60.42 41.92 30.35
CA THR P 275 -60.02 42.65 31.54
C THR P 275 -59.63 41.68 32.65
N PRO P 276 -58.52 41.90 33.34
CA PRO P 276 -58.20 41.09 34.51
C PRO P 276 -59.15 41.41 35.64
N PRO P 277 -59.13 40.64 36.74
CA PRO P 277 -58.18 39.55 37.02
C PRO P 277 -58.48 38.25 36.31
N LEU P 278 -57.41 37.52 36.00
CA LEU P 278 -57.49 36.14 35.55
C LEU P 278 -57.29 35.28 36.78
N VAL P 279 -58.39 34.70 37.27
CA VAL P 279 -58.36 33.93 38.51
C VAL P 279 -57.62 32.62 38.29
N MET P 280 -56.68 32.33 39.17
CA MET P 280 -55.84 31.15 39.05
C MET P 280 -55.86 30.39 40.38
N SER P 281 -56.30 29.14 40.34
CA SER P 281 -56.46 28.38 41.57
C SER P 281 -55.09 27.89 42.06
N PHE P 282 -55.06 27.42 43.31
CA PHE P 282 -53.81 27.10 43.97
C PHE P 282 -53.06 25.95 43.33
N PHE P 283 -53.71 25.16 42.48
CA PHE P 283 -53.04 24.10 41.74
C PHE P 283 -52.73 24.47 40.30
N GLN P 284 -53.33 25.54 39.80
CA GLN P 284 -53.14 25.99 38.43
C GLN P 284 -52.12 27.12 38.37
N MET P 285 -51.36 27.17 37.28
CA MET P 285 -50.35 28.20 37.09
C MET P 285 -50.36 28.67 35.64
N MET P 286 -50.08 29.96 35.45
CA MET P 286 -50.09 30.58 34.13
C MET P 286 -48.94 30.03 33.30
N SER P 287 -49.17 29.89 32.00
CA SER P 287 -48.16 29.43 31.06
C SER P 287 -48.06 30.42 29.90
N PHE P 288 -46.85 30.90 29.65
CA PHE P 288 -46.63 31.99 28.71
C PHE P 288 -45.84 31.49 27.51
N ASN P 289 -46.19 32.01 26.35
CA ASN P 289 -45.48 31.71 25.10
C ASN P 289 -44.97 33.01 24.51
N ALA P 290 -43.84 32.91 23.79
CA ALA P 290 -43.26 34.07 23.15
C ALA P 290 -44.18 34.67 22.10
N ASP P 291 -44.90 33.84 21.35
CA ASP P 291 -45.76 34.33 20.27
C ASP P 291 -46.99 35.04 20.81
N ASP P 292 -47.51 34.59 21.95
CA ASP P 292 -48.82 35.06 22.40
C ASP P 292 -48.75 36.46 23.00
N ILE P 293 -47.65 36.80 23.68
CA ILE P 293 -47.51 38.12 24.27
C ILE P 293 -47.53 39.19 23.18
N LEU P 294 -48.20 40.30 23.47
CA LEU P 294 -48.21 41.44 22.56
C LEU P 294 -48.06 42.72 23.36
N VAL P 295 -47.28 43.67 22.84
CA VAL P 295 -47.09 44.98 23.43
C VAL P 295 -47.39 46.02 22.38
N GLU P 296 -48.07 47.10 22.79
CA GLU P 296 -48.42 48.19 21.89
C GLU P 296 -48.16 49.51 22.59
N ILE P 297 -47.81 50.53 21.81
CA ILE P 297 -47.58 51.88 22.32
C ILE P 297 -48.79 52.73 22.00
N VAL P 298 -49.25 53.51 22.97
CA VAL P 298 -50.44 54.35 22.81
C VAL P 298 -50.00 55.81 22.85
N PRO P 299 -50.59 56.70 22.04
CA PRO P 299 -50.23 58.12 22.12
C PRO P 299 -50.56 58.74 23.47
N MET Q 1 -4.08 34.56 40.49
CA MET Q 1 -2.66 34.23 40.61
C MET Q 1 -2.46 32.74 40.39
N THR Q 2 -1.21 32.29 40.55
CA THR Q 2 -0.88 30.88 40.44
C THR Q 2 -0.64 30.22 41.78
N TYR Q 3 -0.20 30.96 42.78
CA TYR Q 3 0.18 30.40 44.07
C TYR Q 3 -0.78 30.87 45.15
N GLY Q 4 -0.61 30.30 46.34
CA GLY Q 4 -1.40 30.74 47.49
C GLY Q 4 -2.85 30.28 47.41
N VAL Q 5 -3.72 31.12 47.94
CA VAL Q 5 -5.15 30.80 48.01
C VAL Q 5 -5.73 30.84 46.60
N GLN Q 6 -6.11 29.68 46.09
CA GLN Q 6 -6.62 29.55 44.73
C GLN Q 6 -7.96 28.83 44.78
N PRO Q 7 -8.74 28.87 43.70
CA PRO Q 7 -10.04 28.18 43.72
C PRO Q 7 -9.95 26.71 44.07
N THR Q 8 -8.92 26.01 43.57
CA THR Q 8 -8.82 24.57 43.79
C THR Q 8 -8.24 24.23 45.17
N GLY Q 9 -7.76 25.20 45.90
CA GLY Q 9 -7.18 24.95 47.20
C GLY Q 9 -6.07 25.94 47.50
N TYR Q 10 -5.06 25.46 48.21
CA TYR Q 10 -3.87 26.24 48.49
C TYR Q 10 -2.72 25.67 47.67
N VAL Q 11 -2.20 26.47 46.74
CA VAL Q 11 -1.02 26.09 45.97
C VAL Q 11 0.19 26.61 46.73
N LYS Q 12 1.12 25.71 47.05
CA LYS Q 12 2.29 26.10 47.82
C LYS Q 12 3.48 26.33 46.88
N LYS Q 13 4.17 27.44 47.10
CA LYS Q 13 5.29 27.83 46.24
C LYS Q 13 6.54 27.04 46.61
N PRO Q 14 7.25 26.43 45.65
CA PRO Q 14 8.47 25.71 45.99
C PRO Q 14 9.59 26.63 46.48
N LEU Q 15 10.52 26.02 47.22
CA LEU Q 15 11.67 26.74 47.74
C LEU Q 15 12.53 27.31 46.62
N ALA Q 16 12.75 26.55 45.56
CA ALA Q 16 13.53 27.05 44.43
C ALA Q 16 12.85 28.25 43.79
N VAL Q 17 11.52 28.24 43.68
CA VAL Q 17 10.82 29.42 43.17
C VAL Q 17 10.98 30.59 44.11
N HIS Q 18 10.90 30.37 45.42
CA HIS Q 18 11.14 31.46 46.35
C HIS Q 18 12.51 32.09 46.13
N LEU Q 19 13.55 31.28 46.02
CA LEU Q 19 14.90 31.80 45.82
C LEU Q 19 15.05 32.50 44.47
N ALA Q 20 14.51 31.90 43.41
CA ALA Q 20 14.62 32.47 42.08
C ALA Q 20 13.92 33.83 41.99
N GLU Q 21 12.75 33.96 42.60
CA GLU Q 21 12.04 35.23 42.51
C GLU Q 21 12.77 36.36 43.22
N ILE Q 22 13.35 36.11 44.39
CA ILE Q 22 14.07 37.18 45.05
C ILE Q 22 15.36 37.51 44.29
N GLU Q 23 16.01 36.51 43.71
CA GLU Q 23 17.18 36.84 42.88
C GLU Q 23 16.78 37.69 41.69
N ALA Q 24 15.66 37.36 41.05
CA ALA Q 24 15.19 38.18 39.93
C ALA Q 24 14.86 39.60 40.39
N SER Q 25 14.23 39.73 41.57
CA SER Q 25 13.95 41.04 42.11
C SER Q 25 15.23 41.85 42.32
N MET Q 26 16.25 41.23 42.90
CA MET Q 26 17.53 41.88 43.10
C MET Q 26 18.18 42.29 41.80
N VAL Q 27 18.07 41.49 40.75
CA VAL Q 27 18.54 41.91 39.45
C VAL Q 27 17.76 43.12 38.97
N ASP Q 28 16.45 43.14 39.19
CA ASP Q 28 15.66 44.30 38.79
C ASP Q 28 16.19 45.57 39.44
N LEU Q 29 16.65 45.49 40.69
CA LEU Q 29 17.13 46.67 41.41
C LEU Q 29 18.54 47.07 41.01
N PHE Q 30 19.45 46.12 40.85
CA PHE Q 30 20.86 46.42 40.74
C PHE Q 30 21.49 46.05 39.40
N GLY Q 31 20.68 45.71 38.40
CA GLY Q 31 21.22 45.29 37.12
C GLY Q 31 21.71 43.86 37.17
N PRO Q 32 21.90 43.25 36.00
CA PRO Q 32 22.38 41.86 35.97
C PRO Q 32 23.79 41.66 36.46
N GLY Q 33 24.53 42.72 36.77
CA GLY Q 33 25.87 42.61 37.29
C GLY Q 33 25.96 42.35 38.77
N VAL Q 34 24.84 42.26 39.48
CA VAL Q 34 24.89 42.09 40.92
C VAL Q 34 25.35 40.69 41.26
N ILE Q 35 26.15 40.57 42.31
CA ILE Q 35 26.71 39.31 42.76
C ILE Q 35 25.80 38.75 43.86
N GLN Q 36 25.26 37.56 43.63
CA GLN Q 36 24.31 36.94 44.56
C GLN Q 36 24.70 35.52 44.90
N THR Q 37 25.94 35.13 44.66
CA THR Q 37 26.36 33.77 44.97
C THR Q 37 26.16 33.49 46.45
N GLU Q 38 26.28 32.21 46.81
CA GLU Q 38 26.08 31.82 48.20
C GLU Q 38 27.03 32.55 49.13
N GLN Q 39 28.28 32.72 48.73
CA GLN Q 39 29.30 33.28 49.61
C GLN Q 39 29.17 34.79 49.81
N SER Q 40 28.42 35.47 48.96
CA SER Q 40 28.28 36.91 49.07
C SER Q 40 27.24 37.29 50.11
N PRO Q 41 27.34 38.50 50.66
CA PRO Q 41 26.29 38.95 51.59
C PRO Q 41 24.90 38.93 50.98
N LEU Q 42 24.76 39.28 49.71
CA LEU Q 42 23.45 39.22 49.07
C LEU Q 42 22.92 37.80 48.99
N GLY Q 43 23.79 36.83 48.68
CA GLY Q 43 23.37 35.44 48.73
C GLY Q 43 22.98 35.00 50.12
N GLN Q 44 23.72 35.44 51.14
CA GLN Q 44 23.33 35.13 52.51
C GLN Q 44 21.95 35.67 52.83
N LEU Q 45 21.63 36.87 52.38
CA LEU Q 45 20.30 37.43 52.61
C LEU Q 45 19.23 36.68 51.83
N ASN Q 46 19.48 36.38 50.55
CA ASN Q 46 18.47 35.74 49.71
C ASN Q 46 18.18 34.32 50.15
N GLY Q 47 19.19 33.54 50.53
CA GLY Q 47 18.93 32.19 50.99
C GLY Q 47 18.12 32.16 52.28
N LEU Q 48 18.47 33.03 53.23
CA LEU Q 48 17.70 33.11 54.46
C LEU Q 48 16.26 33.56 54.20
N TYR Q 49 16.08 34.54 53.33
CA TYR Q 49 14.72 34.94 52.95
C TYR Q 49 13.97 33.77 52.33
N ALA Q 50 14.63 33.01 51.45
CA ALA Q 50 13.94 31.92 50.77
C ALA Q 50 13.50 30.85 51.76
N ASP Q 51 14.35 30.49 52.71
CA ASP Q 51 13.96 29.50 53.71
C ASP Q 51 12.82 30.02 54.59
N LEU Q 52 12.95 31.25 55.08
CA LEU Q 52 11.92 31.80 55.96
C LEU Q 52 10.59 31.91 55.24
N SER Q 53 10.63 32.35 53.98
CA SER Q 53 9.40 32.51 53.22
C SER Q 53 8.78 31.18 52.85
N TYR Q 54 9.59 30.15 52.61
CA TYR Q 54 9.02 28.83 52.40
C TYR Q 54 8.28 28.35 53.65
N ASP Q 55 8.86 28.59 54.83
CA ASP Q 55 8.17 28.15 56.04
C ASP Q 55 6.93 29.00 56.32
N LEU Q 56 6.96 30.28 55.99
CA LEU Q 56 5.75 31.10 56.11
C LEU Q 56 4.68 30.63 55.13
N ASP Q 57 5.09 30.23 53.93
CA ASP Q 57 4.17 29.64 52.96
C ASP Q 57 3.53 28.37 53.51
N GLU Q 58 4.33 27.52 54.16
CA GLU Q 58 3.79 26.31 54.76
C GLU Q 58 2.81 26.60 55.88
N ARG Q 59 3.11 27.60 56.72
CA ARG Q 59 2.14 27.98 57.75
C ARG Q 59 0.85 28.51 57.16
N GLY Q 60 0.94 29.25 56.05
CA GLY Q 60 -0.27 29.66 55.36
C GLY Q 60 -1.11 28.48 54.91
N GLU Q 61 -0.46 27.46 54.33
CA GLU Q 61 -1.18 26.27 53.90
C GLU Q 61 -1.87 25.59 55.07
N ASP Q 62 -1.15 25.43 56.18
CA ASP Q 62 -1.74 24.75 57.33
C ASP Q 62 -2.93 25.52 57.88
N LEU Q 63 -2.81 26.84 57.98
CA LEU Q 63 -3.93 27.65 58.42
C LEU Q 63 -5.11 27.53 57.48
N TYR Q 64 -4.87 27.58 56.18
CA TYR Q 64 -5.92 27.39 55.19
C TYR Q 64 -6.64 26.06 55.40
N GLN Q 65 -5.88 24.99 55.60
CA GLN Q 65 -6.48 23.68 55.77
C GLN Q 65 -7.26 23.58 57.08
N SER Q 66 -6.83 24.31 58.11
CA SER Q 66 -7.43 24.21 59.43
C SER Q 66 -8.90 24.63 59.47
N PHE Q 67 -9.44 25.20 58.41
CA PHE Q 67 -10.84 25.60 58.40
C PHE Q 67 -11.76 24.49 57.93
N ASP Q 68 -11.24 23.32 57.63
CA ASP Q 68 -12.00 22.19 57.12
C ASP Q 68 -12.18 21.15 58.20
N PRO Q 69 -13.40 20.71 58.51
CA PRO Q 69 -13.54 19.62 59.49
C PRO Q 69 -12.84 18.35 59.05
N GLU Q 70 -12.70 18.14 57.74
CA GLU Q 70 -12.04 16.94 57.23
C GLU Q 70 -10.52 17.09 57.14
N GLN Q 71 -9.97 18.25 57.48
CA GLN Q 71 -8.52 18.43 57.46
C GLN Q 71 -7.94 18.99 58.74
N ALA Q 72 -8.76 19.40 59.70
CA ALA Q 72 -8.22 19.93 60.95
C ALA Q 72 -8.04 18.81 61.96
N GLU Q 73 -7.19 19.06 62.96
CA GLU Q 73 -6.96 18.09 64.04
C GLU Q 73 -6.71 18.83 65.35
N GLY Q 74 -7.39 18.36 66.40
CA GLY Q 74 -7.22 18.89 67.75
C GLY Q 74 -8.16 20.04 68.08
N SER Q 75 -7.66 20.98 68.87
CA SER Q 75 -8.41 22.16 69.30
C SER Q 75 -9.32 22.72 68.21
N ARG Q 76 -8.77 23.04 67.04
CA ARG Q 76 -9.61 23.68 66.05
C ARG Q 76 -10.53 22.69 65.37
N LEU Q 77 -10.20 21.40 65.41
CA LEU Q 77 -11.19 20.42 65.00
C LEU Q 77 -12.39 20.46 65.92
N ASP Q 78 -12.16 20.59 67.24
CA ASP Q 78 -13.27 20.78 68.16
C ASP Q 78 -14.03 22.07 67.87
N ILE Q 79 -13.30 23.13 67.56
CA ILE Q 79 -13.94 24.40 67.22
C ILE Q 79 -14.92 24.20 66.07
N LEU Q 80 -14.46 23.58 65.00
CA LEU Q 80 -15.31 23.34 63.85
C LEU Q 80 -16.45 22.36 64.14
N ALA Q 81 -16.24 21.41 65.05
CA ALA Q 81 -17.31 20.48 65.40
C ALA Q 81 -18.42 21.20 66.16
N ARG Q 82 -18.07 22.24 66.91
CA ARG Q 82 -19.10 22.99 67.62
C ARG Q 82 -20.12 23.62 66.68
N TYR Q 83 -19.81 23.76 65.39
CA TYR Q 83 -20.79 24.21 64.41
C TYR Q 83 -21.82 23.14 64.07
N ARG Q 84 -21.56 21.88 64.42
CA ARG Q 84 -22.47 20.79 64.14
C ARG Q 84 -22.84 20.03 65.40
N LEU Q 85 -22.55 20.62 66.57
CA LEU Q 85 -23.03 20.11 67.85
C LEU Q 85 -22.47 18.71 68.13
N LEU Q 86 -21.15 18.66 68.19
CA LEU Q 86 -20.45 17.44 68.57
C LEU Q 86 -19.27 17.85 69.45
N SER Q 87 -19.21 17.30 70.65
CA SER Q 87 -18.19 17.64 71.63
C SER Q 87 -17.24 16.46 71.78
N ARG Q 88 -15.94 16.72 71.68
CA ARG Q 88 -14.94 15.65 71.72
C ARG Q 88 -15.08 14.82 72.99
N ARG Q 89 -15.39 13.54 72.84
CA ARG Q 89 -15.38 12.64 73.98
C ARG Q 89 -13.98 12.54 74.57
N ALA Q 90 -13.91 12.51 75.89
CA ALA Q 90 -12.62 12.52 76.58
C ALA Q 90 -11.75 11.37 76.10
N GLY Q 91 -10.52 11.68 75.73
CA GLY Q 91 -9.59 10.67 75.27
C GLY Q 91 -9.83 10.18 73.86
N GLU Q 92 -10.80 10.74 73.16
CA GLU Q 92 -11.09 10.29 71.80
C GLU Q 92 -9.98 10.71 70.85
N SER Q 93 -9.69 9.84 69.88
CA SER Q 93 -8.70 10.14 68.86
C SER Q 93 -9.28 11.08 67.81
N ASP Q 94 -8.39 11.72 67.05
CA ASP Q 94 -8.82 12.63 66.00
C ASP Q 94 -9.47 11.87 64.84
N GLU Q 95 -8.99 10.67 64.54
CA GLU Q 95 -9.67 9.86 63.53
C GLU Q 95 -11.11 9.59 63.94
N SER Q 96 -11.30 9.13 65.18
CA SER Q 96 -12.65 8.82 65.64
C SER Q 96 -13.53 10.06 65.70
N PHE Q 97 -12.97 11.18 66.16
CA PHE Q 97 -13.75 12.41 66.21
C PHE Q 97 -14.14 12.89 64.82
N ARG Q 98 -13.21 12.88 63.88
CA ARG Q 98 -13.53 13.27 62.52
C ARG Q 98 -14.54 12.33 61.88
N ARG Q 99 -14.45 11.03 62.18
CA ARG Q 99 -15.49 10.12 61.75
C ARG Q 99 -16.85 10.48 62.34
N ALA Q 100 -16.89 10.76 63.64
CA ALA Q 100 -18.14 11.17 64.27
C ALA Q 100 -18.66 12.47 63.67
N ILE Q 101 -17.78 13.29 63.10
CA ILE Q 101 -18.26 14.42 62.32
C ILE Q 101 -18.48 13.91 60.92
N THR Q 102 -19.51 13.08 60.77
CA THR Q 102 -20.04 12.65 59.49
C THR Q 102 -21.41 12.11 59.81
N ASN Q 103 -22.43 12.92 59.63
CA ASN Q 103 -23.72 12.68 60.27
C ASN Q 103 -24.79 13.38 59.46
N VAL Q 104 -26.00 12.83 59.52
CA VAL Q 104 -27.15 13.46 58.89
C VAL Q 104 -27.28 14.86 59.44
N ASP Q 105 -27.40 15.85 58.57
CA ASP Q 105 -27.84 17.18 59.00
C ASP Q 105 -29.35 17.33 58.84
N ARG Q 106 -30.08 16.26 59.13
CA ARG Q 106 -31.53 16.23 59.05
C ARG Q 106 -32.04 15.24 60.08
N ALA Q 107 -33.30 15.38 60.44
CA ALA Q 107 -33.87 14.54 61.48
C ALA Q 107 -33.90 13.08 61.05
N ARG Q 108 -33.57 12.19 61.97
CA ARG Q 108 -33.85 10.77 61.85
C ARG Q 108 -34.89 10.44 62.92
N ILE Q 109 -36.15 10.75 62.61
CA ILE Q 109 -37.25 10.64 63.58
C ILE Q 109 -38.42 9.92 62.92
N ASP Q 110 -38.16 9.25 61.81
CA ASP Q 110 -39.23 8.59 61.10
C ASP Q 110 -39.85 7.48 61.96
N LEU Q 111 -41.15 7.26 61.77
CA LEU Q 111 -41.84 6.22 62.51
C LEU Q 111 -41.30 4.84 62.21
N SER Q 112 -40.65 4.66 61.06
CA SER Q 112 -39.92 3.41 60.85
C SER Q 112 -38.82 3.24 61.89
N ASP Q 113 -38.11 4.32 62.21
CA ASP Q 113 -37.09 4.27 63.25
C ASP Q 113 -37.68 4.23 64.65
N LEU Q 114 -38.88 4.77 64.85
CA LEU Q 114 -39.57 4.60 66.11
C LEU Q 114 -39.94 3.14 66.34
N SER Q 115 -40.47 2.48 65.31
CA SER Q 115 -40.90 1.08 65.45
C SER Q 115 -39.71 0.17 65.63
N THR Q 116 -38.60 0.43 64.93
CA THR Q 116 -37.42 -0.39 65.11
C THR Q 116 -36.88 -0.29 66.53
N ALA Q 117 -36.87 0.93 67.08
CA ALA Q 117 -36.43 1.11 68.46
C ALA Q 117 -37.40 0.47 69.46
N LEU Q 118 -38.70 0.52 69.18
CA LEU Q 118 -39.67 -0.14 70.05
C LEU Q 118 -39.44 -1.65 70.07
N SER Q 119 -39.35 -2.26 68.89
CA SER Q 119 -39.22 -3.71 68.83
C SER Q 119 -37.95 -4.19 69.51
N ALA Q 120 -36.98 -3.31 69.73
CA ALA Q 120 -35.67 -3.71 70.20
C ALA Q 120 -35.55 -3.79 71.71
N ILE Q 121 -36.55 -3.32 72.46
CA ILE Q 121 -36.40 -3.21 73.91
C ILE Q 121 -36.69 -4.54 74.58
N ASN Q 122 -36.14 -4.73 75.78
CA ASN Q 122 -36.48 -5.88 76.59
C ASN Q 122 -37.95 -5.85 76.97
N GLY Q 123 -38.61 -7.00 76.81
CA GLY Q 123 -39.96 -7.20 77.28
C GLY Q 123 -41.04 -6.80 76.31
N VAL Q 124 -40.71 -6.03 75.27
CA VAL Q 124 -41.70 -5.58 74.29
C VAL Q 124 -42.02 -6.77 73.40
N SER Q 125 -43.12 -7.45 73.68
CA SER Q 125 -43.50 -8.63 72.91
C SER Q 125 -44.10 -8.26 71.56
N TRP Q 126 -44.84 -7.15 71.49
CA TRP Q 126 -45.48 -6.75 70.25
C TRP Q 126 -45.60 -5.24 70.23
N SER Q 127 -45.45 -4.66 69.05
CA SER Q 127 -45.47 -3.22 68.90
C SER Q 127 -46.03 -2.86 67.54
N ARG Q 128 -46.72 -1.72 67.48
CA ARG Q 128 -47.20 -1.15 66.24
C ARG Q 128 -47.33 0.36 66.40
N VAL Q 129 -47.06 1.08 65.32
CA VAL Q 129 -47.13 2.53 65.31
C VAL Q 129 -48.14 2.96 64.26
N TYR Q 130 -49.09 3.81 64.69
CA TYR Q 130 -50.07 4.38 63.79
C TYR Q 130 -49.90 5.89 63.78
N VAL Q 131 -50.19 6.49 62.63
CA VAL Q 131 -50.14 7.95 62.50
C VAL Q 131 -51.33 8.41 61.69
N ASN Q 132 -51.90 9.52 62.12
CA ASN Q 132 -52.97 10.23 61.41
C ASN Q 132 -52.40 11.57 60.98
N GLU Q 133 -52.19 11.71 59.67
CA GLU Q 133 -51.65 12.94 59.09
C GLU Q 133 -52.72 13.86 58.54
N ASP Q 134 -53.88 13.31 58.17
CA ASP Q 134 -54.95 14.12 57.59
C ASP Q 134 -55.41 15.19 58.57
N ALA Q 135 -56.34 16.02 58.10
CA ALA Q 135 -56.92 17.08 58.90
C ALA Q 135 -58.22 16.69 59.59
N THR Q 136 -58.78 15.52 59.28
CA THR Q 136 -60.04 15.07 59.84
C THR Q 136 -59.86 13.71 60.50
N THR Q 137 -60.53 13.53 61.64
CA THR Q 137 -60.40 12.30 62.40
C THR Q 137 -60.71 11.10 61.52
N ASP Q 138 -60.01 10.00 61.77
CA ASP Q 138 -60.12 8.82 60.94
C ASP Q 138 -61.13 7.82 61.54
N ALA Q 139 -61.28 6.67 60.88
CA ALA Q 139 -62.30 5.71 61.26
C ALA Q 139 -61.92 4.92 62.51
N ASP Q 140 -60.65 4.96 62.92
CA ASP Q 140 -60.18 4.23 64.10
C ASP Q 140 -60.12 5.11 65.35
N GLY Q 141 -60.61 6.35 65.29
CA GLY Q 141 -60.66 7.19 66.45
C GLY Q 141 -59.39 7.96 66.77
N ILE Q 142 -58.45 8.05 65.84
CA ILE Q 142 -57.22 8.81 66.02
C ILE Q 142 -57.50 10.25 65.60
N PRO Q 143 -57.31 11.24 66.48
CA PRO Q 143 -57.48 12.63 66.06
C PRO Q 143 -56.43 13.03 65.03
N PRO Q 144 -56.67 14.10 64.29
CA PRO Q 144 -55.71 14.50 63.25
C PRO Q 144 -54.37 14.88 63.82
N ASN Q 145 -53.33 14.72 62.98
CA ASN Q 145 -51.97 15.11 63.32
C ASN Q 145 -51.50 14.44 64.60
N THR Q 146 -51.71 13.13 64.69
CA THR Q 146 -51.45 12.40 65.92
C THR Q 146 -50.66 11.14 65.60
N VAL Q 147 -49.88 10.69 66.57
CA VAL Q 147 -49.09 9.47 66.44
C VAL Q 147 -49.36 8.60 67.66
N SER Q 148 -49.98 7.45 67.46
CA SER Q 148 -50.31 6.52 68.54
C SER Q 148 -49.41 5.30 68.47
N VAL Q 149 -49.09 4.75 69.63
CA VAL Q 149 -48.24 3.57 69.73
C VAL Q 149 -49.00 2.51 70.52
N ALA Q 150 -49.14 1.32 69.93
CA ALA Q 150 -49.70 0.18 70.61
C ALA Q 150 -48.57 -0.76 70.98
N VAL Q 151 -48.40 -0.99 72.28
CA VAL Q 151 -47.24 -1.71 72.80
C VAL Q 151 -47.70 -2.70 73.85
N ILE Q 152 -47.16 -3.91 73.80
CA ILE Q 152 -47.39 -4.94 74.80
C ILE Q 152 -46.07 -5.21 75.50
N GLY Q 153 -46.09 -5.18 76.82
CA GLY Q 153 -44.87 -5.42 77.57
C GLY Q 153 -43.96 -4.21 77.56
N GLY Q 154 -42.70 -4.46 77.93
CA GLY Q 154 -41.71 -3.42 77.99
C GLY Q 154 -41.98 -2.46 79.12
N ASP Q 155 -40.93 -1.94 79.74
CA ASP Q 155 -41.12 -1.05 80.87
C ASP Q 155 -41.75 0.26 80.41
N ASP Q 156 -42.71 0.74 81.19
CA ASP Q 156 -43.44 1.94 80.85
C ASP Q 156 -42.54 3.16 80.79
N ASP Q 157 -41.61 3.31 81.74
CA ASP Q 157 -40.76 4.48 81.74
C ASP Q 157 -39.90 4.55 80.48
N GLU Q 158 -39.28 3.43 80.11
CA GLU Q 158 -38.41 3.42 78.94
C GLU Q 158 -39.20 3.57 77.66
N VAL Q 159 -40.36 2.91 77.57
CA VAL Q 159 -41.15 3.04 76.34
C VAL Q 159 -41.65 4.48 76.20
N ALA Q 160 -42.04 5.12 77.31
CA ALA Q 160 -42.49 6.50 77.25
C ALA Q 160 -41.35 7.42 76.84
N GLN Q 161 -40.16 7.23 77.41
CA GLN Q 161 -39.02 8.04 77.02
C GLN Q 161 -38.71 7.89 75.55
N LEU Q 162 -38.75 6.66 75.05
CA LEU Q 162 -38.50 6.44 73.63
C LEU Q 162 -39.56 7.12 72.78
N VAL Q 163 -40.82 7.06 73.20
CA VAL Q 163 -41.90 7.62 72.40
C VAL Q 163 -41.82 9.13 72.34
N ARG Q 164 -41.49 9.77 73.48
CA ARG Q 164 -41.26 11.21 73.46
C ARG Q 164 -39.95 11.61 72.81
N ARG Q 165 -38.98 10.71 72.70
CA ARG Q 165 -37.76 11.10 72.03
C ARG Q 165 -37.90 11.03 70.50
N TYR Q 166 -39.00 10.48 70.01
CA TYR Q 166 -39.27 10.38 68.58
C TYR Q 166 -40.48 11.18 68.12
N VAL Q 167 -41.41 11.51 69.01
CA VAL Q 167 -42.50 12.42 68.66
C VAL Q 167 -42.05 13.85 68.90
N VAL Q 168 -42.36 14.74 67.96
CA VAL Q 168 -41.97 16.14 68.08
C VAL Q 168 -43.06 16.89 68.82
N PRO Q 169 -42.75 17.98 69.52
CA PRO Q 169 -43.81 18.76 70.17
C PRO Q 169 -44.75 19.36 69.16
N GLY Q 170 -46.02 19.48 69.56
CA GLY Q 170 -47.06 19.87 68.64
C GLY Q 170 -47.75 18.72 67.95
N VAL Q 171 -47.29 17.49 68.17
CA VAL Q 171 -47.94 16.28 67.67
C VAL Q 171 -48.53 15.55 68.85
N GLY Q 172 -49.85 15.31 68.81
CA GLY Q 172 -50.51 14.63 69.88
C GLY Q 172 -50.26 13.14 69.86
N MET Q 173 -50.67 12.49 70.94
CA MET Q 173 -50.58 11.04 71.08
C MET Q 173 -51.92 10.49 71.54
N TYR Q 174 -52.49 9.58 70.77
CA TYR Q 174 -53.75 8.94 71.09
C TYR Q 174 -53.50 7.59 71.75
N GLY Q 175 -54.22 7.33 72.84
CA GLY Q 175 -54.04 6.08 73.55
C GLY Q 175 -55.02 5.96 74.71
N ASN Q 176 -54.97 4.80 75.35
CA ASN Q 176 -55.83 4.51 76.49
C ASN Q 176 -55.10 4.57 77.82
N THR Q 177 -53.77 4.54 77.80
CA THR Q 177 -52.98 4.52 79.04
C THR Q 177 -52.10 5.76 79.10
N THR Q 178 -52.02 6.36 80.28
CA THR Q 178 -51.20 7.54 80.51
C THR Q 178 -50.00 7.18 81.36
N ILE Q 179 -48.82 7.63 80.94
CA ILE Q 179 -47.59 7.39 81.67
C ILE Q 179 -46.90 8.72 81.90
N GLU Q 180 -46.15 8.80 82.99
CA GLU Q 180 -45.45 10.03 83.37
C GLU Q 180 -43.98 9.69 83.56
N THR Q 181 -43.11 10.35 82.80
CA THR Q 181 -41.67 10.23 82.98
C THR Q 181 -41.07 11.63 83.11
N THR Q 182 -39.77 11.67 83.37
CA THR Q 182 -39.08 12.93 83.68
C THR Q 182 -37.82 13.01 82.85
N ILE Q 183 -37.64 14.13 82.15
CA ILE Q 183 -36.38 14.47 81.53
C ILE Q 183 -36.08 15.92 81.87
N GLY Q 184 -34.95 16.15 82.55
CA GLY Q 184 -34.64 17.49 83.00
C GLY Q 184 -35.68 18.00 83.98
N GLY Q 185 -36.24 17.10 84.78
CA GLY Q 185 -37.23 17.46 85.77
C GLY Q 185 -38.60 17.75 85.21
N PHE Q 186 -38.87 17.43 83.96
CA PHE Q 186 -40.13 17.79 83.31
C PHE Q 186 -41.00 16.55 83.24
N CYS Q 187 -42.16 16.61 83.88
CA CYS Q 187 -43.10 15.49 83.84
C CYS Q 187 -44.03 15.66 82.65
N ARG Q 188 -43.89 14.78 81.65
CA ARG Q 188 -44.74 14.78 80.47
C ARG Q 188 -45.73 13.63 80.54
N ARG Q 189 -46.91 13.86 80.00
CA ARG Q 189 -47.91 12.81 79.84
C ARG Q 189 -47.70 12.18 78.48
N ILE Q 190 -47.37 10.89 78.48
CA ILE Q 190 -47.25 10.10 77.26
C ILE Q 190 -48.46 9.17 77.20
N ARG Q 191 -49.18 9.21 76.09
CA ARG Q 191 -50.34 8.35 75.89
C ARG Q 191 -49.93 7.18 75.02
N VAL Q 192 -50.04 5.97 75.56
CA VAL Q 192 -49.73 4.76 74.82
C VAL Q 192 -50.95 3.86 74.85
N ILE Q 193 -51.00 2.89 73.94
CA ILE Q 193 -52.07 1.90 73.92
C ILE Q 193 -51.50 0.60 74.49
N ARG Q 194 -52.14 0.10 75.53
CA ARG Q 194 -51.90 -1.24 76.07
C ARG Q 194 -53.14 -2.05 75.74
N PRO Q 195 -53.12 -2.86 74.69
CA PRO Q 195 -54.37 -3.45 74.19
C PRO Q 195 -55.06 -4.30 75.25
N VAL Q 196 -56.39 -4.31 75.19
CA VAL Q 196 -57.20 -5.22 75.97
C VAL Q 196 -57.31 -6.51 75.17
N LEU Q 197 -56.74 -7.59 75.68
CA LEU Q 197 -56.74 -8.86 74.97
C LEU Q 197 -58.04 -9.58 75.27
N ILE Q 198 -58.78 -9.91 74.22
CA ILE Q 198 -60.01 -10.69 74.37
C ILE Q 198 -59.75 -12.10 73.85
N PRO Q 199 -59.84 -13.13 74.68
CA PRO Q 199 -59.77 -14.50 74.16
C PRO Q 199 -60.88 -14.75 73.15
N THR Q 200 -60.51 -15.43 72.08
CA THR Q 200 -61.40 -15.67 70.96
C THR Q 200 -61.56 -17.17 70.73
N SER Q 201 -62.81 -17.58 70.49
CA SER Q 201 -63.11 -18.91 70.01
C SER Q 201 -63.24 -18.85 68.49
N VAL Q 202 -62.47 -19.68 67.80
CA VAL Q 202 -62.39 -19.68 66.35
C VAL Q 202 -62.59 -21.10 65.86
N GLU Q 203 -63.29 -21.24 64.73
CA GLU Q 203 -63.66 -22.55 64.22
C GLU Q 203 -63.65 -22.49 62.70
N ILE Q 204 -62.93 -23.40 62.05
CA ILE Q 204 -62.78 -23.39 60.60
C ILE Q 204 -63.26 -24.73 60.05
N ASP Q 205 -64.14 -24.67 59.06
CA ASP Q 205 -64.62 -25.84 58.34
C ASP Q 205 -64.09 -25.79 56.92
N VAL Q 206 -63.42 -26.86 56.49
CA VAL Q 206 -62.61 -26.86 55.28
C VAL Q 206 -62.98 -28.06 54.41
N GLN Q 207 -62.63 -27.96 53.13
CA GLN Q 207 -62.72 -29.07 52.18
C GLN Q 207 -61.33 -29.33 51.62
N SER Q 208 -60.92 -30.58 51.65
CA SER Q 208 -59.58 -30.92 51.18
C SER Q 208 -59.57 -31.00 49.64
N ARG Q 209 -58.54 -30.40 49.05
CA ARG Q 209 -58.41 -30.34 47.58
C ARG Q 209 -57.02 -30.82 47.18
N PRO Q 210 -56.72 -32.10 47.42
CA PRO Q 210 -55.36 -32.59 47.16
C PRO Q 210 -55.07 -32.76 45.67
N LEU Q 211 -54.02 -32.12 45.19
CA LEU Q 211 -53.55 -32.38 43.84
C LEU Q 211 -52.99 -33.79 43.75
N LYS Q 212 -53.14 -34.39 42.56
CA LYS Q 212 -53.03 -35.84 42.43
C LYS Q 212 -51.73 -36.38 43.04
N ASN Q 213 -50.58 -35.78 42.72
CA ASN Q 213 -49.30 -36.22 43.26
C ASN Q 213 -48.92 -35.26 44.39
N GLY Q 214 -49.48 -35.49 45.56
CA GLY Q 214 -49.23 -34.58 46.66
C GLY Q 214 -49.54 -35.24 47.98
N CYS Q 215 -49.26 -34.49 49.04
CA CYS Q 215 -49.53 -34.98 50.38
C CYS Q 215 -51.04 -35.15 50.58
N PRO Q 216 -51.45 -35.98 51.55
CA PRO Q 216 -52.86 -36.18 51.78
C PRO Q 216 -53.47 -35.00 52.50
N PRO Q 217 -54.74 -35.09 52.88
CA PRO Q 217 -55.33 -34.07 53.73
C PRO Q 217 -54.54 -33.93 55.03
N PRO Q 218 -53.97 -32.75 55.29
CA PRO Q 218 -53.21 -32.59 56.53
C PRO Q 218 -54.10 -32.72 57.76
N SER Q 219 -53.50 -33.23 58.83
CA SER Q 219 -54.27 -33.57 60.02
C SER Q 219 -54.88 -32.33 60.65
N VAL Q 220 -56.02 -32.52 61.31
CA VAL Q 220 -56.75 -31.42 61.92
C VAL Q 220 -55.90 -30.75 62.99
N ASN Q 221 -55.20 -31.55 63.81
CA ASN Q 221 -54.34 -30.97 64.84
C ASN Q 221 -53.21 -30.14 64.22
N ALA Q 222 -52.58 -30.64 63.16
CA ALA Q 222 -51.53 -29.87 62.52
C ALA Q 222 -52.09 -28.57 61.94
N MET Q 223 -53.27 -28.63 61.33
CA MET Q 223 -53.90 -27.41 60.83
C MET Q 223 -54.19 -26.42 61.95
N ALA Q 224 -54.67 -26.90 63.08
CA ALA Q 224 -54.94 -26.03 64.22
C ALA Q 224 -53.68 -25.40 64.79
N ALA Q 225 -52.61 -26.18 64.97
CA ALA Q 225 -51.38 -25.65 65.53
C ALA Q 225 -50.68 -24.71 64.57
N GLY Q 226 -50.76 -24.98 63.27
CA GLY Q 226 -50.23 -24.03 62.30
C GLY Q 226 -50.94 -22.69 62.32
N LEU Q 227 -52.26 -22.70 62.36
CA LEU Q 227 -52.99 -21.45 62.49
C LEU Q 227 -52.68 -20.77 63.82
N TYR Q 228 -52.62 -21.54 64.90
CA TYR Q 228 -52.31 -20.96 66.20
C TYR Q 228 -50.96 -20.26 66.20
N THR Q 229 -49.92 -20.92 65.71
CA THR Q 229 -48.58 -20.33 65.76
C THR Q 229 -48.50 -19.07 64.93
N GLU Q 230 -49.14 -19.07 63.77
CA GLU Q 230 -49.06 -17.91 62.89
C GLU Q 230 -49.91 -16.75 63.40
N LEU Q 231 -51.06 -17.04 64.03
CA LEU Q 231 -51.86 -16.01 64.68
C LEU Q 231 -51.28 -15.51 65.99
N THR Q 232 -50.36 -16.27 66.59
CA THR Q 232 -49.76 -15.86 67.85
C THR Q 232 -48.39 -15.20 67.66
N GLY Q 233 -47.76 -15.39 66.51
CA GLY Q 233 -46.43 -14.88 66.28
C GLY Q 233 -46.44 -13.39 65.98
N PRO Q 234 -45.33 -12.88 65.43
CA PRO Q 234 -45.23 -11.43 65.19
C PRO Q 234 -46.31 -10.90 64.27
N ASP Q 235 -46.82 -11.72 63.36
CA ASP Q 235 -47.82 -11.30 62.39
C ASP Q 235 -49.24 -11.50 62.90
N ARG Q 236 -49.41 -11.45 64.22
CA ARG Q 236 -50.72 -11.62 64.83
C ARG Q 236 -51.62 -10.47 64.42
N PRO Q 237 -52.93 -10.69 64.35
CA PRO Q 237 -53.85 -9.57 64.12
C PRO Q 237 -53.68 -8.52 65.22
N GLY Q 238 -53.54 -7.26 64.80
CA GLY Q 238 -53.29 -6.17 65.71
C GLY Q 238 -54.55 -5.68 66.38
N ASN Q 239 -54.42 -4.54 67.04
CA ASN Q 239 -55.57 -3.95 67.72
C ASN Q 239 -56.52 -3.32 66.71
N GLY Q 240 -57.81 -3.31 67.06
CA GLY Q 240 -58.81 -2.74 66.18
C GLY Q 240 -58.90 -3.42 64.83
N GLU Q 241 -58.66 -4.72 64.78
CA GLU Q 241 -58.69 -5.49 63.55
C GLU Q 241 -59.84 -6.49 63.65
N ASP Q 242 -60.92 -6.22 62.94
CA ASP Q 242 -62.11 -7.07 63.03
C ASP Q 242 -61.75 -8.48 62.57
N GLY Q 243 -62.09 -9.47 63.38
CA GLY Q 243 -62.04 -10.84 62.94
C GLY Q 243 -63.02 -11.07 61.82
N THR Q 244 -62.55 -11.56 60.67
CA THR Q 244 -63.41 -11.70 59.52
C THR Q 244 -62.93 -12.88 58.69
N VAL Q 245 -63.79 -13.34 57.79
CA VAL Q 245 -63.46 -14.49 56.96
C VAL Q 245 -62.21 -14.22 56.13
N TYR Q 246 -62.05 -12.98 55.66
CA TYR Q 246 -60.90 -12.68 54.81
C TYR Q 246 -59.60 -13.08 55.49
N LEU Q 247 -59.40 -12.59 56.71
CA LEU Q 247 -58.13 -12.83 57.39
C LEU Q 247 -57.88 -14.32 57.61
N PHE Q 248 -58.86 -15.04 58.14
CA PHE Q 248 -58.65 -16.43 58.50
C PHE Q 248 -58.53 -17.32 57.26
N ARG Q 249 -59.39 -17.13 56.26
CA ARG Q 249 -59.23 -17.89 55.03
C ARG Q 249 -57.91 -17.60 54.35
N LYS Q 250 -57.48 -16.34 54.29
CA LYS Q 250 -56.17 -16.02 53.75
C LYS Q 250 -55.07 -16.79 54.47
N ILE Q 251 -55.07 -16.75 55.81
CA ILE Q 251 -54.03 -17.42 56.55
C ILE Q 251 -54.04 -18.92 56.28
N MET Q 252 -55.23 -19.53 56.31
CA MET Q 252 -55.33 -20.97 56.14
C MET Q 252 -54.90 -21.40 54.75
N GLU Q 253 -55.32 -20.65 53.72
CA GLU Q 253 -54.96 -21.02 52.36
C GLU Q 253 -53.51 -20.72 52.05
N ARG Q 254 -52.90 -19.79 52.78
CA ARG Q 254 -51.47 -19.56 52.61
C ARG Q 254 -50.65 -20.64 53.32
N LEU Q 255 -51.12 -21.13 54.45
CA LEU Q 255 -50.41 -22.21 55.14
C LEU Q 255 -50.55 -23.53 54.38
N TYR Q 256 -51.75 -23.90 53.97
CA TYR Q 256 -52.03 -25.21 53.41
C TYR Q 256 -52.64 -25.05 52.03
N PRO Q 257 -51.83 -25.04 50.97
CA PRO Q 257 -52.39 -24.85 49.63
C PRO Q 257 -53.34 -25.94 49.17
N ASN Q 258 -53.33 -27.11 49.82
CA ASN Q 258 -54.23 -28.20 49.49
C ASN Q 258 -55.42 -28.25 50.43
N VAL Q 259 -55.97 -27.09 50.81
CA VAL Q 259 -57.16 -27.02 51.64
C VAL Q 259 -58.01 -25.84 51.20
N GLU Q 260 -59.32 -26.05 51.12
CA GLU Q 260 -60.28 -24.99 50.86
C GLU Q 260 -61.11 -24.77 52.12
N VAL Q 261 -61.27 -23.52 52.51
CA VAL Q 261 -62.03 -23.17 53.69
C VAL Q 261 -63.50 -23.04 53.32
N VAL Q 262 -64.35 -23.79 54.03
CA VAL Q 262 -65.79 -23.71 53.83
C VAL Q 262 -66.38 -22.54 54.61
N ASP Q 263 -66.11 -22.45 55.91
CA ASP Q 263 -66.70 -21.38 56.70
C ASP Q 263 -65.83 -21.09 57.91
N VAL Q 264 -65.97 -19.86 58.42
CA VAL Q 264 -65.32 -19.42 59.64
C VAL Q 264 -66.39 -19.03 60.65
N ARG Q 265 -66.24 -19.51 61.88
CA ARG Q 265 -67.07 -19.10 63.00
C ARG Q 265 -66.18 -18.49 64.06
N LEU Q 266 -66.65 -17.39 64.66
CA LEU Q 266 -65.86 -16.61 65.60
C LEU Q 266 -66.75 -16.14 66.75
N SER Q 267 -66.15 -16.00 67.93
CA SER Q 267 -66.85 -15.41 69.07
C SER Q 267 -65.85 -15.19 70.19
N GLN Q 268 -66.36 -14.78 71.33
CA GLN Q 268 -65.60 -14.62 72.56
C GLN Q 268 -65.86 -15.80 73.49
N ALA Q 269 -64.83 -16.18 74.23
CA ALA Q 269 -65.02 -17.19 75.26
C ALA Q 269 -65.80 -16.59 76.42
N PRO Q 270 -66.81 -17.28 76.96
CA PRO Q 270 -67.37 -18.58 76.56
C PRO Q 270 -68.47 -18.47 75.50
N ALA Q 271 -68.65 -17.28 74.92
CA ALA Q 271 -69.75 -17.08 74.00
C ALA Q 271 -69.67 -18.05 72.83
N ALA Q 272 -70.85 -18.47 72.34
CA ALA Q 272 -70.91 -19.43 71.25
C ALA Q 272 -70.38 -18.82 69.96
N PRO Q 273 -69.66 -19.60 69.14
CA PRO Q 273 -69.12 -19.05 67.89
C PRO Q 273 -70.23 -18.47 67.01
N THR Q 274 -69.96 -17.30 66.45
CA THR Q 274 -70.92 -16.53 65.67
C THR Q 274 -70.34 -16.23 64.30
N THR Q 275 -71.22 -16.10 63.33
CA THR Q 275 -70.78 -15.77 61.98
C THR Q 275 -70.10 -14.40 62.01
N PRO Q 276 -68.99 -14.24 61.30
CA PRO Q 276 -68.31 -12.96 61.28
C PRO Q 276 -69.22 -11.87 60.75
N PRO Q 277 -68.80 -10.60 60.81
CA PRO Q 277 -67.51 -10.13 61.34
C PRO Q 277 -67.46 -10.06 62.85
N LEU Q 278 -66.28 -10.26 63.42
CA LEU Q 278 -66.06 -10.09 64.85
C LEU Q 278 -65.41 -8.72 65.08
N VAL Q 279 -66.21 -7.76 65.53
CA VAL Q 279 -65.80 -6.37 65.59
C VAL Q 279 -64.86 -6.19 66.78
N MET Q 280 -63.71 -5.59 66.52
CA MET Q 280 -62.76 -5.18 67.54
C MET Q 280 -62.49 -3.69 67.42
N SER Q 281 -62.57 -2.99 68.55
CA SER Q 281 -62.30 -1.56 68.57
C SER Q 281 -60.80 -1.31 68.55
N PHE Q 282 -60.42 -0.06 68.29
CA PHE Q 282 -59.01 0.28 68.14
C PHE Q 282 -58.20 -0.02 69.39
N PHE Q 283 -58.84 -0.15 70.54
CA PHE Q 283 -58.14 -0.50 71.78
C PHE Q 283 -58.27 -1.96 72.13
N GLN Q 284 -59.24 -2.66 71.57
CA GLN Q 284 -59.41 -4.08 71.82
C GLN Q 284 -58.60 -4.91 70.83
N MET Q 285 -58.08 -6.03 71.32
CA MET Q 285 -57.22 -6.89 70.52
C MET Q 285 -57.60 -8.35 70.76
N MET Q 286 -57.49 -9.15 69.71
CA MET Q 286 -57.89 -10.56 69.79
C MET Q 286 -56.79 -11.40 70.41
N SER Q 287 -57.19 -12.34 71.26
CA SER Q 287 -56.28 -13.29 71.89
C SER Q 287 -56.72 -14.71 71.56
N PHE Q 288 -55.80 -15.66 71.71
CA PHE Q 288 -56.06 -17.02 71.28
C PHE Q 288 -55.38 -18.01 72.20
N ASN Q 289 -55.96 -19.22 72.26
CA ASN Q 289 -55.40 -20.35 72.99
C ASN Q 289 -55.38 -21.55 72.07
N ALA Q 290 -54.36 -22.39 72.25
CA ALA Q 290 -54.20 -23.56 71.38
C ALA Q 290 -55.39 -24.50 71.50
N ASP Q 291 -55.91 -24.69 72.71
CA ASP Q 291 -57.01 -25.62 72.91
C ASP Q 291 -58.36 -24.99 72.57
N ASP Q 292 -58.38 -23.72 72.16
CA ASP Q 292 -59.62 -23.07 71.78
C ASP Q 292 -59.74 -22.86 70.27
N ILE Q 293 -58.97 -23.59 69.46
CA ILE Q 293 -59.09 -23.56 68.01
C ILE Q 293 -59.56 -24.92 67.53
N LEU Q 294 -60.56 -24.95 66.66
CA LEU Q 294 -61.13 -26.20 66.19
C LEU Q 294 -61.19 -26.20 64.67
N VAL Q 295 -60.64 -27.26 64.08
CA VAL Q 295 -60.62 -27.42 62.63
C VAL Q 295 -61.21 -28.77 62.30
N GLU Q 296 -62.03 -28.82 61.26
CA GLU Q 296 -62.64 -30.07 60.82
C GLU Q 296 -62.80 -30.04 59.32
N ILE Q 297 -62.75 -31.21 58.71
CA ILE Q 297 -62.86 -31.35 57.27
C ILE Q 297 -64.31 -31.62 56.91
N VAL Q 298 -64.81 -30.89 55.91
CA VAL Q 298 -66.15 -31.10 55.38
C VAL Q 298 -66.01 -32.04 54.20
N PRO Q 299 -66.96 -32.96 53.97
CA PRO Q 299 -66.84 -33.83 52.78
C PRO Q 299 -67.21 -33.10 51.49
N MET R 1 -5.34 21.24 67.38
CA MET R 1 -3.92 21.25 67.11
C MET R 1 -3.23 21.71 68.41
N SER R 2 -2.28 22.62 68.27
CA SER R 2 -1.58 23.25 69.38
C SER R 2 -1.25 24.65 68.90
N ASN R 3 -0.26 25.27 69.53
CA ASN R 3 0.26 26.52 68.99
C ASN R 3 0.83 26.28 67.60
N LEU R 4 0.07 26.67 66.57
CA LEU R 4 0.59 26.62 65.21
C LEU R 4 1.82 27.48 65.04
N CYS R 5 1.90 28.57 65.79
CA CYS R 5 2.81 29.66 65.52
C CYS R 5 3.83 29.81 66.63
N ALA R 6 4.90 30.54 66.30
CA ALA R 6 6.04 30.69 67.18
C ALA R 6 6.38 32.17 67.29
N ASP R 7 7.19 32.49 68.28
CA ASP R 7 7.69 33.84 68.41
C ASP R 7 8.59 34.17 67.22
N PRO R 8 8.38 35.32 66.57
CA PRO R 8 9.26 35.69 65.45
C PRO R 8 10.72 35.71 65.80
N GLU R 9 11.05 36.09 67.04
CA GLU R 9 12.43 36.02 67.51
C GLU R 9 12.85 34.59 67.80
N ALA R 10 12.05 33.61 67.40
CA ALA R 10 12.53 32.25 67.32
C ALA R 10 12.91 31.89 65.89
N LEU R 11 12.01 32.16 64.95
CA LEU R 11 12.25 31.81 63.55
C LEU R 11 13.40 32.61 62.95
N VAL R 12 13.45 33.91 63.22
CA VAL R 12 14.48 34.74 62.61
C VAL R 12 15.87 34.27 63.04
N GLU R 13 16.06 34.01 64.33
CA GLU R 13 17.35 33.50 64.79
C GLU R 13 17.60 32.06 64.34
N ALA R 14 16.55 31.25 64.20
CA ALA R 14 16.76 29.93 63.63
C ALA R 14 17.39 30.03 62.25
N ARG R 15 16.97 31.00 61.46
CA ARG R 15 17.61 31.25 60.16
C ARG R 15 18.98 31.89 60.28
N ILE R 16 19.15 32.84 61.19
CA ILE R 16 20.46 33.46 61.39
C ILE R 16 21.50 32.39 61.72
N ASP R 17 21.08 31.31 62.38
CA ASP R 17 22.01 30.24 62.68
C ASP R 17 22.57 29.58 61.42
N GLU R 18 21.90 29.77 60.28
CA GLU R 18 22.38 29.22 59.01
C GLU R 18 23.40 30.11 58.31
N VAL R 19 23.68 31.29 58.84
CA VAL R 19 24.67 32.19 58.25
C VAL R 19 26.02 31.52 58.22
N LEU R 20 26.87 31.94 57.28
CA LEU R 20 28.21 31.38 57.17
C LEU R 20 29.11 31.85 58.32
N THR R 21 30.15 31.05 58.58
CA THR R 21 31.09 31.35 59.64
C THR R 21 31.66 32.75 59.49
N GLN R 22 32.05 33.13 58.28
CA GLN R 22 32.69 34.42 58.06
C GLN R 22 31.77 35.59 58.39
N TYR R 23 30.46 35.36 58.47
CA TYR R 23 29.51 36.40 58.79
C TYR R 23 28.91 36.24 60.17
N ARG R 24 29.28 35.19 60.91
CA ARG R 24 28.71 34.97 62.24
C ARG R 24 28.86 36.18 63.16
N GLU R 25 29.91 36.99 62.98
CA GLU R 25 30.16 38.14 63.85
C GLU R 25 30.33 39.42 63.04
N SER R 26 29.44 39.62 62.06
CA SER R 26 29.33 40.86 61.32
C SER R 26 28.04 41.53 61.75
N PRO R 27 28.03 42.26 62.87
CA PRO R 27 26.74 42.70 63.44
C PRO R 27 25.89 43.51 62.48
N TYR R 28 26.48 44.41 61.69
CA TYR R 28 25.65 45.23 60.81
C TYR R 28 24.96 44.41 59.74
N LEU R 29 25.66 43.47 59.12
CA LEU R 29 25.01 42.63 58.12
C LEU R 29 23.95 41.73 58.76
N LEU R 30 24.28 41.12 59.89
CA LEU R 30 23.31 40.27 60.58
C LEU R 30 22.10 41.08 61.03
N ASN R 31 22.32 42.29 61.51
CA ASN R 31 21.21 43.12 61.95
C ASN R 31 20.38 43.62 60.78
N LEU R 32 20.99 43.85 59.62
CA LEU R 32 20.23 44.11 58.42
C LEU R 32 19.30 42.93 58.09
N ILE R 33 19.87 41.73 58.05
CA ILE R 33 19.06 40.55 57.75
C ILE R 33 17.96 40.37 58.78
N ARG R 34 18.27 40.61 60.06
CA ARG R 34 17.26 40.49 61.10
C ARG R 34 16.15 41.51 60.91
N ALA R 35 16.49 42.76 60.61
CA ALA R 35 15.46 43.78 60.41
C ALA R 35 14.56 43.41 59.24
N TYR R 36 15.15 42.87 58.18
CA TYR R 36 14.34 42.53 57.01
C TYR R 36 13.44 41.33 57.28
N LEU R 37 13.99 40.26 57.88
CA LEU R 37 13.21 39.05 58.09
C LEU R 37 12.23 39.16 59.24
N SER R 38 12.51 40.02 60.22
CA SER R 38 11.56 40.27 61.29
C SER R 38 10.26 40.84 60.76
N LYS R 39 10.32 41.71 59.75
CA LYS R 39 9.07 42.26 59.24
C LYS R 39 8.19 41.20 58.61
N LEU R 40 8.76 40.29 57.82
CA LEU R 40 7.95 39.23 57.25
C LEU R 40 7.41 38.30 58.33
N ALA R 41 8.24 37.98 59.33
CA ALA R 41 7.77 37.14 60.42
C ALA R 41 6.64 37.80 61.20
N GLU R 42 6.77 39.08 61.52
CA GLU R 42 5.75 39.78 62.28
C GLU R 42 4.49 39.95 61.47
N THR R 43 4.61 40.11 60.15
CA THR R 43 3.43 40.14 59.31
C THR R 43 2.68 38.80 59.36
N SER R 44 3.41 37.70 59.29
CA SER R 44 2.76 36.39 59.39
C SER R 44 2.18 36.09 60.77
N MET R 45 2.74 36.67 61.83
CA MET R 45 2.17 36.45 63.16
C MET R 45 0.69 36.76 63.22
N SER R 46 0.23 37.77 62.49
CA SER R 46 -1.17 38.13 62.50
C SER R 46 -2.08 37.02 61.98
N TYR R 47 -1.54 36.05 61.24
CA TYR R 47 -2.39 35.00 60.68
C TYR R 47 -2.83 34.01 61.73
N CYS R 48 -2.05 33.88 62.79
CA CYS R 48 -2.35 33.02 63.92
C CYS R 48 -3.55 33.53 64.72
N ASP R 49 -4.27 34.50 64.16
CA ASP R 49 -5.39 35.15 64.82
C ASP R 49 -6.69 34.96 64.04
N MET R 50 -6.64 34.28 62.89
CA MET R 50 -7.83 33.81 62.19
C MET R 50 -8.29 32.46 62.69
N VAL R 51 -7.58 31.90 63.65
CA VAL R 51 -7.79 30.53 64.09
C VAL R 51 -8.96 30.42 65.07
N GLU R 52 -8.90 31.12 66.21
CA GLU R 52 -9.94 31.00 67.20
C GLU R 52 -10.91 32.17 67.23
N LYS R 53 -10.79 33.14 66.31
CA LYS R 53 -11.80 34.18 66.22
C LYS R 53 -13.09 33.70 65.57
N PHE R 54 -13.08 32.53 64.96
CA PHE R 54 -14.28 31.92 64.44
C PHE R 54 -14.86 30.87 65.37
N ASP R 55 -14.33 30.77 66.58
CA ASP R 55 -14.96 30.01 67.65
C ASP R 55 -16.35 30.58 67.92
N LEU R 56 -17.38 29.75 67.75
CA LEU R 56 -18.74 30.24 67.90
C LEU R 56 -19.03 30.68 69.33
N ASP R 57 -18.24 30.24 70.29
CA ASP R 57 -18.41 30.72 71.66
C ASP R 57 -17.87 32.12 71.87
N THR R 58 -16.92 32.57 71.05
CA THR R 58 -16.25 33.83 71.28
C THR R 58 -16.21 34.75 70.08
N ALA R 59 -16.61 34.31 68.90
CA ALA R 59 -16.54 35.13 67.71
C ALA R 59 -17.37 36.41 67.87
N VAL R 60 -16.80 37.53 67.43
CA VAL R 60 -17.45 38.83 67.57
C VAL R 60 -17.41 39.55 66.23
N GLY R 61 -18.34 40.49 66.06
CA GLY R 61 -18.32 41.36 64.90
C GLY R 61 -18.39 40.59 63.59
N ASP R 62 -17.46 40.92 62.70
CA ASP R 62 -17.47 40.31 61.37
C ASP R 62 -17.17 38.82 61.43
N GLN R 63 -16.29 38.42 62.36
CA GLN R 63 -15.99 37.00 62.50
C GLN R 63 -17.21 36.21 62.96
N LEU R 64 -18.18 36.88 63.59
CA LEU R 64 -19.43 36.22 63.93
C LEU R 64 -20.43 36.31 62.78
N THR R 65 -20.39 37.40 62.02
CA THR R 65 -21.20 37.48 60.81
C THR R 65 -20.87 36.37 59.84
N ILE R 66 -19.58 36.02 59.72
CA ILE R 66 -19.20 34.94 58.82
C ILE R 66 -19.76 33.60 59.29
N ILE R 67 -19.70 33.33 60.59
CA ILE R 67 -20.29 32.11 61.12
C ILE R 67 -21.79 32.08 60.83
N GLY R 68 -22.45 33.23 60.99
CA GLY R 68 -23.87 33.28 60.71
C GLY R 68 -24.18 33.03 59.24
N ARG R 69 -23.34 33.54 58.35
CA ARG R 69 -23.53 33.30 56.93
C ARG R 69 -23.25 31.86 56.54
N ILE R 70 -22.32 31.20 57.22
CA ILE R 70 -22.10 29.78 56.98
C ILE R 70 -23.29 28.95 57.47
N LEU R 71 -23.77 29.24 58.68
CA LEU R 71 -24.92 28.52 59.22
C LEU R 71 -26.21 28.92 58.55
N GLY R 72 -26.22 29.96 57.74
CA GLY R 72 -27.42 30.32 57.01
C GLY R 72 -28.43 31.11 57.81
N PHE R 73 -27.98 32.09 58.58
CA PHE R 73 -28.87 32.90 59.39
C PHE R 73 -28.34 34.33 59.40
N PRO R 74 -28.85 35.21 58.55
CA PRO R 74 -28.31 36.57 58.50
C PRO R 74 -28.66 37.42 59.70
N ARG R 75 -28.02 38.58 59.82
CA ARG R 75 -28.31 39.49 60.91
C ARG R 75 -29.60 40.26 60.68
N CYS R 76 -29.96 40.53 59.43
CA CYS R 76 -31.08 41.39 59.09
C CYS R 76 -32.26 40.55 58.62
N HIS R 77 -33.43 40.77 59.23
CA HIS R 77 -34.62 39.99 58.97
C HIS R 77 -35.81 40.93 58.79
N CYS R 78 -36.69 40.63 57.85
CA CYS R 78 -37.87 41.45 57.63
C CYS R 78 -38.88 41.29 58.76
N VAL R 79 -39.46 42.41 59.20
CA VAL R 79 -40.35 42.41 60.35
C VAL R 79 -41.52 43.37 60.12
N CYS R 80 -42.61 43.13 60.86
CA CYS R 80 -43.76 44.04 60.93
C CYS R 80 -43.66 44.81 62.24
N ASP R 81 -42.72 45.74 62.32
CA ASP R 81 -42.58 46.54 63.53
C ASP R 81 -41.94 47.87 63.16
N THR R 82 -42.13 48.85 64.02
CA THR R 82 -41.56 50.18 63.82
C THR R 82 -40.26 50.25 64.59
N ILE R 83 -39.14 50.01 63.90
CA ILE R 83 -37.82 50.09 64.52
C ILE R 83 -37.59 51.52 64.99
N PRO R 84 -36.98 51.72 66.15
CA PRO R 84 -36.53 53.07 66.53
C PRO R 84 -35.43 53.53 65.60
N VAL R 85 -35.37 54.84 65.40
CA VAL R 85 -34.38 55.48 64.53
C VAL R 85 -33.65 56.55 65.31
N VAL R 86 -32.36 56.69 65.04
CA VAL R 86 -31.53 57.64 65.76
C VAL R 86 -31.95 59.05 65.36
N GLY R 87 -32.11 59.93 66.33
CA GLY R 87 -32.42 61.32 66.06
C GLY R 87 -32.72 62.03 67.35
N TYR R 88 -32.93 63.34 67.24
CA TYR R 88 -33.31 64.16 68.38
C TYR R 88 -34.81 64.35 68.42
N ASP R 89 -35.40 64.06 69.58
CA ASP R 89 -36.84 64.16 69.77
C ASP R 89 -37.25 65.57 70.18
N CYS R 90 -36.75 66.55 69.42
CA CYS R 90 -37.07 67.96 69.61
C CYS R 90 -37.09 68.30 71.10
N GLY R 91 -36.06 67.87 71.82
CA GLY R 91 -36.04 68.03 73.26
C GLY R 91 -37.14 67.23 73.91
N GLY R 92 -38.05 67.93 74.58
CA GLY R 92 -39.14 67.27 75.27
C GLY R 92 -39.99 66.38 74.38
N SER R 93 -40.65 66.97 73.40
CA SER R 93 -41.56 66.21 72.56
C SER R 93 -41.90 67.00 71.31
N TYR R 94 -41.92 66.29 70.18
CA TYR R 94 -42.41 66.80 68.92
C TYR R 94 -43.48 65.83 68.40
N ALA R 95 -44.26 66.28 67.42
CA ALA R 95 -45.36 65.44 66.96
C ALA R 95 -44.83 64.24 66.18
N GLY R 96 -44.25 64.49 65.01
CA GLY R 96 -43.59 63.46 64.22
C GLY R 96 -44.39 62.19 64.01
N SER R 97 -43.74 61.16 63.48
CA SER R 97 -44.32 59.83 63.40
C SER R 97 -43.29 58.72 63.60
N TYR R 98 -42.06 59.06 63.95
CA TYR R 98 -41.00 58.10 64.20
C TYR R 98 -40.81 57.93 65.71
N GLN R 99 -39.97 56.98 66.08
CA GLN R 99 -39.56 56.83 67.48
C GLN R 99 -38.04 56.90 67.55
N LEU R 100 -37.55 57.72 68.45
CA LEU R 100 -36.16 58.14 68.47
C LEU R 100 -35.28 57.07 69.12
N ALA R 101 -33.97 57.30 69.09
CA ALA R 101 -32.98 56.38 69.62
C ALA R 101 -32.02 57.13 70.53
N GLY R 102 -31.49 56.40 71.53
CA GLY R 102 -30.80 57.06 72.64
C GLY R 102 -29.44 56.52 73.07
N TYR R 103 -28.59 56.18 72.11
CA TYR R 103 -27.19 55.80 72.31
C TYR R 103 -27.05 54.38 72.86
N CYS R 104 -28.13 53.71 73.22
CA CYS R 104 -28.05 52.29 73.56
C CYS R 104 -29.34 51.62 73.11
N GLU R 105 -29.37 51.18 71.86
CA GLU R 105 -30.51 50.42 71.38
C GLU R 105 -30.06 49.53 70.23
N PRO R 106 -29.98 48.22 70.45
CA PRO R 106 -29.48 47.32 69.43
C PRO R 106 -30.08 47.54 68.05
N GLY R 107 -31.36 47.90 67.98
CA GLY R 107 -31.98 48.18 66.71
C GLY R 107 -31.62 49.54 66.15
N SER R 108 -30.34 49.90 66.23
CA SER R 108 -29.91 51.18 65.69
C SER R 108 -30.14 51.21 64.18
N SER R 109 -30.74 52.30 63.70
CA SER R 109 -30.90 52.45 62.27
C SER R 109 -31.14 53.91 61.94
N TRP R 110 -30.23 54.49 61.17
CA TRP R 110 -30.44 55.76 60.51
C TRP R 110 -31.54 55.58 59.47
N ILE R 111 -32.27 56.66 59.19
CA ILE R 111 -33.32 56.54 58.18
C ILE R 111 -32.73 56.23 56.83
N HIS R 112 -31.50 56.67 56.56
CA HIS R 112 -30.90 56.52 55.24
C HIS R 112 -30.31 55.13 55.03
N CYS R 113 -30.21 54.34 56.09
CA CYS R 113 -29.63 53.01 55.96
C CYS R 113 -30.52 52.11 55.10
N SER R 114 -29.86 51.33 54.24
CA SER R 114 -30.60 50.42 53.37
C SER R 114 -31.41 49.38 54.15
N PRO R 115 -30.86 48.72 55.17
CA PRO R 115 -31.69 47.75 55.91
C PRO R 115 -32.92 48.36 56.54
N TYR R 116 -32.81 49.56 57.10
CA TYR R 116 -34.01 50.21 57.62
C TYR R 116 -34.98 50.62 56.51
N GLY R 117 -34.47 50.97 55.35
CA GLY R 117 -35.38 51.38 54.31
C GLY R 117 -36.36 50.33 53.86
N ASN R 118 -36.18 49.06 54.25
CA ASN R 118 -37.05 47.99 53.79
C ASN R 118 -37.45 47.06 54.94
N SER R 119 -37.77 47.64 56.09
CA SER R 119 -38.36 46.91 57.21
C SER R 119 -37.50 45.75 57.67
N GLU R 120 -36.18 45.91 57.60
CA GLU R 120 -35.27 44.88 58.06
C GLU R 120 -34.73 45.27 59.43
N LEU R 121 -35.06 44.47 60.44
CA LEU R 121 -34.47 44.61 61.77
C LEU R 121 -33.18 43.80 61.81
N CYS R 122 -32.09 44.42 62.21
CA CYS R 122 -30.77 43.80 62.17
C CYS R 122 -30.28 43.62 63.60
N VAL R 123 -29.93 42.38 63.96
CA VAL R 123 -29.48 42.05 65.30
C VAL R 123 -28.02 42.49 65.39
N ASP R 124 -27.79 43.63 66.04
CA ASP R 124 -26.47 44.25 66.11
C ASP R 124 -25.70 43.86 67.36
N GLU R 125 -26.37 43.29 68.36
CA GLU R 125 -25.70 42.89 69.58
C GLU R 125 -25.13 41.47 69.43
N ASP R 126 -23.80 41.36 69.53
CA ASP R 126 -23.17 40.07 69.32
C ASP R 126 -23.67 39.02 70.30
N GLU R 127 -24.02 39.40 71.52
CA GLU R 127 -24.35 38.39 72.51
C GLU R 127 -25.73 37.78 72.25
N ILE R 128 -26.61 38.50 71.57
CA ILE R 128 -27.88 37.93 71.14
C ILE R 128 -27.74 37.21 69.81
N TYR R 129 -26.92 37.74 68.91
CA TYR R 129 -26.72 37.07 67.63
C TYR R 129 -26.04 35.72 67.83
N ARG R 130 -25.10 35.63 68.77
CA ARG R 130 -24.45 34.36 69.07
C ARG R 130 -25.45 33.34 69.59
N SER R 131 -26.35 33.77 70.47
CA SER R 131 -27.38 32.87 70.95
C SER R 131 -28.28 32.40 69.81
N LEU R 132 -28.64 33.31 68.91
CA LEU R 132 -29.45 32.91 67.76
C LEU R 132 -28.72 31.91 66.87
N LEU R 133 -27.41 32.08 66.67
CA LEU R 133 -26.65 31.13 65.87
C LEU R 133 -26.59 29.75 66.53
N LYS R 134 -26.35 29.74 67.84
CA LYS R 134 -26.36 28.48 68.58
C LYS R 134 -27.71 27.79 68.47
N ALA R 135 -28.81 28.54 68.52
CA ALA R 135 -30.12 27.96 68.28
C ALA R 135 -30.27 27.42 66.86
N ARG R 136 -29.76 28.15 65.87
CA ARG R 136 -29.89 27.75 64.47
C ARG R 136 -29.18 26.44 64.20
N ARG R 137 -28.13 26.15 64.96
CA ARG R 137 -27.46 24.86 64.78
C ARG R 137 -28.45 23.72 64.89
N TYR R 138 -29.45 23.84 65.78
CA TYR R 138 -30.41 22.76 65.96
C TYR R 138 -31.39 22.66 64.80
N GLN R 139 -31.87 23.80 64.29
CA GLN R 139 -32.68 23.76 63.07
C GLN R 139 -31.93 23.10 61.93
N MET R 140 -30.64 23.39 61.77
CA MET R 140 -29.86 22.74 60.72
C MET R 140 -30.05 21.23 60.76
N LEU R 141 -29.67 20.64 61.88
CA LEU R 141 -29.75 19.19 62.05
C LEU R 141 -31.17 18.68 62.13
N GLY R 142 -32.16 19.56 62.28
CA GLY R 142 -33.52 19.10 62.42
C GLY R 142 -33.80 18.40 63.72
N LEU R 143 -33.28 18.94 64.82
CA LEU R 143 -33.50 18.38 66.16
C LEU R 143 -34.74 19.03 66.76
N TYR R 144 -35.87 18.36 66.60
CA TYR R 144 -37.16 18.89 67.02
C TYR R 144 -37.64 18.33 68.36
N ASP R 145 -36.95 17.35 68.92
CA ASP R 145 -37.41 16.76 70.18
C ASP R 145 -37.32 17.77 71.31
N ILE R 146 -38.08 17.51 72.38
CA ILE R 146 -38.04 18.38 73.54
C ILE R 146 -36.65 18.41 74.14
N GLU R 147 -35.95 17.27 74.12
CA GLU R 147 -34.60 17.22 74.69
C GLU R 147 -33.67 18.22 74.02
N SER R 148 -34.00 18.66 72.81
CA SER R 148 -33.16 19.61 72.08
C SER R 148 -33.75 21.00 72.05
N LEU R 149 -35.08 21.11 71.96
CA LEU R 149 -35.69 22.43 72.00
C LEU R 149 -35.49 23.08 73.36
N HIS R 150 -35.57 22.31 74.44
CA HIS R 150 -35.31 22.86 75.77
C HIS R 150 -33.86 23.35 75.89
N GLU R 151 -32.90 22.59 75.36
CA GLU R 151 -31.51 23.04 75.33
C GLU R 151 -31.32 24.30 74.51
N ALA R 152 -31.99 24.40 73.36
CA ALA R 152 -31.89 25.61 72.54
C ALA R 152 -32.44 26.81 73.29
N LEU R 153 -33.56 26.62 73.98
CA LEU R 153 -34.10 27.69 74.82
C LEU R 153 -33.16 28.08 75.94
N GLN R 154 -32.49 27.11 76.57
CA GLN R 154 -31.44 27.43 77.53
C GLN R 154 -30.46 28.44 76.96
N ILE R 155 -29.99 28.20 75.74
CA ILE R 155 -29.00 29.08 75.13
C ILE R 155 -29.59 30.43 74.77
N VAL R 156 -30.82 30.47 74.26
CA VAL R 156 -31.40 31.72 73.78
C VAL R 156 -31.78 32.63 74.94
N TRP R 157 -32.42 32.09 75.96
CA TRP R 157 -33.04 32.90 76.99
C TRP R 157 -32.43 32.76 78.38
N GLY R 158 -32.19 31.55 78.86
CA GLY R 158 -31.61 31.37 80.18
C GLY R 158 -32.02 30.04 80.79
N GLU R 159 -31.63 29.88 82.06
CA GLU R 159 -31.84 28.60 82.74
C GLU R 159 -33.30 28.31 83.02
N ASP R 160 -34.16 29.33 83.15
CA ASP R 160 -35.54 29.08 83.51
C ASP R 160 -36.45 28.89 82.30
N ALA R 161 -35.91 28.90 81.09
CA ALA R 161 -36.75 28.67 79.93
C ALA R 161 -37.30 27.25 79.95
N MET R 162 -38.49 27.07 79.39
CA MET R 162 -39.05 25.73 79.29
C MET R 162 -40.06 25.65 78.16
N VAL R 163 -40.31 24.42 77.71
CA VAL R 163 -41.34 24.10 76.74
C VAL R 163 -42.52 23.49 77.49
N ALA R 164 -43.73 23.93 77.16
CA ALA R 164 -44.87 23.73 78.04
C ALA R 164 -45.85 22.67 77.58
N GLU R 165 -46.44 22.81 76.40
CA GLU R 165 -47.56 21.97 75.99
C GLU R 165 -47.37 21.53 74.55
N THR R 166 -48.03 20.44 74.19
CA THR R 166 -48.00 19.90 72.82
C THR R 166 -49.44 19.66 72.38
N LYS R 167 -50.11 20.72 71.94
CA LYS R 167 -51.48 20.61 71.45
C LYS R 167 -51.44 19.98 70.06
N VAL R 168 -52.52 20.13 69.31
CA VAL R 168 -52.54 19.70 67.91
C VAL R 168 -51.91 20.80 67.09
N GLY R 169 -50.60 20.73 66.88
CA GLY R 169 -49.92 21.65 65.99
C GLY R 169 -49.48 22.94 66.62
N GLN R 170 -49.19 22.95 67.92
CA GLN R 170 -48.84 24.20 68.59
C GLN R 170 -47.95 23.86 69.77
N VAL R 171 -46.77 24.49 69.82
CA VAL R 171 -45.87 24.35 70.96
C VAL R 171 -45.66 25.70 71.62
N VAL R 172 -45.77 25.72 72.94
CA VAL R 172 -45.63 26.93 73.75
C VAL R 172 -44.29 26.87 74.46
N VAL R 173 -43.64 28.04 74.55
CA VAL R 173 -42.35 28.18 75.22
C VAL R 173 -42.40 29.38 76.15
N THR R 174 -41.53 29.38 77.15
CA THR R 174 -41.42 30.50 78.07
C THR R 174 -39.95 30.72 78.39
N PRO R 175 -39.53 31.97 78.60
CA PRO R 175 -38.15 32.20 79.08
C PRO R 175 -37.99 32.01 80.57
N GLY R 176 -39.04 32.25 81.35
CA GLY R 176 -38.92 32.15 82.79
C GLY R 176 -38.33 33.37 83.45
N ARG R 177 -38.52 34.55 82.87
CA ARG R 177 -37.98 35.79 83.41
C ARG R 177 -38.48 36.96 82.57
N SER R 178 -38.44 38.16 83.15
CA SER R 178 -38.95 39.33 82.47
C SER R 178 -37.98 39.77 81.36
N LEU R 179 -38.40 39.60 80.12
CA LEU R 179 -37.59 40.03 78.99
C LEU R 179 -37.45 41.54 79.00
N THR R 180 -36.27 42.02 78.60
CA THR R 180 -36.04 43.44 78.45
C THR R 180 -36.62 43.91 77.11
N ALA R 181 -36.52 45.21 76.84
CA ALA R 181 -37.00 45.73 75.57
C ALA R 181 -36.22 45.16 74.39
N THR R 182 -34.91 45.04 74.53
CA THR R 182 -34.09 44.50 73.44
C THR R 182 -34.54 43.10 73.07
N GLU R 183 -34.63 42.22 74.07
CA GLU R 183 -35.05 40.85 73.82
C GLU R 183 -36.49 40.80 73.34
N THR R 184 -37.35 41.68 73.84
CA THR R 184 -38.72 41.71 73.36
C THR R 184 -38.78 42.02 71.87
N ARG R 185 -38.00 43.02 71.43
CA ARG R 185 -38.05 43.39 70.03
C ARG R 185 -37.32 42.38 69.15
N TYR R 186 -36.40 41.61 69.73
CA TYR R 186 -35.77 40.52 69.01
C TYR R 186 -36.58 39.23 69.06
N LEU R 187 -37.65 39.18 69.85
CA LEU R 187 -38.49 37.99 69.90
C LEU R 187 -38.99 37.54 68.54
N PRO R 188 -39.47 38.41 67.65
CA PRO R 188 -39.90 37.93 66.33
C PRO R 188 -38.81 37.20 65.57
N ILE R 189 -37.53 37.50 65.83
CA ILE R 189 -36.45 36.78 65.15
C ILE R 189 -36.08 35.50 65.87
N VAL R 190 -36.30 35.42 67.18
CA VAL R 190 -35.91 34.23 67.93
C VAL R 190 -36.71 33.02 67.48
N PHE R 191 -38.00 33.21 67.26
CA PHE R 191 -38.86 32.11 66.82
C PHE R 191 -38.64 31.77 65.35
N ARG R 192 -37.89 32.57 64.61
CA ARG R 192 -37.43 32.19 63.28
C ARG R 192 -36.20 31.29 63.34
N ALA R 193 -35.55 31.19 64.49
CA ALA R 193 -34.35 30.41 64.66
C ALA R 193 -34.55 29.19 65.55
N LEU R 194 -35.58 29.18 66.38
CA LEU R 194 -35.77 28.02 67.23
C LEU R 194 -36.06 26.76 66.43
N PRO R 195 -35.69 25.59 66.94
CA PRO R 195 -36.04 24.31 66.27
C PRO R 195 -37.47 23.86 66.54
N ILE R 196 -38.39 24.41 65.75
CA ILE R 196 -39.79 24.05 65.77
C ILE R 196 -40.14 23.49 64.39
N ALA R 197 -40.73 22.29 64.38
CA ALA R 197 -40.97 21.61 63.12
C ALA R 197 -41.90 22.43 62.22
N PRO R 198 -41.70 22.42 60.91
CA PRO R 198 -42.64 23.12 60.02
C PRO R 198 -44.05 22.58 60.22
N GLY R 199 -45.03 23.48 60.11
CA GLY R 199 -46.40 23.10 60.31
C GLY R 199 -46.83 23.03 61.76
N ILE R 200 -46.04 23.58 62.67
CA ILE R 200 -46.41 23.65 64.09
C ILE R 200 -46.17 25.07 64.57
N LYS R 201 -47.22 25.71 65.07
CA LYS R 201 -47.15 27.12 65.42
C LYS R 201 -46.41 27.27 66.75
N GLY R 202 -45.39 28.13 66.76
CA GLY R 202 -44.72 28.45 68.01
C GLY R 202 -45.41 29.61 68.71
N MET R 203 -45.64 29.44 70.01
CA MET R 203 -46.28 30.43 70.85
C MET R 203 -45.28 30.89 71.90
N ILE R 204 -45.74 31.72 72.82
CA ILE R 204 -44.93 32.16 73.94
C ILE R 204 -45.86 32.45 75.10
N HIS R 205 -45.37 32.20 76.32
CA HIS R 205 -46.09 32.57 77.52
C HIS R 205 -46.16 34.09 77.66
N ILE R 206 -47.29 34.57 78.19
CA ILE R 206 -47.49 36.01 78.34
C ILE R 206 -46.40 36.69 79.17
N ASP R 207 -46.33 36.38 80.46
CA ASP R 207 -45.49 37.13 81.39
C ASP R 207 -44.07 36.58 81.44
N GLN R 208 -43.76 35.59 80.60
CA GLN R 208 -42.41 35.06 80.51
C GLN R 208 -41.97 34.38 81.81
N GLY R 209 -42.92 33.98 82.64
CA GLY R 209 -42.62 33.45 83.94
C GLY R 209 -42.78 31.95 84.00
N PRO R 210 -42.05 31.29 84.91
CA PRO R 210 -42.15 29.83 84.99
C PRO R 210 -43.59 29.40 85.24
N ILE R 211 -43.98 28.33 84.59
CA ILE R 211 -45.37 27.88 84.57
C ILE R 211 -45.68 27.09 85.83
N ALA R 212 -46.83 27.37 86.42
CA ALA R 212 -47.29 26.72 87.63
C ALA R 212 -48.20 25.55 87.30
N GLY R 213 -48.60 24.82 88.32
CA GLY R 213 -49.37 23.59 88.15
C GLY R 213 -48.76 22.46 88.95
N TYR R 214 -48.45 21.36 88.28
CA TYR R 214 -47.96 20.16 88.95
C TYR R 214 -46.78 19.61 88.18
N GLY R 215 -46.07 18.69 88.82
CA GLY R 215 -44.92 18.02 88.25
C GLY R 215 -43.73 18.04 89.18
N ASP R 216 -42.66 17.38 88.74
CA ASP R 216 -41.48 17.26 89.58
C ASP R 216 -40.58 18.48 89.51
N GLY R 217 -39.96 18.75 88.35
CA GLY R 217 -39.16 19.94 88.19
C GLY R 217 -40.04 21.05 87.66
N TRP R 218 -40.49 21.92 88.54
CA TRP R 218 -41.66 22.71 88.19
C TRP R 218 -41.68 23.92 89.10
N ALA R 219 -42.59 24.86 88.84
CA ALA R 219 -42.76 26.02 89.67
C ALA R 219 -44.12 25.96 90.37
N GLY R 220 -44.12 26.22 91.67
CA GLY R 220 -45.33 26.17 92.47
C GLY R 220 -46.01 27.52 92.54
N TYR R 221 -46.48 27.88 93.73
CA TYR R 221 -47.10 29.19 93.93
C TYR R 221 -46.07 30.31 93.72
N CYS R 222 -45.11 30.43 94.63
CA CYS R 222 -44.16 31.53 94.58
C CYS R 222 -43.26 31.34 93.35
N GLY R 223 -43.38 32.25 92.39
CA GLY R 223 -42.58 32.24 91.18
C GLY R 223 -43.29 31.65 89.97
N GLY R 224 -44.34 30.86 90.17
CA GLY R 224 -45.06 30.26 89.07
C GLY R 224 -46.27 31.08 88.66
N ASP R 225 -46.86 30.70 87.52
CA ASP R 225 -48.05 31.36 87.01
C ASP R 225 -48.78 30.41 86.08
N TRP R 226 -49.98 30.82 85.67
CA TRP R 226 -50.87 29.99 84.86
C TRP R 226 -50.50 30.14 83.39
N LEU R 227 -50.84 29.11 82.61
CA LEU R 227 -50.41 29.04 81.23
C LEU R 227 -51.35 29.86 80.34
N CYS R 228 -50.79 30.83 79.64
CA CYS R 228 -51.54 31.67 78.72
C CYS R 228 -50.71 31.87 77.46
N PRO R 229 -50.87 31.01 76.44
CA PRO R 229 -50.07 31.15 75.22
C PRO R 229 -50.62 32.19 74.25
N VAL R 230 -49.74 32.97 73.64
CA VAL R 230 -50.15 34.04 72.74
C VAL R 230 -49.34 33.98 71.46
N ASP R 231 -49.91 34.53 70.40
CA ASP R 231 -49.24 34.54 69.10
C ASP R 231 -48.08 35.52 69.10
N PRO R 232 -46.86 35.10 68.75
CA PRO R 232 -45.74 36.04 68.70
C PRO R 232 -45.67 36.85 67.43
N HIS R 233 -46.43 36.49 66.39
CA HIS R 233 -46.43 37.21 65.13
C HIS R 233 -45.01 37.32 64.56
N ALA R 234 -44.31 36.19 64.56
CA ALA R 234 -42.94 36.16 64.08
C ALA R 234 -42.85 36.37 62.58
N TYR R 235 -43.81 35.82 61.82
CA TYR R 235 -43.76 35.86 60.37
C TYR R 235 -44.81 36.76 59.75
N THR R 236 -45.74 37.31 60.53
CA THR R 236 -46.92 37.96 59.97
C THR R 236 -47.17 39.28 60.68
N CYS R 237 -47.64 40.27 59.91
CA CYS R 237 -48.20 41.47 60.52
C CYS R 237 -49.48 41.15 61.29
N SER R 238 -50.35 40.32 60.70
CA SER R 238 -51.65 40.00 61.30
C SER R 238 -51.49 39.18 62.57
N MET S 1 34.28 41.81 22.66
CA MET S 1 33.30 41.61 23.71
C MET S 1 33.85 42.07 25.06
N ALA S 2 33.26 43.12 25.63
CA ALA S 2 33.81 43.73 26.82
C ALA S 2 33.45 42.92 28.07
N ALA S 3 34.20 43.18 29.14
CA ALA S 3 33.88 42.58 30.42
C ALA S 3 32.62 43.23 30.99
N PRO S 4 31.58 42.46 31.29
CA PRO S 4 30.36 43.06 31.85
C PRO S 4 30.60 43.60 33.25
N SER S 5 29.86 44.65 33.57
CA SER S 5 29.97 45.31 34.86
C SER S 5 29.45 44.40 35.98
N ARG S 6 30.16 44.42 37.10
CA ARG S 6 29.79 43.63 38.27
C ARG S 6 29.67 44.55 39.47
N ILE S 7 28.87 44.11 40.44
CA ILE S 7 28.58 44.91 41.62
C ILE S 7 28.19 43.98 42.76
N GLY S 8 28.50 44.39 43.98
CA GLY S 8 28.12 43.65 45.16
C GLY S 8 28.25 44.53 46.38
N LEU S 9 27.75 44.03 47.51
CA LEU S 9 27.91 44.76 48.77
C LEU S 9 29.37 44.85 49.17
N ALA S 10 29.77 46.04 49.61
CA ALA S 10 31.12 46.27 50.11
C ALA S 10 31.24 45.68 51.51
N LEU S 11 32.41 45.12 51.80
CA LEU S 11 32.75 44.64 53.12
C LEU S 11 34.05 45.31 53.54
N LYS S 12 34.02 45.98 54.68
CA LYS S 12 35.20 46.63 55.25
C LYS S 12 35.52 45.96 56.57
N LYS S 13 36.80 45.81 56.87
CA LYS S 13 37.21 45.25 58.15
C LYS S 13 37.03 46.30 59.23
N ASN S 14 36.49 45.89 60.38
CA ASN S 14 36.20 46.80 61.47
C ASN S 14 37.37 46.80 62.47
N GLU S 15 37.13 47.35 63.66
CA GLU S 15 38.20 47.45 64.66
C GLU S 15 38.65 46.10 65.18
N GLN S 16 37.83 45.06 65.06
CA GLN S 16 38.22 43.71 65.42
C GLN S 16 38.80 42.94 64.25
N GLY S 17 38.90 43.57 63.08
CA GLY S 17 39.37 42.87 61.90
C GLY S 17 38.36 41.97 61.26
N ILE S 18 37.10 42.05 61.64
CA ILE S 18 36.03 41.25 61.04
C ILE S 18 35.43 42.06 59.91
N ALA S 19 35.10 41.38 58.80
CA ALA S 19 34.57 42.07 57.64
C ALA S 19 33.06 42.25 57.77
N ASP S 20 32.61 43.50 57.67
CA ASP S 20 31.21 43.84 57.87
C ASP S 20 30.79 44.86 56.83
N ILE S 21 29.48 44.91 56.56
CA ILE S 21 28.98 45.87 55.60
C ILE S 21 29.26 47.28 56.11
N TYR S 22 29.45 48.20 55.19
CA TYR S 22 29.92 49.54 55.47
C TYR S 22 29.03 50.56 54.79
N LEU S 23 28.90 51.73 55.40
CA LEU S 23 28.24 52.86 54.77
C LEU S 23 29.22 54.03 54.70
N ASP S 24 29.39 54.59 53.50
CA ASP S 24 30.44 55.54 53.21
C ASP S 24 30.06 56.92 53.74
N ALA S 25 30.91 57.91 53.48
CA ALA S 25 30.73 59.23 54.08
C ALA S 25 29.38 59.83 53.73
N SER S 26 28.84 59.50 52.56
CA SER S 26 27.52 59.98 52.17
C SER S 26 26.41 59.35 53.00
N GLY S 27 26.68 58.25 53.71
CA GLY S 27 25.69 57.61 54.54
C GLY S 27 24.91 56.50 53.86
N ASN S 28 25.08 56.30 52.56
CA ASN S 28 24.37 55.24 51.87
C ASN S 28 25.25 54.00 51.79
N LEU S 29 24.60 52.84 51.65
CA LEU S 29 25.33 51.59 51.55
C LEU S 29 26.41 51.69 50.49
N SER S 30 27.64 51.41 50.89
CA SER S 30 28.74 51.39 49.93
C SER S 30 28.73 50.06 49.19
N MET S 31 28.88 50.13 47.88
CA MET S 31 28.83 48.95 47.02
C MET S 31 30.05 48.98 46.12
N VAL S 32 30.78 47.87 46.09
CA VAL S 32 31.99 47.75 45.28
C VAL S 32 31.61 47.44 43.84
N GLN S 33 32.52 47.75 42.92
CA GLN S 33 32.27 47.65 41.49
C GLN S 33 33.40 46.84 40.85
N ASN S 34 33.47 46.93 39.52
CA ASN S 34 33.97 45.86 38.66
C ASN S 34 35.12 45.03 39.23
N THR S 35 36.27 45.64 39.51
CA THR S 35 37.42 44.84 39.89
C THR S 35 37.55 44.66 41.40
N GLU S 36 37.32 45.70 42.20
CA GLU S 36 37.28 45.49 43.63
C GLU S 36 36.11 44.60 44.02
N ALA S 37 35.03 44.60 43.24
CA ALA S 37 33.95 43.66 43.46
C ALA S 37 34.44 42.23 43.31
N VAL S 38 35.19 41.94 42.25
CA VAL S 38 35.70 40.58 42.04
C VAL S 38 36.71 40.22 43.11
N GLY S 39 37.52 41.18 43.54
CA GLY S 39 38.46 40.90 44.62
C GLY S 39 37.77 40.53 45.92
N GLN S 40 36.77 41.32 46.32
CA GLN S 40 36.04 40.97 47.53
C GLN S 40 35.29 39.65 47.37
N HIS S 41 34.73 39.39 46.19
CA HIS S 41 34.07 38.11 45.97
C HIS S 41 35.05 36.95 46.13
N ALA S 42 36.26 37.10 45.58
CA ALA S 42 37.27 36.07 45.76
C ALA S 42 37.59 35.87 47.24
N ARG S 43 37.63 36.95 48.00
CA ARG S 43 37.87 36.81 49.44
C ARG S 43 36.75 36.05 50.13
N GLN S 44 35.49 36.38 49.85
CA GLN S 44 34.40 35.64 50.47
C GLN S 44 34.40 34.19 50.04
N ARG S 45 34.84 33.90 48.82
CA ARG S 45 34.95 32.51 48.40
C ARG S 45 36.07 31.80 49.13
N LEU S 46 37.16 32.49 49.42
CA LEU S 46 38.26 31.85 50.12
C LEU S 46 37.92 31.61 51.58
N MET S 47 37.06 32.44 52.16
CA MET S 47 36.74 32.35 53.57
C MET S 47 35.64 31.35 53.89
N THR S 48 35.18 30.56 52.92
CA THR S 48 34.04 29.67 53.12
C THR S 48 34.49 28.23 53.21
N TYR S 49 33.94 27.49 54.18
CA TYR S 49 34.31 26.12 54.43
C TYR S 49 33.38 25.17 53.68
N LEU S 50 33.95 24.11 53.11
CA LEU S 50 33.19 23.19 52.28
C LEU S 50 32.09 22.50 53.08
N GLY S 51 30.89 22.48 52.51
CA GLY S 51 29.75 21.83 53.14
C GLY S 51 29.08 22.65 54.22
N GLU S 52 29.34 23.95 54.29
CA GLU S 52 28.84 24.78 55.36
C GLU S 52 27.46 25.35 55.08
N TRP S 53 27.23 25.81 53.85
CA TRP S 53 25.98 26.44 53.47
C TRP S 53 24.90 25.39 53.31
N PHE S 54 23.78 25.58 54.00
CA PHE S 54 22.74 24.55 54.07
C PHE S 54 22.04 24.32 52.75
N LEU S 55 22.02 25.28 51.84
CA LEU S 55 21.37 25.09 50.55
C LEU S 55 22.27 24.44 49.51
N ASN S 56 23.57 24.38 49.75
CA ASN S 56 24.51 23.84 48.77
C ASN S 56 25.76 23.40 49.53
N LYS S 57 25.96 22.09 49.64
CA LYS S 57 27.11 21.53 50.33
C LYS S 57 28.31 21.37 49.42
N ASN S 58 28.29 21.98 48.24
CA ASN S 58 29.42 21.91 47.31
C ASN S 58 30.18 23.21 47.20
N VAL S 59 29.74 24.28 47.86
CA VAL S 59 30.49 25.52 47.90
C VAL S 59 31.38 25.54 49.13
N GLY S 60 32.51 26.21 49.02
CA GLY S 60 33.48 26.29 50.09
C GLY S 60 34.74 25.52 49.75
N VAL S 61 35.80 25.86 50.46
CA VAL S 61 37.13 25.30 50.24
C VAL S 61 37.31 24.13 51.18
N PRO S 62 38.00 23.07 50.78
CA PRO S 62 38.25 21.98 51.74
C PRO S 62 39.42 22.28 52.67
N TRP S 63 39.31 23.39 53.41
CA TRP S 63 40.37 23.74 54.36
C TRP S 63 40.58 22.61 55.36
N LEU S 64 39.50 22.12 55.96
CA LEU S 64 39.59 21.12 57.01
C LEU S 64 39.92 19.73 56.47
N ARG S 65 39.46 19.39 55.28
CA ARG S 65 39.72 18.06 54.73
C ARG S 65 41.18 17.93 54.29
N ASP S 66 41.75 18.98 53.71
CA ASP S 66 43.03 18.89 53.03
C ASP S 66 44.20 19.45 53.81
N LEU S 67 44.13 20.71 54.26
CA LEU S 67 45.29 21.39 54.79
C LEU S 67 45.37 21.43 56.30
N LEU S 68 44.35 21.96 56.99
CA LEU S 68 44.39 22.11 58.43
C LEU S 68 44.56 20.73 59.07
N GLY S 69 45.71 20.50 59.71
CA GLY S 69 46.05 19.17 60.18
C GLY S 69 47.53 19.07 60.52
N LYS S 70 48.08 17.86 60.34
CA LYS S 70 49.47 17.58 60.69
C LYS S 70 50.40 17.51 59.49
N GLY S 71 50.03 18.10 58.37
CA GLY S 71 50.67 17.77 57.12
C GLY S 71 51.22 18.90 56.26
N TYR S 72 52.00 19.82 56.82
CA TYR S 72 52.44 20.96 56.02
C TYR S 72 52.86 20.52 54.62
N ASP S 73 52.28 21.15 53.61
CA ASP S 73 52.44 20.74 52.22
C ASP S 73 52.25 21.94 51.32
N PRO S 74 53.31 22.50 50.74
CA PRO S 74 53.14 23.71 49.92
C PRO S 74 52.44 23.46 48.60
N VAL S 75 52.71 22.36 47.91
CA VAL S 75 52.09 22.13 46.62
C VAL S 75 50.58 21.96 46.73
N LEU S 76 50.11 21.18 47.71
CA LEU S 76 48.67 20.99 47.85
C LEU S 76 47.98 22.29 48.24
N ALA S 77 48.57 23.05 49.15
CA ALA S 77 47.97 24.31 49.56
C ALA S 77 47.91 25.29 48.40
N GLU S 78 48.99 25.36 47.61
CA GLU S 78 49.00 26.23 46.44
C GLU S 78 47.93 25.82 45.44
N ALA S 79 47.79 24.52 45.19
CA ALA S 79 46.77 24.05 44.26
C ALA S 79 45.37 24.42 44.74
N VAL S 80 45.08 24.21 46.03
CA VAL S 80 43.74 24.51 46.54
C VAL S 80 43.45 26.00 46.44
N ILE S 81 44.41 26.84 46.87
CA ILE S 81 44.16 28.28 46.87
C ILE S 81 44.03 28.81 45.44
N LYS S 82 44.91 28.39 44.53
CA LYS S 82 44.76 28.85 43.15
C LYS S 82 43.46 28.38 42.55
N ALA S 83 43.05 27.14 42.81
CA ALA S 83 41.79 26.67 42.26
C ALA S 83 40.65 27.57 42.71
N GLU S 84 40.61 27.88 44.02
CA GLU S 84 39.49 28.67 44.51
C GLU S 84 39.51 30.09 43.99
N ILE S 85 40.69 30.69 43.83
CA ILE S 85 40.76 32.05 43.30
C ILE S 85 40.39 32.07 41.81
N LEU S 86 40.91 31.11 41.06
CA LEU S 86 40.70 31.09 39.62
C LEU S 86 39.26 30.75 39.26
N SER S 87 38.55 30.02 40.13
CA SER S 87 37.16 29.72 39.83
C SER S 87 36.24 30.91 40.03
N THR S 88 36.73 32.01 40.60
CA THR S 88 35.90 33.20 40.80
C THR S 88 35.68 33.89 39.46
N ASP S 89 34.42 34.17 39.14
CA ASP S 89 34.13 34.80 37.85
C ASP S 89 34.77 36.18 37.79
N GLY S 90 35.38 36.49 36.64
CA GLY S 90 36.08 37.73 36.44
C GLY S 90 37.58 37.62 36.60
N VAL S 91 38.06 36.54 37.19
CA VAL S 91 39.48 36.31 37.34
C VAL S 91 39.98 35.55 36.12
N THR S 92 41.02 36.07 35.48
CA THR S 92 41.63 35.41 34.33
C THR S 92 42.90 34.66 34.70
N GLU S 93 43.82 35.30 35.42
CA GLU S 93 45.10 34.64 35.69
C GLU S 93 45.60 34.96 37.09
N ILE S 94 46.52 34.12 37.56
CA ILE S 94 47.31 34.37 38.76
C ILE S 94 48.77 34.41 38.34
N THR S 95 49.39 35.59 38.45
CA THR S 95 50.71 35.79 37.89
C THR S 95 51.84 35.45 38.85
N SER S 96 51.59 35.46 40.15
CA SER S 96 52.63 35.18 41.13
C SER S 96 51.99 34.50 42.33
N PHE S 97 52.81 33.75 43.07
CA PHE S 97 52.32 33.04 44.24
C PHE S 97 53.50 32.55 45.06
N SER S 98 53.53 32.93 46.33
CA SER S 98 54.56 32.48 47.25
C SER S 98 53.91 31.94 48.50
N ILE S 99 54.58 31.01 49.15
CA ILE S 99 54.00 30.28 50.27
C ILE S 99 55.13 29.85 51.19
N ARG S 100 54.90 29.96 52.49
CA ARG S 100 55.86 29.55 53.49
C ARG S 100 55.11 29.05 54.72
N PHE S 101 55.86 28.49 55.66
CA PHE S 101 55.29 27.88 56.86
C PHE S 101 56.18 28.22 58.04
N ASP S 102 55.59 28.81 59.07
CA ASP S 102 56.26 29.05 60.34
C ASP S 102 55.86 27.92 61.29
N GLN S 103 56.82 27.06 61.63
CA GLN S 103 56.53 25.96 62.55
C GLN S 103 56.19 26.47 63.95
N GLY S 104 56.78 27.57 64.36
CA GLY S 104 56.54 28.10 65.69
C GLY S 104 55.10 28.46 65.94
N ARG S 105 54.50 29.19 64.99
CA ARG S 105 53.08 29.49 65.05
C ARG S 105 52.23 28.44 64.34
N ARG S 106 52.86 27.48 63.66
CA ARG S 106 52.16 26.52 62.81
C ARG S 106 51.27 27.27 61.82
N ALA S 107 51.84 28.33 61.26
CA ALA S 107 51.13 29.24 60.38
C ALA S 107 51.54 28.98 58.93
N LEU S 108 50.55 28.76 58.08
CA LEU S 108 50.75 28.60 56.66
C LEU S 108 50.40 29.93 55.99
N GLU S 109 51.37 30.54 55.32
CA GLU S 109 51.24 31.91 54.82
C GLU S 109 51.40 31.90 53.32
N ALA S 110 50.38 32.37 52.61
CA ALA S 110 50.44 32.57 51.16
C ALA S 110 50.41 34.07 50.88
N PHE S 111 51.40 34.53 50.13
CA PHE S 111 51.59 35.96 49.89
C PHE S 111 52.12 36.13 48.47
N ASP S 112 52.34 37.39 48.08
CA ASP S 112 52.82 37.70 46.74
C ASP S 112 51.89 37.12 45.68
N ILE S 113 50.60 37.11 45.98
CA ILE S 113 49.59 36.61 45.07
C ILE S 113 49.06 37.79 44.27
N GLU S 114 49.22 37.74 42.95
CA GLU S 114 48.72 38.76 42.06
C GLU S 114 47.69 38.15 41.14
N VAL S 115 46.50 38.73 41.12
CA VAL S 115 45.37 38.25 40.33
C VAL S 115 45.06 39.26 39.24
N THR S 116 44.91 38.78 38.01
CA THR S 116 44.51 39.60 36.87
C THR S 116 43.11 39.21 36.47
N THR S 117 42.20 40.20 36.46
CA THR S 117 40.81 40.02 36.12
C THR S 117 40.55 40.39 34.66
N GLU S 118 39.30 40.14 34.24
CA GLU S 118 38.91 40.46 32.87
C GLU S 118 38.88 41.95 32.59
N TYR S 119 38.89 42.79 33.62
CA TYR S 119 38.97 44.24 33.45
C TYR S 119 40.40 44.71 33.26
N ASP S 120 41.36 43.79 33.19
CA ASP S 120 42.76 44.15 33.02
C ASP S 120 43.20 45.11 34.11
N MET T 1 65.69 -33.04 0.74
CA MET T 1 65.45 -33.46 -0.63
C MET T 1 64.65 -32.43 -1.41
N ILE T 2 65.36 -31.61 -2.17
CA ILE T 2 64.80 -30.48 -2.89
C ILE T 2 64.76 -30.81 -4.37
N ILE T 3 63.93 -30.09 -5.11
CA ILE T 3 63.87 -30.27 -6.56
C ILE T 3 65.14 -29.80 -7.26
N ALA T 4 65.87 -28.85 -6.68
CA ALA T 4 67.04 -28.28 -7.35
C ALA T 4 66.62 -27.53 -8.60
N PHE T 5 65.80 -26.51 -8.37
CA PHE T 5 65.22 -25.70 -9.42
C PHE T 5 66.24 -24.66 -9.89
N SER T 6 65.79 -23.70 -10.70
CA SER T 6 66.69 -22.84 -11.44
C SER T 6 66.75 -21.40 -10.92
N SER T 7 65.88 -21.02 -10.00
CA SER T 7 65.87 -19.66 -9.45
C SER T 7 65.45 -18.63 -10.50
N ALA T 8 64.20 -18.73 -10.93
CA ALA T 8 63.60 -17.75 -11.85
C ALA T 8 62.09 -17.75 -11.63
N ILE T 9 61.51 -16.57 -11.42
CA ILE T 9 60.06 -16.42 -11.39
C ILE T 9 59.58 -16.10 -12.80
N GLY T 10 58.82 -17.02 -13.40
CA GLY T 10 58.34 -16.82 -14.73
C GLY T 10 59.49 -16.69 -15.71
N PRO T 11 59.42 -15.73 -16.63
CA PRO T 11 60.52 -15.54 -17.57
C PRO T 11 61.69 -14.76 -17.00
N VAL T 12 61.47 -14.04 -15.89
CA VAL T 12 62.54 -13.17 -15.40
C VAL T 12 63.41 -13.95 -14.41
N PRO T 13 64.69 -14.14 -14.69
CA PRO T 13 65.55 -14.86 -13.74
C PRO T 13 66.00 -14.01 -12.57
N LEU T 14 66.35 -14.69 -11.48
CA LEU T 14 66.80 -14.06 -10.26
C LEU T 14 68.14 -14.66 -9.84
N THR T 15 68.98 -13.83 -9.24
CA THR T 15 70.30 -14.27 -8.81
C THR T 15 70.25 -15.10 -7.53
N VAL T 16 69.37 -14.76 -6.59
CA VAL T 16 69.31 -15.45 -5.31
C VAL T 16 67.85 -15.59 -4.90
N VAL T 17 67.51 -16.76 -4.39
CA VAL T 17 66.25 -16.97 -3.68
C VAL T 17 66.62 -17.22 -2.23
N ILE T 18 66.19 -16.32 -1.35
CA ILE T 18 66.67 -16.35 0.03
C ILE T 18 65.83 -17.29 0.88
N SER T 19 64.51 -17.31 0.67
CA SER T 19 63.65 -18.18 1.45
C SER T 19 62.34 -18.39 0.71
N GLU T 20 61.85 -19.62 0.72
CA GLU T 20 60.53 -19.94 0.21
C GLU T 20 59.59 -20.23 1.37
N LYS T 21 58.37 -19.76 1.24
CA LYS T 21 57.34 -19.90 2.25
C LYS T 21 56.04 -20.37 1.60
N HIS T 22 55.62 -21.57 1.96
CA HIS T 22 54.47 -22.25 1.36
C HIS T 22 53.32 -22.28 2.35
N THR T 23 52.10 -22.18 1.84
CA THR T 23 50.91 -22.30 2.69
C THR T 23 49.82 -23.00 1.92
N SER T 24 49.09 -23.89 2.60
CA SER T 24 48.02 -24.67 1.99
C SER T 24 46.86 -24.73 2.97
N LYS T 25 45.80 -23.98 2.69
CA LYS T 25 44.67 -23.86 3.61
C LYS T 25 43.49 -24.72 3.14
N VAL T 26 42.76 -25.23 4.13
CA VAL T 26 41.41 -25.74 3.93
C VAL T 26 40.49 -24.97 4.89
N GLU T 27 39.40 -24.44 4.36
CA GLU T 27 38.40 -23.74 5.15
C GLU T 27 37.25 -24.70 5.49
N LEU T 28 37.06 -24.94 6.78
CA LEU T 28 35.93 -25.70 7.28
C LEU T 28 34.83 -24.73 7.70
N THR T 29 33.61 -25.25 7.74
CA THR T 29 32.43 -24.47 8.09
C THR T 29 31.59 -25.31 9.05
N THR T 30 31.07 -24.68 10.11
CA THR T 30 30.26 -25.38 11.10
C THR T 30 29.10 -24.51 11.58
N ASN T 31 27.94 -25.13 11.76
CA ASN T 31 26.74 -24.50 12.31
C ASN T 31 26.60 -24.81 13.80
N PRO T 32 25.51 -24.38 14.44
CA PRO T 32 25.40 -24.54 15.90
C PRO T 32 25.50 -25.98 16.40
N ILE T 33 24.58 -26.87 16.08
CA ILE T 33 24.69 -28.24 16.57
C ILE T 33 25.49 -29.02 15.55
N GLU T 34 26.19 -30.05 16.02
CA GLU T 34 26.95 -30.93 15.13
C GLU T 34 26.00 -31.50 14.07
N SER T 35 26.18 -31.07 12.83
CA SER T 35 25.38 -31.55 11.70
C SER T 35 26.21 -32.41 10.76
N GLY T 36 25.95 -33.72 10.81
CA GLY T 36 26.71 -34.73 10.10
C GLY T 36 25.84 -35.83 9.51
N ALA T 37 26.13 -37.08 9.87
CA ALA T 37 25.40 -38.24 9.36
C ALA T 37 25.53 -38.35 7.84
N ASP T 38 26.77 -38.60 7.41
CA ASP T 38 27.31 -38.81 6.04
C ASP T 38 27.35 -37.50 5.27
N VAL T 39 27.60 -36.37 5.94
CA VAL T 39 27.88 -35.11 5.27
C VAL T 39 29.29 -34.68 5.60
N THR T 40 30.17 -34.74 4.60
CA THR T 40 31.45 -34.06 4.65
C THR T 40 31.66 -33.12 3.48
N ASP T 41 30.59 -32.72 2.79
CA ASP T 41 30.72 -31.90 1.59
C ASP T 41 31.22 -30.49 1.92
N HIS T 42 31.24 -30.14 3.20
CA HIS T 42 31.54 -28.78 3.65
C HIS T 42 32.97 -28.65 4.19
N ALA T 43 33.89 -28.53 3.23
CA ALA T 43 35.30 -28.22 3.45
C ALA T 43 35.91 -27.82 2.12
N TYR T 44 36.53 -26.63 2.06
CA TYR T 44 36.95 -26.03 0.81
C TYR T 44 38.47 -25.83 0.77
N VAL T 45 39.10 -26.35 -0.28
CA VAL T 45 40.53 -26.22 -0.47
C VAL T 45 40.82 -24.86 -1.09
N LYS T 46 41.62 -24.05 -0.41
CA LYS T 46 41.93 -22.72 -0.92
C LYS T 46 43.12 -22.75 -1.88
N GLY T 47 43.28 -21.68 -2.64
CA GLY T 47 44.45 -21.56 -3.50
C GLY T 47 45.73 -21.44 -2.71
N LYS T 48 46.75 -22.17 -3.16
CA LYS T 48 48.04 -22.17 -2.49
C LYS T 48 48.73 -20.82 -2.62
N GLU T 49 49.56 -20.50 -1.63
CA GLU T 49 50.26 -19.23 -1.57
C GLU T 49 51.74 -19.44 -1.36
N ILE T 50 52.54 -18.64 -2.04
CA ILE T 50 53.99 -18.73 -1.99
C ILE T 50 54.54 -17.34 -1.68
N GLU T 51 55.54 -17.28 -0.81
CA GLU T 51 56.21 -16.03 -0.48
C GLU T 51 57.71 -16.25 -0.66
N LEU T 52 58.27 -15.67 -1.71
CA LEU T 52 59.69 -15.76 -1.99
C LEU T 52 60.38 -14.48 -1.54
N GLU T 53 61.60 -14.64 -1.01
CA GLU T 53 62.48 -13.53 -0.67
C GLU T 53 63.69 -13.63 -1.58
N VAL T 54 63.84 -12.68 -2.50
CA VAL T 54 64.76 -12.81 -3.62
C VAL T 54 65.68 -11.60 -3.67
N ALA T 55 66.76 -11.76 -4.43
CA ALA T 55 67.71 -10.68 -4.67
C ALA T 55 68.34 -10.89 -6.03
N ASP T 56 68.81 -9.78 -6.62
CA ASP T 56 69.35 -9.80 -7.97
C ASP T 56 70.44 -8.75 -8.11
N ARG T 57 71.44 -9.09 -8.94
CA ARG T 57 72.57 -8.19 -9.18
C ARG T 57 72.12 -6.93 -9.90
N ASN T 58 71.27 -7.09 -10.91
CA ASN T 58 70.82 -5.96 -11.73
C ASN T 58 69.56 -5.38 -11.12
N ALA T 59 69.73 -4.42 -10.22
CA ALA T 59 68.61 -3.93 -9.42
C ALA T 59 67.51 -3.34 -10.29
N ALA T 60 67.81 -2.26 -11.00
CA ALA T 60 66.77 -1.55 -11.75
C ALA T 60 66.20 -2.42 -12.85
N ALA T 61 67.06 -3.13 -13.58
CA ALA T 61 66.59 -3.95 -14.69
C ALA T 61 65.67 -5.06 -14.21
N THR T 62 66.04 -5.74 -13.12
CA THR T 62 65.19 -6.80 -12.59
C THR T 62 63.90 -6.24 -12.01
N TRP T 63 63.94 -5.09 -11.35
CA TRP T 63 62.70 -4.50 -10.85
C TRP T 63 61.76 -4.18 -12.00
N ALA T 64 62.30 -3.61 -13.07
CA ALA T 64 61.46 -3.30 -14.23
C ALA T 64 60.87 -4.57 -14.84
N ALA T 65 61.68 -5.61 -15.00
CA ALA T 65 61.19 -6.85 -15.60
C ALA T 65 60.13 -7.51 -14.73
N LEU T 66 60.35 -7.55 -13.41
CA LEU T 66 59.34 -8.11 -12.51
C LEU T 66 58.05 -7.30 -12.55
N VAL T 67 58.15 -5.97 -12.56
CA VAL T 67 56.94 -5.17 -12.61
C VAL T 67 56.18 -5.41 -13.90
N ALA T 68 56.89 -5.48 -15.03
CA ALA T 68 56.22 -5.70 -16.30
C ALA T 68 55.53 -7.06 -16.33
N PHE T 69 56.23 -8.10 -15.87
CA PHE T 69 55.61 -9.41 -15.87
C PHE T 69 54.44 -9.49 -14.89
N GLN T 70 54.52 -8.78 -13.77
CA GLN T 70 53.37 -8.70 -12.88
C GLN T 70 52.18 -8.05 -13.55
N GLU T 71 52.38 -6.88 -14.16
CA GLU T 71 51.30 -6.16 -14.82
C GLU T 71 50.75 -6.88 -16.03
N SER T 72 51.49 -7.82 -16.60
CA SER T 72 50.91 -8.67 -17.65
C SER T 72 49.74 -9.49 -17.14
N ARG T 73 49.85 -10.07 -15.93
CA ARG T 73 48.78 -10.84 -15.31
C ARG T 73 48.49 -12.12 -16.08
N VAL T 74 49.53 -12.92 -16.32
CA VAL T 74 49.40 -14.16 -17.09
C VAL T 74 49.81 -15.31 -16.18
N PRO T 75 48.91 -16.22 -15.81
CA PRO T 75 49.31 -17.34 -14.94
C PRO T 75 50.42 -18.17 -15.55
N PHE T 76 51.29 -18.68 -14.69
CA PHE T 76 52.50 -19.33 -15.14
C PHE T 76 52.93 -20.37 -14.12
N VAL T 77 53.77 -21.29 -14.57
CA VAL T 77 54.32 -22.33 -13.73
C VAL T 77 55.44 -21.74 -12.89
N LEU T 78 55.46 -22.08 -11.61
CA LEU T 78 56.51 -21.65 -10.70
C LEU T 78 57.26 -22.87 -10.20
N MET T 79 58.58 -22.85 -10.33
CA MET T 79 59.44 -23.91 -9.84
C MET T 79 60.03 -23.48 -8.50
N THR T 80 59.73 -24.25 -7.46
CA THR T 80 60.30 -24.07 -6.14
C THR T 80 61.11 -25.32 -5.79
N GLY T 81 61.86 -25.22 -4.71
CA GLY T 81 62.61 -26.38 -4.26
C GLY T 81 61.78 -27.46 -3.64
N LEU T 82 60.51 -27.15 -3.37
CA LEU T 82 59.64 -28.06 -2.64
C LEU T 82 58.48 -28.59 -3.49
N SER T 83 58.20 -27.99 -4.64
CA SER T 83 57.15 -28.44 -5.54
C SER T 83 57.13 -27.55 -6.77
N MET T 84 56.44 -28.01 -7.81
CA MET T 84 56.00 -27.11 -8.88
C MET T 84 54.63 -26.54 -8.55
N TYR T 85 54.32 -25.42 -9.18
CA TYR T 85 53.04 -24.78 -8.99
C TYR T 85 52.58 -24.25 -10.34
N ARG T 86 51.40 -24.70 -10.76
CA ARG T 86 50.82 -24.27 -12.02
C ARG T 86 49.86 -23.11 -11.79
N ASN T 87 49.80 -22.20 -12.76
CA ASN T 87 48.87 -21.07 -12.71
C ASN T 87 49.07 -20.25 -11.45
N MET T 88 50.22 -19.60 -11.35
CA MET T 88 50.49 -18.66 -10.29
C MET T 88 50.37 -17.24 -10.81
N ILE T 89 49.96 -16.32 -9.95
CA ILE T 89 49.94 -14.90 -10.25
C ILE T 89 50.68 -14.16 -9.15
N ILE T 90 51.56 -13.25 -9.55
CA ILE T 90 52.30 -12.41 -8.61
C ILE T 90 51.36 -11.34 -8.09
N THR T 91 50.84 -11.53 -6.89
CA THR T 91 49.94 -10.55 -6.30
C THR T 91 50.66 -9.38 -5.66
N GLU T 92 51.98 -9.47 -5.46
CA GLU T 92 52.67 -8.41 -4.77
C GLU T 92 54.16 -8.52 -5.02
N ILE T 93 54.78 -7.37 -5.28
CA ILE T 93 56.24 -7.25 -5.34
C ILE T 93 56.63 -6.11 -4.41
N ASP T 94 57.71 -6.31 -3.68
CA ASP T 94 58.20 -5.27 -2.81
C ASP T 94 59.72 -5.26 -2.82
N ALA T 95 60.30 -4.07 -2.79
CA ALA T 95 61.75 -3.92 -2.81
C ALA T 95 62.16 -2.82 -1.85
N THR T 96 63.35 -2.96 -1.28
CA THR T 96 63.89 -2.01 -0.33
C THR T 96 65.33 -1.72 -0.70
N ARG T 97 65.68 -0.44 -0.77
CA ARG T 97 67.04 -0.05 -1.07
C ARG T 97 67.52 0.83 0.08
N ASN T 98 68.31 0.25 0.97
CA ASN T 98 68.80 0.96 2.16
C ASN T 98 70.31 0.82 2.22
N ALA T 99 70.90 1.23 3.34
CA ALA T 99 72.34 1.19 3.48
C ALA T 99 72.88 -0.24 3.40
N GLN T 100 72.21 -1.18 4.04
CA GLN T 100 72.71 -2.55 4.03
C GLN T 100 72.77 -3.11 2.61
N HIS T 101 71.74 -2.86 1.80
CA HIS T 101 71.69 -3.31 0.42
C HIS T 101 71.18 -2.18 -0.46
N SER T 102 72.11 -1.46 -1.08
CA SER T 102 71.73 -0.27 -1.84
C SER T 102 71.88 -0.49 -3.35
N LYS T 103 72.82 -1.33 -3.77
CA LYS T 103 73.11 -1.45 -5.19
C LYS T 103 72.58 -2.75 -5.78
N ILE T 104 71.80 -3.52 -5.04
CA ILE T 104 71.21 -4.74 -5.54
C ILE T 104 69.69 -4.66 -5.35
N LEU T 105 68.97 -5.51 -6.06
CA LEU T 105 67.57 -5.73 -5.76
C LEU T 105 67.48 -6.71 -4.61
N LYS T 106 66.75 -6.33 -3.57
CA LYS T 106 66.60 -7.16 -2.37
C LYS T 106 65.17 -7.00 -1.90
N GLY T 107 64.32 -7.97 -2.21
CA GLY T 107 62.92 -7.81 -1.89
C GLY T 107 62.15 -9.09 -1.79
N THR T 108 60.84 -9.01 -1.94
CA THR T 108 59.98 -10.16 -1.76
C THR T 108 58.90 -10.18 -2.84
N VAL T 109 58.46 -11.39 -3.18
CA VAL T 109 57.42 -11.63 -4.18
C VAL T 109 56.39 -12.54 -3.54
N ARG T 110 55.12 -12.16 -3.62
CA ARG T 110 54.03 -12.98 -3.15
C ARG T 110 53.23 -13.49 -4.34
N LEU T 111 52.92 -14.79 -4.34
CA LEU T 111 52.24 -15.42 -5.45
C LEU T 111 51.07 -16.23 -4.92
N ARG T 112 49.96 -16.14 -5.64
CA ARG T 112 48.79 -16.93 -5.31
C ARG T 112 48.43 -17.79 -6.50
N GLU T 113 48.04 -19.02 -6.23
CA GLU T 113 47.52 -19.90 -7.25
C GLU T 113 46.17 -19.40 -7.73
N VAL T 114 45.94 -19.46 -9.05
CA VAL T 114 44.63 -19.08 -9.67
C VAL T 114 43.67 -20.26 -9.53
N LYS T 115 42.40 -20.13 -9.93
CA LYS T 115 41.36 -21.18 -9.78
C LYS T 115 40.33 -20.87 -10.87
N ILE T 116 39.94 -21.86 -11.69
CA ILE T 116 39.09 -21.45 -12.85
C ILE T 116 38.18 -22.49 -13.49
N VAL T 117 38.30 -22.72 -14.80
CA VAL T 117 37.43 -23.55 -15.64
C VAL T 117 35.96 -23.22 -15.47
N GLU T 118 35.63 -21.94 -15.27
CA GLU T 118 34.25 -21.47 -15.12
C GLU T 118 34.11 -20.06 -15.69
N THR T 119 33.52 -19.93 -16.87
CA THR T 119 32.93 -18.68 -17.34
C THR T 119 31.45 -18.82 -17.63
N GLY T 120 31.08 -19.79 -18.46
CA GLY T 120 29.68 -20.21 -18.65
C GLY T 120 28.80 -19.78 -19.78
N THR T 121 28.45 -18.49 -19.87
CA THR T 121 27.26 -18.12 -20.65
C THR T 121 27.44 -18.54 -22.11
N ALA T 122 28.61 -18.29 -22.67
CA ALA T 122 28.91 -18.68 -24.04
C ALA T 122 28.99 -20.19 -24.20
N GLU T 123 29.04 -20.93 -23.10
CA GLU T 123 29.21 -22.37 -23.13
C GLU T 123 27.85 -23.03 -22.94
N ASP T 124 27.59 -24.03 -23.77
CA ASP T 124 26.25 -24.59 -23.92
C ASP T 124 26.19 -25.99 -23.34
N SER T 125 24.98 -26.54 -23.31
CA SER T 125 24.72 -27.88 -22.78
C SER T 125 24.17 -28.74 -23.91
N SER T 126 25.07 -29.38 -24.65
CA SER T 126 24.68 -30.18 -25.81
C SER T 126 24.94 -31.67 -25.62
N GLY T 127 26.06 -32.05 -25.01
CA GLY T 127 26.43 -33.45 -24.91
C GLY T 127 26.93 -33.89 -23.55
N LYS T 128 28.17 -34.38 -23.52
CA LYS T 128 28.80 -34.96 -22.34
C LYS T 128 28.89 -33.98 -21.17
N ASP T 129 29.19 -34.50 -19.98
CA ASP T 129 29.35 -33.70 -18.77
C ASP T 129 30.82 -33.47 -18.41
N GLY T 130 31.69 -34.44 -18.69
CA GLY T 130 33.11 -34.31 -18.45
C GLY T 130 33.55 -34.78 -17.07
N THR T 131 32.61 -35.07 -16.17
CA THR T 131 32.98 -35.53 -14.84
C THR T 131 33.41 -36.99 -14.82
N ASP T 132 33.02 -37.77 -15.81
CA ASP T 132 33.31 -39.20 -15.80
C ASP T 132 34.79 -39.43 -16.03
N LYS T 133 35.44 -40.11 -15.09
CA LYS T 133 36.88 -40.30 -15.10
C LYS T 133 37.32 -41.37 -16.10
N ASN T 134 36.39 -42.15 -16.64
CA ASN T 134 36.70 -43.16 -17.63
C ASN T 134 36.56 -42.65 -19.06
N LYS T 135 36.16 -41.40 -19.23
CA LYS T 135 35.96 -40.81 -20.55
C LYS T 135 36.93 -39.67 -20.75
N SER T 136 37.08 -39.28 -22.01
CA SER T 136 37.86 -38.09 -22.32
C SER T 136 37.15 -36.84 -21.82
N SER T 137 37.93 -35.80 -21.58
CA SER T 137 37.38 -34.50 -21.27
C SER T 137 36.72 -33.90 -22.52
N ASN T 138 35.79 -32.97 -22.29
CA ASN T 138 35.09 -32.37 -23.41
C ASN T 138 36.05 -31.56 -24.27
N PRO T 139 35.97 -31.70 -25.60
CA PRO T 139 36.79 -30.87 -26.49
C PRO T 139 36.32 -29.41 -26.40
N SER T 140 37.26 -28.53 -26.10
CA SER T 140 36.96 -27.11 -26.04
C SER T 140 38.10 -26.34 -26.69
N LYS T 141 37.76 -25.15 -27.19
CA LYS T 141 38.75 -24.33 -27.89
C LYS T 141 40.00 -24.12 -27.05
N ASP T 142 39.83 -23.93 -25.74
CA ASP T 142 40.97 -23.56 -24.90
C ASP T 142 42.02 -24.66 -24.83
N LYS T 143 41.58 -25.91 -24.67
CA LYS T 143 42.51 -27.03 -24.47
C LYS T 143 42.86 -27.74 -25.77
N ALA T 144 42.43 -27.24 -26.92
CA ALA T 144 42.91 -27.76 -28.18
C ALA T 144 44.37 -27.36 -28.41
N ALA T 145 45.11 -28.25 -29.06
CA ALA T 145 46.55 -28.10 -29.21
C ALA T 145 46.96 -27.45 -30.52
N ASP T 146 46.02 -27.01 -31.34
CA ASP T 146 46.30 -26.38 -32.62
C ASP T 146 45.23 -25.35 -32.92
N ALA T 147 45.55 -24.41 -33.81
CA ALA T 147 44.55 -23.43 -34.23
C ALA T 147 43.40 -24.08 -34.98
N LYS T 148 43.70 -25.05 -35.86
CA LYS T 148 42.64 -25.71 -36.63
C LYS T 148 41.72 -26.51 -35.72
N THR T 149 42.30 -27.26 -34.79
CA THR T 149 41.46 -28.02 -33.87
C THR T 149 40.72 -27.09 -32.92
N ALA T 150 41.31 -25.94 -32.59
CA ALA T 150 40.59 -24.95 -31.81
C ALA T 150 39.37 -24.45 -32.56
N ASP T 151 39.52 -24.15 -33.85
CA ASP T 151 38.37 -23.75 -34.64
C ASP T 151 37.31 -24.85 -34.67
N LYS T 152 37.73 -26.09 -34.86
CA LYS T 152 36.78 -27.20 -34.93
C LYS T 152 36.05 -27.40 -33.61
N ALA T 153 36.76 -27.26 -32.48
CA ALA T 153 36.20 -27.58 -31.17
C ALA T 153 35.65 -26.36 -30.45
N ASN T 154 35.66 -25.20 -31.07
CA ASN T 154 35.09 -24.02 -30.43
C ASN T 154 33.61 -24.24 -30.19
N SER T 155 33.22 -24.40 -28.92
CA SER T 155 31.83 -24.61 -28.59
C SER T 155 30.96 -23.41 -28.91
N GLY T 156 31.54 -22.23 -28.97
CA GLY T 156 30.79 -21.04 -29.36
C GLY T 156 30.89 -19.95 -28.33
N VAL T 157 31.10 -18.72 -28.77
CA VAL T 157 31.16 -17.57 -27.90
C VAL T 157 29.97 -16.69 -28.22
N ASN T 158 29.13 -16.47 -27.23
CA ASN T 158 27.83 -15.84 -27.46
C ASN T 158 27.84 -14.47 -26.81
N ALA T 159 28.09 -13.44 -27.62
CA ALA T 159 27.95 -12.09 -27.10
C ALA T 159 26.47 -11.81 -26.83
N GLY T 160 26.22 -10.98 -25.82
CA GLY T 160 24.86 -10.64 -25.48
C GLY T 160 24.19 -9.85 -26.57
N ASP T 161 23.11 -9.17 -26.18
CA ASP T 161 22.35 -8.37 -27.13
C ASP T 161 23.27 -7.32 -27.72
N LYS T 162 23.26 -7.21 -29.04
CA LYS T 162 24.15 -6.32 -29.76
C LYS T 162 23.37 -5.16 -30.37
N GLY T 163 24.02 -4.02 -30.48
CA GLY T 163 23.52 -2.93 -31.28
C GLY T 163 24.46 -2.71 -32.45
N GLY T 164 23.93 -2.62 -33.65
CA GLY T 164 24.74 -2.40 -34.83
C GLY T 164 25.10 -0.93 -34.99
N THR T 165 26.32 -0.68 -35.44
CA THR T 165 26.74 0.68 -35.71
C THR T 165 26.07 1.17 -36.98
N THR T 166 25.44 2.34 -36.90
CA THR T 166 24.71 2.88 -38.04
C THR T 166 25.68 3.32 -39.13
N VAL T 167 25.20 3.31 -40.36
CA VAL T 167 25.97 3.75 -41.52
C VAL T 167 25.50 5.14 -41.93
N ALA T 168 26.47 6.03 -42.13
CA ALA T 168 26.15 7.40 -42.55
C ALA T 168 25.20 7.38 -43.74
N ALA T 169 24.36 8.42 -43.82
CA ALA T 169 23.29 8.43 -44.82
C ALA T 169 23.80 8.28 -46.24
N PRO T 170 24.82 9.03 -46.68
CA PRO T 170 25.24 8.88 -48.09
C PRO T 170 25.94 7.58 -48.38
N ARG T 171 26.83 7.15 -47.48
CA ARG T 171 27.47 5.84 -47.64
C ARG T 171 26.43 4.73 -47.71
N ALA T 172 25.46 4.75 -46.81
CA ALA T 172 24.43 3.73 -46.79
C ALA T 172 23.61 3.76 -48.06
N GLN T 173 23.24 4.96 -48.53
CA GLN T 173 22.38 5.02 -49.70
C GLN T 173 23.13 4.50 -50.93
N SER T 174 24.42 4.85 -51.04
CA SER T 174 25.24 4.33 -52.13
C SER T 174 25.35 2.81 -52.07
N LEU T 175 25.60 2.26 -50.88
CA LEU T 175 25.72 0.81 -50.75
C LEU T 175 24.43 0.10 -51.13
N LEU T 176 23.29 0.67 -50.73
CA LEU T 176 22.01 0.09 -51.12
C LEU T 176 21.83 0.13 -52.63
N LYS T 177 22.20 1.24 -53.28
CA LYS T 177 22.21 1.21 -54.73
C LYS T 177 23.07 0.07 -55.25
N GLY T 178 24.27 -0.10 -54.72
CA GLY T 178 25.17 -1.12 -55.25
C GLY T 178 24.61 -2.51 -55.14
N VAL T 179 23.93 -2.82 -54.03
CA VAL T 179 23.42 -4.16 -53.81
C VAL T 179 22.09 -4.35 -54.53
N PHE T 180 21.08 -3.58 -54.15
CA PHE T 180 19.70 -3.86 -54.50
C PHE T 180 19.25 -3.17 -55.76
N GLY T 181 20.08 -2.31 -56.34
CA GLY T 181 19.83 -1.75 -57.66
C GLY T 181 20.54 -2.50 -58.77
N GLY T 182 21.64 -3.19 -58.45
CA GLY T 182 22.30 -4.05 -59.41
C GLY T 182 21.69 -5.44 -59.35
N MET U 1 72.75 -2.68 -9.80
CA MET U 1 72.75 -1.61 -10.79
C MET U 1 71.56 -0.69 -10.57
N ILE U 2 71.80 0.55 -10.14
CA ILE U 2 70.74 1.48 -9.81
C ILE U 2 70.86 2.72 -10.68
N ILE U 3 69.77 3.49 -10.74
CA ILE U 3 69.64 4.58 -11.70
C ILE U 3 70.59 5.74 -11.44
N ALA U 4 71.08 5.94 -10.22
CA ALA U 4 72.01 7.02 -9.93
C ALA U 4 71.37 8.40 -10.20
N PHE U 5 70.39 8.72 -9.38
CA PHE U 5 69.52 9.87 -9.57
C PHE U 5 70.03 11.08 -8.79
N SER U 6 69.24 12.15 -8.75
CA SER U 6 69.63 13.41 -8.15
C SER U 6 69.16 13.61 -6.71
N SER U 7 68.44 12.64 -6.13
CA SER U 7 68.11 12.63 -4.71
C SER U 7 67.23 13.83 -4.31
N ALA U 8 65.99 13.81 -4.79
CA ALA U 8 65.02 14.83 -4.42
C ALA U 8 63.62 14.31 -4.75
N ILE U 9 62.64 14.67 -3.92
CA ILE U 9 61.23 14.49 -4.28
C ILE U 9 60.74 15.75 -4.98
N GLY U 10 60.29 15.60 -6.23
CA GLY U 10 59.78 16.71 -6.97
C GLY U 10 60.84 17.77 -7.15
N PRO U 11 60.45 19.04 -7.04
CA PRO U 11 61.44 20.10 -7.17
C PRO U 11 62.27 20.29 -5.91
N VAL U 12 61.64 20.16 -4.74
CA VAL U 12 62.36 20.49 -3.51
C VAL U 12 63.53 19.54 -3.32
N PRO U 13 64.77 20.01 -3.24
CA PRO U 13 65.91 19.10 -3.08
C PRO U 13 66.10 18.66 -1.63
N LEU U 14 66.70 17.48 -1.49
CA LEU U 14 67.00 16.89 -0.20
C LEU U 14 68.49 16.60 -0.10
N THR U 15 69.00 16.55 1.12
CA THR U 15 70.39 16.21 1.31
C THR U 15 70.64 14.72 1.25
N VAL U 16 69.81 13.91 1.90
CA VAL U 16 70.06 12.48 2.01
C VAL U 16 68.74 11.72 1.82
N VAL U 17 68.83 10.61 1.08
CA VAL U 17 67.77 9.61 1.02
C VAL U 17 68.29 8.42 1.79
N ILE U 18 67.65 8.12 2.91
CA ILE U 18 68.19 7.11 3.82
C ILE U 18 67.75 5.71 3.41
N SER U 19 66.60 5.58 2.76
CA SER U 19 66.06 4.27 2.44
C SER U 19 64.88 4.43 1.50
N GLU U 20 64.79 3.56 0.51
CA GLU U 20 63.62 3.47 -0.36
C GLU U 20 62.81 2.24 -0.02
N LYS U 21 61.51 2.33 -0.26
CA LYS U 21 60.62 1.19 -0.17
C LYS U 21 59.70 1.24 -1.38
N HIS U 22 59.66 0.15 -2.13
CA HIS U 22 58.88 0.07 -3.36
C HIS U 22 57.83 -1.02 -3.19
N THR U 23 56.62 -0.75 -3.65
CA THR U 23 55.55 -1.73 -3.57
C THR U 23 54.70 -1.66 -4.83
N SER U 24 54.37 -2.84 -5.36
CA SER U 24 53.49 -2.97 -6.52
C SER U 24 52.49 -4.07 -6.19
N LYS U 25 51.22 -3.73 -6.18
CA LYS U 25 50.14 -4.63 -5.79
C LYS U 25 49.30 -5.03 -6.99
N VAL U 26 48.90 -6.31 -7.01
CA VAL U 26 47.91 -6.80 -7.96
C VAL U 26 46.84 -7.55 -7.18
N GLU U 27 45.62 -7.03 -7.23
CA GLU U 27 44.48 -7.61 -6.53
C GLU U 27 43.80 -8.65 -7.42
N LEU U 28 43.82 -9.90 -6.95
CA LEU U 28 43.02 -10.96 -7.53
C LEU U 28 41.68 -11.03 -6.82
N THR U 29 40.70 -11.64 -7.47
CA THR U 29 39.38 -11.82 -6.85
C THR U 29 38.98 -13.27 -7.06
N THR U 30 38.41 -13.89 -6.03
CA THR U 30 38.01 -15.28 -6.07
C THR U 30 36.66 -15.47 -5.42
N ASN U 31 35.77 -16.17 -6.11
CA ASN U 31 34.50 -16.53 -5.51
C ASN U 31 34.66 -17.82 -4.71
N PRO U 32 33.64 -18.27 -3.99
CA PRO U 32 33.83 -19.42 -3.08
C PRO U 32 34.40 -20.65 -3.74
N ILE U 33 34.07 -20.93 -5.00
CA ILE U 33 34.70 -22.01 -5.75
C ILE U 33 35.55 -21.36 -6.84
N GLU U 34 36.29 -22.18 -7.57
CA GLU U 34 37.17 -21.69 -8.62
C GLU U 34 36.37 -21.51 -9.90
N SER U 35 36.17 -20.25 -10.29
CA SER U 35 35.46 -19.89 -11.51
C SER U 35 36.41 -19.31 -12.56
N GLY U 36 36.57 -20.05 -13.66
CA GLY U 36 37.61 -19.80 -14.66
C GLY U 36 37.18 -19.88 -16.11
N ALA U 37 37.80 -20.80 -16.87
CA ALA U 37 37.35 -21.16 -18.22
C ALA U 37 37.33 -19.96 -19.16
N ASP U 38 38.51 -19.46 -19.49
CA ASP U 38 38.76 -18.36 -20.41
C ASP U 38 38.48 -17.01 -19.75
N VAL U 39 38.53 -16.94 -18.43
CA VAL U 39 38.31 -15.70 -17.68
C VAL U 39 39.52 -15.42 -16.79
N THR U 40 40.35 -14.46 -17.20
CA THR U 40 41.26 -13.79 -16.28
C THR U 40 41.09 -12.29 -16.28
N ASP U 41 39.90 -11.78 -16.65
CA ASP U 41 39.63 -10.35 -16.58
C ASP U 41 39.56 -9.87 -15.13
N HIS U 42 39.56 -10.78 -14.18
CA HIS U 42 39.47 -10.46 -12.76
C HIS U 42 40.85 -10.41 -12.09
N ALA U 43 41.56 -9.33 -12.40
CA ALA U 43 42.81 -8.99 -11.73
C ALA U 43 43.11 -7.53 -12.00
N TYR U 44 43.35 -6.76 -10.95
CA TYR U 44 43.50 -5.32 -11.04
C TYR U 44 44.88 -4.90 -10.56
N VAL U 45 45.53 -4.00 -11.30
CA VAL U 45 46.85 -3.51 -10.95
C VAL U 45 46.68 -2.21 -10.17
N LYS U 46 47.12 -2.21 -8.91
CA LYS U 46 46.96 -1.02 -8.08
C LYS U 46 48.06 -0.02 -8.40
N GLY U 47 47.80 1.24 -8.05
CA GLY U 47 48.82 2.26 -8.16
C GLY U 47 49.98 1.99 -7.21
N LYS U 48 51.19 2.23 -7.71
CA LYS U 48 52.38 1.89 -6.96
C LYS U 48 52.57 2.81 -5.76
N GLU U 49 53.27 2.28 -4.75
CA GLU U 49 53.49 2.96 -3.49
C GLU U 49 54.99 3.08 -3.23
N ILE U 50 55.40 4.21 -2.69
CA ILE U 50 56.81 4.48 -2.39
C ILE U 50 56.88 5.06 -0.99
N GLU U 51 57.90 4.65 -0.22
CA GLU U 51 58.12 5.20 1.10
C GLU U 51 59.60 5.52 1.24
N LEU U 52 59.95 6.79 1.13
CA LEU U 52 61.31 7.27 1.30
C LEU U 52 61.55 7.67 2.74
N GLU U 53 62.77 7.44 3.21
CA GLU U 53 63.24 8.00 4.47
C GLU U 53 64.37 8.96 4.16
N VAL U 54 64.21 10.21 4.56
CA VAL U 54 65.02 11.31 4.08
C VAL U 54 65.53 12.14 5.26
N ALA U 55 66.56 12.93 5.00
CA ALA U 55 67.07 13.90 5.96
C ALA U 55 67.62 15.08 5.17
N ASP U 56 67.59 16.24 5.81
CA ASP U 56 68.06 17.47 5.16
C ASP U 56 68.75 18.37 6.18
N ARG U 57 69.70 19.16 5.68
CA ARG U 57 70.46 20.07 6.54
C ARG U 57 69.59 21.22 7.02
N ASN U 58 68.86 21.86 6.12
CA ASN U 58 68.01 23.01 6.47
C ASN U 58 66.65 22.48 6.92
N ALA U 59 66.52 22.26 8.22
CA ALA U 59 65.34 21.57 8.76
C ALA U 59 64.06 22.34 8.47
N ALA U 60 63.98 23.59 8.93
CA ALA U 60 62.73 24.33 8.83
C ALA U 60 62.41 24.72 7.39
N ALA U 61 63.42 25.16 6.65
CA ALA U 61 63.19 25.53 5.26
C ALA U 61 62.74 24.34 4.43
N THR U 62 63.40 23.20 4.59
CA THR U 62 63.01 22.00 3.86
C THR U 62 61.63 21.51 4.28
N TRP U 63 61.31 21.56 5.58
CA TRP U 63 59.97 21.16 6.01
C TRP U 63 58.90 22.04 5.37
N ALA U 64 59.12 23.35 5.38
CA ALA U 64 58.15 24.24 4.76
C ALA U 64 58.01 23.96 3.27
N ALA U 65 59.13 23.75 2.58
CA ALA U 65 59.06 23.46 1.14
C ALA U 65 58.30 22.16 0.89
N LEU U 66 58.57 21.12 1.67
CA LEU U 66 57.88 19.86 1.49
C LEU U 66 56.39 20.01 1.73
N VAL U 67 56.00 20.71 2.78
CA VAL U 67 54.57 20.85 3.07
C VAL U 67 53.88 21.63 1.97
N ALA U 68 54.51 22.71 1.48
CA ALA U 68 53.89 23.49 0.41
C ALA U 68 53.75 22.66 -0.86
N PHE U 69 54.79 21.89 -1.21
CA PHE U 69 54.68 21.03 -2.38
C PHE U 69 53.60 19.98 -2.20
N GLN U 70 53.49 19.38 -1.01
CA GLN U 70 52.42 18.43 -0.75
C GLN U 70 51.06 19.06 -0.92
N GLU U 71 50.88 20.29 -0.44
CA GLU U 71 49.58 20.93 -0.48
C GLU U 71 49.22 21.46 -1.85
N SER U 72 50.19 21.65 -2.73
CA SER U 72 49.84 21.95 -4.11
C SER U 72 49.10 20.78 -4.76
N ARG U 73 49.32 19.55 -4.29
CA ARG U 73 48.62 18.37 -4.78
C ARG U 73 48.82 18.19 -6.30
N VAL U 74 50.02 18.50 -6.77
CA VAL U 74 50.32 18.42 -8.20
C VAL U 74 51.10 17.13 -8.46
N PRO U 75 50.62 16.24 -9.33
CA PRO U 75 51.41 15.04 -9.65
C PRO U 75 52.75 15.41 -10.27
N PHE U 76 53.73 14.56 -10.03
CA PHE U 76 55.09 14.85 -10.46
C PHE U 76 55.82 13.54 -10.70
N VAL U 77 56.90 13.62 -11.47
CA VAL U 77 57.76 12.48 -11.74
C VAL U 77 58.76 12.35 -10.61
N LEU U 78 58.74 11.19 -9.94
CA LEU U 78 59.68 10.90 -8.87
C LEU U 78 60.81 10.06 -9.43
N MET U 79 62.03 10.58 -9.34
CA MET U 79 63.22 9.85 -9.72
C MET U 79 63.75 9.11 -8.49
N THR U 80 63.71 7.78 -8.54
CA THR U 80 64.30 6.94 -7.51
C THR U 80 65.50 6.21 -8.10
N GLY U 81 66.25 5.54 -7.23
CA GLY U 81 67.39 4.78 -7.66
C GLY U 81 67.07 3.42 -8.21
N LEU U 82 65.79 3.06 -8.25
CA LEU U 82 65.39 1.74 -8.70
C LEU U 82 64.42 1.78 -9.87
N SER U 83 63.82 2.93 -10.16
CA SER U 83 62.86 3.09 -11.23
C SER U 83 62.45 4.55 -11.30
N MET U 84 61.99 4.96 -12.48
CA MET U 84 61.32 6.24 -12.66
C MET U 84 59.81 6.07 -12.45
N TYR U 85 59.18 7.10 -11.88
CA TYR U 85 57.76 7.02 -11.56
C TYR U 85 57.06 8.28 -12.00
N ARG U 86 56.06 8.14 -12.87
CA ARG U 86 55.26 9.26 -13.32
C ARG U 86 54.00 9.38 -12.46
N ASN U 87 53.55 10.62 -12.26
CA ASN U 87 52.29 10.91 -11.58
C ASN U 87 52.28 10.37 -10.14
N MET U 88 53.17 10.92 -9.32
CA MET U 88 53.21 10.60 -7.90
C MET U 88 52.70 11.76 -7.09
N ILE U 89 51.94 11.47 -6.04
CA ILE U 89 51.45 12.47 -5.11
C ILE U 89 51.87 12.08 -3.71
N ILE U 90 52.29 13.08 -2.94
CA ILE U 90 52.72 12.87 -1.56
C ILE U 90 51.49 12.74 -0.69
N THR U 91 51.35 11.59 -0.02
CA THR U 91 50.21 11.36 0.85
C THR U 91 50.54 11.57 2.31
N GLU U 92 51.80 11.46 2.71
CA GLU U 92 52.16 11.67 4.09
C GLU U 92 53.60 12.18 4.17
N ILE U 93 53.79 13.18 5.01
CA ILE U 93 55.12 13.61 5.41
C ILE U 93 55.16 13.58 6.93
N ASP U 94 56.19 12.95 7.45
CA ASP U 94 56.34 12.76 8.89
C ASP U 94 57.77 13.14 9.25
N ALA U 95 57.92 13.92 10.32
CA ALA U 95 59.23 14.41 10.71
C ALA U 95 59.35 14.39 12.22
N THR U 96 60.51 13.97 12.71
CA THR U 96 60.75 13.85 14.14
C THR U 96 62.01 14.59 14.53
N ARG U 97 61.90 15.42 15.55
CA ARG U 97 63.06 16.03 16.21
C ARG U 97 63.18 15.41 17.59
N ASN U 98 64.34 14.85 17.89
CA ASN U 98 64.58 14.27 19.20
C ASN U 98 66.03 14.51 19.58
N ALA U 99 66.45 13.95 20.72
CA ALA U 99 67.81 14.14 21.18
C ALA U 99 68.81 13.70 20.13
N GLN U 100 68.58 12.55 19.50
CA GLN U 100 69.52 12.03 18.52
C GLN U 100 69.66 12.99 17.34
N HIS U 101 68.54 13.44 16.77
CA HIS U 101 68.52 14.35 15.63
C HIS U 101 67.58 15.51 15.96
N SER U 102 68.16 16.67 16.26
CA SER U 102 67.37 17.80 16.72
C SER U 102 67.50 19.00 15.79
N LYS U 103 68.65 19.15 15.15
CA LYS U 103 68.90 20.35 14.35
C LYS U 103 68.81 20.10 12.86
N ILE U 104 68.56 18.87 12.44
CA ILE U 104 68.37 18.55 11.03
C ILE U 104 66.94 18.10 10.84
N LEU U 105 66.50 18.05 9.59
CA LEU U 105 65.24 17.41 9.26
C LEU U 105 65.50 15.93 9.04
N LYS U 106 64.68 15.08 9.65
CA LYS U 106 64.77 13.64 9.46
C LYS U 106 63.37 13.07 9.51
N GLY U 107 62.98 12.34 8.47
CA GLY U 107 61.64 11.81 8.44
C GLY U 107 61.31 10.87 7.30
N THR U 108 60.02 10.67 7.09
CA THR U 108 59.49 9.75 6.09
C THR U 108 58.55 10.51 5.16
N VAL U 109 58.65 10.19 3.88
CA VAL U 109 57.74 10.70 2.85
C VAL U 109 57.09 9.49 2.20
N ARG U 110 55.77 9.52 2.07
CA ARG U 110 55.03 8.47 1.39
C ARG U 110 54.41 9.03 0.12
N LEU U 111 54.56 8.29 -0.97
CA LEU U 111 54.09 8.73 -2.27
C LEU U 111 53.25 7.61 -2.89
N ARG U 112 52.30 8.02 -3.71
CA ARG U 112 51.46 7.04 -4.41
C ARG U 112 51.26 7.48 -5.85
N GLU U 113 51.26 6.52 -6.75
CA GLU U 113 50.89 6.70 -8.14
C GLU U 113 49.42 7.06 -8.25
N VAL U 114 49.14 7.95 -9.18
CA VAL U 114 47.79 8.48 -9.35
C VAL U 114 47.12 7.70 -10.48
N LYS U 115 45.88 7.20 -10.34
CA LYS U 115 45.07 6.71 -11.53
C LYS U 115 44.36 7.88 -12.31
N ILE U 116 43.89 7.77 -13.61
CA ILE U 116 43.21 8.91 -14.38
C ILE U 116 42.61 8.60 -15.80
N VAL U 117 42.29 9.58 -16.72
CA VAL U 117 41.81 9.47 -18.11
C VAL U 117 40.35 9.02 -18.16
N GLU U 118 39.54 9.53 -17.24
CA GLU U 118 38.09 9.29 -17.22
C GLU U 118 37.43 10.40 -16.41
N THR U 119 36.76 11.34 -17.09
CA THR U 119 35.79 12.19 -16.41
C THR U 119 34.40 12.07 -17.03
N GLY U 120 34.28 12.29 -18.33
CA GLY U 120 33.06 12.00 -19.08
C GLY U 120 31.85 12.89 -18.97
N THR U 121 31.30 13.05 -17.75
CA THR U 121 30.09 13.85 -17.59
C THR U 121 30.27 15.27 -18.11
N ALA U 122 31.51 15.69 -18.33
CA ALA U 122 31.81 16.93 -19.05
C ALA U 122 32.50 16.67 -20.40
N GLU U 123 32.67 15.42 -20.81
CA GLU U 123 33.23 15.07 -22.11
C GLU U 123 32.20 14.33 -22.95
N ASP U 124 32.42 14.33 -24.26
CA ASP U 124 31.47 13.78 -25.21
C ASP U 124 32.15 12.75 -26.09
N SER U 125 31.37 12.18 -27.00
CA SER U 125 31.84 11.18 -27.95
C SER U 125 31.29 11.52 -29.32
N SER U 126 32.18 11.76 -30.29
CA SER U 126 31.78 12.02 -31.66
C SER U 126 32.40 11.06 -32.66
N GLY U 127 33.69 10.77 -32.57
CA GLY U 127 34.37 9.94 -33.55
C GLY U 127 35.10 8.74 -32.99
N LYS U 128 36.40 8.65 -33.27
CA LYS U 128 37.23 7.50 -32.90
C LYS U 128 37.09 7.12 -31.44
N ASP U 129 37.52 5.90 -31.08
CA ASP U 129 37.45 5.44 -29.70
C ASP U 129 38.76 5.67 -28.94
N GLY U 130 39.89 5.35 -29.54
CA GLY U 130 41.19 5.54 -28.93
C GLY U 130 41.92 4.26 -28.55
N THR U 131 41.24 3.11 -28.58
CA THR U 131 41.86 1.85 -28.17
C THR U 131 42.63 1.18 -29.29
N ASP U 132 42.67 1.78 -30.49
CA ASP U 132 43.41 1.19 -31.61
C ASP U 132 44.88 1.56 -31.50
N LYS U 133 45.75 0.55 -31.49
CA LYS U 133 47.17 0.80 -31.28
C LYS U 133 47.95 1.06 -32.56
N ASN U 134 47.30 0.98 -33.72
CA ASN U 134 47.94 1.37 -34.98
C ASN U 134 47.55 2.78 -35.40
N LYS U 135 46.78 3.50 -34.58
CA LYS U 135 46.34 4.84 -34.89
C LYS U 135 46.81 5.78 -33.79
N SER U 136 46.81 7.07 -34.10
CA SER U 136 47.11 8.06 -33.09
C SER U 136 45.94 8.20 -32.13
N SER U 137 46.24 8.60 -30.90
CA SER U 137 45.19 8.80 -29.90
C SER U 137 44.38 10.05 -30.23
N ASN U 138 43.18 10.11 -29.66
CA ASN U 138 42.31 11.25 -29.88
C ASN U 138 42.98 12.53 -29.40
N PRO U 139 43.01 13.57 -30.23
CA PRO U 139 43.53 14.86 -29.80
C PRO U 139 42.59 15.50 -28.77
N SER U 140 43.17 16.03 -27.71
CA SER U 140 42.40 16.69 -26.66
C SER U 140 43.19 17.87 -26.11
N LYS U 141 42.49 18.73 -25.37
CA LYS U 141 43.17 19.89 -24.79
C LYS U 141 44.24 19.46 -23.80
N ASP U 142 44.01 18.37 -23.09
CA ASP U 142 44.97 17.94 -22.08
C ASP U 142 46.30 17.55 -22.72
N LYS U 143 46.27 16.87 -23.87
CA LYS U 143 47.47 16.35 -24.49
C LYS U 143 47.95 17.19 -25.68
N ALA U 144 47.39 18.37 -25.88
CA ALA U 144 47.94 19.27 -26.89
C ALA U 144 49.23 19.90 -26.38
N ALA U 145 50.07 20.34 -27.32
CA ALA U 145 51.40 20.83 -26.99
C ALA U 145 51.51 22.35 -26.96
N ASP U 146 50.49 23.08 -27.42
CA ASP U 146 50.55 24.53 -27.50
C ASP U 146 49.19 25.09 -27.14
N ALA U 147 49.15 26.38 -26.80
CA ALA U 147 47.88 27.00 -26.48
C ALA U 147 46.94 27.02 -27.68
N LYS U 148 47.47 27.39 -28.85
CA LYS U 148 46.64 27.43 -30.06
C LYS U 148 46.13 26.04 -30.40
N THR U 149 47.00 25.03 -30.31
CA THR U 149 46.59 23.67 -30.60
C THR U 149 45.55 23.18 -29.61
N ALA U 150 45.68 23.52 -28.33
CA ALA U 150 44.66 23.13 -27.36
C ALA U 150 43.34 23.80 -27.66
N ASP U 151 43.35 25.08 -28.04
CA ASP U 151 42.12 25.72 -28.47
C ASP U 151 41.49 24.98 -29.64
N LYS U 152 42.28 24.61 -30.65
CA LYS U 152 41.74 23.87 -31.78
C LYS U 152 41.20 22.51 -31.38
N ALA U 153 41.90 21.81 -30.49
CA ALA U 153 41.62 20.41 -30.21
C ALA U 153 40.66 20.20 -29.04
N ASN U 154 40.24 21.25 -28.36
CA ASN U 154 39.36 21.10 -27.20
C ASN U 154 38.09 20.36 -27.61
N SER U 155 37.87 19.19 -27.00
CA SER U 155 36.62 18.45 -27.19
C SER U 155 35.41 19.20 -26.68
N GLY U 156 35.60 20.22 -25.84
CA GLY U 156 34.51 21.03 -25.36
C GLY U 156 34.00 20.54 -24.01
N VAL U 157 33.78 21.46 -23.09
CA VAL U 157 33.37 21.09 -21.74
C VAL U 157 31.89 21.37 -21.61
N ASN U 158 31.18 20.40 -21.02
CA ASN U 158 29.72 20.36 -21.00
C ASN U 158 29.26 19.96 -19.61
N ALA U 159 29.04 20.94 -18.74
CA ALA U 159 28.39 20.66 -17.48
C ALA U 159 26.94 21.14 -17.50
N GLY U 160 26.17 20.70 -16.52
CA GLY U 160 24.73 20.74 -16.60
C GLY U 160 24.14 22.14 -16.65
N ASP U 161 22.86 22.21 -16.29
CA ASP U 161 22.09 23.43 -16.44
C ASP U 161 22.72 24.57 -15.66
N LYS U 162 22.85 25.71 -16.33
CA LYS U 162 23.31 26.95 -15.73
C LYS U 162 22.13 27.71 -15.14
N GLY U 163 22.43 28.58 -14.18
CA GLY U 163 21.52 29.62 -13.79
C GLY U 163 22.21 30.96 -14.01
N GLY U 164 21.61 31.81 -14.83
CA GLY U 164 22.15 33.13 -15.09
C GLY U 164 22.01 34.01 -13.87
N THR U 165 22.72 35.13 -13.88
CA THR U 165 22.67 36.07 -12.77
C THR U 165 21.77 37.24 -13.10
N THR U 166 20.80 37.50 -12.23
CA THR U 166 19.87 38.61 -12.45
C THR U 166 20.58 39.94 -12.30
N VAL U 167 20.09 40.94 -13.04
CA VAL U 167 20.69 42.27 -13.08
C VAL U 167 19.84 43.23 -12.28
N ALA U 168 20.50 44.22 -11.68
CA ALA U 168 19.78 45.25 -10.96
C ALA U 168 18.86 46.01 -11.91
N ALA U 169 17.69 46.41 -11.40
CA ALA U 169 16.64 46.95 -12.25
C ALA U 169 17.07 48.18 -13.05
N PRO U 170 17.68 49.20 -12.44
CA PRO U 170 18.01 50.40 -13.23
C PRO U 170 19.11 50.14 -14.26
N ARG U 171 20.14 49.40 -13.88
CA ARG U 171 21.17 49.01 -14.85
C ARG U 171 20.55 48.25 -16.01
N ALA U 172 19.62 47.34 -15.70
CA ALA U 172 18.95 46.58 -16.74
C ALA U 172 18.15 47.49 -17.66
N GLN U 173 17.45 48.46 -17.09
CA GLN U 173 16.68 49.37 -17.94
C GLN U 173 17.60 50.18 -18.84
N SER U 174 18.71 50.67 -18.29
CA SER U 174 19.66 51.41 -19.11
C SER U 174 20.20 50.55 -20.25
N LEU U 175 20.61 49.32 -19.95
CA LEU U 175 21.18 48.47 -21.00
C LEU U 175 20.15 48.11 -22.05
N LEU U 176 18.93 47.77 -21.63
CA LEU U 176 17.90 47.40 -22.59
C LEU U 176 17.51 48.58 -23.47
N LYS U 177 17.46 49.79 -22.90
CA LYS U 177 17.25 50.95 -23.78
C LYS U 177 18.43 51.16 -24.71
N GLY U 178 19.65 50.98 -24.22
CA GLY U 178 20.81 51.17 -25.06
C GLY U 178 20.79 50.30 -26.29
N VAL U 179 20.35 49.05 -26.14
CA VAL U 179 20.32 48.14 -27.29
C VAL U 179 19.02 48.24 -28.06
N PHE U 180 17.89 47.97 -27.39
CA PHE U 180 16.61 47.78 -28.05
C PHE U 180 15.82 49.07 -28.24
N GLY U 181 16.39 50.23 -27.92
CA GLY U 181 15.73 51.49 -28.19
C GLY U 181 16.17 52.12 -29.50
N GLY U 182 17.26 51.67 -30.09
CA GLY U 182 17.68 52.13 -31.41
C GLY U 182 18.92 51.37 -31.88
N MET V 1 68.96 23.48 10.73
CA MET V 1 68.45 24.84 10.88
C MET V 1 67.05 24.84 11.48
N ILE V 2 66.98 25.22 12.75
CA ILE V 2 65.78 25.17 13.57
C ILE V 2 65.38 26.58 13.98
N ILE V 3 64.11 26.72 14.37
CA ILE V 3 63.58 28.03 14.75
C ILE V 3 64.15 28.54 16.06
N ALA V 4 64.54 27.66 16.99
CA ALA V 4 65.00 28.10 18.29
C ALA V 4 63.88 28.84 19.03
N PHE V 5 62.83 28.09 19.32
CA PHE V 5 61.63 28.62 19.94
C PHE V 5 61.81 28.67 21.46
N SER V 6 60.71 28.91 22.18
CA SER V 6 60.77 29.24 23.59
C SER V 6 60.37 28.10 24.52
N SER V 7 59.83 27.01 23.99
CA SER V 7 59.45 25.85 24.81
C SER V 7 58.26 26.16 25.73
N ALA V 8 57.12 26.42 25.10
CA ALA V 8 55.87 26.68 25.82
C ALA V 8 54.72 26.22 24.95
N ILE V 9 53.77 25.49 25.53
CA ILE V 9 52.53 25.17 24.83
C ILE V 9 51.47 26.19 25.23
N GLY V 10 51.05 27.01 24.27
CA GLY V 10 50.09 28.04 24.57
C GLY V 10 50.64 29.00 25.60
N PRO V 11 49.82 29.37 26.59
CA PRO V 11 50.30 30.30 27.61
C PRO V 11 51.21 29.64 28.64
N VAL V 12 51.09 28.34 28.82
CA VAL V 12 51.80 27.70 29.94
C VAL V 12 53.20 27.29 29.49
N PRO V 13 54.26 27.78 30.13
CA PRO V 13 55.60 27.34 29.73
C PRO V 13 55.96 25.95 30.24
N LEU V 14 56.85 25.30 29.50
CA LEU V 14 57.40 24.01 29.85
C LEU V 14 58.90 24.13 30.06
N THR V 15 59.45 23.23 30.87
CA THR V 15 60.87 23.25 31.16
C THR V 15 61.68 22.52 30.09
N VAL V 16 61.15 21.44 29.51
CA VAL V 16 61.88 20.64 28.54
C VAL V 16 60.90 20.17 27.48
N VAL V 17 61.34 20.21 26.23
CA VAL V 17 60.66 19.55 25.12
C VAL V 17 61.57 18.43 24.66
N ILE V 18 61.13 17.18 24.83
CA ILE V 18 62.00 16.04 24.64
C ILE V 18 61.99 15.58 23.19
N SER V 19 60.86 15.72 22.50
CA SER V 19 60.80 15.34 21.09
C SER V 19 59.58 15.98 20.46
N GLU V 20 59.73 16.46 19.23
CA GLU V 20 58.62 16.90 18.41
C GLU V 20 58.42 15.94 17.25
N LYS V 21 57.17 15.58 17.01
CA LYS V 21 56.82 14.77 15.85
C LYS V 21 55.72 15.46 15.06
N HIS V 22 55.96 15.60 13.75
CA HIS V 22 55.12 16.37 12.86
C HIS V 22 54.54 15.45 11.81
N THR V 23 53.28 15.66 11.46
CA THR V 23 52.63 14.83 10.45
C THR V 23 51.78 15.70 9.54
N SER V 24 51.89 15.45 8.24
CA SER V 24 51.15 16.22 7.24
C SER V 24 50.59 15.23 6.23
N LYS V 25 49.30 14.94 6.35
CA LYS V 25 48.63 13.94 5.52
C LYS V 25 47.80 14.58 4.41
N VAL V 26 47.78 13.88 3.27
CA VAL V 26 46.84 14.12 2.18
C VAL V 26 46.13 12.82 1.88
N GLU V 27 44.81 12.87 1.82
CA GLU V 27 43.96 11.73 1.57
C GLU V 27 43.49 11.74 0.12
N LEU V 28 43.83 10.67 -0.61
CA LEU V 28 43.41 10.50 -1.99
C LEU V 28 42.22 9.56 -2.07
N THR V 29 41.51 9.63 -3.20
CA THR V 29 40.33 8.80 -3.43
C THR V 29 40.39 8.28 -4.87
N THR V 30 39.95 7.04 -5.09
CA THR V 30 39.96 6.43 -6.41
C THR V 30 38.83 5.42 -6.59
N ASN V 31 38.25 5.39 -7.80
CA ASN V 31 37.18 4.51 -8.24
C ASN V 31 37.68 3.38 -9.14
N PRO V 32 36.78 2.56 -9.72
CA PRO V 32 37.21 1.26 -10.27
C PRO V 32 38.29 1.34 -11.34
N ILE V 33 38.03 1.91 -12.50
CA ILE V 33 39.09 2.15 -13.48
C ILE V 33 39.55 3.58 -13.31
N GLU V 34 40.79 3.83 -13.73
CA GLU V 34 41.36 5.17 -13.67
C GLU V 34 40.36 6.16 -14.24
N SER V 35 39.88 7.07 -13.39
CA SER V 35 39.00 8.16 -13.79
C SER V 35 39.71 9.51 -13.68
N GLY V 36 40.09 10.05 -14.83
CA GLY V 36 40.92 11.23 -14.94
C GLY V 36 40.51 12.17 -16.07
N ALA V 37 41.45 12.48 -16.97
CA ALA V 37 41.20 13.38 -18.09
C ALA V 37 40.87 14.78 -17.58
N ASP V 38 41.88 15.42 -16.98
CA ASP V 38 41.93 16.77 -16.41
C ASP V 38 41.17 16.86 -15.10
N VAL V 39 41.13 15.79 -14.30
CA VAL V 39 40.54 15.83 -12.97
C VAL V 39 41.62 15.51 -11.95
N THR V 40 41.95 16.50 -11.12
CA THR V 40 42.71 16.31 -9.91
C THR V 40 42.00 16.85 -8.68
N ASP V 41 40.69 17.11 -8.78
CA ASP V 41 39.97 17.79 -7.72
C ASP V 41 39.81 16.92 -6.48
N HIS V 42 40.12 15.63 -6.60
CA HIS V 42 39.88 14.65 -5.53
C HIS V 42 41.17 14.26 -4.81
N ALA V 43 41.61 15.17 -3.95
CA ALA V 43 42.71 14.96 -3.01
C ALA V 43 42.59 16.00 -1.92
N TYR V 44 42.50 15.56 -0.67
CA TYR V 44 42.14 16.42 0.45
C TYR V 44 43.29 16.53 1.45
N VAL V 45 43.60 17.75 1.86
CA VAL V 45 44.71 18.01 2.78
C VAL V 45 44.19 17.98 4.21
N LYS V 46 44.62 17.00 4.99
CA LYS V 46 44.14 16.84 6.35
C LYS V 46 44.78 17.88 7.28
N GLY V 47 44.14 18.09 8.42
CA GLY V 47 44.72 18.94 9.45
C GLY V 47 46.00 18.33 10.01
N LYS V 48 46.95 19.20 10.35
CA LYS V 48 48.25 18.76 10.80
C LYS V 48 48.23 18.34 12.26
N GLU V 49 48.98 17.28 12.56
CA GLU V 49 49.05 16.71 13.89
C GLU V 49 50.46 16.90 14.44
N ILE V 50 50.54 17.18 15.75
CA ILE V 50 51.81 17.38 16.43
C ILE V 50 51.82 16.54 17.68
N GLU V 51 52.97 15.94 17.97
CA GLU V 51 53.16 15.15 19.18
C GLU V 51 54.40 15.69 19.89
N LEU V 52 54.21 16.25 21.08
CA LEU V 52 55.30 16.73 21.91
C LEU V 52 55.49 15.79 23.09
N GLU V 53 56.75 15.56 23.43
CA GLU V 53 57.12 14.81 24.62
C GLU V 53 57.85 15.78 25.54
N VAL V 54 57.21 16.14 26.65
CA VAL V 54 57.61 17.29 27.44
C VAL V 54 57.81 16.87 28.89
N ALA V 55 58.48 17.74 29.64
CA ALA V 55 58.70 17.55 31.07
C ALA V 55 58.83 18.92 31.72
N ASP V 56 58.50 18.96 33.01
CA ASP V 56 58.47 20.22 33.75
C ASP V 56 58.87 19.99 35.20
N ARG V 57 59.51 21.00 35.79
CA ARG V 57 59.96 20.91 37.16
C ARG V 57 58.79 20.87 38.13
N ASN V 58 57.82 21.76 37.95
CA ASN V 58 56.67 21.86 38.86
C ASN V 58 55.58 20.91 38.37
N ALA V 59 55.60 19.68 38.87
CA ALA V 59 54.76 18.62 38.32
C ALA V 59 53.27 18.94 38.46
N ALA V 60 52.78 19.00 39.70
CA ALA V 60 51.35 19.16 39.92
C ALA V 60 50.84 20.46 39.32
N ALA V 61 51.60 21.55 39.51
CA ALA V 61 51.17 22.84 39.00
C ALA V 61 51.08 22.84 37.48
N THR V 62 52.09 22.31 36.80
CA THR V 62 52.07 22.28 35.35
C THR V 62 50.99 21.37 34.81
N TRP V 63 50.76 20.21 35.45
CA TRP V 63 49.66 19.35 35.02
C TRP V 63 48.34 20.07 35.16
N ALA V 64 48.13 20.78 36.27
CA ALA V 64 46.88 21.51 36.44
C ALA V 64 46.72 22.58 35.38
N ALA V 65 47.78 23.34 35.11
CA ALA V 65 47.70 24.41 34.11
C ALA V 65 47.41 23.85 32.72
N LEU V 66 48.09 22.78 32.34
CA LEU V 66 47.85 22.16 31.05
C LEU V 66 46.42 21.64 30.94
N VAL V 67 45.91 20.99 31.99
CA VAL V 67 44.55 20.48 31.94
C VAL V 67 43.55 21.62 31.80
N ALA V 68 43.76 22.72 32.54
CA ALA V 68 42.84 23.85 32.44
C ALA V 68 42.86 24.44 31.04
N PHE V 69 44.05 24.60 30.46
CA PHE V 69 44.13 25.17 29.13
C PHE V 69 43.58 24.22 28.07
N GLN V 70 43.74 22.91 28.27
CA GLN V 70 43.08 21.95 27.38
C GLN V 70 41.58 22.08 27.46
N GLU V 71 41.02 22.16 28.66
CA GLU V 71 39.57 22.23 28.86
C GLU V 71 38.98 23.54 28.40
N SER V 72 39.77 24.60 28.30
CA SER V 72 39.27 25.82 27.69
C SER V 72 38.87 25.62 26.23
N ARG V 73 39.65 24.84 25.48
CA ARG V 73 39.36 24.52 24.08
C ARG V 73 39.41 25.76 23.20
N VAL V 74 40.45 26.57 23.36
CA VAL V 74 40.62 27.78 22.58
C VAL V 74 41.80 27.58 21.63
N PRO V 75 41.60 27.59 20.32
CA PRO V 75 42.73 27.42 19.40
C PRO V 75 43.80 28.49 19.62
N PHE V 76 45.04 28.08 19.42
CA PHE V 76 46.19 28.92 19.76
C PHE V 76 47.34 28.61 18.83
N VAL V 77 48.25 29.56 18.73
CA VAL V 77 49.46 29.43 17.94
C VAL V 77 50.45 28.57 18.70
N LEU V 78 50.99 27.55 18.03
CA LEU V 78 52.01 26.69 18.60
C LEU V 78 53.31 26.92 17.87
N MET V 79 54.36 27.21 18.63
CA MET V 79 55.69 27.42 18.09
C MET V 79 56.54 26.18 18.32
N THR V 80 57.09 25.64 17.25
CA THR V 80 57.99 24.50 17.30
C THR V 80 59.31 24.87 16.62
N GLY V 81 60.30 24.01 16.78
CA GLY V 81 61.57 24.26 16.13
C GLY V 81 61.55 24.08 14.64
N LEU V 82 60.50 23.48 14.12
CA LEU V 82 60.40 23.16 12.71
C LEU V 82 59.38 23.99 11.95
N SER V 83 58.48 24.69 12.63
CA SER V 83 57.51 25.57 11.99
C SER V 83 56.67 26.26 13.07
N MET V 84 55.94 27.28 12.65
CA MET V 84 54.81 27.79 13.40
C MET V 84 53.57 26.97 13.06
N TYR V 85 52.63 26.91 14.00
CA TYR V 85 51.36 26.25 13.75
C TYR V 85 50.26 27.10 14.36
N ARG V 86 49.32 27.52 13.51
CA ARG V 86 48.20 28.35 13.93
C ARG V 86 46.97 27.47 14.19
N ASN V 87 46.16 27.90 15.15
CA ASN V 87 44.90 27.23 15.44
C ASN V 87 45.14 25.76 15.80
N MET V 88 45.77 25.53 16.94
CA MET V 88 45.96 24.18 17.45
C MET V 88 45.06 23.95 18.65
N ILE V 89 44.61 22.71 18.82
CA ILE V 89 43.87 22.28 19.99
C ILE V 89 44.56 21.06 20.57
N ILE V 90 44.71 21.05 21.89
CA ILE V 90 45.31 19.92 22.59
C ILE V 90 44.27 18.81 22.70
N THR V 91 44.39 17.79 21.86
CA THR V 91 43.45 16.69 21.89
C THR V 91 43.79 15.63 22.92
N GLU V 92 44.96 15.71 23.55
CA GLU V 92 45.39 14.67 24.48
C GLU V 92 46.55 15.17 25.33
N ILE V 93 46.43 14.97 26.62
CA ILE V 93 47.53 15.19 27.54
C ILE V 93 47.67 13.94 28.40
N ASP V 94 48.90 13.44 28.52
CA ASP V 94 49.16 12.21 29.24
C ASP V 94 50.40 12.40 30.10
N ALA V 95 50.37 11.90 31.32
CA ALA V 95 51.50 12.03 32.23
C ALA V 95 51.69 10.74 33.01
N THR V 96 52.93 10.45 33.37
CA THR V 96 53.30 9.23 34.05
C THR V 96 54.22 9.58 35.21
N ARG V 97 53.93 9.04 36.39
CA ARG V 97 54.78 9.28 37.55
C ARG V 97 55.16 7.91 38.09
N ASN V 98 56.39 7.49 37.83
CA ASN V 98 56.87 6.16 38.20
C ASN V 98 58.24 6.32 38.87
N ALA V 99 58.94 5.20 39.03
CA ALA V 99 60.22 5.24 39.74
C ALA V 99 61.24 6.11 39.03
N GLN V 100 61.34 5.98 37.70
CA GLN V 100 62.34 6.74 36.96
C GLN V 100 62.13 8.24 37.14
N HIS V 101 60.89 8.71 36.99
CA HIS V 101 60.55 10.12 37.10
C HIS V 101 59.32 10.26 37.99
N SER V 102 59.54 10.56 39.26
CA SER V 102 58.44 10.55 40.22
C SER V 102 58.11 11.97 40.70
N LYS V 103 59.07 12.88 40.67
CA LYS V 103 58.86 14.21 41.22
C LYS V 103 58.79 15.29 40.15
N ILE V 104 58.75 14.93 38.88
CA ILE V 104 58.63 15.89 37.79
C ILE V 104 57.41 15.54 36.96
N LEU V 105 56.97 16.48 36.15
CA LEU V 105 56.01 16.17 35.10
C LEU V 105 56.78 15.62 33.91
N LYS V 106 56.33 14.49 33.38
CA LYS V 106 57.00 13.82 32.28
C LYS V 106 55.93 13.12 31.46
N GLY V 107 55.63 13.65 30.28
CA GLY V 107 54.55 13.07 29.51
C GLY V 107 54.42 13.55 28.09
N THR V 108 53.22 13.40 27.52
CA THR V 108 52.97 13.62 26.11
C THR V 108 51.84 14.61 25.94
N VAL V 109 51.93 15.44 24.91
CA VAL V 109 50.86 16.34 24.50
C VAL V 109 50.64 16.13 23.01
N ARG V 110 49.42 15.78 22.63
CA ARG V 110 49.02 15.63 21.24
C ARG V 110 48.15 16.81 20.85
N LEU V 111 48.47 17.43 19.72
CA LEU V 111 47.75 18.61 19.25
C LEU V 111 47.32 18.38 17.81
N ARG V 112 46.18 18.94 17.46
CA ARG V 112 45.70 18.88 16.09
C ARG V 112 45.29 20.27 15.66
N GLU V 113 45.58 20.59 14.41
CA GLU V 113 45.15 21.82 13.79
C GLU V 113 43.65 21.83 13.61
N VAL V 114 43.03 22.96 13.96
CA VAL V 114 41.60 23.12 13.86
C VAL V 114 41.29 23.52 12.43
N LYS V 115 40.40 22.77 11.76
CA LYS V 115 39.82 23.25 10.45
C LYS V 115 38.59 24.20 10.70
N ILE V 116 38.31 25.33 9.95
CA ILE V 116 37.34 26.44 10.39
C ILE V 116 36.72 27.37 9.26
N VAL V 117 36.09 28.57 9.56
CA VAL V 117 35.52 29.52 8.59
C VAL V 117 34.34 28.93 7.82
N GLU V 118 33.51 28.13 8.48
CA GLU V 118 32.26 27.61 7.92
C GLU V 118 31.25 27.36 9.04
N THR V 119 30.26 28.27 9.18
CA THR V 119 29.05 27.98 9.94
C THR V 119 27.80 28.05 9.08
N GLY V 120 27.65 29.13 8.33
CA GLY V 120 26.62 29.33 7.31
C GLY V 120 25.32 30.09 7.53
N THR V 121 24.33 29.47 8.17
CA THR V 121 22.96 29.94 7.98
C THR V 121 22.80 31.40 8.40
N ALA V 122 23.34 31.78 9.55
CA ALA V 122 23.30 33.16 10.00
C ALA V 122 23.98 34.09 9.03
N GLU V 123 24.84 33.57 8.16
CA GLU V 123 25.51 34.32 7.12
C GLU V 123 24.67 34.26 5.84
N ASP V 124 24.50 35.42 5.21
CA ASP V 124 23.63 35.56 4.06
C ASP V 124 24.44 35.91 2.82
N SER V 125 23.78 35.85 1.68
CA SER V 125 24.37 36.09 0.38
C SER V 125 23.85 37.42 -0.15
N SER V 126 24.56 38.50 0.16
CA SER V 126 24.16 39.83 -0.28
C SER V 126 25.07 40.42 -1.34
N GLY V 127 26.38 40.21 -1.24
CA GLY V 127 27.33 40.85 -2.13
C GLY V 127 28.44 39.98 -2.68
N LYS V 128 29.69 40.35 -2.36
CA LYS V 128 30.91 39.73 -2.87
C LYS V 128 31.02 38.25 -2.55
N ASP V 129 31.96 37.57 -3.20
CA ASP V 129 32.22 36.15 -2.98
C ASP V 129 33.43 35.89 -2.09
N GLY V 130 34.48 36.70 -2.20
CA GLY V 130 35.67 36.56 -1.41
C GLY V 130 36.73 35.65 -1.99
N THR V 131 36.41 34.93 -3.07
CA THR V 131 37.39 34.04 -3.68
C THR V 131 38.38 34.77 -4.59
N ASP V 132 38.06 36.00 -4.98
CA ASP V 132 38.93 36.72 -5.91
C ASP V 132 40.16 37.22 -5.17
N LYS V 133 41.32 36.74 -5.59
CA LYS V 133 42.58 37.05 -4.92
C LYS V 133 43.06 38.47 -5.18
N ASN V 134 42.42 39.21 -6.09
CA ASN V 134 42.77 40.61 -6.34
C ASN V 134 41.92 41.59 -5.55
N LYS V 135 40.94 41.11 -4.78
CA LYS V 135 40.08 41.98 -4.00
C LYS V 135 40.27 41.69 -2.53
N SER V 136 39.81 42.63 -1.70
CA SER V 136 39.85 42.42 -0.27
C SER V 136 38.87 41.32 0.13
N SER V 137 39.11 40.73 1.28
CA SER V 137 38.18 39.79 1.87
C SER V 137 36.96 40.52 2.41
N ASN V 138 35.86 39.78 2.53
CA ASN V 138 34.61 40.37 2.99
C ASN V 138 34.75 40.87 4.43
N PRO V 139 34.24 42.07 4.72
CA PRO V 139 34.19 42.52 6.11
C PRO V 139 33.21 41.65 6.90
N SER V 140 33.68 41.10 8.01
CA SER V 140 32.85 40.33 8.92
C SER V 140 33.25 40.67 10.34
N LYS V 141 32.31 40.48 11.27
CA LYS V 141 32.57 40.84 12.66
C LYS V 141 33.77 40.10 13.20
N ASP V 142 33.94 38.84 12.81
CA ASP V 142 34.99 38.01 13.39
C ASP V 142 36.38 38.56 13.10
N LYS V 143 36.62 39.04 11.89
CA LYS V 143 37.94 39.53 11.50
C LYS V 143 38.09 41.05 11.60
N ALA V 144 37.10 41.75 12.14
CA ALA V 144 37.29 43.17 12.40
C ALA V 144 38.24 43.37 13.58
N ALA V 145 39.00 44.46 13.52
CA ALA V 145 40.06 44.72 14.48
C ALA V 145 39.61 45.54 15.68
N ASP V 146 38.35 45.94 15.74
CA ASP V 146 37.83 46.77 16.82
C ASP V 146 36.41 46.35 17.12
N ALA V 147 35.94 46.70 18.32
CA ALA V 147 34.54 46.44 18.66
C ALA V 147 33.60 47.28 17.80
N LYS V 148 33.97 48.54 17.54
CA LYS V 148 33.12 49.40 16.73
C LYS V 148 33.03 48.90 15.29
N THR V 149 34.17 48.53 14.71
CA THR V 149 34.14 48.02 13.36
C THR V 149 33.51 46.64 13.31
N ALA V 150 33.62 45.87 14.38
CA ALA V 150 32.87 44.61 14.47
C ALA V 150 31.38 44.86 14.42
N ASP V 151 30.90 45.85 15.16
CA ASP V 151 29.48 46.20 15.09
C ASP V 151 29.09 46.65 13.69
N LYS V 152 29.92 47.48 13.06
CA LYS V 152 29.58 47.96 11.73
C LYS V 152 29.58 46.84 10.69
N ALA V 153 30.47 45.87 10.84
CA ALA V 153 30.64 44.80 9.87
C ALA V 153 29.87 43.53 10.22
N ASN V 154 29.13 43.54 11.32
CA ASN V 154 28.38 42.35 11.70
C ASN V 154 27.37 42.02 10.60
N SER V 155 27.61 40.92 9.89
CA SER V 155 26.73 40.48 8.82
C SER V 155 25.34 40.12 9.31
N GLY V 156 25.20 39.82 10.59
CA GLY V 156 23.91 39.46 11.15
C GLY V 156 23.87 38.03 11.63
N VAL V 157 23.37 37.85 12.85
CA VAL V 157 23.23 36.52 13.45
C VAL V 157 21.75 36.20 13.51
N ASN V 158 21.38 35.07 12.91
CA ASN V 158 19.98 34.72 12.73
C ASN V 158 19.65 33.48 13.57
N ALA V 159 19.03 33.72 14.71
CA ALA V 159 18.44 32.65 15.49
C ALA V 159 17.26 32.06 14.73
N GLY V 160 16.91 30.84 15.07
CA GLY V 160 15.76 30.20 14.47
C GLY V 160 14.47 30.78 14.99
N ASP V 161 13.42 29.99 14.84
CA ASP V 161 12.11 30.37 15.38
C ASP V 161 12.23 30.50 16.89
N LYS V 162 11.69 31.58 17.43
CA LYS V 162 11.80 31.90 18.84
C LYS V 162 10.43 31.83 19.50
N GLY V 163 10.43 31.44 20.77
CA GLY V 163 9.24 31.55 21.58
C GLY V 163 9.50 32.52 22.72
N GLY V 164 8.67 33.55 22.83
CA GLY V 164 8.83 34.55 23.86
C GLY V 164 8.40 34.01 25.21
N THR V 165 9.13 34.41 26.25
CA THR V 165 8.79 33.99 27.60
C THR V 165 7.54 34.75 28.05
N THR V 166 6.53 34.01 28.49
CA THR V 166 5.29 34.62 28.91
C THR V 166 5.50 35.47 30.15
N VAL V 167 4.69 36.52 30.26
CA VAL V 167 4.71 37.42 31.41
C VAL V 167 3.55 37.08 32.33
N ALA V 168 3.86 36.91 33.61
CA ALA V 168 2.85 36.59 34.61
C ALA V 168 1.65 37.53 34.48
N ALA V 169 0.48 37.03 34.84
CA ALA V 169 -0.75 37.76 34.59
C ALA V 169 -0.78 39.13 35.28
N PRO V 170 -0.43 39.25 36.57
CA PRO V 170 -0.49 40.58 37.20
C PRO V 170 0.52 41.55 36.64
N ARG V 171 1.75 41.11 36.43
CA ARG V 171 2.75 41.98 35.82
C ARG V 171 2.34 42.41 34.44
N ALA V 172 1.79 41.50 33.63
CA ALA V 172 1.37 41.84 32.28
C ALA V 172 0.26 42.87 32.31
N GLN V 173 -0.72 42.70 33.19
CA GLN V 173 -1.80 43.66 33.29
C GLN V 173 -1.27 45.03 33.74
N SER V 174 -0.34 45.06 34.69
CA SER V 174 0.24 46.32 35.13
C SER V 174 0.99 47.01 34.00
N LEU V 175 1.81 46.28 33.25
CA LEU V 175 2.57 46.87 32.16
C LEU V 175 1.64 47.39 31.07
N LEU V 176 0.59 46.63 30.77
CA LEU V 176 -0.37 47.07 29.76
C LEU V 176 -1.10 48.32 30.19
N LYS V 177 -1.50 48.41 31.47
CA LYS V 177 -2.05 49.67 31.95
C LYS V 177 -1.06 50.80 31.77
N GLY V 178 0.20 50.58 32.15
CA GLY V 178 1.19 51.64 32.04
C GLY V 178 1.36 52.13 30.62
N VAL V 179 1.32 51.22 29.65
CA VAL V 179 1.57 51.60 28.26
C VAL V 179 0.32 52.15 27.60
N PHE V 180 -0.73 51.34 27.51
CA PHE V 180 -1.84 51.63 26.61
C PHE V 180 -3.01 52.31 27.30
N GLY V 181 -2.90 52.63 28.58
CA GLY V 181 -3.95 53.35 29.27
C GLY V 181 -3.79 54.87 29.22
N GLY V 182 -2.58 55.36 28.95
CA GLY V 182 -2.34 56.79 28.84
C GLY V 182 -0.85 57.05 28.63
N MET W 1 57.45 18.93 41.79
CA MET W 1 56.61 19.23 42.93
C MET W 1 55.29 18.51 42.87
N ILE W 2 55.15 17.47 43.69
CA ILE W 2 53.98 16.60 43.69
C ILE W 2 53.24 16.75 45.01
N ILE W 3 51.98 16.29 45.02
CA ILE W 3 51.07 16.61 46.11
C ILE W 3 51.45 15.96 47.43
N ALA W 4 52.17 14.85 47.44
CA ALA W 4 52.58 14.21 48.69
C ALA W 4 51.36 13.72 49.49
N PHE W 5 50.70 12.72 48.93
CA PHE W 5 49.41 12.24 49.39
C PHE W 5 49.59 11.04 50.33
N SER W 6 48.47 10.40 50.70
CA SER W 6 48.46 9.33 51.70
C SER W 6 48.45 7.92 51.10
N SER W 7 48.50 7.78 49.78
CA SER W 7 48.71 6.50 49.11
C SER W 7 47.61 5.48 49.43
N ALA W 8 46.42 5.75 48.89
CA ALA W 8 45.29 4.83 49.03
C ALA W 8 44.31 5.09 47.89
N ILE W 9 43.62 4.05 47.44
CA ILE W 9 42.47 4.22 46.54
C ILE W 9 41.20 4.17 47.37
N GLY W 10 40.52 5.31 47.48
CA GLY W 10 39.32 5.39 48.27
C GLY W 10 39.64 5.15 49.73
N PRO W 11 38.78 4.42 50.43
CA PRO W 11 39.07 4.13 51.84
C PRO W 11 40.13 3.05 52.01
N VAL W 12 40.13 2.05 51.14
CA VAL W 12 41.04 0.92 51.35
C VAL W 12 42.48 1.39 51.18
N PRO W 13 43.35 1.26 52.18
CA PRO W 13 44.74 1.69 52.04
C PRO W 13 45.60 0.67 51.32
N LEU W 14 46.70 1.16 50.76
CA LEU W 14 47.66 0.37 50.01
C LEU W 14 49.06 0.62 50.55
N THR W 15 49.92 -0.39 50.46
CA THR W 15 51.28 -0.19 50.92
C THR W 15 52.10 0.64 49.95
N VAL W 16 52.01 0.36 48.65
CA VAL W 16 52.86 1.00 47.66
C VAL W 16 52.03 1.35 46.44
N VAL W 17 52.29 2.53 45.89
CA VAL W 17 51.86 2.90 44.55
C VAL W 17 53.12 2.88 43.69
N ILE W 18 53.17 1.96 42.74
CA ILE W 18 54.39 1.76 41.97
C ILE W 18 54.49 2.76 40.83
N SER W 19 53.35 3.20 40.30
CA SER W 19 53.35 4.00 39.08
C SER W 19 51.97 4.58 38.85
N GLU W 20 51.93 5.84 38.43
CA GLU W 20 50.69 6.48 38.00
C GLU W 20 50.68 6.66 36.50
N LYS W 21 49.49 6.86 35.97
CA LYS W 21 49.30 7.18 34.57
C LYS W 21 48.07 8.06 34.45
N HIS W 22 48.28 9.31 34.08
CA HIS W 22 47.22 10.31 33.99
C HIS W 22 46.91 10.58 32.54
N THR W 23 45.64 10.54 32.18
CA THR W 23 45.22 10.78 30.81
C THR W 23 44.04 11.73 30.78
N SER W 24 44.03 12.62 29.80
CA SER W 24 42.97 13.60 29.62
C SER W 24 42.72 13.76 28.12
N LYS W 25 41.52 13.42 27.67
CA LYS W 25 41.13 13.50 26.27
C LYS W 25 40.22 14.70 25.98
N VAL W 26 40.45 15.32 24.83
CA VAL W 26 39.50 16.22 24.20
C VAL W 26 39.26 15.72 22.79
N GLU W 27 38.03 15.34 22.49
CA GLU W 27 37.64 14.86 21.18
C GLU W 27 37.19 16.02 20.29
N LEU W 28 37.90 16.17 19.17
CA LEU W 28 37.52 17.10 18.12
C LEU W 28 36.70 16.37 17.07
N THR W 29 35.92 17.14 16.33
CA THR W 29 35.14 16.58 15.22
C THR W 29 35.46 17.38 13.98
N THR W 30 35.75 16.68 12.89
CA THR W 30 36.04 17.31 11.61
C THR W 30 35.19 16.68 10.53
N ASN W 31 34.45 17.52 9.81
CA ASN W 31 33.66 17.02 8.69
C ASN W 31 34.59 16.88 7.48
N PRO W 32 34.15 16.20 6.42
CA PRO W 32 35.09 15.88 5.31
C PRO W 32 35.89 17.06 4.80
N ILE W 33 35.41 18.29 5.03
CA ILE W 33 36.19 19.49 4.81
C ILE W 33 36.09 20.34 6.07
N GLU W 34 37.00 21.30 6.20
CA GLU W 34 37.09 22.21 7.33
C GLU W 34 35.88 23.14 7.36
N SER W 35 35.09 23.04 8.42
CA SER W 35 33.90 23.87 8.61
C SER W 35 33.93 24.60 9.95
N GLY W 36 33.94 25.94 9.88
CA GLY W 36 34.21 26.82 11.01
C GLY W 36 33.32 28.04 11.20
N ALA W 37 33.91 29.24 11.10
CA ALA W 37 33.16 30.49 11.12
C ALA W 37 32.44 30.70 12.45
N ASP W 38 33.23 31.00 13.49
CA ASP W 38 32.80 31.25 14.86
C ASP W 38 32.01 30.06 15.39
N VAL W 39 32.43 28.86 15.00
CA VAL W 39 31.88 27.62 15.54
C VAL W 39 33.02 26.77 16.07
N THR W 40 33.27 26.85 17.37
CA THR W 40 34.08 25.85 18.05
C THR W 40 33.29 25.09 19.11
N ASP W 41 31.96 25.04 18.97
CA ASP W 41 31.14 24.23 19.86
C ASP W 41 31.40 22.74 19.68
N HIS W 42 32.12 22.37 18.63
CA HIS W 42 32.43 20.96 18.34
C HIS W 42 33.80 20.56 18.90
N ALA W 43 33.84 20.44 20.22
CA ALA W 43 34.97 19.85 20.92
C ALA W 43 34.49 19.44 22.30
N TYR W 44 34.65 18.16 22.62
CA TYR W 44 34.11 17.58 23.84
C TYR W 44 35.24 17.15 24.77
N VAL W 45 35.10 17.42 26.05
CA VAL W 45 36.09 17.06 27.04
C VAL W 45 35.68 15.74 27.69
N LYS W 46 36.47 14.69 27.48
CA LYS W 46 36.12 13.41 28.03
C LYS W 46 36.54 13.32 29.50
N GLY W 47 35.87 12.45 30.23
CA GLY W 47 36.25 12.20 31.60
C GLY W 47 37.63 11.61 31.71
N LYS W 48 38.37 12.06 32.71
CA LYS W 48 39.76 11.70 32.87
C LYS W 48 39.93 10.25 33.28
N GLU W 49 41.09 9.69 32.98
CA GLU W 49 41.41 8.31 33.24
C GLU W 49 42.70 8.21 34.04
N ILE W 50 42.75 7.27 34.97
CA ILE W 50 43.91 7.05 35.82
C ILE W 50 44.23 5.56 35.78
N GLU W 51 45.51 5.24 35.78
CA GLU W 51 45.93 3.84 35.85
C GLU W 51 47.05 3.70 36.87
N LEU W 52 46.70 3.28 38.08
CA LEU W 52 47.65 3.06 39.16
C LEU W 52 48.21 1.65 39.08
N GLU W 53 49.46 1.51 39.52
CA GLU W 53 50.14 0.23 39.64
C GLU W 53 50.55 0.08 41.10
N VAL W 54 49.95 -0.88 41.80
CA VAL W 54 49.96 -0.90 43.25
C VAL W 54 50.44 -2.26 43.74
N ALA W 55 50.87 -2.29 45.00
CA ALA W 55 51.20 -3.52 45.70
C ALA W 55 50.86 -3.34 47.17
N ASP W 56 50.57 -4.47 47.83
CA ASP W 56 50.16 -4.45 49.22
C ASP W 56 50.69 -5.68 49.95
N ARG W 57 50.92 -5.52 51.25
CA ARG W 57 51.45 -6.62 52.05
C ARG W 57 50.41 -7.70 52.27
N ASN W 58 49.24 -7.33 52.79
CA ASN W 58 48.16 -8.29 53.02
C ASN W 58 47.47 -8.57 51.70
N ALA W 59 47.92 -9.61 51.01
CA ALA W 59 47.47 -9.88 49.65
C ALA W 59 45.97 -10.14 49.60
N ALA W 60 45.52 -11.21 50.27
CA ALA W 60 44.14 -11.62 50.15
C ALA W 60 43.19 -10.58 50.75
N ALA W 61 43.55 -10.01 51.91
CA ALA W 61 42.70 -9.01 52.53
C ALA W 61 42.55 -7.78 51.66
N THR W 62 43.64 -7.27 51.11
CA THR W 62 43.55 -6.11 50.25
C THR W 62 42.82 -6.42 48.95
N TRP W 63 42.99 -7.62 48.39
CA TRP W 63 42.23 -7.97 47.20
C TRP W 63 40.74 -7.99 47.49
N ALA W 64 40.35 -8.60 48.60
CA ALA W 64 38.93 -8.62 48.95
C ALA W 64 38.38 -7.22 49.18
N ALA W 65 39.15 -6.38 49.88
CA ALA W 65 38.68 -5.02 50.15
C ALA W 65 38.54 -4.23 48.85
N LEU W 66 39.51 -4.34 47.95
CA LEU W 66 39.42 -3.65 46.68
C LEU W 66 38.23 -4.13 45.87
N VAL W 67 38.02 -5.43 45.82
CA VAL W 67 36.87 -5.95 45.06
C VAL W 67 35.57 -5.40 45.64
N ALA W 68 35.42 -5.45 46.97
CA ALA W 68 34.18 -4.99 47.59
C ALA W 68 33.95 -3.51 47.31
N PHE W 69 34.98 -2.68 47.48
CA PHE W 69 34.84 -1.28 47.12
C PHE W 69 34.46 -1.13 45.65
N GLN W 70 34.96 -2.01 44.79
CA GLN W 70 34.63 -1.89 43.37
C GLN W 70 33.15 -2.17 43.12
N GLU W 71 32.62 -3.27 43.64
CA GLU W 71 31.18 -3.51 43.46
C GLU W 71 30.30 -2.56 44.24
N SER W 72 30.83 -1.77 45.17
CA SER W 72 29.99 -0.71 45.71
C SER W 72 29.57 0.28 44.64
N ARG W 73 30.38 0.47 43.58
CA ARG W 73 30.12 1.45 42.52
C ARG W 73 29.88 2.85 43.07
N VAL W 74 30.62 3.25 44.09
CA VAL W 74 30.41 4.56 44.70
C VAL W 74 31.52 5.49 44.24
N PRO W 75 31.21 6.62 43.61
CA PRO W 75 32.24 7.60 43.26
C PRO W 75 32.94 8.12 44.52
N PHE W 76 34.22 8.42 44.35
CA PHE W 76 35.05 8.81 45.47
C PHE W 76 36.14 9.76 44.97
N VAL W 77 36.72 10.50 45.90
CA VAL W 77 37.80 11.42 45.60
C VAL W 77 39.11 10.67 45.66
N LEU W 78 39.80 10.56 44.53
CA LEU W 78 41.10 9.91 44.46
C LEU W 78 42.19 10.96 44.57
N MET W 79 43.02 10.84 45.60
CA MET W 79 44.19 11.68 45.77
C MET W 79 45.38 11.00 45.11
N THR W 80 45.96 11.64 44.12
CA THR W 80 47.20 11.21 43.49
C THR W 80 48.29 12.21 43.80
N GLY W 81 49.51 11.89 43.39
CA GLY W 81 50.62 12.78 43.61
C GLY W 81 50.71 13.90 42.62
N LEU W 82 49.79 13.98 41.68
CA LEU W 82 49.84 14.97 40.62
C LEU W 82 48.59 15.82 40.54
N SER W 83 47.51 15.44 41.23
CA SER W 83 46.24 16.14 41.20
C SER W 83 45.28 15.38 42.10
N MET W 84 44.23 16.07 42.56
CA MET W 84 43.11 15.40 43.18
C MET W 84 41.97 15.25 42.17
N TYR W 85 41.24 14.15 42.28
CA TYR W 85 40.21 13.83 41.30
C TYR W 85 38.92 13.52 42.02
N ARG W 86 37.86 14.24 41.69
CA ARG W 86 36.52 14.00 42.24
C ARG W 86 35.77 13.02 41.37
N ASN W 87 34.93 12.20 42.01
CA ASN W 87 34.00 11.31 41.31
C ASN W 87 34.73 10.32 40.39
N MET W 88 35.53 9.46 41.01
CA MET W 88 36.23 8.40 40.30
C MET W 88 35.60 7.07 40.62
N ILE W 89 35.48 6.22 39.60
CA ILE W 89 34.97 4.86 39.76
C ILE W 89 36.01 3.90 39.21
N ILE W 90 36.16 2.76 39.88
CA ILE W 90 37.13 1.74 39.49
C ILE W 90 36.52 0.89 38.39
N THR W 91 37.16 0.87 37.22
CA THR W 91 36.66 0.10 36.10
C THR W 91 37.35 -1.24 35.95
N GLU W 92 38.51 -1.43 36.57
CA GLU W 92 39.22 -2.69 36.45
C GLU W 92 40.24 -2.81 37.58
N ILE W 93 40.22 -3.96 38.23
CA ILE W 93 41.26 -4.35 39.16
C ILE W 93 41.87 -5.63 38.62
N ASP W 94 43.20 -5.67 38.58
CA ASP W 94 43.91 -6.79 38.01
C ASP W 94 45.06 -7.13 38.94
N ALA W 95 45.24 -8.42 39.21
CA ALA W 95 46.26 -8.87 40.14
C ALA W 95 46.92 -10.13 39.60
N THR W 96 48.21 -10.26 39.87
CA THR W 96 48.96 -11.42 39.40
C THR W 96 49.84 -11.95 40.52
N ARG W 97 49.80 -13.27 40.69
CA ARG W 97 50.71 -13.98 41.59
C ARG W 97 51.60 -14.87 40.74
N ASN W 98 52.91 -14.77 40.93
CA ASN W 98 53.86 -15.61 40.22
C ASN W 98 55.07 -15.81 41.10
N ALA W 99 56.08 -16.50 40.56
CA ALA W 99 57.28 -16.78 41.34
C ALA W 99 57.89 -15.50 41.88
N GLN W 100 57.93 -14.45 41.07
CA GLN W 100 58.56 -13.20 41.50
C GLN W 100 57.83 -12.59 42.69
N HIS W 101 56.50 -12.47 42.60
CA HIS W 101 55.69 -11.88 43.66
C HIS W 101 54.51 -12.82 43.93
N SER W 102 54.67 -13.68 44.92
CA SER W 102 53.69 -14.73 45.16
C SER W 102 52.88 -14.48 46.43
N LYS W 103 53.49 -13.83 47.43
CA LYS W 103 52.83 -13.68 48.72
C LYS W 103 52.34 -12.26 48.97
N ILE W 104 52.64 -11.32 48.08
CA ILE W 104 52.11 -9.97 48.17
C ILE W 104 51.05 -9.79 47.10
N LEU W 105 50.24 -8.75 47.25
CA LEU W 105 49.35 -8.34 46.18
C LEU W 105 50.10 -7.38 45.28
N LYS W 106 50.05 -7.62 43.98
CA LYS W 106 50.70 -6.74 43.02
C LYS W 106 49.82 -6.67 41.79
N GLY W 107 49.45 -5.46 41.38
CA GLY W 107 48.53 -5.34 40.28
C GLY W 107 48.28 -3.94 39.76
N THR W 108 47.25 -3.82 38.94
CA THR W 108 46.86 -2.56 38.31
C THR W 108 45.43 -2.22 38.71
N VAL W 109 45.17 -0.93 38.88
CA VAL W 109 43.84 -0.40 39.11
C VAL W 109 43.59 0.68 38.07
N ARG W 110 42.48 0.58 37.36
CA ARG W 110 42.09 1.59 36.39
C ARG W 110 40.86 2.33 36.92
N LEU W 111 40.92 3.65 36.87
CA LEU W 111 39.86 4.50 37.39
C LEU W 111 39.44 5.49 36.32
N ARG W 112 38.18 5.88 36.36
CA ARG W 112 37.66 6.83 35.40
C ARG W 112 36.75 7.83 36.11
N GLU W 113 36.84 9.08 35.71
CA GLU W 113 35.93 10.12 36.15
C GLU W 113 34.53 9.88 35.63
N VAL W 114 33.56 10.19 36.48
CA VAL W 114 32.15 9.96 36.17
C VAL W 114 31.57 11.24 35.60
N LYS W 115 30.82 11.19 34.49
CA LYS W 115 29.95 12.35 34.06
C LYS W 115 28.50 12.25 34.65
N ILE W 116 27.72 13.35 34.96
CA ILE W 116 26.42 13.33 35.76
C ILE W 116 25.55 14.62 35.65
N VAL W 117 24.46 14.88 36.47
CA VAL W 117 23.68 16.11 36.60
C VAL W 117 22.66 16.24 35.48
N GLU W 118 22.08 15.11 35.07
CA GLU W 118 20.98 15.06 34.09
C GLU W 118 20.24 13.75 34.29
N THR W 119 19.02 13.81 34.82
CA THR W 119 18.10 12.69 34.69
C THR W 119 16.79 13.08 34.01
N GLY W 120 16.14 14.13 34.50
CA GLY W 120 15.02 14.76 33.81
C GLY W 120 13.65 14.11 33.81
N THR W 121 13.54 12.90 33.26
CA THR W 121 12.23 12.24 33.17
C THR W 121 11.63 12.01 34.55
N ALA W 122 12.39 12.29 35.61
CA ALA W 122 11.87 12.30 36.97
C ALA W 122 12.03 13.66 37.66
N GLU W 123 12.63 14.65 36.98
CA GLU W 123 12.74 16.01 37.49
C GLU W 123 11.98 16.97 36.60
N ASP W 124 11.70 18.15 37.14
CA ASP W 124 10.82 19.12 36.51
C ASP W 124 11.52 20.47 36.44
N SER W 125 10.84 21.41 35.77
CA SER W 125 11.29 22.80 35.69
C SER W 125 10.15 23.69 36.15
N SER W 126 10.43 24.56 37.12
CA SER W 126 9.46 25.55 37.58
C SER W 126 10.01 26.96 37.63
N GLY W 127 11.27 27.15 38.01
CA GLY W 127 11.85 28.48 38.12
C GLY W 127 13.14 28.70 37.36
N LYS W 128 14.18 29.14 38.07
CA LYS W 128 15.47 29.51 37.50
C LYS W 128 16.05 28.44 36.59
N ASP W 129 17.03 28.80 35.77
CA ASP W 129 17.71 27.85 34.91
C ASP W 129 18.94 27.22 35.58
N GLY W 130 19.69 28.00 36.34
CA GLY W 130 20.88 27.53 37.02
C GLY W 130 22.19 27.93 36.38
N THR W 131 22.15 28.43 35.14
CA THR W 131 23.36 28.76 34.41
C THR W 131 23.85 30.18 34.67
N ASP W 132 23.10 31.00 35.39
CA ASP W 132 23.55 32.34 35.75
C ASP W 132 24.66 32.25 36.77
N LYS W 133 25.83 32.81 36.46
CA LYS W 133 27.00 32.62 37.29
C LYS W 133 27.15 33.71 38.35
N ASN W 134 26.26 34.69 38.40
CA ASN W 134 26.21 35.65 39.49
C ASN W 134 25.14 35.31 40.51
N LYS W 135 24.42 34.23 40.31
CA LYS W 135 23.38 33.79 41.22
C LYS W 135 23.78 32.45 41.82
N SER W 136 23.09 32.08 42.89
CA SER W 136 23.30 30.77 43.48
C SER W 136 22.64 29.70 42.61
N SER W 137 23.15 28.48 42.71
CA SER W 137 22.60 27.38 41.96
C SER W 137 21.23 26.98 42.53
N ASN W 138 20.47 26.27 41.71
CA ASN W 138 19.15 25.81 42.13
C ASN W 138 19.27 24.89 43.34
N PRO W 139 18.51 25.14 44.41
CA PRO W 139 18.49 24.24 45.56
C PRO W 139 17.84 22.91 45.18
N SER W 140 18.52 21.81 45.49
CA SER W 140 18.00 20.49 45.20
C SER W 140 18.30 19.56 46.36
N LYS W 141 17.52 18.49 46.47
CA LYS W 141 17.70 17.54 47.56
C LYS W 141 19.10 16.93 47.53
N ASP W 142 19.63 16.69 46.35
CA ASP W 142 20.96 16.11 46.23
C ASP W 142 22.03 17.03 46.80
N LYS W 143 21.93 18.33 46.56
CA LYS W 143 22.96 19.26 47.02
C LYS W 143 22.61 19.94 48.34
N ALA W 144 21.53 19.53 49.00
CA ALA W 144 21.24 20.01 50.33
C ALA W 144 22.23 19.45 51.33
N ALA W 145 22.35 20.11 52.47
CA ALA W 145 23.36 19.76 53.47
C ALA W 145 22.81 19.05 54.70
N ASP W 146 21.49 18.95 54.84
CA ASP W 146 20.87 18.31 56.00
C ASP W 146 19.62 17.58 55.54
N ALA W 147 19.12 16.68 56.37
CA ALA W 147 17.90 15.96 56.03
C ALA W 147 16.70 16.90 55.99
N LYS W 148 16.58 17.79 56.98
CA LYS W 148 15.47 18.75 56.98
C LYS W 148 15.52 19.63 55.74
N THR W 149 16.71 20.15 55.41
CA THR W 149 16.83 21.00 54.25
C THR W 149 16.56 20.24 52.96
N ALA W 150 16.97 18.97 52.87
CA ALA W 150 16.66 18.18 51.68
C ALA W 150 15.15 17.96 51.55
N ASP W 151 14.46 17.70 52.66
CA ASP W 151 13.01 17.61 52.60
C ASP W 151 12.39 18.91 52.10
N LYS W 152 12.89 20.05 52.60
CA LYS W 152 12.38 21.33 52.12
C LYS W 152 12.67 21.55 50.65
N ALA W 153 13.84 21.14 50.18
CA ALA W 153 14.35 21.50 48.87
C ALA W 153 14.05 20.47 47.78
N ASN W 154 13.44 19.34 48.13
CA ASN W 154 13.19 18.30 47.14
C ASN W 154 12.27 18.83 46.05
N SER W 155 12.81 18.96 44.82
CA SER W 155 11.99 19.38 43.70
C SER W 155 10.91 18.36 43.36
N GLY W 156 11.02 17.14 43.86
CA GLY W 156 9.98 16.14 43.69
C GLY W 156 10.30 15.17 42.59
N VAL W 157 10.10 13.89 42.84
CA VAL W 157 10.43 12.85 41.87
C VAL W 157 9.15 12.43 41.17
N ASN W 158 9.29 12.11 39.87
CA ASN W 158 8.16 11.89 38.98
C ASN W 158 8.50 10.79 37.98
N ALA W 159 7.76 9.69 38.06
CA ALA W 159 7.71 8.75 36.94
C ALA W 159 6.27 8.36 36.64
N GLY W 160 6.08 7.70 35.51
CA GLY W 160 4.77 7.63 34.89
C GLY W 160 3.76 6.78 35.63
N ASP W 161 2.91 6.14 34.83
CA ASP W 161 1.71 5.48 35.33
C ASP W 161 2.08 4.45 36.38
N LYS W 162 1.31 4.41 37.46
CA LYS W 162 1.41 3.40 38.49
C LYS W 162 0.30 2.38 38.36
N GLY W 163 0.57 1.19 38.86
CA GLY W 163 -0.48 0.23 39.09
C GLY W 163 -0.51 -0.08 40.57
N GLY W 164 -1.62 0.20 41.23
CA GLY W 164 -1.78 -0.13 42.63
C GLY W 164 -1.87 -1.63 42.80
N THR W 165 -1.70 -2.08 44.03
CA THR W 165 -1.77 -3.51 44.36
C THR W 165 -3.18 -3.88 44.81
N THR W 166 -3.76 -4.87 44.15
CA THR W 166 -5.09 -5.32 44.52
C THR W 166 -5.08 -5.97 45.90
N VAL W 167 -6.13 -5.69 46.68
CA VAL W 167 -6.25 -6.17 48.04
C VAL W 167 -7.10 -7.45 48.05
N ALA W 168 -6.73 -8.39 48.91
CA ALA W 168 -7.48 -9.64 49.02
C ALA W 168 -8.92 -9.35 49.42
N ALA W 169 -9.84 -10.21 48.98
CA ALA W 169 -11.27 -9.94 49.14
C ALA W 169 -11.69 -9.79 50.60
N PRO W 170 -11.35 -10.71 51.51
CA PRO W 170 -11.83 -10.55 52.89
C PRO W 170 -11.23 -9.33 53.57
N ARG W 171 -9.93 -9.10 53.38
CA ARG W 171 -9.29 -7.93 53.96
C ARG W 171 -9.95 -6.66 53.44
N ALA W 172 -10.22 -6.61 52.14
CA ALA W 172 -10.86 -5.45 51.54
C ALA W 172 -12.25 -5.23 52.12
N GLN W 173 -13.01 -6.31 52.26
CA GLN W 173 -14.36 -6.14 52.81
C GLN W 173 -14.30 -5.65 54.25
N SER W 174 -13.41 -6.21 55.06
CA SER W 174 -13.28 -5.73 56.43
C SER W 174 -12.89 -4.26 56.48
N LEU W 175 -11.91 -3.86 55.68
CA LEU W 175 -11.44 -2.48 55.72
C LEU W 175 -12.53 -1.51 55.25
N LEU W 176 -13.21 -1.84 54.16
CA LEU W 176 -14.25 -0.95 53.65
C LEU W 176 -15.44 -0.88 54.60
N LYS W 177 -15.81 -2.00 55.24
CA LYS W 177 -16.84 -1.93 56.26
C LYS W 177 -16.39 -1.07 57.42
N GLY W 178 -15.14 -1.20 57.85
CA GLY W 178 -14.66 -0.40 58.95
C GLY W 178 -14.69 1.09 58.67
N VAL W 179 -14.41 1.48 57.43
CA VAL W 179 -14.34 2.90 57.11
C VAL W 179 -15.71 3.43 56.70
N PHE W 180 -16.26 2.90 55.61
CA PHE W 180 -17.45 3.46 54.98
C PHE W 180 -18.75 2.91 55.55
N GLY W 181 -18.68 2.13 56.62
CA GLY W 181 -19.87 1.73 57.36
C GLY W 181 -19.98 2.39 58.71
N GLY W 182 -18.87 2.77 59.32
CA GLY W 182 -18.88 3.50 60.58
C GLY W 182 -18.03 4.78 60.45
N MET X 1 50.33 -12.11 52.28
CA MET X 1 49.34 -12.86 53.05
C MET X 1 48.38 -13.60 52.13
N ILE X 2 48.59 -14.91 52.02
CA ILE X 2 47.96 -15.75 51.02
C ILE X 2 47.20 -16.86 51.72
N ILE X 3 46.23 -17.43 51.00
CA ILE X 3 45.36 -18.46 51.57
C ILE X 3 46.09 -19.77 51.86
N ALA X 4 47.09 -20.14 51.07
CA ALA X 4 47.75 -21.43 51.23
C ALA X 4 46.77 -22.58 50.91
N PHE X 5 46.35 -22.58 49.65
CA PHE X 5 45.40 -23.55 49.13
C PHE X 5 46.16 -24.80 48.68
N SER X 6 45.50 -25.65 47.88
CA SER X 6 46.00 -26.99 47.60
C SER X 6 46.39 -27.23 46.15
N SER X 7 46.13 -26.29 45.24
CA SER X 7 46.47 -26.44 43.83
C SER X 7 45.70 -27.60 43.18
N ALA X 8 44.39 -27.39 43.04
CA ALA X 8 43.52 -28.33 42.33
C ALA X 8 42.38 -27.54 41.71
N ILE X 9 42.18 -27.71 40.41
CA ILE X 9 41.02 -27.10 39.74
C ILE X 9 39.86 -28.09 39.81
N GLY X 10 38.84 -27.76 40.58
CA GLY X 10 37.71 -28.64 40.76
C GLY X 10 38.16 -29.95 41.39
N PRO X 11 37.67 -31.07 40.88
CA PRO X 11 38.07 -32.36 41.45
C PRO X 11 39.44 -32.84 41.00
N VAL X 12 39.94 -32.30 39.89
CA VAL X 12 41.20 -32.83 39.36
C VAL X 12 42.37 -32.09 40.02
N PRO X 13 43.25 -32.78 40.75
CA PRO X 13 44.39 -32.09 41.35
C PRO X 13 45.52 -31.82 40.36
N LEU X 14 46.27 -30.77 40.63
CA LEU X 14 47.43 -30.38 39.85
C LEU X 14 48.66 -30.41 40.74
N THR X 15 49.81 -30.62 40.10
CA THR X 15 51.06 -30.67 40.84
C THR X 15 51.66 -29.29 41.09
N VAL X 16 51.53 -28.37 40.13
CA VAL X 16 52.14 -27.05 40.24
C VAL X 16 51.16 -26.01 39.71
N VAL X 17 51.09 -24.88 40.40
CA VAL X 17 50.38 -23.71 39.93
C VAL X 17 51.43 -22.62 39.75
N ILE X 18 51.71 -22.28 38.49
CA ILE X 18 52.86 -21.44 38.19
C ILE X 18 52.54 -19.97 38.42
N SER X 19 51.35 -19.52 38.02
CA SER X 19 50.98 -18.13 38.21
C SER X 19 49.46 -18.00 38.19
N GLU X 20 48.93 -17.16 39.07
CA GLU X 20 47.52 -16.83 39.10
C GLU X 20 47.32 -15.40 38.63
N LYS X 21 46.29 -15.21 37.80
CA LYS X 21 46.00 -13.93 37.20
C LYS X 21 44.52 -13.62 37.36
N HIS X 22 44.22 -12.52 38.05
CA HIS X 22 42.87 -12.18 38.46
C HIS X 22 42.42 -10.92 37.74
N THR X 23 41.13 -10.83 37.43
CA THR X 23 40.58 -9.65 36.78
C THR X 23 39.17 -9.41 37.30
N SER X 24 38.88 -8.17 37.66
CA SER X 24 37.58 -7.79 38.19
C SER X 24 37.17 -6.50 37.49
N LYS X 25 36.21 -6.59 36.57
CA LYS X 25 35.84 -5.48 35.71
C LYS X 25 34.47 -4.92 36.08
N VAL X 26 34.37 -3.59 35.94
CA VAL X 26 33.10 -2.88 35.96
C VAL X 26 32.98 -2.11 34.66
N GLU X 27 31.85 -2.25 34.00
CA GLU X 27 31.56 -1.60 32.73
C GLU X 27 30.64 -0.39 32.97
N LEU X 28 31.14 0.78 32.62
CA LEU X 28 30.40 2.03 32.74
C LEU X 28 29.82 2.43 31.40
N THR X 29 28.86 3.36 31.44
CA THR X 29 28.15 3.80 30.24
C THR X 29 27.91 5.31 30.37
N THR X 30 28.06 6.04 29.26
CA THR X 30 27.84 7.49 29.21
C THR X 30 27.23 7.92 27.88
N ASN X 31 26.29 8.87 27.95
CA ASN X 31 25.61 9.49 26.83
C ASN X 31 26.17 10.88 26.51
N PRO X 32 25.58 11.62 25.56
CA PRO X 32 26.28 12.80 25.02
C PRO X 32 26.68 13.84 26.06
N ILE X 33 25.75 14.50 26.74
CA ILE X 33 26.11 15.39 27.83
C ILE X 33 25.97 14.61 29.12
N GLU X 34 26.74 14.99 30.13
CA GLU X 34 26.71 14.32 31.42
C GLU X 34 25.26 14.20 31.87
N SER X 35 24.78 12.96 32.00
CA SER X 35 23.43 12.68 32.47
C SER X 35 23.45 12.01 33.85
N GLY X 36 23.11 12.79 34.86
CA GLY X 36 23.22 12.38 36.25
C GLY X 36 22.15 12.95 37.16
N ALA X 37 22.57 13.62 38.24
CA ALA X 37 21.66 14.23 39.21
C ALA X 37 20.81 13.17 39.93
N ASP X 38 21.51 12.33 40.70
CA ASP X 38 21.07 11.22 41.54
C ASP X 38 20.82 9.96 40.70
N VAL X 39 21.57 9.83 39.61
CA VAL X 39 21.59 8.59 38.83
C VAL X 39 22.99 8.03 38.82
N THR X 40 23.21 6.98 39.62
CA THR X 40 24.37 6.12 39.48
C THR X 40 23.98 4.71 39.05
N ASP X 41 22.76 4.52 38.54
CA ASP X 41 22.23 3.18 38.28
C ASP X 41 22.97 2.48 37.16
N HIS X 42 23.79 3.22 36.40
CA HIS X 42 24.40 2.74 35.18
C HIS X 42 25.90 2.45 35.35
N ALA X 43 26.16 1.28 35.93
CA ALA X 43 27.49 0.69 36.05
C ALA X 43 27.31 -0.79 36.40
N TYR X 44 27.91 -1.67 35.60
CA TYR X 44 27.63 -3.09 35.67
C TYR X 44 28.87 -3.90 36.07
N VAL X 45 28.72 -4.77 37.06
CA VAL X 45 29.81 -5.60 37.55
C VAL X 45 29.88 -6.87 36.72
N LYS X 46 31.02 -7.10 36.07
CA LYS X 46 31.15 -8.24 35.18
C LYS X 46 31.61 -9.48 35.96
N GLY X 47 31.42 -10.64 35.33
CA GLY X 47 31.94 -11.87 35.91
C GLY X 47 33.45 -11.88 35.99
N LYS X 48 33.97 -12.39 37.10
CA LYS X 48 35.39 -12.40 37.34
C LYS X 48 36.10 -13.44 36.47
N GLU X 49 37.34 -13.12 36.09
CA GLU X 49 38.15 -13.95 35.21
C GLU X 49 39.41 -14.40 35.93
N ILE X 50 39.79 -15.65 35.73
CA ILE X 50 40.98 -16.23 36.35
C ILE X 50 41.80 -16.93 35.27
N GLU X 51 43.10 -16.70 35.28
CA GLU X 51 44.02 -17.39 34.38
C GLU X 51 45.08 -18.06 35.24
N LEU X 52 45.11 -19.39 35.22
CA LEU X 52 46.11 -20.16 35.94
C LEU X 52 47.10 -20.76 34.95
N GLU X 53 48.38 -20.67 35.29
CA GLU X 53 49.43 -21.39 34.57
C GLU X 53 49.82 -22.58 35.43
N VAL X 54 49.60 -23.79 34.92
CA VAL X 54 49.68 -25.00 35.72
C VAL X 54 50.57 -26.02 35.02
N ALA X 55 51.03 -27.00 35.79
CA ALA X 55 51.79 -28.13 35.28
C ALA X 55 51.53 -29.33 36.17
N ASP X 56 51.71 -30.51 35.60
CA ASP X 56 51.44 -31.75 36.32
C ASP X 56 52.36 -32.86 35.83
N ARG X 57 52.68 -33.78 36.75
CA ARG X 57 53.56 -34.89 36.44
C ARG X 57 52.93 -35.82 35.41
N ASN X 58 51.68 -36.21 35.63
CA ASN X 58 51.00 -37.15 34.74
C ASN X 58 50.36 -36.39 33.60
N ALA X 59 51.09 -36.26 32.50
CA ALA X 59 50.67 -35.39 31.41
C ALA X 59 49.38 -35.88 30.75
N ALA X 60 49.40 -37.07 30.17
CA ALA X 60 48.24 -37.54 29.43
C ALA X 60 47.03 -37.71 30.33
N ALA X 61 47.23 -38.30 31.51
CA ALA X 61 46.11 -38.54 32.43
C ALA X 61 45.50 -37.25 32.92
N THR X 62 46.32 -36.28 33.30
CA THR X 62 45.82 -35.00 33.75
C THR X 62 45.13 -34.22 32.65
N TRP X 63 45.66 -34.27 31.43
CA TRP X 63 44.99 -33.62 30.31
C TRP X 63 43.61 -34.24 30.09
N ALA X 64 43.52 -35.57 30.13
CA ALA X 64 42.23 -36.22 29.98
C ALA X 64 41.26 -35.79 31.07
N ALA X 65 41.72 -35.77 32.32
CA ALA X 65 40.82 -35.41 33.42
C ALA X 65 40.35 -33.97 33.30
N LEU X 66 41.26 -33.05 32.98
CA LEU X 66 40.85 -31.66 32.79
C LEU X 66 39.86 -31.52 31.65
N VAL X 67 40.10 -32.20 30.53
CA VAL X 67 39.18 -32.07 29.40
C VAL X 67 37.80 -32.61 29.77
N ALA X 68 37.75 -33.75 30.46
CA ALA X 68 36.46 -34.31 30.84
C ALA X 68 35.72 -33.37 31.80
N PHE X 69 36.43 -32.83 32.78
CA PHE X 69 35.77 -31.92 33.71
C PHE X 69 35.32 -30.64 33.02
N GLN X 70 36.10 -30.15 32.06
CA GLN X 70 35.66 -29.01 31.26
C GLN X 70 34.40 -29.31 30.47
N GLU X 71 34.35 -30.48 29.82
CA GLU X 71 33.20 -30.86 29.02
C GLU X 71 31.97 -31.17 29.85
N SER X 72 32.13 -31.45 31.13
CA SER X 72 30.97 -31.57 32.00
C SER X 72 30.20 -30.25 32.11
N ARG X 73 30.89 -29.11 32.18
CA ARG X 73 30.26 -27.80 32.26
C ARG X 73 29.43 -27.66 33.54
N VAL X 74 30.02 -27.99 34.67
CA VAL X 74 29.36 -27.90 35.97
C VAL X 74 30.06 -26.83 36.78
N PRO X 75 29.41 -25.74 37.16
CA PRO X 75 30.09 -24.71 37.95
C PRO X 75 30.59 -25.27 39.28
N PHE X 76 31.71 -24.73 39.73
CA PHE X 76 32.42 -25.30 40.87
C PHE X 76 33.17 -24.19 41.59
N VAL X 77 33.49 -24.47 42.85
CA VAL X 77 34.28 -23.56 43.66
C VAL X 77 35.74 -23.68 43.26
N LEU X 78 36.37 -22.54 43.02
CA LEU X 78 37.79 -22.48 42.72
C LEU X 78 38.51 -21.85 43.90
N MET X 79 39.54 -22.54 44.38
CA MET X 79 40.34 -22.06 45.49
C MET X 79 41.67 -21.56 44.97
N THR X 80 41.94 -20.28 45.17
CA THR X 80 43.20 -19.66 44.80
C THR X 80 43.86 -19.06 46.03
N GLY X 81 45.12 -18.67 45.88
CA GLY X 81 45.82 -18.08 47.00
C GLY X 81 45.39 -16.68 47.33
N LEU X 82 44.55 -16.08 46.51
CA LEU X 82 44.12 -14.71 46.71
C LEU X 82 42.63 -14.58 47.01
N SER X 83 41.83 -15.64 46.84
CA SER X 83 40.41 -15.60 47.17
C SER X 83 39.81 -16.98 46.90
N MET X 84 38.59 -17.17 47.38
CA MET X 84 37.73 -18.24 46.91
C MET X 84 36.85 -17.72 45.77
N TYR X 85 36.50 -18.62 44.85
CA TYR X 85 35.64 -18.25 43.75
C TYR X 85 34.58 -19.32 43.58
N ARG X 86 33.32 -18.90 43.66
CA ARG X 86 32.18 -19.79 43.52
C ARG X 86 31.65 -19.72 42.09
N ASN X 87 31.14 -20.84 41.60
CA ASN X 87 30.52 -20.89 40.28
C ASN X 87 31.50 -20.44 39.19
N MET X 88 32.54 -21.24 38.97
CA MET X 88 33.48 -21.00 37.88
C MET X 88 33.26 -22.03 36.79
N ILE X 89 33.54 -21.64 35.55
CA ILE X 89 33.53 -22.55 34.42
C ILE X 89 34.87 -22.41 33.69
N ILE X 90 35.49 -23.55 33.39
CA ILE X 90 36.71 -23.58 32.61
C ILE X 90 36.36 -23.30 31.15
N THR X 91 36.62 -22.08 30.71
CA THR X 91 36.33 -21.71 29.34
C THR X 91 37.42 -22.12 28.37
N GLU X 92 38.61 -22.48 28.84
CA GLU X 92 39.69 -22.80 27.93
C GLU X 92 40.78 -23.55 28.66
N ILE X 93 41.24 -24.62 28.03
CA ILE X 93 42.43 -25.33 28.47
C ILE X 93 43.39 -25.36 27.28
N ASP X 94 44.64 -25.02 27.55
CA ASP X 94 45.67 -25.07 26.53
C ASP X 94 46.89 -25.76 27.10
N ALA X 95 47.51 -26.62 26.30
CA ALA X 95 48.69 -27.35 26.74
C ALA X 95 49.72 -27.35 25.63
N THR X 96 50.97 -27.13 26.01
CA THR X 96 52.08 -27.08 25.07
C THR X 96 53.07 -28.17 25.43
N ARG X 97 53.50 -28.92 24.43
CA ARG X 97 54.46 -29.99 24.60
C ARG X 97 55.59 -29.78 23.60
N ASN X 98 56.74 -29.32 24.10
CA ASN X 98 57.88 -28.98 23.26
C ASN X 98 59.14 -29.56 23.88
N ALA X 99 60.30 -29.15 23.36
CA ALA X 99 61.57 -29.66 23.88
C ALA X 99 61.79 -29.25 25.32
N GLN X 100 61.44 -28.01 25.69
CA GLN X 100 61.65 -27.56 27.06
C GLN X 100 60.89 -28.43 28.05
N HIS X 101 59.63 -28.74 27.74
CA HIS X 101 58.77 -29.56 28.59
C HIS X 101 58.01 -30.54 27.70
N SER X 102 58.45 -31.80 27.68
CA SER X 102 57.89 -32.77 26.75
C SER X 102 57.18 -33.90 27.48
N LYS X 103 57.64 -34.24 28.68
CA LYS X 103 57.09 -35.38 29.40
C LYS X 103 56.18 -34.97 30.55
N ILE X 104 55.81 -33.71 30.65
CA ILE X 104 54.89 -33.25 31.68
C ILE X 104 53.76 -32.47 31.02
N LEU X 105 52.68 -32.27 31.77
CA LEU X 105 51.67 -31.31 31.35
C LEU X 105 52.13 -29.94 31.79
N LYS X 106 52.14 -29.00 30.85
CA LYS X 106 52.51 -27.62 31.12
C LYS X 106 51.62 -26.74 30.26
N GLY X 107 50.71 -26.02 30.88
CA GLY X 107 49.80 -25.19 30.11
C GLY X 107 49.03 -24.20 30.95
N THR X 108 47.87 -23.80 30.47
CA THR X 108 47.10 -22.74 31.10
C THR X 108 45.61 -23.07 31.07
N VAL X 109 44.92 -22.67 32.12
CA VAL X 109 43.49 -22.84 32.28
C VAL X 109 42.87 -21.46 32.49
N ARG X 110 41.90 -21.12 31.66
CA ARG X 110 41.12 -19.90 31.82
C ARG X 110 39.75 -20.24 32.38
N LEU X 111 39.31 -19.47 33.37
CA LEU X 111 38.04 -19.68 34.02
C LEU X 111 37.27 -18.38 34.07
N ARG X 112 35.97 -18.46 33.84
CA ARG X 112 35.14 -17.29 34.06
C ARG X 112 34.04 -17.65 35.04
N GLU X 113 33.73 -16.70 35.90
CA GLU X 113 32.62 -16.83 36.84
C GLU X 113 31.30 -16.85 36.09
N VAL X 114 30.39 -17.75 36.50
CA VAL X 114 29.02 -17.87 35.92
C VAL X 114 28.14 -16.77 36.54
N LYS X 115 26.94 -16.54 36.02
CA LYS X 115 26.04 -15.44 36.46
C LYS X 115 24.63 -15.94 36.15
N ILE X 116 23.71 -15.96 37.13
CA ILE X 116 22.41 -16.63 36.83
C ILE X 116 21.18 -16.14 37.63
N VAL X 117 20.50 -17.05 38.34
CA VAL X 117 19.24 -16.82 39.06
C VAL X 117 18.14 -16.23 38.17
N GLU X 118 18.08 -16.64 36.91
CA GLU X 118 17.08 -16.15 35.97
C GLU X 118 16.74 -17.21 34.92
N THR X 119 15.58 -17.84 35.05
CA THR X 119 14.98 -18.57 33.93
C THR X 119 13.59 -18.05 33.58
N GLY X 120 12.67 -18.02 34.55
CA GLY X 120 11.34 -17.43 34.42
C GLY X 120 10.05 -18.19 34.16
N THR X 121 9.92 -18.82 32.98
CA THR X 121 8.59 -19.16 32.48
C THR X 121 7.86 -20.12 33.42
N ALA X 122 8.56 -21.14 33.91
CA ALA X 122 8.02 -22.08 34.87
C ALA X 122 7.81 -21.43 36.23
N GLU X 123 8.35 -20.24 36.42
CA GLU X 123 8.34 -19.50 37.66
C GLU X 123 7.21 -18.48 37.63
N ASP X 124 6.41 -18.49 38.70
CA ASP X 124 5.21 -17.66 38.79
C ASP X 124 5.37 -16.62 39.89
N SER X 125 4.35 -15.77 39.99
CA SER X 125 4.31 -14.68 40.96
C SER X 125 3.10 -14.88 41.86
N SER X 126 3.32 -15.54 42.98
CA SER X 126 2.23 -15.82 43.93
C SER X 126 2.37 -15.08 45.24
N GLY X 127 3.59 -14.89 45.73
CA GLY X 127 3.81 -14.31 47.04
C GLY X 127 4.93 -13.29 47.13
N LYS X 128 5.91 -13.60 47.97
CA LYS X 128 7.04 -12.73 48.30
C LYS X 128 7.89 -12.36 47.09
N ASP X 129 8.77 -11.38 47.26
CA ASP X 129 9.65 -10.88 46.21
C ASP X 129 11.10 -11.33 46.39
N GLY X 130 11.56 -11.45 47.63
CA GLY X 130 12.91 -11.87 47.92
C GLY X 130 13.93 -10.75 47.99
N THR X 131 13.54 -9.52 47.68
CA THR X 131 14.48 -8.41 47.74
C THR X 131 14.67 -7.88 49.15
N ASP X 132 13.76 -8.18 50.07
CA ASP X 132 13.82 -7.63 51.42
C ASP X 132 14.87 -8.39 52.22
N LYS X 133 15.79 -7.65 52.82
CA LYS X 133 16.93 -8.23 53.52
C LYS X 133 16.61 -8.62 54.96
N ASN X 134 15.39 -8.34 55.43
CA ASN X 134 14.95 -8.75 56.77
C ASN X 134 14.13 -10.02 56.76
N LYS X 135 13.93 -10.64 55.60
CA LYS X 135 13.10 -11.83 55.48
C LYS X 135 13.91 -12.97 54.90
N SER X 136 13.37 -14.18 55.02
CA SER X 136 13.99 -15.32 54.38
C SER X 136 13.83 -15.23 52.87
N SER X 137 14.73 -15.91 52.16
CA SER X 137 14.60 -16.04 50.73
C SER X 137 13.48 -17.02 50.38
N ASN X 138 12.91 -16.85 49.19
CA ASN X 138 11.81 -17.69 48.76
C ASN X 138 12.23 -19.16 48.68
N PRO X 139 11.39 -20.07 49.17
CA PRO X 139 11.69 -21.50 49.01
C PRO X 139 11.51 -21.94 47.57
N SER X 140 12.58 -22.48 46.99
CA SER X 140 12.54 -23.11 45.69
C SER X 140 13.32 -24.41 45.76
N LYS X 141 13.01 -25.34 44.86
CA LYS X 141 13.67 -26.63 44.94
C LYS X 141 15.18 -26.49 44.81
N ASP X 142 15.63 -25.56 43.97
CA ASP X 142 17.04 -25.44 43.68
C ASP X 142 17.86 -25.18 44.93
N LYS X 143 17.33 -24.41 45.88
CA LYS X 143 18.03 -24.13 47.12
C LYS X 143 17.53 -24.95 48.31
N ALA X 144 16.65 -25.93 48.09
CA ALA X 144 16.26 -26.81 49.17
C ALA X 144 17.37 -27.83 49.44
N ALA X 145 17.48 -28.22 50.71
CA ALA X 145 18.59 -29.05 51.16
C ALA X 145 18.27 -30.55 51.13
N ASP X 146 17.07 -30.94 50.73
CA ASP X 146 16.67 -32.34 50.69
C ASP X 146 15.77 -32.58 49.50
N ALA X 147 15.64 -33.86 49.12
CA ALA X 147 14.73 -34.22 48.04
C ALA X 147 13.27 -34.02 48.44
N LYS X 148 12.92 -34.35 49.68
CA LYS X 148 11.54 -34.16 50.13
C LYS X 148 11.19 -32.67 50.22
N THR X 149 12.10 -31.87 50.76
CA THR X 149 11.83 -30.44 50.81
C THR X 149 11.85 -29.83 49.42
N ALA X 150 12.66 -30.37 48.51
CA ALA X 150 12.62 -29.93 47.12
C ALA X 150 11.26 -30.21 46.50
N ASP X 151 10.72 -31.41 46.73
CA ASP X 151 9.38 -31.70 46.24
C ASP X 151 8.36 -30.73 46.83
N LYS X 152 8.45 -30.47 48.13
CA LYS X 152 7.49 -29.57 48.78
C LYS X 152 7.58 -28.15 48.26
N ALA X 153 8.79 -27.65 48.01
CA ALA X 153 9.02 -26.27 47.64
C ALA X 153 9.10 -26.04 46.14
N ASN X 154 8.91 -27.08 45.33
CA ASN X 154 8.94 -26.90 43.88
C ASN X 154 7.79 -25.98 43.47
N SER X 155 8.14 -24.78 42.98
CA SER X 155 7.12 -23.84 42.53
C SER X 155 6.42 -24.30 41.25
N GLY X 156 7.05 -25.16 40.47
CA GLY X 156 6.41 -25.71 39.29
C GLY X 156 7.18 -25.47 38.01
N VAL X 157 7.19 -26.45 37.13
CA VAL X 157 7.85 -26.33 35.84
C VAL X 157 6.78 -26.29 34.75
N ASN X 158 6.76 -25.18 34.02
CA ASN X 158 5.71 -24.90 33.05
C ASN X 158 6.24 -25.29 31.68
N ALA X 159 6.04 -26.55 31.31
CA ALA X 159 6.31 -26.95 29.94
C ALA X 159 5.39 -26.18 29.01
N GLY X 160 5.86 -25.95 27.80
CA GLY X 160 5.06 -25.24 26.83
C GLY X 160 3.89 -26.06 26.35
N ASP X 161 3.33 -25.63 25.22
CA ASP X 161 2.26 -26.39 24.58
C ASP X 161 2.81 -27.75 24.18
N LYS X 162 2.08 -28.80 24.56
CA LYS X 162 2.52 -30.17 24.35
C LYS X 162 1.68 -30.84 23.28
N GLY X 163 2.27 -31.85 22.65
CA GLY X 163 1.54 -32.78 21.81
C GLY X 163 1.72 -34.19 22.33
N GLY X 164 0.64 -34.93 22.46
CA GLY X 164 0.71 -36.30 22.93
C GLY X 164 1.06 -37.26 21.82
N THR X 165 1.91 -38.22 22.14
CA THR X 165 2.25 -39.26 21.18
C THR X 165 1.03 -40.15 20.97
N THR X 166 0.69 -40.39 19.71
CA THR X 166 -0.49 -41.19 19.42
C THR X 166 -0.25 -42.65 19.78
N VAL X 167 -1.33 -43.37 20.01
CA VAL X 167 -1.28 -44.79 20.29
C VAL X 167 -1.77 -45.55 19.05
N ALA X 168 -1.01 -46.56 18.66
CA ALA X 168 -1.36 -47.35 17.49
C ALA X 168 -2.80 -47.82 17.58
N ALA X 169 -3.41 -48.04 16.41
CA ALA X 169 -4.84 -48.34 16.36
C ALA X 169 -5.23 -49.57 17.17
N PRO X 170 -4.54 -50.72 17.05
CA PRO X 170 -4.99 -51.88 17.81
C PRO X 170 -4.67 -51.78 19.30
N ARG X 171 -3.50 -51.24 19.63
CA ARG X 171 -3.17 -50.97 21.03
C ARG X 171 -4.23 -50.08 21.67
N ALA X 172 -4.60 -49.00 20.98
CA ALA X 172 -5.59 -48.06 21.50
C ALA X 172 -6.95 -48.71 21.66
N GLN X 173 -7.37 -49.51 20.68
CA GLN X 173 -8.66 -50.19 20.81
C GLN X 173 -8.66 -51.16 21.98
N SER X 174 -7.57 -51.89 22.18
CA SER X 174 -7.47 -52.80 23.31
C SER X 174 -7.55 -52.05 24.63
N LEU X 175 -6.81 -50.95 24.77
CA LEU X 175 -6.83 -50.20 26.01
C LEU X 175 -8.21 -49.61 26.28
N LEU X 176 -8.85 -49.07 25.24
CA LEU X 176 -10.18 -48.49 25.41
C LEU X 176 -11.21 -49.54 25.78
N LYS X 177 -11.15 -50.72 25.17
CA LYS X 177 -12.07 -51.77 25.59
C LYS X 177 -11.81 -52.19 27.03
N GLY X 178 -10.54 -52.25 27.43
CA GLY X 178 -10.24 -52.58 28.82
C GLY X 178 -10.83 -51.58 29.79
N VAL X 179 -10.78 -50.30 29.46
CA VAL X 179 -11.24 -49.26 30.39
C VAL X 179 -12.75 -49.07 30.32
N PHE X 180 -13.26 -48.71 29.16
CA PHE X 180 -14.61 -48.18 29.02
C PHE X 180 -15.64 -49.24 28.65
N GLY X 181 -15.28 -50.53 28.70
CA GLY X 181 -16.21 -51.57 28.32
C GLY X 181 -16.88 -52.26 29.50
N GLY X 182 -16.17 -52.49 30.60
CA GLY X 182 -16.70 -53.23 31.73
C GLY X 182 -15.99 -52.83 33.02
N MET Y 1 54.07 -38.23 32.01
CA MET Y 1 53.56 -39.44 31.36
C MET Y 1 52.82 -39.13 30.08
N ILE Y 2 53.45 -39.43 28.94
CA ILE Y 2 52.91 -39.14 27.62
C ILE Y 2 52.62 -40.46 26.92
N ILE Y 3 51.80 -40.38 25.87
CA ILE Y 3 51.29 -41.58 25.21
C ILE Y 3 52.36 -42.38 24.47
N ALA Y 4 53.46 -41.76 24.03
CA ALA Y 4 54.52 -42.48 23.33
C ALA Y 4 54.03 -43.07 22.01
N PHE Y 5 53.72 -42.15 21.08
CA PHE Y 5 53.09 -42.47 19.81
C PHE Y 5 54.13 -42.71 18.72
N SER Y 6 53.66 -42.87 17.48
CA SER Y 6 54.50 -43.24 16.34
C SER Y 6 54.90 -42.07 15.45
N SER Y 7 54.52 -40.84 15.80
CA SER Y 7 55.02 -39.63 15.13
C SER Y 7 54.69 -39.62 13.63
N ALA Y 8 53.39 -39.49 13.35
CA ALA Y 8 52.90 -39.40 11.98
C ALA Y 8 51.58 -38.66 11.99
N ILE Y 9 51.32 -37.88 10.96
CA ILE Y 9 50.01 -37.23 10.79
C ILE Y 9 49.20 -38.06 9.80
N GLY Y 10 48.16 -38.72 10.29
CA GLY Y 10 47.39 -39.60 9.45
C GLY Y 10 48.28 -40.72 8.93
N PRO Y 11 48.16 -41.06 7.65
CA PRO Y 11 49.03 -42.10 7.10
C PRO Y 11 50.43 -41.62 6.77
N VAL Y 12 50.56 -40.36 6.37
CA VAL Y 12 51.89 -39.89 5.95
C VAL Y 12 52.80 -39.78 7.17
N PRO Y 13 53.95 -40.46 7.19
CA PRO Y 13 54.84 -40.39 8.36
C PRO Y 13 55.75 -39.17 8.34
N LEU Y 14 56.17 -38.77 9.53
CA LEU Y 14 57.02 -37.61 9.74
C LEU Y 14 58.27 -38.04 10.51
N THR Y 15 59.38 -37.38 10.23
CA THR Y 15 60.61 -37.72 10.94
C THR Y 15 60.63 -37.18 12.36
N VAL Y 16 60.17 -35.95 12.56
CA VAL Y 16 60.24 -35.30 13.86
C VAL Y 16 58.97 -34.50 14.10
N VAL Y 17 58.48 -34.54 15.33
CA VAL Y 17 57.48 -33.60 15.82
C VAL Y 17 58.22 -32.67 16.77
N ILE Y 18 58.33 -31.39 16.38
CA ILE Y 18 59.13 -30.45 17.14
C ILE Y 18 58.36 -29.92 18.33
N SER Y 19 57.03 -29.85 18.23
CA SER Y 19 56.23 -29.21 19.26
C SER Y 19 54.75 -29.52 19.01
N GLU Y 20 54.01 -29.77 20.08
CA GLU Y 20 52.56 -29.88 20.02
C GLU Y 20 51.92 -28.72 20.76
N LYS Y 21 50.78 -28.28 20.27
CA LYS Y 21 49.93 -27.35 20.98
C LYS Y 21 48.51 -27.89 20.98
N HIS Y 22 47.92 -27.96 22.17
CA HIS Y 22 46.59 -28.50 22.36
C HIS Y 22 45.68 -27.40 22.90
N THR Y 23 44.46 -27.33 22.39
CA THR Y 23 43.52 -26.31 22.82
C THR Y 23 42.12 -26.91 22.91
N SER Y 24 41.40 -26.52 23.94
CA SER Y 24 40.02 -26.97 24.15
C SER Y 24 39.22 -25.76 24.62
N LYS Y 25 38.25 -25.35 23.82
CA LYS Y 25 37.41 -24.18 24.08
C LYS Y 25 36.03 -24.57 24.56
N VAL Y 26 35.54 -23.81 25.54
CA VAL Y 26 34.13 -23.83 25.92
C VAL Y 26 33.64 -22.39 25.95
N GLU Y 27 32.68 -22.09 25.10
CA GLU Y 27 32.12 -20.75 25.01
C GLU Y 27 30.88 -20.64 25.88
N LEU Y 28 30.93 -19.70 26.83
CA LEU Y 28 29.79 -19.34 27.65
C LEU Y 28 29.07 -18.17 26.99
N THR Y 29 27.81 -18.00 27.38
CA THR Y 29 26.99 -16.93 26.85
C THR Y 29 26.38 -16.18 28.01
N THR Y 30 26.48 -14.86 28.00
CA THR Y 30 25.91 -14.01 29.03
C THR Y 30 25.25 -12.80 28.39
N ASN Y 31 24.02 -12.52 28.78
CA ASN Y 31 23.38 -11.31 28.34
C ASN Y 31 23.71 -10.20 29.34
N PRO Y 32 23.35 -8.94 29.05
CA PRO Y 32 23.90 -7.81 29.83
C PRO Y 32 23.84 -7.99 31.33
N ILE Y 33 22.92 -8.80 31.85
CA ILE Y 33 22.87 -9.13 33.27
C ILE Y 33 22.87 -10.65 33.41
N GLU Y 34 23.19 -11.12 34.61
CA GLU Y 34 23.28 -12.54 34.92
C GLU Y 34 21.89 -13.17 34.89
N SER Y 35 21.67 -14.09 33.95
CA SER Y 35 20.42 -14.81 33.81
C SER Y 35 20.61 -16.31 34.02
N GLY Y 36 20.02 -16.85 35.09
CA GLY Y 36 20.31 -18.18 35.60
C GLY Y 36 19.14 -19.01 36.10
N ALA Y 37 19.19 -19.41 37.37
CA ALA Y 37 18.04 -20.00 38.07
C ALA Y 37 17.53 -21.27 37.37
N ASP Y 38 18.33 -22.34 37.45
CA ASP Y 38 17.98 -23.64 36.89
C ASP Y 38 18.26 -23.68 35.40
N VAL Y 39 19.17 -22.82 34.93
CA VAL Y 39 19.57 -22.78 33.54
C VAL Y 39 21.09 -22.88 33.46
N THR Y 40 21.58 -24.00 32.92
CA THR Y 40 22.97 -24.09 32.47
C THR Y 40 23.09 -24.59 31.05
N ASP Y 41 22.01 -24.55 30.26
CA ASP Y 41 22.04 -25.05 28.89
C ASP Y 41 22.90 -24.17 27.98
N HIS Y 42 23.33 -23.02 28.47
CA HIS Y 42 24.08 -22.06 27.65
C HIS Y 42 25.59 -22.15 27.92
N ALA Y 43 26.17 -23.21 27.37
CA ALA Y 43 27.62 -23.38 27.30
C ALA Y 43 27.91 -24.40 26.22
N TYR Y 44 28.74 -24.02 25.25
CA TYR Y 44 29.00 -24.86 24.09
C TYR Y 44 30.46 -25.31 24.06
N VAL Y 45 30.66 -26.60 23.86
CA VAL Y 45 32.00 -27.17 23.78
C VAL Y 45 32.45 -27.13 22.33
N LYS Y 46 33.49 -26.36 22.04
CA LYS Y 46 33.96 -26.23 20.67
C LYS Y 46 34.84 -27.42 20.30
N GLY Y 47 34.98 -27.64 19.00
CA GLY Y 47 35.87 -28.68 18.52
C GLY Y 47 37.32 -28.36 18.84
N LYS Y 48 38.08 -29.40 19.16
CA LYS Y 48 39.44 -29.22 19.62
C LYS Y 48 40.37 -28.84 18.47
N GLU Y 49 41.44 -28.13 18.82
CA GLU Y 49 42.43 -27.64 17.88
C GLU Y 49 43.81 -28.15 18.26
N ILE Y 50 44.60 -28.47 17.25
CA ILE Y 50 45.95 -28.98 17.45
C ILE Y 50 46.88 -28.20 16.53
N GLU Y 51 48.07 -27.88 17.03
CA GLU Y 51 49.09 -27.24 16.20
C GLU Y 51 50.40 -27.98 16.40
N LEU Y 52 50.76 -28.81 15.44
CA LEU Y 52 52.02 -29.54 15.43
C LEU Y 52 53.07 -28.75 14.67
N GLU Y 53 54.30 -28.81 15.14
CA GLU Y 53 55.46 -28.29 14.42
C GLU Y 53 56.35 -29.46 14.08
N VAL Y 54 56.58 -29.69 12.79
CA VAL Y 54 57.12 -30.94 12.30
C VAL Y 54 58.30 -30.64 11.36
N ALA Y 55 59.13 -31.65 11.16
CA ALA Y 55 60.20 -31.62 10.18
C ALA Y 55 60.36 -33.01 9.61
N ASP Y 56 60.83 -33.08 8.36
CA ASP Y 56 61.00 -34.35 7.69
C ASP Y 56 62.24 -34.31 6.79
N ARG Y 57 62.83 -35.50 6.59
CA ARG Y 57 64.03 -35.60 5.77
C ARG Y 57 63.72 -35.39 4.29
N ASN Y 58 62.79 -36.18 3.74
CA ASN Y 58 62.41 -36.06 2.33
C ASN Y 58 61.48 -34.87 2.18
N ALA Y 59 62.05 -33.71 1.91
CA ALA Y 59 61.29 -32.47 1.93
C ALA Y 59 60.16 -32.49 0.90
N ALA Y 60 60.50 -32.62 -0.38
CA ALA Y 60 59.51 -32.50 -1.43
C ALA Y 60 58.50 -33.64 -1.37
N ALA Y 61 58.97 -34.87 -1.13
CA ALA Y 61 58.05 -35.99 -1.04
C ALA Y 61 57.07 -35.83 0.10
N THR Y 62 57.55 -35.45 1.28
CA THR Y 62 56.66 -35.28 2.42
C THR Y 62 55.71 -34.10 2.22
N TRP Y 63 56.17 -33.00 1.63
CA TRP Y 63 55.26 -31.89 1.35
C TRP Y 63 54.17 -32.33 0.39
N ALA Y 64 54.53 -33.05 -0.66
CA ALA Y 64 53.52 -33.50 -1.60
C ALA Y 64 52.52 -34.44 -0.94
N ALA Y 65 53.01 -35.39 -0.12
CA ALA Y 65 52.13 -36.32 0.56
C ALA Y 65 51.20 -35.59 1.52
N LEU Y 66 51.73 -34.63 2.29
CA LEU Y 66 50.88 -33.88 3.20
C LEU Y 66 49.82 -33.09 2.45
N VAL Y 67 50.19 -32.43 1.35
CA VAL Y 67 49.20 -31.67 0.61
C VAL Y 67 48.12 -32.59 0.05
N ALA Y 68 48.52 -33.73 -0.52
CA ALA Y 68 47.54 -34.66 -1.07
C ALA Y 68 46.59 -35.15 0.00
N PHE Y 69 47.12 -35.52 1.17
CA PHE Y 69 46.26 -35.88 2.27
C PHE Y 69 45.34 -34.74 2.67
N GLN Y 70 45.82 -33.50 2.57
CA GLN Y 70 44.99 -32.36 2.95
C GLN Y 70 43.81 -32.19 2.00
N GLU Y 71 44.05 -32.23 0.69
CA GLU Y 71 42.90 -32.16 -0.23
C GLU Y 71 42.05 -33.42 -0.25
N SER Y 72 42.51 -34.55 0.28
CA SER Y 72 41.57 -35.63 0.46
C SER Y 72 40.43 -35.22 1.38
N ARG Y 73 40.67 -34.31 2.32
CA ARG Y 73 39.64 -33.81 3.23
C ARG Y 73 38.91 -34.94 3.94
N VAL Y 74 39.66 -35.96 4.35
CA VAL Y 74 39.09 -37.12 5.03
C VAL Y 74 39.45 -37.06 6.51
N PRO Y 75 38.48 -37.10 7.42
CA PRO Y 75 38.81 -37.14 8.85
C PRO Y 75 39.60 -38.39 9.19
N PHE Y 76 40.47 -38.24 10.18
CA PHE Y 76 41.38 -39.32 10.56
C PHE Y 76 41.70 -39.20 12.04
N VAL Y 77 42.14 -40.30 12.62
CA VAL Y 77 42.54 -40.35 14.02
C VAL Y 77 43.97 -39.88 14.12
N LEU Y 78 44.19 -38.81 14.90
CA LEU Y 78 45.53 -38.28 15.13
C LEU Y 78 46.01 -38.75 16.50
N MET Y 79 47.14 -39.44 16.51
CA MET Y 79 47.80 -39.84 17.73
C MET Y 79 48.82 -38.77 18.11
N THR Y 80 48.64 -38.16 19.27
CA THR Y 80 49.61 -37.26 19.85
C THR Y 80 50.17 -37.90 21.10
N GLY Y 81 51.20 -37.26 21.66
CA GLY Y 81 51.80 -37.76 22.88
C GLY Y 81 51.03 -37.43 24.12
N LEU Y 82 49.92 -36.71 23.98
CA LEU Y 82 49.17 -36.23 25.12
C LEU Y 82 47.72 -36.69 25.12
N SER Y 83 47.22 -37.23 24.02
CA SER Y 83 45.83 -37.66 23.90
C SER Y 83 45.62 -38.28 22.54
N MET Y 84 44.55 -39.05 22.44
CA MET Y 84 44.04 -39.55 21.17
C MET Y 84 42.98 -38.59 20.63
N TYR Y 85 42.92 -38.44 19.31
CA TYR Y 85 41.97 -37.51 18.73
C TYR Y 85 41.30 -38.14 17.52
N ARG Y 86 39.99 -38.33 17.59
CA ARG Y 86 39.21 -38.84 16.47
C ARG Y 86 38.70 -37.70 15.60
N ASN Y 87 38.59 -37.97 14.29
CA ASN Y 87 37.97 -37.07 13.34
C ASN Y 87 38.67 -35.71 13.29
N MET Y 88 39.93 -35.73 12.87
CA MET Y 88 40.71 -34.51 12.70
C MET Y 88 40.89 -34.23 11.22
N ILE Y 89 40.79 -32.96 10.85
CA ILE Y 89 41.04 -32.51 9.49
C ILE Y 89 42.12 -31.44 9.53
N ILE Y 90 43.03 -31.51 8.56
CA ILE Y 90 44.15 -30.58 8.46
C ILE Y 90 43.63 -29.29 7.82
N THR Y 91 43.67 -28.21 8.58
CA THR Y 91 43.19 -26.92 8.10
C THR Y 91 44.29 -26.03 7.55
N GLU Y 92 45.54 -26.27 7.92
CA GLU Y 92 46.63 -25.50 7.35
C GLU Y 92 47.92 -26.31 7.42
N ILE Y 93 48.63 -26.32 6.30
CA ILE Y 93 49.99 -26.82 6.26
C ILE Y 93 50.87 -25.69 5.76
N ASP Y 94 51.97 -25.47 6.47
CA ASP Y 94 52.83 -24.33 6.24
C ASP Y 94 54.27 -24.79 6.32
N ALA Y 95 55.07 -24.43 5.31
CA ALA Y 95 56.44 -24.91 5.23
C ALA Y 95 57.35 -23.76 4.79
N THR Y 96 58.53 -23.69 5.41
CA THR Y 96 59.48 -22.62 5.13
C THR Y 96 60.85 -23.20 4.84
N ARG Y 97 61.45 -22.77 3.74
CA ARG Y 97 62.83 -23.08 3.39
C ARG Y 97 63.63 -21.79 3.48
N ASN Y 98 64.75 -21.84 4.19
CA ASN Y 98 65.63 -20.68 4.29
C ASN Y 98 67.04 -21.17 4.62
N ALA Y 99 67.94 -20.23 4.85
CA ALA Y 99 69.34 -20.58 5.06
C ALA Y 99 69.50 -21.60 6.18
N GLN Y 100 68.80 -21.40 7.29
CA GLN Y 100 68.93 -22.32 8.42
C GLN Y 100 68.52 -23.73 8.03
N HIS Y 101 67.33 -23.88 7.45
CA HIS Y 101 66.79 -25.17 7.04
C HIS Y 101 66.34 -25.06 5.59
N SER Y 102 67.16 -25.59 4.69
CA SER Y 102 66.92 -25.41 3.26
C SER Y 102 66.64 -26.74 2.56
N LYS Y 103 67.20 -27.84 3.06
CA LYS Y 103 67.10 -29.11 2.37
C LYS Y 103 66.19 -30.11 3.07
N ILE Y 104 65.64 -29.76 4.23
CA ILE Y 104 64.64 -30.57 4.89
C ILE Y 104 63.30 -29.86 4.79
N LEU Y 105 62.25 -30.56 5.17
CA LEU Y 105 60.95 -29.92 5.34
C LEU Y 105 60.82 -29.49 6.80
N LYS Y 106 60.46 -28.23 7.02
CA LYS Y 106 60.21 -27.71 8.35
C LYS Y 106 58.95 -26.88 8.31
N GLY Y 107 57.99 -27.19 9.17
CA GLY Y 107 56.74 -26.48 9.10
C GLY Y 107 55.76 -26.68 10.25
N THR Y 108 54.57 -26.13 10.06
CA THR Y 108 53.48 -26.21 11.01
C THR Y 108 52.28 -26.87 10.34
N VAL Y 109 51.60 -27.72 11.10
CA VAL Y 109 50.35 -28.32 10.68
C VAL Y 109 49.30 -27.98 11.73
N ARG Y 110 48.18 -27.42 11.30
CA ARG Y 110 47.07 -27.14 12.18
C ARG Y 110 45.93 -28.09 11.85
N LEU Y 111 45.34 -28.68 12.89
CA LEU Y 111 44.27 -29.63 12.73
C LEU Y 111 43.10 -29.21 13.59
N ARG Y 112 41.90 -29.55 13.15
CA ARG Y 112 40.72 -29.32 13.98
C ARG Y 112 39.82 -30.55 13.95
N GLU Y 113 39.22 -30.83 15.09
CA GLU Y 113 38.17 -31.83 15.23
C GLU Y 113 36.93 -31.42 14.46
N VAL Y 114 36.23 -32.42 13.90
CA VAL Y 114 34.97 -32.21 13.12
C VAL Y 114 33.78 -32.66 13.97
N LYS Y 115 32.59 -32.11 13.71
CA LYS Y 115 31.36 -32.41 14.47
C LYS Y 115 30.33 -32.86 13.44
N ILE Y 116 29.48 -33.83 13.79
CA ILE Y 116 28.61 -34.42 12.73
C ILE Y 116 27.32 -34.99 13.33
N VAL Y 117 26.66 -35.93 12.65
CA VAL Y 117 25.49 -36.72 13.06
C VAL Y 117 24.20 -35.91 12.96
N GLU Y 118 24.11 -35.07 11.92
CA GLU Y 118 22.89 -34.31 11.60
C GLU Y 118 22.94 -33.95 10.13
N THR Y 119 22.12 -34.59 9.30
CA THR Y 119 21.86 -34.07 7.96
C THR Y 119 20.38 -33.83 7.71
N GLY Y 120 19.54 -34.85 7.93
CA GLY Y 120 18.08 -34.69 7.98
C GLY Y 120 17.28 -34.47 6.72
N THR Y 121 17.56 -33.39 5.97
CA THR Y 121 16.75 -33.08 4.78
C THR Y 121 16.74 -34.23 3.80
N ALA Y 122 17.70 -35.16 3.91
CA ALA Y 122 17.69 -36.42 3.18
C ALA Y 122 17.43 -37.62 4.09
N GLU Y 123 17.17 -37.41 5.38
CA GLU Y 123 16.89 -38.49 6.32
C GLU Y 123 15.51 -38.32 6.93
N ASP Y 124 14.95 -39.43 7.42
CA ASP Y 124 13.61 -39.44 7.96
C ASP Y 124 13.61 -40.03 9.36
N SER Y 125 12.46 -39.92 10.02
CA SER Y 125 12.24 -40.51 11.34
C SER Y 125 11.08 -41.48 11.23
N SER Y 126 11.31 -42.74 11.59
CA SER Y 126 10.28 -43.76 11.62
C SER Y 126 10.06 -44.36 13.01
N GLY Y 127 11.15 -44.68 13.73
CA GLY Y 127 11.04 -45.29 15.03
C GLY Y 127 11.78 -44.59 16.15
N LYS Y 128 12.66 -45.32 16.84
CA LYS Y 128 13.37 -44.85 18.03
C LYS Y 128 14.04 -43.50 17.83
N ASP Y 129 14.39 -42.83 18.93
CA ASP Y 129 15.09 -41.55 18.87
C ASP Y 129 16.60 -41.70 19.00
N GLY Y 130 17.07 -42.64 19.84
CA GLY Y 130 18.48 -42.90 19.99
C GLY Y 130 19.12 -42.31 21.23
N THR Y 131 18.41 -41.47 21.97
CA THR Y 131 18.97 -40.80 23.13
C THR Y 131 18.92 -41.65 24.40
N ASP Y 132 18.40 -42.86 24.32
CA ASP Y 132 18.34 -43.74 25.49
C ASP Y 132 19.67 -44.45 25.66
N LYS Y 133 20.29 -44.31 26.84
CA LYS Y 133 21.59 -44.91 27.08
C LYS Y 133 21.50 -46.34 27.59
N ASN Y 134 20.29 -46.87 27.81
CA ASN Y 134 20.12 -48.28 28.14
C ASN Y 134 19.76 -49.10 26.91
N LYS Y 135 19.72 -48.48 25.73
CA LYS Y 135 19.36 -49.16 24.49
C LYS Y 135 20.47 -48.95 23.48
N SER Y 136 20.46 -49.79 22.44
CA SER Y 136 21.39 -49.62 21.35
C SER Y 136 20.96 -48.46 20.46
N SER Y 137 21.93 -47.84 19.80
CA SER Y 137 21.62 -46.76 18.88
C SER Y 137 20.93 -47.31 17.63
N ASN Y 138 20.28 -46.41 16.91
CA ASN Y 138 19.57 -46.78 15.70
C ASN Y 138 20.55 -47.34 14.66
N PRO Y 139 20.27 -48.51 14.10
CA PRO Y 139 21.08 -49.01 12.98
C PRO Y 139 20.98 -48.05 11.81
N SER Y 140 22.10 -47.80 11.15
CA SER Y 140 22.15 -46.93 9.99
C SER Y 140 23.22 -47.43 9.04
N LYS Y 141 23.13 -47.01 7.78
CA LYS Y 141 24.08 -47.49 6.79
C LYS Y 141 25.48 -46.99 7.11
N ASP Y 142 25.58 -45.79 7.67
CA ASP Y 142 26.88 -45.25 8.03
C ASP Y 142 27.56 -46.06 9.13
N LYS Y 143 26.82 -46.54 10.13
CA LYS Y 143 27.44 -47.26 11.23
C LYS Y 143 27.29 -48.76 11.13
N ALA Y 144 26.89 -49.29 9.97
CA ALA Y 144 26.90 -50.73 9.75
C ALA Y 144 28.34 -51.21 9.58
N ALA Y 145 28.52 -52.53 9.71
CA ALA Y 145 29.86 -53.12 9.73
C ALA Y 145 30.26 -53.80 8.43
N ASP Y 146 29.32 -54.17 7.59
CA ASP Y 146 29.63 -54.70 6.26
C ASP Y 146 28.56 -54.24 5.29
N ALA Y 147 28.82 -54.45 4.01
CA ALA Y 147 27.94 -53.92 2.97
C ALA Y 147 26.55 -54.53 3.03
N LYS Y 148 26.45 -55.83 3.30
CA LYS Y 148 25.14 -56.47 3.36
C LYS Y 148 24.29 -55.86 4.47
N THR Y 149 24.89 -55.72 5.66
CA THR Y 149 24.19 -55.06 6.76
C THR Y 149 23.85 -53.63 6.41
N ALA Y 150 24.73 -52.92 5.70
CA ALA Y 150 24.43 -51.54 5.33
C ALA Y 150 23.24 -51.46 4.39
N ASP Y 151 23.18 -52.34 3.39
CA ASP Y 151 22.01 -52.38 2.52
C ASP Y 151 20.75 -52.69 3.32
N LYS Y 152 20.82 -53.65 4.24
CA LYS Y 152 19.66 -53.99 5.04
C LYS Y 152 19.25 -52.86 5.98
N ALA Y 153 20.21 -52.04 6.43
CA ALA Y 153 19.97 -51.05 7.46
C ALA Y 153 19.82 -49.64 6.92
N ASN Y 154 19.95 -49.43 5.62
CA ASN Y 154 19.85 -48.09 5.06
C ASN Y 154 18.49 -47.49 5.36
N SER Y 155 18.47 -46.42 6.16
CA SER Y 155 17.24 -45.70 6.47
C SER Y 155 16.62 -45.09 5.22
N GLY Y 156 17.38 -44.95 4.15
CA GLY Y 156 16.86 -44.43 2.90
C GLY Y 156 17.22 -42.97 2.71
N VAL Y 157 17.62 -42.63 1.50
CA VAL Y 157 18.01 -41.27 1.18
C VAL Y 157 16.92 -40.63 0.34
N ASN Y 158 16.55 -39.41 0.72
CA ASN Y 158 15.36 -38.74 0.22
C ASN Y 158 15.67 -37.27 -0.02
N ALA Y 159 16.06 -36.93 -1.25
CA ALA Y 159 16.09 -35.53 -1.62
C ALA Y 159 14.93 -35.21 -2.55
N GLY Y 160 14.70 -33.92 -2.77
CA GLY Y 160 13.46 -33.46 -3.33
C GLY Y 160 13.23 -33.87 -4.77
N ASP Y 161 12.44 -33.04 -5.46
CA ASP Y 161 11.91 -33.38 -6.76
C ASP Y 161 13.03 -33.66 -7.75
N LYS Y 162 12.91 -34.78 -8.46
CA LYS Y 162 13.77 -35.15 -9.57
C LYS Y 162 13.24 -34.56 -10.87
N GLY Y 163 14.13 -34.42 -11.82
CA GLY Y 163 13.74 -34.19 -13.20
C GLY Y 163 14.38 -35.24 -14.07
N GLY Y 164 13.55 -36.08 -14.69
CA GLY Y 164 14.02 -37.14 -15.54
C GLY Y 164 14.66 -36.57 -16.81
N THR Y 165 15.42 -37.41 -17.50
CA THR Y 165 16.08 -37.01 -18.73
C THR Y 165 15.23 -37.41 -19.93
N THR Y 166 14.92 -36.44 -20.78
CA THR Y 166 14.14 -36.73 -21.98
C THR Y 166 14.96 -37.55 -22.95
N VAL Y 167 14.27 -38.40 -23.73
CA VAL Y 167 14.89 -39.38 -24.61
C VAL Y 167 14.78 -38.92 -26.05
N ALA Y 168 15.83 -39.15 -26.83
CA ALA Y 168 15.81 -38.79 -28.23
C ALA Y 168 14.64 -39.46 -28.94
N ALA Y 169 14.07 -38.76 -29.92
CA ALA Y 169 12.80 -39.19 -30.52
C ALA Y 169 12.88 -40.57 -31.15
N PRO Y 170 13.84 -40.89 -32.01
CA PRO Y 170 13.83 -42.21 -32.65
C PRO Y 170 14.09 -43.33 -31.66
N ARG Y 171 15.04 -43.15 -30.75
CA ARG Y 171 15.30 -44.14 -29.72
C ARG Y 171 14.05 -44.37 -28.88
N ALA Y 172 13.35 -43.30 -28.52
CA ALA Y 172 12.14 -43.43 -27.73
C ALA Y 172 11.08 -44.19 -28.50
N GLN Y 173 10.92 -43.90 -29.78
CA GLN Y 173 9.92 -44.63 -30.55
C GLN Y 173 10.27 -46.10 -30.65
N SER Y 174 11.55 -46.42 -30.87
CA SER Y 174 11.95 -47.82 -30.92
C SER Y 174 11.66 -48.52 -29.61
N LEU Y 175 12.03 -47.91 -28.49
CA LEU Y 175 11.81 -48.55 -27.19
C LEU Y 175 10.33 -48.74 -26.92
N LEU Y 176 9.52 -47.70 -27.15
CA LEU Y 176 8.09 -47.79 -26.87
C LEU Y 176 7.43 -48.83 -27.75
N LYS Y 177 7.82 -48.90 -29.02
CA LYS Y 177 7.26 -49.92 -29.89
C LYS Y 177 7.67 -51.32 -29.45
N GLY Y 178 8.95 -51.50 -29.11
CA GLY Y 178 9.40 -52.81 -28.67
C GLY Y 178 8.70 -53.27 -27.41
N VAL Y 179 8.30 -52.34 -26.57
CA VAL Y 179 7.68 -52.72 -25.31
C VAL Y 179 6.17 -52.86 -25.46
N PHE Y 180 5.49 -51.79 -25.86
CA PHE Y 180 4.04 -51.72 -25.83
C PHE Y 180 3.38 -52.20 -27.12
N GLY Y 181 4.16 -52.65 -28.09
CA GLY Y 181 3.58 -53.24 -29.30
C GLY Y 181 3.46 -54.74 -29.25
N GLY Y 182 4.15 -55.41 -28.34
CA GLY Y 182 4.03 -56.85 -28.20
C GLY Y 182 4.01 -57.27 -26.73
N MET Z 1 9.49 -39.48 -23.74
CA MET Z 1 9.61 -40.26 -22.52
C MET Z 1 10.84 -39.82 -21.75
N ILE Z 2 10.87 -40.12 -20.45
CA ILE Z 2 11.96 -39.68 -19.59
C ILE Z 2 12.59 -40.89 -18.89
N GLU Z 3 13.91 -40.88 -18.83
CA GLU Z 3 14.68 -41.81 -18.03
C GLU Z 3 14.79 -41.29 -16.61
N LEU Z 4 14.71 -42.18 -15.63
CA LEU Z 4 14.78 -41.81 -14.22
C LEU Z 4 16.06 -42.35 -13.63
N GLU Z 5 16.85 -41.48 -13.03
CA GLU Z 5 18.10 -41.89 -12.40
C GLU Z 5 17.80 -42.73 -11.16
N VAL Z 6 18.68 -43.69 -10.89
CA VAL Z 6 18.64 -44.51 -9.69
C VAL Z 6 19.97 -44.34 -9.00
N LEU Z 7 19.95 -43.95 -7.74
CA LEU Z 7 21.18 -43.85 -6.97
C LEU Z 7 21.62 -45.24 -6.51
N ASP Z 8 22.88 -45.36 -6.10
CA ASP Z 8 23.42 -46.65 -5.69
C ASP Z 8 23.21 -46.88 -4.19
N GLU Z 9 21.96 -46.88 -3.77
CA GLU Z 9 21.58 -47.07 -2.38
C GLU Z 9 20.44 -48.07 -2.33
N SER Z 10 20.41 -48.88 -1.27
CA SER Z 10 19.35 -49.88 -1.16
C SER Z 10 17.99 -49.24 -1.06
N LYS Z 11 17.89 -48.10 -0.37
CA LYS Z 11 16.60 -47.44 -0.18
C LYS Z 11 16.73 -46.00 -0.62
N GLN Z 12 15.79 -45.54 -1.43
CA GLN Z 12 15.83 -44.18 -1.97
C GLN Z 12 14.40 -43.76 -2.28
N LYS Z 13 14.24 -42.46 -2.51
CA LYS Z 13 12.91 -41.85 -2.58
C LYS Z 13 13.02 -40.51 -3.27
N PHE Z 14 12.36 -40.37 -4.41
CA PHE Z 14 12.40 -39.10 -5.13
C PHE Z 14 10.99 -38.74 -5.56
N SER Z 15 10.87 -37.57 -6.15
CA SER Z 15 9.58 -37.05 -6.60
C SER Z 15 9.74 -36.56 -8.03
N VAL Z 16 8.68 -36.71 -8.82
CA VAL Z 16 8.70 -36.40 -10.24
C VAL Z 16 7.33 -35.85 -10.62
N ILE Z 17 7.25 -35.16 -11.73
CA ILE Z 17 5.99 -34.64 -12.24
C ILE Z 17 5.61 -35.45 -13.48
N LEU Z 18 4.48 -36.16 -13.39
CA LEU Z 18 4.00 -37.03 -14.47
C LEU Z 18 2.57 -36.66 -14.77
N ASN Z 19 2.27 -36.33 -16.03
CA ASN Z 19 0.93 -35.94 -16.45
C ASN Z 19 0.37 -34.88 -15.50
N ASP Z 20 1.21 -33.90 -15.17
CA ASP Z 20 0.84 -32.75 -14.35
C ASP Z 20 0.47 -33.14 -12.92
N ARG Z 21 1.03 -34.23 -12.42
CA ARG Z 21 0.81 -34.64 -11.03
C ARG Z 21 2.14 -34.93 -10.38
N ARG Z 22 2.26 -34.55 -9.11
CA ARG Z 22 3.47 -34.81 -8.36
C ARG Z 22 3.39 -36.21 -7.78
N VAL Z 23 4.38 -37.04 -8.12
CA VAL Z 23 4.39 -38.45 -7.79
C VAL Z 23 5.65 -38.71 -6.97
N THR Z 24 5.50 -39.30 -5.80
CA THR Z 24 6.64 -39.67 -4.96
C THR Z 24 6.87 -41.17 -5.08
N ILE Z 25 8.04 -41.53 -5.60
CA ILE Z 25 8.41 -42.93 -5.82
C ILE Z 25 9.53 -43.30 -4.87
N GLU Z 26 9.32 -44.37 -4.13
CA GLU Z 26 10.33 -44.96 -3.26
C GLU Z 26 10.79 -46.27 -3.87
N LEU Z 27 12.10 -46.51 -3.84
CA LEU Z 27 12.69 -47.76 -4.28
C LEU Z 27 13.41 -48.41 -3.11
N TRP Z 28 13.10 -49.68 -2.86
CA TRP Z 28 13.65 -50.41 -1.74
C TRP Z 28 14.11 -51.78 -2.21
N TYR Z 29 15.38 -52.09 -1.94
CA TYR Z 29 15.96 -53.35 -2.37
C TYR Z 29 15.74 -54.43 -1.33
N ASN Z 30 15.19 -55.55 -1.78
CA ASN Z 30 14.99 -56.73 -0.98
C ASN Z 30 16.16 -57.69 -1.24
N THR Z 31 16.91 -57.99 -0.17
CA THR Z 31 18.11 -58.83 -0.29
C THR Z 31 17.79 -60.30 -0.42
N THR Z 32 16.67 -60.75 0.15
CA THR Z 32 16.36 -62.17 0.13
C THR Z 32 16.22 -62.71 -1.28
N ASN Z 33 15.54 -61.99 -2.17
CA ASN Z 33 15.44 -62.38 -3.58
C ASN Z 33 16.32 -61.56 -4.49
N ASP Z 34 17.11 -60.62 -3.97
CA ASP Z 34 17.98 -59.79 -4.78
C ASP Z 34 17.17 -59.00 -5.81
N ARG Z 35 16.14 -58.32 -5.33
CA ARG Z 35 15.24 -57.61 -6.24
C ARG Z 35 14.92 -56.24 -5.66
N TRP Z 36 14.23 -55.44 -6.44
CA TRP Z 36 13.78 -54.13 -6.00
C TRP Z 36 12.26 -54.09 -5.96
N SER Z 37 11.73 -53.26 -5.08
CA SER Z 37 10.32 -52.95 -5.05
C SER Z 37 10.18 -51.45 -5.03
N PHE Z 38 9.03 -50.96 -5.49
CA PHE Z 38 8.75 -49.53 -5.43
C PHE Z 38 7.40 -49.28 -4.79
N SER Z 39 7.35 -48.24 -3.98
CA SER Z 39 6.12 -47.65 -3.51
C SER Z 39 5.86 -46.37 -4.29
N LEU Z 40 4.58 -46.06 -4.50
CA LEU Z 40 4.23 -44.87 -5.25
C LEU Z 40 3.12 -44.15 -4.52
N ALA Z 41 3.32 -42.85 -4.28
CA ALA Z 41 2.33 -42.01 -3.64
C ALA Z 41 1.93 -40.89 -4.59
N LEU Z 42 0.62 -40.67 -4.70
CA LEU Z 42 0.08 -39.55 -5.45
C LEU Z 42 -0.49 -38.55 -4.46
N ASP Z 43 0.05 -37.33 -4.48
CA ASP Z 43 -0.41 -36.24 -3.63
C ASP Z 43 -0.38 -36.62 -2.16
N GLY Z 44 0.60 -37.42 -1.74
CA GLY Z 44 0.85 -37.72 -0.34
C GLY Z 44 0.29 -39.04 0.13
N ASP Z 45 -0.67 -39.61 -0.58
CA ASP Z 45 -1.27 -40.89 -0.20
C ASP Z 45 -0.56 -42.00 -0.96
N ASN Z 46 0.03 -42.93 -0.20
CA ASN Z 46 0.60 -44.13 -0.80
C ASN Z 46 -0.50 -44.98 -1.40
N VAL Z 47 -0.53 -45.09 -2.72
CA VAL Z 47 -1.52 -45.89 -3.42
C VAL Z 47 -0.97 -47.22 -3.89
N VAL Z 48 0.35 -47.36 -3.99
CA VAL Z 48 0.99 -48.62 -4.33
C VAL Z 48 2.17 -48.81 -3.38
N THR Z 49 2.32 -50.02 -2.86
CA THR Z 49 3.46 -50.36 -2.01
C THR Z 49 3.90 -51.78 -2.35
N GLY Z 50 5.20 -52.02 -2.21
CA GLY Z 50 5.73 -53.37 -2.32
C GLY Z 50 5.52 -54.04 -3.67
N ARG Z 51 5.84 -53.36 -4.76
CA ARG Z 51 5.73 -53.93 -6.11
C ARG Z 51 7.11 -54.19 -6.68
N ARG Z 52 7.37 -55.43 -7.06
CA ARG Z 52 8.66 -55.78 -7.64
C ARG Z 52 8.86 -55.06 -8.97
N LEU Z 53 10.09 -54.61 -9.20
CA LEU Z 53 10.43 -54.00 -10.47
C LEU Z 53 10.88 -55.07 -11.47
N VAL Z 54 10.07 -55.30 -12.50
CA VAL Z 54 10.33 -56.32 -13.49
C VAL Z 54 10.50 -55.66 -14.85
N THR Z 55 11.14 -56.35 -15.78
CA THR Z 55 11.51 -55.75 -17.04
C THR Z 55 10.48 -56.00 -18.13
N GLY Z 56 10.31 -55.00 -19.00
CA GLY Z 56 9.56 -55.18 -20.23
C GLY Z 56 8.06 -55.07 -20.13
N VAL Z 57 7.52 -54.49 -19.05
CA VAL Z 57 6.09 -54.38 -18.89
C VAL Z 57 5.76 -53.08 -18.16
N ASP Z 58 4.53 -52.62 -18.34
CA ASP Z 58 4.04 -51.46 -17.58
C ASP Z 58 3.71 -51.91 -16.16
N LEU Z 59 4.39 -51.31 -15.19
CA LEU Z 59 4.24 -51.68 -13.79
C LEU Z 59 2.99 -51.08 -13.16
N LEU Z 60 2.32 -50.14 -13.81
CA LEU Z 60 1.16 -49.46 -13.24
C LEU Z 60 -0.16 -49.85 -13.90
N ALA Z 61 -0.16 -50.80 -14.82
CA ALA Z 61 -1.38 -51.10 -15.56
C ALA Z 61 -2.56 -51.47 -14.66
N PRO Z 62 -2.39 -52.25 -13.60
CA PRO Z 62 -3.55 -52.64 -12.78
C PRO Z 62 -4.28 -51.49 -12.13
N PHE Z 63 -3.67 -50.31 -12.00
CA PHE Z 63 -4.13 -49.33 -11.02
C PHE Z 63 -4.93 -48.17 -11.60
N GLY Z 64 -4.80 -47.86 -12.87
CA GLY Z 64 -5.56 -46.78 -13.46
C GLY Z 64 -5.31 -45.45 -12.76
N LEU Z 65 -4.06 -45.18 -12.42
CA LEU Z 65 -3.71 -43.95 -11.71
C LEU Z 65 -3.70 -42.73 -12.63
N GLY Z 66 -3.67 -42.93 -13.95
CA GLY Z 66 -3.70 -41.81 -14.86
C GLY Z 66 -2.40 -41.07 -15.02
N ILE Z 67 -1.28 -41.69 -14.66
CA ILE Z 67 0.03 -41.08 -14.78
C ILE Z 67 0.89 -41.79 -15.84
N GLY Z 68 0.25 -42.35 -16.85
CA GLY Z 68 1.00 -43.01 -17.90
C GLY Z 68 1.56 -44.34 -17.47
N ALA Z 69 2.71 -44.67 -18.07
CA ALA Z 69 3.36 -45.96 -17.88
C ALA Z 69 4.76 -45.77 -17.33
N LEU Z 70 5.12 -46.64 -16.37
CA LEU Z 70 6.45 -46.70 -15.78
C LEU Z 70 6.95 -48.12 -15.99
N PHE Z 71 8.15 -48.27 -16.55
CA PHE Z 71 8.63 -49.60 -16.92
C PHE Z 71 10.15 -49.65 -16.88
N LEU Z 72 10.68 -50.85 -17.02
CA LEU Z 72 12.12 -51.10 -17.02
C LEU Z 72 12.56 -51.68 -18.35
N LEU Z 73 13.84 -51.50 -18.66
CA LEU Z 73 14.40 -52.01 -19.90
C LEU Z 73 15.88 -52.30 -19.71
N SER Z 74 16.44 -53.06 -20.65
CA SER Z 74 17.85 -53.40 -20.60
C SER Z 74 18.33 -53.71 -22.02
N GLU Z 75 19.58 -54.18 -22.13
CA GLU Z 75 20.11 -54.55 -23.43
C GLU Z 75 19.59 -55.90 -23.88
N ASN Z 76 19.89 -56.96 -23.10
CA ASN Z 76 19.47 -58.31 -23.43
C ASN Z 76 18.70 -58.96 -22.29
N GLY Z 77 17.72 -58.26 -21.72
CA GLY Z 77 16.83 -58.88 -20.77
C GLY Z 77 17.47 -59.32 -19.47
N GLU Z 78 18.59 -58.74 -19.10
CA GLU Z 78 19.17 -59.00 -17.79
C GLU Z 78 18.22 -58.47 -16.71
N PRO Z 79 18.00 -59.23 -15.64
CA PRO Z 79 17.07 -58.78 -14.60
C PRO Z 79 17.70 -57.70 -13.73
N PRO Z 80 16.89 -56.82 -13.13
CA PRO Z 80 17.44 -55.71 -12.35
C PRO Z 80 17.89 -56.18 -10.97
N THR Z 81 19.20 -56.28 -10.78
CA THR Z 81 19.79 -56.74 -9.54
C THR Z 81 20.19 -55.55 -8.69
N ARG Z 82 20.92 -55.82 -7.62
CA ARG Z 82 21.40 -54.75 -6.74
C ARG Z 82 22.32 -53.80 -7.49
N ALA Z 83 23.28 -54.35 -8.25
CA ALA Z 83 24.28 -53.52 -8.89
C ALA Z 83 23.87 -53.10 -10.30
N ASN Z 84 23.02 -53.88 -10.95
CA ASN Z 84 22.65 -53.57 -12.33
C ASN Z 84 21.73 -52.37 -12.45
N LEU Z 85 20.94 -52.06 -11.43
CA LEU Z 85 19.97 -50.99 -11.62
C LEU Z 85 20.63 -49.63 -11.42
N PRO Z 86 21.44 -49.42 -10.38
CA PRO Z 86 22.19 -48.16 -10.31
C PRO Z 86 23.13 -47.94 -11.48
N LEU Z 87 23.82 -48.98 -11.94
CA LEU Z 87 24.82 -48.79 -12.99
C LEU Z 87 24.22 -48.43 -14.33
N GLY Z 88 22.90 -48.58 -14.49
CA GLY Z 88 22.27 -48.28 -15.76
C GLY Z 88 22.28 -49.44 -16.74
N LEU Z 89 22.85 -50.58 -16.38
CA LEU Z 89 22.68 -51.77 -17.19
C LEU Z 89 21.21 -52.14 -17.32
N VAL Z 90 20.38 -51.69 -16.39
CA VAL Z 90 18.93 -51.75 -16.49
C VAL Z 90 18.41 -50.36 -16.14
N LYS Z 91 17.44 -49.87 -16.92
CA LYS Z 91 17.04 -48.48 -16.87
C LYS Z 91 15.54 -48.37 -16.65
N LEU Z 92 15.16 -47.35 -15.88
CA LEU Z 92 13.77 -47.08 -15.53
C LEU Z 92 13.27 -45.93 -16.39
N TYR Z 93 12.19 -46.16 -17.12
CA TYR Z 93 11.63 -45.17 -18.04
C TYR Z 93 10.17 -44.90 -17.71
N HIS Z 94 9.72 -43.70 -18.05
CA HIS Z 94 8.32 -43.32 -17.97
C HIS Z 94 7.91 -42.73 -19.31
N ALA Z 95 6.74 -43.15 -19.79
CA ALA Z 95 6.16 -42.59 -21.01
C ALA Z 95 4.68 -42.35 -20.78
N THR Z 96 4.12 -41.40 -21.51
CA THR Z 96 2.72 -41.08 -21.36
C THR Z 96 1.86 -41.99 -22.23
N GLN Z 97 0.58 -42.07 -21.88
CA GLN Z 97 -0.35 -42.81 -22.71
C GLN Z 97 -0.40 -42.25 -24.13
N GLU Z 98 -0.24 -40.93 -24.28
CA GLU Z 98 -0.22 -40.33 -25.61
C GLU Z 98 0.95 -40.86 -26.42
N GLU Z 99 2.16 -40.82 -25.88
CA GLU Z 99 3.31 -41.32 -26.62
C GLU Z 99 3.17 -42.80 -26.91
N ILE Z 100 2.67 -43.57 -25.95
CA ILE Z 100 2.49 -45.00 -26.18
C ILE Z 100 1.51 -45.23 -27.32
N ASP Z 101 0.41 -44.49 -27.34
CA ASP Z 101 -0.57 -44.63 -28.42
C ASP Z 101 0.05 -44.26 -29.76
N ALA Z 102 0.76 -43.15 -29.81
CA ALA Z 102 1.34 -42.70 -31.08
C ALA Z 102 2.39 -43.68 -31.58
N ALA Z 103 3.17 -44.27 -30.68
CA ALA Z 103 4.19 -45.23 -31.09
C ALA Z 103 3.56 -46.54 -31.56
N ILE Z 104 2.52 -47.01 -30.87
CA ILE Z 104 1.82 -48.20 -31.34
C ILE Z 104 1.24 -47.96 -32.74
N SER Z 105 0.64 -46.79 -32.96
CA SER Z 105 0.10 -46.50 -34.27
C SER Z 105 1.14 -46.54 -35.37
N ALA Z 106 2.41 -46.27 -35.04
CA ALA Z 106 3.47 -46.24 -36.05
C ALA Z 106 3.64 -47.61 -36.70
N MET AA 1 -6.29 -42.31 20.45
CA MET AA 1 -6.01 -41.60 21.68
C MET AA 1 -4.54 -41.20 21.71
N ILE AA 2 -4.15 -40.45 22.73
CA ILE AA 2 -2.79 -39.93 22.84
C ILE AA 2 -2.26 -40.16 24.24
N GLU AA 3 -0.94 -40.20 24.35
CA GLU AA 3 -0.26 -40.30 25.64
C GLU AA 3 0.33 -38.95 26.01
N LEU AA 4 0.11 -38.52 27.25
CA LEU AA 4 0.58 -37.23 27.73
C LEU AA 4 1.79 -37.46 28.64
N GLU AA 5 2.95 -37.03 28.19
CA GLU AA 5 4.20 -37.21 28.93
C GLU AA 5 4.13 -36.45 30.26
N VAL AA 6 4.72 -37.05 31.30
CA VAL AA 6 4.78 -36.48 32.63
C VAL AA 6 6.25 -36.35 33.02
N LEU AA 7 6.65 -35.13 33.39
CA LEU AA 7 8.04 -34.88 33.77
C LEU AA 7 8.32 -35.37 35.19
N ASP AA 8 9.60 -35.42 35.52
CA ASP AA 8 10.02 -35.90 36.84
C ASP AA 8 10.12 -34.72 37.80
N GLU AA 9 9.02 -34.00 38.00
CA GLU AA 9 8.98 -32.84 38.87
C GLU AA 9 7.72 -32.90 39.71
N SER AA 10 7.84 -32.56 40.99
CA SER AA 10 6.70 -32.68 41.90
C SER AA 10 5.57 -31.73 41.55
N LYS AA 11 5.81 -30.77 40.67
CA LYS AA 11 4.75 -29.87 40.21
C LYS AA 11 5.08 -29.41 38.80
N GLN AA 12 4.19 -29.71 37.85
CA GLN AA 12 4.42 -29.40 36.47
C GLN AA 12 3.12 -28.99 35.82
N LYS AA 13 3.23 -28.30 34.69
CA LYS AA 13 2.10 -27.69 34.02
C LYS AA 13 2.35 -27.70 32.52
N PHE AA 14 1.32 -27.98 31.75
CA PHE AA 14 1.45 -27.98 30.29
C PHE AA 14 0.10 -27.68 29.67
N SER AA 15 0.10 -27.54 28.36
CA SER AA 15 -1.09 -27.22 27.60
C SER AA 15 -1.19 -28.11 26.38
N VAL AA 16 -2.41 -28.53 26.05
CA VAL AA 16 -2.64 -29.40 24.91
C VAL AA 16 -3.99 -29.06 24.31
N ILE AA 17 -4.10 -29.27 23.00
CA ILE AA 17 -5.34 -28.99 22.28
C ILE AA 17 -6.17 -30.26 22.27
N LEU AA 18 -7.23 -30.29 23.08
CA LEU AA 18 -8.12 -31.44 23.18
C LEU AA 18 -9.47 -31.05 22.60
N ASN AA 19 -9.94 -31.81 21.62
CA ASN AA 19 -11.19 -31.51 20.92
C ASN AA 19 -11.23 -30.04 20.50
N ASP AA 20 -10.10 -29.58 19.97
CA ASP AA 20 -9.92 -28.21 19.48
C ASP AA 20 -10.11 -27.18 20.57
N ARG AA 21 -9.87 -27.55 21.83
CA ARG AA 21 -9.89 -26.63 22.95
C ARG AA 21 -8.51 -26.60 23.57
N ARG AA 22 -8.05 -25.40 23.95
CA ARG AA 22 -6.78 -25.28 24.65
C ARG AA 22 -7.01 -25.63 26.12
N VAL AA 23 -6.58 -26.82 26.52
CA VAL AA 23 -6.74 -27.31 27.89
C VAL AA 23 -5.39 -27.23 28.56
N THR AA 24 -5.33 -26.53 29.70
CA THR AA 24 -4.12 -26.42 30.48
C THR AA 24 -4.24 -27.33 31.69
N ILE AA 25 -3.27 -28.22 31.88
CA ILE AA 25 -3.26 -29.18 32.97
C ILE AA 25 -2.13 -28.84 33.92
N GLU AA 26 -2.41 -28.90 35.22
CA GLU AA 26 -1.41 -28.70 36.26
C GLU AA 26 -1.42 -29.91 37.18
N LEU AA 27 -0.33 -30.68 37.18
CA LEU AA 27 -0.16 -31.81 38.07
C LEU AA 27 0.72 -31.41 39.24
N TRP AA 28 0.32 -31.81 40.44
CA TRP AA 28 1.15 -31.58 41.62
C TRP AA 28 1.02 -32.76 42.57
N TYR AA 29 2.16 -33.08 43.19
CA TYR AA 29 2.28 -34.25 44.03
C TYR AA 29 2.07 -33.89 45.49
N ASN AA 30 1.21 -34.64 46.14
CA ASN AA 30 0.89 -34.48 47.54
C ASN AA 30 1.67 -35.55 48.28
N THR AA 31 2.72 -35.13 48.99
CA THR AA 31 3.59 -36.08 49.68
C THR AA 31 2.89 -36.73 50.87
N THR AA 32 1.97 -36.01 51.51
CA THR AA 32 1.38 -36.51 52.74
C THR AA 32 0.56 -37.77 52.49
N ASN AA 33 -0.12 -37.84 51.34
CA ASN AA 33 -0.81 -39.04 50.92
C ASN AA 33 -0.08 -39.75 49.78
N ASP AA 34 1.01 -39.18 49.26
CA ASP AA 34 1.84 -39.84 48.26
C ASP AA 34 1.07 -40.03 46.95
N ARG AA 35 0.39 -38.98 46.49
CA ARG AA 35 -0.52 -39.11 45.36
C ARG AA 35 -0.41 -37.90 44.45
N TRP AA 36 -0.69 -38.11 43.17
CA TRP AA 36 -0.67 -37.04 42.21
C TRP AA 36 -2.07 -36.44 42.09
N SER AA 37 -2.14 -35.13 41.86
CA SER AA 37 -3.42 -34.43 41.72
C SER AA 37 -3.35 -33.51 40.52
N PHE AA 38 -4.51 -33.22 39.93
CA PHE AA 38 -4.52 -32.38 38.74
C PHE AA 38 -5.61 -31.32 38.84
N SER AA 39 -5.26 -30.14 38.34
CA SER AA 39 -6.20 -29.07 38.06
C SER AA 39 -6.26 -28.86 36.55
N LEU AA 40 -7.44 -28.59 36.05
CA LEU AA 40 -7.68 -28.42 34.63
C LEU AA 40 -8.33 -27.07 34.38
N ALA AA 41 -7.76 -26.30 33.47
CA ALA AA 41 -8.31 -25.02 33.08
C ALA AA 41 -8.63 -25.03 31.59
N LEU AA 42 -9.86 -24.70 31.24
CA LEU AA 42 -10.30 -24.64 29.85
C LEU AA 42 -10.24 -23.19 29.40
N ASP AA 43 -9.22 -22.86 28.62
CA ASP AA 43 -9.14 -21.56 27.98
C ASP AA 43 -8.86 -20.45 29.00
N GLY AA 44 -8.18 -20.78 30.10
CA GLY AA 44 -7.79 -19.82 31.10
C GLY AA 44 -8.65 -19.84 32.36
N ASP AA 45 -9.76 -20.54 32.35
CA ASP AA 45 -10.66 -20.62 33.50
C ASP AA 45 -10.52 -21.99 34.15
N ASN AA 46 -10.26 -22.01 35.46
CA ASN AA 46 -10.09 -23.28 36.16
C ASN AA 46 -11.44 -23.94 36.37
N VAL AA 47 -11.67 -25.02 35.63
CA VAL AA 47 -12.90 -25.78 35.74
C VAL AA 47 -12.79 -26.96 36.69
N VAL AA 48 -11.59 -27.53 36.87
CA VAL AA 48 -11.35 -28.60 37.81
C VAL AA 48 -10.11 -28.25 38.60
N THR AA 49 -10.15 -28.46 39.91
CA THR AA 49 -9.04 -28.13 40.77
C THR AA 49 -8.93 -29.18 41.87
N GLY AA 50 -7.72 -29.69 42.07
CA GLY AA 50 -7.47 -30.59 43.17
C GLY AA 50 -8.03 -31.99 43.02
N ARG AA 51 -8.06 -32.54 41.82
CA ARG AA 51 -8.57 -33.90 41.64
C ARG AA 51 -7.46 -34.94 41.74
N ARG AA 52 -7.78 -36.04 42.40
CA ARG AA 52 -6.81 -37.12 42.59
C ARG AA 52 -6.66 -37.91 41.30
N LEU AA 53 -5.41 -38.15 40.90
CA LEU AA 53 -5.14 -39.03 39.77
C LEU AA 53 -5.26 -40.48 40.20
N VAL AA 54 -6.24 -41.18 39.63
CA VAL AA 54 -6.52 -42.57 39.95
C VAL AA 54 -6.55 -43.37 38.65
N THR AA 55 -6.09 -44.62 38.72
CA THR AA 55 -6.02 -45.45 37.52
C THR AA 55 -7.36 -46.06 37.17
N GLY AA 56 -7.61 -46.17 35.87
CA GLY AA 56 -8.67 -47.01 35.35
C GLY AA 56 -10.06 -46.39 35.31
N VAL AA 57 -10.18 -45.10 35.57
CA VAL AA 57 -11.47 -44.42 35.45
C VAL AA 57 -11.28 -43.13 34.67
N ASP AA 58 -12.38 -42.61 34.13
CA ASP AA 58 -12.34 -41.35 33.42
C ASP AA 58 -12.36 -40.22 34.44
N LEU AA 59 -11.30 -39.43 34.46
CA LEU AA 59 -11.15 -38.42 35.50
C LEU AA 59 -12.05 -37.21 35.27
N LEU AA 60 -12.51 -36.99 34.04
CA LEU AA 60 -13.31 -35.82 33.71
C LEU AA 60 -14.81 -36.12 33.62
N ALA AA 61 -15.22 -37.35 33.92
CA ALA AA 61 -16.61 -37.73 33.73
C ALA AA 61 -17.61 -36.85 34.46
N PRO AA 62 -17.41 -36.49 35.74
CA PRO AA 62 -18.45 -35.78 36.48
C PRO AA 62 -18.78 -34.39 35.93
N PHE AA 63 -17.91 -33.81 35.11
CA PHE AA 63 -17.97 -32.38 34.84
C PHE AA 63 -18.63 -32.04 33.51
N GLY AA 64 -18.68 -32.97 32.57
CA GLY AA 64 -19.27 -32.66 31.28
C GLY AA 64 -18.59 -31.49 30.59
N LEU AA 65 -17.26 -31.47 30.59
CA LEU AA 65 -16.52 -30.40 29.96
C LEU AA 65 -16.52 -30.48 28.43
N GLY AA 66 -16.78 -31.65 27.86
CA GLY AA 66 -16.79 -31.81 26.42
C GLY AA 66 -15.43 -31.90 25.77
N ILE AA 67 -14.43 -32.42 26.50
CA ILE AA 67 -13.08 -32.54 25.98
C ILE AA 67 -12.56 -33.97 26.06
N GLY AA 68 -13.45 -34.95 26.02
CA GLY AA 68 -13.04 -36.34 26.02
C GLY AA 68 -12.71 -36.87 27.40
N ALA AA 69 -12.12 -38.06 27.41
CA ALA AA 69 -11.76 -38.77 28.63
C ALA AA 69 -10.27 -38.65 28.89
N LEU AA 70 -9.93 -38.50 30.16
CA LEU AA 70 -8.54 -38.38 30.60
C LEU AA 70 -8.32 -39.44 31.67
N PHE AA 71 -7.53 -40.47 31.36
CA PHE AA 71 -7.47 -41.64 32.24
C PHE AA 71 -6.03 -42.14 32.36
N LEU AA 72 -5.76 -42.81 33.48
CA LEU AA 72 -4.46 -43.39 33.77
C LEU AA 72 -4.52 -44.91 33.64
N LEU AA 73 -3.43 -45.50 33.15
CA LEU AA 73 -3.33 -46.94 32.98
C LEU AA 73 -1.98 -47.44 33.50
N SER AA 74 -1.97 -48.70 33.93
CA SER AA 74 -0.77 -49.40 34.35
C SER AA 74 -0.94 -50.88 34.06
N GLU AA 75 0.19 -51.58 33.92
CA GLU AA 75 0.12 -52.98 33.45
C GLU AA 75 -0.67 -53.86 34.39
N ASN AA 76 -0.41 -53.78 35.70
CA ASN AA 76 -1.11 -54.61 36.68
C ASN AA 76 -2.00 -53.79 37.59
N GLY AA 77 -2.43 -52.61 37.15
CA GLY AA 77 -3.26 -51.78 37.98
C GLY AA 77 -2.61 -51.27 39.24
N GLU AA 78 -1.33 -50.88 39.18
CA GLU AA 78 -0.70 -50.24 40.31
C GLU AA 78 -1.24 -48.82 40.48
N PRO AA 79 -1.09 -48.21 41.65
CA PRO AA 79 -1.53 -46.83 41.81
C PRO AA 79 -0.42 -45.86 41.47
N PRO AA 80 -0.75 -44.65 41.04
CA PRO AA 80 0.28 -43.68 40.64
C PRO AA 80 1.05 -43.19 41.86
N THR AA 81 2.35 -43.06 41.71
CA THR AA 81 3.26 -42.69 42.79
C THR AA 81 4.28 -41.68 42.27
N ARG AA 82 4.94 -41.01 43.22
CA ARG AA 82 5.96 -40.03 42.88
C ARG AA 82 6.97 -40.61 41.91
N ALA AA 83 7.40 -41.84 42.13
CA ALA AA 83 8.40 -42.47 41.28
C ALA AA 83 7.76 -43.08 40.04
N ASN AA 84 6.65 -43.79 40.20
CA ASN AA 84 6.17 -44.64 39.13
C ASN AA 84 5.35 -43.89 38.08
N LEU AA 85 4.92 -42.66 38.36
CA LEU AA 85 4.21 -41.93 37.29
C LEU AA 85 5.18 -41.33 36.28
N PRO AA 86 6.21 -40.58 36.67
CA PRO AA 86 7.15 -40.05 35.66
C PRO AA 86 7.91 -41.13 34.91
N LEU AA 87 8.15 -42.29 35.52
CA LEU AA 87 8.93 -43.34 34.84
C LEU AA 87 8.16 -43.99 33.71
N GLY AA 88 6.86 -43.71 33.57
CA GLY AA 88 6.10 -44.38 32.53
C GLY AA 88 5.56 -45.72 32.94
N LEU AA 89 5.69 -46.10 34.21
CA LEU AA 89 5.01 -47.29 34.69
C LEU AA 89 3.52 -47.06 34.85
N VAL AA 90 3.11 -45.80 34.95
CA VAL AA 90 1.71 -45.39 34.86
C VAL AA 90 1.61 -44.31 33.82
N LYS AA 91 0.75 -44.50 32.84
CA LYS AA 91 0.66 -43.63 31.68
C LYS AA 91 -0.66 -42.88 31.69
N LEU AA 92 -0.57 -41.58 31.41
CA LEU AA 92 -1.73 -40.71 31.29
C LEU AA 92 -2.14 -40.64 29.83
N TYR AA 93 -3.43 -40.84 29.55
CA TYR AA 93 -3.95 -40.91 28.20
C TYR AA 93 -5.14 -40.00 28.05
N HIS AA 94 -5.29 -39.45 26.86
CA HIS AA 94 -6.51 -38.75 26.47
C HIS AA 94 -7.17 -39.49 25.33
N ALA AA 95 -8.45 -39.78 25.48
CA ALA AA 95 -9.25 -40.46 24.47
C ALA AA 95 -10.40 -39.56 24.04
N THR AA 96 -10.62 -39.48 22.74
CA THR AA 96 -11.71 -38.68 22.22
C THR AA 96 -13.02 -39.46 22.30
N GLN AA 97 -14.12 -38.72 22.36
CA GLN AA 97 -15.42 -39.34 22.55
C GLN AA 97 -15.76 -40.30 21.41
N GLU AA 98 -15.42 -39.91 20.18
CA GLU AA 98 -15.66 -40.80 19.04
C GLU AA 98 -14.87 -42.09 19.17
N GLU AA 99 -13.61 -42.00 19.61
CA GLU AA 99 -12.83 -43.22 19.81
C GLU AA 99 -13.45 -44.10 20.88
N ILE AA 100 -13.90 -43.51 21.97
CA ILE AA 100 -14.55 -44.30 23.02
C ILE AA 100 -15.80 -44.97 22.46
N ASP AA 101 -16.59 -44.24 21.68
CA ASP AA 101 -17.78 -44.82 21.07
C ASP AA 101 -17.41 -46.00 20.16
N ALA AA 102 -16.38 -45.82 19.33
CA ALA AA 102 -16.01 -46.87 18.39
C ALA AA 102 -15.53 -48.13 19.11
N ALA AA 103 -14.71 -47.95 20.15
CA ALA AA 103 -14.28 -49.11 20.94
C ALA AA 103 -15.46 -49.78 21.62
N ILE AA 104 -16.38 -48.99 22.18
CA ILE AA 104 -17.55 -49.55 22.84
C ILE AA 104 -18.42 -50.34 21.87
N SER AA 105 -18.56 -49.83 20.64
CA SER AA 105 -19.28 -50.56 19.60
C SER AA 105 -18.52 -51.78 19.09
N ALA AA 106 -17.20 -51.78 19.21
CA ALA AA 106 -16.39 -52.88 18.70
C ALA AA 106 -16.15 -53.92 19.80
N MET BA 1 0.93 38.60 27.41
CA MET BA 1 1.94 39.08 26.48
C MET BA 1 3.21 38.28 26.67
N ILE BA 2 4.20 38.52 25.80
CA ILE BA 2 5.45 37.77 25.84
C ILE BA 2 6.63 38.73 25.76
N GLU BA 3 7.76 38.30 26.30
CA GLU BA 3 9.03 39.00 26.17
C GLU BA 3 9.88 38.36 25.08
N LEU BA 4 10.43 39.18 24.20
CA LEU BA 4 11.24 38.70 23.09
C LEU BA 4 12.71 38.95 23.39
N GLU BA 5 13.46 37.87 23.53
CA GLU BA 5 14.87 37.96 23.90
C GLU BA 5 15.66 38.67 22.82
N VAL BA 6 16.66 39.44 23.24
CA VAL BA 6 17.54 40.19 22.35
C VAL BA 6 18.96 39.73 22.60
N LEU BA 7 19.64 39.30 21.53
CA LEU BA 7 21.03 38.86 21.66
C LEU BA 7 21.98 40.05 21.71
N ASP BA 8 23.20 39.77 22.15
CA ASP BA 8 24.22 40.82 22.23
C ASP BA 8 24.96 40.88 20.90
N GLU BA 9 24.23 41.14 19.83
CA GLU BA 9 24.78 41.19 18.48
C GLU BA 9 24.26 42.45 17.82
N SER BA 10 25.15 43.20 17.18
CA SER BA 10 24.75 44.48 16.61
C SER BA 10 23.74 44.32 15.49
N LYS BA 11 23.55 43.11 14.98
CA LYS BA 11 22.53 42.84 13.98
C LYS BA 11 22.07 41.41 14.13
N GLN BA 12 20.78 41.22 14.36
CA GLN BA 12 20.24 39.89 14.65
C GLN BA 12 18.87 39.77 14.03
N LYS BA 13 18.44 38.52 13.85
CA LYS BA 13 17.20 38.23 13.16
C LYS BA 13 16.57 37.00 13.81
N PHE BA 14 15.24 37.01 13.95
CA PHE BA 14 14.55 35.85 14.49
C PHE BA 14 13.14 35.82 13.93
N SER BA 15 12.44 34.74 14.23
CA SER BA 15 11.07 34.53 13.76
C SER BA 15 10.21 34.08 14.92
N VAL BA 16 8.96 34.52 14.93
CA VAL BA 16 8.03 34.18 16.00
C VAL BA 16 6.63 34.15 15.39
N ILE BA 17 5.78 33.29 15.95
CA ILE BA 17 4.40 33.20 15.52
C ILE BA 17 3.58 34.15 16.38
N LEU BA 18 3.21 35.30 15.80
CA LEU BA 18 2.40 36.30 16.48
C LEU BA 18 1.01 36.28 15.86
N ASN BA 19 0.00 36.05 16.70
CA ASN BA 19 -1.38 35.88 16.23
C ASN BA 19 -1.45 34.90 15.08
N ASP BA 20 -0.72 33.80 15.23
CA ASP BA 20 -0.69 32.70 14.27
C ASP BA 20 -0.27 33.15 12.88
N ARG BA 21 0.58 34.17 12.78
CA ARG BA 21 1.29 34.51 11.58
C ARG BA 21 2.78 34.40 11.85
N ARG BA 22 3.54 33.92 10.88
CA ARG BA 22 5.00 33.86 11.02
C ARG BA 22 5.57 35.24 10.73
N VAL BA 23 6.05 35.91 11.77
CA VAL BA 23 6.61 37.25 11.66
C VAL BA 23 8.11 37.14 11.87
N THR BA 24 8.88 37.64 10.90
CA THR BA 24 10.33 37.65 11.00
C THR BA 24 10.77 39.07 11.32
N ILE BA 25 11.50 39.23 12.42
CA ILE BA 25 11.97 40.52 12.90
C ILE BA 25 13.48 40.57 12.77
N GLU BA 26 13.97 41.67 12.21
CA GLU BA 26 15.40 41.92 12.09
C GLU BA 26 15.73 43.21 12.82
N LEU BA 27 16.58 43.12 13.84
CA LEU BA 27 17.09 44.26 14.57
C LEU BA 27 18.50 44.59 14.11
N TRP BA 28 18.78 45.86 13.94
CA TRP BA 28 20.15 46.28 13.67
C TRP BA 28 20.42 47.61 14.36
N TYR BA 29 21.64 47.71 14.88
CA TYR BA 29 22.11 48.89 15.58
C TYR BA 29 22.70 49.89 14.61
N ASN BA 30 22.35 51.15 14.81
CA ASN BA 30 22.86 52.26 14.04
C ASN BA 30 23.78 53.04 14.97
N THR BA 31 25.08 52.96 14.71
CA THR BA 31 26.07 53.57 15.60
C THR BA 31 26.07 55.08 15.52
N THR BA 32 25.78 55.64 14.35
CA THR BA 32 25.87 57.08 14.18
C THR BA 32 24.88 57.80 15.09
N ASN BA 33 23.66 57.27 15.19
CA ASN BA 33 22.67 57.77 16.13
C ASN BA 33 22.54 56.92 17.39
N ASP BA 34 23.29 55.82 17.49
CA ASP BA 34 23.33 55.01 18.70
C ASP BA 34 21.94 54.47 19.05
N ARG BA 35 21.27 53.86 18.07
CA ARG BA 35 19.88 53.47 18.27
C ARG BA 35 19.60 52.16 17.54
N TRP BA 36 18.68 51.38 18.09
CA TRP BA 36 18.28 50.12 17.46
C TRP BA 36 17.12 50.36 16.50
N SER BA 37 17.09 49.58 15.43
CA SER BA 37 16.05 49.68 14.41
C SER BA 37 15.55 48.30 14.07
N PHE BA 38 14.29 48.20 13.67
CA PHE BA 38 13.71 46.91 13.32
C PHE BA 38 13.02 46.98 11.97
N SER BA 39 13.22 45.91 11.20
CA SER BA 39 12.41 45.59 10.04
C SER BA 39 11.56 44.37 10.36
N LEU BA 40 10.36 44.35 9.80
CA LEU BA 40 9.40 43.30 10.06
C LEU BA 40 8.89 42.77 8.73
N ALA BA 41 8.95 41.45 8.55
CA ALA BA 41 8.41 40.79 7.37
C ALA BA 41 7.34 39.81 7.79
N LEU BA 42 6.17 39.91 7.18
CA LEU BA 42 5.05 39.02 7.45
C LEU BA 42 5.11 37.86 6.48
N ASP BA 43 5.59 36.72 6.95
CA ASP BA 43 5.58 35.49 6.17
C ASP BA 43 6.38 35.65 4.88
N GLY BA 44 7.55 36.28 4.94
CA GLY BA 44 8.44 36.42 3.81
C GLY BA 44 8.32 37.74 3.06
N ASP BA 45 7.27 38.51 3.31
CA ASP BA 45 7.07 39.80 2.66
C ASP BA 45 7.52 40.89 3.62
N ASN BA 46 8.46 41.73 3.20
CA ASN BA 46 8.93 42.83 4.05
C ASN BA 46 7.90 43.95 4.08
N VAL BA 47 7.30 44.16 5.24
CA VAL BA 47 6.23 45.14 5.40
C VAL BA 47 6.69 46.40 6.15
N VAL BA 48 7.60 46.27 7.10
CA VAL BA 48 8.14 47.41 7.83
C VAL BA 48 9.65 47.33 7.75
N THR BA 49 10.29 48.44 7.40
CA THR BA 49 11.73 48.47 7.22
C THR BA 49 12.28 49.75 7.82
N GLY BA 50 13.32 49.62 8.65
CA GLY BA 50 14.03 50.77 9.14
C GLY BA 50 13.31 51.58 10.20
N ARG BA 51 12.45 50.97 11.00
CA ARG BA 51 11.82 51.72 12.08
C ARG BA 51 12.69 51.72 13.32
N ARG BA 52 12.69 52.85 14.01
CA ARG BA 52 13.48 52.97 15.22
C ARG BA 52 12.75 52.37 16.41
N LEU BA 53 13.50 51.62 17.22
CA LEU BA 53 12.99 51.15 18.49
C LEU BA 53 12.94 52.29 19.49
N VAL BA 54 11.75 52.59 19.98
CA VAL BA 54 11.54 53.65 20.96
C VAL BA 54 10.68 53.10 22.09
N THR BA 55 10.97 53.51 23.32
CA THR BA 55 10.26 52.99 24.47
C THR BA 55 8.92 53.68 24.65
N GLY BA 56 7.94 52.93 25.16
CA GLY BA 56 6.69 53.51 25.62
C GLY BA 56 5.69 53.84 24.55
N VAL BA 57 5.81 53.28 23.34
CA VAL BA 57 4.84 53.47 22.29
C VAL BA 57 4.64 52.13 21.59
N ASP BA 58 3.50 51.99 20.93
CA ASP BA 58 3.27 50.82 20.09
C ASP BA 58 3.97 51.03 18.75
N LEU BA 59 4.94 50.17 18.44
CA LEU BA 59 5.75 50.36 17.24
C LEU BA 59 5.02 49.99 15.96
N LEU BA 60 4.02 49.12 16.03
CA LEU BA 60 3.33 48.64 14.83
C LEU BA 60 2.03 49.38 14.54
N ALA BA 61 1.65 50.34 15.38
CA ALA BA 61 0.34 50.97 15.24
C ALA BA 61 0.08 51.54 13.85
N PRO BA 62 1.01 52.24 13.21
CA PRO BA 62 0.69 52.93 11.95
C PRO BA 62 0.26 52.01 10.83
N PHE BA 63 0.61 50.73 10.89
CA PHE BA 63 0.57 49.87 9.72
C PHE BA 63 -0.67 48.99 9.65
N GLY BA 64 -1.37 48.80 10.75
CA GLY BA 64 -2.55 47.93 10.71
C GLY BA 64 -2.25 46.56 10.18
N LEU BA 65 -1.15 45.96 10.64
CA LEU BA 65 -0.75 44.65 10.15
C LEU BA 65 -1.56 43.52 10.77
N GLY BA 66 -2.26 43.77 11.87
CA GLY BA 66 -3.07 42.75 12.51
C GLY BA 66 -2.30 41.75 13.33
N ILE BA 67 -1.13 42.10 13.83
CA ILE BA 67 -0.29 41.19 14.60
C ILE BA 67 -0.06 41.69 16.02
N GLY BA 68 -0.97 42.51 16.56
CA GLY BA 68 -0.82 42.99 17.90
C GLY BA 68 0.14 44.15 18.02
N ALA BA 69 0.53 44.42 19.27
CA ALA BA 69 1.41 45.53 19.59
C ALA BA 69 2.80 45.01 19.94
N LEU BA 70 3.81 45.74 19.46
CA LEU BA 70 5.20 45.42 19.74
C LEU BA 70 5.82 46.65 20.37
N PHE BA 71 6.14 46.58 21.68
CA PHE BA 71 6.52 47.78 22.41
C PHE BA 71 7.70 47.51 23.32
N LEU BA 72 8.43 48.56 23.64
CA LEU BA 72 9.62 48.49 24.47
C LEU BA 72 9.38 49.20 25.80
N LEU BA 73 9.94 48.64 26.87
CA LEU BA 73 9.76 49.19 28.21
C LEU BA 73 11.08 49.22 28.97
N SER BA 74 11.18 50.14 29.93
CA SER BA 74 12.30 50.23 30.84
C SER BA 74 11.82 50.82 32.16
N GLU BA 75 12.55 50.52 33.23
CA GLU BA 75 12.08 50.90 34.57
C GLU BA 75 11.93 52.41 34.71
N ASN BA 76 12.93 53.18 34.27
CA ASN BA 76 12.90 54.64 34.41
C ASN BA 76 12.82 55.34 33.06
N GLY BA 77 12.30 54.66 32.04
CA GLY BA 77 12.14 55.30 30.75
C GLY BA 77 13.43 55.71 30.09
N GLU BA 78 14.47 54.88 30.15
CA GLU BA 78 15.68 55.14 29.39
C GLU BA 78 15.43 54.81 27.92
N PRO BA 79 16.26 55.33 27.01
CA PRO BA 79 16.14 54.93 25.62
C PRO BA 79 17.01 53.72 25.33
N PRO BA 80 16.64 52.90 24.35
CA PRO BA 80 17.39 51.65 24.11
C PRO BA 80 18.74 51.95 23.47
N THR BA 81 19.78 51.34 24.02
CA THR BA 81 21.17 51.58 23.64
C THR BA 81 21.83 50.27 23.28
N ARG BA 82 22.98 50.37 22.61
CA ARG BA 82 23.76 49.20 22.25
C ARG BA 82 23.99 48.30 23.45
N ALA BA 83 24.31 48.87 24.60
CA ALA BA 83 24.57 48.09 25.80
C ALA BA 83 23.28 47.72 26.51
N ASN BA 84 22.35 48.66 26.62
CA ASN BA 84 21.21 48.49 27.51
C ASN BA 84 20.13 47.58 26.94
N LEU BA 85 20.01 47.45 25.62
CA LEU BA 85 18.93 46.60 25.11
C LEU BA 85 19.27 45.12 25.28
N PRO BA 86 20.44 44.63 24.87
CA PRO BA 86 20.75 43.21 25.11
C PRO BA 86 20.82 42.83 26.59
N LEU BA 87 21.24 43.75 27.46
CA LEU BA 87 21.34 43.42 28.89
C LEU BA 87 19.98 43.24 29.55
N GLY BA 88 18.89 43.58 28.89
CA GLY BA 88 17.60 43.43 29.52
C GLY BA 88 17.22 44.57 30.42
N LEU BA 89 18.00 45.65 30.43
CA LEU BA 89 17.55 46.86 31.11
C LEU BA 89 16.45 47.55 30.34
N VAL BA 90 16.28 47.20 29.06
CA VAL BA 90 15.12 47.57 28.26
C VAL BA 90 14.61 46.31 27.60
N LYS BA 91 13.32 46.06 27.73
CA LYS BA 91 12.71 44.79 27.33
C LYS BA 91 11.73 45.01 26.19
N LEU BA 92 11.80 44.13 25.19
CA LEU BA 92 10.91 44.13 24.04
C LEU BA 92 9.77 43.16 24.31
N TYR BA 93 8.54 43.62 24.12
CA TYR BA 93 7.36 42.85 24.46
C TYR BA 93 6.40 42.81 23.27
N HIS BA 94 5.66 41.72 23.18
CA HIS BA 94 4.55 41.62 22.25
C HIS BA 94 3.27 41.38 23.03
N ALA BA 95 2.27 42.23 22.80
CA ALA BA 95 0.97 42.13 23.47
C ALA BA 95 -0.11 41.91 22.43
N THR BA 96 -0.97 40.92 22.69
CA THR BA 96 -2.08 40.63 21.79
C THR BA 96 -3.20 41.65 21.99
N GLN BA 97 -3.98 41.84 20.92
CA GLN BA 97 -5.02 42.86 20.94
C GLN BA 97 -6.07 42.58 22.01
N GLU BA 98 -6.43 41.30 22.20
CA GLU BA 98 -7.38 40.97 23.25
C GLU BA 98 -6.82 41.33 24.63
N GLU BA 99 -5.55 41.04 24.87
CA GLU BA 99 -4.96 41.40 26.15
C GLU BA 99 -4.96 42.91 26.35
N ILE BA 100 -4.63 43.65 25.30
CA ILE BA 100 -4.65 45.10 25.38
C ILE BA 100 -6.06 45.58 25.71
N ASP BA 101 -7.07 45.02 25.04
CA ASP BA 101 -8.45 45.40 25.31
C ASP BA 101 -8.83 45.10 26.75
N ALA BA 102 -8.44 43.93 27.26
CA ALA BA 102 -8.78 43.56 28.63
C ALA BA 102 -8.15 44.51 29.63
N ALA BA 103 -6.88 44.86 29.42
CA ALA BA 103 -6.25 45.83 30.32
C ALA BA 103 -6.92 47.19 30.25
N ILE BA 104 -7.27 47.65 29.04
CA ILE BA 104 -7.92 48.95 28.91
C ILE BA 104 -9.29 48.94 29.57
N SER BA 105 -10.02 47.83 29.47
CA SER BA 105 -11.30 47.69 30.15
C SER BA 105 -11.15 47.50 31.65
N ALA BA 106 -9.96 47.11 32.11
CA ALA BA 106 -9.73 46.91 33.54
C ALA BA 106 -9.00 48.11 34.13
N MET CA 1 -10.21 -3.17 45.96
CA MET CA 1 -9.52 -1.91 46.22
C MET CA 1 -8.02 -2.08 45.99
N ILE CA 2 -7.36 -0.97 45.67
CA ILE CA 2 -5.93 -1.00 45.34
C ILE CA 2 -5.17 -0.16 46.37
N GLU CA 3 -4.03 -0.68 46.80
CA GLU CA 3 -3.11 0.07 47.64
C GLU CA 3 -2.15 0.85 46.78
N LEU CA 4 -1.89 2.11 47.15
CA LEU CA 4 -1.02 2.99 46.40
C LEU CA 4 0.29 3.16 47.17
N GLU CA 5 1.40 2.83 46.53
CA GLU CA 5 2.69 2.94 47.19
C GLU CA 5 3.08 4.40 47.38
N VAL CA 6 3.83 4.67 48.44
CA VAL CA 6 4.40 5.98 48.70
C VAL CA 6 5.91 5.81 48.80
N LEU CA 7 6.65 6.58 48.02
CA LEU CA 7 8.10 6.57 48.09
C LEU CA 7 8.57 7.35 49.32
N ASP CA 8 9.82 7.15 49.69
CA ASP CA 8 10.37 7.85 50.84
C ASP CA 8 10.93 9.21 50.42
N GLU CA 9 10.11 10.00 49.74
CA GLU CA 9 10.52 11.28 49.19
C GLU CA 9 9.58 12.34 49.74
N SER CA 10 10.12 13.50 50.09
CA SER CA 10 9.27 14.57 50.59
C SER CA 10 8.28 15.04 49.54
N LYS CA 11 8.61 14.95 48.26
CA LYS CA 11 7.71 15.38 47.21
C LYS CA 11 7.73 14.35 46.09
N GLN CA 12 6.55 13.88 45.70
CA GLN CA 12 6.44 12.80 44.74
C GLN CA 12 5.16 12.99 43.95
N LYS CA 13 5.10 12.39 42.77
CA LYS CA 13 3.97 12.55 41.87
C LYS CA 13 3.86 11.31 40.99
N PHE CA 14 2.70 10.66 41.00
CA PHE CA 14 2.50 9.53 40.13
C PHE CA 14 1.15 9.64 39.47
N SER CA 15 0.89 8.72 38.55
CA SER CA 15 -0.38 8.68 37.82
C SER CA 15 -0.96 7.28 37.94
N VAL CA 16 -2.28 7.21 37.99
CA VAL CA 16 -3.01 5.96 38.20
C VAL CA 16 -4.31 6.03 37.42
N ILE CA 17 -4.80 4.88 36.99
CA ILE CA 17 -6.06 4.81 36.25
C ILE CA 17 -7.17 4.42 37.24
N LEU CA 18 -8.11 5.33 37.46
CA LEU CA 18 -9.22 5.10 38.38
C LEU CA 18 -10.52 5.34 37.63
N ASN CA 19 -11.39 4.33 37.63
CA ASN CA 19 -12.68 4.41 36.94
C ASN CA 19 -12.51 4.94 35.52
N ASP CA 20 -11.56 4.36 34.79
CA ASP CA 20 -11.28 4.69 33.40
C ASP CA 20 -10.83 6.15 33.25
N ARG CA 21 -10.22 6.72 34.27
CA ARG CA 21 -9.71 8.08 34.22
C ARG CA 21 -8.25 8.10 34.62
N ARG CA 22 -7.43 8.81 33.86
CA ARG CA 22 -6.05 9.05 34.22
C ARG CA 22 -6.02 10.13 35.30
N VAL CA 23 -5.50 9.79 36.47
CA VAL CA 23 -5.48 10.68 37.62
C VAL CA 23 -4.02 10.86 38.03
N THR CA 24 -3.57 12.11 38.09
CA THR CA 24 -2.22 12.43 38.54
C THR CA 24 -2.29 12.94 39.97
N ILE CA 25 -1.66 12.21 40.90
CA ILE CA 25 -1.64 12.56 42.31
C ILE CA 25 -0.24 12.99 42.69
N GLU CA 26 -0.14 14.18 43.26
CA GLU CA 26 1.09 14.71 43.84
C GLU CA 26 0.95 14.65 45.35
N LEU CA 27 1.99 14.19 46.03
CA LEU CA 27 2.08 14.23 47.48
C LEU CA 27 3.29 15.06 47.89
N TRP CA 28 3.10 15.94 48.85
CA TRP CA 28 4.23 16.71 49.36
C TRP CA 28 4.09 16.87 50.86
N TYR CA 29 5.19 16.64 51.55
CA TYR CA 29 5.29 16.79 52.98
C TYR CA 29 5.49 18.25 53.33
N ASN CA 30 4.63 18.75 54.21
CA ASN CA 30 4.78 20.06 54.82
C ASN CA 30 5.44 19.84 56.17
N THR CA 31 6.69 20.27 56.29
CA THR CA 31 7.46 20.08 57.50
C THR CA 31 7.03 20.99 58.64
N THR CA 32 6.52 22.18 58.33
CA THR CA 32 6.22 23.14 59.38
C THR CA 32 5.12 22.62 60.31
N ASN CA 33 4.23 21.77 59.80
CA ASN CA 33 3.23 21.11 60.63
C ASN CA 33 3.46 19.61 60.73
N ASP CA 34 4.42 19.08 59.96
CA ASP CA 34 4.72 17.65 59.96
C ASP CA 34 3.53 16.86 59.42
N ARG CA 35 3.06 17.21 58.22
CA ARG CA 35 1.92 16.52 57.61
C ARG CA 35 2.16 16.29 56.14
N TRP CA 36 1.25 15.54 55.54
CA TRP CA 36 1.29 15.29 54.11
C TRP CA 36 0.11 15.98 53.44
N SER CA 37 0.34 16.52 52.25
CA SER CA 37 -0.70 17.11 51.44
C SER CA 37 -0.68 16.45 50.08
N PHE CA 38 -1.82 16.52 49.38
CA PHE CA 38 -1.87 16.00 48.03
C PHE CA 38 -2.66 16.92 47.12
N SER CA 39 -2.24 16.94 45.86
CA SER CA 39 -2.97 17.55 44.77
C SER CA 39 -3.39 16.45 43.81
N LEU CA 40 -4.51 16.67 43.13
CA LEU CA 40 -5.05 15.71 42.19
C LEU CA 40 -5.46 16.41 40.92
N ALA CA 41 -4.98 15.90 39.79
CA ALA CA 41 -5.33 16.41 38.48
C ALA CA 41 -6.06 15.33 37.69
N LEU CA 42 -7.21 15.68 37.13
CA LEU CA 42 -7.96 14.82 36.23
C LEU CA 42 -7.76 15.30 34.82
N ASP CA 43 -7.15 14.46 34.00
CA ASP CA 43 -6.89 14.76 32.60
C ASP CA 43 -6.20 16.11 32.43
N GLY CA 44 -5.21 16.39 33.28
CA GLY CA 44 -4.35 17.53 33.14
C GLY CA 44 -4.72 18.75 33.96
N ASP CA 45 -5.96 18.84 34.41
CA ASP CA 45 -6.42 19.99 35.18
C ASP CA 45 -6.35 19.66 36.67
N ASN CA 46 -5.54 20.41 37.42
CA ASN CA 46 -5.59 20.32 38.88
C ASN CA 46 -6.99 20.69 39.35
N VAL CA 47 -7.75 19.72 39.82
CA VAL CA 47 -9.05 19.97 40.42
C VAL CA 47 -8.97 20.08 41.93
N VAL CA 48 -8.04 19.37 42.57
CA VAL CA 48 -7.82 19.45 44.00
C VAL CA 48 -6.38 19.89 44.22
N THR CA 49 -6.16 20.76 45.18
CA THR CA 49 -4.83 21.25 45.50
C THR CA 49 -4.73 21.49 46.99
N GLY CA 50 -3.57 21.20 47.56
CA GLY CA 50 -3.29 21.55 48.93
C GLY CA 50 -4.21 20.97 49.97
N ARG CA 51 -4.69 19.75 49.77
CA ARG CA 51 -5.49 19.08 50.80
C ARG CA 51 -4.61 18.19 51.66
N ARG CA 52 -5.07 17.94 52.87
CA ARG CA 52 -4.28 17.20 53.84
C ARG CA 52 -4.67 15.73 53.83
N LEU CA 53 -3.70 14.86 54.08
CA LEU CA 53 -3.97 13.44 54.19
C LEU CA 53 -4.27 13.07 55.63
N VAL CA 54 -5.51 12.66 55.88
CA VAL CA 54 -5.96 12.31 57.23
C VAL CA 54 -6.50 10.89 57.19
N THR CA 55 -6.46 10.21 58.33
CA THR CA 55 -6.85 8.80 58.39
C THR CA 55 -8.34 8.64 58.63
N GLY CA 56 -8.91 7.62 58.00
CA GLY CA 56 -10.24 7.15 58.33
C GLY CA 56 -11.39 7.78 57.58
N VAL CA 57 -11.12 8.68 56.64
CA VAL CA 57 -12.19 9.36 55.92
C VAL CA 57 -11.86 9.41 54.43
N ASP CA 58 -12.91 9.58 53.62
CA ASP CA 58 -12.75 9.73 52.18
C ASP CA 58 -12.31 11.15 51.87
N LEU CA 59 -11.13 11.29 51.26
CA LEU CA 59 -10.56 12.60 51.00
C LEU CA 59 -11.18 13.31 49.81
N LEU CA 60 -11.89 12.58 48.95
CA LEU CA 60 -12.49 13.14 47.75
C LEU CA 60 -13.99 13.38 47.86
N ALA CA 61 -14.58 13.16 49.03
CA ALA CA 61 -16.03 13.29 49.16
C ALA CA 61 -16.55 14.67 48.79
N PRO CA 62 -15.92 15.78 49.18
CA PRO CA 62 -16.48 17.11 48.86
C PRO CA 62 -16.59 17.42 47.38
N PHE CA 63 -15.88 16.69 46.50
CA PHE CA 63 -15.64 17.18 45.15
C PHE CA 63 -16.47 16.50 44.07
N GLY CA 64 -17.02 15.31 44.33
CA GLY CA 64 -17.82 14.67 43.30
C GLY CA 64 -17.08 14.47 42.00
N LEU CA 65 -15.83 14.01 42.08
CA LEU CA 65 -15.01 13.83 40.90
C LEU CA 65 -15.38 12.59 40.08
N GLY CA 66 -16.13 11.66 40.67
CA GLY CA 66 -16.50 10.47 39.95
C GLY CA 66 -15.42 9.43 39.81
N ILE CA 67 -14.39 9.49 40.65
CA ILE CA 67 -13.28 8.54 40.61
C ILE CA 67 -13.20 7.69 41.88
N GLY CA 68 -14.31 7.50 42.56
CA GLY CA 68 -14.32 6.65 43.74
C GLY CA 68 -13.83 7.36 44.98
N ALA CA 69 -13.25 6.57 45.87
CA ALA CA 69 -12.80 7.04 47.17
C ALA CA 69 -11.32 6.75 47.39
N LEU CA 70 -10.64 7.72 47.99
CA LEU CA 70 -9.22 7.64 48.33
C LEU CA 70 -9.10 7.93 49.82
N PHE CA 71 -8.45 7.04 50.57
CA PHE CA 71 -8.44 7.18 52.02
C PHE CA 71 -7.20 6.52 52.63
N LEU CA 72 -6.82 6.97 53.81
CA LEU CA 72 -5.70 6.41 54.55
C LEU CA 72 -6.18 5.50 55.67
N LEU CA 73 -5.35 4.53 56.03
CA LEU CA 73 -5.64 3.60 57.11
C LEU CA 73 -4.37 3.26 57.87
N SER CA 74 -4.53 2.80 59.10
CA SER CA 74 -3.41 2.37 59.92
C SER CA 74 -3.91 1.34 60.94
N GLU CA 75 -2.97 0.69 61.62
CA GLU CA 75 -3.34 -0.35 62.57
C GLU CA 75 -4.21 0.19 63.70
N ASN CA 76 -3.83 1.34 64.27
CA ASN CA 76 -4.56 1.91 65.40
C ASN CA 76 -4.83 3.41 65.22
N GLY CA 77 -4.96 3.88 63.98
CA GLY CA 77 -5.31 5.26 63.78
C GLY CA 77 -4.20 6.26 64.06
N GLU CA 78 -2.95 5.81 64.06
CA GLU CA 78 -1.83 6.73 64.16
C GLU CA 78 -1.80 7.64 62.93
N PRO CA 79 -1.57 8.95 63.12
CA PRO CA 79 -1.68 9.87 61.98
C PRO CA 79 -0.48 9.74 61.05
N PRO CA 80 -0.65 10.05 59.77
CA PRO CA 80 0.43 9.82 58.79
C PRO CA 80 1.54 10.85 58.94
N THR CA 81 2.72 10.36 59.27
CA THR CA 81 3.89 11.19 59.52
C THR CA 81 4.90 10.99 58.40
N ARG CA 82 5.95 11.82 58.42
CA ARG CA 82 7.01 11.70 57.43
C ARG CA 82 7.55 10.28 57.35
N ALA CA 83 7.89 9.69 58.48
CA ALA CA 83 8.42 8.34 58.54
C ALA CA 83 7.34 7.29 58.35
N ASN CA 84 6.14 7.52 58.90
CA ASN CA 84 5.11 6.51 58.89
C ASN CA 84 4.49 6.28 57.52
N LEU CA 85 4.36 7.30 56.68
CA LEU CA 85 3.64 7.06 55.42
C LEU CA 85 4.48 6.24 54.45
N PRO CA 86 5.76 6.53 54.22
CA PRO CA 86 6.56 5.64 53.37
C PRO CA 86 6.69 4.23 53.90
N LEU CA 87 6.87 4.04 55.21
CA LEU CA 87 7.07 2.71 55.77
C LEU CA 87 5.84 1.82 55.65
N GLY CA 88 4.69 2.37 55.34
CA GLY CA 88 3.49 1.55 55.25
C GLY CA 88 2.81 1.32 56.56
N LEU CA 89 3.30 1.91 57.65
CA LEU CA 89 2.53 1.89 58.89
C LEU CA 89 1.24 2.67 58.76
N VAL CA 90 1.16 3.55 57.76
CA VAL CA 90 -0.09 4.14 57.29
C VAL CA 90 -0.13 3.96 55.79
N LYS CA 91 -1.27 3.52 55.28
CA LYS CA 91 -1.39 3.06 53.90
C LYS CA 91 -2.50 3.81 53.19
N LEU CA 92 -2.25 4.13 51.92
CA LEU CA 92 -3.19 4.84 51.07
C LEU CA 92 -3.93 3.83 50.20
N TYR CA 93 -5.26 3.88 50.23
CA TYR CA 93 -6.10 2.92 49.52
C TYR CA 93 -7.11 3.65 48.66
N HIS CA 94 -7.42 3.05 47.51
CA HIS CA 94 -8.47 3.52 46.63
C HIS CA 94 -9.50 2.42 46.45
N ALA CA 95 -10.77 2.77 46.54
CA ALA CA 95 -11.86 1.84 46.33
C ALA CA 95 -12.91 2.49 45.46
N THR CA 96 -13.59 1.68 44.65
CA THR CA 96 -14.61 2.22 43.76
C THR CA 96 -15.92 2.43 44.52
N GLN CA 97 -16.79 3.23 43.90
CA GLN CA 97 -18.12 3.44 44.47
C GLN CA 97 -18.87 2.12 44.55
N GLU CA 98 -18.70 1.25 43.55
CA GLU CA 98 -19.34 -0.06 43.57
C GLU CA 98 -18.88 -0.89 44.75
N GLU CA 99 -17.56 -0.95 44.98
CA GLU CA 99 -17.05 -1.73 46.09
C GLU CA 99 -17.53 -1.17 47.42
N ILE CA 100 -17.53 0.16 47.55
CA ILE CA 100 -18.01 0.78 48.77
C ILE CA 100 -19.48 0.43 49.00
N ASP CA 101 -20.28 0.47 47.93
CA ASP CA 101 -21.69 0.09 48.02
C ASP CA 101 -21.84 -1.35 48.50
N ALA CA 102 -21.10 -2.28 47.89
CA ALA CA 102 -21.24 -3.68 48.26
C ALA CA 102 -20.83 -3.90 49.70
N ALA CA 103 -19.73 -3.28 50.12
CA ALA CA 103 -19.27 -3.41 51.50
C ALA CA 103 -20.30 -2.86 52.49
N ILE CA 104 -20.87 -1.69 52.20
CA ILE CA 104 -21.91 -1.16 53.07
C ILE CA 104 -23.08 -2.15 53.14
N SER CA 105 -23.50 -2.69 52.00
CA SER CA 105 -24.62 -3.62 51.99
C SER CA 105 -24.33 -4.90 52.77
N ALA CA 106 -23.08 -5.33 52.85
CA ALA CA 106 -22.74 -6.53 53.60
C ALA CA 106 -23.29 -6.45 55.03
N MET DA 1 20.87 1.88 -42.47
CA MET DA 1 21.21 0.49 -42.21
C MET DA 1 22.26 0.43 -41.12
N ILE DA 2 22.60 -0.78 -40.67
CA ILE DA 2 23.56 -0.94 -39.58
C ILE DA 2 24.59 -2.00 -39.96
N GLU DA 3 25.74 -1.96 -39.30
CA GLU DA 3 26.77 -2.97 -39.44
C GLU DA 3 26.75 -3.90 -38.23
N LEU DA 4 26.85 -5.20 -38.48
CA LEU DA 4 26.83 -6.20 -37.42
C LEU DA 4 28.25 -6.69 -37.18
N GLU DA 5 28.81 -6.34 -36.03
CA GLU DA 5 30.19 -6.72 -35.71
C GLU DA 5 30.33 -8.24 -35.69
N VAL DA 6 31.48 -8.72 -36.14
CA VAL DA 6 31.80 -10.14 -36.15
C VAL DA 6 33.08 -10.36 -35.35
N LEU DA 7 33.01 -11.24 -34.35
CA LEU DA 7 34.16 -11.55 -33.53
C LEU DA 7 35.10 -12.50 -34.25
N ASP DA 8 36.33 -12.59 -33.74
CA ASP DA 8 37.33 -13.48 -34.31
C ASP DA 8 37.23 -14.85 -33.66
N GLU DA 9 36.07 -15.50 -33.81
CA GLU DA 9 35.83 -16.80 -33.21
C GLU DA 9 35.17 -17.69 -34.26
N SER DA 10 35.59 -18.96 -34.31
CA SER DA 10 35.07 -19.86 -35.34
C SER DA 10 33.59 -20.12 -35.16
N LYS DA 11 33.01 -19.77 -34.01
CA LYS DA 11 31.58 -19.93 -33.79
C LYS DA 11 31.13 -18.91 -32.78
N GLN DA 12 30.17 -18.06 -33.16
CA GLN DA 12 29.72 -16.99 -32.30
C GLN DA 12 28.23 -16.79 -32.48
N LYS DA 13 27.61 -16.17 -31.49
CA LYS DA 13 26.17 -15.96 -31.49
C LYS DA 13 25.88 -14.61 -30.84
N PHE DA 14 24.91 -13.88 -31.39
CA PHE DA 14 24.47 -12.64 -30.80
C PHE DA 14 22.98 -12.46 -31.06
N SER DA 15 22.43 -11.39 -30.50
CA SER DA 15 21.02 -11.08 -30.63
C SER DA 15 20.87 -9.60 -30.97
N VAL DA 16 19.94 -9.30 -31.87
CA VAL DA 16 19.72 -7.92 -32.29
C VAL DA 16 18.23 -7.70 -32.49
N ILE DA 17 17.83 -6.44 -32.36
CA ILE DA 17 16.45 -6.02 -32.59
C ILE DA 17 16.35 -5.55 -34.04
N LEU DA 18 15.81 -6.40 -34.90
CA LEU DA 18 15.64 -6.09 -36.30
C LEU DA 18 14.16 -5.93 -36.59
N ASN DA 19 13.77 -4.74 -37.04
CA ASN DA 19 12.36 -4.39 -37.21
C ASN DA 19 11.57 -4.77 -35.97
N ASP DA 20 12.16 -4.49 -34.81
CA ASP DA 20 11.56 -4.71 -33.51
C ASP DA 20 11.21 -6.16 -33.27
N ARG DA 21 11.99 -7.10 -33.80
CA ARG DA 21 11.92 -8.51 -33.46
C ARG DA 21 13.25 -8.94 -32.86
N ARG DA 22 13.20 -9.86 -31.89
CA ARG DA 22 14.40 -10.48 -31.38
C ARG DA 22 14.92 -11.49 -32.37
N VAL DA 23 16.03 -11.16 -33.04
CA VAL DA 23 16.66 -12.04 -34.01
C VAL DA 23 17.97 -12.50 -33.40
N THR DA 24 18.08 -13.79 -33.13
CA THR DA 24 19.30 -14.41 -32.64
C THR DA 24 20.03 -15.02 -33.83
N ILE DA 25 21.25 -14.58 -34.08
CA ILE DA 25 22.06 -15.05 -35.19
C ILE DA 25 23.20 -15.87 -34.63
N GLU DA 26 23.45 -17.03 -35.23
CA GLU DA 26 24.60 -17.87 -34.92
C GLU DA 26 25.42 -18.06 -36.17
N LEU DA 27 26.64 -17.55 -36.16
CA LEU DA 27 27.60 -17.74 -37.24
C LEU DA 27 28.57 -18.85 -36.86
N TRP DA 28 28.85 -19.74 -37.81
CA TRP DA 28 29.88 -20.75 -37.58
C TRP DA 28 30.65 -21.00 -38.86
N TYR DA 29 31.95 -21.16 -38.69
CA TYR DA 29 32.88 -21.39 -39.78
C TYR DA 29 32.96 -22.87 -40.11
N ASN DA 30 32.86 -23.19 -41.39
CA ASN DA 30 33.02 -24.55 -41.88
C ASN DA 30 34.38 -24.58 -42.54
N THR DA 31 35.35 -25.25 -41.89
CA THR DA 31 36.71 -25.26 -42.37
C THR DA 31 36.86 -26.10 -43.62
N THR DA 32 36.05 -27.14 -43.78
CA THR DA 32 36.23 -28.06 -44.89
C THR DA 32 36.00 -27.34 -46.21
N ASN DA 33 35.02 -26.44 -46.28
CA ASN DA 33 34.85 -25.56 -47.43
C ASN DA 33 35.34 -24.15 -47.16
N ASP DA 34 35.86 -23.88 -45.95
CA ASP DA 34 36.45 -22.57 -45.63
C ASP DA 34 35.46 -21.45 -45.90
N ARG DA 35 34.30 -21.54 -45.28
CA ARG DA 35 33.24 -20.58 -45.55
C ARG DA 35 32.39 -20.41 -44.30
N TRP DA 36 31.78 -19.24 -44.17
CA TRP DA 36 30.98 -18.94 -42.99
C TRP DA 36 29.53 -19.31 -43.24
N SER DA 37 28.81 -19.63 -42.17
CA SER DA 37 27.41 -20.02 -42.28
C SER DA 37 26.64 -19.38 -41.13
N PHE DA 38 25.34 -19.19 -41.34
CA PHE DA 38 24.52 -18.57 -40.31
C PHE DA 38 23.19 -19.31 -40.15
N SER DA 39 22.80 -19.43 -38.89
CA SER DA 39 21.44 -19.79 -38.51
C SER DA 39 20.77 -18.58 -37.88
N LEU DA 40 19.48 -18.42 -38.17
CA LEU DA 40 18.71 -17.30 -37.68
C LEU DA 40 17.49 -17.84 -36.95
N ALA DA 41 17.30 -17.39 -35.71
CA ALA DA 41 16.13 -17.75 -34.92
C ALA DA 41 15.36 -16.49 -34.57
N LEU DA 42 14.06 -16.52 -34.83
CA LEU DA 42 13.18 -15.39 -34.56
C LEU DA 42 12.48 -15.62 -33.24
N ASP DA 43 12.88 -14.88 -32.21
CA ASP DA 43 12.20 -14.91 -30.94
C ASP DA 43 12.25 -16.30 -30.31
N GLY DA 44 13.37 -17.00 -30.48
CA GLY DA 44 13.56 -18.32 -29.90
C GLY DA 44 13.25 -19.47 -30.83
N ASP DA 45 12.58 -19.21 -31.95
CA ASP DA 45 12.23 -20.24 -32.91
C ASP DA 45 13.27 -20.22 -34.03
N ASN DA 46 13.90 -21.37 -34.28
CA ASN DA 46 14.89 -21.48 -35.35
C ASN DA 46 14.19 -21.53 -36.70
N VAL DA 47 14.35 -20.46 -37.49
CA VAL DA 47 13.69 -20.36 -38.78
C VAL DA 47 14.64 -20.62 -39.95
N VAL DA 48 15.91 -20.23 -39.84
CA VAL DA 48 16.91 -20.48 -40.87
C VAL DA 48 18.09 -21.17 -40.20
N THR DA 49 18.58 -22.23 -40.82
CA THR DA 49 19.66 -23.01 -40.23
C THR DA 49 20.62 -23.42 -41.34
N GLY DA 50 21.90 -23.12 -41.14
CA GLY DA 50 22.93 -23.59 -42.04
C GLY DA 50 22.99 -22.92 -43.39
N ARG DA 51 22.75 -21.61 -43.47
CA ARG DA 51 22.88 -20.93 -44.74
C ARG DA 51 24.30 -20.41 -44.94
N ARG DA 52 24.69 -20.30 -46.20
CA ARG DA 52 26.02 -19.84 -46.53
C ARG DA 52 26.06 -18.32 -46.53
N LEU DA 53 27.09 -17.75 -45.91
CA LEU DA 53 27.32 -16.32 -46.02
C LEU DA 53 28.02 -15.99 -47.34
N VAL DA 54 27.28 -15.37 -48.26
CA VAL DA 54 27.79 -15.00 -49.57
C VAL DA 54 27.65 -13.50 -49.76
N THR DA 55 28.63 -12.90 -50.43
CA THR DA 55 28.60 -11.46 -50.65
C THR DA 55 27.70 -11.12 -51.83
N GLY DA 56 27.07 -9.94 -51.75
CA GLY DA 56 26.37 -9.38 -52.89
C GLY DA 56 24.97 -9.88 -53.13
N VAL DA 57 24.32 -10.48 -52.13
CA VAL DA 57 22.94 -10.91 -52.27
C VAL DA 57 22.26 -10.80 -50.92
N ASP DA 58 20.95 -10.64 -50.94
CA ASP DA 58 20.17 -10.66 -49.71
C ASP DA 58 20.04 -12.09 -49.23
N LEU DA 59 20.50 -12.36 -48.00
CA LEU DA 59 20.55 -13.71 -47.50
C LEU DA 59 19.20 -14.21 -46.99
N LEU DA 60 18.27 -13.30 -46.67
CA LEU DA 60 16.98 -13.68 -46.12
C LEU DA 60 15.84 -13.62 -47.12
N ALA DA 61 16.13 -13.35 -48.40
CA ALA DA 61 15.08 -13.18 -49.38
C ALA DA 61 14.14 -14.36 -49.51
N PRO DA 62 14.62 -15.62 -49.54
CA PRO DA 62 13.72 -16.75 -49.82
C PRO DA 62 12.65 -16.97 -48.76
N PHE DA 63 12.82 -16.43 -47.55
CA PHE DA 63 12.06 -16.88 -46.40
C PHE DA 63 10.88 -15.98 -46.05
N GLY DA 64 10.90 -14.72 -46.49
CA GLY DA 64 9.79 -13.84 -46.13
C GLY DA 64 9.59 -13.72 -44.65
N LEU DA 65 10.69 -13.62 -43.89
CA LEU DA 65 10.60 -13.49 -42.44
C LEU DA 65 10.13 -12.10 -42.01
N GLY DA 66 10.14 -11.13 -42.91
CA GLY DA 66 9.73 -9.78 -42.55
C GLY DA 66 10.64 -9.07 -41.58
N ILE DA 67 11.96 -9.28 -41.67
CA ILE DA 67 12.92 -8.63 -40.79
C ILE DA 67 13.99 -7.89 -41.59
N GLY DA 68 13.67 -7.43 -42.79
CA GLY DA 68 14.63 -6.67 -43.57
C GLY DA 68 15.61 -7.55 -44.31
N ALA DA 69 16.60 -6.90 -44.91
CA ALA DA 69 17.63 -7.56 -45.68
C ALA DA 69 18.92 -7.64 -44.89
N LEU DA 70 19.62 -8.76 -45.04
CA LEU DA 70 20.88 -9.01 -44.35
C LEU DA 70 21.91 -9.43 -45.39
N PHE DA 71 22.93 -8.61 -45.61
CA PHE DA 71 23.82 -8.80 -46.75
C PHE DA 71 25.26 -8.48 -46.40
N LEU DA 72 26.18 -9.09 -47.14
CA LEU DA 72 27.62 -8.86 -46.96
C LEU DA 72 28.17 -8.01 -48.09
N LEU DA 73 29.21 -7.24 -47.78
CA LEU DA 73 29.87 -6.40 -48.77
C LEU DA 73 31.39 -6.41 -48.57
N SER DA 74 32.12 -6.29 -49.68
CA SER DA 74 33.56 -6.17 -49.66
C SER DA 74 33.98 -5.25 -50.82
N GLU DA 75 35.13 -4.61 -50.66
CA GLU DA 75 35.53 -3.58 -51.62
C GLU DA 75 35.65 -4.14 -53.03
N ASN DA 76 36.33 -5.28 -53.19
CA ASN DA 76 36.53 -5.87 -54.52
C ASN DA 76 35.79 -7.20 -54.66
N GLY DA 77 34.71 -7.39 -53.92
CA GLY DA 77 33.94 -8.61 -54.07
C GLY DA 77 34.69 -9.87 -53.69
N GLU DA 78 35.52 -9.82 -52.65
CA GLU DA 78 36.12 -11.04 -52.14
C GLU DA 78 35.06 -11.88 -51.43
N PRO DA 79 35.29 -13.19 -51.27
CA PRO DA 79 34.34 -13.98 -50.51
C PRO DA 79 34.73 -14.04 -49.05
N PRO DA 80 33.79 -14.27 -48.15
CA PRO DA 80 34.08 -14.21 -46.71
C PRO DA 80 34.88 -15.42 -46.26
N THR DA 81 36.00 -15.18 -45.60
CA THR DA 81 36.94 -16.19 -45.16
C THR DA 81 37.12 -16.10 -43.64
N ARG DA 82 37.69 -17.16 -43.08
CA ARG DA 82 37.98 -17.19 -41.65
C ARG DA 82 38.70 -15.93 -41.19
N ALA DA 83 39.69 -15.49 -41.96
CA ALA DA 83 40.44 -14.30 -41.58
C ALA DA 83 39.74 -13.03 -42.03
N ASN DA 84 39.16 -13.04 -43.22
CA ASN DA 84 38.66 -11.81 -43.82
C ASN DA 84 37.38 -11.31 -43.20
N LEU DA 85 36.52 -12.18 -42.68
CA LEU DA 85 35.26 -11.67 -42.13
C LEU DA 85 35.47 -10.95 -40.80
N PRO DA 86 36.16 -11.52 -39.81
CA PRO DA 86 36.40 -10.77 -38.56
C PRO DA 86 37.22 -9.50 -38.75
N LEU DA 87 38.15 -9.46 -39.71
CA LEU DA 87 38.99 -8.28 -39.87
C LEU DA 87 38.24 -7.07 -40.41
N GLY DA 88 37.00 -7.24 -40.87
CA GLY DA 88 36.29 -6.12 -41.43
C GLY DA 88 36.58 -5.86 -42.89
N LEU DA 89 37.34 -6.74 -43.54
CA LEU DA 89 37.48 -6.66 -44.99
C LEU DA 89 36.21 -7.11 -45.69
N VAL DA 90 35.36 -7.86 -44.99
CA VAL DA 90 34.01 -8.17 -45.43
C VAL DA 90 33.08 -7.78 -44.29
N LYS DA 91 32.09 -6.94 -44.59
CA LYS DA 91 31.21 -6.37 -43.60
C LYS DA 91 29.80 -6.90 -43.75
N LEU DA 92 29.18 -7.21 -42.63
CA LEU DA 92 27.80 -7.68 -42.57
C LEU DA 92 26.90 -6.49 -42.24
N TYR DA 93 25.82 -6.35 -43.00
CA TYR DA 93 24.94 -5.20 -42.90
C TYR DA 93 23.49 -5.66 -42.81
N HIS DA 94 22.70 -4.91 -42.07
CA HIS DA 94 21.26 -5.07 -42.07
C HIS DA 94 20.63 -3.78 -42.58
N ALA DA 95 19.82 -3.92 -43.63
CA ALA DA 95 19.10 -2.81 -44.23
C ALA DA 95 17.61 -3.02 -44.04
N THR DA 96 16.93 -1.97 -43.61
CA THR DA 96 15.50 -2.03 -43.41
C THR DA 96 14.77 -1.91 -44.75
N GLN DA 97 13.56 -2.46 -44.80
CA GLN DA 97 12.84 -2.50 -46.06
C GLN DA 97 12.55 -1.10 -46.59
N GLU DA 98 12.16 -0.17 -45.71
CA GLU DA 98 11.94 1.20 -46.16
C GLU DA 98 13.21 1.80 -46.74
N GLU DA 99 14.36 1.54 -46.12
CA GLU DA 99 15.61 2.06 -46.65
C GLU DA 99 15.88 1.49 -48.03
N ILE DA 100 15.62 0.20 -48.22
CA ILE DA 100 15.79 -0.40 -49.53
C ILE DA 100 14.86 0.26 -50.54
N ASP DA 101 13.59 0.47 -50.18
CA ASP DA 101 12.67 1.12 -51.10
C ASP DA 101 13.17 2.52 -51.46
N ALA DA 102 13.64 3.29 -50.48
CA ALA DA 102 14.08 4.65 -50.75
C ALA DA 102 15.27 4.66 -51.68
N ALA DA 103 16.24 3.77 -51.46
CA ALA DA 103 17.39 3.71 -52.36
C ALA DA 103 16.97 3.27 -53.76
N ILE DA 104 16.08 2.29 -53.87
CA ILE DA 104 15.63 1.83 -55.18
C ILE DA 104 14.87 2.93 -55.90
N SER DA 105 14.12 3.75 -55.17
CA SER DA 105 13.43 4.89 -55.77
C SER DA 105 14.36 6.05 -56.10
N ALA DA 106 15.50 6.13 -55.43
CA ALA DA 106 16.42 7.26 -55.63
C ALA DA 106 17.38 6.97 -56.78
N MET EA 1 16.83 41.03 -16.76
CA MET EA 1 17.65 40.19 -17.63
C MET EA 1 18.61 39.36 -16.81
N ILE EA 2 19.19 38.33 -17.43
CA ILE EA 2 20.16 37.47 -16.78
C ILE EA 2 21.47 37.53 -17.53
N GLU EA 3 22.58 37.52 -16.78
CA GLU EA 3 23.90 37.42 -17.36
C GLU EA 3 24.34 35.97 -17.45
N LEU EA 4 24.90 35.58 -18.58
CA LEU EA 4 25.35 34.22 -18.82
C LEU EA 4 26.87 34.18 -18.69
N GLU EA 5 27.37 33.31 -17.82
CA GLU EA 5 28.81 33.18 -17.66
C GLU EA 5 29.42 32.47 -18.87
N VAL EA 6 30.63 32.86 -19.22
CA VAL EA 6 31.42 32.20 -20.25
C VAL EA 6 32.70 31.71 -19.61
N LEU EA 7 32.97 30.41 -19.75
CA LEU EA 7 34.20 29.84 -19.22
C LEU EA 7 35.37 30.15 -20.15
N ASP EA 8 36.58 29.97 -19.63
CA ASP EA 8 37.78 30.28 -20.40
C ASP EA 8 38.19 29.06 -21.22
N GLU EA 9 37.23 28.54 -22.01
CA GLU EA 9 37.43 27.33 -22.79
C GLU EA 9 37.08 27.63 -24.23
N SER EA 10 37.87 27.11 -25.16
CA SER EA 10 37.55 27.33 -26.57
C SER EA 10 36.18 26.80 -26.94
N LYS EA 11 35.76 25.67 -26.37
CA LYS EA 11 34.47 25.08 -26.68
C LYS EA 11 33.77 24.76 -25.37
N GLN EA 12 32.48 25.06 -25.30
CA GLN EA 12 31.71 24.89 -24.07
C GLN EA 12 30.24 24.77 -24.42
N LYS EA 13 29.46 24.32 -23.45
CA LYS EA 13 28.05 24.00 -23.64
C LYS EA 13 27.32 24.03 -22.31
N PHE EA 14 26.31 24.88 -22.19
CA PHE EA 14 25.52 24.89 -20.97
C PHE EA 14 24.05 24.87 -21.35
N SER EA 15 23.20 24.79 -20.33
CA SER EA 15 21.77 24.73 -20.49
C SER EA 15 21.13 25.73 -19.55
N VAL EA 16 20.13 26.45 -20.04
CA VAL EA 16 19.45 27.51 -19.29
C VAL EA 16 17.96 27.42 -19.56
N ILE EA 17 17.17 27.84 -18.59
CA ILE EA 17 15.71 27.87 -18.73
C ILE EA 17 15.30 29.29 -19.08
N LEU EA 18 14.76 29.47 -20.28
CA LEU EA 18 14.34 30.77 -20.79
C LEU EA 18 12.89 30.67 -21.23
N ASN EA 19 12.03 31.54 -20.69
CA ASN EA 19 10.62 31.57 -21.07
C ASN EA 19 10.01 30.17 -20.95
N ASP EA 20 10.36 29.48 -19.86
CA ASP EA 20 9.90 28.14 -19.55
C ASP EA 20 10.34 27.10 -20.59
N ARG EA 21 11.49 27.28 -21.21
CA ARG EA 21 12.02 26.32 -22.16
C ARG EA 21 13.44 25.92 -21.78
N ARG EA 22 13.74 24.64 -21.89
CA ARG EA 22 15.09 24.13 -21.72
C ARG EA 22 15.87 24.44 -22.99
N VAL EA 23 16.90 25.26 -22.88
CA VAL EA 23 17.68 25.71 -24.03
C VAL EA 23 19.12 25.30 -23.81
N THR EA 24 19.72 24.63 -24.79
CA THR EA 24 21.12 24.23 -24.73
C THR EA 24 21.93 25.10 -25.68
N ILE EA 25 22.85 25.88 -25.13
CA ILE EA 25 23.69 26.79 -25.89
C ILE EA 25 25.11 26.30 -25.87
N GLU EA 26 25.70 26.14 -27.05
CA GLU EA 26 27.05 25.64 -27.21
C GLU EA 26 27.88 26.70 -27.94
N LEU EA 27 28.94 27.16 -27.29
CA LEU EA 27 29.83 28.18 -27.83
C LEU EA 27 31.14 27.56 -28.25
N TRP EA 28 31.69 28.00 -29.39
CA TRP EA 28 32.99 27.51 -29.81
C TRP EA 28 33.74 28.61 -30.54
N TYR EA 29 35.02 28.69 -30.25
CA TYR EA 29 35.90 29.71 -30.80
C TYR EA 29 36.44 29.25 -32.14
N ASN EA 30 36.29 30.10 -33.13
CA ASN EA 30 36.91 29.96 -34.45
C ASN EA 30 38.20 30.76 -34.43
N THR EA 31 39.33 30.06 -34.42
CA THR EA 31 40.63 30.71 -34.39
C THR EA 31 41.03 31.31 -35.72
N THR EA 32 40.61 30.71 -36.83
CA THR EA 32 41.03 31.20 -38.14
C THR EA 32 40.60 32.64 -38.33
N ASN EA 33 39.45 33.02 -37.79
CA ASN EA 33 38.95 34.40 -37.88
C ASN EA 33 38.85 35.08 -36.53
N ASP EA 34 39.19 34.38 -35.43
CA ASP EA 34 39.24 34.98 -34.11
C ASP EA 34 37.86 35.44 -33.66
N ARG EA 35 36.91 34.51 -33.58
CA ARG EA 35 35.54 34.86 -33.24
C ARG EA 35 34.88 33.74 -32.46
N TRP EA 36 33.70 34.03 -31.93
CA TRP EA 36 32.92 33.02 -31.24
C TRP EA 36 31.66 32.73 -32.05
N SER EA 37 31.30 31.45 -32.13
CA SER EA 37 30.05 31.04 -32.76
C SER EA 37 29.25 30.27 -31.74
N PHE EA 38 27.93 30.31 -31.88
CA PHE EA 38 27.06 29.58 -30.96
C PHE EA 38 26.02 28.79 -31.73
N SER EA 39 25.72 27.62 -31.20
CA SER EA 39 24.62 26.78 -31.63
C SER EA 39 23.61 26.73 -30.50
N LEU EA 40 22.33 26.67 -30.85
CA LEU EA 40 21.26 26.67 -29.88
C LEU EA 40 20.30 25.54 -30.19
N ALA EA 41 19.99 24.74 -29.18
CA ALA EA 41 19.05 23.65 -29.30
C ALA EA 41 17.88 23.90 -28.36
N LEU EA 42 16.66 23.84 -28.90
CA LEU EA 42 15.44 23.90 -28.12
C LEU EA 42 14.90 22.48 -27.99
N ASP EA 43 14.85 21.99 -26.76
CA ASP EA 43 14.30 20.67 -26.47
C ASP EA 43 14.93 19.59 -27.35
N GLY EA 44 16.25 19.65 -27.53
CA GLY EA 44 17.00 18.61 -28.19
C GLY EA 44 17.27 18.87 -29.67
N ASP EA 45 16.47 19.71 -30.32
CA ASP EA 45 16.65 19.99 -31.74
C ASP EA 45 17.52 21.23 -31.90
N ASN EA 46 18.67 21.07 -32.55
CA ASN EA 46 19.49 22.22 -32.91
C ASN EA 46 18.76 23.07 -33.94
N VAL EA 47 18.12 24.14 -33.50
CA VAL EA 47 17.45 25.07 -34.40
C VAL EA 47 18.41 26.10 -34.98
N VAL EA 48 19.42 26.52 -34.22
CA VAL EA 48 20.41 27.49 -34.68
C VAL EA 48 21.76 26.81 -34.60
N THR EA 49 22.60 27.06 -35.60
CA THR EA 49 23.93 26.47 -35.67
C THR EA 49 24.87 27.46 -36.35
N GLY EA 50 26.09 27.54 -35.84
CA GLY EA 50 27.14 28.29 -36.51
C GLY EA 50 26.88 29.77 -36.67
N ARG EA 51 26.38 30.45 -35.64
CA ARG EA 51 26.15 31.87 -35.73
C ARG EA 51 27.15 32.66 -34.91
N ARG EA 52 27.70 33.69 -35.53
CA ARG EA 52 28.72 34.51 -34.90
C ARG EA 52 28.12 35.33 -33.75
N LEU EA 53 28.87 35.44 -32.66
CA LEU EA 53 28.48 36.33 -31.58
C LEU EA 53 28.97 37.73 -31.87
N VAL EA 54 28.04 38.67 -31.98
CA VAL EA 54 28.34 40.05 -32.33
C VAL EA 54 27.73 40.94 -31.27
N THR EA 55 28.31 42.12 -31.05
CA THR EA 55 27.85 43.00 -29.99
C THR EA 55 26.73 43.91 -30.47
N GLY EA 56 25.81 44.23 -29.56
CA GLY EA 56 24.83 45.28 -29.75
C GLY EA 56 23.56 44.89 -30.46
N VAL EA 57 23.36 43.61 -30.79
CA VAL EA 57 22.19 43.21 -31.56
C VAL EA 57 21.60 41.93 -30.96
N ASP EA 58 20.32 41.71 -31.24
CA ASP EA 58 19.64 40.49 -30.81
C ASP EA 58 19.99 39.35 -31.77
N LEU EA 59 20.75 38.38 -31.28
CA LEU EA 59 21.22 37.28 -32.11
C LEU EA 59 20.12 36.32 -32.53
N LEU EA 60 18.95 36.38 -31.90
CA LEU EA 60 17.86 35.46 -32.19
C LEU EA 60 16.72 36.08 -33.00
N ALA EA 61 16.83 37.35 -33.36
CA ALA EA 61 15.72 38.01 -34.05
C ALA EA 61 15.29 37.30 -35.33
N PRO EA 62 16.19 36.81 -36.17
CA PRO EA 62 15.76 36.18 -37.43
C PRO EA 62 14.89 34.95 -37.28
N PHE EA 63 14.89 34.29 -36.11
CA PHE EA 63 14.41 32.91 -36.02
C PHE EA 63 13.04 32.78 -35.37
N GLY EA 64 12.57 33.77 -34.62
CA GLY EA 64 11.25 33.65 -34.01
C GLY EA 64 11.11 32.45 -33.11
N LEU EA 65 12.10 32.22 -32.25
CA LEU EA 65 12.09 31.06 -31.37
C LEU EA 65 11.18 31.23 -30.16
N GLY EA 66 10.77 32.45 -29.83
CA GLY EA 66 9.90 32.67 -28.70
C GLY EA 66 10.57 32.57 -27.34
N ILE EA 67 11.89 32.67 -27.29
CA ILE EA 67 12.63 32.60 -26.04
C ILE EA 67 13.31 33.92 -25.70
N GLY EA 68 12.82 35.02 -26.25
CA GLY EA 68 13.39 36.32 -25.94
C GLY EA 68 14.60 36.65 -26.79
N ALA EA 69 15.51 37.40 -26.17
CA ALA EA 69 16.66 37.96 -26.86
C ALA EA 69 17.95 37.58 -26.14
N LEU EA 70 18.96 37.24 -26.94
CA LEU EA 70 20.33 37.02 -26.49
C LEU EA 70 21.19 38.07 -27.18
N PHE EA 71 22.05 38.75 -26.41
CA PHE EA 71 22.86 39.81 -27.00
C PHE EA 71 24.13 40.03 -26.19
N LEU EA 72 25.16 40.53 -26.87
CA LEU EA 72 26.43 40.84 -26.24
C LEU EA 72 26.55 42.35 -26.02
N LEU EA 73 27.23 42.72 -24.94
CA LEU EA 73 27.48 44.11 -24.61
C LEU EA 73 28.93 44.29 -24.17
N SER EA 74 29.41 45.53 -24.25
CA SER EA 74 30.73 45.87 -23.75
C SER EA 74 30.75 47.35 -23.41
N GLU EA 75 31.80 47.77 -22.68
CA GLU EA 75 31.88 49.16 -22.23
C GLU EA 75 31.92 50.13 -23.39
N ASN EA 76 32.70 49.81 -24.43
CA ASN EA 76 32.82 50.68 -25.60
C ASN EA 76 32.75 49.92 -26.92
N GLY EA 77 31.91 48.89 -27.00
CA GLY EA 77 31.70 48.23 -28.27
C GLY EA 77 32.88 47.43 -28.79
N GLU EA 78 33.81 47.08 -27.91
CA GLU EA 78 34.92 46.23 -28.32
C GLU EA 78 34.40 44.86 -28.71
N PRO EA 79 34.86 44.29 -29.84
CA PRO EA 79 34.30 43.02 -30.29
C PRO EA 79 34.73 41.88 -29.39
N PRO EA 80 33.94 40.80 -29.33
CA PRO EA 80 34.25 39.71 -28.41
C PRO EA 80 35.37 38.83 -28.97
N THR EA 81 36.48 38.81 -28.25
CA THR EA 81 37.67 38.07 -28.62
C THR EA 81 37.83 36.87 -27.69
N ARG EA 82 38.79 36.01 -28.04
CA ARG EA 82 39.10 34.85 -27.21
C ARG EA 82 39.34 35.24 -25.76
N ALA EA 83 40.17 36.25 -25.52
CA ALA EA 83 40.49 36.70 -24.18
C ALA EA 83 39.37 37.55 -23.59
N ASN EA 84 38.71 38.37 -24.41
CA ASN EA 84 37.72 39.31 -23.89
C ASN EA 84 36.44 38.65 -23.42
N LEU EA 85 35.97 37.58 -24.06
CA LEU EA 85 34.65 37.06 -23.69
C LEU EA 85 34.69 36.32 -22.37
N PRO EA 86 35.64 35.43 -22.10
CA PRO EA 86 35.70 34.82 -20.76
C PRO EA 86 35.95 35.81 -19.64
N LEU EA 87 36.81 36.82 -19.86
CA LEU EA 87 37.13 37.79 -18.83
C LEU EA 87 35.97 38.69 -18.45
N GLY EA 88 34.91 38.72 -19.26
CA GLY EA 88 33.80 39.60 -18.95
C GLY EA 88 33.96 41.01 -19.45
N LEU EA 89 35.05 41.31 -20.16
CA LEU EA 89 35.13 42.61 -20.82
C LEU EA 89 34.03 42.74 -21.87
N VAL EA 90 33.52 41.62 -22.38
CA VAL EA 90 32.31 41.58 -23.18
C VAL EA 90 31.40 40.54 -22.54
N LYS EA 91 30.13 40.89 -22.36
CA LYS EA 91 29.20 40.09 -21.57
C LYS EA 91 28.03 39.63 -22.41
N LEU EA 92 27.49 38.47 -22.06
CA LEU EA 92 26.35 37.86 -22.75
C LEU EA 92 25.12 37.98 -21.86
N TYR EA 93 24.05 38.56 -22.40
CA TYR EA 93 22.84 38.83 -21.64
C TYR EA 93 21.64 38.24 -22.34
N HIS EA 94 20.68 37.77 -21.55
CA HIS EA 94 19.38 37.36 -22.05
C HIS EA 94 18.31 38.25 -21.43
N ALA EA 95 17.37 38.68 -22.25
CA ALA EA 95 16.23 39.47 -21.77
C ALA EA 95 14.96 38.94 -22.41
N THR EA 96 13.87 39.00 -21.68
CA THR EA 96 12.61 38.50 -22.20
C THR EA 96 11.93 39.55 -23.08
N GLN EA 97 10.96 39.09 -23.86
CA GLN EA 97 10.19 40.00 -24.68
C GLN EA 97 9.47 41.03 -23.83
N GLU EA 98 8.96 40.61 -22.66
CA GLU EA 98 8.29 41.54 -21.76
C GLU EA 98 9.23 42.65 -21.30
N GLU EA 99 10.43 42.27 -20.86
CA GLU EA 99 11.39 43.28 -20.40
C GLU EA 99 11.80 44.20 -21.53
N ILE EA 100 12.00 43.64 -22.72
CA ILE EA 100 12.36 44.47 -23.87
C ILE EA 100 11.24 45.46 -24.15
N ASP EA 101 9.99 45.01 -24.10
CA ASP EA 101 8.85 45.90 -24.31
C ASP EA 101 8.80 47.01 -23.27
N ALA EA 102 8.95 46.65 -21.99
CA ALA EA 102 8.88 47.65 -20.94
C ALA EA 102 9.99 48.68 -21.07
N ALA EA 103 11.20 48.21 -21.37
CA ALA EA 103 12.32 49.13 -21.56
C ALA EA 103 12.09 50.07 -22.74
N ILE EA 104 11.58 49.54 -23.85
CA ILE EA 104 11.25 50.43 -24.97
C ILE EA 104 10.22 51.46 -24.54
N SER EA 105 9.17 51.03 -23.83
CA SER EA 105 8.16 51.96 -23.34
C SER EA 105 8.72 53.01 -22.39
N ALA EA 106 9.80 52.71 -21.70
CA ALA EA 106 10.42 53.68 -20.79
C ALA EA 106 10.77 54.97 -21.53
N MET FA 1 18.90 10.01 54.29
CA MET FA 1 18.35 8.67 54.48
C MET FA 1 18.93 8.01 55.72
N ALA FA 2 18.30 8.25 56.87
CA ALA FA 2 18.78 7.68 58.11
C ALA FA 2 18.65 6.16 58.10
N ALA FA 3 19.45 5.51 58.92
CA ALA FA 3 19.44 4.06 58.95
C ALA FA 3 18.09 3.56 59.43
N PRO FA 4 17.47 2.61 58.75
CA PRO FA 4 16.18 2.10 59.21
C PRO FA 4 16.30 1.41 60.55
N SER FA 5 15.20 1.44 61.29
CA SER FA 5 15.14 0.79 62.60
C SER FA 5 14.95 -0.72 62.44
N ARG FA 6 15.61 -1.48 63.31
CA ARG FA 6 15.53 -2.93 63.30
C ARG FA 6 15.13 -3.43 64.69
N ILE FA 7 14.52 -4.60 64.72
CA ILE FA 7 14.14 -5.23 65.97
C ILE FA 7 14.11 -6.74 65.76
N GLY FA 8 14.49 -7.48 66.79
CA GLY FA 8 14.43 -8.92 66.71
C GLY FA 8 14.32 -9.50 68.11
N LEU FA 9 13.96 -10.77 68.17
CA LEU FA 9 13.91 -11.47 69.45
C LEU FA 9 15.30 -11.49 70.07
N ALA FA 10 15.37 -11.14 71.34
CA ALA FA 10 16.63 -11.10 72.06
C ALA FA 10 17.03 -12.51 72.48
N LEU FA 11 18.34 -12.77 72.49
CA LEU FA 11 18.90 -14.02 72.98
C LEU FA 11 19.93 -13.70 74.04
N LYS FA 12 19.84 -14.39 75.18
CA LYS FA 12 20.83 -14.26 76.25
C LYS FA 12 21.32 -15.65 76.62
N LYS FA 13 22.59 -15.73 76.98
CA LYS FA 13 23.19 -17.02 77.34
C LYS FA 13 22.72 -17.43 78.73
N ASN FA 14 22.21 -18.65 78.86
CA ASN FA 14 21.77 -19.18 80.13
C ASN FA 14 22.98 -19.72 80.90
N GLU FA 15 22.72 -20.35 82.05
CA GLU FA 15 23.81 -20.78 82.93
C GLU FA 15 24.65 -21.88 82.31
N GLN FA 16 24.15 -22.54 81.27
CA GLN FA 16 24.93 -23.50 80.51
C GLN FA 16 25.70 -22.85 79.36
N GLY FA 17 25.56 -21.54 79.19
CA GLY FA 17 26.22 -20.83 78.11
C GLY FA 17 25.49 -20.88 76.80
N ILE FA 18 24.26 -21.35 76.78
CA ILE FA 18 23.50 -21.54 75.55
C ILE FA 18 22.53 -20.38 75.40
N ALA FA 19 22.50 -19.77 74.22
CA ALA FA 19 21.70 -18.58 74.00
C ALA FA 19 20.24 -18.96 73.82
N ASP FA 20 19.36 -18.31 74.57
CA ASP FA 20 17.95 -18.66 74.61
C ASP FA 20 17.14 -17.37 74.64
N ILE FA 21 15.86 -17.46 74.26
CA ILE FA 21 14.98 -16.31 74.37
C ILE FA 21 14.79 -15.97 75.83
N TYR FA 22 14.51 -14.70 76.10
CA TYR FA 22 14.54 -14.16 77.44
C TYR FA 22 13.25 -13.36 77.67
N LEU FA 23 12.73 -13.43 78.88
CA LEU FA 23 11.67 -12.53 79.32
C LEU FA 23 12.26 -11.60 80.37
N ASP FA 24 12.19 -10.30 80.10
CA ASP FA 24 12.88 -9.30 80.91
C ASP FA 24 12.18 -9.14 82.26
N ALA FA 25 12.61 -8.16 83.05
CA ALA FA 25 12.15 -8.08 84.43
C ALA FA 25 10.63 -7.91 84.50
N SER FA 26 10.08 -7.04 83.66
CA SER FA 26 8.65 -6.83 83.62
C SER FA 26 7.88 -8.10 83.25
N GLY FA 27 8.55 -9.09 82.68
CA GLY FA 27 7.90 -10.33 82.32
C GLY FA 27 7.47 -10.44 80.88
N ASN FA 28 7.70 -9.41 80.07
CA ASN FA 28 7.38 -9.47 78.66
C ASN FA 28 8.62 -9.79 77.83
N LEU FA 29 8.39 -10.44 76.69
CA LEU FA 29 9.50 -10.88 75.84
C LEU FA 29 10.43 -9.71 75.53
N SER FA 30 11.73 -9.94 75.72
CA SER FA 30 12.71 -8.90 75.48
C SER FA 30 13.10 -8.87 74.01
N MET FA 31 13.01 -7.69 73.41
CA MET FA 31 13.40 -7.48 72.02
C MET FA 31 14.59 -6.53 72.02
N VAL FA 32 15.59 -6.85 71.23
CA VAL FA 32 16.72 -5.95 71.04
C VAL FA 32 16.44 -5.03 69.87
N GLN FA 33 17.06 -3.86 69.91
CA GLN FA 33 16.80 -2.78 68.96
C GLN FA 33 18.07 -2.47 68.17
N ASN FA 34 18.04 -1.34 67.47
CA ASN FA 34 18.85 -1.06 66.29
C ASN FA 34 20.23 -1.68 66.25
N THR FA 35 21.07 -1.45 67.26
CA THR FA 35 22.46 -1.91 67.19
C THR FA 35 22.68 -3.26 67.87
N GLU FA 36 22.08 -3.47 69.04
CA GLU FA 36 22.16 -4.78 69.68
C GLU FA 36 21.47 -5.84 68.83
N ALA FA 37 20.39 -5.48 68.14
CA ALA FA 37 19.76 -6.41 67.22
C ALA FA 37 20.71 -6.81 66.09
N VAL FA 38 21.42 -5.85 65.53
CA VAL FA 38 22.36 -6.17 64.45
C VAL FA 38 23.48 -7.05 64.96
N GLY FA 39 24.00 -6.77 66.15
CA GLY FA 39 25.06 -7.60 66.70
C GLY FA 39 24.60 -9.03 66.94
N GLN FA 40 23.44 -9.21 67.57
CA GLN FA 40 22.93 -10.55 67.81
C GLN FA 40 22.59 -11.28 66.52
N HIS FA 41 22.07 -10.58 65.52
CA HIS FA 41 21.82 -11.21 64.24
C HIS FA 41 23.10 -11.68 63.59
N ALA FA 42 24.17 -10.87 63.66
CA ALA FA 42 25.45 -11.31 63.15
C ALA FA 42 25.94 -12.55 63.86
N ARG FA 43 25.74 -12.62 65.18
CA ARG FA 43 26.12 -13.83 65.92
C ARG FA 43 25.33 -15.04 65.44
N GLN FA 44 24.02 -14.91 65.31
CA GLN FA 44 23.19 -16.00 64.84
C GLN FA 44 23.63 -16.45 63.45
N ARG FA 45 24.08 -15.51 62.63
CA ARG FA 45 24.62 -15.86 61.32
C ARG FA 45 25.93 -16.63 61.43
N LEU FA 46 26.84 -16.16 62.28
CA LEU FA 46 28.12 -16.84 62.43
C LEU FA 46 27.96 -18.25 62.96
N MET FA 47 26.94 -18.50 63.76
CA MET FA 47 26.79 -19.80 64.40
C MET FA 47 26.07 -20.82 63.53
N THR FA 48 25.77 -20.49 62.28
CA THR FA 48 25.07 -21.40 61.38
C THR FA 48 26.07 -22.17 60.54
N TYR FA 49 25.74 -23.41 60.21
CA TYR FA 49 26.58 -24.26 59.39
C TYR FA 49 25.99 -24.37 57.99
N LEU FA 50 26.85 -24.26 56.99
CA LEU FA 50 26.39 -24.22 55.60
C LEU FA 50 25.61 -25.49 55.27
N GLY FA 51 24.45 -25.30 54.64
CA GLY FA 51 23.62 -26.42 54.24
C GLY FA 51 22.75 -27.01 55.34
N GLU FA 52 22.73 -26.39 56.52
CA GLU FA 52 21.98 -26.92 57.65
C GLU FA 52 20.49 -26.65 57.55
N TRP FA 53 20.11 -25.54 56.92
CA TRP FA 53 18.71 -25.12 56.86
C TRP FA 53 18.02 -25.74 55.65
N PHE FA 54 16.94 -26.48 55.90
CA PHE FA 54 16.32 -27.29 54.87
C PHE FA 54 15.65 -26.45 53.78
N LEU FA 55 15.19 -25.25 54.11
CA LEU FA 55 14.57 -24.38 53.12
C LEU FA 55 15.57 -23.57 52.30
N ASN FA 56 16.83 -23.49 52.74
CA ASN FA 56 17.82 -22.71 52.01
C ASN FA 56 19.20 -23.25 52.38
N LYS FA 57 19.75 -24.12 51.54
CA LYS FA 57 21.05 -24.72 51.80
C LYS FA 57 22.19 -23.75 51.52
N ASN FA 58 21.90 -22.57 50.98
CA ASN FA 58 22.93 -21.59 50.69
C ASN FA 58 23.27 -20.69 51.86
N VAL FA 59 22.54 -20.76 52.97
CA VAL FA 59 22.84 -19.96 54.14
C VAL FA 59 23.80 -20.74 55.03
N GLY FA 60 24.49 -20.02 55.91
CA GLY FA 60 25.42 -20.62 56.85
C GLY FA 60 26.85 -20.21 56.57
N VAL FA 61 27.74 -20.72 57.41
CA VAL FA 61 29.17 -20.49 57.31
C VAL FA 61 29.84 -21.81 56.93
N PRO FA 62 30.80 -21.82 56.02
CA PRO FA 62 31.43 -23.10 55.66
C PRO FA 62 32.51 -23.52 56.64
N TRP FA 63 32.14 -23.69 57.91
CA TRP FA 63 33.11 -24.10 58.92
C TRP FA 63 33.74 -25.44 58.56
N LEU FA 64 32.91 -26.45 58.30
CA LEU FA 64 33.41 -27.81 58.13
C LEU FA 64 34.10 -28.01 56.79
N ARG FA 65 34.03 -27.04 55.89
CA ARG FA 65 34.63 -27.20 54.57
C ARG FA 65 36.01 -26.54 54.49
N ASP FA 66 36.24 -25.49 55.29
CA ASP FA 66 37.41 -24.63 55.11
C ASP FA 66 38.34 -24.60 56.32
N LEU FA 67 37.81 -24.49 57.53
CA LEU FA 67 38.63 -24.26 58.71
C LEU FA 67 38.77 -25.46 59.62
N LEU FA 68 37.69 -26.18 59.88
CA LEU FA 68 37.72 -27.29 60.83
C LEU FA 68 38.36 -28.50 60.18
N GLY FA 69 39.58 -28.80 60.58
CA GLY FA 69 40.36 -29.87 59.97
C GLY FA 69 41.84 -29.66 60.20
N LYS FA 70 42.64 -30.27 59.32
CA LYS FA 70 44.09 -30.30 59.46
C LYS FA 70 44.80 -29.16 58.72
N GLY FA 71 44.24 -27.94 58.74
CA GLY FA 71 44.79 -26.90 57.90
C GLY FA 71 44.98 -25.51 58.47
N TYR FA 72 45.39 -25.34 59.73
CA TYR FA 72 45.34 -24.02 60.34
C TYR FA 72 45.95 -22.96 59.44
N ASP FA 73 45.13 -21.99 59.05
CA ASP FA 73 45.54 -20.90 58.18
C ASP FA 73 44.83 -19.62 58.60
N PRO FA 74 45.54 -18.67 59.23
CA PRO FA 74 44.87 -17.45 59.68
C PRO FA 74 44.21 -16.64 58.57
N VAL FA 75 44.77 -16.65 57.36
CA VAL FA 75 44.23 -15.77 56.32
C VAL FA 75 42.83 -16.21 55.91
N LEU FA 76 42.61 -17.50 55.70
CA LEU FA 76 41.29 -17.94 55.29
C LEU FA 76 40.28 -17.77 56.41
N ALA FA 77 40.69 -17.98 57.66
CA ALA FA 77 39.78 -17.76 58.78
C ALA FA 77 39.38 -16.31 58.89
N GLU FA 78 40.35 -15.39 58.77
CA GLU FA 78 40.03 -13.98 58.70
C GLU FA 78 39.03 -13.70 57.59
N ALA FA 79 39.27 -14.23 56.40
CA ALA FA 79 38.39 -13.97 55.27
C ALA FA 79 36.98 -14.47 55.54
N VAL FA 80 36.83 -15.68 56.06
CA VAL FA 80 35.51 -16.27 56.26
C VAL FA 80 34.74 -15.49 57.33
N ILE FA 81 35.40 -15.20 58.46
CA ILE FA 81 34.73 -14.50 59.54
C ILE FA 81 34.35 -13.09 59.12
N LYS FA 82 35.28 -12.37 58.46
CA LYS FA 82 34.97 -11.02 58.01
C LYS FA 82 33.85 -11.03 56.97
N ALA FA 83 33.87 -12.00 56.05
CA ALA FA 83 32.83 -12.05 55.04
C ALA FA 83 31.46 -12.24 55.67
N GLU FA 84 31.33 -13.22 56.58
CA GLU FA 84 30.01 -13.45 57.16
C GLU FA 84 29.56 -12.29 58.04
N ILE FA 85 30.48 -11.69 58.81
CA ILE FA 85 30.08 -10.56 59.64
C ILE FA 85 29.63 -9.39 58.76
N LEU FA 86 30.40 -9.07 57.72
CA LEU FA 86 30.07 -7.93 56.88
C LEU FA 86 28.78 -8.14 56.11
N SER FA 87 28.53 -9.36 55.63
CA SER FA 87 27.30 -9.62 54.90
C SER FA 87 26.06 -9.49 55.77
N THR FA 88 26.21 -9.43 57.09
CA THR FA 88 25.07 -9.13 57.95
C THR FA 88 24.54 -7.77 57.57
N ASP FA 89 23.22 -7.68 57.37
CA ASP FA 89 22.64 -6.41 56.97
C ASP FA 89 22.58 -5.48 58.17
N GLY FA 90 23.03 -4.24 57.99
CA GLY FA 90 23.15 -3.28 59.07
C GLY FA 90 24.57 -3.06 59.54
N VAL FA 91 25.54 -3.77 58.96
CA VAL FA 91 26.96 -3.61 59.28
C VAL FA 91 27.63 -2.86 58.15
N THR FA 92 28.44 -1.87 58.50
CA THR FA 92 29.21 -1.12 57.51
C THR FA 92 30.67 -1.55 57.45
N GLU FA 93 31.34 -1.69 58.59
CA GLU FA 93 32.78 -1.91 58.54
C GLU FA 93 33.23 -2.76 59.71
N ILE FA 94 34.44 -3.31 59.60
CA ILE FA 94 35.17 -3.88 60.71
C ILE FA 94 36.46 -3.09 60.88
N THR FA 95 36.70 -2.58 62.07
CA THR FA 95 37.82 -1.68 62.30
C THR FA 95 39.09 -2.40 62.73
N SER FA 96 38.98 -3.56 63.36
CA SER FA 96 40.13 -4.29 63.84
C SER FA 96 39.78 -5.77 63.90
N PHE FA 97 40.82 -6.60 63.84
CA PHE FA 97 40.66 -8.04 63.80
C PHE FA 97 41.97 -8.68 64.25
N SER FA 98 41.88 -9.61 65.19
CA SER FA 98 43.05 -10.39 65.57
C SER FA 98 42.67 -11.86 65.56
N ILE FA 99 43.63 -12.69 65.19
CA ILE FA 99 43.41 -14.13 65.13
C ILE FA 99 44.66 -14.82 65.65
N ARG FA 100 44.47 -15.85 66.46
CA ARG FA 100 45.58 -16.65 66.95
C ARG FA 100 45.12 -18.09 67.10
N PHE FA 101 46.08 -18.98 67.31
CA PHE FA 101 45.78 -20.41 67.36
C PHE FA 101 46.52 -21.05 68.54
N ASP FA 102 45.75 -21.66 69.42
CA ASP FA 102 46.29 -22.38 70.57
C ASP FA 102 46.42 -23.85 70.18
N GLN FA 103 47.66 -24.30 69.93
CA GLN FA 103 47.89 -25.68 69.54
C GLN FA 103 47.48 -26.66 70.63
N GLY FA 104 47.75 -26.33 71.89
CA GLY FA 104 47.44 -27.25 72.97
C GLY FA 104 45.98 -27.62 72.96
N ARG FA 105 45.11 -26.62 72.82
CA ARG FA 105 43.67 -26.86 72.74
C ARG FA 105 43.20 -27.05 71.31
N ARG FA 106 44.03 -26.74 70.32
CA ARG FA 106 43.60 -26.69 68.92
C ARG FA 106 42.46 -25.70 68.74
N ALA FA 107 42.56 -24.59 69.46
CA ALA FA 107 41.53 -23.57 69.48
C ALA FA 107 41.92 -22.45 68.53
N LEU FA 108 41.00 -22.09 67.64
CA LEU FA 108 41.15 -20.93 66.77
C LEU FA 108 40.41 -19.77 67.40
N GLU FA 109 41.13 -18.72 67.79
CA GLU FA 109 40.56 -17.62 68.56
C GLU FA 109 40.67 -16.33 67.77
N ALA FA 110 39.51 -15.81 67.34
CA ALA FA 110 39.43 -14.50 66.72
C ALA FA 110 38.85 -13.52 67.74
N PHE FA 111 39.57 -12.43 67.96
CA PHE FA 111 39.27 -11.54 69.06
C PHE FA 111 39.65 -10.12 68.66
N ASP FA 112 39.25 -9.17 69.52
CA ASP FA 112 39.47 -7.76 69.23
C ASP FA 112 38.86 -7.39 67.89
N ILE FA 113 37.63 -7.83 67.66
CA ILE FA 113 36.90 -7.53 66.43
C ILE FA 113 35.88 -6.45 66.75
N GLU FA 114 36.10 -5.27 66.20
CA GLU FA 114 35.23 -4.12 66.40
C GLU FA 114 34.42 -3.89 65.14
N VAL FA 115 33.11 -3.75 65.30
CA VAL FA 115 32.20 -3.68 64.16
C VAL FA 115 31.46 -2.35 64.19
N THR FA 116 31.44 -1.66 63.06
CA THR FA 116 30.71 -0.41 62.91
C THR FA 116 29.46 -0.67 62.09
N THR FA 117 28.30 -0.41 62.70
CA THR FA 117 27.00 -0.55 62.07
C THR FA 117 26.59 0.75 61.40
N GLU FA 118 25.41 0.74 60.78
CA GLU FA 118 24.92 1.94 60.14
C GLU FA 118 24.38 2.97 61.12
N TYR FA 119 24.20 2.60 62.38
CA TYR FA 119 23.74 3.53 63.41
C TYR FA 119 24.89 4.27 64.08
N ASP FA 120 26.14 3.94 63.74
CA ASP FA 120 27.29 4.55 64.38
C ASP FA 120 27.26 4.36 65.89
N MET GA 1 18.10 -35.40 43.10
CA MET GA 1 17.75 -36.42 42.12
C MET GA 1 18.48 -37.74 42.41
N ALA GA 2 17.75 -38.86 42.38
CA ALA GA 2 18.33 -40.14 42.75
C ALA GA 2 18.86 -40.87 41.51
N ALA GA 3 19.69 -41.87 41.77
CA ALA GA 3 20.18 -42.73 40.69
C ALA GA 3 19.06 -43.66 40.25
N PRO GA 4 18.68 -43.64 38.97
CA PRO GA 4 17.66 -44.57 38.49
C PRO GA 4 18.11 -46.02 38.64
N SER GA 5 17.15 -46.88 38.92
CA SER GA 5 17.39 -48.31 39.07
C SER GA 5 17.75 -48.94 37.74
N ARG GA 6 18.68 -49.90 37.78
CA ARG GA 6 19.15 -50.58 36.59
C ARG GA 6 19.07 -52.08 36.81
N ILE GA 7 18.90 -52.82 35.72
CA ILE GA 7 18.73 -54.26 35.78
C ILE GA 7 19.23 -54.85 34.47
N GLY GA 8 19.76 -56.07 34.53
CA GLY GA 8 20.21 -56.77 33.35
C GLY GA 8 20.42 -58.23 33.67
N LEU GA 9 20.56 -59.03 32.61
CA LEU GA 9 20.89 -60.44 32.82
C LEU GA 9 22.23 -60.60 33.50
N ALA GA 10 22.26 -61.46 34.51
CA ALA GA 10 23.48 -61.78 35.22
C ALA GA 10 24.33 -62.72 34.37
N LEU GA 11 25.64 -62.57 34.47
CA LEU GA 11 26.59 -63.49 33.88
C LEU GA 11 27.50 -64.00 34.98
N LYS GA 12 27.60 -65.31 35.11
CA LYS GA 12 28.49 -65.94 36.06
C LYS GA 12 29.47 -66.81 35.28
N LYS GA 13 30.72 -66.85 35.74
CA LYS GA 13 31.73 -67.65 35.06
C LYS GA 13 31.54 -69.13 35.40
N ASN GA 14 31.66 -69.99 34.40
CA ASN GA 14 31.46 -71.42 34.60
C ASN GA 14 32.80 -72.10 34.85
N GLU GA 15 32.82 -73.44 34.76
CA GLU GA 15 34.00 -74.20 35.13
C GLU GA 15 35.18 -73.95 34.20
N GLN GA 16 34.94 -73.44 33.00
CA GLN GA 16 36.00 -73.06 32.08
C GLN GA 16 36.33 -71.58 32.16
N GLY GA 17 35.70 -70.84 33.07
CA GLY GA 17 35.94 -69.43 33.19
C GLY GA 17 35.26 -68.56 32.16
N ILE GA 18 34.30 -69.11 31.43
CA ILE GA 18 33.54 -68.35 30.43
C ILE GA 18 32.28 -67.84 31.11
N ALA GA 19 31.92 -66.59 30.85
CA ALA GA 19 30.77 -65.99 31.49
C ALA GA 19 29.49 -66.37 30.75
N ASP GA 20 28.51 -66.89 31.50
CA ASP GA 20 27.30 -67.44 30.91
C ASP GA 20 26.12 -67.14 31.81
N ILE GA 21 24.93 -67.23 31.22
CA ILE GA 21 23.69 -67.02 31.96
C ILE GA 21 23.56 -68.04 33.07
N TYR GA 22 22.94 -67.63 34.16
CA TYR GA 22 22.90 -68.40 35.40
C TYR GA 22 21.47 -68.49 35.90
N LEU GA 23 21.16 -69.59 36.57
CA LEU GA 23 19.92 -69.76 37.32
C LEU GA 23 20.22 -69.91 38.80
N ASP GA 24 19.62 -69.04 39.61
CA ASP GA 24 19.88 -69.04 41.04
C ASP GA 24 19.19 -70.24 41.67
N ALA GA 25 19.31 -70.38 43.00
CA ALA GA 25 18.83 -71.59 43.66
C ALA GA 25 17.33 -71.77 43.48
N SER GA 26 16.60 -70.68 43.25
CA SER GA 26 15.17 -70.78 42.99
C SER GA 26 14.87 -71.40 41.64
N GLY GA 27 15.74 -71.22 40.65
CA GLY GA 27 15.53 -71.78 39.33
C GLY GA 27 15.08 -70.78 38.28
N ASN GA 28 14.94 -69.51 38.62
CA ASN GA 28 14.59 -68.49 37.66
C ASN GA 28 15.82 -67.66 37.28
N LEU GA 29 15.80 -67.12 36.07
CA LEU GA 29 16.94 -66.35 35.58
C LEU GA 29 17.36 -65.31 36.62
N SER GA 30 18.66 -65.29 36.92
CA SER GA 30 19.18 -64.30 37.84
C SER GA 30 19.41 -63.00 37.10
N MET GA 31 18.90 -61.91 37.66
CA MET GA 31 19.06 -60.56 37.13
C MET GA 31 19.83 -59.74 38.16
N VAL GA 32 20.85 -59.04 37.73
CA VAL GA 32 21.62 -58.20 38.63
C VAL GA 32 20.94 -56.84 38.77
N GLN GA 33 21.28 -56.14 39.84
CA GLN GA 33 20.66 -54.88 40.23
C GLN GA 33 21.67 -53.75 40.21
N ASN GA 34 21.28 -52.62 40.80
CA ASN GA 34 21.87 -51.31 40.57
C ASN GA 34 23.39 -51.28 40.36
N THR GA 35 24.18 -51.70 41.35
CA THR GA 35 25.62 -51.61 41.21
C THR GA 35 26.23 -52.85 40.60
N GLU GA 36 25.74 -54.04 40.98
CA GLU GA 36 26.18 -55.25 40.31
C GLU GA 36 25.89 -55.19 38.82
N ALA GA 37 24.75 -54.60 38.44
CA ALA GA 37 24.42 -54.46 37.03
C ALA GA 37 25.44 -53.60 36.31
N VAL GA 38 25.82 -52.46 36.89
CA VAL GA 38 26.80 -51.60 36.25
C VAL GA 38 28.16 -52.29 36.17
N GLY GA 39 28.54 -53.02 37.21
CA GLY GA 39 29.81 -53.72 37.17
C GLY GA 39 29.87 -54.76 36.06
N GLN GA 40 28.83 -55.59 35.96
CA GLN GA 40 28.82 -56.58 34.90
C GLN GA 40 28.72 -55.93 33.53
N HIS GA 41 27.97 -54.84 33.40
CA HIS GA 41 27.92 -54.12 32.14
C HIS GA 41 29.28 -53.56 31.78
N ALA GA 42 30.02 -53.02 32.75
CA ALA GA 42 31.35 -52.51 32.47
C ALA GA 42 32.27 -53.61 31.98
N ARG GA 43 32.20 -54.80 32.59
CA ARG GA 43 32.98 -55.92 32.09
C ARG GA 43 32.61 -56.28 30.67
N GLN GA 44 31.31 -56.33 30.37
CA GLN GA 44 30.86 -56.68 29.03
C GLN GA 44 31.28 -55.63 28.01
N ARG GA 45 31.39 -54.38 28.42
CA ARG GA 45 31.91 -53.34 27.54
C ARG GA 45 33.42 -53.48 27.34
N LEU GA 46 34.13 -53.92 28.38
CA LEU GA 46 35.58 -54.06 28.25
C LEU GA 46 35.94 -55.24 27.36
N MET GA 47 35.09 -56.26 27.32
CA MET GA 47 35.40 -57.47 26.58
C MET GA 47 35.03 -57.40 25.08
N THR GA 48 34.67 -56.24 24.56
CA THR GA 48 34.19 -56.13 23.19
C THR GA 48 35.23 -55.46 22.29
N TYR GA 49 35.42 -56.03 21.11
CA TYR GA 49 36.44 -55.57 20.17
C TYR GA 49 35.83 -54.59 19.17
N LEU GA 50 36.54 -53.50 18.91
CA LEU GA 50 36.01 -52.42 18.08
C LEU GA 50 35.68 -52.92 16.67
N GLY GA 51 34.48 -52.59 16.20
CA GLY GA 51 34.03 -53.01 14.89
C GLY GA 51 33.49 -54.42 14.81
N GLU GA 52 33.35 -55.09 15.94
CA GLU GA 52 32.93 -56.49 15.97
C GLU GA 52 31.44 -56.66 15.73
N TRP GA 53 30.63 -55.75 16.23
CA TRP GA 53 29.18 -55.85 16.16
C TRP GA 53 28.67 -55.35 14.82
N PHE GA 54 27.87 -56.18 14.15
CA PHE GA 54 27.47 -55.89 12.78
C PHE GA 54 26.48 -54.74 12.66
N LEU GA 55 25.71 -54.45 13.69
CA LEU GA 55 24.78 -53.33 13.63
C LEU GA 55 25.41 -52.00 14.00
N ASN GA 56 26.57 -52.01 14.66
CA ASN GA 56 27.21 -50.77 15.09
C ASN GA 56 28.71 -51.01 15.13
N LYS GA 57 29.43 -50.44 14.17
CA LYS GA 57 30.87 -50.63 14.07
C LYS GA 57 31.64 -49.64 14.93
N ASN GA 58 30.98 -48.97 15.86
CA ASN GA 58 31.63 -48.00 16.73
C ASN GA 58 31.71 -48.43 18.19
N VAL GA 59 31.00 -49.48 18.58
CA VAL GA 59 31.13 -50.00 19.93
C VAL GA 59 32.34 -50.91 19.98
N GLY GA 60 32.86 -51.12 21.19
CA GLY GA 60 34.04 -51.93 21.41
C GLY GA 60 35.25 -51.08 21.75
N VAL GA 61 36.30 -51.76 22.18
CA VAL GA 61 37.55 -51.14 22.58
C VAL GA 61 38.57 -51.41 21.49
N PRO GA 62 39.47 -50.47 21.21
CA PRO GA 62 40.51 -50.77 20.20
C PRO GA 62 41.68 -51.57 20.79
N TRP GA 63 41.36 -52.76 21.32
CA TRP GA 63 42.41 -53.61 21.85
C TRP GA 63 43.45 -53.91 20.79
N LEU GA 64 43.00 -54.30 19.60
CA LEU GA 64 43.91 -54.71 18.53
C LEU GA 64 44.59 -53.53 17.86
N ARG GA 65 43.92 -52.38 17.76
CA ARG GA 65 44.53 -51.24 17.10
C ARG GA 65 45.60 -50.60 17.97
N ASP GA 66 45.41 -50.57 19.28
CA ASP GA 66 46.25 -49.78 20.17
C ASP GA 66 47.22 -50.60 21.00
N LEU GA 67 46.74 -51.60 21.75
CA LEU GA 67 47.57 -52.25 22.76
C LEU GA 67 48.17 -53.57 22.32
N LEU GA 68 47.38 -54.52 21.86
CA LEU GA 68 47.88 -55.84 21.48
C LEU GA 68 48.86 -55.68 20.32
N GLY GA 69 50.14 -55.95 20.56
CA GLY GA 69 51.17 -55.68 19.56
C GLY GA 69 52.55 -55.63 20.20
N LYS GA 70 53.46 -54.90 19.55
CA LYS GA 70 54.85 -54.83 19.97
C LYS GA 70 55.19 -53.55 20.73
N GLY GA 71 54.27 -53.03 21.53
CA GLY GA 71 54.45 -51.69 22.06
C GLY GA 71 54.13 -51.44 23.53
N TYR GA 72 54.56 -52.29 24.46
CA TYR GA 72 54.13 -52.12 25.84
C TYR GA 72 54.16 -50.66 26.26
N ASP GA 73 53.01 -50.16 26.71
CA ASP GA 73 52.82 -48.74 26.97
C ASP GA 73 51.82 -48.55 28.09
N PRO GA 74 52.25 -48.28 29.32
CA PRO GA 74 51.29 -48.17 30.43
C PRO GA 74 50.38 -46.97 30.34
N VAL GA 75 50.86 -45.82 29.86
CA VAL GA 75 50.01 -44.65 29.80
C VAL GA 75 48.87 -44.86 28.80
N LEU GA 76 49.15 -45.43 27.63
CA LEU GA 76 48.10 -45.63 26.64
C LEU GA 76 47.07 -46.65 27.13
N ALA GA 77 47.53 -47.73 27.77
CA ALA GA 77 46.61 -48.74 28.27
C ALA GA 77 45.74 -48.19 29.38
N GLU GA 78 46.34 -47.44 30.31
CA GLU GA 78 45.59 -46.68 31.30
C GLU GA 78 44.53 -45.80 30.68
N ALA GA 79 44.89 -45.00 29.67
CA ALA GA 79 43.92 -44.12 29.05
C ALA GA 79 42.78 -44.90 28.43
N VAL GA 80 43.08 -45.96 27.68
CA VAL GA 80 42.02 -46.71 27.00
C VAL GA 80 41.09 -47.37 28.01
N ILE GA 81 41.65 -48.05 29.01
CA ILE GA 81 40.81 -48.79 29.95
C ILE GA 81 39.96 -47.85 30.77
N LYS GA 82 40.53 -46.75 31.26
CA LYS GA 82 39.73 -45.79 32.00
C LYS GA 82 38.65 -45.16 31.12
N ALA GA 83 38.97 -44.85 29.87
CA ALA GA 83 37.94 -44.29 29.00
C ALA GA 83 36.77 -45.26 28.89
N GLU GA 84 37.05 -46.54 28.67
CA GLU GA 84 35.96 -47.48 28.48
C GLU GA 84 35.17 -47.73 29.76
N ILE GA 85 35.82 -47.74 30.91
CA ILE GA 85 35.09 -47.92 32.17
C ILE GA 85 34.26 -46.68 32.48
N LEU GA 86 34.83 -45.50 32.30
CA LEU GA 86 34.15 -44.26 32.64
C LEU GA 86 32.98 -43.99 31.71
N SER GA 87 33.05 -44.47 30.46
CA SER GA 87 31.94 -44.25 29.55
C SER GA 87 30.73 -45.10 29.87
N THR GA 88 30.83 -46.04 30.81
CA THR GA 88 29.71 -46.90 31.17
C THR GA 88 28.71 -46.10 31.99
N ASP GA 89 27.44 -46.15 31.61
CA ASP GA 89 26.43 -45.40 32.34
C ASP GA 89 26.35 -45.88 33.78
N GLY GA 90 26.32 -44.94 34.71
CA GLY GA 90 26.29 -45.25 36.12
C GLY GA 90 27.62 -45.16 36.81
N VAL GA 91 28.71 -45.11 36.06
CA VAL GA 91 30.05 -44.97 36.61
C VAL GA 91 30.38 -43.50 36.69
N THR GA 92 30.75 -43.04 37.89
CA THR GA 92 31.13 -41.64 38.09
C THR GA 92 32.65 -41.47 38.15
N GLU GA 93 33.35 -42.26 38.94
CA GLU GA 93 34.78 -42.03 39.11
C GLU GA 93 35.55 -43.33 39.18
N ILE GA 94 36.85 -43.23 38.88
CA ILE GA 94 37.81 -44.31 39.08
C ILE GA 94 38.86 -43.79 40.06
N THR GA 95 38.86 -44.33 41.28
CA THR GA 95 39.66 -43.78 42.35
C THR GA 95 41.08 -44.33 42.39
N SER GA 96 41.33 -45.50 41.83
CA SER GA 96 42.65 -46.12 41.88
C SER GA 96 42.87 -46.89 40.58
N PHE GA 97 44.14 -47.08 40.22
CA PHE GA 97 44.48 -47.81 39.01
C PHE GA 97 45.96 -48.14 39.04
N SER GA 98 46.28 -49.42 38.91
CA SER GA 98 47.67 -49.85 38.83
C SER GA 98 47.82 -50.74 37.61
N ILE GA 99 49.01 -50.72 37.04
CA ILE GA 99 49.26 -51.42 35.78
C ILE GA 99 50.72 -51.85 35.74
N ARG GA 100 50.95 -53.06 35.26
CA ARG GA 100 52.29 -53.60 35.13
C ARG GA 100 52.33 -54.55 33.93
N PHE GA 101 53.52 -55.04 33.63
CA PHE GA 101 53.73 -55.88 32.46
C PHE GA 101 54.74 -56.97 32.79
N ASP GA 102 54.33 -58.22 32.57
CA ASP GA 102 55.21 -59.37 32.71
C ASP GA 102 55.77 -59.71 31.34
N GLN GA 103 57.08 -59.50 31.16
CA GLN GA 103 57.70 -59.77 29.87
C GLN GA 103 57.67 -61.24 29.52
N GLY GA 104 57.87 -62.12 30.49
CA GLY GA 104 57.91 -63.54 30.24
C GLY GA 104 56.64 -64.08 29.63
N ARG GA 105 55.50 -63.70 30.20
CA ARG GA 105 54.21 -64.07 29.63
C ARG GA 105 53.71 -63.05 28.62
N ARG GA 106 54.41 -61.93 28.46
CA ARG GA 106 53.95 -60.84 27.60
C ARG GA 106 52.54 -60.43 28.00
N ALA GA 107 52.33 -60.32 29.31
CA ALA GA 107 51.03 -60.06 29.90
C ALA GA 107 50.96 -58.62 30.39
N LEU GA 108 49.93 -57.91 29.99
CA LEU GA 108 49.63 -56.58 30.50
C LEU GA 108 48.54 -56.72 31.56
N GLU GA 109 48.82 -56.28 32.78
CA GLU GA 109 47.94 -56.51 33.92
C GLU GA 109 47.53 -55.18 34.52
N ALA GA 110 46.23 -54.93 34.56
CA ALA GA 110 45.66 -53.78 35.24
C ALA GA 110 44.89 -54.27 36.47
N PHE GA 111 45.28 -53.77 37.63
CA PHE GA 111 44.71 -54.22 38.90
C PHE GA 111 44.52 -53.00 39.79
N ASP GA 112 43.97 -53.25 40.98
CA ASP GA 112 43.74 -52.18 41.95
C ASP GA 112 42.83 -51.10 41.38
N ILE GA 113 41.90 -51.49 40.51
CA ILE GA 113 40.97 -50.55 39.90
C ILE GA 113 39.74 -50.50 40.80
N GLU GA 114 39.41 -49.31 41.28
CA GLU GA 114 38.24 -49.09 42.12
C GLU GA 114 37.32 -48.12 41.41
N VAL GA 115 36.07 -48.52 41.23
CA VAL GA 115 35.10 -47.74 40.48
C VAL GA 115 33.98 -47.32 41.43
N THR GA 116 33.63 -46.05 41.40
CA THR GA 116 32.52 -45.50 42.17
C THR GA 116 31.40 -45.12 41.22
N THR GA 117 30.22 -45.70 41.44
CA THR GA 117 29.05 -45.48 40.62
C THR GA 117 28.13 -44.44 41.24
N GLU GA 118 27.06 -44.12 40.51
CA GLU GA 118 26.09 -43.14 40.98
C GLU GA 118 25.34 -43.58 42.22
N TYR GA 119 25.29 -44.88 42.50
CA TYR GA 119 24.67 -45.40 43.70
C TYR GA 119 25.56 -45.27 44.92
N ASP GA 120 26.71 -44.62 44.78
CA ASP GA 120 27.65 -44.46 45.88
C ASP GA 120 28.03 -45.83 46.43
N MET HA 1 30.91 -49.47 -0.43
CA MET HA 1 31.12 -49.08 -1.81
C MET HA 1 32.31 -49.84 -2.37
N ALA HA 2 32.03 -51.01 -2.98
CA ALA HA 2 33.09 -51.80 -3.57
C ALA HA 2 33.63 -51.09 -4.80
N ALA HA 3 34.86 -51.44 -5.17
CA ALA HA 3 35.50 -50.77 -6.29
C ALA HA 3 34.76 -51.12 -7.58
N PRO HA 4 34.41 -50.14 -8.40
CA PRO HA 4 33.77 -50.46 -9.68
C PRO HA 4 34.71 -51.24 -10.57
N SER HA 5 34.12 -52.12 -11.39
CA SER HA 5 34.91 -52.89 -12.33
C SER HA 5 35.27 -52.06 -13.55
N ARG HA 6 36.49 -52.26 -14.03
CA ARG HA 6 37.01 -51.54 -15.18
C ARG HA 6 37.41 -52.54 -16.25
N ILE HA 7 37.43 -52.08 -17.50
CA ILE HA 7 37.81 -52.93 -18.62
C ILE HA 7 38.35 -52.03 -19.72
N GLY HA 8 39.31 -52.57 -20.47
CA GLY HA 8 39.85 -51.84 -21.60
C GLY HA 8 40.56 -52.81 -22.52
N LEU HA 9 40.86 -52.32 -23.72
CA LEU HA 9 41.65 -53.09 -24.67
C LEU HA 9 43.02 -53.40 -24.09
N ALA HA 10 43.43 -54.65 -24.22
CA ALA HA 10 44.72 -55.10 -23.72
C ALA HA 10 45.81 -54.78 -24.74
N LEU HA 11 46.98 -54.38 -24.25
CA LEU HA 11 48.16 -54.18 -25.07
C LEU HA 11 49.25 -55.15 -24.62
N LYS HA 12 49.84 -55.85 -25.57
CA LYS HA 12 50.96 -56.73 -25.31
C LYS HA 12 52.11 -56.36 -26.23
N LYS HA 13 53.34 -56.49 -25.73
CA LYS HA 13 54.50 -56.09 -26.51
C LYS HA 13 54.82 -57.15 -27.55
N ASN HA 14 54.93 -56.73 -28.80
CA ASN HA 14 55.27 -57.65 -29.89
C ASN HA 14 56.78 -57.90 -29.87
N GLU HA 15 57.28 -58.59 -30.89
CA GLU HA 15 58.68 -59.00 -30.92
C GLU HA 15 59.62 -57.81 -31.04
N GLN HA 16 59.12 -56.64 -31.39
CA GLN HA 16 59.91 -55.43 -31.47
C GLN HA 16 59.88 -54.63 -30.18
N GLY HA 17 59.17 -55.11 -29.17
CA GLY HA 17 59.03 -54.40 -27.92
C GLY HA 17 57.96 -53.34 -27.90
N ILE HA 18 57.14 -53.26 -28.94
CA ILE HA 18 56.14 -52.22 -29.08
C ILE HA 18 54.78 -52.80 -28.68
N ALA HA 19 54.07 -52.09 -27.82
CA ALA HA 19 52.81 -52.60 -27.28
C ALA HA 19 51.70 -52.44 -28.31
N ASP HA 20 50.97 -53.52 -28.56
CA ASP HA 20 50.00 -53.58 -29.63
C ASP HA 20 48.76 -54.31 -29.17
N ILE HA 21 47.66 -54.07 -29.87
CA ILE HA 21 46.44 -54.83 -29.64
C ILE HA 21 46.68 -56.29 -29.94
N TYR HA 22 46.01 -57.16 -29.19
CA TYR HA 22 46.27 -58.59 -29.21
C TYR HA 22 44.94 -59.33 -29.27
N LEU HA 23 44.95 -60.47 -29.97
CA LEU HA 23 43.84 -61.40 -29.95
C LEU HA 23 44.29 -62.69 -29.30
N ASP HA 24 43.54 -63.13 -28.29
CA ASP HA 24 43.98 -64.21 -27.42
C ASP HA 24 43.88 -65.55 -28.17
N ALA HA 25 44.09 -66.65 -27.45
CA ALA HA 25 44.19 -67.95 -28.11
C ALA HA 25 42.91 -68.30 -28.85
N SER HA 26 41.76 -68.07 -28.22
CA SER HA 26 40.48 -68.35 -28.87
C SER HA 26 40.28 -67.51 -30.12
N GLY HA 27 41.03 -66.44 -30.30
CA GLY HA 27 40.92 -65.59 -31.45
C GLY HA 27 40.03 -64.38 -31.27
N ASN HA 28 39.36 -64.25 -30.14
CA ASN HA 28 38.56 -63.07 -29.89
C ASN HA 28 39.40 -62.00 -29.18
N LEU HA 29 39.05 -60.75 -29.43
CA LEU HA 29 39.85 -59.61 -29.00
C LEU HA 29 40.03 -59.66 -27.48
N SER HA 30 41.27 -59.49 -27.03
CA SER HA 30 41.58 -59.65 -25.62
C SER HA 30 41.37 -58.33 -24.88
N MET HA 31 40.63 -58.40 -23.77
CA MET HA 31 40.36 -57.25 -22.91
C MET HA 31 40.92 -57.56 -21.53
N VAL HA 32 41.52 -56.56 -20.90
CA VAL HA 32 42.02 -56.71 -19.53
C VAL HA 32 40.95 -56.23 -18.56
N GLN HA 33 41.05 -56.71 -17.32
CA GLN HA 33 40.03 -56.53 -16.31
C GLN HA 33 40.59 -55.73 -15.14
N ASN HA 34 39.83 -55.71 -14.06
CA ASN HA 34 39.91 -54.72 -12.99
C ASN HA 34 41.31 -54.19 -12.68
N THR HA 35 42.26 -55.05 -12.35
CA THR HA 35 43.57 -54.59 -11.91
C THR HA 35 44.60 -54.52 -13.03
N GLU HA 36 44.63 -55.52 -13.90
CA GLU HA 36 45.49 -55.45 -15.07
C GLU HA 36 45.09 -54.29 -15.98
N ALA HA 37 43.80 -54.00 -16.06
CA ALA HA 37 43.36 -52.86 -16.84
C ALA HA 37 43.91 -51.56 -16.27
N VAL HA 38 43.86 -51.41 -14.95
CA VAL HA 38 44.39 -50.20 -14.33
C VAL HA 38 45.89 -50.09 -14.54
N GLY HA 39 46.61 -51.20 -14.39
CA GLY HA 39 48.04 -51.17 -14.64
C GLY HA 39 48.39 -50.75 -16.06
N GLN HA 40 47.71 -51.32 -17.04
CA GLN HA 40 47.98 -50.94 -18.42
C GLN HA 40 47.57 -49.50 -18.71
N HIS HA 41 46.46 -49.04 -18.13
CA HIS HA 41 46.09 -47.64 -18.30
C HIS HA 41 47.14 -46.72 -17.69
N ALA HA 42 47.69 -47.08 -16.54
CA ALA HA 42 48.77 -46.31 -15.96
C ALA HA 42 49.98 -46.27 -16.90
N ARG HA 43 50.30 -47.40 -17.53
CA ARG HA 43 51.41 -47.41 -18.50
C ARG HA 43 51.12 -46.49 -19.66
N GLN HA 44 49.91 -46.54 -20.20
CA GLN HA 44 49.55 -45.69 -21.33
C GLN HA 44 49.61 -44.22 -20.95
N ARG HA 45 49.23 -43.89 -19.71
CA ARG HA 45 49.38 -42.52 -19.22
C ARG HA 45 50.83 -42.11 -19.10
N LEU HA 46 51.68 -42.99 -18.56
CA LEU HA 46 53.09 -42.65 -18.42
C LEU HA 46 53.76 -42.45 -19.76
N MET HA 47 53.29 -43.15 -20.80
CA MET HA 47 53.94 -43.13 -22.10
C MET HA 47 53.53 -41.95 -22.96
N THR HA 48 52.69 -41.05 -22.48
CA THR HA 48 52.20 -39.93 -23.26
C THR HA 48 53.03 -38.69 -22.99
N TYR HA 49 53.23 -37.87 -24.01
CA TYR HA 49 53.98 -36.63 -23.90
C TYR HA 49 53.02 -35.45 -23.81
N LEU HA 50 53.31 -34.53 -22.91
CA LEU HA 50 52.42 -33.40 -22.66
C LEU HA 50 52.24 -32.57 -23.94
N GLY HA 51 50.99 -32.24 -24.24
CA GLY HA 51 50.66 -31.43 -25.39
C GLY HA 51 50.59 -32.17 -26.71
N GLU HA 52 50.74 -33.49 -26.68
CA GLU HA 52 50.74 -34.30 -27.91
C GLU HA 52 49.34 -34.51 -28.49
N TRP HA 53 48.34 -34.65 -27.63
CA TRP HA 53 46.97 -34.94 -28.06
C TRP HA 53 46.26 -33.64 -28.42
N PHE HA 54 45.88 -33.54 -29.69
CA PHE HA 54 45.34 -32.30 -30.24
C PHE HA 54 43.98 -31.91 -29.67
N LEU HA 55 43.19 -32.86 -29.19
CA LEU HA 55 41.92 -32.53 -28.55
C LEU HA 55 42.07 -32.13 -27.09
N ASN HA 56 43.22 -32.39 -26.47
CA ASN HA 56 43.43 -32.02 -25.07
C ASN HA 56 44.95 -31.95 -24.87
N LYS HA 57 45.48 -30.73 -24.88
CA LYS HA 57 46.91 -30.52 -24.71
C LYS HA 57 47.31 -30.50 -23.25
N ASN HA 58 46.37 -30.66 -22.33
CA ASN HA 58 46.67 -30.72 -20.91
C ASN HA 58 46.98 -32.11 -20.40
N VAL HA 59 46.79 -33.15 -21.22
CA VAL HA 59 47.12 -34.51 -20.81
C VAL HA 59 48.54 -34.82 -21.24
N GLY HA 60 49.13 -35.83 -20.61
CA GLY HA 60 50.49 -36.25 -20.90
C GLY HA 60 51.42 -35.96 -19.74
N VAL HA 61 52.65 -36.42 -19.90
CA VAL HA 61 53.71 -36.27 -18.90
C VAL HA 61 54.69 -35.23 -19.41
N PRO HA 62 55.16 -34.31 -18.58
CA PRO HA 62 56.09 -33.28 -19.07
C PRO HA 62 57.54 -33.76 -19.14
N TRP HA 63 57.76 -34.86 -19.88
CA TRP HA 63 59.10 -35.42 -19.96
C TRP HA 63 60.08 -34.41 -20.53
N LEU HA 64 59.74 -33.80 -21.66
CA LEU HA 64 60.69 -32.95 -22.38
C LEU HA 64 60.86 -31.59 -21.72
N ARG HA 65 60.01 -31.25 -20.75
CA ARG HA 65 60.12 -29.95 -20.10
C ARG HA 65 60.89 -30.05 -18.78
N ASP HA 66 60.93 -31.22 -18.17
CA ASP HA 66 61.41 -31.37 -16.79
C ASP HA 66 62.63 -32.27 -16.66
N LEU HA 67 62.60 -33.47 -17.24
CA LEU HA 67 63.63 -34.47 -16.99
C LEU HA 67 64.61 -34.65 -18.13
N LEU HA 68 64.13 -34.72 -19.37
CA LEU HA 68 64.99 -34.96 -20.51
C LEU HA 68 65.79 -33.70 -20.80
N GLY HA 69 67.09 -33.74 -20.51
CA GLY HA 69 67.94 -32.59 -20.67
C GLY HA 69 69.21 -32.75 -19.82
N LYS HA 70 69.84 -31.60 -19.53
CA LYS HA 70 71.10 -31.57 -18.81
C LYS HA 70 70.93 -31.42 -17.29
N GLY HA 71 69.95 -32.10 -16.70
CA GLY HA 71 69.66 -31.83 -15.30
C GLY HA 71 69.36 -32.98 -14.37
N TYR HA 72 70.07 -34.11 -14.43
CA TYR HA 72 69.64 -35.28 -13.67
C TYR HA 72 69.32 -34.92 -12.23
N ASP HA 73 68.09 -35.20 -11.82
CA ASP HA 73 67.57 -34.89 -10.49
C ASP HA 73 66.64 -36.01 -10.06
N PRO HA 74 67.04 -36.87 -9.11
CA PRO HA 74 66.11 -37.91 -8.65
C PRO HA 74 64.83 -37.39 -8.04
N VAL HA 75 64.85 -36.26 -7.35
CA VAL HA 75 63.67 -35.82 -6.62
C VAL HA 75 62.54 -35.42 -7.57
N LEU HA 76 62.84 -34.63 -8.58
CA LEU HA 76 61.80 -34.23 -9.53
C LEU HA 76 61.34 -35.41 -10.38
N ALA HA 77 62.25 -36.33 -10.72
CA ALA HA 77 61.85 -37.52 -11.45
C ALA HA 77 60.87 -38.35 -10.64
N GLU HA 78 61.19 -38.62 -9.37
CA GLU HA 78 60.26 -39.32 -8.50
C GLU HA 78 58.93 -38.60 -8.41
N ALA HA 79 58.96 -37.27 -8.26
CA ALA HA 79 57.72 -36.52 -8.16
C ALA HA 79 56.85 -36.67 -9.40
N VAL HA 80 57.45 -36.51 -10.59
CA VAL HA 80 56.69 -36.57 -11.83
C VAL HA 80 56.09 -37.96 -12.02
N ILE HA 81 56.92 -39.00 -11.84
CA ILE HA 81 56.44 -40.37 -12.04
C ILE HA 81 55.36 -40.72 -11.04
N LYS HA 82 55.57 -40.41 -9.76
CA LYS HA 82 54.58 -40.74 -8.74
C LYS HA 82 53.28 -39.99 -8.98
N ALA HA 83 53.35 -38.72 -9.35
CA ALA HA 83 52.13 -37.96 -9.60
C ALA HA 83 51.36 -38.55 -10.76
N GLU HA 84 52.03 -38.89 -11.86
CA GLU HA 84 51.29 -39.42 -13.00
C GLU HA 84 50.71 -40.80 -12.70
N ILE HA 85 51.44 -41.65 -11.97
CA ILE HA 85 50.90 -42.96 -11.63
C ILE HA 85 49.70 -42.81 -10.69
N LEU HA 86 49.82 -41.93 -9.69
CA LEU HA 86 48.76 -41.79 -8.70
C LEU HA 86 47.49 -41.18 -9.31
N SER HA 87 47.64 -40.22 -10.23
CA SER HA 87 46.47 -39.62 -10.84
C SER HA 87 45.66 -40.60 -11.67
N THR HA 88 46.21 -41.76 -12.01
CA THR HA 88 45.44 -42.79 -12.70
C THR HA 88 44.30 -43.23 -11.82
N ASP HA 89 43.10 -43.30 -12.37
CA ASP HA 89 41.95 -43.75 -11.59
C ASP HA 89 42.06 -45.23 -11.32
N GLY HA 90 41.70 -45.64 -10.10
CA GLY HA 90 41.81 -47.01 -9.66
C GLY HA 90 43.06 -47.30 -8.87
N VAL HA 91 43.99 -46.35 -8.80
CA VAL HA 91 45.22 -46.50 -8.04
C VAL HA 91 45.05 -45.79 -6.71
N THR HA 92 45.40 -46.49 -5.63
CA THR HA 92 45.29 -45.95 -4.28
C THR HA 92 46.63 -45.46 -3.75
N GLU HA 93 47.68 -46.26 -3.84
CA GLU HA 93 48.95 -45.88 -3.21
C GLU HA 93 50.13 -46.42 -4.01
N ILE HA 94 51.29 -45.85 -3.74
CA ILE HA 94 52.57 -46.42 -4.15
C ILE HA 94 53.35 -46.72 -2.87
N THR HA 95 53.75 -47.99 -2.71
CA THR HA 95 54.37 -48.42 -1.46
C THR HA 95 55.89 -48.42 -1.50
N SER HA 96 56.49 -48.47 -2.70
CA SER HA 96 57.93 -48.49 -2.82
C SER HA 96 58.33 -47.83 -4.12
N PHE HA 97 59.53 -47.25 -4.14
CA PHE HA 97 60.02 -46.52 -5.29
C PHE HA 97 61.54 -46.44 -5.20
N SER HA 98 62.22 -46.78 -6.29
CA SER HA 98 63.65 -46.59 -6.36
C SER HA 98 63.98 -45.91 -7.68
N ILE HA 99 65.02 -45.09 -7.65
CA ILE HA 99 65.46 -44.37 -8.84
C ILE HA 99 66.98 -44.35 -8.84
N ARG HA 100 67.56 -44.50 -10.02
CA ARG HA 100 69.00 -44.40 -10.17
C ARG HA 100 69.31 -43.92 -11.58
N PHE HA 101 70.56 -43.54 -11.80
CA PHE HA 101 70.96 -42.95 -13.08
C PHE HA 101 72.23 -43.60 -13.55
N ASP HA 102 72.22 -44.10 -14.78
CA ASP HA 102 73.39 -44.67 -15.43
C ASP HA 102 74.01 -43.57 -16.30
N GLN HA 103 75.14 -43.04 -15.84
CA GLN HA 103 75.83 -41.99 -16.58
C GLN HA 103 76.37 -42.48 -17.91
N GLY HA 104 76.83 -43.73 -17.97
CA GLY HA 104 77.35 -44.27 -19.20
C GLY HA 104 76.32 -44.28 -20.29
N ARG HA 105 75.12 -44.78 -19.98
CA ARG HA 105 74.02 -44.80 -20.93
C ARG HA 105 73.19 -43.53 -20.89
N ARG HA 106 73.36 -42.70 -19.86
CA ARG HA 106 72.48 -41.56 -19.61
C ARG HA 106 71.04 -42.01 -19.45
N ALA HA 107 70.88 -43.12 -18.76
CA ALA HA 107 69.59 -43.75 -18.57
C ALA HA 107 69.06 -43.46 -17.17
N LEU HA 108 67.87 -42.90 -17.09
CA LEU HA 108 67.17 -42.70 -15.84
C LEU HA 108 66.28 -43.90 -15.60
N GLU HA 109 66.54 -44.65 -14.52
CA GLU HA 109 65.88 -45.92 -14.28
C GLU HA 109 65.11 -45.84 -12.97
N ALA HA 110 63.78 -45.90 -13.06
CA ALA HA 110 62.91 -46.02 -11.90
C ALA HA 110 62.39 -47.45 -11.83
N PHE HA 111 62.55 -48.07 -10.68
CA PHE HA 111 62.34 -49.51 -10.54
C PHE HA 111 61.89 -49.81 -9.13
N ASP HA 112 61.43 -51.03 -8.92
CA ASP HA 112 60.87 -51.45 -7.64
C ASP HA 112 59.73 -50.54 -7.22
N ILE HA 113 58.86 -50.23 -8.18
CA ILE HA 113 57.69 -49.40 -7.93
C ILE HA 113 56.50 -50.31 -7.72
N GLU HA 114 55.95 -50.27 -6.51
CA GLU HA 114 54.81 -51.09 -6.11
C GLU HA 114 53.58 -50.21 -6.06
N VAL HA 115 52.54 -50.60 -6.78
CA VAL HA 115 51.29 -49.84 -6.84
C VAL HA 115 50.17 -50.69 -6.27
N THR HA 116 49.37 -50.09 -5.39
CA THR HA 116 48.20 -50.73 -4.84
C THR HA 116 46.95 -50.03 -5.37
N THR HA 117 46.08 -50.80 -6.01
CA THR HA 117 44.84 -50.34 -6.60
C THR HA 117 43.69 -50.48 -5.60
N GLU HA 118 42.52 -50.02 -6.01
CA GLU HA 118 41.35 -50.11 -5.14
C GLU HA 118 40.79 -51.52 -5.07
N TYR HA 119 41.27 -52.44 -5.91
CA TYR HA 119 40.88 -53.84 -5.82
C TYR HA 119 41.76 -54.63 -4.86
N ASP HA 120 42.72 -53.98 -4.21
CA ASP HA 120 43.62 -54.67 -3.28
C ASP HA 120 44.38 -55.78 -3.98
N MET IA 1 45.71 -17.93 -32.12
CA MET IA 1 45.50 -16.51 -32.36
C MET IA 1 46.76 -15.88 -32.95
N ALA IA 2 46.98 -16.09 -34.25
CA ALA IA 2 48.22 -15.66 -34.89
C ALA IA 2 48.43 -14.16 -34.74
N ALA IA 3 49.66 -13.73 -35.03
CA ALA IA 3 49.97 -12.31 -35.03
C ALA IA 3 49.34 -11.63 -36.24
N PRO IA 4 48.55 -10.57 -36.05
CA PRO IA 4 47.97 -9.87 -37.20
C PRO IA 4 49.05 -9.26 -38.07
N SER IA 5 48.75 -9.19 -39.37
CA SER IA 5 49.64 -8.58 -40.34
C SER IA 5 49.71 -7.07 -40.14
N ARG IA 6 50.91 -6.52 -40.30
CA ARG IA 6 51.12 -5.08 -40.21
C ARG IA 6 51.81 -4.58 -41.46
N ILE IA 7 51.60 -3.30 -41.74
CA ILE IA 7 52.12 -2.67 -42.95
C ILE IA 7 52.35 -1.20 -42.65
N GLY IA 8 53.37 -0.64 -43.28
CA GLY IA 8 53.65 0.78 -43.14
C GLY IA 8 54.54 1.25 -44.26
N LEU IA 9 54.67 2.57 -44.36
CA LEU IA 9 55.55 3.16 -45.35
C LEU IA 9 57.00 2.82 -45.05
N ALA IA 10 57.71 2.37 -46.07
CA ALA IA 10 59.13 2.07 -45.95
C ALA IA 10 59.93 3.36 -45.87
N LEU IA 11 60.99 3.34 -45.09
CA LEU IA 11 61.96 4.43 -45.03
C LEU IA 11 63.34 3.86 -45.24
N LYS IA 12 64.06 4.39 -46.23
CA LYS IA 12 65.43 3.99 -46.48
C LYS IA 12 66.32 5.21 -46.31
N LYS IA 13 67.53 4.99 -45.81
CA LYS IA 13 68.47 6.10 -45.65
C LYS IA 13 69.07 6.47 -47.00
N ASN IA 14 69.19 7.76 -47.25
CA ASN IA 14 69.70 8.25 -48.54
C ASN IA 14 71.20 8.51 -48.43
N GLU IA 15 71.75 9.24 -49.39
CA GLU IA 15 73.19 9.47 -49.45
C GLU IA 15 73.70 10.28 -48.27
N GLN IA 16 72.85 11.04 -47.60
CA GLN IA 16 73.23 11.80 -46.42
C GLN IA 16 72.94 11.04 -45.14
N GLY IA 17 72.43 9.82 -45.23
CA GLY IA 17 72.11 9.04 -44.05
C GLY IA 17 70.81 9.41 -43.39
N ILE IA 18 69.96 10.18 -44.05
CA ILE IA 18 68.67 10.57 -43.51
C ILE IA 18 67.61 9.66 -44.12
N ALA IA 19 66.63 9.26 -43.31
CA ALA IA 19 65.64 8.28 -43.74
C ALA IA 19 64.50 8.98 -44.48
N ASP IA 20 64.19 8.47 -45.67
CA ASP IA 20 63.19 9.07 -46.53
C ASP IA 20 62.41 7.95 -47.23
N ILE IA 21 61.21 8.28 -47.69
CA ILE IA 21 60.40 7.30 -48.41
C ILE IA 21 61.09 6.96 -49.71
N TYR IA 22 60.83 5.75 -50.21
CA TYR IA 22 61.60 5.15 -51.28
C TYR IA 22 60.67 4.58 -52.34
N LEU IA 23 61.20 4.45 -53.56
CA LEU IA 23 60.54 3.75 -54.65
C LEU IA 23 61.38 2.55 -55.03
N ASP IA 24 60.79 1.35 -55.02
CA ASP IA 24 61.52 0.14 -55.34
C ASP IA 24 61.73 0.05 -56.85
N ALA IA 25 62.34 -1.04 -57.32
CA ALA IA 25 62.70 -1.14 -58.72
C ALA IA 25 61.48 -1.03 -59.62
N SER IA 26 60.34 -1.54 -59.18
CA SER IA 26 59.11 -1.41 -59.94
C SER IA 26 58.68 0.03 -60.13
N GLY IA 27 59.06 0.92 -59.21
CA GLY IA 27 58.65 2.30 -59.27
C GLY IA 27 57.45 2.65 -58.42
N ASN IA 28 56.85 1.67 -57.73
CA ASN IA 28 55.72 1.94 -56.87
C ASN IA 28 56.19 2.17 -55.44
N LEU IA 29 55.41 2.98 -54.71
CA LEU IA 29 55.80 3.36 -53.37
C LEU IA 29 55.96 2.11 -52.50
N SER IA 30 57.16 1.91 -51.98
CA SER IA 30 57.48 0.72 -51.22
C SER IA 30 56.79 0.75 -49.87
N MET IA 31 56.33 -0.41 -49.42
CA MET IA 31 55.68 -0.59 -48.13
C MET IA 31 56.41 -1.73 -47.42
N VAL IA 32 56.62 -1.59 -46.11
CA VAL IA 32 57.23 -2.67 -45.35
C VAL IA 32 56.14 -3.55 -44.75
N GLN IA 33 56.50 -4.78 -44.43
CA GLN IA 33 55.56 -5.80 -43.98
C GLN IA 33 55.97 -6.32 -42.61
N ASN IA 34 55.34 -7.42 -42.20
CA ASN IA 34 55.11 -7.76 -40.80
C ASN IA 34 56.23 -7.40 -39.84
N THR IA 35 57.43 -7.95 -40.03
CA THR IA 35 58.49 -7.78 -39.04
C THR IA 35 59.40 -6.60 -39.33
N GLU IA 36 59.79 -6.39 -40.60
CA GLU IA 36 60.54 -5.18 -40.90
C GLU IA 36 59.71 -3.94 -40.68
N ALA IA 37 58.37 -4.05 -40.78
CA ALA IA 37 57.50 -2.94 -40.43
C ALA IA 37 57.64 -2.58 -38.95
N VAL IA 38 57.62 -3.58 -38.08
CA VAL IA 38 57.77 -3.31 -36.65
C VAL IA 38 59.15 -2.76 -36.34
N GLY IA 39 60.18 -3.25 -37.04
CA GLY IA 39 61.51 -2.72 -36.83
C GLY IA 39 61.63 -1.25 -37.21
N GLN IA 40 61.12 -0.89 -38.39
CA GLN IA 40 61.16 0.51 -38.79
C GLN IA 40 60.31 1.37 -37.88
N HIS IA 41 59.15 0.85 -37.43
CA HIS IA 41 58.34 1.59 -36.49
C HIS IA 41 59.08 1.84 -35.19
N ALA IA 42 59.81 0.84 -34.70
CA ALA IA 42 60.63 1.05 -33.51
C ALA IA 42 61.68 2.13 -33.73
N ARG IA 43 62.25 2.20 -34.93
CA ARG IA 43 63.19 3.28 -35.22
C ARG IA 43 62.52 4.64 -35.14
N GLN IA 44 61.37 4.80 -35.81
CA GLN IA 44 60.69 6.10 -35.77
C GLN IA 44 60.24 6.44 -34.36
N ARG IA 45 59.99 5.43 -33.53
CA ARG IA 45 59.67 5.71 -32.13
C ARG IA 45 60.90 6.17 -31.37
N LEU IA 46 62.06 5.56 -31.62
CA LEU IA 46 63.25 5.92 -30.90
C LEU IA 46 63.73 7.31 -31.28
N MET IA 47 63.44 7.73 -32.50
CA MET IA 47 63.97 9.00 -33.02
C MET IA 47 63.11 10.20 -32.68
N THR IA 48 62.08 10.06 -31.85
CA THR IA 48 61.15 11.14 -31.56
C THR IA 48 61.36 11.70 -30.16
N TYR IA 49 61.38 13.02 -30.05
CA TYR IA 49 61.68 13.71 -28.81
C TYR IA 49 60.39 14.03 -28.06
N LEU IA 50 60.42 13.84 -26.74
CA LEU IA 50 59.21 13.96 -25.93
C LEU IA 50 58.63 15.37 -26.04
N GLY IA 51 57.31 15.44 -26.24
CA GLY IA 51 56.63 16.72 -26.35
C GLY IA 51 56.77 17.40 -27.69
N GLU IA 52 57.33 16.71 -28.69
CA GLU IA 52 57.60 17.31 -29.99
C GLU IA 52 56.35 17.43 -30.85
N TRP IA 53 55.47 16.45 -30.81
CA TRP IA 53 54.29 16.41 -31.66
C TRP IA 53 53.21 17.31 -31.08
N PHE IA 54 52.69 18.20 -31.93
CA PHE IA 54 51.75 19.21 -31.46
C PHE IA 54 50.38 18.63 -31.09
N LEU IA 55 50.01 17.49 -31.65
CA LEU IA 55 48.74 16.88 -31.31
C LEU IA 55 48.81 16.00 -30.06
N ASN IA 56 50.00 15.59 -29.64
CA ASN IA 56 50.15 14.72 -28.48
C ASN IA 56 51.54 14.96 -27.90
N LYS IA 57 51.60 15.67 -26.77
CA LYS IA 57 52.88 15.97 -26.14
C LYS IA 57 53.37 14.83 -25.25
N ASN IA 58 52.70 13.69 -25.27
CA ASN IA 58 53.11 12.55 -24.46
C ASN IA 58 53.86 11.48 -25.25
N VAL IA 59 53.96 11.61 -26.57
CA VAL IA 59 54.77 10.68 -27.36
C VAL IA 59 56.18 11.22 -27.45
N GLY IA 60 57.12 10.33 -27.72
CA GLY IA 60 58.53 10.66 -27.79
C GLY IA 60 59.30 10.11 -26.61
N VAL IA 61 60.60 10.15 -26.74
CA VAL IA 61 61.54 9.66 -25.74
C VAL IA 61 62.07 10.86 -24.98
N PRO IA 62 62.31 10.76 -23.67
CA PRO IA 62 62.91 11.90 -22.97
C PRO IA 62 64.43 11.95 -23.13
N TRP IA 63 64.88 12.01 -24.38
CA TRP IA 63 66.32 12.08 -24.63
C TRP IA 63 66.94 13.28 -23.94
N LEU IA 64 66.32 14.45 -24.09
CA LEU IA 64 66.85 15.69 -23.54
C LEU IA 64 66.66 15.78 -22.03
N ARG IA 65 65.57 15.25 -21.49
CA ARG IA 65 65.33 15.37 -20.06
C ARG IA 65 66.26 14.47 -19.26
N ASP IA 66 66.53 13.26 -19.76
CA ASP IA 66 67.20 12.23 -18.99
C ASP IA 66 68.65 12.01 -19.35
N LEU IA 67 68.96 11.73 -20.62
CA LEU IA 67 70.30 11.27 -20.98
C LEU IA 67 71.21 12.36 -21.50
N LEU IA 68 70.79 13.15 -22.49
CA LEU IA 68 71.65 14.14 -23.12
C LEU IA 68 72.01 15.21 -22.10
N GLY IA 69 73.26 15.26 -21.67
CA GLY IA 69 73.66 16.15 -20.59
C GLY IA 69 75.03 15.76 -20.04
N LYS IA 70 75.24 16.04 -18.76
CA LYS IA 70 76.53 15.84 -18.12
C LYS IA 70 76.59 14.58 -17.25
N GLY IA 71 75.74 13.59 -17.51
CA GLY IA 71 75.52 12.53 -16.55
C GLY IA 71 75.66 11.10 -17.03
N TYR IA 72 76.71 10.76 -17.76
CA TYR IA 72 76.78 9.42 -18.34
C TYR IA 72 76.32 8.36 -17.35
N ASP IA 73 75.37 7.56 -17.77
CA ASP IA 73 74.68 6.63 -16.87
C ASP IA 73 74.16 5.44 -17.68
N PRO IA 74 74.78 4.26 -17.57
CA PRO IA 74 74.32 3.14 -18.40
C PRO IA 74 73.00 2.54 -17.98
N VAL IA 75 72.72 2.42 -16.67
CA VAL IA 75 71.47 1.81 -16.26
C VAL IA 75 70.28 2.64 -16.72
N LEU IA 76 70.34 3.96 -16.56
CA LEU IA 76 69.22 4.80 -16.97
C LEU IA 76 69.01 4.76 -18.47
N ALA IA 77 70.10 4.86 -19.24
CA ALA IA 77 69.97 4.82 -20.70
C ALA IA 77 69.41 3.49 -21.16
N GLU IA 78 69.87 2.40 -20.56
CA GLU IA 78 69.36 1.08 -20.89
C GLU IA 78 67.88 0.98 -20.58
N ALA IA 79 67.45 1.47 -19.42
CA ALA IA 79 66.03 1.45 -19.07
C ALA IA 79 65.19 2.24 -20.06
N VAL IA 80 65.65 3.44 -20.43
CA VAL IA 80 64.87 4.28 -21.33
C VAL IA 80 64.76 3.64 -22.71
N ILE IA 81 65.88 3.17 -23.27
CA ILE IA 81 65.84 2.59 -24.60
C ILE IA 81 65.00 1.32 -24.62
N LYS IA 82 65.14 0.47 -23.59
CA LYS IA 82 64.32 -0.73 -23.54
C LYS IA 82 62.85 -0.39 -23.42
N ALA IA 83 62.50 0.60 -22.60
CA ALA IA 83 61.11 0.98 -22.47
C ALA IA 83 60.54 1.37 -23.83
N GLU IA 84 61.27 2.22 -24.57
CA GLU IA 84 60.77 2.66 -25.85
C GLU IA 84 60.63 1.52 -26.85
N ILE IA 85 61.61 0.61 -26.89
CA ILE IA 85 61.55 -0.47 -27.86
C ILE IA 85 60.44 -1.45 -27.50
N LEU IA 86 60.33 -1.78 -26.20
CA LEU IA 86 59.34 -2.78 -25.77
C LEU IA 86 57.92 -2.26 -25.89
N SER IA 87 57.71 -0.96 -25.75
CA SER IA 87 56.36 -0.45 -25.91
C SER IA 87 55.91 -0.44 -27.36
N THR IA 88 56.80 -0.72 -28.31
CA THR IA 88 56.43 -0.74 -29.72
C THR IA 88 55.52 -1.92 -29.98
N ASP IA 89 54.39 -1.67 -30.65
CA ASP IA 89 53.45 -2.73 -30.95
C ASP IA 89 54.12 -3.79 -31.82
N GLY IA 90 54.01 -5.04 -31.41
CA GLY IA 90 54.59 -6.17 -32.12
C GLY IA 90 55.85 -6.71 -31.49
N VAL IA 91 56.47 -5.96 -30.59
CA VAL IA 91 57.69 -6.40 -29.92
C VAL IA 91 57.30 -7.17 -28.68
N THR IA 92 57.88 -8.37 -28.52
CA THR IA 92 57.67 -9.17 -27.33
C THR IA 92 58.85 -9.11 -26.37
N GLU IA 93 60.08 -9.24 -26.86
CA GLU IA 93 61.21 -9.33 -25.94
C GLU IA 93 62.44 -8.66 -26.51
N ILE IA 94 63.37 -8.33 -25.61
CA ILE IA 94 64.72 -7.90 -25.96
C ILE IA 94 65.69 -8.88 -25.32
N THR IA 95 66.40 -9.65 -26.15
CA THR IA 95 67.21 -10.75 -25.66
C THR IA 95 68.63 -10.34 -25.29
N SER IA 96 69.16 -9.27 -25.87
CA SER IA 96 70.53 -8.84 -25.62
C SER IA 96 70.58 -7.33 -25.67
N PHE IA 97 71.56 -6.75 -24.97
CA PHE IA 97 71.70 -5.30 -24.92
C PHE IA 97 73.07 -4.97 -24.34
N SER IA 98 73.85 -4.20 -25.09
CA SER IA 98 75.14 -3.74 -24.61
C SER IA 98 75.22 -2.23 -24.80
N ILE IA 99 76.01 -1.58 -23.95
CA ILE IA 99 76.05 -0.14 -23.89
C ILE IA 99 77.43 0.29 -23.40
N ARG IA 100 77.94 1.37 -23.97
CA ARG IA 100 79.24 1.91 -23.58
C ARG IA 100 79.27 3.40 -23.88
N PHE IA 101 80.36 4.04 -23.50
CA PHE IA 101 80.49 5.49 -23.63
C PHE IA 101 81.92 5.84 -24.00
N ASP IA 102 82.07 6.55 -25.11
CA ASP IA 102 83.35 7.10 -25.55
C ASP IA 102 83.44 8.53 -25.04
N GLN IA 103 84.32 8.77 -24.07
CA GLN IA 103 84.44 10.12 -23.52
C GLN IA 103 84.98 11.11 -24.54
N GLY IA 104 85.90 10.68 -25.40
CA GLY IA 104 86.47 11.58 -26.38
C GLY IA 104 85.43 12.14 -27.32
N ARG IA 105 84.57 11.29 -27.87
CA ARG IA 105 83.44 11.74 -28.67
C ARG IA 105 82.23 12.09 -27.83
N ARG IA 106 82.25 11.76 -26.53
CA ARG IA 106 81.08 11.89 -25.68
C ARG IA 106 79.89 11.15 -26.28
N ALA IA 107 80.20 10.01 -26.89
CA ALA IA 107 79.23 9.22 -27.63
C ALA IA 107 78.74 8.07 -26.76
N LEU IA 108 77.44 8.05 -26.53
CA LEU IA 108 76.78 6.93 -25.87
C LEU IA 108 76.35 5.94 -26.94
N GLU IA 109 76.82 4.71 -26.85
CA GLU IA 109 76.64 3.72 -27.90
C GLU IA 109 75.91 2.50 -27.32
N ALA IA 110 74.73 2.23 -27.85
CA ALA IA 110 73.98 1.03 -27.51
C ALA IA 110 73.95 0.10 -28.71
N PHE IA 111 74.47 -1.11 -28.51
CA PHE IA 111 74.63 -2.06 -29.59
C PHE IA 111 74.25 -3.44 -29.07
N ASP IA 112 74.38 -4.44 -29.95
CA ASP IA 112 74.08 -5.82 -29.59
C ASP IA 112 72.66 -5.94 -29.04
N ILE IA 113 71.72 -5.24 -29.67
CA ILE IA 113 70.33 -5.27 -29.25
C ILE IA 113 69.60 -6.20 -30.20
N GLU IA 114 69.05 -7.29 -29.66
CA GLU IA 114 68.26 -8.24 -30.42
C GLU IA 114 66.81 -8.16 -29.94
N VAL IA 115 65.91 -7.92 -30.88
CA VAL IA 115 64.50 -7.71 -30.57
C VAL IA 115 63.70 -8.85 -31.20
N THR IA 116 62.83 -9.47 -30.40
CA THR IA 116 61.95 -10.51 -30.86
C THR IA 116 60.53 -10.00 -30.88
N THR IA 117 59.91 -10.06 -32.06
CA THR IA 117 58.53 -9.63 -32.27
C THR IA 117 57.59 -10.81 -32.17
N GLU IA 118 56.29 -10.52 -32.27
CA GLU IA 118 55.28 -11.58 -32.17
C GLU IA 118 55.26 -12.48 -33.40
N TYR IA 119 55.93 -12.10 -34.47
CA TYR IA 119 56.09 -12.94 -35.65
C TYR IA 119 57.22 -13.95 -35.47
N ASP IA 120 57.83 -14.00 -34.30
CA ASP IA 120 58.93 -14.92 -34.02
C ASP IA 120 60.07 -14.71 -35.02
N MET JA 1 46.86 28.15 -20.32
CA MET JA 1 46.40 29.11 -19.32
C MET JA 1 47.51 30.10 -19.00
N ALA JA 2 47.65 31.12 -19.84
CA ALA JA 2 48.69 32.11 -19.63
C ALA JA 2 48.40 32.93 -18.38
N ALA JA 3 49.41 33.61 -17.88
CA ALA JA 3 49.27 34.36 -16.66
C ALA JA 3 48.32 35.54 -16.90
N PRO JA 4 47.31 35.73 -16.06
CA PRO JA 4 46.43 36.88 -16.23
C PRO JA 4 47.18 38.18 -16.01
N SER JA 5 46.70 39.23 -16.67
CA SER JA 5 47.29 40.55 -16.55
C SER JA 5 46.85 41.22 -15.25
N ARG JA 6 47.77 41.96 -14.64
CA ARG JA 6 47.51 42.67 -13.39
C ARG JA 6 47.90 44.13 -13.56
N ILE JA 7 47.29 44.98 -12.74
CA ILE JA 7 47.57 46.41 -12.77
C ILE JA 7 47.23 47.00 -11.42
N GLY JA 8 48.00 47.99 -11.01
CA GLY JA 8 47.75 48.67 -9.76
C GLY JA 8 48.42 50.03 -9.78
N LEU JA 9 48.00 50.90 -8.85
CA LEU JA 9 48.63 52.19 -8.70
C LEU JA 9 50.11 52.02 -8.38
N ALA JA 10 50.94 52.76 -9.09
CA ALA JA 10 52.38 52.70 -8.91
C ALA JA 10 52.78 53.54 -7.72
N LEU JA 11 53.81 53.09 -6.99
CA LEU JA 11 54.39 53.84 -5.89
C LEU JA 11 55.87 54.07 -6.17
N LYS JA 12 56.30 55.31 -6.01
CA LYS JA 12 57.69 55.70 -6.14
C LYS JA 12 58.15 56.40 -4.88
N LYS JA 13 59.38 56.15 -4.46
CA LYS JA 13 59.91 56.75 -3.25
C LYS JA 13 60.28 58.20 -3.51
N ASN JA 14 59.71 59.12 -2.73
CA ASN JA 14 60.01 60.54 -2.88
C ASN JA 14 61.34 60.85 -2.20
N GLU JA 15 61.72 62.12 -2.18
CA GLU JA 15 63.04 62.50 -1.69
C GLU JA 15 63.24 62.18 -0.21
N GLN JA 16 62.15 62.00 0.52
CA GLN JA 16 62.23 61.59 1.92
C GLN JA 16 62.33 60.08 2.09
N GLY JA 17 62.31 59.33 0.98
CA GLY JA 17 62.38 57.88 1.04
C GLY JA 17 61.04 57.20 1.23
N ILE JA 18 59.94 57.94 1.16
CA ILE JA 18 58.61 57.42 1.45
C ILE JA 18 57.89 57.20 0.13
N ALA JA 19 57.30 56.01 -0.04
CA ALA JA 19 56.67 55.65 -1.30
C ALA JA 19 55.30 56.29 -1.43
N ASP JA 20 55.05 56.89 -2.59
CA ASP JA 20 53.85 57.67 -2.81
C ASP JA 20 53.36 57.44 -4.23
N ILE JA 21 52.09 57.75 -4.48
CA ILE JA 21 51.57 57.64 -5.83
C ILE JA 21 52.24 58.69 -6.71
N TYR JA 22 52.42 58.37 -7.97
CA TYR JA 22 53.23 59.14 -8.89
C TYR JA 22 52.47 59.37 -10.18
N LEU JA 23 52.61 60.56 -10.74
CA LEU JA 23 52.12 60.86 -12.08
C LEU JA 23 53.31 61.00 -13.01
N ASP JA 24 53.27 60.29 -14.13
CA ASP JA 24 54.42 60.18 -15.02
C ASP JA 24 54.60 61.48 -15.79
N ALA JA 25 55.50 61.47 -16.78
CA ALA JA 25 55.85 62.71 -17.47
C ALA JA 25 54.65 63.30 -18.19
N SER JA 26 53.85 62.47 -18.84
CA SER JA 26 52.67 62.94 -19.54
C SER JA 26 51.67 63.63 -18.62
N GLY JA 27 51.75 63.38 -17.31
CA GLY JA 27 50.87 63.99 -16.35
C GLY JA 27 49.72 63.11 -15.89
N ASN JA 28 49.58 61.92 -16.45
CA ASN JA 28 48.55 60.99 -16.02
C ASN JA 28 49.13 59.98 -15.03
N LEU JA 29 48.26 59.45 -14.16
CA LEU JA 29 48.70 58.54 -13.11
C LEU JA 29 49.46 57.37 -13.69
N SER JA 30 50.60 57.05 -13.07
CA SER JA 30 51.39 55.91 -13.51
C SER JA 30 50.85 54.65 -12.85
N MET JA 31 50.54 53.65 -13.68
CA MET JA 31 50.09 52.35 -13.23
C MET JA 31 51.16 51.34 -13.63
N VAL JA 32 51.60 50.53 -12.69
CA VAL JA 32 52.52 49.43 -13.01
C VAL JA 32 51.73 48.26 -13.57
N GLN JA 33 52.44 47.39 -14.28
CA GLN JA 33 51.88 46.30 -15.05
C GLN JA 33 52.38 44.97 -14.50
N ASN JA 34 52.13 43.91 -15.26
CA ASN JA 34 52.16 42.53 -14.82
C ASN JA 34 53.22 42.21 -13.76
N THR JA 35 54.49 42.42 -14.05
CA THR JA 35 55.55 42.04 -13.12
C THR JA 35 55.92 43.15 -12.14
N GLU JA 36 55.99 44.40 -12.58
CA GLU JA 36 56.18 45.50 -11.64
C GLU JA 36 55.02 45.58 -10.66
N ALA JA 37 53.80 45.36 -11.13
CA ALA JA 37 52.65 45.37 -10.23
C ALA JA 37 52.81 44.33 -9.14
N VAL JA 38 53.24 43.12 -9.50
CA VAL JA 38 53.41 42.07 -8.50
C VAL JA 38 54.53 42.44 -7.53
N GLY JA 39 55.66 42.95 -8.03
CA GLY JA 39 56.73 43.33 -7.14
C GLY JA 39 56.30 44.38 -6.14
N GLN JA 40 55.63 45.43 -6.61
CA GLN JA 40 55.18 46.48 -5.72
C GLN JA 40 54.11 46.00 -4.75
N HIS JA 41 53.20 45.13 -5.21
CA HIS JA 41 52.22 44.57 -4.28
C HIS JA 41 52.89 43.73 -3.21
N ALA JA 42 53.90 42.95 -3.58
CA ALA JA 42 54.64 42.20 -2.59
C ALA JA 42 55.29 43.11 -1.57
N ARG JA 43 55.82 44.25 -2.02
CA ARG JA 43 56.38 45.22 -1.08
C ARG JA 43 55.32 45.77 -0.14
N GLN JA 44 54.18 46.18 -0.69
CA GLN JA 44 53.11 46.71 0.15
C GLN JA 44 52.63 45.67 1.15
N ARG JA 45 52.70 44.40 0.79
CA ARG JA 45 52.36 43.33 1.71
C ARG JA 45 53.40 43.17 2.82
N LEU JA 46 54.69 43.23 2.45
CA LEU JA 46 55.74 43.13 3.46
C LEU JA 46 55.71 44.30 4.43
N MET JA 47 55.24 45.46 3.98
CA MET JA 47 55.28 46.67 4.79
C MET JA 47 54.13 46.76 5.79
N THR JA 48 53.22 45.80 5.81
CA THR JA 48 52.04 45.86 6.66
C THR JA 48 52.32 45.17 8.00
N TYR JA 49 51.72 45.70 9.07
CA TYR JA 49 51.85 45.12 10.40
C TYR JA 49 50.57 44.37 10.75
N LEU JA 50 50.74 43.15 11.26
CA LEU JA 50 49.60 42.29 11.52
C LEU JA 50 48.61 42.96 12.46
N GLY JA 51 47.32 42.90 12.10
CA GLY JA 51 46.27 43.48 12.90
C GLY JA 51 46.10 44.98 12.75
N GLU JA 52 46.80 45.61 11.81
CA GLU JA 52 46.74 47.05 11.62
C GLU JA 52 45.49 47.50 10.90
N TRP JA 53 44.97 46.69 9.98
CA TRP JA 53 43.82 47.05 9.15
C TRP JA 53 42.53 46.73 9.88
N PHE JA 54 41.66 47.73 10.00
CA PHE JA 54 40.47 47.62 10.84
C PHE JA 54 39.39 46.74 10.25
N LEU JA 55 39.36 46.55 8.94
CA LEU JA 55 38.41 45.65 8.32
C LEU JA 55 38.90 44.21 8.20
N ASN JA 56 40.18 43.96 8.48
CA ASN JA 56 40.73 42.62 8.42
C ASN JA 56 41.98 42.60 9.29
N LYS JA 57 41.86 42.09 10.51
CA LYS JA 57 43.00 42.03 11.41
C LYS JA 57 43.91 40.85 11.10
N ASN JA 58 43.53 40.00 10.15
CA ASN JA 58 44.32 38.84 9.80
C ASN JA 58 45.36 39.12 8.72
N VAL JA 59 45.38 40.31 8.14
CA VAL JA 59 46.37 40.64 7.12
C VAL JA 59 47.58 41.28 7.80
N GLY JA 60 48.73 41.18 7.15
CA GLY JA 60 49.95 41.79 7.62
C GLY JA 60 50.99 40.75 8.01
N VAL JA 61 52.16 41.26 8.37
CA VAL JA 61 53.30 40.45 8.76
C VAL JA 61 53.47 40.56 10.27
N PRO JA 62 53.71 39.46 10.98
CA PRO JA 62 53.88 39.57 12.45
C PRO JA 62 55.27 40.01 12.86
N TRP JA 63 55.66 41.21 12.42
CA TRP JA 63 56.98 41.73 12.76
C TRP JA 63 57.13 41.87 14.27
N LEU JA 64 56.16 42.49 14.92
CA LEU JA 64 56.29 42.80 16.34
C LEU JA 64 56.08 41.58 17.23
N ARG JA 65 55.60 40.47 16.67
CA ARG JA 65 55.36 39.29 17.49
C ARG JA 65 56.53 38.31 17.43
N ASP JA 66 57.28 38.32 16.32
CA ASP JA 66 58.21 37.24 16.02
C ASP JA 66 59.66 37.68 15.91
N LEU JA 67 59.94 38.82 15.29
CA LEU JA 67 61.31 39.23 14.99
C LEU JA 67 61.79 40.43 15.77
N LEU JA 68 60.95 41.46 15.92
CA LEU JA 68 61.37 42.70 16.57
C LEU JA 68 61.39 42.49 18.08
N GLY JA 69 62.58 42.37 18.65
CA GLY JA 69 62.74 42.07 20.07
C GLY JA 69 64.13 41.52 20.33
N LYS JA 70 64.27 40.83 21.46
CA LYS JA 70 65.56 40.35 21.94
C LYS JA 70 65.91 38.95 21.41
N GLY JA 71 65.52 38.63 20.17
CA GLY JA 71 65.63 37.26 19.71
C GLY JA 71 66.25 36.98 18.36
N TYR JA 72 67.36 37.61 17.98
CA TYR JA 72 67.83 37.45 16.61
C TYR JA 72 67.92 35.98 16.20
N ASP JA 73 67.22 35.62 15.13
CA ASP JA 73 67.17 34.26 14.61
C ASP JA 73 67.03 34.28 13.10
N PRO JA 74 68.07 33.94 12.33
CA PRO JA 74 67.93 33.94 10.87
C PRO JA 74 66.84 33.01 10.37
N VAL JA 75 66.64 31.86 10.99
CA VAL JA 75 65.72 30.88 10.43
C VAL JA 75 64.29 31.39 10.43
N LEU JA 76 63.83 31.91 11.56
CA LEU JA 76 62.46 32.41 11.62
C LEU JA 76 62.27 33.63 10.74
N ALA JA 77 63.27 34.52 10.68
CA ALA JA 77 63.15 35.70 9.83
C ALA JA 77 63.03 35.30 8.36
N GLU JA 78 63.88 34.38 7.92
CA GLU JA 78 63.78 33.86 6.56
C GLU JA 78 62.42 33.22 6.32
N ALA JA 79 61.94 32.43 7.26
CA ALA JA 79 60.64 31.78 7.10
C ALA JA 79 59.53 32.81 6.93
N VAL JA 80 59.51 33.84 7.78
CA VAL JA 80 58.45 34.83 7.72
C VAL JA 80 58.49 35.60 6.40
N ILE JA 81 59.69 36.05 6.01
CA ILE JA 81 59.81 36.85 4.81
C ILE JA 81 59.45 36.02 3.58
N LYS JA 82 59.94 34.79 3.50
CA LYS JA 82 59.61 33.93 2.36
C LYS JA 82 58.11 33.65 2.33
N ALA JA 83 57.50 33.38 3.49
CA ALA JA 83 56.07 33.09 3.50
C ALA JA 83 55.27 34.27 2.97
N GLU JA 84 55.58 35.48 3.44
CA GLU JA 84 54.80 36.63 3.00
C GLU JA 84 55.05 36.95 1.53
N ILE JA 85 56.27 36.81 1.05
CA ILE JA 85 56.53 37.06 -0.37
C ILE JA 85 55.81 36.03 -1.23
N LEU JA 86 55.89 34.75 -0.84
CA LEU JA 86 55.30 33.69 -1.64
C LEU JA 86 53.78 33.77 -1.66
N SER JA 87 53.15 34.10 -0.53
CA SER JA 87 51.70 34.19 -0.51
C SER JA 87 51.17 35.28 -1.44
N THR JA 88 52.01 36.21 -1.86
CA THR JA 88 51.59 37.22 -2.82
C THR JA 88 51.12 36.53 -4.09
N ASP JA 89 49.98 36.96 -4.62
CA ASP JA 89 49.47 36.36 -5.85
C ASP JA 89 50.29 36.84 -7.03
N GLY JA 90 50.68 35.91 -7.89
CA GLY JA 90 51.50 36.18 -9.04
C GLY JA 90 52.95 35.79 -8.87
N VAL JA 91 53.36 35.45 -7.65
CA VAL JA 91 54.72 35.01 -7.36
C VAL JA 91 54.75 33.49 -7.39
N THR JA 92 55.74 32.94 -8.09
CA THR JA 92 55.89 31.49 -8.21
C THR JA 92 56.94 30.94 -7.26
N GLU JA 93 58.14 31.52 -7.25
CA GLU JA 93 59.21 30.94 -6.44
C GLU JA 93 60.17 32.02 -5.97
N ILE JA 94 61.00 31.65 -4.99
CA ILE JA 94 62.16 32.44 -4.59
C ILE JA 94 63.39 31.58 -4.84
N THR JA 95 64.32 32.09 -5.64
CA THR JA 95 65.48 31.30 -6.06
C THR JA 95 66.69 31.50 -5.18
N SER JA 96 66.79 32.65 -4.50
CA SER JA 96 67.94 32.94 -3.66
C SER JA 96 67.48 33.76 -2.47
N PHE JA 97 68.23 33.66 -1.37
CA PHE JA 97 67.89 34.37 -0.15
C PHE JA 97 69.11 34.45 0.74
N SER JA 98 69.45 35.65 1.19
CA SER JA 98 70.52 35.82 2.16
C SER JA 98 70.00 36.67 3.31
N ILE JA 99 70.48 36.37 4.51
CA ILE JA 99 70.09 37.12 5.69
C ILE JA 99 71.34 37.29 6.55
N ARG JA 100 71.50 38.49 7.09
CA ARG JA 100 72.60 38.75 8.02
C ARG JA 100 72.12 39.77 9.04
N PHE JA 101 72.93 39.97 10.07
CA PHE JA 101 72.53 40.84 11.17
C PHE JA 101 73.70 41.72 11.57
N ASP JA 102 73.44 43.01 11.67
CA ASP JA 102 74.42 44.00 12.09
C ASP JA 102 74.15 44.34 13.55
N GLN JA 103 75.01 43.84 14.44
CA GLN JA 103 74.85 44.10 15.87
C GLN JA 103 75.04 45.57 16.21
N GLY JA 104 75.96 46.25 15.52
CA GLY JA 104 76.21 47.65 15.80
C GLY JA 104 74.95 48.48 15.62
N ARG JA 105 74.25 48.25 14.51
CA ARG JA 105 73.00 48.95 14.24
C ARG JA 105 71.78 48.19 14.74
N ARG JA 106 71.94 46.92 15.12
CA ARG JA 106 70.82 46.04 15.42
C ARG JA 106 69.87 45.96 14.23
N ALA JA 107 70.46 45.84 13.05
CA ALA JA 107 69.72 45.80 11.80
C ALA JA 107 69.68 44.37 11.27
N LEU JA 108 68.49 43.86 11.03
CA LEU JA 108 68.29 42.58 10.36
C LEU JA 108 68.15 42.85 8.87
N GLU JA 109 69.10 42.36 8.07
CA GLU JA 109 69.19 42.69 6.65
C GLU JA 109 69.01 41.43 5.81
N ALA JA 110 67.91 41.36 5.08
CA ALA JA 110 67.68 40.31 4.11
C ALA JA 110 67.89 40.87 2.71
N PHE JA 111 68.72 40.17 1.93
CA PHE JA 111 69.17 40.71 0.65
C PHE JA 111 69.45 39.54 -0.29
N ASP JA 112 69.67 39.87 -1.56
CA ASP JA 112 69.88 38.88 -2.60
C ASP JA 112 68.69 37.93 -2.70
N ILE JA 113 67.49 38.50 -2.64
CA ILE JA 113 66.26 37.73 -2.74
C ILE JA 113 65.76 37.83 -4.18
N GLU JA 114 65.76 36.71 -4.88
CA GLU JA 114 65.37 36.64 -6.28
C GLU JA 114 63.98 36.02 -6.35
N VAL JA 115 63.07 36.69 -7.03
CA VAL JA 115 61.68 36.28 -7.08
C VAL JA 115 61.28 35.99 -8.52
N THR JA 116 60.64 34.85 -8.74
CA THR JA 116 60.13 34.46 -10.04
C THR JA 116 58.61 34.51 -10.00
N THR JA 117 58.05 35.34 -10.88
CA THR JA 117 56.61 35.52 -11.02
C THR JA 117 56.06 34.60 -12.11
N GLU JA 118 54.73 34.55 -12.19
CA GLU JA 118 54.11 33.70 -13.19
C GLU JA 118 54.31 34.21 -14.61
N TYR JA 119 54.78 35.44 -14.78
CA TYR JA 119 55.07 35.99 -16.09
C TYR JA 119 56.47 35.63 -16.58
N ASP JA 120 57.25 34.92 -15.79
CA ASP JA 120 58.61 34.54 -16.18
C ASP JA 120 59.45 35.76 -16.49
N MET KA 1 22.20 1.81 -22.45
CA MET KA 1 23.04 0.67 -22.80
C MET KA 1 24.15 0.48 -21.77
N LEU KA 2 24.17 -0.70 -21.16
CA LEU KA 2 25.18 -1.12 -20.19
C LEU KA 2 25.76 -2.45 -20.66
N GLU KA 3 26.95 -2.41 -21.24
CA GLU KA 3 27.61 -3.61 -21.78
C GLU KA 3 28.53 -4.21 -20.72
N VAL KA 4 28.34 -5.49 -20.43
CA VAL KA 4 29.19 -6.19 -19.47
C VAL KA 4 29.72 -7.46 -20.12
N GLY KA 5 30.93 -7.83 -19.74
CA GLY KA 5 31.51 -9.07 -20.20
C GLY KA 5 32.98 -9.20 -19.87
N TYR KA 6 33.64 -10.17 -20.49
CA TYR KA 6 35.02 -10.49 -20.15
C TYR KA 6 35.87 -10.28 -21.40
N THR KA 7 37.05 -9.71 -21.18
CA THR KA 7 37.99 -9.37 -22.25
C THR KA 7 39.36 -9.90 -21.87
N PRO KA 8 39.57 -11.21 -21.97
CA PRO KA 8 40.81 -11.80 -21.47
C PRO KA 8 41.99 -11.46 -22.37
N PRO KA 9 43.22 -11.56 -21.86
CA PRO KA 9 44.39 -11.23 -22.69
C PRO KA 9 44.46 -12.03 -23.98
N GLY KA 10 43.99 -13.28 -23.96
CA GLY KA 10 43.83 -14.03 -25.19
C GLY KA 10 42.39 -13.99 -25.68
N GLY KA 11 41.78 -15.15 -25.86
CA GLY KA 11 40.36 -15.25 -26.07
C GLY KA 11 39.79 -14.26 -27.07
N GLY KA 12 38.99 -13.32 -26.57
CA GLY KA 12 38.34 -12.33 -27.39
C GLY KA 12 37.42 -11.44 -26.59
N ASN KA 13 36.19 -11.27 -27.05
CA ASN KA 13 35.20 -10.45 -26.38
C ASN KA 13 34.01 -11.31 -25.98
N ASN KA 14 33.57 -11.17 -24.74
CA ASN KA 14 32.35 -11.78 -24.26
C ASN KA 14 31.29 -10.75 -23.90
N ILE KA 15 31.46 -9.50 -24.31
CA ILE KA 15 30.69 -8.38 -23.80
C ILE KA 15 29.35 -8.33 -24.53
N GLY KA 16 28.25 -8.27 -23.75
CA GLY KA 16 26.92 -8.08 -24.27
C GLY KA 16 26.11 -7.13 -23.39
N ILE KA 17 24.95 -6.76 -23.89
CA ILE KA 17 24.06 -5.84 -23.18
C ILE KA 17 23.32 -6.62 -22.09
N ILE KA 18 23.44 -6.16 -20.85
CA ILE KA 18 22.66 -6.72 -19.74
C ILE KA 18 21.57 -5.77 -19.25
N ALA KA 19 21.54 -4.55 -19.77
CA ALA KA 19 20.46 -3.61 -19.47
C ALA KA 19 20.58 -2.43 -20.41
N LYS KA 20 19.49 -2.08 -21.11
CA LYS KA 20 19.45 -0.91 -21.99
C LYS KA 20 18.62 0.15 -21.27
N GLY KA 21 19.22 1.32 -21.03
CA GLY KA 21 18.76 2.22 -20.00
C GLY KA 21 18.18 3.52 -20.53
N LYS KA 22 16.97 3.80 -20.05
CA LYS KA 22 16.39 5.15 -20.10
C LYS KA 22 16.53 5.79 -18.73
N ILE KA 23 17.36 6.83 -18.68
CA ILE KA 23 17.89 7.33 -17.42
C ILE KA 23 16.73 7.61 -16.47
N ARG KA 24 16.80 7.05 -15.28
CA ARG KA 24 15.84 7.28 -14.22
C ARG KA 24 16.17 8.46 -13.33
N ASP KA 25 17.41 8.54 -12.85
CA ASP KA 25 17.79 9.60 -11.93
C ASP KA 25 19.28 9.47 -11.67
N TYR KA 26 19.97 10.61 -11.61
CA TYR KA 26 21.41 10.56 -11.36
C TYR KA 26 21.76 11.60 -10.29
N GLN KA 27 22.95 11.41 -9.72
CA GLN KA 27 23.36 12.14 -8.53
C GLN KA 27 24.81 11.84 -8.21
N HIS KA 28 25.62 12.89 -8.03
CA HIS KA 28 27.04 12.76 -7.75
C HIS KA 28 27.27 12.62 -6.25
N ASP KA 29 28.46 12.16 -5.86
CA ASP KA 29 28.73 11.92 -4.44
C ASP KA 29 30.23 11.96 -4.13
N ARG KA 30 30.60 12.63 -3.04
CA ARG KA 30 31.95 12.57 -2.49
C ARG KA 30 32.08 11.50 -1.42
N GLU KA 31 33.26 10.87 -1.37
CA GLU KA 31 33.72 10.05 -0.25
C GLU KA 31 35.19 10.41 -0.06
N GLY KA 32 35.43 11.43 0.76
CA GLY KA 32 36.69 12.14 0.70
C GLY KA 32 36.53 13.34 -0.21
N GLY KA 33 36.92 13.17 -1.48
CA GLY KA 33 36.66 14.15 -2.51
C GLY KA 33 36.07 13.54 -3.77
N ASP KA 34 35.88 12.22 -3.77
CA ASP KA 34 35.49 11.51 -4.98
C ASP KA 34 34.24 12.12 -5.58
N ILE KA 35 33.92 11.67 -6.78
CA ILE KA 35 32.66 11.98 -7.42
C ILE KA 35 32.15 10.71 -8.09
N ILE KA 36 31.23 10.03 -7.43
CA ILE KA 36 30.58 8.85 -8.00
C ILE KA 36 29.22 9.29 -8.51
N SER KA 37 28.93 8.96 -9.77
CA SER KA 37 27.66 9.30 -10.41
C SER KA 37 26.76 8.08 -10.36
N THR KA 38 25.72 8.15 -9.53
CA THR KA 38 24.83 7.02 -9.30
C THR KA 38 23.68 7.13 -10.29
N VAL KA 39 23.73 6.31 -11.33
CA VAL KA 39 22.70 6.31 -12.36
C VAL KA 39 21.63 5.28 -11.99
N SER KA 40 20.38 5.63 -12.25
CA SER KA 40 19.28 4.69 -12.35
C SER KA 40 18.65 4.94 -13.71
N CYS KA 41 18.25 3.86 -14.39
CA CYS KA 41 17.77 3.91 -15.76
C CYS KA 41 16.31 3.44 -15.84
N GLY KA 42 15.81 3.33 -17.07
CA GLY KA 42 14.44 2.88 -17.34
C GLY KA 42 14.31 1.72 -18.32
N ASP KA 43 13.49 0.72 -17.97
CA ASP KA 43 13.23 -0.45 -18.81
C ASP KA 43 11.80 -0.40 -19.28
N GLY KA 44 11.60 -0.24 -20.59
CA GLY KA 44 10.28 0.05 -21.10
C GLY KA 44 9.60 1.20 -20.39
N ASP KA 45 10.39 2.09 -19.77
CA ASP KA 45 9.89 3.11 -18.87
C ASP KA 45 9.17 4.24 -19.60
N LYS KA 46 9.33 4.34 -20.91
CA LYS KA 46 8.48 5.22 -21.71
C LYS KA 46 7.11 4.62 -21.92
N ALA KA 47 7.03 3.29 -21.98
CA ALA KA 47 5.75 2.60 -22.07
C ALA KA 47 5.02 2.54 -20.74
N TYR KA 48 5.74 2.41 -19.63
CA TYR KA 48 5.09 2.40 -18.32
C TYR KA 48 4.43 3.74 -18.00
N ARG KA 49 4.78 4.80 -18.71
CA ARG KA 49 4.21 6.11 -18.45
C ARG KA 49 3.37 6.66 -19.59
N ARG KA 50 3.93 6.79 -20.79
CA ARG KA 50 3.27 7.53 -21.86
C ARG KA 50 2.49 6.67 -22.84
N ALA KA 51 2.39 5.36 -22.65
CA ALA KA 51 1.68 4.50 -23.59
C ALA KA 51 0.21 4.42 -23.19
N THR KA 52 -0.66 4.96 -24.02
CA THR KA 52 -2.11 4.85 -23.87
C THR KA 52 -2.76 4.51 -25.20
N ILE KA 53 -3.71 3.57 -25.17
CA ILE KA 53 -4.26 2.92 -26.36
C ILE KA 53 -5.61 3.56 -26.68
N SER KA 54 -6.21 3.16 -27.81
CA SER KA 54 -7.49 3.74 -28.22
C SER KA 54 -8.41 2.62 -28.72
N LYS KA 55 -9.19 1.92 -27.87
CA LYS KA 55 -9.71 0.74 -28.57
C LYS KA 55 -11.11 0.25 -28.21
N THR KA 56 -11.97 0.38 -29.26
CA THR KA 56 -13.08 -0.52 -29.61
C THR KA 56 -12.54 -1.88 -30.06
N ILE KA 57 -13.16 -2.96 -29.63
CA ILE KA 57 -12.94 -4.24 -30.30
C ILE KA 57 -14.26 -4.97 -30.55
N PRO KA 58 -14.49 -5.50 -31.76
CA PRO KA 58 -15.72 -6.25 -32.02
C PRO KA 58 -15.69 -7.68 -31.49
N LYS KA 59 -16.85 -8.33 -31.58
CA LYS KA 59 -16.97 -9.73 -31.22
C LYS KA 59 -16.20 -10.62 -32.21
N GLY KA 60 -15.98 -11.86 -31.80
CA GLY KA 60 -15.42 -12.87 -32.65
C GLY KA 60 -13.94 -12.74 -32.92
N THR KA 61 -13.29 -11.70 -32.41
CA THR KA 61 -11.89 -11.49 -32.72
C THR KA 61 -11.03 -12.54 -32.03
N PRO KA 62 -10.05 -13.15 -32.73
CA PRO KA 62 -9.19 -14.14 -32.08
C PRO KA 62 -8.46 -13.53 -30.88
N LEU KA 63 -7.69 -14.38 -30.20
CA LEU KA 63 -7.19 -13.96 -28.90
C LEU KA 63 -5.74 -13.50 -28.91
N THR KA 64 -5.24 -12.99 -30.03
CA THR KA 64 -3.88 -12.46 -30.11
C THR KA 64 -3.79 -11.17 -30.91
N GLU KA 65 -4.76 -10.93 -31.79
CA GLU KA 65 -4.71 -9.75 -32.65
C GLU KA 65 -4.61 -8.47 -31.85
N VAL KA 66 -5.15 -8.46 -30.63
CA VAL KA 66 -5.16 -7.23 -29.87
C VAL KA 66 -4.01 -7.20 -28.86
N VAL KA 67 -3.28 -8.30 -28.71
CA VAL KA 67 -1.93 -8.14 -28.20
C VAL KA 67 -1.16 -7.36 -29.23
N ASP KA 68 -1.36 -7.68 -30.51
CA ASP KA 68 -0.72 -6.87 -31.54
C ASP KA 68 -1.18 -5.42 -31.47
N GLU KA 69 -2.49 -5.19 -31.28
CA GLU KA 69 -2.98 -3.82 -31.23
C GLU KA 69 -2.42 -3.05 -30.05
N ILE KA 70 -2.28 -3.70 -28.89
CA ILE KA 70 -1.65 -3.05 -27.74
C ILE KA 70 -0.16 -2.80 -28.01
N HIS KA 71 0.50 -3.76 -28.65
CA HIS KA 71 1.88 -3.54 -29.03
C HIS KA 71 2.02 -2.39 -30.01
N LYS KA 72 0.96 -2.07 -30.75
CA LYS KA 72 1.01 -0.87 -31.59
C LYS KA 72 1.28 0.37 -30.74
N GLU KA 73 0.51 0.52 -29.67
CA GLU KA 73 0.69 1.69 -28.81
C GLU KA 73 1.99 1.62 -28.03
N MET KA 74 2.41 0.43 -27.61
CA MET KA 74 3.71 0.30 -26.94
C MET KA 74 4.86 0.57 -27.89
N LYS KA 75 4.67 0.27 -29.17
CA LYS KA 75 5.69 0.51 -30.17
C LYS KA 75 5.76 1.98 -30.54
N LYS KA 76 4.63 2.70 -30.41
CA LYS KA 76 4.68 4.15 -30.52
C LYS KA 76 5.64 4.73 -29.49
N GLU KA 77 5.77 4.07 -28.33
CA GLU KA 77 6.64 4.51 -27.25
C GLU KA 77 8.01 3.81 -27.28
N GLY KA 78 8.32 3.09 -28.36
CA GLY KA 78 9.66 2.58 -28.57
C GLY KA 78 9.95 1.21 -28.02
N ILE KA 79 8.96 0.30 -27.98
CA ILE KA 79 9.15 -1.06 -27.49
C ILE KA 79 9.25 -2.01 -28.66
N ALA KA 80 10.08 -3.03 -28.52
CA ALA KA 80 10.20 -4.07 -29.52
C ALA KA 80 9.35 -5.28 -29.13
N LYS KA 81 9.12 -6.14 -30.12
CA LYS KA 81 8.34 -7.35 -29.93
C LYS KA 81 9.28 -8.52 -29.67
N GLY KA 82 9.04 -9.24 -28.59
CA GLY KA 82 9.80 -10.43 -28.29
C GLY KA 82 9.06 -11.68 -28.71
N GLU KA 83 9.32 -12.80 -28.05
CA GLU KA 83 8.59 -14.04 -28.27
C GLU KA 83 7.31 -14.02 -27.46
N TRP KA 84 6.20 -14.28 -28.12
CA TRP KA 84 4.90 -14.42 -27.47
C TRP KA 84 4.47 -15.88 -27.58
N SER KA 85 4.38 -16.56 -26.44
CA SER KA 85 3.94 -17.94 -26.36
C SER KA 85 2.73 -17.94 -25.43
N PHE KA 86 1.54 -17.89 -26.02
CA PHE KA 86 0.32 -17.83 -25.24
C PHE KA 86 -0.02 -19.20 -24.69
N PRO KA 87 -0.84 -19.27 -23.64
CA PRO KA 87 -1.41 -20.55 -23.24
C PRO KA 87 -2.29 -21.14 -24.33
N ASP KA 88 -2.37 -22.47 -24.34
CA ASP KA 88 -3.21 -23.15 -25.32
C ASP KA 88 -4.67 -22.74 -25.18
N LYS KA 89 -5.15 -22.58 -23.94
CA LYS KA 89 -6.51 -22.11 -23.73
C LYS KA 89 -6.72 -20.75 -24.37
N VAL KA 90 -5.68 -19.92 -24.35
CA VAL KA 90 -5.73 -18.61 -24.99
C VAL KA 90 -5.79 -18.73 -26.51
N LYS KA 91 -4.91 -19.53 -27.11
CA LYS KA 91 -4.75 -19.50 -28.56
C LYS KA 91 -6.06 -19.79 -29.27
N ASN KA 92 -6.96 -20.54 -28.64
CA ASN KA 92 -8.14 -21.06 -29.32
C ASN KA 92 -9.45 -20.42 -28.88
N THR KA 93 -9.42 -19.40 -28.01
CA THR KA 93 -10.62 -18.86 -27.42
C THR KA 93 -11.18 -17.71 -28.26
N GLN KA 94 -12.51 -17.64 -28.34
CA GLN KA 94 -13.22 -16.58 -29.03
C GLN KA 94 -14.26 -15.94 -28.10
N LEU KA 95 -15.13 -15.13 -28.67
CA LEU KA 95 -15.70 -14.00 -27.96
C LEU KA 95 -17.20 -13.87 -28.13
N LYS KA 96 -17.80 -13.01 -27.31
CA LYS KA 96 -19.25 -12.91 -27.24
C LYS KA 96 -19.72 -11.46 -27.16
N ARG KA 97 -18.84 -10.53 -26.74
CA ARG KA 97 -19.25 -9.17 -26.41
C ARG KA 97 -18.08 -8.21 -26.64
N PRO KA 98 -18.24 -6.89 -26.46
CA PRO KA 98 -17.12 -5.97 -26.75
C PRO KA 98 -16.23 -5.65 -25.54
N TYR KA 99 -14.99 -5.23 -25.84
CA TYR KA 99 -13.82 -5.26 -24.95
C TYR KA 99 -13.28 -3.85 -24.66
N SER KA 100 -13.88 -3.18 -23.69
CA SER KA 100 -13.54 -1.81 -23.32
C SER KA 100 -12.03 -1.61 -23.29
N MET KA 101 -11.55 -0.53 -23.92
CA MET KA 101 -10.20 -0.13 -23.63
C MET KA 101 -10.11 1.39 -23.56
N CYS KA 102 -10.00 1.92 -22.33
CA CYS KA 102 -9.77 3.35 -22.01
C CYS KA 102 -9.01 3.55 -20.69
N GLY KA 103 -7.80 4.10 -20.75
CA GLY KA 103 -6.94 4.46 -19.62
C GLY KA 103 -5.49 4.02 -19.74
N SER KA 104 -5.06 3.24 -18.74
CA SER KA 104 -3.65 2.87 -18.62
C SER KA 104 -3.35 1.47 -19.17
N CYS KA 105 -2.44 1.45 -20.16
CA CYS KA 105 -2.02 0.21 -20.78
C CYS KA 105 -1.46 -0.78 -19.76
N THR KA 106 -0.54 -0.35 -18.89
CA THR KA 106 0.05 -1.27 -17.92
C THR KA 106 -1.00 -1.76 -16.92
N ARG KA 107 -1.88 -0.86 -16.48
CA ARG KA 107 -3.03 -1.27 -15.68
C ARG KA 107 -3.69 -2.50 -16.25
N GLU KA 108 -4.21 -2.40 -17.46
CA GLU KA 108 -5.05 -3.50 -17.85
C GLU KA 108 -4.22 -4.64 -18.45
N LEU KA 109 -2.93 -4.38 -18.69
CA LEU KA 109 -1.94 -5.43 -18.85
C LEU KA 109 -1.87 -6.35 -17.62
N ASP KA 110 -1.68 -5.75 -16.45
CA ASP KA 110 -1.64 -6.56 -15.24
C ASP KA 110 -2.94 -7.32 -15.08
N THR KA 111 -4.08 -6.67 -15.37
CA THR KA 111 -5.32 -7.41 -15.20
C THR KA 111 -5.40 -8.58 -16.18
N LEU KA 112 -4.76 -8.45 -17.34
CA LEU KA 112 -4.58 -9.61 -18.22
C LEU KA 112 -3.94 -10.78 -17.50
N GLY KA 113 -2.77 -10.51 -16.92
CA GLY KA 113 -2.02 -11.54 -16.25
C GLY KA 113 -2.90 -12.19 -15.20
N ARG KA 114 -3.64 -11.37 -14.46
CA ARG KA 114 -4.52 -11.94 -13.43
C ARG KA 114 -5.75 -12.61 -14.01
N SER KA 115 -6.07 -12.34 -15.28
CA SER KA 115 -7.28 -12.84 -15.92
C SER KA 115 -7.13 -14.28 -16.40
N HIS KA 116 -5.94 -14.67 -16.85
CA HIS KA 116 -5.67 -16.10 -16.98
C HIS KA 116 -4.28 -16.52 -16.56
N GLY KA 117 -3.55 -15.68 -15.84
CA GLY KA 117 -2.25 -16.12 -15.39
C GLY KA 117 -1.33 -16.45 -16.54
N PHE KA 118 -0.93 -15.43 -17.29
CA PHE KA 118 0.22 -15.52 -18.15
C PHE KA 118 1.16 -14.40 -17.73
N TYR KA 119 2.44 -14.60 -17.97
CA TYR KA 119 3.42 -13.57 -17.70
C TYR KA 119 3.66 -12.75 -18.97
N TRP KA 120 3.82 -11.44 -18.78
CA TRP KA 120 4.36 -10.57 -19.81
C TRP KA 120 5.41 -9.70 -19.16
N ASN KA 121 6.44 -9.34 -19.92
CA ASN KA 121 7.49 -8.48 -19.38
C ASN KA 121 8.23 -7.76 -20.49
N ILE KA 122 9.02 -6.77 -20.09
CA ILE KA 122 9.87 -6.01 -21.00
C ILE KA 122 11.31 -6.31 -20.66
N GLN KA 123 12.09 -6.72 -21.65
CA GLN KA 123 13.47 -7.15 -21.47
C GLN KA 123 14.37 -6.34 -22.41
N ASN KA 124 14.89 -5.23 -21.88
CA ASN KA 124 15.74 -4.30 -22.63
C ASN KA 124 15.00 -3.76 -23.85
N GLU KA 125 13.88 -3.11 -23.58
CA GLU KA 125 13.05 -2.50 -24.61
C GLU KA 125 12.45 -3.53 -25.56
N THR KA 126 12.29 -4.78 -25.09
CA THR KA 126 11.67 -5.87 -25.85
C THR KA 126 10.60 -6.53 -24.99
N MET KA 127 9.44 -6.80 -25.58
CA MET KA 127 8.30 -7.35 -24.85
C MET KA 127 8.15 -8.83 -25.16
N GLU KA 128 8.16 -9.65 -24.11
CA GLU KA 128 7.96 -11.08 -24.21
C GLU KA 128 6.70 -11.48 -23.43
N ILE KA 129 6.09 -12.57 -23.86
CA ILE KA 129 4.92 -13.14 -23.20
C ILE KA 129 5.09 -14.64 -23.10
N ILE KA 130 4.81 -15.20 -21.92
CA ILE KA 130 4.87 -16.65 -21.71
C ILE KA 130 3.68 -17.08 -20.88
N PRO KA 131 3.38 -18.38 -20.86
CA PRO KA 131 2.36 -18.88 -19.95
C PRO KA 131 2.90 -18.98 -18.52
N GLY KA 132 1.97 -19.11 -17.57
CA GLY KA 132 2.37 -19.26 -16.18
C GLY KA 132 3.26 -20.47 -15.95
N ASN KA 133 2.92 -21.59 -16.58
CA ASN KA 133 3.65 -22.84 -16.42
C ASN KA 133 4.63 -23.12 -17.55
N GLY KA 134 4.84 -22.19 -18.47
CA GLY KA 134 5.68 -22.40 -19.63
C GLY KA 134 6.96 -21.59 -19.58
N HIS KA 135 7.75 -21.74 -20.64
CA HIS KA 135 9.02 -21.03 -20.80
C HIS KA 135 9.31 -20.91 -22.30
N LEU KA 136 10.36 -20.16 -22.63
CA LEU KA 136 10.72 -19.94 -24.03
C LEU KA 136 11.96 -20.72 -24.41
N PRO KA 137 12.13 -21.04 -25.69
CA PRO KA 137 13.32 -21.79 -26.11
C PRO KA 137 14.60 -21.01 -25.86
N GLY KA 138 15.67 -21.74 -25.60
CA GLY KA 138 16.96 -21.16 -25.30
C GLY KA 138 17.49 -21.70 -24.00
N SER KA 139 18.71 -22.26 -24.01
CA SER KA 139 19.24 -22.95 -22.85
C SER KA 139 20.65 -22.48 -22.56
N LEU KA 140 21.02 -22.62 -21.28
CA LEU KA 140 22.29 -22.15 -20.75
C LEU KA 140 22.82 -23.16 -19.74
N LEU KA 141 24.06 -23.58 -19.91
CA LEU KA 141 24.68 -24.55 -19.01
C LEU KA 141 25.39 -23.80 -17.88
N ILE KA 142 25.26 -24.32 -16.66
CA ILE KA 142 25.86 -23.73 -15.46
C ILE KA 142 26.45 -24.87 -14.64
N THR KA 143 27.78 -24.98 -14.67
CA THR KA 143 28.46 -26.10 -14.02
C THR KA 143 29.75 -25.61 -13.35
N PRO KA 144 30.28 -26.35 -12.37
CA PRO KA 144 31.62 -26.01 -11.87
C PRO KA 144 32.68 -25.99 -12.96
N ASP KA 145 32.39 -26.58 -14.12
CA ASP KA 145 33.27 -26.45 -15.27
C ASP KA 145 32.77 -25.42 -16.26
N THR KA 146 31.63 -24.79 -16.00
CA THR KA 146 31.07 -23.77 -16.88
C THR KA 146 30.49 -22.57 -16.11
N GLY KA 147 31.15 -22.13 -15.04
CA GLY KA 147 30.81 -20.85 -14.43
C GLY KA 147 29.95 -20.90 -13.18
N LEU KA 148 30.15 -21.89 -12.32
CA LEU KA 148 29.33 -22.02 -11.11
C LEU KA 148 30.09 -21.56 -9.88
N ILE KA 149 29.40 -20.78 -9.04
CA ILE KA 149 29.93 -20.31 -7.76
C ILE KA 149 29.11 -20.95 -6.65
N GLY KA 150 29.78 -21.72 -5.80
CA GLY KA 150 29.11 -22.38 -4.68
C GLY KA 150 28.36 -23.64 -5.10
N THR KA 151 27.37 -24.02 -4.28
CA THR KA 151 26.34 -25.00 -4.63
C THR KA 151 25.33 -24.38 -5.57
N PRO KA 152 24.62 -25.21 -6.35
CA PRO KA 152 23.31 -24.77 -6.87
C PRO KA 152 22.31 -24.78 -5.72
N THR KA 153 21.93 -23.60 -5.26
CA THR KA 153 21.06 -23.48 -4.10
C THR KA 153 19.67 -24.01 -4.42
N ILE KA 154 19.21 -24.96 -3.62
CA ILE KA 154 17.95 -25.66 -3.84
C ILE KA 154 16.83 -24.88 -3.17
N THR KA 155 15.68 -24.80 -3.83
CA THR KA 155 14.49 -24.16 -3.30
C THR KA 155 13.29 -25.06 -3.55
N ASP KA 156 12.12 -24.62 -3.07
CA ASP KA 156 10.93 -25.47 -3.11
C ASP KA 156 10.60 -25.89 -4.53
N ASN KA 157 10.49 -24.92 -5.43
CA ASN KA 157 10.16 -25.23 -6.82
C ASN KA 157 11.42 -25.56 -7.62
N GLY KA 158 12.45 -24.74 -7.51
CA GLY KA 158 13.66 -24.91 -8.29
C GLY KA 158 14.89 -24.50 -7.52
N ILE KA 159 15.73 -23.69 -8.16
CA ILE KA 159 17.05 -23.38 -7.66
C ILE KA 159 17.30 -21.87 -7.70
N LYS KA 160 18.39 -21.46 -7.04
CA LYS KA 160 18.93 -20.10 -7.11
C LYS KA 160 20.44 -20.24 -7.25
N VAL KA 161 20.97 -19.94 -8.44
CA VAL KA 161 22.36 -20.25 -8.77
C VAL KA 161 23.13 -18.95 -8.98
N LYS KA 162 24.28 -18.84 -8.32
CA LYS KA 162 25.21 -17.76 -8.61
C LYS KA 162 26.24 -18.21 -9.64
N ALA KA 163 26.73 -17.24 -10.40
CA ALA KA 163 27.71 -17.50 -11.44
C ALA KA 163 28.38 -16.17 -11.75
N LEU KA 164 29.35 -16.22 -12.66
CA LEU KA 164 29.97 -15.00 -13.16
C LEU KA 164 29.02 -14.36 -14.17
N ILE KA 165 28.85 -13.03 -14.08
CA ILE KA 165 28.01 -12.39 -15.09
C ILE KA 165 28.62 -12.70 -16.44
N ASN KA 166 27.80 -13.24 -17.34
CA ASN KA 166 28.30 -13.61 -18.63
C ASN KA 166 27.03 -13.69 -19.47
N PRO KA 167 26.89 -12.90 -20.54
CA PRO KA 167 25.62 -12.16 -20.76
C PRO KA 167 24.41 -12.93 -21.27
N GLU KA 168 24.45 -14.22 -21.62
CA GLU KA 168 23.24 -14.82 -22.19
C GLU KA 168 22.04 -14.76 -21.24
N ALA KA 169 22.26 -14.78 -19.93
CA ALA KA 169 21.20 -15.11 -18.98
C ALA KA 169 20.09 -14.07 -19.09
N ARG KA 170 18.92 -14.52 -19.64
CA ARG KA 170 17.74 -13.70 -19.80
C ARG KA 170 16.53 -14.36 -19.14
N PRO KA 171 15.60 -13.58 -18.57
CA PRO KA 171 14.40 -14.20 -18.00
C PRO KA 171 13.58 -14.91 -19.06
N ASN KA 172 12.89 -15.97 -18.62
CA ASN KA 172 12.02 -16.77 -19.48
C ASN KA 172 12.81 -17.65 -20.45
N ARG KA 173 13.94 -18.18 -19.99
CA ARG KA 173 14.73 -19.13 -20.75
C ARG KA 173 15.01 -20.33 -19.85
N MET KA 174 15.92 -21.19 -20.26
CA MET KA 174 16.18 -22.42 -19.54
C MET KA 174 17.65 -22.51 -19.12
N MET KA 175 17.87 -22.97 -17.90
CA MET KA 175 19.23 -23.22 -17.45
C MET KA 175 19.34 -24.68 -17.03
N LYS KA 176 20.38 -25.33 -17.54
CA LYS KA 176 20.77 -26.69 -17.20
C LYS KA 176 21.94 -26.57 -16.21
N VAL KA 177 21.69 -26.96 -14.96
CA VAL KA 177 22.64 -26.76 -13.87
C VAL KA 177 23.17 -28.12 -13.42
N LYS KA 178 24.50 -28.23 -13.33
CA LYS KA 178 25.14 -29.47 -12.87
C LYS KA 178 26.09 -29.16 -11.72
N SER KA 179 26.25 -30.12 -10.80
CA SER KA 179 27.17 -29.96 -9.67
C SER KA 179 27.42 -31.33 -9.05
N GLN KA 180 28.29 -31.35 -8.04
CA GLN KA 180 28.43 -32.52 -7.19
C GLN KA 180 27.47 -32.51 -6.00
N VAL KA 181 26.58 -31.51 -5.90
CA VAL KA 181 25.65 -31.42 -4.78
C VAL KA 181 24.25 -31.81 -5.23
N LEU KA 182 23.80 -31.26 -6.35
CA LEU KA 182 22.45 -31.52 -6.84
C LEU KA 182 22.17 -33.01 -7.02
N LYS KA 183 23.19 -33.83 -7.23
CA LYS KA 183 22.93 -35.26 -7.44
C LYS KA 183 22.39 -35.91 -6.17
N MET KA 184 23.07 -35.70 -5.04
CA MET KA 184 22.52 -36.17 -3.77
C MET KA 184 21.33 -35.33 -3.32
N ASN KA 185 21.14 -34.13 -3.88
CA ASN KA 185 19.92 -33.37 -3.66
C ASN KA 185 18.82 -33.73 -4.66
N ARG KA 186 19.03 -34.74 -5.51
CA ARG KA 186 18.07 -35.26 -6.47
C ARG KA 186 17.38 -34.20 -7.30
N LYS KA 187 17.90 -32.99 -7.36
CA LYS KA 187 17.26 -31.92 -8.09
C LYS KA 187 17.70 -31.94 -9.55
N GLY KA 188 16.75 -31.69 -10.43
CA GLY KA 188 16.92 -31.88 -11.85
C GLY KA 188 18.00 -30.99 -12.43
N GLU KA 189 18.03 -30.91 -13.75
CA GLU KA 189 19.04 -30.11 -14.41
C GLU KA 189 18.38 -28.89 -15.08
N ASP KA 190 17.20 -29.06 -15.67
CA ASP KA 190 16.57 -27.97 -16.41
C ASP KA 190 15.62 -27.16 -15.53
N TYR KA 191 15.74 -25.84 -15.60
CA TYR KA 191 14.91 -24.92 -14.85
C TYR KA 191 14.55 -23.74 -15.74
N ARG KA 192 13.37 -23.18 -15.55
CA ARG KA 192 13.09 -21.89 -16.16
C ARG KA 192 13.91 -20.81 -15.47
N ILE KA 193 14.00 -19.65 -16.11
CA ILE KA 193 14.63 -18.47 -15.53
C ILE KA 193 13.53 -17.45 -15.29
N SER KA 194 13.36 -17.04 -14.04
CA SER KA 194 12.34 -16.09 -13.65
C SER KA 194 12.93 -14.81 -13.09
N GLU KA 195 13.96 -14.91 -12.26
CA GLU KA 195 14.62 -13.76 -11.66
C GLU KA 195 16.06 -13.71 -12.14
N VAL KA 196 16.51 -12.50 -12.48
CA VAL KA 196 17.90 -12.25 -12.86
C VAL KA 196 18.43 -11.10 -12.01
N SER KA 197 19.58 -11.30 -11.39
CA SER KA 197 20.24 -10.27 -10.59
C SER KA 197 21.69 -10.14 -11.06
N PHE KA 198 22.10 -8.91 -11.36
CA PHE KA 198 23.47 -8.61 -11.75
C PHE KA 198 24.10 -7.68 -10.72
N ASN KA 199 25.21 -8.10 -10.12
CA ASN KA 199 25.97 -7.25 -9.22
C ASN KA 199 27.45 -7.44 -9.52
N GLY KA 200 28.19 -6.36 -9.68
CA GLY KA 200 29.60 -6.53 -9.92
C GLY KA 200 30.36 -5.24 -9.94
N ASP KA 201 31.68 -5.37 -10.13
CA ASP KA 201 32.58 -4.23 -10.10
C ASP KA 201 33.69 -4.48 -11.12
N ASN KA 202 34.37 -3.39 -11.49
CA ASN KA 202 35.53 -3.46 -12.38
C ASN KA 202 36.81 -3.87 -11.68
N GLN KA 203 37.06 -3.36 -10.47
CA GLN KA 203 38.29 -3.67 -9.74
C GLN KA 203 38.15 -4.88 -8.86
N GLU KA 204 37.24 -4.80 -7.89
CA GLU KA 204 37.25 -5.70 -6.75
C GLU KA 204 36.10 -6.70 -6.79
N GLY KA 205 34.86 -6.22 -6.74
CA GLY KA 205 33.74 -7.13 -6.78
C GLY KA 205 33.58 -7.67 -8.18
N ASP KA 206 33.97 -8.94 -8.35
CA ASP KA 206 33.92 -9.54 -9.67
C ASP KA 206 32.50 -9.49 -10.21
N TRP KA 207 32.36 -9.95 -11.43
CA TRP KA 207 31.03 -10.06 -12.00
C TRP KA 207 30.35 -11.22 -11.29
N ILE KA 208 29.21 -10.98 -10.65
CA ILE KA 208 28.35 -12.04 -10.14
C ILE KA 208 26.95 -11.81 -10.66
N MET KA 209 26.32 -12.88 -11.12
CA MET KA 209 24.91 -12.90 -11.45
C MET KA 209 24.25 -14.03 -10.66
N THR KA 210 23.00 -13.80 -10.26
CA THR KA 210 22.22 -14.81 -9.57
C THR KA 210 20.93 -15.01 -10.33
N LEU KA 211 20.59 -16.28 -10.58
CA LEU KA 211 19.44 -16.66 -11.36
C LEU KA 211 18.52 -17.51 -10.51
N THR KA 212 17.26 -17.12 -10.43
CA THR KA 212 16.23 -17.92 -9.78
C THR KA 212 15.42 -18.64 -10.84
N GLY KA 213 15.32 -19.96 -10.71
CA GLY KA 213 14.57 -20.77 -11.65
C GLY KA 213 13.59 -21.67 -10.93
N GLU KA 214 12.40 -21.81 -11.51
CA GLU KA 214 11.38 -22.72 -11.01
C GLU KA 214 11.42 -23.96 -11.89
N ALA KA 215 11.58 -25.13 -11.26
CA ALA KA 215 11.95 -26.34 -11.98
C ALA KA 215 10.90 -26.77 -12.99
N ILE KA 216 11.38 -27.34 -14.09
CA ILE KA 216 10.54 -27.94 -15.11
C ILE KA 216 10.24 -29.37 -14.71
N GLY KA 217 8.97 -29.76 -14.77
CA GLY KA 217 8.58 -31.10 -14.47
C GLY KA 217 8.87 -32.05 -15.62
N GLY KA 218 8.54 -33.32 -15.38
CA GLY KA 218 8.69 -34.32 -16.44
C GLY KA 218 7.85 -33.98 -17.66
N ASP KA 219 6.73 -33.29 -17.46
CA ASP KA 219 5.79 -32.98 -18.52
C ASP KA 219 6.17 -31.72 -19.29
N LYS KA 220 7.35 -31.15 -19.04
CA LYS KA 220 7.84 -29.97 -19.73
C LYS KA 220 7.11 -28.70 -19.29
N LYS KA 221 6.58 -28.71 -18.07
CA LYS KA 221 5.91 -27.55 -17.51
C LYS KA 221 6.64 -27.09 -16.25
N VAL KA 222 6.51 -25.80 -15.96
CA VAL KA 222 7.14 -25.25 -14.77
C VAL KA 222 6.30 -25.57 -13.55
N ASP KA 223 6.98 -25.80 -12.42
CA ASP KA 223 6.32 -25.88 -11.12
C ASP KA 223 5.86 -24.50 -10.72
N GLU KA 224 4.63 -24.14 -11.11
CA GLU KA 224 4.16 -22.77 -10.93
C GLU KA 224 4.27 -22.31 -9.48
N GLY KA 225 4.02 -23.20 -8.53
CA GLY KA 225 3.82 -22.79 -7.16
C GLY KA 225 2.38 -22.41 -6.92
N LYS KA 226 1.85 -22.73 -5.75
CA LYS KA 226 0.41 -22.62 -5.52
C LYS KA 226 -0.01 -21.16 -5.55
N LYS KA 227 -0.62 -20.73 -6.65
CA LYS KA 227 -1.15 -19.39 -6.77
C LYS KA 227 -2.33 -19.23 -5.82
N ALA KA 228 -2.40 -18.12 -5.10
CA ALA KA 228 -3.35 -17.94 -4.02
C ALA KA 228 -4.34 -16.85 -4.39
N LYS KA 229 -5.62 -17.18 -4.34
CA LYS KA 229 -6.67 -16.29 -4.81
C LYS KA 229 -6.81 -15.06 -3.94
N MET LA 1 9.27 21.59 21.39
CA MET LA 1 10.38 22.44 21.03
C MET LA 1 11.69 21.67 21.14
N LEU LA 2 12.45 21.69 20.05
CA LEU LA 2 13.78 21.08 19.97
C LEU LA 2 14.72 22.16 19.44
N GLU LA 3 15.44 22.85 20.33
CA GLU LA 3 16.24 24.01 19.94
C GLU LA 3 17.71 23.61 19.75
N VAL LA 4 18.24 23.89 18.58
CA VAL LA 4 19.58 23.47 18.19
C VAL LA 4 20.39 24.71 17.81
N GLY LA 5 21.71 24.62 18.00
CA GLY LA 5 22.57 25.68 17.54
C GLY LA 5 23.98 25.59 18.09
N TYR LA 6 24.72 26.69 17.95
CA TYR LA 6 26.12 26.74 18.33
C TYR LA 6 26.30 27.83 19.38
N THR LA 7 27.10 27.53 20.39
CA THR LA 7 27.30 28.42 21.54
C THR LA 7 28.80 28.57 21.79
N PRO LA 8 29.49 29.33 20.94
CA PRO LA 8 30.96 29.36 21.02
C PRO LA 8 31.44 30.10 22.25
N PRO LA 9 32.68 29.85 22.67
CA PRO LA 9 33.19 30.51 23.89
C PRO LA 9 33.13 32.03 23.82
N GLY LA 10 33.32 32.61 22.64
CA GLY LA 10 33.08 34.02 22.45
C GLY LA 10 31.73 34.28 21.82
N GLY LA 11 31.73 34.91 20.64
CA GLY LA 11 30.55 34.99 19.81
C GLY LA 11 29.26 35.34 20.54
N GLY LA 12 28.34 34.38 20.57
CA GLY LA 12 27.06 34.53 21.21
C GLY LA 12 26.23 33.26 21.14
N ASN LA 13 24.96 33.39 20.79
CA ASN LA 13 24.06 32.24 20.68
C ASN LA 13 23.56 32.15 19.25
N ASN LA 14 23.60 30.93 18.70
CA ASN LA 14 23.02 30.67 17.38
C ASN LA 14 21.83 29.73 17.46
N ILE LA 15 21.28 29.50 18.65
CA ILE LA 15 20.30 28.45 18.89
C ILE LA 15 18.91 28.93 18.44
N GLY LA 16 18.26 28.11 17.62
CA GLY LA 16 16.89 28.31 17.21
C GLY LA 16 16.15 26.99 17.12
N ILE LA 17 14.84 27.08 16.90
CA ILE LA 17 13.98 25.90 16.84
C ILE LA 17 14.11 25.25 15.47
N ILE LA 18 14.46 23.95 15.46
CA ILE LA 18 14.50 23.19 14.22
C ILE LA 18 13.36 22.20 14.11
N ALA LA 19 12.62 21.97 15.20
CA ALA LA 19 11.46 21.09 15.19
C ALA LA 19 10.69 21.32 16.48
N LYS LA 20 9.41 21.69 16.38
CA LYS LA 20 8.54 21.89 17.54
C LYS LA 20 7.66 20.67 17.68
N GLY LA 21 7.68 20.04 18.86
CA GLY LA 21 7.27 18.66 19.00
C GLY LA 21 6.00 18.47 19.83
N LYS LA 22 5.09 17.71 19.23
CA LYS LA 22 4.02 17.04 19.96
C LYS LA 22 4.33 15.56 20.05
N ILE LA 23 4.57 15.10 21.27
CA ILE LA 23 5.21 13.81 21.48
C ILE LA 23 4.46 12.73 20.73
N ARG LA 24 5.19 11.95 19.93
CA ARG LA 24 4.65 10.81 19.21
C ARG LA 24 4.74 9.51 19.98
N ASP LA 25 5.91 9.20 20.54
CA ASP LA 25 6.08 7.94 21.26
C ASP LA 25 7.46 7.97 21.89
N TYR LA 26 7.54 7.54 23.15
CA TYR LA 26 8.84 7.52 23.82
C TYR LA 26 9.05 6.14 24.43
N GLN LA 27 10.32 5.83 24.64
CA GLN LA 27 10.75 4.49 25.02
C GLN LA 27 12.19 4.54 25.49
N HIS LA 28 12.44 4.05 26.70
CA HIS LA 28 13.79 4.03 27.27
C HIS LA 28 14.56 2.82 26.73
N ASP LA 29 15.86 2.79 26.98
CA ASP LA 29 16.71 1.73 26.42
C ASP LA 29 17.98 1.57 27.23
N ARG LA 30 18.32 0.34 27.58
CA ARG LA 30 19.59 0.01 28.24
C ARG LA 30 20.60 -0.55 27.25
N GLU LA 31 21.82 0.00 27.30
CA GLU LA 31 22.97 -0.47 26.50
C GLU LA 31 24.16 -0.53 27.46
N GLY LA 32 24.39 -1.70 28.03
CA GLY LA 32 25.23 -1.77 29.21
C GLY LA 32 24.35 -1.58 30.43
N GLY LA 33 24.24 -0.33 30.87
CA GLY LA 33 23.29 0.05 31.90
C GLY LA 33 22.52 1.31 31.55
N ASP LA 34 22.86 1.93 30.42
CA ASP LA 34 22.39 3.27 30.14
C ASP LA 34 20.87 3.32 30.11
N ILE LA 35 20.35 4.53 30.00
CA ILE LA 35 18.94 4.76 29.70
C ILE LA 35 18.88 5.85 28.65
N ILE LA 36 18.63 5.46 27.40
CA ILE LA 36 18.44 6.40 26.32
C ILE LA 36 16.95 6.51 26.07
N SER LA 37 16.43 7.73 26.08
CA SER LA 37 15.01 8.00 25.94
C SER LA 37 14.74 8.44 24.51
N THR LA 38 14.23 7.52 23.70
CA THR LA 38 14.07 7.74 22.26
C THR LA 38 12.70 8.36 22.05
N VAL LA 39 12.69 9.67 21.81
CA VAL LA 39 11.46 10.40 21.59
C VAL LA 39 11.14 10.45 20.11
N SER LA 40 9.85 10.40 19.80
CA SER LA 40 9.32 10.78 18.50
C SER LA 40 8.21 11.79 18.79
N CYS LA 41 8.12 12.83 17.96
CA CYS LA 41 7.21 13.95 18.19
C CYS LA 41 6.15 14.03 17.09
N GLY LA 42 5.33 15.08 17.15
CA GLY LA 42 4.29 15.33 16.16
C GLY LA 42 4.34 16.69 15.49
N ASP LA 43 4.23 16.73 14.15
CA ASP LA 43 4.27 17.97 13.37
C ASP LA 43 2.88 18.22 12.81
N GLY LA 44 2.24 19.31 13.24
CA GLY LA 44 0.84 19.50 12.94
C GLY LA 44 0.00 18.29 13.28
N ASP LA 45 0.50 17.39 14.12
CA ASP LA 45 -0.07 16.07 14.33
C ASP LA 45 -1.43 16.11 15.01
N LYS LA 46 -1.79 17.22 15.63
CA LYS LA 46 -3.16 17.42 16.07
C LYS LA 46 -4.08 17.72 14.90
N ALA LA 47 -3.57 18.38 13.87
CA ALA LA 47 -4.35 18.67 12.67
C ALA LA 47 -4.42 17.48 11.73
N TYR LA 48 -3.39 16.63 11.70
CA TYR LA 48 -3.46 15.43 10.87
C TYR LA 48 -4.48 14.43 11.39
N ARG LA 49 -4.93 14.57 12.64
CA ARG LA 49 -5.89 13.64 13.20
C ARG LA 49 -7.23 14.26 13.54
N ARG LA 50 -7.26 15.33 14.35
CA ARG LA 50 -8.51 15.81 14.91
C ARG LA 50 -9.14 16.99 14.17
N ALA LA 51 -8.60 17.41 13.02
CA ALA LA 51 -9.14 18.56 12.30
C ALA LA 51 -10.19 18.08 11.29
N THR LA 52 -11.46 18.39 11.56
CA THR LA 52 -12.56 18.11 10.64
C THR LA 52 -13.46 19.34 10.49
N ILE LA 53 -13.81 19.65 9.24
CA ILE LA 53 -14.41 20.92 8.87
C ILE LA 53 -15.91 20.71 8.59
N SER LA 54 -16.66 21.80 8.32
CA SER LA 54 -18.10 21.65 8.12
C SER LA 54 -18.58 22.54 6.97
N LYS LA 55 -18.46 22.13 5.68
CA LYS LA 55 -18.66 23.26 4.76
C LYS LA 55 -19.51 23.00 3.51
N THR LA 56 -20.74 23.56 3.59
CA THR LA 56 -21.43 24.29 2.52
C THR LA 56 -20.58 25.46 2.05
N ILE LA 57 -20.37 25.56 0.73
CA ILE LA 57 -19.71 26.74 0.17
C ILE LA 57 -20.34 27.08 -1.18
N PRO LA 58 -20.76 28.32 -1.40
CA PRO LA 58 -21.57 28.64 -2.58
C PRO LA 58 -20.73 28.96 -3.82
N LYS LA 59 -21.45 29.09 -4.92
CA LYS LA 59 -20.87 29.54 -6.18
C LYS LA 59 -20.31 30.95 -6.05
N GLY LA 60 -19.58 31.37 -7.08
CA GLY LA 60 -19.04 32.70 -7.16
C GLY LA 60 -17.93 33.02 -6.18
N THR LA 61 -17.75 32.20 -5.14
CA THR LA 61 -16.76 32.54 -4.11
C THR LA 61 -15.35 32.42 -4.66
N PRO LA 62 -14.46 33.37 -4.39
CA PRO LA 62 -13.10 33.26 -4.91
C PRO LA 62 -12.41 32.01 -4.42
N LEU LA 63 -11.15 31.83 -4.85
CA LEU LA 63 -10.50 30.56 -4.66
C LEU LA 63 -9.49 30.57 -3.51
N THR LA 64 -9.62 31.49 -2.54
CA THR LA 64 -8.69 31.56 -1.41
C THR LA 64 -9.41 31.77 -0.06
N GLU LA 65 -10.59 32.38 -0.09
CA GLU LA 65 -11.34 32.56 1.15
C GLU LA 65 -11.52 31.25 1.88
N VAL LA 66 -11.47 30.13 1.17
CA VAL LA 66 -11.76 28.87 1.83
C VAL LA 66 -10.48 28.14 2.20
N VAL LA 67 -9.33 28.60 1.69
CA VAL LA 67 -8.11 28.21 2.38
C VAL LA 67 -8.16 28.83 3.74
N ASP LA 68 -8.66 30.06 3.83
CA ASP LA 68 -8.91 30.62 5.16
C ASP LA 68 -9.93 29.77 5.91
N GLU LA 69 -10.99 29.32 5.23
CA GLU LA 69 -12.00 28.50 5.89
C GLU LA 69 -11.40 27.21 6.43
N ILE LA 70 -10.64 26.48 5.61
CA ILE LA 70 -10.02 25.25 6.09
C ILE LA 70 -9.03 25.55 7.20
N HIS LA 71 -8.32 26.67 7.10
CA HIS LA 71 -7.41 27.02 8.17
C HIS LA 71 -8.14 27.36 9.45
N LYS LA 72 -9.42 27.74 9.38
CA LYS LA 72 -10.18 27.92 10.61
C LYS LA 72 -10.23 26.62 11.41
N GLU LA 73 -10.61 25.53 10.75
CA GLU LA 73 -10.64 24.25 11.43
C GLU LA 73 -9.25 23.75 11.78
N MET LA 74 -8.27 23.95 10.91
CA MET LA 74 -6.91 23.54 11.23
C MET LA 74 -6.31 24.39 12.34
N LYS LA 75 -6.92 25.55 12.59
CA LYS LA 75 -6.48 26.46 13.64
C LYS LA 75 -7.17 26.13 14.96
N LYS LA 76 -8.37 25.55 14.91
CA LYS LA 76 -8.96 25.00 16.13
C LYS LA 76 -8.00 24.01 16.78
N GLU LA 77 -7.16 23.35 15.97
CA GLU LA 77 -6.19 22.38 16.43
C GLU LA 77 -4.80 22.97 16.63
N GLY LA 78 -4.71 24.29 16.80
CA GLY LA 78 -3.46 24.93 17.15
C GLY LA 78 -2.43 25.03 16.04
N ILE LA 79 -2.84 25.28 14.80
CA ILE LA 79 -1.92 25.48 13.69
C ILE LA 79 -1.86 26.96 13.33
N ALA LA 80 -0.67 27.45 13.05
CA ALA LA 80 -0.47 28.83 12.66
C ALA LA 80 -0.49 28.98 11.14
N LYS LA 81 -0.63 30.22 10.69
CA LYS LA 81 -0.64 30.55 9.28
C LYS LA 81 0.75 30.96 8.83
N GLY LA 82 1.24 30.35 7.76
CA GLY LA 82 2.50 30.73 7.19
C GLY LA 82 2.30 31.66 6.02
N GLU LA 83 3.21 31.62 5.05
CA GLU LA 83 3.06 32.34 3.80
C GLU LA 83 2.27 31.49 2.83
N TRP LA 84 1.26 32.09 2.21
CA TRP LA 84 0.52 31.46 1.13
C TRP LA 84 0.80 32.19 -0.17
N SER LA 85 1.32 31.45 -1.15
CA SER LA 85 1.56 31.97 -2.49
C SER LA 85 0.95 30.97 -3.46
N PHE LA 86 -0.23 31.31 -3.97
CA PHE LA 86 -0.92 30.44 -4.91
C PHE LA 86 -0.40 30.64 -6.33
N PRO LA 87 -0.65 29.68 -7.22
CA PRO LA 87 -0.44 29.93 -8.64
C PRO LA 87 -1.31 31.06 -9.15
N ASP LA 88 -0.81 31.75 -10.18
CA ASP LA 88 -1.59 32.83 -10.77
C ASP LA 88 -2.91 32.32 -11.36
N LYS LA 89 -2.91 31.13 -11.94
CA LYS LA 89 -4.15 30.55 -12.42
C LYS LA 89 -5.14 30.39 -11.27
N VAL LA 90 -4.63 30.06 -10.09
CA VAL LA 90 -5.47 29.89 -8.91
C VAL LA 90 -6.01 31.23 -8.42
N LYS LA 91 -5.18 32.26 -8.36
CA LYS LA 91 -5.59 33.50 -7.70
C LYS LA 91 -6.84 34.09 -8.35
N ASN LA 92 -7.07 33.79 -9.62
CA ASN LA 92 -8.09 34.50 -10.38
C ASN LA 92 -9.30 33.65 -10.75
N THR LA 93 -9.46 32.47 -10.17
CA THR LA 93 -10.50 31.54 -10.61
C THR LA 93 -11.75 31.65 -9.76
N GLN LA 94 -12.91 31.54 -10.41
CA GLN LA 94 -14.23 31.57 -9.78
C GLN LA 94 -15.02 30.35 -10.20
N LEU LA 95 -16.32 30.37 -9.88
CA LEU LA 95 -17.05 29.13 -9.63
C LEU LA 95 -18.35 29.04 -10.41
N LYS LA 96 -18.66 27.82 -10.87
CA LYS LA 96 -19.90 27.52 -11.56
C LYS LA 96 -20.85 26.67 -10.72
N ARG LA 97 -20.31 25.82 -9.82
CA ARG LA 97 -21.01 24.70 -9.17
C ARG LA 97 -20.53 24.48 -7.73
N PRO LA 98 -21.38 24.06 -6.77
CA PRO LA 98 -20.98 24.04 -5.33
C PRO LA 98 -20.03 22.95 -4.82
N TYR LA 99 -19.43 23.18 -3.64
CA TYR LA 99 -18.13 22.61 -3.26
C TYR LA 99 -18.17 21.71 -2.03
N SER LA 100 -18.57 20.46 -2.19
CA SER LA 100 -18.72 19.57 -1.03
C SER LA 100 -17.51 19.63 -0.10
N MET LA 101 -17.77 19.73 1.21
CA MET LA 101 -16.77 19.24 2.15
C MET LA 101 -17.42 18.48 3.29
N CYS LA 102 -17.30 17.12 3.29
CA CYS LA 102 -17.50 16.21 4.44
C CYS LA 102 -16.42 15.13 4.57
N GLY LA 103 -15.83 14.99 5.76
CA GLY LA 103 -14.84 13.97 6.12
C GLY LA 103 -13.56 14.46 6.80
N SER LA 104 -12.43 14.15 6.15
CA SER LA 104 -11.09 14.48 6.68
C SER LA 104 -10.37 15.60 5.92
N CYS LA 105 -9.95 16.61 6.69
CA CYS LA 105 -9.27 17.79 6.16
C CYS LA 105 -7.99 17.44 5.41
N THR LA 106 -7.07 16.68 6.01
CA THR LA 106 -5.81 16.38 5.34
C THR LA 106 -6.03 15.57 4.06
N ARG LA 107 -6.95 14.60 4.11
CA ARG LA 107 -7.27 13.82 2.93
C ARG LA 107 -7.64 14.73 1.75
N GLU LA 108 -8.59 15.63 1.95
CA GLU LA 108 -8.94 16.37 0.75
C GLU LA 108 -8.04 17.60 0.57
N LEU LA 109 -7.18 17.88 1.56
CA LEU LA 109 -6.03 18.76 1.30
C LEU LA 109 -5.11 18.14 0.25
N ASP LA 110 -4.81 16.85 0.41
CA ASP LA 110 -4.00 16.17 -0.59
C ASP LA 110 -4.67 16.21 -1.95
N THR LA 111 -5.99 16.00 -2.01
CA THR LA 111 -6.61 16.05 -3.34
C THR LA 111 -6.53 17.47 -3.89
N LEU LA 112 -6.57 18.48 -3.02
CA LEU LA 112 -6.31 19.85 -3.44
C LEU LA 112 -5.02 19.96 -4.23
N GLY LA 113 -3.94 19.49 -3.61
CA GLY LA 113 -2.62 19.56 -4.21
C GLY LA 113 -2.55 18.80 -5.50
N ARG LA 114 -3.07 17.58 -5.51
CA ARG LA 114 -3.04 16.80 -6.75
C ARG LA 114 -3.92 17.41 -7.83
N SER LA 115 -4.83 18.31 -7.46
CA SER LA 115 -5.83 18.80 -8.41
C SER LA 115 -5.48 20.16 -9.01
N HIS LA 116 -4.74 21.00 -8.29
CA HIS LA 116 -4.19 22.22 -8.88
C HIS LA 116 -2.67 22.27 -8.85
N GLY LA 117 -2.01 21.14 -8.61
CA GLY LA 117 -0.56 21.15 -8.59
C GLY LA 117 0.00 22.28 -7.76
N PHE LA 118 -0.19 22.22 -6.44
CA PHE LA 118 0.46 23.15 -5.55
C PHE LA 118 0.90 22.38 -4.32
N TYR LA 119 1.82 22.95 -3.58
CA TYR LA 119 2.29 22.36 -2.34
C TYR LA 119 1.68 23.08 -1.14
N TRP LA 120 1.31 22.30 -0.13
CA TRP LA 120 1.02 22.85 1.19
C TRP LA 120 1.75 21.97 2.19
N ASN LA 121 2.17 22.56 3.31
CA ASN LA 121 2.88 21.79 4.32
C ASN LA 121 2.77 22.49 5.66
N ILE LA 122 3.12 21.76 6.72
CA ILE LA 122 3.17 22.29 8.08
C ILE LA 122 4.63 22.25 8.53
N GLN LA 123 5.15 23.40 8.93
CA GLN LA 123 6.55 23.54 9.33
C GLN LA 123 6.56 24.10 10.76
N ASN LA 124 6.63 23.19 11.73
CA ASN LA 124 6.66 23.54 13.15
C ASN LA 124 5.40 24.29 13.55
N GLU LA 125 4.25 23.64 13.31
CA GLU LA 125 2.94 24.15 13.72
C GLU LA 125 2.54 25.40 12.91
N THR LA 126 3.21 25.66 11.79
CA THR LA 126 2.86 26.76 10.90
C THR LA 126 2.69 26.21 9.49
N MET LA 127 1.59 26.56 8.83
CA MET LA 127 1.22 25.94 7.55
C MET LA 127 1.50 26.93 6.43
N GLU LA 128 2.32 26.49 5.47
CA GLU LA 128 2.67 27.29 4.30
C GLU LA 128 2.08 26.66 3.05
N ILE LA 129 1.89 27.49 2.02
CA ILE LA 129 1.44 27.05 0.70
C ILE LA 129 2.29 27.73 -0.36
N ILE LA 130 2.74 26.93 -1.34
CA ILE LA 130 3.49 27.47 -2.48
C ILE LA 130 2.99 26.80 -3.76
N PRO LA 131 3.35 27.36 -4.91
CA PRO LA 131 3.11 26.66 -6.18
C PRO LA 131 4.14 25.57 -6.41
N GLY LA 132 3.82 24.69 -7.37
CA GLY LA 132 4.76 23.64 -7.73
C GLY LA 132 6.06 24.17 -8.31
N ASN LA 133 5.97 25.18 -9.17
CA ASN LA 133 7.13 25.76 -9.83
C ASN LA 133 7.68 26.99 -9.11
N GLY LA 134 7.10 27.38 -7.97
CA GLY LA 134 7.51 28.57 -7.27
C GLY LA 134 8.13 28.27 -5.91
N HIS LA 135 8.50 29.35 -5.22
CA HIS LA 135 9.07 29.28 -3.88
C HIS LA 135 8.71 30.55 -3.13
N LEU LA 136 9.17 30.64 -1.88
CA LEU LA 136 8.87 31.77 -1.01
C LEU LA 136 10.10 32.64 -0.80
N PRO LA 137 9.91 33.91 -0.44
CA PRO LA 137 11.06 34.80 -0.22
C PRO LA 137 11.91 34.35 0.96
N GLY LA 138 13.21 34.61 0.86
CA GLY LA 138 14.14 34.31 1.92
C GLY LA 138 15.29 33.44 1.44
N SER LA 139 16.50 33.97 1.52
CA SER LA 139 17.67 33.34 0.90
C SER LA 139 18.73 33.07 1.95
N LEU LA 140 19.56 32.06 1.67
CA LEU LA 140 20.49 31.52 2.64
C LEU LA 140 21.75 31.07 1.90
N LEU LA 141 22.92 31.47 2.38
CA LEU LA 141 24.16 31.21 1.66
C LEU LA 141 24.87 29.97 2.20
N ILE LA 142 25.42 29.16 1.28
CA ILE LA 142 26.16 27.94 1.63
C ILE LA 142 27.43 27.91 0.79
N THR LA 143 28.58 28.16 1.41
CA THR LA 143 29.86 28.17 0.72
C THR LA 143 30.94 27.58 1.62
N PRO LA 144 32.06 27.12 1.05
CA PRO LA 144 33.18 26.70 1.91
C PRO LA 144 33.65 27.77 2.88
N ASP LA 145 33.22 29.02 2.68
CA ASP LA 145 33.44 30.05 3.68
C ASP LA 145 32.21 30.25 4.56
N THR LA 146 31.10 29.57 4.26
CA THR LA 146 29.84 29.70 4.98
C THR LA 146 29.22 28.35 5.32
N GLY LA 147 30.01 27.34 5.68
CA GLY LA 147 29.46 26.11 6.21
C GLY LA 147 29.23 25.00 5.22
N LEU LA 148 30.08 24.89 4.19
CA LEU LA 148 29.90 23.87 3.18
C LEU LA 148 30.78 22.66 3.46
N ILE LA 149 30.18 21.47 3.33
CA ILE LA 149 30.84 20.21 3.58
C ILE LA 149 30.86 19.42 2.27
N GLY LA 150 32.05 19.27 1.69
CA GLY LA 150 32.20 18.49 0.46
C GLY LA 150 31.71 19.22 -0.78
N THR LA 151 31.09 18.44 -1.69
CA THR LA 151 30.31 18.93 -2.84
C THR LA 151 29.08 19.73 -2.45
N PRO LA 152 28.77 20.74 -3.25
CA PRO LA 152 27.37 21.07 -3.50
C PRO LA 152 26.80 20.02 -4.45
N THR LA 153 26.56 18.82 -3.91
CA THR LA 153 26.24 17.65 -4.73
C THR LA 153 25.18 17.98 -5.77
N ILE LA 154 25.48 17.63 -7.01
CA ILE LA 154 24.65 17.96 -8.16
C ILE LA 154 23.63 16.86 -8.37
N THR LA 155 22.45 17.23 -8.87
CA THR LA 155 21.38 16.27 -9.15
C THR LA 155 20.71 16.65 -10.47
N ASP LA 156 19.70 15.88 -10.85
CA ASP LA 156 19.00 16.08 -12.12
C ASP LA 156 18.47 17.50 -12.22
N ASN LA 157 17.71 17.92 -11.22
CA ASN LA 157 17.13 19.25 -11.19
C ASN LA 157 18.05 20.26 -10.50
N GLY LA 158 18.39 20.02 -9.25
CA GLY LA 158 19.16 20.95 -8.45
C GLY LA 158 20.31 20.27 -7.75
N ILE LA 159 20.37 20.44 -6.44
CA ILE LA 159 21.51 20.01 -5.65
C ILE LA 159 21.04 19.36 -4.35
N LYS LA 160 22.00 18.75 -3.65
CA LYS LA 160 21.80 18.28 -2.28
C LYS LA 160 23.06 18.64 -1.51
N VAL LA 161 22.95 19.59 -0.58
CA VAL LA 161 24.11 20.20 0.07
C VAL LA 161 24.09 19.84 1.54
N LYS LA 162 25.23 19.36 2.04
CA LYS LA 162 25.42 19.17 3.46
C LYS LA 162 26.11 20.38 4.08
N ALA LA 163 25.84 20.59 5.37
CA ALA LA 163 26.39 21.74 6.07
C ALA LA 163 26.24 21.50 7.56
N LEU LA 164 26.74 22.43 8.35
CA LEU LA 164 26.55 22.39 9.79
C LEU LA 164 25.16 22.90 10.12
N ILE LA 165 24.42 22.18 10.97
CA ILE LA 165 23.09 22.67 11.30
C ILE LA 165 23.23 24.08 11.84
N ASN LA 166 22.46 24.98 11.26
CA ASN LA 166 22.50 26.38 11.65
C ASN LA 166 21.11 26.88 11.27
N PRO LA 167 20.31 27.36 12.21
CA PRO LA 167 18.87 27.02 12.24
C PRO LA 167 18.00 27.50 11.08
N GLU LA 168 18.37 28.53 10.32
CA GLU LA 168 17.37 29.13 9.44
C GLU LA 168 16.79 28.17 8.40
N ALA LA 169 17.51 27.12 8.02
CA ALA LA 169 17.18 26.36 6.83
C ALA LA 169 15.78 25.76 6.97
N ARG LA 170 14.77 26.38 6.26
CA ARG LA 170 13.38 25.93 6.20
C ARG LA 170 13.03 25.45 4.80
N PRO LA 171 12.09 24.52 4.67
CA PRO LA 171 11.58 24.20 3.34
C PRO LA 171 10.86 25.39 2.72
N ASN LA 172 10.87 25.42 1.38
CA ASN LA 172 10.20 26.46 0.59
C ASN LA 172 10.90 27.79 0.68
N ARG LA 173 12.23 27.78 0.67
CA ARG LA 173 13.03 28.99 0.66
C ARG LA 173 14.11 28.86 -0.40
N MET LA 174 15.06 29.78 -0.42
CA MET LA 174 16.08 29.81 -1.46
C MET LA 174 17.47 29.69 -0.83
N MET LA 175 18.31 28.88 -1.45
CA MET LA 175 19.68 28.76 -1.00
C MET LA 175 20.61 29.07 -2.16
N LYS LA 176 21.56 29.95 -1.89
CA LYS LA 176 22.61 30.34 -2.82
C LYS LA 176 23.87 29.59 -2.43
N VAL LA 177 24.33 28.70 -3.32
CA VAL LA 177 25.39 27.75 -3.01
C VAL LA 177 26.60 28.05 -3.89
N LYS LA 178 27.77 28.17 -3.26
CA LYS LA 178 29.03 28.47 -3.96
C LYS LA 178 30.09 27.44 -3.57
N SER LA 179 30.96 27.10 -4.50
CA SER LA 179 32.09 26.22 -4.23
C SER LA 179 33.13 26.39 -5.34
N GLN LA 180 34.15 25.54 -5.32
CA GLN LA 180 35.12 25.45 -6.40
C GLN LA 180 34.80 24.37 -7.41
N VAL LA 181 33.67 23.67 -7.27
CA VAL LA 181 33.34 22.55 -8.16
C VAL LA 181 32.12 22.89 -9.01
N LEU LA 182 31.12 23.54 -8.39
CA LEU LA 182 29.93 23.91 -9.15
C LEU LA 182 30.25 24.73 -10.38
N LYS LA 183 31.33 25.50 -10.38
CA LYS LA 183 31.65 26.33 -11.54
C LYS LA 183 31.92 25.44 -12.76
N MET LA 184 32.72 24.39 -12.58
CA MET LA 184 32.95 23.45 -13.69
C MET LA 184 31.76 22.50 -13.86
N ASN LA 185 30.88 22.42 -12.87
CA ASN LA 185 29.58 21.76 -13.04
C ASN LA 185 28.53 22.67 -13.67
N ARG LA 186 28.89 23.91 -13.98
CA ARG LA 186 27.99 24.92 -14.56
C ARG LA 186 26.67 25.07 -13.83
N LYS LA 187 26.55 24.54 -12.63
CA LYS LA 187 25.29 24.59 -11.91
C LYS LA 187 25.14 25.93 -11.20
N GLY LA 188 23.90 26.41 -11.16
CA GLY LA 188 23.60 27.75 -10.72
C GLY LA 188 23.95 27.94 -9.25
N GLU LA 189 23.36 28.97 -8.66
CA GLU LA 189 23.62 29.26 -7.27
C GLU LA 189 22.32 29.24 -6.47
N ASP LA 190 21.22 29.72 -7.05
CA ASP LA 190 19.95 29.77 -6.34
C ASP LA 190 19.15 28.51 -6.58
N TYR LA 191 18.65 27.92 -5.49
CA TYR LA 191 17.86 26.69 -5.54
C TYR LA 191 16.72 26.83 -4.54
N ARG LA 192 15.54 26.35 -4.90
CA ARG LA 192 14.52 26.20 -3.87
C ARG LA 192 14.96 25.14 -2.87
N ILE LA 193 14.32 25.14 -1.70
CA ILE LA 193 14.55 24.15 -0.67
C ILE LA 193 13.29 23.29 -0.57
N SER LA 194 13.44 22.00 -0.83
CA SER LA 194 12.32 21.08 -0.80
C SER LA 194 12.42 20.06 0.33
N GLU LA 195 13.58 19.47 0.53
CA GLU LA 195 13.82 18.52 1.60
C GLU LA 195 14.83 19.10 2.59
N VAL LA 196 14.56 18.89 3.88
CA VAL LA 196 15.44 19.29 4.97
C VAL LA 196 15.69 18.06 5.85
N SER LA 197 16.95 17.81 6.17
CA SER LA 197 17.33 16.69 7.01
C SER LA 197 18.29 17.19 8.09
N PHE LA 198 18.00 16.84 9.34
CA PHE LA 198 18.82 17.23 10.48
C PHE LA 198 19.30 15.97 11.19
N ASN LA 199 20.62 15.79 11.25
CA ASN LA 199 21.22 14.72 12.03
C ASN LA 199 22.36 15.30 12.84
N GLY LA 200 22.39 15.02 14.14
CA GLY LA 200 23.42 15.63 14.94
C GLY LA 200 23.59 14.94 16.28
N ASP LA 201 24.64 15.36 16.97
CA ASP LA 201 24.94 14.84 18.30
C ASP LA 201 25.64 15.94 19.09
N ASN LA 202 25.65 15.78 20.41
CA ASN LA 202 26.28 16.76 21.29
C ASN LA 202 27.76 16.50 21.52
N GLN LA 203 28.19 15.25 21.55
CA GLN LA 203 29.61 14.94 21.79
C GLN LA 203 30.38 14.78 20.48
N GLU LA 204 30.03 13.76 19.70
CA GLU LA 204 30.85 13.36 18.56
C GLU LA 204 30.20 13.71 17.23
N GLY LA 205 29.00 13.22 16.96
CA GLY LA 205 28.37 13.52 15.70
C GLY LA 205 28.03 15.01 15.63
N ASP LA 206 28.86 15.74 14.89
CA ASP LA 206 28.66 17.18 14.74
C ASP LA 206 27.25 17.47 14.25
N TRP LA 207 26.87 18.72 14.36
CA TRP LA 207 25.60 19.15 13.82
C TRP LA 207 25.73 19.08 12.31
N ILE LA 208 24.92 18.26 11.65
CA ILE LA 208 24.92 18.18 10.20
C ILE LA 208 23.48 18.31 9.72
N MET LA 209 23.30 19.09 8.66
CA MET LA 209 22.03 19.19 7.95
C MET LA 209 22.29 18.94 6.47
N THR LA 210 21.29 18.38 5.81
CA THR LA 210 21.34 18.18 4.36
C THR LA 210 20.08 18.75 3.74
N LEU LA 211 20.27 19.57 2.71
CA LEU LA 211 19.20 20.27 2.03
C LEU LA 211 19.12 19.81 0.59
N THR LA 212 17.96 19.36 0.17
CA THR LA 212 17.70 19.06 -1.23
C THR LA 212 16.95 20.21 -1.85
N GLY LA 213 17.49 20.75 -2.94
CA GLY LA 213 16.88 21.85 -3.64
C GLY LA 213 16.74 21.53 -5.12
N GLU LA 214 15.63 21.98 -5.70
CA GLU LA 214 15.37 21.86 -7.13
C GLU LA 214 15.66 23.23 -7.76
N ALA LA 215 16.51 23.25 -8.78
CA ALA LA 215 17.07 24.50 -9.28
C ALA LA 215 16.01 25.43 -9.82
N ILE LA 216 16.22 26.72 -9.58
CA ILE LA 216 15.43 27.79 -10.20
C ILE LA 216 15.99 28.07 -11.57
N GLY LA 217 15.12 28.22 -12.57
CA GLY LA 217 15.55 28.56 -13.90
C GLY LA 217 15.76 30.04 -14.07
N GLY LA 218 16.15 30.42 -15.30
CA GLY LA 218 16.29 31.83 -15.62
C GLY LA 218 14.97 32.58 -15.52
N ASP LA 219 13.86 31.84 -15.52
CA ASP LA 219 12.52 32.42 -15.46
C ASP LA 219 12.05 32.68 -14.04
N LYS LA 220 12.91 32.48 -13.03
CA LYS LA 220 12.53 32.58 -11.63
C LYS LA 220 11.55 31.48 -11.24
N LYS LA 221 11.56 30.38 -11.98
CA LYS LA 221 10.67 29.26 -11.72
C LYS LA 221 11.50 28.04 -11.39
N VAL LA 222 10.93 27.15 -10.58
CA VAL LA 222 11.63 25.94 -10.20
C VAL LA 222 11.56 24.92 -11.31
N ASP LA 223 12.64 24.15 -11.46
CA ASP LA 223 12.67 22.97 -12.32
C ASP LA 223 11.82 21.89 -11.68
N GLU LA 224 10.53 21.84 -12.03
CA GLU LA 224 9.61 20.93 -11.35
C GLU LA 224 10.03 19.47 -11.48
N GLY LA 225 10.43 19.03 -12.66
CA GLY LA 225 10.58 17.62 -12.93
C GLY LA 225 9.30 17.03 -13.46
N LYS LA 226 9.40 16.02 -14.33
CA LYS LA 226 8.25 15.54 -15.09
C LYS LA 226 7.29 14.80 -14.15
N LYS LA 227 6.13 15.41 -13.90
CA LYS LA 227 5.10 14.78 -13.08
C LYS LA 227 4.39 13.71 -13.91
N ALA LA 228 4.32 12.49 -13.38
CA ALA LA 228 3.80 11.35 -14.12
C ALA LA 228 2.37 11.09 -13.67
N LYS LA 229 1.43 11.21 -14.59
CA LYS LA 229 0.01 11.09 -14.28
C LYS LA 229 -0.34 9.72 -13.73
N MET MA 1 6.01 -27.68 14.12
CA MET MA 1 6.36 -27.65 15.53
C MET MA 1 7.82 -27.27 15.74
N LEU MA 2 8.04 -26.27 16.58
CA LEU MA 2 9.36 -25.81 16.96
C LEU MA 2 9.45 -25.82 18.49
N GLU MA 3 10.17 -26.80 19.04
CA GLU MA 3 10.28 -26.97 20.48
C GLU MA 3 11.53 -26.24 20.98
N VAL MA 4 11.35 -25.33 21.94
CA VAL MA 4 12.46 -24.61 22.53
C VAL MA 4 12.38 -24.73 24.05
N GLY MA 5 13.54 -24.73 24.70
CA GLY MA 5 13.58 -24.74 26.14
C GLY MA 5 14.96 -25.02 26.68
N TYR MA 6 15.05 -25.40 27.95
CA TYR MA 6 16.32 -25.60 28.61
C TYR MA 6 16.37 -27.01 29.15
N THR MA 7 17.54 -27.64 29.03
CA THR MA 7 17.75 -29.02 29.43
C THR MA 7 19.03 -29.12 30.23
N PRO MA 8 19.00 -28.68 31.49
CA PRO MA 8 20.24 -28.60 32.28
C PRO MA 8 20.74 -29.97 32.67
N PRO MA 9 22.01 -30.09 33.07
CA PRO MA 9 22.54 -31.40 33.52
C PRO MA 9 21.74 -32.01 34.65
N GLY MA 10 21.22 -31.18 35.55
CA GLY MA 10 20.31 -31.66 36.59
C GLY MA 10 18.86 -31.41 36.21
N GLY MA 11 18.13 -30.73 37.08
CA GLY MA 11 16.81 -30.23 36.75
C GLY MA 11 15.92 -31.22 36.03
N GLY MA 12 15.61 -30.91 34.77
CA GLY MA 12 14.75 -31.73 33.95
C GLY MA 12 14.58 -31.16 32.56
N ASN MA 13 13.33 -31.11 32.09
CA ASN MA 13 12.99 -30.55 30.79
C ASN MA 13 12.20 -29.27 30.99
N ASN MA 14 12.54 -28.24 30.21
CA ASN MA 14 11.73 -27.04 30.14
C ASN MA 14 11.22 -26.78 28.73
N ILE MA 15 11.27 -27.78 27.85
CA ILE MA 15 11.05 -27.58 26.43
C ILE MA 15 9.55 -27.58 26.14
N GLY MA 16 9.08 -26.50 25.50
CA GLY MA 16 7.72 -26.39 25.04
C GLY MA 16 7.65 -25.85 23.62
N ILE MA 17 6.43 -25.85 23.10
CA ILE MA 17 6.20 -25.35 21.74
C ILE MA 17 6.10 -23.83 21.77
N ILE MA 18 6.90 -23.16 20.94
CA ILE MA 18 6.83 -21.72 20.77
C ILE MA 18 6.30 -21.31 19.40
N ALA MA 19 6.17 -22.26 18.48
CA ALA MA 19 5.59 -21.98 17.15
C ALA MA 19 5.32 -23.31 16.47
N LYS MA 20 4.07 -23.55 16.06
CA LYS MA 20 3.69 -24.77 15.33
C LYS MA 20 3.54 -24.38 13.87
N GLY MA 21 4.33 -25.02 13.00
CA GLY MA 21 4.62 -24.47 11.69
C GLY MA 21 4.03 -25.28 10.55
N LYS MA 22 3.34 -24.54 9.68
CA LYS MA 22 3.03 -24.99 8.33
C LYS MA 22 3.97 -24.29 7.35
N ILE MA 23 4.82 -25.09 6.72
CA ILE MA 23 5.99 -24.58 6.02
C ILE MA 23 5.58 -23.48 5.05
N ARG MA 24 6.28 -22.35 5.11
CA ARG MA 24 6.08 -21.25 4.19
C ARG MA 24 6.97 -21.29 2.97
N ASP MA 25 8.28 -21.47 3.17
CA ASP MA 25 9.21 -21.50 2.06
C ASP MA 25 10.58 -21.89 2.63
N TYR MA 26 11.30 -22.74 1.92
CA TYR MA 26 12.60 -23.18 2.40
C TYR MA 26 13.61 -23.03 1.28
N GLN MA 27 14.89 -23.04 1.68
CA GLN MA 27 15.98 -22.66 0.79
C GLN MA 27 17.31 -22.91 1.47
N HIS MA 28 18.21 -23.62 0.81
CA HIS MA 28 19.53 -23.93 1.35
C HIS MA 28 20.51 -22.80 1.04
N ASP MA 29 21.69 -22.82 1.66
CA ASP MA 29 22.64 -21.72 1.51
C ASP MA 29 24.06 -22.14 1.85
N ARG MA 30 25.02 -21.78 1.00
CA ARG MA 30 26.44 -21.89 1.33
C ARG MA 30 26.94 -20.66 2.06
N GLU MA 31 27.91 -20.88 2.97
CA GLU MA 31 28.74 -19.85 3.57
C GLU MA 31 30.11 -20.48 3.73
N GLY MA 32 30.95 -20.35 2.70
CA GLY MA 32 32.09 -21.22 2.58
C GLY MA 32 31.67 -22.45 1.80
N GLY MA 33 31.27 -23.50 2.51
CA GLY MA 33 30.67 -24.67 1.89
C GLY MA 33 29.42 -25.15 2.61
N ASP MA 34 29.06 -24.46 3.70
CA ASP MA 34 27.97 -24.94 4.54
C ASP MA 34 26.70 -25.10 3.72
N ILE MA 35 25.70 -25.70 4.37
CA ILE MA 35 24.34 -25.73 3.85
C ILE MA 35 23.40 -25.41 5.00
N ILE MA 36 22.94 -24.17 5.06
CA ILE MA 36 21.96 -23.75 6.03
C ILE MA 36 20.60 -23.79 5.37
N SER MA 37 19.64 -24.46 6.01
CA SER MA 37 18.28 -24.59 5.50
C SER MA 37 17.40 -23.57 6.21
N THR MA 38 16.98 -22.54 5.48
CA THR MA 38 16.23 -21.42 6.05
C THR MA 38 14.76 -21.69 5.85
N VAL MA 39 14.08 -22.02 6.94
CA VAL MA 39 12.65 -22.31 6.89
C VAL MA 39 11.85 -21.06 7.23
N SER MA 40 10.72 -20.89 6.56
CA SER MA 40 9.63 -20.03 7.02
C SER MA 40 8.39 -20.92 7.05
N CYS MA 41 7.60 -20.77 8.11
CA CYS MA 41 6.47 -21.66 8.39
C CYS MA 41 5.15 -20.89 8.31
N GLY MA 42 4.05 -21.57 8.68
CA GLY MA 42 2.71 -21.01 8.65
C GLY MA 42 1.90 -21.16 9.94
N ASP MA 43 1.26 -20.07 10.38
CA ASP MA 43 0.40 -20.08 11.57
C ASP MA 43 -1.00 -19.66 11.15
N GLY MA 44 -1.94 -20.59 11.21
CA GLY MA 44 -3.24 -20.39 10.59
C GLY MA 44 -3.17 -20.22 9.09
N ASP MA 45 -2.03 -20.57 8.47
CA ASP MA 45 -1.82 -20.39 7.05
C ASP MA 45 -2.80 -21.18 6.20
N LYS MA 46 -3.38 -22.25 6.74
CA LYS MA 46 -4.49 -22.93 6.07
C LYS MA 46 -5.73 -22.07 6.06
N ALA MA 47 -5.99 -21.34 7.15
CA ALA MA 47 -7.19 -20.52 7.28
C ALA MA 47 -7.04 -19.14 6.66
N TYR MA 48 -5.83 -18.59 6.62
CA TYR MA 48 -5.65 -17.31 5.95
C TYR MA 48 -5.82 -17.40 4.44
N ARG MA 49 -5.82 -18.60 3.87
CA ARG MA 49 -5.89 -18.74 2.42
C ARG MA 49 -6.99 -19.68 1.92
N ARG MA 50 -7.38 -20.71 2.68
CA ARG MA 50 -8.43 -21.62 2.21
C ARG MA 50 -9.63 -21.72 3.15
N ALA MA 51 -9.94 -20.70 3.94
CA ALA MA 51 -11.14 -20.71 4.78
C ALA MA 51 -12.17 -19.78 4.19
N THR MA 52 -13.27 -20.35 3.70
CA THR MA 52 -14.39 -19.60 3.15
C THR MA 52 -15.72 -20.16 3.67
N ILE MA 53 -16.58 -19.26 4.16
CA ILE MA 53 -17.77 -19.59 4.93
C ILE MA 53 -18.99 -19.50 4.00
N SER MA 54 -20.17 -19.88 4.49
CA SER MA 54 -21.35 -19.89 3.62
C SER MA 54 -22.58 -19.36 4.37
N LYS MA 55 -22.82 -18.03 4.45
CA LYS MA 55 -23.85 -17.75 5.48
C LYS MA 55 -24.86 -16.65 5.18
N THR MA 56 -26.12 -17.11 5.04
CA THR MA 56 -27.34 -16.47 5.53
C THR MA 56 -27.42 -16.56 7.05
N ILE MA 57 -27.71 -15.44 7.72
CA ILE MA 57 -27.97 -15.46 9.16
C ILE MA 57 -29.13 -14.55 9.51
N PRO MA 58 -30.07 -14.99 10.37
CA PRO MA 58 -31.32 -14.25 10.55
C PRO MA 58 -31.24 -13.16 11.61
N LYS MA 59 -32.32 -12.39 11.67
CA LYS MA 59 -32.52 -11.40 12.71
C LYS MA 59 -32.72 -12.08 14.06
N GLY MA 60 -32.41 -11.34 15.12
CA GLY MA 60 -32.58 -11.80 16.48
C GLY MA 60 -31.48 -12.69 17.01
N THR MA 61 -30.55 -13.12 16.17
CA THR MA 61 -29.53 -14.07 16.63
C THR MA 61 -28.51 -13.37 17.52
N PRO MA 62 -28.09 -13.98 18.63
CA PRO MA 62 -27.11 -13.34 19.51
C PRO MA 62 -25.80 -13.05 18.77
N LEU MA 63 -24.86 -12.46 19.51
CA LEU MA 63 -23.65 -11.93 18.89
C LEU MA 63 -22.43 -12.84 19.04
N THR MA 64 -22.61 -14.12 19.35
CA THR MA 64 -21.48 -15.04 19.50
C THR MA 64 -21.72 -16.41 18.86
N GLU MA 65 -22.99 -16.78 18.67
CA GLU MA 65 -23.29 -18.06 18.02
C GLU MA 65 -22.60 -18.14 16.68
N VAL MA 66 -22.40 -17.01 16.01
CA VAL MA 66 -21.85 -17.06 14.67
C VAL MA 66 -20.33 -16.88 14.70
N VAL MA 67 -19.77 -16.49 15.84
CA VAL MA 67 -18.34 -16.69 15.99
C VAL MA 67 -18.11 -18.18 16.01
N ASP MA 68 -19.01 -18.91 16.69
CA ASP MA 68 -18.96 -20.36 16.54
C ASP MA 68 -19.15 -20.75 15.08
N GLU MA 69 -20.07 -20.10 14.38
CA GLU MA 69 -20.29 -20.41 12.97
C GLU MA 69 -19.02 -20.21 12.15
N ILE MA 70 -18.34 -19.07 12.31
CA ILE MA 70 -17.14 -18.80 11.54
C ILE MA 70 -16.01 -19.73 11.95
N HIS MA 71 -15.95 -20.06 13.24
CA HIS MA 71 -14.94 -21.02 13.67
C HIS MA 71 -15.25 -22.40 13.11
N LYS MA 72 -16.49 -22.69 12.73
CA LYS MA 72 -16.76 -23.94 12.03
C LYS MA 72 -15.98 -23.99 10.73
N GLU MA 73 -16.02 -22.90 9.97
CA GLU MA 73 -15.29 -22.87 8.71
C GLU MA 73 -13.78 -22.90 8.93
N MET MA 74 -13.27 -22.14 9.90
CA MET MA 74 -11.83 -22.20 10.15
C MET MA 74 -11.43 -23.53 10.79
N LYS MA 75 -12.39 -24.26 11.37
CA LYS MA 75 -12.13 -25.60 11.87
C LYS MA 75 -12.07 -26.60 10.73
N LYS MA 76 -12.83 -26.36 9.65
CA LYS MA 76 -12.62 -27.16 8.45
C LYS MA 76 -11.18 -27.06 7.99
N GLU MA 77 -10.49 -25.98 8.34
CA GLU MA 77 -9.11 -25.73 7.97
C GLU MA 77 -8.15 -25.96 9.14
N GLY MA 78 -8.54 -26.78 10.11
CA GLY MA 78 -7.65 -27.19 11.17
C GLY MA 78 -7.27 -26.15 12.19
N ILE MA 79 -8.20 -25.32 12.64
CA ILE MA 79 -7.94 -24.32 13.68
C ILE MA 79 -8.65 -24.74 14.96
N ALA MA 80 -7.92 -24.68 16.06
CA ALA MA 80 -8.50 -24.98 17.37
C ALA MA 80 -9.14 -23.74 17.97
N LYS MA 81 -10.00 -23.96 18.95
CA LYS MA 81 -10.68 -22.89 19.66
C LYS MA 81 -9.88 -22.50 20.89
N GLY MA 82 -9.58 -21.22 21.02
CA GLY MA 82 -8.90 -20.73 22.20
C GLY MA 82 -9.88 -20.19 23.21
N GLU MA 83 -9.46 -19.19 23.98
CA GLU MA 83 -10.32 -18.48 24.91
C GLU MA 83 -10.93 -17.29 24.20
N TRP MA 84 -12.25 -17.16 24.28
CA TRP MA 84 -12.95 -16.02 23.73
C TRP MA 84 -13.54 -15.20 24.87
N SER MA 85 -13.18 -13.92 24.92
CA SER MA 85 -13.70 -12.98 25.91
C SER MA 85 -14.09 -11.72 25.14
N PHE MA 86 -15.38 -11.60 24.83
CA PHE MA 86 -15.88 -10.44 24.13
C PHE MA 86 -16.03 -9.25 25.07
N PRO MA 87 -16.16 -8.04 24.54
CA PRO MA 87 -16.62 -6.93 25.35
C PRO MA 87 -18.02 -7.17 25.89
N ASP MA 88 -18.29 -6.58 27.06
CA ASP MA 88 -19.63 -6.68 27.63
C ASP MA 88 -20.67 -6.07 26.71
N LYS MA 89 -20.32 -5.01 26.00
CA LYS MA 89 -21.24 -4.44 25.02
C LYS MA 89 -21.58 -5.47 23.95
N VAL MA 90 -20.61 -6.28 23.56
CA VAL MA 90 -20.82 -7.33 22.58
C VAL MA 90 -21.70 -8.44 23.14
N LYS MA 91 -21.42 -8.92 24.35
CA LYS MA 91 -22.08 -10.12 24.84
C LYS MA 91 -23.61 -9.96 24.86
N ASN MA 92 -24.08 -8.74 25.06
CA ASN MA 92 -25.51 -8.53 25.29
C ASN MA 92 -26.26 -8.00 24.08
N THR MA 93 -25.59 -7.84 22.93
CA THR MA 93 -26.21 -7.19 21.78
C THR MA 93 -27.02 -8.17 20.94
N GLN MA 94 -28.15 -7.68 20.43
CA GLN MA 94 -29.02 -8.43 19.53
C GLN MA 94 -29.25 -7.61 18.27
N LEU MA 95 -30.23 -8.02 17.46
CA LEU MA 95 -30.17 -7.74 16.03
C LEU MA 95 -31.45 -7.14 15.48
N LYS MA 96 -31.29 -6.36 14.42
CA LYS MA 96 -32.42 -5.75 13.74
C LYS MA 96 -32.55 -6.26 12.30
N ARG MA 97 -31.44 -6.70 11.67
CA ARG MA 97 -31.39 -6.82 10.21
C ARG MA 97 -30.42 -7.91 9.79
N PRO MA 98 -30.52 -8.55 8.61
CA PRO MA 98 -29.61 -9.66 8.27
C PRO MA 98 -28.18 -9.39 7.77
N TYR MA 99 -27.34 -10.43 7.79
CA TYR MA 99 -25.87 -10.35 7.93
C TYR MA 99 -25.13 -11.03 6.77
N SER MA 100 -24.95 -10.35 5.65
CA SER MA 100 -24.29 -10.98 4.50
C SER MA 100 -23.00 -11.66 4.93
N MET MA 101 -22.80 -12.90 4.47
CA MET MA 101 -21.44 -13.39 4.38
C MET MA 101 -21.23 -14.12 3.07
N CYS MA 102 -20.38 -13.51 2.19
CA CYS MA 102 -19.81 -14.07 0.94
C CYS MA 102 -18.43 -13.51 0.59
N GLY MA 103 -17.37 -14.35 0.63
CA GLY MA 103 -15.94 -14.10 0.37
C GLY MA 103 -14.82 -14.49 1.35
N SER MA 104 -13.95 -13.53 1.74
CA SER MA 104 -12.78 -13.85 2.55
C SER MA 104 -13.05 -13.76 4.07
N CYS MA 105 -12.86 -14.90 4.75
CA CYS MA 105 -13.07 -15.00 6.18
C CYS MA 105 -12.17 -14.06 6.98
N THR MA 106 -10.86 -14.04 6.72
CA THR MA 106 -9.97 -13.15 7.46
C THR MA 106 -10.30 -11.69 7.17
N ARG MA 107 -10.60 -11.38 5.90
CA ARG MA 107 -11.05 -10.05 5.53
C ARG MA 107 -12.15 -9.54 6.46
N GLU MA 108 -13.27 -10.27 6.53
CA GLU MA 108 -14.33 -9.68 7.32
C GLU MA 108 -14.19 -10.01 8.81
N LEU MA 109 -13.23 -10.88 9.18
CA LEU MA 109 -12.76 -10.90 10.56
C LEU MA 109 -12.15 -9.55 10.95
N ASP MA 110 -11.26 -9.02 10.11
CA ASP MA 110 -10.66 -7.73 10.40
C ASP MA 110 -11.72 -6.65 10.47
N THR MA 111 -12.67 -6.66 9.54
CA THR MA 111 -13.70 -5.62 9.61
C THR MA 111 -14.53 -5.80 10.86
N LEU MA 112 -14.55 -7.01 11.43
CA LEU MA 112 -15.15 -7.20 12.76
C LEU MA 112 -14.45 -6.34 13.79
N GLY MA 113 -13.14 -6.54 13.87
CA GLY MA 113 -12.31 -5.87 14.84
C GLY MA 113 -12.44 -4.37 14.72
N ARG MA 114 -12.42 -3.87 13.48
CA ARG MA 114 -12.61 -2.44 13.31
C ARG MA 114 -14.07 -2.01 13.50
N SER MA 115 -15.01 -2.95 13.38
CA SER MA 115 -16.41 -2.60 13.55
C SER MA 115 -16.69 -2.17 14.99
N HIS MA 116 -16.28 -2.97 15.97
CA HIS MA 116 -16.24 -2.39 17.32
C HIS MA 116 -15.08 -2.88 18.19
N GLY MA 117 -13.88 -2.96 17.66
CA GLY MA 117 -12.72 -3.00 18.52
C GLY MA 117 -12.65 -4.17 19.45
N PHE MA 118 -12.40 -5.36 18.90
CA PHE MA 118 -11.90 -6.47 19.69
C PHE MA 118 -10.72 -7.05 18.93
N TYR MA 119 -9.81 -7.67 19.65
CA TYR MA 119 -8.71 -8.39 19.03
C TYR MA 119 -9.10 -9.85 18.84
N TRP MA 120 -8.72 -10.41 17.70
CA TRP MA 120 -8.72 -11.84 17.50
C TRP MA 120 -7.39 -12.22 16.91
N ASN MA 121 -6.89 -13.41 17.25
CA ASN MA 121 -5.61 -13.85 16.71
C ASN MA 121 -5.55 -15.37 16.74
N ILE MA 122 -4.56 -15.90 16.02
CA ILE MA 122 -4.31 -17.33 15.95
C ILE MA 122 -2.93 -17.60 16.53
N GLN MA 123 -2.87 -18.45 17.55
CA GLN MA 123 -1.65 -18.71 18.30
C GLN MA 123 -1.37 -20.22 18.27
N ASN MA 124 -0.56 -20.64 17.29
CA ASN MA 124 -0.18 -22.03 17.11
C ASN MA 124 -1.40 -22.89 16.83
N GLU MA 125 -2.11 -22.54 15.75
CA GLU MA 125 -3.29 -23.26 15.30
C GLU MA 125 -4.46 -23.13 16.29
N THR MA 126 -4.43 -22.12 17.15
CA THR MA 126 -5.47 -21.88 18.15
C THR MA 126 -5.95 -20.44 18.05
N MET MA 127 -7.26 -20.24 18.04
CA MET MA 127 -7.84 -18.90 17.88
C MET MA 127 -8.30 -18.37 19.23
N GLU MA 128 -7.75 -17.23 19.61
CA GLU MA 128 -8.14 -16.52 20.82
C GLU MA 128 -8.80 -15.20 20.43
N ILE MA 129 -9.72 -14.74 21.28
CA ILE MA 129 -10.39 -13.46 21.11
C ILE MA 129 -10.39 -12.73 22.44
N ILE MA 130 -10.02 -11.46 22.41
CA ILE MA 130 -10.08 -10.61 23.61
C ILE MA 130 -10.66 -9.26 23.23
N PRO MA 131 -11.05 -8.47 24.23
CA PRO MA 131 -11.43 -7.08 23.97
C PRO MA 131 -10.19 -6.22 23.74
N GLY MA 132 -10.44 -5.00 23.24
CA GLY MA 132 -9.35 -4.06 23.07
C GLY MA 132 -8.69 -3.69 24.38
N ASN MA 133 -9.49 -3.50 25.43
CA ASN MA 133 -9.00 -3.07 26.74
C ASN MA 133 -8.83 -4.21 27.72
N GLY MA 134 -9.06 -5.46 27.31
CA GLY MA 134 -9.01 -6.59 28.20
C GLY MA 134 -7.84 -7.52 27.91
N HIS MA 135 -7.79 -8.60 28.70
CA HIS MA 135 -6.76 -9.63 28.56
C HIS MA 135 -7.34 -10.94 29.10
N LEU MA 136 -6.54 -12.00 29.01
CA LEU MA 136 -7.02 -13.32 29.43
C LEU MA 136 -6.32 -13.77 30.70
N PRO MA 137 -6.94 -14.67 31.47
CA PRO MA 137 -6.30 -15.16 32.69
C PRO MA 137 -5.00 -15.90 32.40
N GLY MA 138 -4.06 -15.78 33.32
CA GLY MA 138 -2.75 -16.39 33.18
C GLY MA 138 -1.67 -15.37 33.41
N SER MA 139 -0.76 -15.62 34.34
CA SER MA 139 0.24 -14.64 34.73
C SER MA 139 1.62 -15.30 34.77
N LEU MA 140 2.63 -14.48 34.56
CA LEU MA 140 4.02 -14.93 34.47
C LEU MA 140 4.93 -13.91 35.10
N LEU MA 141 5.82 -14.36 35.97
CA LEU MA 141 6.72 -13.46 36.70
C LEU MA 141 8.03 -13.30 35.95
N ILE MA 142 8.55 -12.07 35.91
CA ILE MA 142 9.77 -11.72 35.18
C ILE MA 142 10.57 -10.78 36.07
N THR MA 143 11.63 -11.29 36.70
CA THR MA 143 12.42 -10.50 37.63
C THR MA 143 13.89 -10.88 37.51
N PRO MA 144 14.81 -10.03 37.97
CA PRO MA 144 16.22 -10.44 37.99
C PRO MA 144 16.46 -11.75 38.69
N ASP MA 145 15.54 -12.18 39.54
CA ASP MA 145 15.60 -13.51 40.14
C ASP MA 145 14.78 -14.53 39.37
N THR MA 146 14.10 -14.11 38.29
CA THR MA 146 13.27 -14.98 37.47
C THR MA 146 13.37 -14.69 35.98
N GLY MA 147 14.54 -14.32 35.47
CA GLY MA 147 14.75 -14.29 34.03
C GLY MA 147 14.85 -12.93 33.37
N LEU MA 148 15.23 -11.89 34.10
CA LEU MA 148 15.26 -10.54 33.55
C LEU MA 148 16.66 -10.16 33.07
N ILE MA 149 16.74 -9.67 31.85
CA ILE MA 149 17.98 -9.18 31.26
C ILE MA 149 17.87 -7.68 31.06
N GLY MA 150 18.80 -6.94 31.68
CA GLY MA 150 18.84 -5.50 31.56
C GLY MA 150 17.76 -4.83 32.39
N THR MA 151 17.35 -3.63 31.93
CA THR MA 151 16.21 -2.88 32.42
C THR MA 151 14.90 -3.53 32.01
N PRO MA 152 13.83 -3.39 32.80
CA PRO MA 152 12.48 -3.43 32.22
C PRO MA 152 12.22 -2.13 31.49
N THR MA 153 12.26 -2.17 30.17
CA THR MA 153 12.15 -0.96 29.35
C THR MA 153 10.75 -0.37 29.45
N ILE MA 154 10.70 0.94 29.71
CA ILE MA 154 9.45 1.65 29.93
C ILE MA 154 8.99 2.24 28.62
N THR MA 155 7.67 2.26 28.42
CA THR MA 155 7.07 2.84 27.22
C THR MA 155 5.89 3.69 27.62
N ASP MA 156 5.25 4.31 26.61
CA ASP MA 156 4.11 5.20 26.86
C ASP MA 156 3.05 4.51 27.69
N ASN MA 157 2.63 3.33 27.24
CA ASN MA 157 1.56 2.58 27.89
C ASN MA 157 2.10 1.61 28.91
N GLY MA 158 2.98 0.71 28.49
CA GLY MA 158 3.47 -0.35 29.36
C GLY MA 158 4.97 -0.47 29.26
N ILE MA 159 5.44 -1.69 29.02
CA ILE MA 159 6.86 -2.01 29.09
C ILE MA 159 7.26 -2.89 27.91
N LYS MA 160 8.58 -3.03 27.74
CA LYS MA 160 9.18 -4.00 26.83
C LYS MA 160 10.29 -4.67 27.62
N VAL MA 161 10.18 -5.99 27.83
CA VAL MA 161 11.08 -6.73 28.70
C VAL MA 161 11.74 -7.84 27.90
N LYS MA 162 13.06 -7.95 28.02
CA LYS MA 162 13.77 -9.09 27.47
C LYS MA 162 13.98 -10.15 28.55
N ALA MA 163 14.17 -11.38 28.10
CA ALA MA 163 14.36 -12.49 29.02
C ALA MA 163 14.87 -13.68 28.22
N LEU MA 164 15.12 -14.77 28.92
CA LEU MA 164 15.51 -16.02 28.30
C LEU MA 164 14.25 -16.69 27.77
N ILE MA 165 14.27 -17.13 26.51
CA ILE MA 165 13.09 -17.86 26.03
C ILE MA 165 12.79 -18.97 27.00
N ASN MA 166 11.56 -19.00 27.49
CA ASN MA 166 11.16 -20.00 28.44
C ASN MA 166 9.65 -20.06 28.27
N PRO MA 167 9.05 -21.21 27.89
CA PRO MA 167 7.95 -21.19 26.91
C PRO MA 167 6.58 -20.64 27.36
N GLU MA 168 6.28 -20.37 28.63
CA GLU MA 168 4.90 -19.96 28.94
C GLU MA 168 4.43 -18.74 28.14
N ALA MA 169 5.32 -17.83 27.78
CA ALA MA 169 4.92 -16.49 27.34
C ALA MA 169 4.06 -16.60 26.09
N ARG MA 170 2.72 -16.30 26.23
CA ARG MA 170 1.78 -16.23 25.12
C ARG MA 170 1.20 -14.83 25.01
N PRO MA 171 0.81 -14.41 23.80
CA PRO MA 171 0.08 -13.15 23.67
C PRO MA 171 -1.27 -13.24 24.37
N ASN MA 172 -1.72 -12.09 24.90
CA ASN MA 172 -3.01 -11.95 25.57
C ASN MA 172 -3.02 -12.56 26.96
N ARG MA 173 -1.88 -12.54 27.63
CA ARG MA 173 -1.76 -13.01 29.01
C ARG MA 173 -1.14 -11.89 29.83
N MET MA 174 -0.73 -12.19 31.06
CA MET MA 174 -0.24 -11.16 31.96
C MET MA 174 1.19 -11.43 32.39
N MET MA 175 1.96 -10.37 32.50
CA MET MA 175 3.31 -10.45 33.06
C MET MA 175 3.38 -9.56 34.29
N LYS MA 176 3.88 -10.12 35.37
CA LYS MA 176 4.27 -9.39 36.56
C LYS MA 176 5.79 -9.19 36.50
N VAL MA 177 6.21 -7.95 36.29
CA VAL MA 177 7.61 -7.62 36.06
C VAL MA 177 8.14 -6.86 37.28
N LYS MA 178 9.27 -7.32 37.83
CA LYS MA 178 9.92 -6.68 38.96
C LYS MA 178 11.38 -6.38 38.64
N SER MA 179 11.92 -5.32 39.23
CA SER MA 179 13.34 -4.99 39.09
C SER MA 179 13.72 -3.95 40.13
N GLN MA 180 14.98 -3.53 40.09
CA GLN MA 180 15.45 -2.39 40.88
C GLN MA 180 15.28 -1.07 40.15
N VAL MA 181 14.69 -1.08 38.96
CA VAL MA 181 14.53 0.11 38.14
C VAL MA 181 13.09 0.58 38.19
N LEU MA 182 12.15 -0.33 37.97
CA LEU MA 182 10.73 0.02 37.91
C LEU MA 182 10.25 0.77 39.15
N LYS MA 183 10.85 0.52 40.31
CA LYS MA 183 10.36 1.15 41.53
C LYS MA 183 10.52 2.66 41.48
N MET MA 184 11.76 3.12 41.30
CA MET MA 184 11.99 4.55 41.10
C MET MA 184 11.42 5.02 39.76
N ASN MA 185 11.10 4.10 38.85
CA ASN MA 185 10.38 4.46 37.62
C ASN MA 185 8.87 4.47 37.78
N ARG MA 186 8.35 4.27 39.00
CA ARG MA 186 6.92 4.35 39.31
C ARG MA 186 6.04 3.65 38.28
N LYS MA 187 6.35 2.41 37.94
CA LYS MA 187 5.58 1.65 36.98
C LYS MA 187 5.07 0.37 37.64
N GLY MA 188 3.87 -0.02 37.26
CA GLY MA 188 3.20 -1.13 37.89
C GLY MA 188 3.97 -2.42 37.70
N GLU MA 189 3.30 -3.53 38.00
CA GLU MA 189 3.94 -4.82 37.84
C GLU MA 189 3.18 -5.64 36.81
N ASP MA 190 1.86 -5.45 36.72
CA ASP MA 190 1.02 -6.25 35.83
C ASP MA 190 0.85 -5.57 34.48
N TYR MA 191 1.09 -6.32 33.41
CA TYR MA 191 0.94 -5.84 32.05
C TYR MA 191 0.27 -6.92 31.23
N ARG MA 192 -0.51 -6.53 30.24
CA ARG MA 192 -0.92 -7.49 29.22
C ARG MA 192 0.27 -7.82 28.33
N ILE MA 193 0.14 -8.91 27.57
CA ILE MA 193 1.11 -9.30 26.57
C ILE MA 193 0.47 -9.10 25.20
N SER MA 194 1.08 -8.26 24.39
CA SER MA 194 0.58 -7.97 23.05
C SER MA 194 1.54 -8.40 21.96
N GLU MA 195 2.81 -8.06 22.09
CA GLU MA 195 3.85 -8.44 21.14
C GLU MA 195 4.74 -9.51 21.77
N VAL MA 196 5.09 -10.51 20.97
CA VAL MA 196 6.03 -11.55 21.38
C VAL MA 196 7.10 -11.71 20.30
N SER MA 197 8.36 -11.75 20.72
CA SER MA 197 9.49 -11.92 19.81
C SER MA 197 10.41 -12.98 20.39
N PHE MA 198 10.73 -13.99 19.58
CA PHE MA 198 11.66 -15.04 19.95
C PHE MA 198 12.86 -15.00 19.00
N ASN MA 199 14.05 -14.76 19.55
CA ASN MA 199 15.28 -14.82 18.78
C ASN MA 199 16.27 -15.69 19.54
N GLY MA 200 16.88 -16.65 18.86
CA GLY MA 200 17.78 -17.50 19.59
C GLY MA 200 18.71 -18.32 18.71
N ASP MA 201 19.67 -18.94 19.38
CA ASP MA 201 20.65 -19.81 18.75
C ASP MA 201 20.92 -20.95 19.72
N ASN MA 202 21.35 -22.10 19.18
CA ASN MA 202 21.74 -23.23 20.01
C ASN MA 202 23.17 -23.12 20.53
N GLN MA 203 24.08 -22.60 19.72
CA GLN MA 203 25.49 -22.53 20.07
C GLN MA 203 25.83 -21.21 20.77
N GLU MA 204 25.58 -20.10 20.09
CA GLU MA 204 26.13 -18.81 20.46
C GLU MA 204 25.07 -17.92 21.09
N GLY MA 205 24.11 -17.46 20.30
CA GLY MA 205 23.13 -16.53 20.83
C GLY MA 205 22.19 -17.24 21.79
N ASP MA 206 22.20 -16.77 23.04
CA ASP MA 206 21.34 -17.29 24.08
C ASP MA 206 19.90 -17.35 23.59
N TRP MA 207 19.09 -18.15 24.28
CA TRP MA 207 17.67 -18.01 24.07
C TRP MA 207 17.30 -16.61 24.54
N ILE MA 208 16.69 -15.80 23.67
CA ILE MA 208 16.22 -14.49 24.06
C ILE MA 208 14.80 -14.32 23.54
N MET MA 209 13.93 -13.81 24.40
CA MET MA 209 12.61 -13.36 24.02
C MET MA 209 12.41 -11.93 24.48
N THR MA 210 11.61 -11.19 23.71
CA THR MA 210 11.22 -9.84 24.09
C THR MA 210 9.71 -9.74 24.04
N LEU MA 211 9.13 -9.22 25.12
CA LEU MA 211 7.69 -9.09 25.27
C LEU MA 211 7.35 -7.62 25.44
N THR MA 212 6.40 -7.15 24.65
CA THR MA 212 5.81 -5.84 24.85
C THR MA 212 4.43 -5.97 25.46
N GLY MA 213 4.21 -5.25 26.54
CA GLY MA 213 2.94 -5.24 27.22
C GLY MA 213 2.41 -3.83 27.37
N GLU MA 214 1.11 -3.67 27.20
CA GLU MA 214 0.42 -2.41 27.45
C GLU MA 214 -0.18 -2.51 28.85
N ALA MA 215 0.16 -1.55 29.71
CA ALA MA 215 -0.09 -1.69 31.14
C ALA MA 215 -1.58 -1.81 31.47
N ILE MA 216 -1.87 -2.60 32.49
CA ILE MA 216 -3.21 -2.70 33.06
C ILE MA 216 -3.37 -1.60 34.10
N GLY MA 217 -4.51 -0.92 34.07
CA GLY MA 217 -4.79 0.15 34.99
C GLY MA 217 -5.35 -0.34 36.31
N GLY MA 218 -5.74 0.62 37.15
CA GLY MA 218 -6.34 0.30 38.43
C GLY MA 218 -7.65 -0.46 38.28
N ASP MA 219 -8.42 -0.14 37.23
CA ASP MA 219 -9.73 -0.74 37.01
C ASP MA 219 -9.66 -2.12 36.36
N LYS MA 220 -8.46 -2.72 36.30
CA LYS MA 220 -8.28 -4.03 35.68
C LYS MA 220 -8.47 -3.97 34.17
N LYS MA 221 -8.10 -2.84 33.57
CA LYS MA 221 -8.23 -2.64 32.14
C LYS MA 221 -6.89 -2.22 31.54
N VAL MA 222 -6.70 -2.57 30.28
CA VAL MA 222 -5.47 -2.19 29.59
C VAL MA 222 -5.54 -0.73 29.16
N ASP MA 223 -4.40 -0.06 29.25
CA ASP MA 223 -4.23 1.28 28.70
C ASP MA 223 -4.17 1.16 27.18
N GLU MA 224 -5.32 1.27 26.52
CA GLU MA 224 -5.42 0.93 25.10
C GLU MA 224 -4.47 1.73 24.24
N GLY MA 225 -4.31 3.02 24.49
CA GLY MA 225 -3.68 3.91 23.54
C GLY MA 225 -4.70 4.51 22.62
N LYS MA 226 -4.50 5.77 22.22
CA LYS MA 226 -5.52 6.52 21.51
C LYS MA 226 -5.67 5.98 20.09
N LYS MA 227 -6.78 5.26 19.85
CA LYS MA 227 -7.07 4.74 18.52
C LYS MA 227 -7.49 5.89 17.62
N ALA MA 228 -6.80 6.06 16.49
CA ALA MA 228 -6.99 7.20 15.61
C ALA MA 228 -7.88 6.79 14.44
N LYS MA 229 -8.99 7.50 14.26
CA LYS MA 229 -9.99 7.12 13.26
C LYS MA 229 -9.46 7.26 11.85
N MET NA 1 -6.04 7.11 8.21
CA MET NA 1 -5.83 8.52 8.51
C MET NA 1 -4.33 8.80 8.72
N THR NA 2 -3.92 10.05 8.51
CA THR NA 2 -2.51 10.43 8.42
C THR NA 2 -1.95 10.72 9.80
N GLY NA 3 -0.77 10.17 10.08
CA GLY NA 3 -0.05 10.49 11.31
C GLY NA 3 -0.78 10.08 12.57
N TYR NA 4 -0.86 8.79 12.85
CA TYR NA 4 -1.51 8.37 14.09
C TYR NA 4 -0.68 8.72 15.30
N LEU NA 5 0.63 8.88 15.13
CA LEU NA 5 1.49 9.13 16.28
C LEU NA 5 2.44 10.33 16.13
N GLY NA 6 2.84 10.75 14.92
CA GLY NA 6 3.58 12.02 14.87
C GLY NA 6 4.40 12.48 13.67
N LYS NA 7 5.46 13.27 13.95
CA LYS NA 7 6.03 14.18 12.96
C LYS NA 7 6.50 13.47 11.71
N THR NA 8 7.59 12.72 11.86
CA THR NA 8 8.43 12.33 10.76
C THR NA 8 8.97 10.92 10.89
N THR NA 9 8.81 10.31 12.07
CA THR NA 9 8.90 8.86 12.23
C THR NA 9 7.53 8.27 11.91
N ASN NA 10 7.06 8.61 10.72
CA ASN NA 10 5.76 8.14 10.25
C ASN NA 10 5.81 6.65 9.98
N GLN NA 11 4.94 5.90 10.61
CA GLN NA 11 4.96 4.45 10.46
C GLN NA 11 4.78 4.07 9.00
N ASP NA 12 5.44 2.98 8.61
CA ASP NA 12 5.19 2.45 7.28
C ASP NA 12 3.71 2.19 7.06
N ARG NA 13 2.97 1.86 8.13
CA ARG NA 13 1.54 1.67 8.03
C ARG NA 13 0.83 2.96 7.63
N ASP NA 14 1.24 4.09 8.22
CA ASP NA 14 0.61 5.36 7.89
C ASP NA 14 0.76 5.71 6.42
N VAL NA 15 1.97 5.59 5.86
CA VAL NA 15 2.25 6.06 4.51
C VAL NA 15 1.80 5.05 3.47
N VAL NA 16 1.17 3.95 3.90
CA VAL NA 16 0.54 3.00 3.00
C VAL NA 16 -0.98 3.14 3.05
N SER NA 17 -1.55 3.21 4.24
CA SER NA 17 -2.96 3.54 4.33
C SER NA 17 -3.24 4.93 3.77
N ALA NA 18 -2.26 5.83 3.77
CA ALA NA 18 -2.45 7.13 3.13
C ALA NA 18 -2.58 6.98 1.61
N VAL NA 19 -1.76 6.12 1.01
CA VAL NA 19 -1.91 5.87 -0.43
C VAL NA 19 -3.27 5.24 -0.72
N ALA NA 20 -3.67 4.24 0.08
CA ALA NA 20 -4.99 3.65 -0.10
C ALA NA 20 -6.09 4.71 0.04
N GLN NA 21 -5.93 5.61 1.00
CA GLN NA 21 -6.91 6.65 1.25
C GLN NA 21 -7.01 7.61 0.06
N SER NA 22 -5.86 8.01 -0.48
CA SER NA 22 -5.85 8.90 -1.63
C SER NA 22 -6.49 8.26 -2.85
N GLU NA 23 -6.16 7.00 -3.12
CA GLU NA 23 -6.76 6.31 -4.24
C GLU NA 23 -8.23 6.03 -4.03
N ARG NA 24 -8.66 5.99 -2.76
CA ARG NA 24 -10.08 5.88 -2.48
C ARG NA 24 -10.80 7.21 -2.69
N GLU NA 25 -10.13 8.33 -2.38
CA GLU NA 25 -10.64 9.61 -2.83
C GLU NA 25 -10.84 9.65 -4.33
N SER NA 26 -9.83 9.25 -5.10
CA SER NA 26 -9.79 9.53 -6.53
C SER NA 26 -11.00 8.99 -7.28
N VAL NA 27 -11.66 7.96 -6.77
CA VAL NA 27 -12.76 7.33 -7.47
C VAL NA 27 -13.95 8.27 -7.45
N TRP NA 28 -14.72 8.23 -8.53
CA TRP NA 28 -15.96 8.98 -8.64
C TRP NA 28 -17.13 8.11 -8.21
N GLY NA 29 -18.22 8.77 -7.88
CA GLY NA 29 -19.44 8.10 -7.50
C GLY NA 29 -20.58 8.98 -7.92
N GLU NA 30 -21.68 8.88 -7.19
CA GLU NA 30 -22.83 9.69 -7.52
C GLU NA 30 -22.54 11.14 -7.18
N MET NA 31 -23.38 12.03 -7.70
CA MET NA 31 -23.45 13.41 -7.26
C MET NA 31 -24.62 14.07 -7.97
N PRO NA 32 -25.25 15.07 -7.35
CA PRO NA 32 -26.33 15.79 -8.02
C PRO NA 32 -25.79 16.81 -9.01
N GLY NA 33 -26.60 17.08 -10.03
CA GLY NA 33 -26.19 18.00 -11.08
C GLY NA 33 -27.36 18.74 -11.69
N ARG NA 34 -27.03 19.89 -12.30
CA ARG NA 34 -27.99 20.79 -12.91
C ARG NA 34 -27.88 20.68 -14.42
N VAL NA 35 -29.00 20.47 -15.10
CA VAL NA 35 -29.00 20.41 -16.55
C VAL NA 35 -28.74 21.80 -17.11
N VAL NA 36 -27.81 21.88 -18.07
CA VAL NA 36 -27.50 23.15 -18.72
C VAL NA 36 -28.21 23.22 -20.05
N SER NA 37 -28.08 22.17 -20.87
CA SER NA 37 -28.74 22.11 -22.16
C SER NA 37 -29.11 20.66 -22.46
N VAL NA 38 -30.04 20.48 -23.40
CA VAL NA 38 -30.54 19.16 -23.77
C VAL NA 38 -30.43 19.02 -25.27
N SER NA 39 -29.70 18.00 -25.73
CA SER NA 39 -29.48 17.81 -27.14
C SER NA 39 -30.80 17.57 -27.86
N ALA NA 40 -30.84 17.98 -29.13
CA ALA NA 40 -32.06 17.81 -29.92
C ALA NA 40 -32.42 16.35 -30.12
N ASP NA 41 -31.44 15.45 -30.22
CA ASP NA 41 -31.73 14.03 -30.33
C ASP NA 41 -32.19 13.43 -29.02
N GLY NA 42 -32.06 14.17 -27.92
CA GLY NA 42 -32.75 13.82 -26.68
C GLY NA 42 -32.13 12.73 -25.85
N ARG NA 43 -30.83 12.46 -26.03
CA ARG NA 43 -30.15 11.44 -25.24
C ARG NA 43 -28.89 11.93 -24.54
N THR NA 44 -28.39 13.13 -24.87
CA THR NA 44 -27.20 13.68 -24.26
C THR NA 44 -27.53 15.06 -23.69
N VAL NA 45 -27.05 15.30 -22.47
CA VAL NA 45 -27.34 16.53 -21.75
C VAL NA 45 -26.04 17.19 -21.35
N THR NA 46 -25.98 18.51 -21.49
CA THR NA 46 -24.90 19.31 -20.97
C THR NA 46 -25.19 19.59 -19.50
N VAL NA 47 -24.35 19.08 -18.61
CA VAL NA 47 -24.62 19.09 -17.18
C VAL NA 47 -23.52 19.86 -16.45
N GLN NA 48 -23.94 20.72 -15.55
CA GLN NA 48 -23.08 21.43 -14.61
C GLN NA 48 -23.24 20.87 -13.22
N PRO NA 49 -22.58 19.77 -12.88
CA PRO NA 49 -22.95 19.07 -11.65
C PRO NA 49 -22.66 19.96 -10.45
N LEU NA 50 -23.43 19.75 -9.38
CA LEU NA 50 -23.42 20.67 -8.25
C LEU NA 50 -22.29 20.43 -7.27
N TYR NA 51 -21.43 19.45 -7.56
CA TYR NA 51 -20.31 19.15 -6.71
C TYR NA 51 -19.02 19.77 -7.23
N LYS NA 52 -18.23 20.37 -6.34
CA LYS NA 52 -16.83 20.68 -6.62
C LYS NA 52 -16.06 19.77 -5.67
N PRO NA 53 -15.06 19.05 -6.15
CA PRO NA 53 -14.10 18.46 -5.21
C PRO NA 53 -13.15 19.51 -4.68
N LYS NA 54 -12.36 19.14 -3.68
CA LYS NA 54 -11.65 20.14 -2.88
C LYS NA 54 -10.40 20.54 -3.66
N PHE NA 55 -10.29 21.84 -3.92
CA PHE NA 55 -9.20 22.45 -4.70
C PHE NA 55 -8.60 23.62 -3.93
N ASN NA 56 -7.28 23.66 -3.85
CA ASN NA 56 -6.57 24.79 -3.22
C ASN NA 56 -7.31 25.27 -1.98
N GLY NA 57 -7.65 24.32 -1.13
CA GLY NA 57 -8.42 24.56 0.06
C GLY NA 57 -9.73 25.25 -0.18
N VAL NA 58 -10.13 25.40 -1.44
CA VAL NA 58 -11.20 26.34 -1.78
C VAL NA 58 -12.03 25.81 -2.93
N PRO NA 59 -13.26 26.29 -3.08
CA PRO NA 59 -13.97 26.09 -4.34
C PRO NA 59 -13.14 26.43 -5.56
N THR NA 60 -12.86 25.41 -6.36
CA THR NA 60 -12.71 25.58 -7.80
C THR NA 60 -13.83 24.76 -8.41
N ASP NA 61 -14.03 24.87 -9.72
CA ASP NA 61 -15.11 24.11 -10.31
C ASP NA 61 -14.63 23.29 -11.50
N MET NA 62 -14.90 22.01 -11.40
CA MET NA 62 -14.70 21.08 -12.50
C MET NA 62 -15.75 21.33 -13.57
N PRO NA 63 -15.38 21.25 -14.85
CA PRO NA 63 -16.15 21.97 -15.86
C PRO NA 63 -17.44 21.26 -16.22
N VAL NA 64 -18.26 21.97 -16.99
CA VAL NA 64 -19.55 21.45 -17.40
C VAL NA 64 -19.32 20.16 -18.18
N LEU NA 65 -19.89 19.06 -17.69
CA LEU NA 65 -19.74 17.76 -18.32
C LEU NA 65 -20.54 17.76 -19.62
N GLN NA 66 -19.93 17.30 -20.70
CA GLN NA 66 -20.50 17.40 -22.03
C GLN NA 66 -20.83 16.02 -22.60
N GLU NA 67 -21.81 16.00 -23.50
CA GLU NA 67 -22.32 14.78 -24.12
C GLU NA 67 -22.43 13.66 -23.09
N VAL NA 68 -23.10 14.01 -22.00
CA VAL NA 68 -23.35 13.06 -20.91
C VAL NA 68 -24.54 12.22 -21.36
N PRO NA 69 -24.43 10.89 -21.48
CA PRO NA 69 -25.57 10.13 -22.00
C PRO NA 69 -26.77 10.19 -21.07
N LEU NA 70 -27.81 10.91 -21.47
CA LEU NA 70 -29.06 10.89 -20.73
C LEU NA 70 -29.66 9.49 -20.79
N ARG NA 71 -30.30 9.07 -19.70
CA ARG NA 71 -30.76 7.68 -19.58
C ARG NA 71 -32.19 7.67 -19.05
N GLN NA 72 -33.14 7.63 -19.98
CA GLN NA 72 -34.53 7.41 -19.64
C GLN NA 72 -34.77 5.94 -19.30
N ALA NA 73 -35.84 5.67 -18.57
CA ALA NA 73 -36.20 4.31 -18.15
C ALA NA 73 -36.95 3.60 -19.27
N LEU NA 74 -36.18 3.23 -20.30
CA LEU NA 74 -36.70 2.56 -21.48
C LEU NA 74 -35.88 1.31 -21.75
N MET NA 75 -36.51 0.31 -22.36
CA MET NA 75 -35.78 -0.82 -22.96
C MET NA 75 -36.37 -1.04 -24.36
N GLY NA 76 -35.54 -0.81 -25.37
CA GLY NA 76 -35.99 -0.88 -26.73
C GLY NA 76 -36.89 0.26 -27.14
N GLY NA 77 -36.88 1.36 -26.38
CA GLY NA 77 -37.76 2.47 -26.66
C GLY NA 77 -39.04 2.39 -25.87
N VAL NA 78 -39.41 1.18 -25.47
CA VAL NA 78 -40.64 0.94 -24.73
C VAL NA 78 -40.40 1.28 -23.27
N GLY NA 79 -40.99 2.37 -22.80
CA GLY NA 79 -40.87 2.75 -21.40
C GLY NA 79 -41.51 4.08 -21.09
N VAL NA 80 -41.02 4.76 -20.04
CA VAL NA 80 -41.54 6.03 -19.58
C VAL NA 80 -40.51 7.11 -19.85
N THR NA 81 -40.99 8.33 -20.07
CA THR NA 81 -40.17 9.49 -20.38
C THR NA 81 -40.54 10.67 -19.49
N VAL NA 82 -39.57 11.54 -19.27
CA VAL NA 82 -39.79 12.81 -18.57
C VAL NA 82 -39.19 13.93 -19.41
N PRO NA 83 -39.93 15.03 -19.64
CA PRO NA 83 -39.40 16.12 -20.48
C PRO NA 83 -38.29 16.87 -19.78
N VAL NA 84 -37.05 16.64 -20.23
CA VAL NA 84 -35.88 17.22 -19.60
C VAL NA 84 -35.65 18.63 -20.15
N LYS NA 85 -35.49 19.58 -19.25
CA LYS NA 85 -35.42 20.98 -19.61
C LYS NA 85 -34.21 21.59 -18.92
N PRO NA 86 -33.65 22.68 -19.46
CA PRO NA 86 -32.50 23.32 -18.80
C PRO NA 86 -32.85 23.84 -17.42
N GLY NA 87 -32.19 23.33 -16.38
CA GLY NA 87 -32.37 23.78 -15.01
C GLY NA 87 -32.83 22.70 -14.05
N GLN NA 88 -33.16 21.51 -14.53
CA GLN NA 88 -33.62 20.44 -13.66
C GLN NA 88 -32.44 19.73 -13.01
N ASN NA 89 -32.73 18.86 -12.05
CA ASN NA 89 -31.69 18.16 -11.30
C ASN NA 89 -31.63 16.68 -11.68
N VAL NA 90 -30.45 16.22 -12.07
CA VAL NA 90 -30.21 14.80 -12.33
C VAL NA 90 -29.21 14.27 -11.31
N THR NA 91 -29.03 12.96 -11.26
CA THR NA 91 -27.95 12.34 -10.51
C THR NA 91 -26.99 11.69 -11.49
N LEU NA 92 -25.69 11.85 -11.26
CA LEU NA 92 -24.68 11.32 -12.16
C LEU NA 92 -24.11 10.03 -11.59
N ARG NA 93 -23.74 9.12 -12.49
CA ARG NA 93 -23.06 7.91 -12.07
C ARG NA 93 -21.91 7.60 -13.03
N PRO NA 94 -20.67 7.53 -12.56
CA PRO NA 94 -19.58 7.10 -13.41
C PRO NA 94 -19.57 5.59 -13.52
N GLN NA 95 -18.91 5.11 -14.57
CA GLN NA 95 -18.74 3.69 -14.76
C GLN NA 95 -17.41 3.18 -14.24
N MET NA 96 -17.27 1.86 -14.27
CA MET NA 96 -15.99 1.25 -13.95
C MET NA 96 -14.97 1.56 -15.02
N ARG NA 97 -15.41 1.74 -16.26
CA ARG NA 97 -14.51 2.05 -17.38
C ARG NA 97 -15.25 2.93 -18.38
N SER NA 98 -14.50 3.69 -19.17
CA SER NA 98 -15.15 4.64 -20.06
C SER NA 98 -15.66 3.92 -21.31
N MET NA 99 -16.56 4.57 -22.03
CA MET NA 99 -17.28 3.86 -23.07
C MET NA 99 -17.32 4.81 -24.26
N ASP NA 100 -16.22 5.54 -24.45
CA ASP NA 100 -16.10 6.53 -25.54
C ASP NA 100 -16.76 6.04 -26.80
N ASN NA 101 -16.27 4.93 -27.31
CA ASN NA 101 -16.66 4.55 -28.65
C ASN NA 101 -17.62 3.39 -28.65
N TYR NA 102 -18.03 2.94 -27.48
CA TYR NA 102 -19.30 2.24 -27.41
C TYR NA 102 -20.47 3.20 -27.58
N HIS NA 103 -20.20 4.51 -27.57
CA HIS NA 103 -21.18 5.50 -28.00
C HIS NA 103 -20.84 6.14 -29.34
N VAL NA 104 -19.55 6.31 -29.65
CA VAL NA 104 -19.15 6.79 -30.97
C VAL NA 104 -19.32 5.73 -32.05
N GLU NA 105 -19.34 4.45 -31.70
CA GLU NA 105 -19.36 3.39 -32.70
C GLU NA 105 -20.33 2.26 -32.40
N GLY NA 106 -20.81 2.13 -31.17
CA GLY NA 106 -21.67 1.03 -30.78
C GLY NA 106 -20.95 -0.30 -30.69
N ASP NA 107 -19.89 -0.50 -31.48
CA ASP NA 107 -18.89 -1.49 -31.11
C ASP NA 107 -18.11 -0.96 -29.91
N GLY NA 108 -17.84 -1.85 -28.98
CA GLY NA 108 -17.96 -1.49 -27.58
C GLY NA 108 -16.72 -1.31 -26.75
N SER NA 109 -15.71 -0.57 -27.19
CA SER NA 109 -14.60 -0.32 -26.29
C SER NA 109 -13.88 1.02 -26.51
N ALA NA 110 -13.71 1.77 -25.42
CA ALA NA 110 -13.21 3.14 -25.37
C ALA NA 110 -11.72 3.13 -25.71
N SER NA 111 -10.96 4.18 -25.36
CA SER NA 111 -9.67 4.40 -26.02
C SER NA 111 -8.45 3.64 -25.42
N ASP NA 112 -7.86 4.07 -24.30
CA ASP NA 112 -6.68 3.49 -23.61
C ASP NA 112 -7.14 2.42 -22.59
N SER NA 113 -6.48 2.16 -21.43
CA SER NA 113 -7.19 1.28 -20.45
C SER NA 113 -7.25 1.69 -18.95
N ARG NA 114 -8.41 2.22 -18.44
CA ARG NA 114 -8.57 2.93 -17.15
C ARG NA 114 -9.30 2.11 -16.09
N SER NA 115 -9.68 2.81 -15.02
CA SER NA 115 -10.91 2.57 -14.27
C SER NA 115 -11.58 3.92 -13.97
N PHE NA 116 -12.90 3.90 -13.73
CA PHE NA 116 -13.62 4.95 -12.98
C PHE NA 116 -13.20 6.37 -13.35
N SER NA 117 -13.62 6.83 -14.54
CA SER NA 117 -13.25 8.17 -14.97
C SER NA 117 -14.39 9.17 -14.77
N LEU NA 118 -14.01 10.42 -14.52
CA LEU NA 118 -14.96 11.52 -14.52
C LEU NA 118 -15.69 11.66 -15.84
N SER NA 119 -15.06 11.27 -16.93
CA SER NA 119 -15.64 11.40 -18.26
C SER NA 119 -16.57 10.24 -18.61
N ASP NA 120 -17.14 9.56 -17.62
CA ASP NA 120 -17.97 8.39 -17.84
C ASP NA 120 -19.29 8.46 -17.10
N MET NA 121 -19.86 9.65 -16.98
CA MET NA 121 -21.06 9.80 -16.19
C MET NA 121 -22.31 9.63 -17.06
N GLU NA 122 -23.22 8.79 -16.57
CA GLU NA 122 -24.59 8.76 -17.03
C GLU NA 122 -25.44 9.63 -16.13
N ALA NA 123 -26.39 10.35 -16.74
CA ALA NA 123 -27.35 11.19 -16.02
C ALA NA 123 -28.65 10.43 -15.85
N HIS NA 124 -29.20 10.46 -14.64
CA HIS NA 124 -30.39 9.70 -14.30
C HIS NA 124 -31.38 10.61 -13.61
N ILE NA 125 -32.67 10.32 -13.77
CA ILE NA 125 -33.71 11.20 -13.24
C ILE NA 125 -33.68 11.26 -11.73
N ALA NA 126 -33.59 10.11 -11.04
CA ALA NA 126 -33.84 10.02 -9.61
C ALA NA 126 -32.53 10.09 -8.84
N GLY NA 127 -32.40 11.09 -7.98
CA GLY NA 127 -31.27 11.18 -7.07
C GLY NA 127 -30.60 12.54 -7.04
N GLY NA 128 -31.20 13.54 -7.69
CA GLY NA 128 -30.50 14.79 -7.92
C GLY NA 128 -30.90 15.97 -7.07
N GLU NA 129 -32.16 16.04 -6.67
CA GLU NA 129 -32.70 17.25 -6.05
C GLU NA 129 -32.28 17.33 -4.58
N SER NA 130 -32.40 18.54 -4.02
CA SER NA 130 -32.03 18.78 -2.63
C SER NA 130 -33.26 18.68 -1.75
N LEU NA 131 -33.09 18.17 -0.52
CA LEU NA 131 -34.21 18.07 0.40
C LEU NA 131 -34.71 19.44 0.84
N LYS NA 132 -33.86 20.47 0.83
CA LYS NA 132 -34.33 21.80 1.19
C LYS NA 132 -35.45 22.22 0.25
N ASP NA 133 -35.24 22.05 -1.05
CA ASP NA 133 -36.22 22.43 -2.06
C ASP NA 133 -37.28 21.34 -2.10
N VAL NA 134 -38.51 21.74 -1.77
CA VAL NA 134 -39.59 20.79 -1.59
C VAL NA 134 -40.39 20.62 -2.88
N ILE NA 135 -40.67 19.37 -3.23
CA ILE NA 135 -41.53 19.05 -4.36
C ILE NA 135 -42.94 18.88 -3.81
N PRO NA 136 -43.90 19.74 -4.18
CA PRO NA 136 -45.21 19.72 -3.50
C PRO NA 136 -46.09 18.56 -3.92
N ASN NA 137 -47.09 18.30 -3.07
CA ASN NA 137 -48.18 17.39 -3.37
C ASN NA 137 -47.67 15.99 -3.70
N LEU NA 138 -47.01 15.36 -2.73
CA LEU NA 138 -46.55 13.98 -2.91
C LEU NA 138 -47.68 13.04 -2.52
N ASP NA 139 -48.42 12.56 -3.52
CA ASP NA 139 -49.48 11.59 -3.31
C ASP NA 139 -48.90 10.36 -2.63
N SER NA 140 -49.42 10.05 -1.45
CA SER NA 140 -48.83 9.06 -0.57
C SER NA 140 -49.67 7.81 -0.40
N GLU NA 141 -50.72 7.62 -1.19
CA GLU NA 141 -51.53 6.41 -1.12
C GLU NA 141 -51.81 5.81 -2.49
N ASN NA 142 -51.77 6.61 -3.55
CA ASN NA 142 -52.19 6.20 -4.88
C ASN NA 142 -51.04 6.40 -5.87
N VAL NA 143 -50.91 5.47 -6.82
CA VAL NA 143 -49.88 5.61 -7.86
C VAL NA 143 -50.18 6.85 -8.67
N HIS NA 144 -49.27 7.82 -8.61
CA HIS NA 144 -49.48 9.13 -9.22
C HIS NA 144 -48.45 9.35 -10.31
N VAL NA 145 -48.91 9.80 -11.47
CA VAL NA 145 -48.03 10.20 -12.57
C VAL NA 145 -48.36 11.65 -12.93
N ARG NA 146 -47.33 12.45 -13.12
CA ARG NA 146 -47.46 13.89 -13.20
C ARG NA 146 -47.05 14.40 -14.57
N ALA NA 147 -47.63 15.54 -14.97
CA ALA NA 147 -47.14 16.28 -16.12
C ALA NA 147 -46.81 17.72 -15.75
N ASN NA 148 -46.85 18.08 -14.46
CA ASN NA 148 -46.46 19.41 -14.03
C ASN NA 148 -45.73 19.30 -12.70
N ALA NA 149 -44.95 20.33 -12.40
CA ALA NA 149 -44.11 20.29 -11.20
C ALA NA 149 -44.94 20.17 -9.93
N ASP NA 150 -46.15 20.71 -9.93
CA ASP NA 150 -46.99 20.70 -8.75
C ASP NA 150 -47.75 19.40 -8.57
N GLY NA 151 -47.62 18.47 -9.50
CA GLY NA 151 -48.34 17.21 -9.39
C GLY NA 151 -49.83 17.41 -9.31
N SER NA 152 -50.35 18.36 -10.07
CA SER NA 152 -51.77 18.67 -10.08
C SER NA 152 -52.42 18.41 -11.43
N LYS NA 153 -51.65 18.00 -12.44
CA LYS NA 153 -52.19 17.69 -13.75
C LYS NA 153 -51.52 16.41 -14.24
N GLY NA 154 -52.24 15.30 -14.18
CA GLY NA 154 -51.70 14.02 -14.58
C GLY NA 154 -52.72 12.93 -14.38
N MET NA 155 -52.29 11.76 -13.90
CA MET NA 155 -53.21 10.64 -13.71
C MET NA 155 -52.93 10.00 -12.37
N LYS NA 156 -53.98 9.81 -11.58
CA LYS NA 156 -53.92 9.12 -10.30
C LYS NA 156 -54.67 7.78 -10.39
N LEU NA 157 -54.11 6.78 -9.72
CA LEU NA 157 -54.58 5.41 -9.89
C LEU NA 157 -54.50 4.67 -8.56
N SER NA 158 -55.65 4.17 -8.07
CA SER NA 158 -55.80 3.74 -6.68
C SER NA 158 -55.68 2.23 -6.51
N PRO NA 159 -55.42 1.76 -5.30
CA PRO NA 159 -55.33 0.30 -5.08
C PRO NA 159 -56.61 -0.43 -5.47
N GLU NA 160 -57.76 0.18 -5.21
CA GLU NA 160 -59.03 -0.39 -5.65
C GLU NA 160 -59.18 -0.37 -7.16
N GLY NA 161 -58.37 0.43 -7.86
CA GLY NA 161 -58.47 0.58 -9.29
C GLY NA 161 -59.13 1.87 -9.75
N LYS NA 162 -59.51 2.76 -8.82
CA LYS NA 162 -60.09 4.03 -9.22
C LYS NA 162 -59.10 4.83 -10.03
N VAL NA 163 -59.62 5.66 -10.93
CA VAL NA 163 -58.83 6.37 -11.93
C VAL NA 163 -59.19 7.85 -11.89
N GLU NA 164 -58.21 8.69 -12.22
CA GLU NA 164 -58.48 10.11 -12.36
C GLU NA 164 -57.49 10.70 -13.35
N PHE NA 165 -58.00 11.23 -14.47
CA PHE NA 165 -57.19 11.99 -15.43
C PHE NA 165 -57.43 13.46 -15.16
N GLN NA 166 -56.81 13.97 -14.11
CA GLN NA 166 -57.06 15.34 -13.69
C GLN NA 166 -56.39 16.32 -14.65
N GLY NA 167 -57.07 16.62 -15.75
CA GLY NA 167 -56.59 17.58 -16.73
C GLY NA 167 -56.99 18.99 -16.39
N PRO NA 168 -56.84 19.91 -17.35
CA PRO NA 168 -57.26 21.29 -17.08
C PRO NA 168 -58.73 21.41 -16.77
N GLU NA 169 -59.55 20.62 -17.48
CA GLU NA 169 -61.00 20.72 -17.37
C GLU NA 169 -61.53 20.04 -16.12
N GLY NA 170 -60.90 18.96 -15.69
CA GLY NA 170 -61.36 18.21 -14.53
C GLY NA 170 -61.24 16.72 -14.72
N ASN NA 171 -61.80 15.96 -13.77
CA ASN NA 171 -61.76 14.51 -13.83
C ASN NA 171 -62.46 14.03 -15.10
N LEU NA 172 -61.68 13.50 -16.05
CA LEU NA 172 -62.24 13.08 -17.33
C LEU NA 172 -63.35 12.04 -17.17
N LEU NA 173 -63.17 11.10 -16.24
CA LEU NA 173 -64.23 10.15 -15.96
C LEU NA 173 -65.49 10.87 -15.48
N ASP NA 174 -65.33 11.90 -14.64
CA ASP NA 174 -66.48 12.70 -14.23
C ASP NA 174 -67.15 13.38 -15.41
N LEU NA 175 -66.38 13.95 -16.34
CA LEU NA 175 -67.00 14.67 -17.44
C LEU NA 175 -67.70 13.74 -18.42
N ILE NA 176 -67.09 12.61 -18.74
CA ILE NA 176 -67.77 11.60 -19.54
C ILE NA 176 -69.02 11.09 -18.83
N ALA NA 177 -68.96 10.92 -17.50
CA ALA NA 177 -70.13 10.50 -16.75
C ALA NA 177 -71.21 11.56 -16.74
N ASP NA 178 -70.83 12.84 -16.74
CA ASP NA 178 -71.80 13.91 -16.89
C ASP NA 178 -72.50 13.83 -18.22
N PHE NA 179 -71.77 13.55 -19.29
CA PHE NA 179 -72.40 13.28 -20.59
C PHE NA 179 -73.36 12.11 -20.54
N MET NA 180 -72.95 10.97 -19.99
CA MET NA 180 -73.83 9.81 -20.03
C MET NA 180 -75.05 10.00 -19.13
N GLU NA 181 -74.91 10.69 -18.02
CA GLU NA 181 -76.04 10.96 -17.15
C GLU NA 181 -77.07 11.88 -17.79
N LEU NA 182 -76.64 12.88 -18.56
CA LEU NA 182 -77.60 13.72 -19.26
C LEU NA 182 -78.27 12.99 -20.42
N VAL NA 183 -77.60 12.02 -21.05
CA VAL NA 183 -78.29 11.17 -22.01
C VAL NA 183 -79.31 10.29 -21.31
N ALA NA 184 -78.92 9.69 -20.18
CA ALA NA 184 -79.82 8.80 -19.47
C ALA NA 184 -80.91 9.55 -18.73
N ASN NA 185 -80.81 10.87 -18.67
CA ASN NA 185 -81.88 11.74 -18.17
C ASN NA 185 -82.60 12.48 -19.30
N ASP NA 186 -82.13 12.33 -20.54
CA ASP NA 186 -82.66 13.13 -21.63
C ASP NA 186 -84.06 12.69 -22.01
N LYS NA 187 -84.78 13.59 -22.67
CA LYS NA 187 -86.17 13.37 -23.05
C LYS NA 187 -86.40 14.08 -24.38
N LEU NA 188 -86.51 13.30 -25.45
CA LEU NA 188 -86.58 13.89 -26.79
C LEU NA 188 -87.62 15.00 -26.83
N GLN NA 189 -87.41 15.95 -27.73
CA GLN NA 189 -88.30 17.09 -27.90
C GLN NA 189 -89.14 16.87 -29.16
N ILE NA 190 -90.45 17.01 -29.04
CA ILE NA 190 -91.37 16.89 -30.16
C ILE NA 190 -91.65 18.28 -30.69
N ASN NA 191 -91.81 18.40 -32.01
CA ASN NA 191 -91.97 19.72 -32.61
C ASN NA 191 -93.43 20.03 -32.96
N TYR NA 192 -94.07 19.17 -33.74
CA TYR NA 192 -95.47 19.37 -34.14
C TYR NA 192 -96.11 17.99 -34.27
N GLY NA 193 -97.28 17.95 -34.88
CA GLY NA 193 -97.91 16.68 -35.23
C GLY NA 193 -97.22 16.07 -36.42
N SER NA 194 -95.90 15.99 -36.37
CA SER NA 194 -95.04 15.73 -37.52
C SER NA 194 -94.52 14.30 -37.40
N SER NA 195 -95.21 13.38 -38.08
CA SER NA 195 -94.88 11.97 -38.02
C SER NA 195 -94.23 11.46 -39.30
N ALA NA 196 -93.35 12.28 -39.91
CA ALA NA 196 -92.76 11.93 -41.20
C ALA NA 196 -91.25 11.70 -41.14
N GLY NA 197 -90.58 12.13 -40.08
CA GLY NA 197 -89.14 11.93 -39.97
C GLY NA 197 -88.32 13.19 -39.89
N THR NA 198 -88.80 14.22 -39.22
CA THR NA 198 -88.19 15.54 -39.32
C THR NA 198 -88.02 16.19 -37.95
N ASN NA 199 -86.91 16.92 -37.80
CA ASN NA 199 -86.72 17.98 -36.82
C ASN NA 199 -86.71 17.50 -35.36
N HIS NA 200 -86.65 16.20 -35.09
CA HIS NA 200 -86.52 15.75 -33.71
C HIS NA 200 -85.08 15.91 -33.26
N ALA NA 201 -84.89 16.45 -32.05
CA ALA NA 201 -83.57 16.78 -31.52
C ALA NA 201 -83.53 16.53 -30.01
N MET NA 202 -82.33 16.27 -29.51
CA MET NA 202 -82.12 16.08 -28.08
C MET NA 202 -82.56 17.31 -27.31
N ALA NA 203 -83.18 17.10 -26.16
CA ALA NA 203 -83.64 18.22 -25.35
C ALA NA 203 -82.49 18.93 -24.66
N ASN NA 204 -81.46 18.19 -24.25
CA ASN NA 204 -80.28 18.76 -23.59
C ASN NA 204 -79.09 18.86 -24.55
N LYS NA 205 -79.38 19.18 -25.82
CA LYS NA 205 -78.37 19.14 -26.87
C LYS NA 205 -77.18 20.05 -26.56
N ALA NA 206 -77.43 21.23 -26.00
CA ALA NA 206 -76.36 22.19 -25.78
C ALA NA 206 -75.30 21.67 -24.81
N ALA NA 207 -75.72 21.10 -23.69
CA ALA NA 207 -74.75 20.58 -22.73
C ALA NA 207 -74.01 19.38 -23.28
N MET NA 208 -74.69 18.53 -24.05
CA MET NA 208 -74.00 17.42 -24.69
C MET NA 208 -72.91 17.93 -25.62
N LEU NA 209 -73.23 18.96 -26.41
CA LEU NA 209 -72.20 19.59 -27.23
C LEU NA 209 -71.07 20.16 -26.39
N ALA NA 210 -71.41 20.82 -25.28
CA ALA NA 210 -70.38 21.43 -24.44
C ALA NA 210 -69.40 20.37 -23.95
N LEU NA 211 -69.91 19.27 -23.41
CA LEU NA 211 -69.03 18.20 -22.93
C LEU NA 211 -68.23 17.58 -24.07
N ALA NA 212 -68.86 17.37 -25.23
CA ALA NA 212 -68.18 16.82 -26.38
C ALA NA 212 -67.03 17.69 -26.85
N ALA NA 213 -67.20 19.01 -26.86
CA ALA NA 213 -66.10 19.91 -27.22
C ALA NA 213 -65.05 19.98 -26.13
N LYS NA 214 -65.46 19.85 -24.86
CA LYS NA 214 -64.51 19.83 -23.76
C LYS NA 214 -63.56 18.65 -23.88
N VAL NA 215 -64.06 17.48 -24.24
CA VAL NA 215 -63.18 16.31 -24.32
C VAL NA 215 -62.13 16.48 -25.41
N ARG NA 216 -62.49 17.12 -26.52
CA ARG NA 216 -61.48 17.38 -27.54
C ARG NA 216 -60.49 18.45 -27.08
N THR NA 217 -60.99 19.47 -26.40
CA THR NA 217 -60.11 20.54 -25.93
C THR NA 217 -59.15 20.05 -24.84
N THR NA 218 -59.52 18.99 -24.12
CA THR NA 218 -58.62 18.34 -23.18
C THR NA 218 -57.91 17.13 -23.78
N GLY NA 219 -58.13 16.86 -25.06
CA GLY NA 219 -57.62 15.63 -25.65
C GLY NA 219 -56.64 15.80 -26.80
N THR NA 220 -56.78 16.86 -27.58
CA THR NA 220 -55.94 17.07 -28.76
C THR NA 220 -54.71 17.88 -28.33
N ILE NA 221 -53.63 17.17 -28.03
CA ILE NA 221 -52.39 17.80 -27.57
C ILE NA 221 -51.79 18.66 -28.67
N MET OA 1 -5.10 -11.19 -0.70
CA MET OA 1 -5.44 -12.14 0.33
C MET OA 1 -4.25 -12.36 1.28
N THR OA 2 -4.55 -12.70 2.54
CA THR OA 2 -3.57 -12.71 3.62
C THR OA 2 -2.87 -14.05 3.70
N GLY OA 3 -1.56 -14.04 3.91
CA GLY OA 3 -0.81 -15.24 4.20
C GLY OA 3 -0.90 -16.31 3.13
N TYR OA 4 -0.33 -16.06 1.96
CA TYR OA 4 -0.24 -17.11 0.94
C TYR OA 4 0.66 -18.24 1.41
N LEU OA 5 1.76 -17.90 2.07
CA LEU OA 5 2.80 -18.89 2.32
C LEU OA 5 3.05 -19.15 3.81
N GLY OA 6 2.97 -18.15 4.71
CA GLY OA 6 3.15 -18.52 6.12
C GLY OA 6 3.14 -17.53 7.27
N LYS OA 7 3.76 -17.94 8.39
CA LYS OA 7 3.42 -17.40 9.71
C LYS OA 7 3.64 -15.90 9.79
N THR OA 8 4.91 -15.52 9.80
CA THR OA 8 5.37 -14.25 10.34
C THR OA 8 6.45 -13.61 9.49
N THR OA 9 7.04 -14.38 8.56
CA THR OA 9 7.80 -13.81 7.45
C THR OA 9 6.80 -13.42 6.36
N ASN OA 10 5.84 -12.60 6.77
CA ASN OA 10 4.81 -12.12 5.85
C ASN OA 10 5.41 -11.14 4.87
N GLN OA 11 5.29 -11.45 3.58
CA GLN OA 11 5.90 -10.63 2.54
C GLN OA 11 5.37 -9.21 2.63
N ASP OA 12 6.26 -8.25 2.33
CA ASP OA 12 5.81 -6.87 2.25
C ASP OA 12 4.64 -6.73 1.29
N ARG OA 13 4.58 -7.57 0.25
CA ARG OA 13 3.45 -7.55 -0.67
C ARG OA 13 2.15 -7.92 0.03
N ASP OA 14 2.19 -8.92 0.91
CA ASP OA 14 0.99 -9.35 1.62
C ASP OA 14 0.41 -8.24 2.48
N VAL OA 15 1.25 -7.52 3.22
CA VAL OA 15 0.77 -6.56 4.21
C VAL OA 15 0.36 -5.26 3.53
N VAL OA 16 0.60 -5.15 2.22
CA VAL OA 16 0.12 -4.02 1.42
C VAL OA 16 -1.17 -4.36 0.71
N SER OA 17 -1.25 -5.55 0.10
CA SER OA 17 -2.55 -6.00 -0.38
C SER OA 17 -3.54 -6.11 0.77
N ALA OA 18 -3.08 -6.36 1.99
CA ALA OA 18 -3.98 -6.40 3.14
C ALA OA 18 -4.61 -5.04 3.42
N VAL OA 19 -3.82 -3.97 3.38
CA VAL OA 19 -4.43 -2.66 3.59
C VAL OA 19 -5.33 -2.29 2.42
N ALA OA 20 -4.93 -2.64 1.20
CA ALA OA 20 -5.79 -2.33 0.05
C ALA OA 20 -7.13 -3.06 0.16
N GLN OA 21 -7.11 -4.33 0.52
CA GLN OA 21 -8.35 -5.08 0.70
C GLN OA 21 -9.16 -4.57 1.89
N SER OA 22 -8.49 -4.12 2.95
CA SER OA 22 -9.25 -3.54 4.05
C SER OA 22 -9.99 -2.28 3.63
N GLU OA 23 -9.31 -1.37 2.93
CA GLU OA 23 -9.95 -0.15 2.47
C GLU OA 23 -10.98 -0.42 1.38
N ARG OA 24 -10.86 -1.56 0.70
CA ARG OA 24 -11.87 -1.96 -0.27
C ARG OA 24 -13.10 -2.53 0.42
N GLU OA 25 -12.91 -3.24 1.54
CA GLU OA 25 -14.05 -3.50 2.41
C GLU OA 25 -14.74 -2.22 2.81
N SER OA 26 -14.00 -1.24 3.32
CA SER OA 26 -14.57 -0.10 4.02
C SER OA 26 -15.57 0.67 3.17
N VAL OA 27 -15.53 0.53 1.85
CA VAL OA 27 -16.42 1.27 0.97
C VAL OA 27 -17.80 0.65 1.01
N TRP OA 28 -18.81 1.50 1.12
CA TRP OA 28 -20.19 1.09 1.04
C TRP OA 28 -20.61 1.01 -0.42
N GLY OA 29 -21.74 0.38 -0.63
CA GLY OA 29 -22.29 0.26 -1.97
C GLY OA 29 -23.75 -0.05 -1.86
N GLU OA 30 -24.25 -0.73 -2.86
CA GLU OA 30 -25.65 -1.11 -2.92
C GLU OA 30 -25.96 -2.14 -1.84
N MET OA 31 -27.20 -2.15 -1.39
CA MET OA 31 -27.71 -3.18 -0.51
C MET OA 31 -29.20 -2.93 -0.33
N PRO OA 32 -29.98 -3.97 0.00
CA PRO OA 32 -31.42 -3.79 0.19
C PRO OA 32 -31.75 -3.36 1.62
N GLY OA 33 -32.90 -2.70 1.75
CA GLY OA 33 -33.39 -2.29 3.06
C GLY OA 33 -34.91 -2.31 3.10
N ARG OA 34 -35.44 -2.44 4.32
CA ARG OA 34 -36.88 -2.34 4.54
C ARG OA 34 -37.21 -0.97 5.13
N VAL OA 35 -38.23 -0.32 4.56
CA VAL OA 35 -38.69 0.97 5.07
C VAL OA 35 -39.31 0.80 6.45
N VAL OA 36 -39.04 1.74 7.35
CA VAL OA 36 -39.66 1.74 8.67
C VAL OA 36 -40.75 2.80 8.72
N SER OA 37 -40.42 4.04 8.36
CA SER OA 37 -41.37 5.13 8.39
C SER OA 37 -41.15 6.02 7.18
N VAL OA 38 -42.21 6.72 6.78
CA VAL OA 38 -42.17 7.64 5.65
C VAL OA 38 -42.55 9.03 6.13
N SER OA 39 -41.66 10.00 5.93
CA SER OA 39 -41.90 11.34 6.43
C SER OA 39 -43.14 11.95 5.78
N ALA OA 40 -43.83 12.81 6.54
CA ALA OA 40 -45.06 13.41 6.04
C ALA OA 40 -44.84 14.20 4.75
N ASP OA 41 -43.68 14.85 4.62
CA ASP OA 41 -43.36 15.58 3.40
C ASP OA 41 -42.98 14.63 2.26
N GLY OA 42 -42.80 13.34 2.54
CA GLY OA 42 -42.76 12.35 1.50
C GLY OA 42 -41.46 12.24 0.72
N ARG OA 43 -40.35 12.71 1.28
CA ARG OA 43 -39.07 12.63 0.59
C ARG OA 43 -37.97 11.96 1.41
N THR OA 44 -38.17 11.76 2.71
CA THR OA 44 -37.20 11.10 3.56
C THR OA 44 -37.85 9.91 4.25
N VAL OA 45 -37.12 8.80 4.28
CA VAL OA 45 -37.62 7.54 4.80
C VAL OA 45 -36.67 7.05 5.90
N THR OA 46 -37.25 6.60 7.00
CA THR OA 46 -36.50 5.90 8.03
C THR OA 46 -36.26 4.48 7.56
N VAL OA 47 -35.07 4.22 7.03
CA VAL OA 47 -34.77 2.97 6.37
C VAL OA 47 -34.05 2.05 7.33
N GLN OA 48 -34.63 0.96 7.60
CA GLN OA 48 -33.99 -0.19 8.20
C GLN OA 48 -33.33 -0.99 7.08
N PRO OA 49 -32.01 -1.11 7.02
CA PRO OA 49 -31.40 -1.89 5.93
C PRO OA 49 -31.82 -3.36 6.01
N LEU OA 50 -31.15 -4.20 5.23
CA LEU OA 50 -31.20 -5.64 5.39
C LEU OA 50 -29.82 -6.26 5.51
N TYR OA 51 -28.78 -5.46 5.37
CA TYR OA 51 -27.41 -5.92 5.53
C TYR OA 51 -26.90 -5.64 6.94
N LYS OA 52 -26.14 -6.59 7.51
CA LYS OA 52 -25.32 -6.29 8.68
C LYS OA 52 -23.85 -6.39 8.27
N PRO OA 53 -22.98 -5.54 8.81
CA PRO OA 53 -21.55 -5.72 8.56
C PRO OA 53 -21.14 -7.05 9.18
N LYS OA 54 -19.85 -7.38 9.11
CA LYS OA 54 -19.37 -8.53 9.85
C LYS OA 54 -18.65 -8.00 11.09
N PHE OA 55 -19.21 -8.33 12.26
CA PHE OA 55 -18.63 -7.92 13.54
C PHE OA 55 -18.65 -9.09 14.52
N ASN OA 56 -17.55 -9.25 15.25
CA ASN OA 56 -17.32 -10.40 16.12
C ASN OA 56 -17.89 -11.66 15.50
N GLY OA 57 -17.44 -11.94 14.28
CA GLY OA 57 -17.81 -13.14 13.55
C GLY OA 57 -19.29 -13.40 13.56
N VAL OA 58 -20.08 -12.40 13.93
CA VAL OA 58 -21.49 -12.63 14.23
C VAL OA 58 -22.33 -11.44 13.79
N PRO OA 59 -23.60 -11.68 13.52
CA PRO OA 59 -24.56 -10.59 13.40
C PRO OA 59 -24.51 -9.55 14.51
N THR OA 60 -24.15 -8.32 14.13
CA THR OA 60 -24.56 -7.09 14.80
C THR OA 60 -25.32 -6.29 13.74
N ASP OA 61 -25.91 -5.16 14.12
CA ASP OA 61 -26.50 -4.28 13.10
C ASP OA 61 -26.05 -2.84 13.29
N MET OA 62 -25.83 -2.15 12.17
CA MET OA 62 -25.64 -0.71 12.22
C MET OA 62 -26.98 -0.07 12.58
N PRO OA 63 -26.99 1.17 13.05
CA PRO OA 63 -28.27 1.75 13.46
C PRO OA 63 -29.21 1.93 12.28
N VAL OA 64 -30.49 2.14 12.58
CA VAL OA 64 -31.46 2.48 11.55
C VAL OA 64 -31.02 3.75 10.87
N LEU OA 65 -30.94 3.73 9.55
CA LEU OA 65 -30.58 4.90 8.77
C LEU OA 65 -31.74 5.89 8.82
N GLN OA 66 -31.47 7.12 9.23
CA GLN OA 66 -32.50 8.12 9.45
C GLN OA 66 -32.40 9.23 8.43
N GLU OA 67 -33.54 9.87 8.15
CA GLU OA 67 -33.64 10.95 7.18
C GLU OA 67 -32.86 10.64 5.91
N VAL OA 68 -33.14 9.46 5.37
CA VAL OA 68 -32.55 8.98 4.13
C VAL OA 68 -33.28 9.66 2.98
N PRO OA 69 -32.61 10.36 2.06
CA PRO OA 69 -33.37 11.05 1.01
C PRO OA 69 -34.04 10.07 0.06
N LEU OA 70 -35.37 9.95 0.14
CA LEU OA 70 -36.12 9.15 -0.82
C LEU OA 70 -36.03 9.81 -2.19
N ARG OA 71 -35.95 9.00 -3.24
CA ARG OA 71 -35.68 9.52 -4.58
C ARG OA 71 -36.65 8.87 -5.58
N GLN OA 72 -37.77 9.56 -5.82
CA GLN OA 72 -38.68 9.17 -6.88
C GLN OA 72 -38.08 9.60 -8.23
N ALA OA 73 -38.58 8.97 -9.30
CA ALA OA 73 -38.12 9.28 -10.66
C ALA OA 73 -38.89 10.49 -11.21
N LEU OA 74 -38.48 11.66 -10.73
CA LEU OA 74 -39.08 12.93 -11.12
C LEU OA 74 -38.01 13.93 -11.55
N MET OA 75 -38.27 14.63 -12.65
CA MET OA 75 -37.46 15.78 -13.07
C MET OA 75 -38.28 17.03 -12.84
N GLY OA 76 -37.89 17.82 -11.85
CA GLY OA 76 -38.62 19.02 -11.52
C GLY OA 76 -40.03 18.76 -11.05
N GLY OA 77 -40.29 17.59 -10.46
CA GLY OA 77 -41.62 17.26 -10.00
C GLY OA 77 -42.39 16.46 -11.03
N VAL OA 78 -42.06 16.68 -12.30
CA VAL OA 78 -42.74 16.01 -13.40
C VAL OA 78 -42.16 14.60 -13.52
N GLY OA 79 -42.95 13.59 -13.19
CA GLY OA 79 -42.52 12.22 -13.30
C GLY OA 79 -43.55 11.23 -12.78
N VAL OA 80 -43.08 10.09 -12.25
CA VAL OA 80 -43.94 9.05 -11.72
C VAL OA 80 -43.64 8.85 -10.24
N THR OA 81 -44.65 8.37 -9.52
CA THR OA 81 -44.58 8.15 -8.09
C THR OA 81 -45.09 6.76 -7.73
N VAL OA 82 -44.57 6.23 -6.63
CA VAL OA 82 -45.06 4.98 -6.04
C VAL OA 82 -45.36 5.24 -4.57
N PRO OA 83 -46.54 4.86 -4.06
CA PRO OA 83 -46.88 5.14 -2.66
C PRO OA 83 -46.06 4.30 -1.70
N VAL OA 84 -45.11 4.94 -1.03
CA VAL OA 84 -44.21 4.24 -0.11
C VAL OA 84 -44.89 4.08 1.24
N LYS OA 85 -44.76 2.89 1.79
CA LYS OA 85 -45.43 2.53 3.04
C LYS OA 85 -44.45 1.78 3.91
N PRO OA 86 -44.66 1.76 5.22
CA PRO OA 86 -43.77 0.96 6.08
C PRO OA 86 -43.78 -0.50 5.66
N GLY OA 87 -42.61 -1.14 5.64
CA GLY OA 87 -42.48 -2.54 5.29
C GLY OA 87 -42.11 -2.80 3.84
N GLN OA 88 -42.02 -1.76 3.01
CA GLN OA 88 -41.63 -1.95 1.62
C GLN OA 88 -40.11 -2.14 1.55
N ASN OA 89 -39.62 -2.52 0.37
CA ASN OA 89 -38.20 -2.77 0.19
C ASN OA 89 -37.60 -1.78 -0.80
N VAL OA 90 -36.57 -1.05 -0.34
CA VAL OA 90 -35.86 -0.09 -1.18
C VAL OA 90 -34.40 -0.53 -1.31
N THR OA 91 -33.64 0.23 -2.09
CA THR OA 91 -32.22 -0.03 -2.31
C THR OA 91 -31.44 1.18 -1.82
N LEU OA 92 -30.45 0.93 -0.97
CA LEU OA 92 -29.62 1.97 -0.40
C LEU OA 92 -28.34 2.12 -1.21
N ARG OA 93 -28.05 3.35 -1.59
CA ARG OA 93 -26.91 3.64 -2.43
C ARG OA 93 -26.09 4.77 -1.83
N PRO OA 94 -24.82 4.56 -1.52
CA PRO OA 94 -24.03 5.62 -0.90
C PRO OA 94 -23.56 6.64 -1.90
N GLN OA 95 -23.21 7.80 -1.37
CA GLN OA 95 -22.77 8.96 -2.13
C GLN OA 95 -21.24 9.01 -2.08
N MET OA 96 -20.65 9.58 -3.13
CA MET OA 96 -19.20 9.77 -3.10
C MET OA 96 -18.77 10.56 -1.88
N ARG OA 97 -19.56 11.58 -1.54
CA ARG OA 97 -19.27 12.51 -0.47
C ARG OA 97 -20.60 12.80 0.22
N SER OA 98 -20.57 13.12 1.50
CA SER OA 98 -21.84 13.35 2.17
C SER OA 98 -22.46 14.61 1.60
N MET OA 99 -23.77 14.73 1.74
CA MET OA 99 -24.45 15.88 1.18
C MET OA 99 -25.36 16.42 2.28
N ASP OA 100 -24.86 16.35 3.51
CA ASP OA 100 -25.59 16.87 4.68
C ASP OA 100 -26.23 18.20 4.38
N ASN OA 101 -25.39 19.19 4.10
CA ASN OA 101 -25.87 20.55 4.08
C ASN OA 101 -26.20 21.01 2.67
N TYR OA 102 -25.87 20.20 1.66
CA TYR OA 102 -26.53 20.36 0.38
C TYR OA 102 -28.02 20.06 0.49
N HIS OA 103 -28.42 19.30 1.50
CA HIS OA 103 -29.83 19.12 1.83
C HIS OA 103 -30.32 20.09 2.89
N VAL OA 104 -29.47 20.50 3.83
CA VAL OA 104 -29.88 21.42 4.87
C VAL OA 104 -29.93 22.87 4.40
N GLU OA 105 -29.17 23.24 3.37
CA GLU OA 105 -29.15 24.61 2.87
C GLU OA 105 -29.25 24.71 1.36
N GLY OA 106 -29.32 23.61 0.62
CA GLY OA 106 -29.29 23.67 -0.83
C GLY OA 106 -27.96 24.08 -1.40
N ASP OA 107 -27.39 25.18 -0.95
CA ASP OA 107 -26.02 25.50 -1.33
C ASP OA 107 -25.14 24.31 -0.99
N GLY OA 108 -24.60 23.69 -2.03
CA GLY OA 108 -24.22 22.29 -2.01
C GLY OA 108 -22.84 21.92 -1.51
N SER OA 109 -22.57 21.95 -0.21
CA SER OA 109 -21.33 21.31 0.23
C SER OA 109 -21.32 20.87 1.69
N ALA OA 110 -20.93 19.61 1.87
CA ALA OA 110 -21.05 18.80 3.11
C ALA OA 110 -20.17 19.37 4.21
N SER OA 111 -19.94 18.61 5.31
CA SER OA 111 -19.29 19.19 6.49
C SER OA 111 -17.73 19.22 6.49
N ASP OA 112 -17.05 18.12 6.80
CA ASP OA 112 -15.58 17.91 6.83
C ASP OA 112 -15.07 17.40 5.45
N SER OA 113 -13.96 16.65 5.28
CA SER OA 113 -13.73 16.13 3.90
C SER OA 113 -13.30 14.67 3.68
N ARG OA 114 -14.21 13.75 3.23
CA ARG OA 114 -14.04 12.29 3.22
C ARG OA 114 -14.44 11.70 1.87
N SER OA 115 -14.68 10.38 1.89
CA SER OA 115 -15.37 9.68 0.81
C SER OA 115 -16.39 8.68 1.38
N PHE OA 116 -17.39 8.35 0.57
CA PHE OA 116 -18.20 7.11 0.69
C PHE OA 116 -18.61 6.76 2.12
N SER OA 117 -19.47 7.56 2.73
CA SER OA 117 -19.89 7.29 4.10
C SER OA 117 -21.21 6.51 4.13
N LEU OA 118 -21.45 5.83 5.27
CA LEU OA 118 -22.73 5.16 5.47
C LEU OA 118 -23.86 6.15 5.72
N SER OA 119 -23.55 7.35 6.20
CA SER OA 119 -24.54 8.41 6.34
C SER OA 119 -24.85 9.09 5.02
N ASP OA 120 -24.55 8.45 3.89
CA ASP OA 120 -24.66 9.06 2.57
C ASP OA 120 -25.63 8.30 1.68
N MET OA 121 -26.53 7.53 2.28
CA MET OA 121 -27.34 6.61 1.51
C MET OA 121 -28.59 7.30 0.99
N GLU OA 122 -28.92 7.01 -0.26
CA GLU OA 122 -30.21 7.34 -0.85
C GLU OA 122 -31.01 6.07 -1.07
N ALA OA 123 -32.32 6.19 -0.92
CA ALA OA 123 -33.25 5.08 -1.09
C ALA OA 123 -33.86 5.18 -2.48
N HIS OA 124 -33.77 4.08 -3.24
CA HIS OA 124 -34.32 4.01 -4.59
C HIS OA 124 -35.28 2.83 -4.67
N ILE OA 125 -36.22 2.90 -5.62
CA ILE OA 125 -37.33 1.95 -5.61
C ILE OA 125 -36.97 0.65 -6.32
N ALA OA 126 -35.91 0.63 -7.13
CA ALA OA 126 -35.56 -0.55 -7.93
C ALA OA 126 -34.26 -1.15 -7.42
N GLY OA 127 -34.32 -2.41 -6.96
CA GLY OA 127 -33.13 -3.14 -6.59
C GLY OA 127 -33.16 -3.75 -5.20
N GLY OA 128 -34.33 -3.75 -4.56
CA GLY OA 128 -34.40 -4.07 -3.15
C GLY OA 128 -34.94 -5.43 -2.77
N GLU OA 129 -35.98 -5.89 -3.48
CA GLU OA 129 -36.70 -7.09 -3.06
C GLU OA 129 -35.87 -8.34 -3.31
N SER OA 130 -36.30 -9.44 -2.70
CA SER OA 130 -35.58 -10.71 -2.78
C SER OA 130 -36.18 -11.57 -3.88
N LEU OA 131 -35.38 -12.49 -4.42
CA LEU OA 131 -35.89 -13.42 -5.42
C LEU OA 131 -36.80 -14.48 -4.82
N LYS OA 132 -36.58 -14.84 -3.55
CA LYS OA 132 -37.43 -15.83 -2.91
C LYS OA 132 -38.88 -15.36 -2.87
N ASP OA 133 -39.09 -14.10 -2.48
CA ASP OA 133 -40.42 -13.54 -2.32
C ASP OA 133 -40.87 -13.04 -3.70
N VAL OA 134 -41.96 -13.63 -4.19
CA VAL OA 134 -42.35 -13.45 -5.58
C VAL OA 134 -43.44 -12.39 -5.70
N ILE OA 135 -43.33 -11.57 -6.73
CA ILE OA 135 -44.35 -10.57 -7.06
C ILE OA 135 -45.22 -11.19 -8.16
N PRO OA 136 -46.50 -11.46 -7.90
CA PRO OA 136 -47.31 -12.21 -8.88
C PRO OA 136 -47.67 -11.38 -10.10
N ASN OA 137 -48.00 -12.11 -11.17
CA ASN OA 137 -48.58 -11.53 -12.38
C ASN OA 137 -47.65 -10.49 -13.00
N LEU OA 138 -46.47 -10.94 -13.43
CA LEU OA 138 -45.55 -10.06 -14.15
C LEU OA 138 -45.86 -10.11 -15.64
N ASP OA 139 -46.54 -9.08 -16.13
CA ASP OA 139 -46.86 -8.98 -17.54
C ASP OA 139 -45.58 -8.92 -18.35
N SER OA 140 -45.52 -9.72 -19.40
CA SER OA 140 -44.27 -9.93 -20.14
C SER OA 140 -44.29 -9.34 -21.54
N GLU OA 141 -45.45 -9.08 -22.11
CA GLU OA 141 -45.56 -8.65 -23.49
C GLU OA 141 -46.04 -7.20 -23.61
N ASN OA 142 -46.82 -6.72 -22.66
CA ASN OA 142 -47.44 -5.42 -22.72
C ASN OA 142 -46.94 -4.55 -21.56
N VAL OA 143 -46.73 -3.27 -21.83
CA VAL OA 143 -46.37 -2.34 -20.76
C VAL OA 143 -47.47 -2.39 -19.71
N HIS OA 144 -47.07 -2.52 -18.45
CA HIS OA 144 -48.02 -2.65 -17.35
C HIS OA 144 -47.70 -1.60 -16.29
N VAL OA 145 -48.73 -0.89 -15.85
CA VAL OA 145 -48.64 0.04 -14.73
C VAL OA 145 -49.54 -0.51 -13.63
N ARG OA 146 -48.97 -0.73 -12.47
CA ARG OA 146 -49.62 -1.47 -11.40
C ARG OA 146 -50.07 -0.49 -10.32
N ALA OA 147 -51.26 -0.72 -9.78
CA ALA OA 147 -51.76 0.07 -8.66
C ALA OA 147 -51.99 -0.79 -7.42
N ASN OA 148 -51.67 -2.08 -7.49
CA ASN OA 148 -51.81 -2.95 -6.33
C ASN OA 148 -50.68 -3.97 -6.37
N ALA OA 149 -50.43 -4.59 -5.22
CA ALA OA 149 -49.32 -5.55 -5.13
C ALA OA 149 -49.47 -6.66 -6.15
N ASP OA 150 -50.69 -7.11 -6.39
CA ASP OA 150 -50.97 -8.19 -7.32
C ASP OA 150 -50.94 -7.74 -8.77
N GLY OA 151 -50.81 -6.45 -9.02
CA GLY OA 151 -50.83 -5.95 -10.39
C GLY OA 151 -52.11 -6.28 -11.11
N SER OA 152 -53.20 -6.48 -10.37
CA SER OA 152 -54.50 -6.80 -10.94
C SER OA 152 -55.41 -5.60 -11.08
N LYS OA 153 -54.93 -4.40 -10.76
CA LYS OA 153 -55.68 -3.16 -10.91
C LYS OA 153 -54.73 -2.08 -11.39
N GLY OA 154 -54.90 -1.65 -12.64
CA GLY OA 154 -54.07 -0.59 -13.17
C GLY OA 154 -54.25 -0.41 -14.66
N MET OA 155 -53.15 -0.18 -15.38
CA MET OA 155 -53.20 0.18 -16.79
C MET OA 155 -52.36 -0.82 -17.56
N LYS OA 156 -52.88 -1.31 -18.68
CA LYS OA 156 -52.14 -2.18 -19.57
C LYS OA 156 -52.15 -1.62 -20.99
N LEU OA 157 -51.00 -1.73 -21.65
CA LEU OA 157 -50.79 -0.99 -22.89
C LEU OA 157 -49.98 -1.84 -23.87
N SER OA 158 -50.48 -2.01 -25.10
CA SER OA 158 -49.98 -3.02 -26.02
C SER OA 158 -49.10 -2.42 -27.12
N PRO OA 159 -48.28 -3.25 -27.77
CA PRO OA 159 -47.47 -2.75 -28.90
C PRO OA 159 -48.31 -2.13 -30.01
N GLU OA 160 -49.48 -2.70 -30.28
CA GLU OA 160 -50.39 -2.12 -31.25
C GLU OA 160 -51.05 -0.84 -30.74
N GLY OA 161 -51.06 -0.63 -29.43
CA GLY OA 161 -51.70 0.53 -28.83
C GLY OA 161 -52.96 0.23 -28.04
N LYS OA 162 -53.36 -1.04 -27.93
CA LYS OA 162 -54.54 -1.39 -27.16
C LYS OA 162 -54.35 -0.98 -25.71
N VAL OA 163 -55.45 -0.64 -25.06
CA VAL OA 163 -55.45 -0.04 -23.73
C VAL OA 163 -56.39 -0.84 -22.84
N GLU OA 164 -56.06 -0.86 -21.55
CA GLU OA 164 -56.93 -1.49 -20.56
C GLU OA 164 -56.79 -0.75 -19.25
N PHE OA 165 -57.88 -0.12 -18.78
CA PHE OA 165 -57.92 0.49 -17.46
C PHE OA 165 -58.67 -0.46 -16.52
N GLN OA 166 -57.98 -1.53 -16.11
CA GLN OA 166 -58.65 -2.58 -15.37
C GLN OA 166 -58.90 -2.14 -13.93
N GLY OA 167 -59.96 -1.36 -13.73
CA GLY OA 167 -60.35 -0.90 -12.42
C GLY OA 167 -61.23 -1.92 -11.69
N PRO OA 168 -61.87 -1.48 -10.61
CA PRO OA 168 -62.72 -2.44 -9.86
C PRO OA 168 -63.87 -2.97 -10.66
N GLU OA 169 -64.55 -2.11 -11.43
CA GLU OA 169 -65.72 -2.53 -12.17
C GLU OA 169 -65.36 -3.38 -13.39
N GLY OA 170 -64.22 -3.10 -14.02
CA GLY OA 170 -63.83 -3.80 -15.22
C GLY OA 170 -63.13 -2.90 -16.20
N ASN OA 171 -63.06 -3.33 -17.45
CA ASN OA 171 -62.33 -2.62 -18.48
C ASN OA 171 -63.08 -1.35 -18.87
N LEU OA 172 -62.60 -0.19 -18.40
CA LEU OA 172 -63.32 1.06 -18.59
C LEU OA 172 -63.66 1.31 -20.06
N LEU OA 173 -62.72 1.05 -20.97
CA LEU OA 173 -63.04 1.14 -22.39
C LEU OA 173 -64.23 0.26 -22.73
N ASP OA 174 -64.29 -0.96 -22.18
CA ASP OA 174 -65.41 -1.84 -22.45
C ASP OA 174 -66.71 -1.32 -21.87
N LEU OA 175 -66.68 -0.77 -20.65
CA LEU OA 175 -67.92 -0.28 -20.06
C LEU OA 175 -68.45 0.95 -20.79
N ILE OA 176 -67.58 1.87 -21.18
CA ILE OA 176 -68.00 2.96 -22.05
C ILE OA 176 -68.53 2.42 -23.37
N ALA OA 177 -67.87 1.40 -23.93
CA ALA OA 177 -68.33 0.79 -25.16
C ALA OA 177 -69.71 0.17 -24.99
N ASP OA 178 -69.97 -0.44 -23.84
CA ASP OA 178 -71.28 -0.98 -23.55
C ASP OA 178 -72.33 0.11 -23.53
N PHE OA 179 -72.07 1.22 -22.84
CA PHE OA 179 -72.95 2.37 -22.91
C PHE OA 179 -73.28 2.78 -24.33
N MET OA 180 -72.25 3.08 -25.13
CA MET OA 180 -72.50 3.61 -26.48
C MET OA 180 -73.09 2.58 -27.42
N GLU OA 181 -72.82 1.30 -27.21
CA GLU OA 181 -73.51 0.26 -27.98
C GLU OA 181 -74.99 0.21 -27.67
N LEU OA 182 -75.39 0.45 -26.43
CA LEU OA 182 -76.81 0.58 -26.13
C LEU OA 182 -77.41 1.83 -26.74
N VAL OA 183 -76.63 2.88 -26.98
CA VAL OA 183 -77.12 4.01 -27.76
C VAL OA 183 -77.29 3.62 -29.22
N ALA OA 184 -76.27 2.98 -29.80
CA ALA OA 184 -76.32 2.59 -31.21
C ALA OA 184 -77.32 1.46 -31.43
N ASN OA 185 -77.86 0.90 -30.35
CA ASN OA 185 -78.96 -0.05 -30.42
C ASN OA 185 -80.26 0.54 -29.88
N ASP OA 186 -80.22 1.77 -29.38
CA ASP OA 186 -81.36 2.31 -28.63
C ASP OA 186 -82.54 2.59 -29.54
N LYS OA 187 -83.72 2.57 -28.93
CA LYS OA 187 -84.98 2.81 -29.63
C LYS OA 187 -85.86 3.63 -28.71
N LEU OA 188 -86.20 4.84 -29.13
CA LEU OA 188 -86.97 5.72 -28.27
C LEU OA 188 -88.35 5.12 -28.01
N GLN OA 189 -88.93 5.50 -26.88
CA GLN OA 189 -90.24 5.01 -26.47
C GLN OA 189 -91.27 6.10 -26.71
N ILE OA 190 -92.38 5.74 -27.35
CA ILE OA 190 -93.50 6.64 -27.60
C ILE OA 190 -94.57 6.36 -26.55
N ASN OA 191 -95.27 7.40 -26.11
CA ASN OA 191 -96.22 7.23 -25.03
C ASN OA 191 -97.67 7.28 -25.52
N TYR OA 192 -98.05 8.32 -26.24
CA TYR OA 192 -99.42 8.46 -26.74
C TYR OA 192 -99.35 9.20 -28.07
N GLY OA 193 -100.53 9.55 -28.60
CA GLY OA 193 -100.61 10.43 -29.75
C GLY OA 193 -100.28 11.86 -29.36
N SER OA 194 -99.13 12.04 -28.74
CA SER OA 194 -98.74 13.28 -28.07
C SER OA 194 -97.64 13.95 -28.89
N SER OA 195 -98.04 14.93 -29.70
CA SER OA 195 -97.13 15.63 -30.60
C SER OA 195 -96.82 17.04 -30.14
N ALA OA 196 -96.67 17.27 -28.84
CA ALA OA 196 -96.47 18.61 -28.30
C ALA OA 196 -95.11 18.82 -27.66
N GLY OA 197 -94.38 17.76 -27.35
CA GLY OA 197 -93.06 17.89 -26.74
C GLY OA 197 -92.89 17.26 -25.38
N THR OA 198 -93.54 16.12 -25.12
CA THR OA 198 -93.63 15.60 -23.76
C THR OA 198 -93.33 14.10 -23.70
N ASN OA 199 -92.55 13.72 -22.67
CA ASN OA 199 -92.53 12.37 -22.09
C ASN OA 199 -91.91 11.29 -22.98
N HIS OA 200 -91.05 11.64 -23.93
CA HIS OA 200 -90.28 10.61 -24.63
C HIS OA 200 -88.95 10.35 -23.95
N ALA OA 201 -88.64 9.06 -23.76
CA ALA OA 201 -87.43 8.60 -23.11
C ALA OA 201 -86.87 7.41 -23.85
N MET OA 202 -85.55 7.27 -23.80
CA MET OA 202 -84.89 6.11 -24.40
C MET OA 202 -85.30 4.83 -23.70
N ALA OA 203 -85.52 3.77 -24.50
CA ALA OA 203 -86.02 2.52 -23.95
C ALA OA 203 -85.02 1.88 -22.98
N ASN OA 204 -83.73 2.13 -23.19
CA ASN OA 204 -82.68 1.52 -22.38
C ASN OA 204 -82.12 2.50 -21.36
N LYS OA 205 -82.98 3.35 -20.79
CA LYS OA 205 -82.54 4.39 -19.87
C LYS OA 205 -81.82 3.82 -18.65
N ALA OA 206 -82.32 2.72 -18.11
CA ALA OA 206 -81.79 2.20 -16.85
C ALA OA 206 -80.33 1.74 -16.99
N ALA OA 207 -80.03 0.94 -18.01
CA ALA OA 207 -78.66 0.49 -18.21
C ALA OA 207 -77.73 1.67 -18.49
N MET OA 208 -78.20 2.65 -19.25
CA MET OA 208 -77.39 3.83 -19.49
C MET OA 208 -77.06 4.53 -18.17
N LEU OA 209 -78.06 4.69 -17.30
CA LEU OA 209 -77.80 5.26 -15.99
C LEU OA 209 -76.83 4.40 -15.18
N ALA OA 210 -76.99 3.08 -15.23
CA ALA OA 210 -76.13 2.21 -14.46
C ALA OA 210 -74.68 2.38 -14.86
N LEU OA 211 -74.41 2.35 -16.17
CA LEU OA 211 -73.04 2.53 -16.65
C LEU OA 211 -72.52 3.93 -16.34
N ALA OA 212 -73.37 4.95 -16.46
CA ALA OA 212 -72.99 6.30 -16.14
C ALA OA 212 -72.59 6.48 -14.67
N ALA OA 213 -73.29 5.82 -13.76
CA ALA OA 213 -72.91 5.87 -12.35
C ALA OA 213 -71.69 5.02 -12.06
N LYS OA 214 -71.53 3.91 -12.78
CA LYS OA 214 -70.34 3.09 -12.64
C LYS OA 214 -69.08 3.89 -12.98
N VAL OA 215 -69.14 4.71 -14.04
CA VAL OA 215 -67.92 5.42 -14.44
C VAL OA 215 -67.53 6.45 -13.39
N ARG OA 216 -68.49 7.05 -12.69
CA ARG OA 216 -68.14 7.93 -11.58
C ARG OA 216 -67.64 7.15 -10.37
N THR OA 217 -68.26 6.02 -10.06
CA THR OA 217 -67.81 5.23 -8.93
C THR OA 217 -66.41 4.66 -9.14
N THR OA 218 -66.00 4.46 -10.39
CA THR OA 218 -64.63 4.10 -10.70
C THR OA 218 -63.76 5.30 -11.06
N GLY OA 219 -64.30 6.51 -10.96
CA GLY OA 219 -63.57 7.68 -11.42
C GLY OA 219 -63.24 8.70 -10.36
N THR OA 220 -64.06 8.81 -9.32
CA THR OA 220 -63.87 9.81 -8.28
C THR OA 220 -63.07 9.19 -7.15
N ILE OA 221 -61.75 9.40 -7.18
CA ILE OA 221 -60.85 8.84 -6.17
C ILE OA 221 -61.07 9.51 -4.82
N MET PA 1 0.42 5.43 -11.04
CA MET PA 1 0.96 4.92 -12.30
C MET PA 1 2.35 4.30 -12.06
N THR PA 2 2.74 3.36 -12.93
CA THR PA 2 3.87 2.48 -12.69
C THR PA 2 5.15 3.11 -13.25
N GLY PA 3 6.20 3.11 -12.43
CA GLY PA 3 7.51 3.54 -12.90
C GLY PA 3 7.58 5.01 -13.26
N TYR PA 4 7.53 5.90 -12.27
CA TYR PA 4 7.65 7.32 -12.58
C TYR PA 4 9.05 7.71 -13.01
N LEU PA 5 10.05 6.92 -12.62
CA LEU PA 5 11.42 7.28 -12.92
C LEU PA 5 12.25 6.17 -13.60
N GLY PA 6 11.99 4.87 -13.38
CA GLY PA 6 12.73 3.90 -14.19
C GLY PA 6 12.77 2.40 -13.90
N LYS PA 7 13.87 1.76 -14.30
CA LYS PA 7 13.89 0.31 -14.56
C LYS PA 7 13.50 -0.48 -13.34
N THR PA 8 14.38 -0.49 -12.35
CA THR PA 8 14.44 -1.50 -11.31
C THR PA 8 14.76 -0.94 -9.95
N THR PA 9 15.20 0.33 -9.89
CA THR PA 9 15.19 1.11 -8.65
C THR PA 9 13.81 1.72 -8.50
N ASN PA 10 12.80 0.85 -8.54
CA ASN PA 10 11.42 1.27 -8.45
C ASN PA 10 11.11 1.75 -7.04
N GLN PA 11 10.65 2.99 -6.92
CA GLN PA 11 10.42 3.59 -5.62
C GLN PA 11 9.40 2.77 -4.84
N ASP PA 12 9.57 2.73 -3.52
CA ASP PA 12 8.58 2.09 -2.68
C ASP PA 12 7.21 2.71 -2.88
N ARG PA 13 7.15 3.98 -3.29
CA ARG PA 13 5.89 4.62 -3.61
C ARG PA 13 5.23 3.98 -4.83
N ASP PA 14 6.01 3.72 -5.88
CA ASP PA 14 5.45 3.13 -7.10
C ASP PA 14 4.84 1.77 -6.85
N VAL PA 15 5.53 0.90 -6.10
CA VAL PA 15 5.10 -0.49 -5.93
C VAL PA 15 4.05 -0.58 -4.82
N VAL PA 16 3.61 0.56 -4.30
CA VAL PA 16 2.49 0.64 -3.38
C VAL PA 16 1.25 1.23 -4.06
N SER PA 17 1.44 2.34 -4.77
CA SER PA 17 0.34 2.84 -5.58
C SER PA 17 -0.04 1.84 -6.67
N ALA PA 18 0.89 1.03 -7.15
CA ALA PA 18 0.53 0.00 -8.12
C ALA PA 18 -0.40 -1.05 -7.51
N VAL PA 19 -0.18 -1.41 -6.25
CA VAL PA 19 -1.08 -2.36 -5.61
C VAL PA 19 -2.45 -1.74 -5.38
N ALA PA 20 -2.49 -0.53 -4.83
CA ALA PA 20 -3.77 0.14 -4.65
C ALA PA 20 -4.48 0.31 -5.99
N GLN PA 21 -3.70 0.48 -7.05
CA GLN PA 21 -4.24 0.73 -8.38
C GLN PA 21 -4.78 -0.54 -9.01
N SER PA 22 -4.13 -1.68 -8.78
CA SER PA 22 -4.68 -2.95 -9.20
C SER PA 22 -5.95 -3.31 -8.43
N GLU PA 23 -5.98 -3.05 -7.14
CA GLU PA 23 -7.20 -3.28 -6.37
C GLU PA 23 -8.32 -2.34 -6.77
N ARG PA 24 -7.97 -1.14 -7.26
CA ARG PA 24 -8.96 -0.25 -7.82
C ARG PA 24 -9.47 -0.76 -9.16
N GLU PA 25 -8.58 -1.36 -9.97
CA GLU PA 25 -9.03 -2.11 -11.13
C GLU PA 25 -10.09 -3.13 -10.78
N SER PA 26 -9.82 -3.95 -9.77
CA SER PA 26 -10.57 -5.19 -9.55
C SER PA 26 -12.04 -4.96 -9.25
N VAL PA 27 -12.44 -3.75 -8.91
CA VAL PA 27 -13.83 -3.46 -8.56
C VAL PA 27 -14.66 -3.36 -9.83
N TRP PA 28 -15.89 -3.84 -9.74
CA TRP PA 28 -16.84 -3.79 -10.83
C TRP PA 28 -17.67 -2.52 -10.73
N GLY PA 29 -18.46 -2.25 -11.74
CA GLY PA 29 -19.26 -1.03 -11.79
C GLY PA 29 -20.33 -1.13 -12.82
N GLU PA 30 -20.80 0.03 -13.26
CA GLU PA 30 -21.91 0.10 -14.20
C GLU PA 30 -21.38 -0.13 -15.61
N MET PA 31 -22.15 -0.87 -16.41
CA MET PA 31 -21.75 -1.26 -17.74
C MET PA 31 -22.95 -1.83 -18.46
N PRO PA 32 -23.02 -1.70 -19.78
CA PRO PA 32 -24.19 -2.16 -20.53
C PRO PA 32 -24.13 -3.65 -20.81
N GLY PA 33 -25.33 -4.24 -20.96
CA GLY PA 33 -25.45 -5.64 -21.24
C GLY PA 33 -26.65 -5.92 -22.13
N ARG PA 34 -26.59 -7.03 -22.85
CA ARG PA 34 -27.65 -7.46 -23.75
C ARG PA 34 -28.39 -8.63 -23.11
N VAL PA 35 -29.72 -8.56 -23.08
CA VAL PA 35 -30.53 -9.65 -22.54
C VAL PA 35 -30.42 -10.86 -23.45
N VAL PA 36 -30.22 -12.03 -22.84
CA VAL PA 36 -30.17 -13.28 -23.59
C VAL PA 36 -31.49 -14.03 -23.44
N SER PA 37 -31.98 -14.16 -22.21
CA SER PA 37 -33.23 -14.85 -21.95
C SER PA 37 -33.89 -14.23 -20.72
N VAL PA 38 -35.20 -14.46 -20.58
CA VAL PA 38 -35.97 -13.91 -19.47
C VAL PA 38 -36.77 -15.03 -18.85
N SER PA 39 -36.57 -15.25 -17.55
CA SER PA 39 -37.22 -16.36 -16.86
C SER PA 39 -38.74 -16.18 -16.87
N ALA PA 40 -39.44 -17.30 -16.77
CA ALA PA 40 -40.91 -17.28 -16.80
C ALA PA 40 -41.49 -16.45 -15.67
N ASP PA 41 -40.91 -16.52 -14.47
CA ASP PA 41 -41.35 -15.67 -13.38
C ASP PA 41 -41.09 -14.20 -13.65
N GLY PA 42 -40.22 -13.88 -14.61
CA GLY PA 42 -40.02 -12.51 -15.04
C GLY PA 42 -39.20 -11.66 -14.10
N ARG PA 43 -38.26 -12.26 -13.38
CA ARG PA 43 -37.41 -11.51 -12.46
C ARG PA 43 -35.93 -11.75 -12.65
N THR PA 44 -35.52 -12.81 -13.32
CA THR PA 44 -34.12 -13.10 -13.57
C THR PA 44 -33.87 -13.16 -15.06
N VAL PA 45 -32.79 -12.53 -15.49
CA VAL PA 45 -32.45 -12.44 -16.90
C VAL PA 45 -31.07 -13.03 -17.12
N THR PA 46 -30.95 -13.83 -18.17
CA THR PA 46 -29.66 -14.24 -18.69
C THR PA 46 -29.04 -13.08 -19.44
N VAL PA 47 -27.97 -12.51 -18.90
CA VAL PA 47 -27.38 -11.29 -19.43
C VAL PA 47 -25.99 -11.61 -19.96
N GLN PA 48 -25.75 -11.26 -21.19
CA GLN PA 48 -24.39 -11.18 -21.73
C GLN PA 48 -23.92 -9.74 -21.63
N PRO PA 49 -23.07 -9.39 -20.66
CA PRO PA 49 -22.61 -8.00 -20.59
C PRO PA 49 -21.97 -7.58 -21.89
N LEU PA 50 -21.82 -6.26 -22.05
CA LEU PA 50 -21.15 -5.71 -23.21
C LEU PA 50 -19.80 -5.13 -22.85
N TYR PA 51 -19.53 -4.97 -21.56
CA TYR PA 51 -18.15 -4.82 -21.13
C TYR PA 51 -17.46 -6.17 -21.12
N LYS PA 52 -16.33 -6.22 -21.80
CA LYS PA 52 -15.36 -7.31 -21.74
C LYS PA 52 -14.15 -6.79 -20.96
N PRO PA 53 -13.41 -7.66 -20.28
CA PRO PA 53 -12.24 -7.21 -19.52
C PRO PA 53 -11.11 -6.81 -20.46
N LYS PA 54 -9.91 -6.65 -19.89
CA LYS PA 54 -8.68 -6.71 -20.68
C LYS PA 54 -7.93 -7.95 -20.23
N PHE PA 55 -7.52 -8.75 -21.22
CA PHE PA 55 -6.82 -10.00 -20.96
C PHE PA 55 -5.95 -10.42 -22.14
N ASN PA 56 -4.78 -10.93 -21.80
CA ASN PA 56 -3.70 -11.25 -22.72
C ASN PA 56 -3.73 -10.28 -23.87
N GLY PA 57 -3.73 -9.00 -23.52
CA GLY PA 57 -3.81 -7.91 -24.44
C GLY PA 57 -4.97 -8.00 -25.40
N VAL PA 58 -5.89 -8.94 -25.19
CA VAL PA 58 -6.81 -9.29 -26.26
C VAL PA 58 -8.23 -9.52 -25.76
N PRO PA 59 -9.22 -9.14 -26.55
CA PRO PA 59 -10.60 -9.57 -26.29
C PRO PA 59 -10.78 -11.03 -25.98
N THR PA 60 -11.12 -11.30 -24.71
CA THR PA 60 -11.62 -12.57 -24.19
C THR PA 60 -12.95 -12.27 -23.52
N ASP PA 61 -13.67 -13.30 -23.07
CA ASP PA 61 -14.97 -13.11 -22.43
C ASP PA 61 -15.06 -13.79 -21.07
N MET PA 62 -15.65 -13.07 -20.13
CA MET PA 62 -16.19 -13.70 -18.95
C MET PA 62 -17.63 -14.13 -19.25
N PRO PA 63 -18.14 -15.14 -18.58
CA PRO PA 63 -19.27 -15.89 -19.13
C PRO PA 63 -20.56 -15.08 -19.08
N VAL PA 64 -21.56 -15.57 -19.79
CA VAL PA 64 -22.89 -14.99 -19.72
C VAL PA 64 -23.34 -15.02 -18.27
N LEU PA 65 -23.63 -13.86 -17.71
CA LEU PA 65 -24.07 -13.76 -16.33
C LEU PA 65 -25.42 -14.45 -16.21
N GLN PA 66 -25.58 -15.24 -15.15
CA GLN PA 66 -26.75 -16.10 -14.99
C GLN PA 66 -27.53 -15.74 -13.75
N GLU PA 67 -28.85 -15.97 -13.82
CA GLU PA 67 -29.80 -15.61 -12.78
C GLU PA 67 -29.48 -14.25 -12.17
N VAL PA 68 -29.33 -13.28 -13.06
CA VAL PA 68 -29.09 -11.89 -12.67
C VAL PA 68 -30.44 -11.34 -12.21
N PRO PA 69 -30.58 -10.84 -10.98
CA PRO PA 69 -31.92 -10.42 -10.55
C PRO PA 69 -32.40 -9.20 -11.31
N LEU PA 70 -33.37 -9.39 -12.21
CA LEU PA 70 -34.01 -8.27 -12.86
C LEU PA 70 -34.76 -7.45 -11.82
N ARG PA 71 -34.72 -6.13 -11.96
CA ARG PA 71 -35.25 -5.25 -10.92
C ARG PA 71 -36.02 -4.11 -11.60
N GLN PA 72 -37.33 -4.29 -11.72
CA GLN PA 72 -38.20 -3.25 -12.21
C GLN PA 72 -38.39 -2.18 -11.15
N ALA PA 73 -38.88 -1.02 -11.58
CA ALA PA 73 -39.15 0.10 -10.68
C ALA PA 73 -40.50 -0.09 -9.98
N LEU PA 74 -40.55 -1.13 -9.15
CA LEU PA 74 -41.73 -1.48 -8.38
C LEU PA 74 -41.40 -1.40 -6.89
N MET PA 75 -42.41 -1.03 -6.10
CA MET PA 75 -42.29 -1.02 -4.63
C MET PA 75 -43.49 -1.79 -4.10
N GLY PA 76 -43.25 -3.02 -3.66
CA GLY PA 76 -44.33 -3.90 -3.27
C GLY PA 76 -45.17 -4.38 -4.42
N GLY PA 77 -44.62 -4.39 -5.64
CA GLY PA 77 -45.38 -4.77 -6.80
C GLY PA 77 -46.05 -3.57 -7.44
N VAL PA 78 -46.37 -2.57 -6.62
CA VAL PA 78 -47.03 -1.36 -7.08
C VAL PA 78 -45.99 -0.48 -7.77
N GLY PA 79 -46.04 -0.41 -9.10
CA GLY PA 79 -45.11 0.40 -9.85
C GLY PA 79 -45.32 0.32 -11.35
N VAL PA 80 -44.25 0.55 -12.12
CA VAL PA 80 -44.29 0.50 -13.57
C VAL PA 80 -43.46 -0.68 -14.05
N THR PA 81 -43.82 -1.20 -15.23
CA THR PA 81 -43.17 -2.36 -15.83
C THR PA 81 -42.84 -2.09 -17.29
N VAL PA 82 -41.80 -2.77 -17.77
CA VAL PA 82 -41.42 -2.74 -19.17
C VAL PA 82 -41.25 -4.18 -19.66
N PRO PA 83 -41.85 -4.57 -20.79
CA PRO PA 83 -41.75 -5.96 -21.25
C PRO PA 83 -40.35 -6.29 -21.74
N VAL PA 84 -39.61 -7.06 -20.95
CA VAL PA 84 -38.23 -7.40 -21.27
C VAL PA 84 -38.21 -8.57 -22.25
N LYS PA 85 -37.45 -8.42 -23.31
CA LYS PA 85 -37.40 -9.40 -24.39
C LYS PA 85 -35.95 -9.70 -24.71
N PRO PA 86 -35.67 -10.89 -25.25
CA PRO PA 86 -34.28 -11.21 -25.58
C PRO PA 86 -33.73 -10.31 -26.67
N GLY PA 87 -32.79 -9.42 -26.32
CA GLY PA 87 -32.16 -8.51 -27.26
C GLY PA 87 -32.13 -7.07 -26.81
N GLN PA 88 -32.86 -6.71 -25.76
CA GLN PA 88 -32.82 -5.35 -25.23
C GLN PA 88 -31.55 -5.14 -24.40
N ASN PA 89 -31.33 -3.88 -24.01
CA ASN PA 89 -30.12 -3.49 -23.31
C ASN PA 89 -30.41 -3.03 -21.90
N VAL PA 90 -29.72 -3.63 -20.93
CA VAL PA 90 -29.86 -3.24 -19.52
C VAL PA 90 -28.53 -2.68 -19.05
N THR PA 91 -28.53 -2.08 -17.86
CA THR PA 91 -27.30 -1.68 -17.20
C THR PA 91 -27.09 -2.57 -15.98
N LEU PA 92 -25.90 -3.15 -15.87
CA LEU PA 92 -25.58 -4.06 -14.79
C LEU PA 92 -24.81 -3.32 -13.70
N ARG PA 93 -25.26 -3.50 -12.47
CA ARG PA 93 -24.61 -2.87 -11.33
C ARG PA 93 -24.25 -3.91 -10.27
N PRO PA 94 -22.98 -4.00 -9.89
CA PRO PA 94 -22.61 -4.90 -8.81
C PRO PA 94 -23.00 -4.34 -7.45
N GLN PA 95 -23.05 -5.23 -6.47
CA GLN PA 95 -23.36 -4.87 -5.11
C GLN PA 95 -22.10 -4.92 -4.25
N MET PA 96 -22.14 -4.18 -3.14
CA MET PA 96 -20.99 -4.16 -2.24
C MET PA 96 -20.62 -5.57 -1.80
N ARG PA 97 -21.62 -6.41 -1.55
CA ARG PA 97 -21.40 -7.80 -1.15
C ARG PA 97 -22.51 -8.63 -1.75
N SER PA 98 -22.33 -9.94 -1.77
CA SER PA 98 -23.26 -10.76 -2.55
C SER PA 98 -24.49 -11.10 -1.73
N MET PA 99 -25.51 -11.56 -2.42
CA MET PA 99 -26.78 -11.88 -1.81
C MET PA 99 -27.19 -13.27 -2.28
N ASP PA 100 -26.23 -14.20 -2.25
CA ASP PA 100 -26.52 -15.58 -2.59
C ASP PA 100 -27.78 -16.05 -1.88
N ASN PA 101 -27.74 -16.10 -0.55
CA ASN PA 101 -28.88 -16.70 0.13
C ASN PA 101 -29.78 -15.64 0.73
N TYR PA 102 -29.47 -14.36 0.55
CA TYR PA 102 -30.50 -13.34 0.62
C TYR PA 102 -31.51 -13.44 -0.51
N HIS PA 103 -31.15 -14.11 -1.61
CA HIS PA 103 -32.12 -14.44 -2.65
C HIS PA 103 -32.56 -15.89 -2.60
N VAL PA 104 -31.69 -16.81 -2.18
CA VAL PA 104 -32.06 -18.21 -2.07
C VAL PA 104 -32.91 -18.49 -0.82
N GLU PA 105 -32.84 -17.64 0.20
CA GLU PA 105 -33.56 -17.89 1.44
C GLU PA 105 -34.25 -16.67 2.01
N GLY PA 106 -34.15 -15.50 1.37
CA GLY PA 106 -34.73 -14.28 1.91
C GLY PA 106 -34.05 -13.79 3.16
N ASP PA 107 -33.89 -14.63 4.18
CA ASP PA 107 -33.03 -14.28 5.29
C ASP PA 107 -31.65 -13.94 4.73
N GLY PA 108 -31.19 -12.75 5.06
CA GLY PA 108 -30.28 -12.04 4.19
C GLY PA 108 -28.79 -12.23 4.37
N SER PA 109 -28.22 -13.37 4.01
CA SER PA 109 -26.77 -13.40 3.85
C SER PA 109 -26.24 -14.53 2.97
N ALA PA 110 -25.21 -14.18 2.18
CA ALA PA 110 -24.56 -14.98 1.13
C ALA PA 110 -23.56 -15.96 1.76
N SER PA 111 -22.57 -16.45 1.00
CA SER PA 111 -21.80 -17.61 1.50
C SER PA 111 -20.59 -17.30 2.43
N ASP PA 112 -19.40 -16.96 1.90
CA ASP PA 112 -18.14 -16.66 2.62
C ASP PA 112 -18.06 -15.15 2.96
N SER PA 113 -16.91 -14.48 3.05
CA SER PA 113 -17.03 -12.99 3.13
C SER PA 113 -16.18 -12.08 2.20
N ARG PA 114 -16.75 -11.51 1.11
CA ARG PA 114 -16.05 -10.82 0.02
C ARG PA 114 -16.38 -9.32 0.06
N SER PA 115 -15.95 -8.62 -0.99
CA SER PA 115 -16.59 -7.40 -1.46
C SER PA 115 -16.75 -7.49 -2.98
N PHE PA 116 -17.70 -6.70 -3.51
CA PHE PA 116 -17.74 -6.29 -4.94
C PHE PA 116 -17.43 -7.43 -5.90
N SER PA 117 -18.32 -8.43 -5.98
CA SER PA 117 -18.08 -9.54 -6.89
C SER PA 117 -18.87 -9.36 -8.19
N LEU PA 118 -18.32 -9.91 -9.28
CA LEU PA 118 -19.03 -9.91 -10.55
C LEU PA 118 -20.31 -10.74 -10.49
N SER PA 119 -20.40 -11.70 -9.56
CA SER PA 119 -21.62 -12.46 -9.36
C SER PA 119 -22.66 -11.71 -8.54
N ASP PA 120 -22.54 -10.38 -8.43
CA ASP PA 120 -23.45 -9.57 -7.64
C ASP PA 120 -24.17 -8.53 -8.48
N MET PA 121 -24.27 -8.78 -9.78
CA MET PA 121 -24.84 -7.81 -10.68
C MET PA 121 -26.34 -7.92 -10.68
N GLU PA 122 -27.00 -6.78 -10.56
CA GLU PA 122 -28.42 -6.63 -10.86
C GLU PA 122 -28.57 -5.85 -12.16
N ALA PA 123 -29.64 -6.18 -12.89
CA ALA PA 123 -29.95 -5.54 -14.16
C ALA PA 123 -31.02 -4.48 -13.94
N HIS PA 124 -30.77 -3.27 -14.44
CA HIS PA 124 -31.71 -2.17 -14.38
C HIS PA 124 -32.03 -1.72 -15.79
N ILE PA 125 -33.24 -1.18 -15.97
CA ILE PA 125 -33.75 -0.94 -17.31
C ILE PA 125 -33.09 0.28 -17.95
N ALA PA 126 -32.64 1.25 -17.15
CA ALA PA 126 -32.07 2.50 -17.68
C ALA PA 126 -30.55 2.48 -17.53
N GLY PA 127 -29.84 2.63 -18.66
CA GLY PA 127 -28.40 2.82 -18.63
C GLY PA 127 -27.61 1.93 -19.57
N GLY PA 128 -28.26 1.26 -20.51
CA GLY PA 128 -27.60 0.24 -21.28
C GLY PA 128 -27.31 0.54 -22.74
N GLU PA 129 -28.19 1.31 -23.38
CA GLU PA 129 -28.14 1.48 -24.83
C GLU PA 129 -27.00 2.41 -25.24
N SER PA 130 -26.65 2.34 -26.52
CA SER PA 130 -25.53 3.11 -27.06
C SER PA 130 -26.05 4.35 -27.77
N LEU PA 131 -25.28 5.44 -27.72
CA LEU PA 131 -25.70 6.67 -28.39
C LEU PA 131 -25.65 6.55 -29.89
N LYS PA 132 -24.85 5.63 -30.45
CA LYS PA 132 -24.89 5.44 -31.89
C LYS PA 132 -26.28 5.01 -32.32
N ASP PA 133 -26.86 4.05 -31.59
CA ASP PA 133 -28.18 3.53 -31.90
C ASP PA 133 -29.20 4.51 -31.31
N VAL PA 134 -30.02 5.06 -32.20
CA VAL PA 134 -30.89 6.18 -31.83
C VAL PA 134 -32.30 5.66 -31.53
N ILE PA 135 -32.85 6.12 -30.41
CA ILE PA 135 -34.24 5.80 -30.05
C ILE PA 135 -35.11 6.91 -30.65
N PRO PA 136 -35.95 6.63 -31.63
CA PRO PA 136 -36.66 7.71 -32.33
C PRO PA 136 -37.80 8.32 -31.51
N ASN PA 137 -38.19 9.53 -31.93
CA ASN PA 137 -39.38 10.20 -31.42
C ASN PA 137 -39.31 10.37 -29.90
N LEU PA 138 -38.34 11.14 -29.44
CA LEU PA 138 -38.23 11.46 -28.02
C LEU PA 138 -39.03 12.72 -27.74
N ASP PA 139 -40.22 12.55 -27.18
CA ASP PA 139 -41.07 13.68 -26.81
C ASP PA 139 -40.37 14.49 -25.74
N SER PA 140 -40.25 15.79 -25.97
CA SER PA 140 -39.42 16.65 -25.16
C SER PA 140 -40.21 17.57 -24.24
N GLU PA 141 -41.47 17.80 -24.53
CA GLU PA 141 -42.27 18.78 -23.79
C GLU PA 141 -43.33 18.13 -22.91
N ASN PA 142 -43.85 16.98 -23.32
CA ASN PA 142 -44.94 16.31 -22.62
C ASN PA 142 -44.46 14.96 -22.11
N VAL PA 143 -44.89 14.61 -20.89
CA VAL PA 143 -44.49 13.32 -20.34
C VAL PA 143 -45.10 12.23 -21.20
N HIS PA 144 -44.25 11.34 -21.71
CA HIS PA 144 -44.63 10.35 -22.70
C HIS PA 144 -44.43 8.95 -22.14
N VAL PA 145 -45.43 8.09 -22.31
CA VAL PA 145 -45.38 6.69 -21.92
C VAL PA 145 -45.56 5.86 -23.19
N ARG PA 146 -44.62 4.97 -23.44
CA ARG PA 146 -44.55 4.27 -24.71
C ARG PA 146 -44.91 2.80 -24.52
N ALA PA 147 -45.50 2.19 -25.56
CA ALA PA 147 -45.66 0.75 -25.62
C ALA PA 147 -45.08 0.18 -26.91
N ASN PA 148 -44.25 0.95 -27.62
CA ASN PA 148 -43.59 0.47 -28.82
C ASN PA 148 -42.24 1.13 -28.92
N ALA PA 149 -41.34 0.51 -29.69
CA ALA PA 149 -39.98 1.03 -29.80
C ALA PA 149 -39.96 2.41 -30.43
N ASP PA 150 -40.82 2.66 -31.40
CA ASP PA 150 -40.85 3.93 -32.11
C ASP PA 150 -41.55 5.03 -31.32
N GLY PA 151 -42.13 4.69 -30.17
CA GLY PA 151 -42.83 5.68 -29.37
C GLY PA 151 -43.95 6.35 -30.11
N SER PA 152 -44.65 5.61 -30.96
CA SER PA 152 -45.79 6.12 -31.71
C SER PA 152 -47.11 5.62 -31.18
N LYS PA 153 -47.10 4.79 -30.14
CA LYS PA 153 -48.32 4.29 -29.51
C LYS PA 153 -48.14 4.43 -28.01
N GLY PA 154 -49.12 5.03 -27.34
CA GLY PA 154 -49.12 5.07 -25.90
C GLY PA 154 -49.86 6.25 -25.33
N MET PA 155 -49.32 6.82 -24.26
CA MET PA 155 -49.98 7.87 -23.50
C MET PA 155 -49.12 9.12 -23.52
N LYS PA 156 -49.66 10.21 -24.04
CA LYS PA 156 -48.97 11.49 -23.96
C LYS PA 156 -49.74 12.45 -23.06
N LEU PA 157 -49.01 13.17 -22.21
CA LEU PA 157 -49.67 13.95 -21.17
C LEU PA 157 -48.96 15.28 -20.97
N SER PA 158 -49.72 16.38 -20.97
CA SER PA 158 -49.18 17.72 -21.11
C SER PA 158 -49.13 18.48 -19.78
N PRO PA 159 -48.32 19.54 -19.71
CA PRO PA 159 -48.30 20.37 -18.50
C PRO PA 159 -49.66 20.95 -18.17
N GLU PA 160 -50.44 21.31 -19.18
CA GLU PA 160 -51.80 21.78 -18.96
C GLU PA 160 -52.74 20.65 -18.55
N GLY PA 161 -52.35 19.40 -18.77
CA GLY PA 161 -53.19 18.25 -18.46
C GLY PA 161 -53.82 17.58 -19.67
N LYS PA 162 -53.54 18.05 -20.88
CA LYS PA 162 -54.08 17.42 -22.06
C LYS PA 162 -53.58 15.98 -22.15
N VAL PA 163 -54.41 15.13 -22.73
CA VAL PA 163 -54.23 13.69 -22.73
C VAL PA 163 -54.33 13.16 -24.15
N GLU PA 164 -53.56 12.11 -24.45
CA GLU PA 164 -53.69 11.42 -25.71
C GLU PA 164 -53.40 9.94 -25.52
N PHE PA 165 -54.37 9.08 -25.84
CA PHE PA 165 -54.15 7.63 -25.88
C PHE PA 165 -54.00 7.24 -27.35
N GLN PA 166 -52.82 7.49 -27.88
CA GLN PA 166 -52.60 7.25 -29.31
C GLN PA 166 -52.49 5.75 -29.56
N GLY PA 167 -53.63 5.08 -29.65
CA GLY PA 167 -53.68 3.67 -29.93
C GLY PA 167 -53.65 3.37 -31.41
N PRO PA 168 -54.13 2.18 -31.80
CA PRO PA 168 -54.14 1.86 -33.24
C PRO PA 168 -55.09 2.73 -34.03
N GLU PA 169 -56.32 2.91 -33.55
CA GLU PA 169 -57.31 3.67 -34.30
C GLU PA 169 -57.07 5.17 -34.26
N GLY PA 170 -56.48 5.68 -33.19
CA GLY PA 170 -56.23 7.11 -33.08
C GLY PA 170 -56.42 7.63 -31.69
N ASN PA 171 -56.50 8.96 -31.56
CA ASN PA 171 -56.68 9.60 -30.26
C ASN PA 171 -58.02 9.20 -29.67
N LEU PA 172 -57.98 8.33 -28.65
CA LEU PA 172 -59.21 7.82 -28.04
C LEU PA 172 -60.14 8.94 -27.59
N LEU PA 173 -59.59 10.03 -27.04
CA LEU PA 173 -60.43 11.16 -26.69
C LEU PA 173 -61.12 11.74 -27.92
N ASP PA 174 -60.40 11.82 -29.04
CA ASP PA 174 -61.02 12.26 -30.29
C ASP PA 174 -62.14 11.31 -30.71
N LEU PA 175 -61.93 10.01 -30.60
CA LEU PA 175 -62.95 9.08 -31.06
C LEU PA 175 -64.19 9.10 -30.16
N ILE PA 176 -64.00 9.18 -28.85
CA ILE PA 176 -65.12 9.38 -27.94
C ILE PA 176 -65.83 10.69 -28.22
N ALA PA 177 -65.09 11.75 -28.56
CA ALA PA 177 -65.73 13.00 -28.97
C ALA PA 177 -66.48 12.85 -30.28
N ASP PA 178 -65.96 12.06 -31.20
CA ASP PA 178 -66.65 11.79 -32.45
C ASP PA 178 -67.93 11.00 -32.22
N PHE PA 179 -68.02 10.28 -31.12
CA PHE PA 179 -69.30 9.72 -30.67
C PHE PA 179 -70.21 10.75 -30.04
N MET PA 180 -69.72 11.50 -29.04
CA MET PA 180 -70.59 12.45 -28.35
C MET PA 180 -71.10 13.55 -29.27
N GLU PA 181 -70.30 14.01 -30.21
CA GLU PA 181 -70.70 15.07 -31.12
C GLU PA 181 -71.81 14.64 -32.06
N LEU PA 182 -71.81 13.39 -32.50
CA LEU PA 182 -72.91 12.89 -33.31
C LEU PA 182 -74.20 12.74 -32.52
N VAL PA 183 -74.14 12.45 -31.22
CA VAL PA 183 -75.34 12.50 -30.39
C VAL PA 183 -75.81 13.93 -30.24
N ALA PA 184 -74.90 14.84 -29.93
CA ALA PA 184 -75.26 16.24 -29.75
C ALA PA 184 -75.68 16.88 -31.06
N ASN PA 185 -75.47 16.20 -32.18
CA ASN PA 185 -76.03 16.57 -33.48
C ASN PA 185 -77.15 15.64 -33.89
N ASP PA 186 -77.51 14.68 -33.05
CA ASP PA 186 -78.43 13.62 -33.44
C ASP PA 186 -79.82 14.16 -33.72
N LYS PA 187 -80.54 13.44 -34.56
CA LYS PA 187 -81.91 13.78 -34.90
C LYS PA 187 -82.67 12.48 -35.11
N LEU PA 188 -83.57 12.18 -34.18
CA LEU PA 188 -84.29 10.91 -34.24
C LEU PA 188 -85.06 10.80 -35.55
N GLN PA 189 -85.25 9.58 -36.01
CA GLN PA 189 -85.97 9.30 -37.26
C GLN PA 189 -87.38 8.86 -36.92
N ILE PA 190 -88.37 9.58 -37.45
CA ILE PA 190 -89.78 9.25 -37.27
C ILE PA 190 -90.20 8.39 -38.46
N ASN PA 191 -90.99 7.34 -38.20
CA ASN PA 191 -91.34 6.41 -39.27
C ASN PA 191 -92.70 6.68 -39.87
N TYR PA 192 -93.76 6.64 -39.07
CA TYR PA 192 -95.11 6.84 -39.59
C TYR PA 192 -95.89 7.65 -38.55
N GLY PA 193 -97.20 7.75 -38.75
CA GLY PA 193 -98.07 8.34 -37.74
C GLY PA 193 -98.26 7.43 -36.56
N SER PA 194 -97.14 6.92 -36.03
CA SER PA 194 -97.10 5.81 -35.10
C SER PA 194 -96.80 6.36 -33.72
N SER PA 195 -97.85 6.48 -32.90
CA SER PA 195 -97.74 7.05 -31.57
C SER PA 195 -97.95 6.02 -30.46
N ALA PA 196 -97.48 4.80 -30.66
CA ALA PA 196 -97.73 3.71 -29.72
C ALA PA 196 -96.48 3.17 -29.04
N GLY PA 197 -95.30 3.50 -29.54
CA GLY PA 197 -94.07 3.04 -28.92
C GLY PA 197 -93.20 2.15 -29.78
N THR PA 198 -93.15 2.39 -31.08
CA THR PA 198 -92.54 1.46 -32.02
C THR PA 198 -91.53 2.16 -32.93
N ASN PA 199 -90.46 1.44 -33.26
CA ASN PA 199 -89.63 1.69 -34.44
C ASN PA 199 -89.03 3.10 -34.49
N HIS PA 200 -88.67 3.69 -33.36
CA HIS PA 200 -87.84 4.90 -33.40
C HIS PA 200 -86.38 4.53 -33.22
N ALA PA 201 -85.55 5.00 -34.16
CA ALA PA 201 -84.12 4.73 -34.18
C ALA PA 201 -83.36 6.03 -34.44
N MET PA 202 -82.20 6.16 -33.81
CA MET PA 202 -81.37 7.33 -33.99
C MET PA 202 -80.88 7.39 -35.43
N ALA PA 203 -80.89 8.59 -36.01
CA ALA PA 203 -80.57 8.73 -37.43
C ALA PA 203 -79.12 8.34 -37.71
N ASN PA 204 -78.21 8.66 -36.79
CA ASN PA 204 -76.78 8.42 -36.97
C ASN PA 204 -76.34 7.12 -36.30
N LYS PA 205 -77.21 6.11 -36.33
CA LYS PA 205 -76.97 4.85 -35.63
C LYS PA 205 -75.76 4.11 -36.18
N ALA PA 206 -75.56 4.12 -37.51
CA ALA PA 206 -74.50 3.35 -38.11
C ALA PA 206 -73.12 3.80 -37.64
N ALA PA 207 -72.90 5.11 -37.54
CA ALA PA 207 -71.60 5.62 -37.13
C ALA PA 207 -71.37 5.46 -35.64
N MET PA 208 -72.43 5.55 -34.83
CA MET PA 208 -72.29 5.24 -33.42
C MET PA 208 -71.90 3.78 -33.22
N LEU PA 209 -72.50 2.87 -34.00
CA LEU PA 209 -72.03 1.48 -33.96
C LEU PA 209 -70.56 1.38 -34.36
N ALA PA 210 -70.14 2.13 -35.39
CA ALA PA 210 -68.76 2.07 -35.83
C ALA PA 210 -67.80 2.48 -34.72
N LEU PA 211 -68.05 3.64 -34.10
CA LEU PA 211 -67.21 4.10 -33.01
C LEU PA 211 -67.27 3.14 -31.83
N ALA PA 212 -68.45 2.59 -31.55
CA ALA PA 212 -68.60 1.61 -30.49
C ALA PA 212 -67.73 0.38 -30.69
N ALA PA 213 -67.70 -0.18 -31.89
CA ALA PA 213 -66.84 -1.32 -32.15
C ALA PA 213 -65.38 -0.93 -32.12
N LYS PA 214 -65.06 0.28 -32.57
CA LYS PA 214 -63.68 0.77 -32.49
C LYS PA 214 -63.20 0.81 -31.04
N VAL PA 215 -64.03 1.27 -30.11
CA VAL PA 215 -63.55 1.44 -28.74
C VAL PA 215 -63.28 0.10 -28.07
N ARG PA 216 -64.01 -0.95 -28.45
CA ARG PA 216 -63.69 -2.28 -27.92
C ARG PA 216 -62.49 -2.89 -28.63
N THR PA 217 -62.36 -2.69 -29.94
CA THR PA 217 -61.20 -3.23 -30.65
C THR PA 217 -59.91 -2.53 -30.24
N THR PA 218 -60.00 -1.31 -29.71
CA THR PA 218 -58.84 -0.68 -29.09
C THR PA 218 -58.82 -0.81 -27.57
N GLY PA 219 -59.71 -1.61 -27.00
CA GLY PA 219 -59.81 -1.69 -25.56
C GLY PA 219 -59.58 -3.07 -24.96
N THR PA 220 -59.91 -4.13 -25.69
CA THR PA 220 -59.80 -5.48 -25.17
C THR PA 220 -58.45 -6.06 -25.61
N ILE PA 221 -57.45 -5.97 -24.72
CA ILE PA 221 -56.12 -6.48 -25.01
C ILE PA 221 -56.13 -8.00 -25.10
#